data_3J1C
#
_entry.id   3J1C
#
_cell.length_a   1
_cell.length_b   1
_cell.length_c   1
_cell.angle_alpha   90
_cell.angle_beta   90
_cell.angle_gamma   90
#
_symmetry.space_group_name_H-M   'P 1'
#
_entity_poly.entity_id   1
_entity_poly.type   'polypeptide(L)'
_entity_poly.pdbx_seq_one_letter_code
;MSSGVPVLLFKEGTSRNSGRDALKNNILAARTLAEMLRSSLGPKGLDKMLIDSFGDVTITNDGATIVKEMEIQHPAAKLL
VEAAKAQDSEVGDGTTSAVVLAGLFLEKAESLVDQNIHPTIIIEGFKKAFNKSLELLPQLATKVDVSDLNSATARDALKK
IVYTTMSSKFMAEGEELNKIMDIVIDAVTTVAEPLPDGGYNVSLDLIKIDKKKGGTIEDSQLIRGIVLDKEVVHAGMPRR
VEKAKIAVLDASLEVEKPEISAKISITSPDQIKAFLDEEAKYLKDMVDKLASIGANVVICQKGIDDIAQHFLAKRGILAV
RRVKRSDIEKLEKALGARIISSIKDATPEDLGYAELVEERKVGNDKMVFIEGAKNPKAVNILLRGSNDMALDEAERSIND
ALYSLRNILMEPYIVPGGGAIELELSARLREYARSVGGKEQLAIEAYADALEEIPMILAETAGLEPISALMDLRARHAKG
LTNCGVDVINGKIIDDIYSINVVEPIRVTRQVLKSATEAATSIMKIDDLIAASQLKSSGKGAGAGAGGEGAEGGGAPSME
GLS
;
_entity_poly.pdbx_strand_id   A,B,C,D,E,F,G,H,I,J,K,L,M,N,O,P,Q,R
#
# COMPACT_ATOMS: atom_id res chain seq x y z
N THR A 14 27.94 24.11 -6.10
CA THR A 14 29.20 24.49 -6.81
C THR A 14 30.25 23.62 -6.34
N SER A 15 31.27 23.26 -7.22
CA SER A 15 32.26 22.29 -6.82
C SER A 15 33.38 23.01 -6.10
N ARG A 16 33.70 22.62 -4.84
CA ARG A 16 34.83 23.17 -4.09
C ARG A 16 36.04 22.21 -4.15
N ASN A 17 37.19 22.77 -3.71
CA ASN A 17 38.56 22.24 -3.57
C ASN A 17 39.32 22.96 -2.48
N SER A 18 40.13 22.27 -1.67
CA SER A 18 40.88 22.92 -0.59
C SER A 18 41.80 21.81 -0.36
N GLY A 19 42.88 21.93 0.41
CA GLY A 19 43.63 20.79 1.01
C GLY A 19 44.46 19.87 0.13
N ARG A 20 44.73 20.32 -1.10
CA ARG A 20 45.41 19.67 -2.18
C ARG A 20 44.69 18.54 -2.85
N ASP A 21 43.35 18.61 -2.86
CA ASP A 21 42.49 17.62 -3.38
C ASP A 21 42.66 17.54 -4.88
N ALA A 22 42.44 18.64 -5.53
CA ALA A 22 42.71 18.81 -6.97
C ALA A 22 44.09 18.34 -7.38
N LEU A 23 45.16 18.57 -6.56
CA LEU A 23 46.50 18.00 -6.90
C LEU A 23 46.66 16.48 -6.72
N LYS A 24 46.08 15.94 -5.68
CA LYS A 24 46.01 14.53 -5.44
C LYS A 24 45.17 13.79 -6.46
N ASN A 25 44.19 14.46 -7.07
CA ASN A 25 43.36 13.81 -8.06
C ASN A 25 44.17 13.93 -9.44
N ASN A 26 45.05 14.95 -9.67
CA ASN A 26 45.78 15.21 -10.93
C ASN A 26 47.07 14.38 -10.95
N ILE A 27 47.63 13.97 -9.73
CA ILE A 27 48.70 13.02 -9.68
C ILE A 27 48.09 11.64 -9.97
N LEU A 28 46.99 11.18 -9.40
CA LEU A 28 46.28 9.88 -9.57
C LEU A 28 45.85 9.65 -11.05
N ALA A 29 45.34 10.69 -11.77
CA ALA A 29 45.01 10.60 -13.21
C ALA A 29 46.28 10.32 -14.04
N ALA A 30 47.33 11.12 -13.83
CA ALA A 30 48.68 10.97 -14.37
C ALA A 30 49.36 9.62 -13.90
N ARG A 31 49.00 9.04 -12.75
CA ARG A 31 49.50 7.73 -12.30
C ARG A 31 48.74 6.56 -13.05
N THR A 32 47.48 6.75 -13.30
CA THR A 32 46.61 5.81 -13.98
C THR A 32 46.95 5.79 -15.48
N LEU A 33 47.13 6.91 -16.08
CA LEU A 33 47.67 7.08 -17.49
C LEU A 33 49.05 6.37 -17.53
N ALA A 34 49.92 6.49 -16.51
CA ALA A 34 51.19 5.80 -16.52
C ALA A 34 51.13 4.32 -16.46
N GLU A 35 50.36 3.79 -15.48
CA GLU A 35 50.44 2.41 -15.21
C GLU A 35 49.75 1.54 -16.17
N MET A 36 48.95 2.15 -17.06
CA MET A 36 48.43 1.51 -18.22
C MET A 36 49.34 1.59 -19.40
N LEU A 37 49.96 2.77 -19.64
CA LEU A 37 51.05 2.94 -20.70
C LEU A 37 52.39 2.24 -20.39
N ARG A 38 52.72 1.81 -19.17
CA ARG A 38 53.99 1.13 -18.82
C ARG A 38 54.03 -0.22 -19.32
N SER A 39 52.88 -0.82 -19.45
CA SER A 39 52.77 -2.12 -20.19
C SER A 39 53.10 -2.21 -21.59
N SER A 40 53.07 -1.00 -22.29
CA SER A 40 53.34 -0.81 -23.66
C SER A 40 54.65 -0.09 -23.80
N LEU A 41 55.54 -0.24 -22.77
CA LEU A 41 56.89 0.44 -22.84
C LEU A 41 57.95 -0.52 -23.25
N GLY A 42 58.89 -0.26 -24.29
CA GLY A 42 59.96 -1.23 -24.67
C GLY A 42 59.60 -2.12 -25.77
N PRO A 43 60.61 -2.86 -26.34
CA PRO A 43 60.56 -3.56 -27.56
C PRO A 43 59.85 -4.88 -27.32
N LYS A 44 59.75 -5.32 -26.04
CA LYS A 44 59.00 -6.48 -25.65
C LYS A 44 57.58 -6.13 -25.12
N GLY A 45 57.12 -4.87 -25.28
CA GLY A 45 55.88 -4.37 -24.75
C GLY A 45 54.64 -4.96 -25.25
N LEU A 46 53.50 -4.70 -24.56
CA LEU A 46 52.17 -5.12 -24.89
C LEU A 46 51.39 -4.11 -25.71
N ASP A 47 50.67 -4.59 -26.72
CA ASP A 47 49.81 -3.88 -27.67
C ASP A 47 48.44 -3.75 -26.89
N LYS A 48 47.78 -2.58 -26.91
CA LYS A 48 46.42 -2.44 -26.42
C LYS A 48 45.56 -2.48 -27.60
N MET A 49 44.23 -2.65 -27.29
CA MET A 49 43.12 -2.60 -28.34
C MET A 49 42.10 -1.49 -27.97
N LEU A 50 41.75 -0.61 -28.95
CA LEU A 50 41.00 0.56 -28.76
C LEU A 50 40.02 0.74 -29.83
N ILE A 51 38.71 0.59 -29.50
CA ILE A 51 37.67 0.46 -30.44
C ILE A 51 36.85 1.71 -30.50
N ASP A 52 36.60 2.15 -31.76
CA ASP A 52 35.87 3.39 -32.13
C ASP A 52 34.37 3.24 -32.02
N SER A 53 33.60 4.35 -32.10
CA SER A 53 32.15 4.37 -32.02
C SER A 53 31.49 3.94 -33.35
N PHE A 54 32.24 4.07 -34.48
CA PHE A 54 31.86 3.56 -35.78
C PHE A 54 32.35 2.15 -35.90
N GLY A 55 32.84 1.56 -34.77
CA GLY A 55 33.09 0.13 -34.54
C GLY A 55 34.43 -0.35 -35.05
N ASP A 56 35.29 0.57 -35.55
CA ASP A 56 36.66 0.29 -35.98
C ASP A 56 37.64 0.02 -34.81
N VAL A 57 38.23 -1.15 -34.83
CA VAL A 57 39.16 -1.65 -33.85
C VAL A 57 40.57 -1.23 -34.22
N THR A 58 41.45 -0.81 -33.35
CA THR A 58 42.83 -0.34 -33.60
C THR A 58 43.65 -0.98 -32.55
N ILE A 59 44.69 -1.77 -32.86
CA ILE A 59 45.60 -2.44 -31.97
C ILE A 59 47.00 -1.77 -32.05
N THR A 60 47.55 -1.14 -30.96
CA THR A 60 48.87 -0.66 -31.00
C THR A 60 49.51 -0.75 -29.69
N ASN A 61 50.85 -0.61 -29.73
CA ASN A 61 51.70 -0.40 -28.58
C ASN A 61 52.30 0.93 -28.54
N ASP A 62 52.11 1.82 -29.55
CA ASP A 62 52.53 3.21 -29.55
C ASP A 62 51.58 4.03 -28.60
N GLY A 63 52.17 4.88 -27.81
CA GLY A 63 51.41 5.46 -26.69
C GLY A 63 50.69 6.71 -27.13
N ALA A 64 51.17 7.41 -28.18
CA ALA A 64 50.67 8.64 -28.78
C ALA A 64 49.46 8.26 -29.69
N THR A 65 49.41 6.96 -30.16
CA THR A 65 48.30 6.34 -30.83
C THR A 65 47.22 5.91 -29.87
N ILE A 66 47.63 5.35 -28.70
CA ILE A 66 46.71 4.87 -27.67
C ILE A 66 46.01 6.01 -26.94
N VAL A 67 46.62 7.19 -26.71
CA VAL A 67 45.96 8.37 -26.26
C VAL A 67 44.96 8.89 -27.34
N LYS A 68 45.45 8.92 -28.58
CA LYS A 68 44.61 9.34 -29.69
C LYS A 68 43.33 8.49 -29.83
N GLU A 69 43.43 7.08 -29.76
CA GLU A 69 42.21 6.26 -29.91
C GLU A 69 41.28 6.29 -28.73
N MET A 70 41.68 7.02 -27.73
CA MET A 70 41.11 6.98 -26.38
C MET A 70 40.34 8.21 -25.83
N GLU A 71 39.12 8.00 -25.21
CA GLU A 71 38.42 8.94 -24.33
C GLU A 71 39.09 9.10 -22.96
N ILE A 72 39.40 10.34 -22.54
CA ILE A 72 40.11 10.71 -21.31
C ILE A 72 39.25 11.71 -20.55
N GLN A 73 38.91 11.37 -19.29
CA GLN A 73 37.78 11.96 -18.56
C GLN A 73 38.25 12.80 -17.44
N HIS A 74 39.58 12.94 -17.40
CA HIS A 74 40.31 13.69 -16.38
C HIS A 74 41.21 14.68 -17.06
N PRO A 75 40.94 16.02 -16.98
CA PRO A 75 41.67 17.01 -17.79
C PRO A 75 43.19 17.01 -17.71
N ALA A 76 43.75 16.56 -16.61
CA ALA A 76 45.18 16.73 -16.43
C ALA A 76 45.97 15.77 -17.24
N ALA A 77 45.25 14.61 -17.52
CA ALA A 77 45.82 13.62 -18.46
C ALA A 77 45.68 14.11 -19.83
N LYS A 78 44.69 14.96 -20.10
CA LYS A 78 44.60 15.60 -21.45
C LYS A 78 45.75 16.56 -21.70
N LEU A 79 46.22 17.32 -20.69
CA LEU A 79 47.37 18.19 -20.79
C LEU A 79 48.63 17.42 -21.10
N LEU A 80 48.81 16.29 -20.40
CA LEU A 80 49.93 15.33 -20.75
C LEU A 80 49.83 14.68 -22.18
N VAL A 81 48.67 14.54 -22.75
CA VAL A 81 48.50 14.21 -24.18
C VAL A 81 49.09 15.22 -25.15
N GLU A 82 48.93 16.47 -24.80
CA GLU A 82 49.52 17.52 -25.64
C GLU A 82 51.03 17.56 -25.81
N ALA A 83 51.69 17.08 -24.85
CA ALA A 83 53.08 16.94 -24.68
C ALA A 83 53.58 15.69 -25.47
N ALA A 84 52.75 14.60 -25.42
CA ALA A 84 52.93 13.47 -26.33
C ALA A 84 52.68 13.85 -27.76
N LYS A 85 51.51 14.42 -28.27
CA LYS A 85 51.26 14.96 -29.61
C LYS A 85 52.47 15.73 -30.25
N ALA A 86 53.03 16.78 -29.55
CA ALA A 86 54.16 17.51 -30.02
C ALA A 86 55.53 16.75 -30.16
N GLN A 87 55.84 15.80 -29.24
CA GLN A 87 57.06 14.99 -29.22
C GLN A 87 57.01 13.85 -30.30
N ASP A 88 55.81 13.44 -30.65
CA ASP A 88 55.48 12.38 -31.50
C ASP A 88 55.88 12.74 -33.01
N SER A 89 55.99 14.05 -33.43
CA SER A 89 56.57 14.29 -34.76
C SER A 89 58.07 14.12 -34.76
N GLU A 90 58.75 14.33 -33.61
CA GLU A 90 60.21 14.16 -33.62
C GLU A 90 60.63 12.69 -33.69
N VAL A 91 60.05 11.76 -32.82
CA VAL A 91 60.36 10.30 -32.78
C VAL A 91 59.25 9.54 -32.11
N GLY A 92 59.10 8.29 -32.47
CA GLY A 92 58.15 7.34 -31.97
C GLY A 92 58.58 6.40 -30.89
N ASP A 93 59.85 6.31 -30.45
CA ASP A 93 60.14 5.43 -29.31
C ASP A 93 60.18 6.27 -28.08
N GLY A 94 60.89 7.41 -28.15
CA GLY A 94 61.28 8.31 -27.09
C GLY A 94 60.11 8.94 -26.44
N THR A 95 59.12 9.24 -27.29
CA THR A 95 57.84 9.83 -26.80
C THR A 95 57.08 8.90 -25.97
N THR A 96 57.17 7.58 -26.23
CA THR A 96 56.58 6.56 -25.41
C THR A 96 57.21 6.54 -24.02
N SER A 97 58.59 6.63 -23.95
CA SER A 97 59.36 6.71 -22.79
C SER A 97 59.08 8.01 -21.99
N ALA A 98 58.95 9.18 -22.71
CA ALA A 98 58.63 10.52 -22.17
C ALA A 98 57.35 10.58 -21.31
N VAL A 99 56.28 9.84 -21.70
CA VAL A 99 55.06 9.87 -20.90
C VAL A 99 55.37 9.30 -19.51
N VAL A 100 56.16 8.22 -19.47
CA VAL A 100 56.68 7.61 -18.25
C VAL A 100 57.59 8.52 -17.46
N LEU A 101 58.44 9.35 -18.08
CA LEU A 101 59.38 10.29 -17.40
C LEU A 101 58.73 11.36 -16.62
N ALA A 102 57.66 11.80 -17.18
CA ALA A 102 56.79 12.81 -16.58
C ALA A 102 56.20 12.25 -15.33
N GLY A 103 55.79 10.97 -15.29
CA GLY A 103 55.32 10.18 -14.23
C GLY A 103 56.26 9.92 -13.13
N LEU A 104 57.52 9.61 -13.39
CA LEU A 104 58.52 9.27 -12.40
C LEU A 104 58.96 10.53 -11.64
N PHE A 105 58.76 11.67 -12.31
CA PHE A 105 58.95 12.95 -11.66
C PHE A 105 57.83 13.43 -10.75
N LEU A 106 56.56 13.20 -11.15
CA LEU A 106 55.37 13.32 -10.32
C LEU A 106 55.37 12.29 -9.12
N GLU A 107 55.88 11.04 -9.30
CA GLU A 107 55.70 10.05 -8.24
C GLU A 107 56.71 10.18 -7.01
N LYS A 108 57.79 10.89 -7.24
CA LYS A 108 58.80 11.36 -6.37
C LYS A 108 58.54 12.67 -5.67
N ALA A 109 57.86 13.53 -6.49
CA ALA A 109 57.26 14.82 -6.10
C ALA A 109 56.25 14.61 -4.97
N GLU A 110 55.37 13.52 -5.07
CA GLU A 110 54.41 13.16 -4.00
C GLU A 110 55.07 12.71 -2.70
N SER A 111 56.26 12.09 -2.89
CA SER A 111 57.06 11.68 -1.74
C SER A 111 57.63 12.77 -0.84
N LEU A 112 58.24 13.79 -1.50
CA LEU A 112 58.75 15.08 -0.95
C LEU A 112 57.62 15.90 -0.32
N VAL A 113 56.40 15.92 -0.92
CA VAL A 113 55.19 16.57 -0.39
C VAL A 113 54.80 15.93 0.98
N ASP A 114 54.90 14.60 1.13
CA ASP A 114 54.53 13.81 2.32
C ASP A 114 55.44 14.23 3.47
N GLN A 115 56.69 14.45 3.20
CA GLN A 115 57.67 14.89 4.19
C GLN A 115 57.44 16.34 4.75
N ASN A 116 56.46 17.14 4.17
CA ASN A 116 56.05 18.53 4.35
C ASN A 116 56.85 19.60 3.68
N ILE A 117 57.32 19.29 2.44
CA ILE A 117 58.18 20.10 1.66
C ILE A 117 57.23 20.85 0.75
N HIS A 118 57.20 22.19 0.85
CA HIS A 118 56.41 23.03 0.02
C HIS A 118 56.65 23.01 -1.43
N PRO A 119 55.75 23.02 -2.39
CA PRO A 119 56.03 22.81 -3.82
C PRO A 119 57.01 23.76 -4.47
N THR A 120 57.11 25.02 -4.00
CA THR A 120 58.18 25.95 -4.46
C THR A 120 59.59 25.45 -4.33
N ILE A 121 59.91 24.77 -3.23
CA ILE A 121 61.24 24.13 -2.99
C ILE A 121 61.40 22.89 -3.89
N ILE A 122 60.29 22.09 -4.08
CA ILE A 122 60.20 20.90 -4.98
C ILE A 122 60.49 21.31 -6.39
N ILE A 123 59.85 22.34 -6.96
CA ILE A 123 60.20 23.04 -8.22
C ILE A 123 61.68 23.53 -8.36
N GLU A 124 62.19 24.29 -7.31
CA GLU A 124 63.54 24.61 -7.29
C GLU A 124 64.61 23.61 -7.19
N GLY A 125 64.27 22.43 -6.58
CA GLY A 125 65.24 21.29 -6.44
C GLY A 125 65.27 20.42 -7.67
N PHE A 126 64.10 20.33 -8.40
CA PHE A 126 64.01 19.68 -9.69
C PHE A 126 64.68 20.53 -10.73
N LYS A 127 64.60 21.89 -10.53
CA LYS A 127 65.45 22.80 -11.34
C LYS A 127 66.97 22.71 -11.13
N LYS A 128 67.44 22.55 -9.90
CA LYS A 128 68.85 22.26 -9.60
C LYS A 128 69.29 20.93 -10.14
N ALA A 129 68.47 19.91 -10.11
CA ALA A 129 68.78 18.62 -10.76
C ALA A 129 68.91 18.70 -12.22
N PHE A 130 67.95 19.41 -12.87
CA PHE A 130 67.87 19.63 -14.37
C PHE A 130 69.13 20.47 -14.80
N ASN A 131 69.48 21.51 -14.04
CA ASN A 131 70.72 22.36 -14.25
C ASN A 131 71.91 21.52 -14.11
N LYS A 132 72.01 20.53 -13.19
CA LYS A 132 73.18 19.60 -13.13
C LYS A 132 73.32 18.65 -14.24
N SER A 133 72.19 18.13 -14.68
CA SER A 133 72.10 17.26 -15.82
C SER A 133 72.50 17.97 -17.07
N LEU A 134 72.18 19.26 -17.25
CA LEU A 134 72.54 20.01 -18.41
C LEU A 134 74.04 20.37 -18.59
N GLU A 135 74.74 20.41 -17.45
CA GLU A 135 76.16 20.53 -17.57
C GLU A 135 76.83 19.12 -17.61
N LEU A 136 76.07 17.99 -17.41
CA LEU A 136 76.59 16.63 -17.65
C LEU A 136 76.31 16.05 -19.02
N LEU A 137 75.21 16.45 -19.63
CA LEU A 137 74.95 16.10 -21.00
C LEU A 137 75.81 16.64 -22.07
N PRO A 138 76.90 17.49 -21.94
CA PRO A 138 77.94 17.65 -22.89
C PRO A 138 79.23 16.98 -22.35
N GLN A 139 79.37 16.86 -21.00
CA GLN A 139 80.46 16.31 -20.26
C GLN A 139 80.55 14.86 -20.23
N LEU A 140 79.49 14.08 -19.99
CA LEU A 140 79.37 12.62 -19.97
C LEU A 140 79.18 11.99 -21.37
N ALA A 141 78.85 12.83 -22.35
CA ALA A 141 78.47 12.64 -23.75
C ALA A 141 79.68 12.44 -24.77
N THR A 142 79.36 11.97 -25.97
CA THR A 142 80.21 11.61 -27.06
C THR A 142 79.86 12.47 -28.16
N LYS A 143 80.89 13.10 -28.80
CA LYS A 143 80.63 13.81 -30.11
C LYS A 143 81.32 13.20 -31.34
N VAL A 144 80.53 12.94 -32.45
CA VAL A 144 80.94 12.25 -33.62
C VAL A 144 81.33 13.18 -34.82
N ASP A 145 81.07 14.45 -34.70
CA ASP A 145 81.18 15.44 -35.78
C ASP A 145 80.33 15.30 -37.01
N VAL A 146 80.45 16.31 -37.92
CA VAL A 146 79.82 16.45 -39.13
C VAL A 146 80.05 15.54 -40.26
N SER A 147 81.29 15.27 -40.70
CA SER A 147 81.45 14.51 -41.90
C SER A 147 82.80 13.78 -41.75
N ASP A 148 82.75 12.57 -42.22
CA ASP A 148 83.90 12.00 -42.95
C ASP A 148 83.56 11.86 -44.44
N LEU A 149 84.40 12.43 -45.27
CA LEU A 149 84.50 12.18 -46.73
C LEU A 149 83.15 12.14 -47.57
N ASN A 150 82.45 13.18 -47.72
CA ASN A 150 81.16 13.30 -48.34
C ASN A 150 80.06 12.74 -47.54
N SER A 151 80.40 12.42 -46.18
CA SER A 151 79.47 12.11 -45.09
C SER A 151 78.93 10.72 -45.10
N ALA A 152 78.57 10.29 -43.91
CA ALA A 152 78.17 8.91 -43.54
C ALA A 152 79.21 7.79 -43.98
N THR A 153 80.48 8.04 -43.81
CA THR A 153 81.58 7.25 -44.37
C THR A 153 82.34 6.51 -43.29
N ALA A 154 82.44 5.17 -43.43
CA ALA A 154 82.81 4.29 -42.40
C ALA A 154 81.70 4.00 -41.40
N ARG A 155 80.44 4.00 -41.85
CA ARG A 155 79.22 4.56 -41.26
C ARG A 155 79.16 4.86 -39.82
N ASP A 156 79.52 3.82 -39.03
CA ASP A 156 79.64 3.77 -37.60
C ASP A 156 78.51 4.37 -36.85
N ALA A 157 78.61 5.61 -36.42
CA ALA A 157 77.71 6.36 -35.61
C ALA A 157 76.25 6.32 -36.13
N LEU A 158 76.00 6.63 -37.43
CA LEU A 158 74.73 6.57 -38.08
C LEU A 158 74.07 5.18 -38.11
N LYS A 159 74.94 4.19 -38.34
CA LYS A 159 74.54 2.84 -38.49
C LYS A 159 73.92 2.36 -37.20
N LYS A 160 74.58 2.82 -36.05
CA LYS A 160 74.23 2.54 -34.64
C LYS A 160 72.95 3.14 -34.20
N ILE A 161 72.65 4.33 -34.64
CA ILE A 161 71.44 4.97 -34.24
C ILE A 161 70.24 4.42 -35.01
N VAL A 162 70.44 4.06 -36.35
CA VAL A 162 69.46 3.48 -37.29
C VAL A 162 69.22 2.08 -37.02
N TYR A 163 70.25 1.25 -36.70
CA TYR A 163 70.15 -0.14 -36.35
C TYR A 163 69.39 -0.26 -34.98
N THR A 164 69.72 0.62 -33.95
CA THR A 164 69.05 0.66 -32.65
C THR A 164 67.59 1.01 -32.83
N THR A 165 67.18 2.01 -33.68
CA THR A 165 65.77 2.23 -33.91
C THR A 165 64.97 1.10 -34.56
N MET A 166 65.50 0.48 -35.61
CA MET A 166 64.89 -0.72 -36.21
C MET A 166 64.75 -1.87 -35.21
N SER A 167 65.79 -2.01 -34.39
CA SER A 167 65.79 -3.14 -33.46
C SER A 167 64.74 -2.95 -32.41
N SER A 168 64.55 -1.72 -31.85
CA SER A 168 63.58 -1.38 -30.90
C SER A 168 62.17 -1.56 -31.48
N LYS A 169 61.92 -1.14 -32.70
CA LYS A 169 60.61 -1.34 -33.34
C LYS A 169 60.23 -2.59 -34.05
N PHE A 170 61.06 -3.61 -33.98
CA PHE A 170 60.63 -4.99 -34.31
C PHE A 170 61.58 -6.19 -33.98
N MET A 171 62.74 -5.98 -33.39
CA MET A 171 63.71 -7.05 -33.09
C MET A 171 64.04 -8.07 -34.20
N ALA A 172 64.41 -9.34 -33.94
CA ALA A 172 64.84 -10.37 -34.81
C ALA A 172 65.94 -9.88 -35.74
N GLU A 173 65.90 -10.35 -36.98
CA GLU A 173 66.79 -10.02 -38.02
C GLU A 173 65.98 -9.29 -39.09
N GLY A 174 66.49 -8.05 -39.45
CA GLY A 174 65.95 -7.23 -40.49
C GLY A 174 67.15 -6.69 -41.17
N GLU A 175 68.21 -7.46 -41.26
CA GLU A 175 69.52 -6.99 -41.82
C GLU A 175 69.49 -6.60 -43.35
N GLU A 176 68.72 -7.42 -44.13
CA GLU A 176 68.52 -7.22 -45.56
C GLU A 176 67.50 -6.11 -45.88
N LEU A 177 66.88 -5.50 -44.82
CA LEU A 177 66.04 -4.28 -44.96
C LEU A 177 66.86 -3.02 -44.53
N ASN A 178 67.58 -3.03 -43.45
CA ASN A 178 68.45 -1.95 -42.93
C ASN A 178 69.56 -1.57 -43.98
N LYS A 179 70.22 -2.50 -44.74
CA LYS A 179 71.16 -2.11 -45.76
C LYS A 179 70.56 -1.25 -46.89
N ILE A 180 69.33 -1.53 -47.45
CA ILE A 180 68.54 -0.67 -48.32
C ILE A 180 68.04 0.60 -47.61
N MET A 181 67.58 0.59 -46.40
CA MET A 181 67.22 1.75 -45.56
C MET A 181 68.41 2.67 -45.30
N ASP A 182 69.60 2.18 -45.08
CA ASP A 182 70.91 2.79 -44.90
C ASP A 182 71.37 3.55 -46.22
N ILE A 183 71.12 2.86 -47.39
CA ILE A 183 71.31 3.65 -48.65
C ILE A 183 70.38 4.80 -48.82
N VAL A 184 69.09 4.56 -48.47
CA VAL A 184 68.07 5.60 -48.54
C VAL A 184 68.41 6.75 -47.59
N ILE A 185 68.90 6.43 -46.39
CA ILE A 185 69.33 7.34 -45.33
C ILE A 185 70.53 8.17 -45.76
N ASP A 186 71.54 7.63 -46.44
CA ASP A 186 72.67 8.30 -47.05
C ASP A 186 72.18 9.29 -48.11
N ALA A 187 71.17 8.85 -48.90
CA ALA A 187 70.59 9.83 -49.82
C ALA A 187 69.88 10.99 -49.19
N VAL A 188 69.11 10.79 -48.13
CA VAL A 188 68.50 11.90 -47.38
C VAL A 188 69.47 12.86 -46.76
N THR A 189 70.58 12.23 -46.27
CA THR A 189 71.76 12.91 -45.73
C THR A 189 72.45 13.81 -46.81
N THR A 190 72.61 13.35 -48.12
CA THR A 190 73.02 14.17 -49.27
C THR A 190 72.20 15.42 -49.51
N VAL A 191 70.86 15.26 -49.41
CA VAL A 191 69.86 16.29 -49.40
C VAL A 191 69.99 17.40 -48.31
N ALA A 192 69.85 16.97 -47.06
CA ALA A 192 70.29 17.68 -45.81
C ALA A 192 71.40 18.60 -45.93
N GLU A 193 72.60 18.10 -46.43
CA GLU A 193 73.84 18.92 -46.58
C GLU A 193 74.36 19.53 -45.25
N PRO A 194 75.68 19.66 -45.18
CA PRO A 194 76.21 19.53 -43.82
C PRO A 194 76.57 21.01 -43.36
N LEU A 195 76.26 21.44 -42.09
CA LEU A 195 76.45 22.83 -41.77
C LEU A 195 77.81 22.87 -41.14
N PRO A 196 78.76 23.76 -41.43
CA PRO A 196 80.13 23.76 -40.77
C PRO A 196 80.17 23.94 -39.23
N ASP A 197 79.08 24.49 -38.63
CA ASP A 197 78.78 24.17 -37.27
C ASP A 197 78.82 22.72 -36.73
N GLY A 198 78.04 21.81 -37.27
CA GLY A 198 78.05 20.46 -36.62
C GLY A 198 76.78 19.72 -36.97
N GLY A 199 75.60 20.47 -36.99
CA GLY A 199 74.44 20.00 -37.57
C GLY A 199 74.29 19.93 -39.06
N TYR A 200 73.14 19.79 -39.64
CA TYR A 200 72.85 19.70 -41.08
C TYR A 200 71.42 20.32 -41.38
N ASN A 201 71.10 20.73 -42.62
CA ASN A 201 69.84 21.40 -42.85
C ASN A 201 68.75 20.33 -43.14
N VAL A 202 68.60 19.25 -42.31
CA VAL A 202 67.58 18.18 -42.56
C VAL A 202 66.12 18.69 -42.50
N SER A 203 65.49 18.58 -43.65
CA SER A 203 64.10 18.96 -43.97
C SER A 203 63.54 17.61 -44.48
N LEU A 204 62.52 17.01 -43.84
CA LEU A 204 61.80 15.81 -44.33
C LEU A 204 60.59 16.22 -45.10
N ASP A 205 60.35 17.56 -45.22
CA ASP A 205 59.15 18.06 -45.87
C ASP A 205 59.08 17.93 -47.42
N LEU A 206 60.26 18.10 -48.03
CA LEU A 206 60.57 17.90 -49.51
C LEU A 206 61.15 16.53 -49.73
N ILE A 207 61.19 15.67 -48.73
CA ILE A 207 61.45 14.25 -48.79
C ILE A 207 60.00 13.69 -49.07
N LYS A 208 59.80 12.73 -50.07
CA LYS A 208 58.54 12.15 -50.39
C LYS A 208 58.72 10.67 -50.69
N ILE A 209 57.94 9.81 -50.03
CA ILE A 209 58.13 8.38 -50.18
C ILE A 209 56.86 7.81 -50.66
N ASP A 210 56.91 7.05 -51.78
CA ASP A 210 55.86 6.32 -52.45
C ASP A 210 56.13 4.89 -52.25
N LYS A 211 55.10 4.21 -51.67
CA LYS A 211 55.25 2.70 -51.59
C LYS A 211 54.28 2.10 -52.58
N LYS A 212 54.74 1.16 -53.38
CA LYS A 212 54.06 0.38 -54.46
C LYS A 212 54.32 -1.11 -54.28
N LYS A 213 53.24 -2.00 -54.49
CA LYS A 213 53.36 -3.43 -54.58
C LYS A 213 54.27 -3.88 -55.79
N GLY A 214 54.68 -5.15 -55.81
CA GLY A 214 54.92 -5.89 -57.04
C GLY A 214 56.43 -5.92 -57.36
N GLY A 215 57.36 -5.98 -56.39
CA GLY A 215 58.75 -6.10 -56.53
C GLY A 215 59.33 -6.69 -55.22
N THR A 216 60.35 -6.07 -54.68
CA THR A 216 61.13 -6.53 -53.51
C THR A 216 61.76 -5.30 -52.97
N ILE A 217 62.22 -5.33 -51.66
CA ILE A 217 62.75 -4.13 -51.05
C ILE A 217 64.10 -3.67 -51.67
N GLU A 218 64.93 -4.66 -52.05
CA GLU A 218 66.12 -4.43 -52.88
C GLU A 218 65.91 -3.70 -54.19
N ASP A 219 64.66 -3.51 -54.74
CA ASP A 219 64.48 -2.87 -56.00
C ASP A 219 64.17 -1.47 -55.89
N SER A 220 64.23 -0.88 -54.67
CA SER A 220 63.80 0.55 -54.33
C SER A 220 64.85 1.53 -54.76
N GLN A 221 64.32 2.68 -55.12
CA GLN A 221 65.18 3.61 -55.78
C GLN A 221 64.81 5.00 -55.35
N LEU A 222 65.80 5.88 -55.37
CA LEU A 222 65.57 7.35 -55.33
C LEU A 222 65.14 7.86 -56.66
N ILE A 223 64.39 8.96 -56.83
CA ILE A 223 64.13 9.61 -58.11
C ILE A 223 64.57 11.06 -57.89
N ARG A 224 65.40 11.64 -58.82
CA ARG A 224 65.88 13.01 -58.65
C ARG A 224 64.91 13.98 -59.28
N GLY A 225 63.69 13.87 -58.79
CA GLY A 225 62.52 14.70 -59.29
C GLY A 225 61.28 14.30 -58.51
N ILE A 226 60.07 14.65 -58.99
CA ILE A 226 58.86 14.23 -58.37
C ILE A 226 58.14 13.10 -59.15
N VAL A 227 57.50 12.20 -58.40
CA VAL A 227 56.56 11.16 -58.87
C VAL A 227 55.13 11.46 -58.54
N LEU A 228 54.28 11.44 -59.56
CA LEU A 228 52.80 11.62 -59.52
C LEU A 228 52.04 10.34 -59.67
N ASP A 229 51.27 10.03 -58.68
CA ASP A 229 50.39 8.86 -58.62
C ASP A 229 49.15 9.10 -59.36
N LYS A 230 48.92 10.37 -59.76
CA LYS A 230 47.81 10.78 -60.54
C LYS A 230 48.00 10.37 -62.03
N GLU A 231 47.00 9.82 -62.63
CA GLU A 231 46.99 9.34 -64.01
C GLU A 231 47.03 10.36 -65.13
N VAL A 232 47.61 10.01 -66.30
CA VAL A 232 47.52 10.62 -67.55
C VAL A 232 46.10 10.22 -68.04
N VAL A 233 45.03 10.80 -67.44
CA VAL A 233 43.64 11.10 -68.01
C VAL A 233 43.25 10.41 -69.28
N HIS A 234 42.89 11.19 -70.35
CA HIS A 234 42.75 10.86 -71.74
C HIS A 234 43.89 9.96 -72.46
N ALA A 235 43.42 9.06 -73.36
CA ALA A 235 44.14 8.27 -74.38
C ALA A 235 45.01 9.07 -75.43
N GLY A 236 44.62 10.08 -76.13
CA GLY A 236 45.49 10.56 -77.13
C GLY A 236 46.75 11.27 -76.65
N MET A 237 46.90 11.79 -75.37
CA MET A 237 48.09 12.48 -74.89
C MET A 237 49.39 11.64 -74.96
N PRO A 238 50.50 12.15 -75.50
CA PRO A 238 51.80 11.49 -75.40
C PRO A 238 52.22 10.86 -73.99
N ARG A 239 53.06 9.85 -73.97
CA ARG A 239 53.56 9.06 -72.87
C ARG A 239 54.94 9.43 -72.37
N ARG A 240 55.70 10.24 -73.09
CA ARG A 240 56.95 10.85 -72.64
C ARG A 240 57.35 12.21 -73.21
N VAL A 241 57.93 13.14 -72.38
CA VAL A 241 58.46 14.36 -72.91
C VAL A 241 59.91 14.45 -72.47
N GLU A 242 60.82 14.68 -73.41
CA GLU A 242 62.28 14.74 -73.26
C GLU A 242 62.62 16.22 -73.58
N LYS A 243 63.38 16.84 -72.65
CA LYS A 243 63.68 18.21 -72.61
C LYS A 243 62.37 19.04 -72.52
N ALA A 244 61.65 18.79 -71.38
CA ALA A 244 60.33 19.27 -71.02
C ALA A 244 60.29 20.65 -70.45
N LYS A 245 59.40 21.52 -70.99
CA LYS A 245 59.05 22.83 -70.41
C LYS A 245 57.71 22.45 -69.72
N ILE A 246 57.71 22.47 -68.33
CA ILE A 246 56.62 22.02 -67.46
C ILE A 246 55.87 23.22 -66.97
N ALA A 247 54.55 23.37 -67.25
CA ALA A 247 53.73 24.34 -66.61
C ALA A 247 52.90 23.72 -65.47
N VAL A 248 52.88 24.45 -64.36
CA VAL A 248 52.15 24.08 -63.14
C VAL A 248 51.01 25.16 -63.11
N LEU A 249 49.77 24.69 -63.07
CA LEU A 249 48.57 25.46 -63.32
C LEU A 249 47.56 25.24 -62.11
N ASP A 250 47.14 26.34 -61.48
CA ASP A 250 46.27 26.31 -60.31
C ASP A 250 44.78 26.60 -60.64
N ALA A 251 44.55 26.84 -61.89
CA ALA A 251 43.24 27.08 -62.42
C ALA A 251 42.78 26.00 -63.31
N SER A 252 41.46 25.84 -63.26
CA SER A 252 40.72 24.92 -64.19
C SER A 252 40.87 25.14 -65.73
N LEU A 253 41.18 23.99 -66.41
CA LEU A 253 40.86 23.94 -67.83
C LEU A 253 39.42 23.53 -68.12
N GLU A 254 38.46 24.39 -67.70
CA GLU A 254 37.02 24.34 -67.74
C GLU A 254 36.67 25.79 -67.80
N VAL A 255 35.63 26.16 -68.55
CA VAL A 255 35.12 27.51 -68.63
C VAL A 255 34.65 28.06 -67.25
N GLU A 256 35.12 29.28 -66.99
CA GLU A 256 34.89 29.99 -65.77
C GLU A 256 33.95 31.13 -65.99
N LYS A 257 32.70 31.03 -65.50
CA LYS A 257 31.58 31.89 -65.83
C LYS A 257 31.75 33.35 -65.55
N PRO A 258 31.22 34.28 -66.27
CA PRO A 258 31.46 35.71 -66.08
C PRO A 258 31.12 36.22 -64.70
N GLU A 259 31.37 37.46 -64.40
CA GLU A 259 31.06 38.11 -63.17
C GLU A 259 29.60 38.31 -62.93
N ILE A 260 28.84 38.75 -63.94
CA ILE A 260 27.43 38.99 -64.02
C ILE A 260 26.85 38.27 -65.21
N SER A 261 25.78 37.45 -64.95
CA SER A 261 25.63 36.20 -65.60
C SER A 261 24.18 35.78 -65.55
N ALA A 262 23.74 35.09 -66.62
CA ALA A 262 22.42 34.56 -66.68
C ALA A 262 22.44 33.19 -67.43
N LYS A 263 21.36 32.36 -67.25
CA LYS A 263 21.02 31.06 -67.79
C LYS A 263 19.52 30.93 -67.98
N ILE A 264 19.11 30.34 -69.13
CA ILE A 264 17.71 30.13 -69.50
C ILE A 264 17.53 28.67 -69.91
N SER A 265 16.49 27.99 -69.47
CA SER A 265 16.23 26.58 -69.81
C SER A 265 15.53 26.45 -71.17
N ILE A 266 16.22 25.79 -72.09
CA ILE A 266 15.90 25.63 -73.48
C ILE A 266 15.43 24.20 -73.72
N THR A 267 14.44 23.95 -74.62
CA THR A 267 14.08 22.57 -75.03
C THR A 267 14.75 22.09 -76.30
N SER A 268 14.24 22.61 -77.49
CA SER A 268 15.07 23.07 -78.58
C SER A 268 16.55 22.71 -78.72
N PRO A 269 17.01 21.57 -79.23
CA PRO A 269 18.34 21.04 -78.90
C PRO A 269 19.40 21.74 -79.68
N ASP A 270 19.00 22.39 -80.78
CA ASP A 270 19.91 23.11 -81.68
C ASP A 270 20.61 24.27 -80.97
N GLN A 271 19.98 24.87 -79.89
CA GLN A 271 20.66 26.00 -79.22
C GLN A 271 21.71 25.47 -78.20
N ILE A 272 21.67 24.15 -77.85
CA ILE A 272 22.61 23.54 -76.98
C ILE A 272 23.85 23.24 -77.81
N LYS A 273 23.70 22.96 -79.11
CA LYS A 273 24.83 22.90 -79.96
C LYS A 273 25.56 24.19 -80.17
N ALA A 274 24.84 25.32 -80.16
CA ALA A 274 25.51 26.64 -80.29
C ALA A 274 26.10 27.14 -78.97
N PHE A 275 25.51 26.70 -77.84
CA PHE A 275 26.01 26.96 -76.54
C PHE A 275 27.34 26.22 -76.29
N LEU A 276 27.41 24.98 -76.82
CA LEU A 276 28.48 24.09 -76.63
C LEU A 276 29.65 24.57 -77.41
N ASP A 277 29.42 25.04 -78.65
CA ASP A 277 30.39 25.67 -79.43
C ASP A 277 30.82 26.98 -78.98
N GLU A 278 30.06 27.84 -78.32
CA GLU A 278 30.62 29.00 -77.62
C GLU A 278 31.57 28.64 -76.40
N GLU A 279 31.21 27.61 -75.66
CA GLU A 279 32.02 27.18 -74.53
C GLU A 279 33.27 26.40 -74.93
N ALA A 280 33.26 25.74 -76.09
CA ALA A 280 34.31 24.94 -76.59
C ALA A 280 35.42 25.76 -77.26
N LYS A 281 35.12 26.94 -77.83
CA LYS A 281 36.07 27.84 -78.47
C LYS A 281 36.75 28.72 -77.45
N TYR A 282 36.27 28.86 -76.18
CA TYR A 282 37.04 29.41 -75.04
C TYR A 282 38.01 28.29 -74.53
N LEU A 283 37.58 26.96 -74.52
CA LEU A 283 38.48 25.92 -74.19
C LEU A 283 39.65 25.73 -75.17
N LYS A 284 39.44 25.81 -76.48
CA LYS A 284 40.57 25.72 -77.44
C LYS A 284 41.44 26.98 -77.40
N ASP A 285 40.90 28.16 -76.97
CA ASP A 285 41.72 29.28 -76.69
C ASP A 285 42.71 29.00 -75.50
N MET A 286 42.17 28.56 -74.34
CA MET A 286 42.89 28.11 -73.15
C MET A 286 44.02 27.13 -73.52
N VAL A 287 43.77 26.11 -74.40
CA VAL A 287 44.79 25.23 -74.97
C VAL A 287 45.84 25.91 -75.88
N ASP A 288 45.52 26.81 -76.80
CA ASP A 288 46.45 27.50 -77.68
C ASP A 288 47.35 28.38 -76.87
N LYS A 289 46.89 28.90 -75.73
CA LYS A 289 47.65 29.67 -74.78
C LYS A 289 48.72 28.84 -74.12
N LEU A 290 48.35 27.56 -73.73
CA LEU A 290 49.34 26.65 -73.20
C LEU A 290 50.42 26.25 -74.18
N ALA A 291 49.95 25.93 -75.42
CA ALA A 291 50.82 25.59 -76.53
C ALA A 291 51.63 26.81 -76.97
N SER A 292 51.24 28.08 -76.62
CA SER A 292 52.03 29.33 -76.87
C SER A 292 53.20 29.60 -75.95
N ILE A 293 53.06 29.37 -74.64
CA ILE A 293 54.24 29.35 -73.68
C ILE A 293 55.30 28.30 -74.13
N GLY A 294 54.81 27.35 -74.90
CA GLY A 294 55.62 26.19 -75.30
C GLY A 294 55.64 25.05 -74.34
N ALA A 295 54.69 25.00 -73.30
CA ALA A 295 54.64 23.91 -72.27
C ALA A 295 54.28 22.61 -72.80
N ASN A 296 55.27 21.68 -72.84
CA ASN A 296 55.14 20.28 -73.25
C ASN A 296 54.33 19.45 -72.28
N VAL A 297 54.58 19.58 -70.94
CA VAL A 297 53.83 18.88 -69.92
C VAL A 297 53.03 19.93 -69.22
N VAL A 298 51.93 19.51 -68.61
CA VAL A 298 51.19 20.37 -67.78
C VAL A 298 50.66 19.68 -66.56
N ILE A 299 50.64 20.36 -65.38
CA ILE A 299 50.15 19.78 -64.19
C ILE A 299 48.99 20.72 -63.90
N CYS A 300 47.78 20.22 -63.60
CA CYS A 300 46.66 21.14 -63.31
C CYS A 300 46.02 20.76 -62.01
N GLN A 301 45.92 21.64 -60.99
CA GLN A 301 45.54 21.35 -59.63
C GLN A 301 44.01 21.09 -59.58
N LYS A 302 43.26 21.29 -60.67
CA LYS A 302 41.80 21.13 -60.81
C LYS A 302 41.42 20.16 -61.94
N GLY A 303 40.12 20.00 -62.24
CA GLY A 303 39.67 19.53 -63.59
C GLY A 303 40.17 20.06 -64.92
N ILE A 304 40.25 19.17 -65.87
CA ILE A 304 40.56 19.45 -67.22
C ILE A 304 39.45 18.71 -67.96
N ASP A 305 38.59 19.57 -68.63
CA ASP A 305 37.38 19.18 -69.35
C ASP A 305 37.59 18.17 -70.50
N ASP A 306 36.62 17.39 -70.89
CA ASP A 306 36.79 16.42 -71.94
C ASP A 306 37.26 16.91 -73.34
N ILE A 307 36.62 18.02 -73.84
CA ILE A 307 37.04 18.69 -75.09
C ILE A 307 38.49 19.24 -74.98
N ALA A 308 38.80 19.89 -73.80
CA ALA A 308 40.14 20.35 -73.46
C ALA A 308 41.20 19.29 -73.26
N GLN A 309 40.91 18.05 -72.84
CA GLN A 309 41.84 16.99 -72.86
C GLN A 309 42.11 16.43 -74.31
N HIS A 310 41.08 16.50 -75.15
CA HIS A 310 41.26 16.08 -76.51
C HIS A 310 42.19 16.98 -77.24
N PHE A 311 42.03 18.37 -77.14
CA PHE A 311 42.90 19.38 -77.79
C PHE A 311 44.34 19.46 -77.25
N LEU A 312 44.54 19.17 -75.89
CA LEU A 312 45.92 19.16 -75.35
C LEU A 312 46.70 17.95 -75.92
N ALA A 313 45.91 16.85 -76.16
CA ALA A 313 46.50 15.72 -76.89
C ALA A 313 46.76 15.95 -78.43
N LYS A 314 45.89 16.69 -79.11
CA LYS A 314 46.07 17.09 -80.46
C LYS A 314 47.32 17.94 -80.68
N ARG A 315 47.54 19.01 -79.80
CA ARG A 315 48.70 19.84 -79.88
C ARG A 315 49.95 19.16 -79.35
N GLY A 316 49.88 17.92 -78.76
CA GLY A 316 51.09 17.16 -78.38
C GLY A 316 51.56 17.39 -76.96
N ILE A 317 50.59 17.62 -76.01
CA ILE A 317 50.86 18.16 -74.66
C ILE A 317 50.41 17.11 -73.63
N LEU A 318 51.35 16.80 -72.70
CA LEU A 318 51.12 15.68 -71.76
C LEU A 318 50.60 16.31 -70.53
N ALA A 319 49.30 16.12 -70.22
CA ALA A 319 48.68 16.65 -69.00
C ALA A 319 48.32 15.67 -67.81
N VAL A 320 48.47 16.14 -66.56
CA VAL A 320 48.01 15.40 -65.42
C VAL A 320 46.93 16.29 -64.90
N ARG A 321 45.83 15.76 -64.31
CA ARG A 321 44.91 16.58 -63.61
C ARG A 321 45.21 16.63 -62.07
N ARG A 322 44.18 16.62 -61.18
CA ARG A 322 44.17 16.76 -59.71
C ARG A 322 45.35 16.31 -58.87
N VAL A 323 46.59 16.95 -59.01
CA VAL A 323 47.72 16.71 -58.15
C VAL A 323 47.53 17.63 -56.97
N LYS A 324 47.77 17.12 -55.77
CA LYS A 324 47.57 17.77 -54.49
C LYS A 324 48.44 18.94 -54.07
N ARG A 325 47.94 19.84 -53.24
CA ARG A 325 48.59 21.10 -52.88
C ARG A 325 50.01 20.98 -52.44
N SER A 326 50.30 19.89 -51.63
CA SER A 326 51.56 19.40 -51.00
C SER A 326 52.52 19.00 -52.09
N ASP A 327 52.02 18.31 -53.15
CA ASP A 327 52.81 18.00 -54.29
C ASP A 327 53.27 19.07 -55.24
N ILE A 328 52.37 20.07 -55.34
CA ILE A 328 52.59 21.30 -56.12
C ILE A 328 53.62 22.18 -55.38
N GLU A 329 53.69 22.15 -54.02
CA GLU A 329 54.69 22.89 -53.24
C GLU A 329 56.08 22.37 -53.59
N LYS A 330 56.12 21.02 -53.79
CA LYS A 330 57.27 20.25 -54.13
C LYS A 330 57.72 20.40 -55.58
N LEU A 331 56.80 20.49 -56.54
CA LEU A 331 57.09 20.67 -57.94
C LEU A 331 57.63 22.00 -58.17
N GLU A 332 57.13 23.00 -57.36
CA GLU A 332 57.61 24.36 -57.32
C GLU A 332 59.15 24.32 -56.90
N LYS A 333 59.36 23.89 -55.65
CA LYS A 333 60.75 23.75 -55.24
C LYS A 333 61.73 22.91 -56.04
N ALA A 334 61.30 21.78 -56.69
CA ALA A 334 62.29 21.05 -57.40
C ALA A 334 62.47 21.48 -58.87
N LEU A 335 61.44 22.12 -59.49
CA LEU A 335 61.47 22.41 -60.92
C LEU A 335 61.70 23.87 -61.28
N GLY A 336 61.69 24.76 -60.26
CA GLY A 336 61.77 26.19 -60.53
C GLY A 336 60.48 26.81 -60.97
N ALA A 337 59.39 26.05 -61.07
CA ALA A 337 58.04 26.45 -61.46
C ALA A 337 57.42 27.37 -60.48
N ARG A 338 56.84 28.49 -60.88
CA ARG A 338 56.36 29.60 -60.09
C ARG A 338 54.87 29.68 -60.22
N ILE A 339 54.15 28.78 -60.82
CA ILE A 339 52.74 28.49 -60.48
C ILE A 339 51.91 29.48 -61.41
N ILE A 340 51.23 28.88 -62.44
CA ILE A 340 50.47 29.69 -63.37
C ILE A 340 49.02 29.73 -62.87
N SER A 341 48.40 30.94 -62.81
CA SER A 341 47.02 31.10 -62.36
C SER A 341 46.42 32.13 -63.33
N SER A 342 45.19 31.88 -63.84
CA SER A 342 44.65 32.60 -64.99
C SER A 342 45.27 32.07 -66.26
N ILE A 343 44.61 31.07 -66.94
CA ILE A 343 45.23 30.51 -68.20
C ILE A 343 45.34 31.58 -69.23
N LYS A 344 44.37 32.52 -69.32
CA LYS A 344 44.43 33.56 -70.28
C LYS A 344 45.68 34.40 -70.33
N ASP A 345 46.17 34.83 -69.10
CA ASP A 345 47.31 35.66 -69.04
C ASP A 345 48.62 34.89 -69.29
N ALA A 346 48.58 33.60 -69.37
CA ALA A 346 49.67 32.71 -69.75
C ALA A 346 51.09 33.13 -69.43
N THR A 347 51.29 33.28 -68.03
CA THR A 347 52.35 34.13 -67.57
C THR A 347 53.74 33.53 -67.70
N PRO A 348 54.72 34.10 -68.24
CA PRO A 348 55.44 33.28 -69.29
C PRO A 348 56.84 32.88 -68.82
N GLU A 349 57.24 33.41 -67.65
CA GLU A 349 58.48 33.14 -67.02
C GLU A 349 58.16 32.21 -65.88
N ASP A 350 56.87 31.90 -65.62
CA ASP A 350 56.55 31.15 -64.46
C ASP A 350 56.66 29.60 -64.57
N LEU A 351 57.31 29.17 -65.65
CA LEU A 351 57.23 27.77 -66.09
C LEU A 351 58.49 27.11 -65.44
N GLY A 352 58.38 25.88 -64.97
CA GLY A 352 59.61 25.19 -64.47
C GLY A 352 60.08 24.17 -65.49
N TYR A 353 61.15 23.48 -65.20
CA TYR A 353 61.93 22.72 -66.21
C TYR A 353 62.35 21.38 -65.70
N ALA A 354 62.19 20.38 -66.53
CA ALA A 354 62.64 19.04 -66.26
C ALA A 354 63.50 18.45 -67.43
N GLU A 355 64.57 17.64 -67.25
CA GLU A 355 65.22 16.93 -68.40
C GLU A 355 64.21 15.93 -69.05
N LEU A 356 63.40 15.26 -68.22
CA LEU A 356 62.44 14.42 -68.89
C LEU A 356 61.23 14.10 -68.03
N VAL A 357 60.14 13.63 -68.64
CA VAL A 357 58.85 13.37 -67.88
C VAL A 357 58.27 12.16 -68.60
N GLU A 358 57.99 11.05 -67.90
CA GLU A 358 57.33 9.99 -68.64
C GLU A 358 56.21 9.32 -67.82
N GLU A 359 55.34 8.56 -68.51
CA GLU A 359 54.39 7.66 -67.81
C GLU A 359 55.06 6.19 -67.69
N ARG A 360 55.08 5.65 -66.54
CA ARG A 360 55.62 4.33 -66.30
C ARG A 360 54.65 3.57 -65.40
N LYS A 361 54.52 2.23 -65.57
CA LYS A 361 53.68 1.38 -64.70
C LYS A 361 54.50 0.89 -63.52
N VAL A 362 54.01 1.09 -62.34
CA VAL A 362 54.59 0.58 -61.18
C VAL A 362 53.58 -0.35 -60.54
N GLY A 363 54.00 -1.64 -60.35
CA GLY A 363 53.09 -2.66 -59.82
C GLY A 363 51.74 -2.89 -60.51
N ASN A 364 51.80 -2.51 -61.80
CA ASN A 364 50.83 -2.58 -62.87
C ASN A 364 50.05 -1.27 -63.08
N ASP A 365 50.17 -0.46 -62.05
CA ASP A 365 49.44 0.83 -61.88
C ASP A 365 50.08 1.91 -62.61
N LYS A 366 49.40 2.86 -63.25
CA LYS A 366 50.00 3.97 -63.93
C LYS A 366 50.58 4.98 -62.98
N MET A 367 51.59 5.72 -63.45
CA MET A 367 52.31 6.59 -62.51
C MET A 367 53.10 7.59 -63.40
N VAL A 368 53.16 8.86 -63.10
CA VAL A 368 53.85 9.87 -63.97
C VAL A 368 55.14 10.37 -63.29
N PHE A 369 56.30 10.26 -63.93
CA PHE A 369 57.52 10.59 -63.24
C PHE A 369 58.17 11.80 -63.92
N ILE A 370 58.47 12.83 -63.14
CA ILE A 370 59.21 14.03 -63.54
C ILE A 370 60.55 13.79 -62.85
N GLU A 371 61.66 13.76 -63.60
CA GLU A 371 62.98 13.65 -63.12
C GLU A 371 64.04 14.27 -64.02
N GLY A 372 65.25 14.54 -63.47
CA GLY A 372 66.32 15.18 -64.15
C GLY A 372 66.22 16.67 -63.85
N ALA A 373 66.31 17.03 -62.57
CA ALA A 373 65.83 18.32 -62.01
C ALA A 373 67.11 18.94 -61.50
N LYS A 374 67.42 20.16 -61.94
CA LYS A 374 68.66 20.86 -61.58
C LYS A 374 68.78 20.97 -60.06
N ASN A 375 69.80 20.31 -59.45
CA ASN A 375 70.14 20.50 -57.98
C ASN A 375 69.13 19.89 -57.01
N PRO A 376 69.01 18.59 -56.68
CA PRO A 376 68.12 18.14 -55.64
C PRO A 376 68.19 18.71 -54.19
N LYS A 377 67.06 19.30 -53.73
CA LYS A 377 66.73 19.65 -52.45
C LYS A 377 65.42 18.87 -52.09
N ALA A 378 64.67 18.39 -53.12
CA ALA A 378 63.41 17.67 -53.07
C ALA A 378 63.53 16.43 -53.96
N VAL A 379 63.39 15.28 -53.32
CA VAL A 379 63.60 14.01 -53.92
C VAL A 379 62.36 13.23 -53.66
N ASN A 380 62.12 12.17 -54.44
CA ASN A 380 61.01 11.21 -54.30
C ASN A 380 61.58 9.79 -54.22
N ILE A 381 61.09 8.90 -53.26
CA ILE A 381 61.66 7.57 -53.03
C ILE A 381 60.56 6.58 -53.41
N LEU A 382 60.88 5.63 -54.32
CA LEU A 382 60.02 4.61 -54.75
C LEU A 382 60.38 3.38 -53.98
N LEU A 383 59.39 2.81 -53.21
CA LEU A 383 59.67 1.68 -52.36
C LEU A 383 58.83 0.49 -52.75
N ARG A 384 59.46 -0.52 -53.35
CA ARG A 384 58.82 -1.72 -53.82
C ARG A 384 58.85 -2.82 -52.75
N GLY A 385 57.91 -3.73 -52.77
CA GLY A 385 57.92 -4.82 -51.84
C GLY A 385 56.98 -5.83 -52.32
N SER A 386 56.39 -6.68 -51.39
CA SER A 386 55.44 -7.68 -51.94
C SER A 386 54.04 -7.25 -52.31
N ASN A 387 53.01 -7.54 -51.39
CA ASN A 387 51.65 -7.01 -51.20
C ASN A 387 51.49 -5.65 -50.53
N ASP A 388 50.99 -5.63 -49.25
CA ASP A 388 50.60 -4.43 -48.58
C ASP A 388 51.18 -4.32 -47.24
N MET A 389 51.21 -5.48 -46.49
CA MET A 389 51.48 -5.41 -45.07
C MET A 389 52.98 -5.19 -44.78
N ALA A 390 53.78 -5.81 -45.74
CA ALA A 390 55.25 -5.90 -45.71
C ALA A 390 55.89 -4.67 -46.20
N LEU A 391 55.06 -3.97 -46.90
CA LEU A 391 55.36 -2.82 -47.61
C LEU A 391 55.03 -1.67 -46.71
N ASP A 392 53.89 -1.70 -46.02
CA ASP A 392 53.61 -0.82 -44.90
C ASP A 392 54.68 -0.91 -43.78
N GLU A 393 55.14 -2.07 -43.37
CA GLU A 393 56.26 -2.17 -42.41
C GLU A 393 57.64 -1.60 -42.92
N ALA A 394 57.98 -1.85 -44.22
CA ALA A 394 59.14 -1.30 -44.82
C ALA A 394 59.20 0.23 -44.96
N GLU A 395 57.97 0.79 -45.16
CA GLU A 395 57.82 2.24 -45.04
C GLU A 395 57.99 2.79 -43.60
N ARG A 396 57.37 2.09 -42.61
CA ARG A 396 57.47 2.45 -41.24
C ARG A 396 58.89 2.47 -40.83
N SER A 397 59.74 1.48 -41.24
CA SER A 397 61.11 1.31 -40.89
C SER A 397 61.92 2.45 -41.35
N ILE A 398 61.69 2.94 -42.57
CA ILE A 398 62.37 4.10 -43.11
C ILE A 398 61.88 5.35 -42.32
N ASN A 399 60.58 5.57 -42.04
CA ASN A 399 60.13 6.70 -41.28
C ASN A 399 60.88 6.89 -39.96
N ASP A 400 60.73 5.83 -39.07
CA ASP A 400 61.46 5.74 -37.80
C ASP A 400 63.02 6.01 -37.90
N ALA A 401 63.69 5.49 -38.96
CA ALA A 401 65.12 5.59 -39.27
C ALA A 401 65.50 6.99 -39.72
N LEU A 402 64.63 7.72 -40.46
CA LEU A 402 64.77 9.17 -40.62
C LEU A 402 64.58 10.02 -39.44
N TYR A 403 63.56 9.70 -38.60
CA TYR A 403 63.25 10.55 -37.46
C TYR A 403 64.33 10.41 -36.36
N SER A 404 64.95 9.19 -36.13
CA SER A 404 66.16 9.08 -35.29
C SER A 404 67.43 9.67 -35.95
N LEU A 405 67.57 9.64 -37.29
CA LEU A 405 68.70 10.10 -38.06
C LEU A 405 68.71 11.59 -38.10
N ARG A 406 67.55 12.14 -38.14
CA ARG A 406 67.41 13.61 -38.16
C ARG A 406 67.86 14.13 -36.88
N ASN A 407 67.69 13.36 -35.79
CA ASN A 407 68.32 13.79 -34.54
C ASN A 407 69.80 13.61 -34.38
N ILE A 408 70.47 12.53 -34.87
CA ILE A 408 71.94 12.57 -34.89
C ILE A 408 72.48 13.63 -35.87
N LEU A 409 71.93 13.81 -37.05
CA LEU A 409 72.38 14.85 -38.01
C LEU A 409 72.23 16.26 -37.48
N MET A 410 71.16 16.70 -36.78
CA MET A 410 71.08 18.04 -36.27
C MET A 410 71.74 18.22 -34.93
N GLU A 411 72.24 17.19 -34.29
CA GLU A 411 73.04 17.30 -33.10
C GLU A 411 74.15 16.20 -33.10
N PRO A 412 75.45 16.47 -33.42
CA PRO A 412 76.43 15.41 -33.57
C PRO A 412 76.93 14.76 -32.27
N TYR A 413 76.15 14.69 -31.25
CA TYR A 413 76.46 14.21 -29.92
C TYR A 413 75.66 12.95 -29.78
N ILE A 414 76.19 11.86 -29.15
CA ILE A 414 75.38 10.67 -28.81
C ILE A 414 75.59 10.33 -27.32
N VAL A 415 74.67 9.52 -26.70
CA VAL A 415 74.78 9.02 -25.35
C VAL A 415 74.38 7.62 -25.28
N PRO A 416 74.61 6.89 -24.16
CA PRO A 416 74.25 5.49 -24.02
C PRO A 416 73.08 5.41 -23.06
N GLY A 417 71.94 6.02 -23.58
CA GLY A 417 70.61 6.03 -23.05
C GLY A 417 70.00 4.64 -22.93
N GLY A 418 69.01 4.45 -21.99
CA GLY A 418 68.35 3.24 -21.70
C GLY A 418 69.29 2.24 -20.97
N GLY A 419 70.41 2.76 -20.37
CA GLY A 419 71.26 1.95 -19.47
C GLY A 419 72.34 2.72 -18.70
N ALA A 420 73.11 3.49 -19.45
CA ALA A 420 74.36 4.03 -18.94
C ALA A 420 74.08 5.46 -18.48
N ILE A 421 73.74 6.38 -19.42
CA ILE A 421 73.58 7.79 -19.20
C ILE A 421 72.81 8.15 -17.87
N GLU A 422 71.63 7.38 -17.74
CA GLU A 422 70.72 7.51 -16.63
C GLU A 422 71.27 7.12 -15.26
N LEU A 423 71.95 5.92 -15.19
CA LEU A 423 72.66 5.54 -13.97
C LEU A 423 73.83 6.47 -13.66
N GLU A 424 74.62 7.04 -14.69
CA GLU A 424 75.66 8.04 -14.40
C GLU A 424 75.13 9.37 -13.90
N LEU A 425 73.92 9.77 -14.47
CA LEU A 425 73.29 11.01 -14.03
C LEU A 425 72.86 10.82 -12.64
N SER A 426 72.30 9.71 -12.19
CA SER A 426 71.92 9.51 -10.84
C SER A 426 73.10 9.56 -9.82
N ALA A 427 74.26 9.03 -10.17
CA ALA A 427 75.37 9.16 -9.24
C ALA A 427 76.03 10.51 -9.09
N ARG A 428 76.13 11.27 -10.22
CA ARG A 428 76.71 12.62 -10.23
C ARG A 428 75.75 13.52 -9.43
N LEU A 429 74.47 13.22 -9.45
CA LEU A 429 73.49 13.98 -8.67
C LEU A 429 73.61 13.68 -7.25
N ARG A 430 73.87 12.42 -6.80
CA ARG A 430 74.14 11.98 -5.43
C ARG A 430 75.65 12.14 -5.18
N GLU A 431 76.05 13.36 -5.32
CA GLU A 431 77.42 13.82 -5.08
C GLU A 431 77.28 15.40 -5.12
N TYR A 432 76.56 15.88 -6.11
CA TYR A 432 76.11 17.25 -6.21
C TYR A 432 75.33 17.68 -4.98
N ALA A 433 74.16 17.04 -4.74
CA ALA A 433 73.23 17.18 -3.64
C ALA A 433 73.86 17.13 -2.23
N ARG A 434 75.04 16.49 -2.10
CA ARG A 434 75.86 16.53 -0.92
C ARG A 434 76.51 17.93 -0.71
N SER A 435 77.04 18.51 -1.80
CA SER A 435 77.54 19.87 -1.81
C SER A 435 76.38 20.88 -1.78
N VAL A 436 75.10 20.56 -2.15
CA VAL A 436 73.90 21.39 -2.05
C VAL A 436 73.28 21.30 -0.68
N GLY A 437 73.00 22.48 -0.14
CA GLY A 437 72.32 22.55 1.01
C GLY A 437 70.82 22.42 0.99
N GLY A 438 70.24 22.50 2.21
CA GLY A 438 68.82 22.26 2.50
C GLY A 438 67.88 21.26 1.85
N LYS A 439 66.57 21.38 2.05
CA LYS A 439 65.51 20.61 1.50
C LYS A 439 65.43 20.43 -0.06
N GLU A 440 66.09 21.32 -0.75
CA GLU A 440 66.26 21.19 -2.20
C GLU A 440 67.23 20.05 -2.51
N GLN A 441 68.09 19.64 -1.52
CA GLN A 441 69.02 18.51 -1.77
C GLN A 441 68.37 17.15 -1.72
N LEU A 442 67.30 17.04 -0.97
CA LEU A 442 66.39 15.92 -0.92
C LEU A 442 65.60 15.82 -2.24
N ALA A 443 65.20 16.94 -2.89
CA ALA A 443 64.56 16.89 -4.18
C ALA A 443 65.43 16.42 -5.29
N ILE A 444 66.72 16.85 -5.31
CA ILE A 444 67.76 16.45 -6.28
C ILE A 444 67.96 14.95 -6.04
N GLU A 445 67.98 14.55 -4.75
CA GLU A 445 68.17 13.12 -4.44
C GLU A 445 67.01 12.27 -4.83
N ALA A 446 65.86 12.88 -4.96
CA ALA A 446 64.59 12.25 -5.36
C ALA A 446 64.52 12.15 -6.93
N TYR A 447 65.16 13.08 -7.70
CA TYR A 447 65.33 13.01 -9.17
C TYR A 447 66.34 11.90 -9.40
N ALA A 448 67.29 11.73 -8.49
CA ALA A 448 68.23 10.66 -8.71
C ALA A 448 67.55 9.26 -8.57
N ASP A 449 66.65 9.06 -7.55
CA ASP A 449 65.92 7.85 -7.30
C ASP A 449 64.96 7.51 -8.49
N ALA A 450 64.37 8.60 -9.10
CA ALA A 450 63.56 8.50 -10.26
C ALA A 450 64.33 8.00 -11.52
N LEU A 451 65.61 8.37 -11.81
CA LEU A 451 66.50 7.81 -12.82
C LEU A 451 66.79 6.35 -12.67
N GLU A 452 66.95 5.82 -11.46
CA GLU A 452 66.93 4.37 -11.20
C GLU A 452 65.64 3.71 -11.45
N GLU A 453 64.48 4.40 -11.61
CA GLU A 453 63.21 3.77 -12.06
C GLU A 453 63.07 3.57 -13.53
N ILE A 454 63.96 4.32 -14.33
CA ILE A 454 64.14 3.99 -15.77
C ILE A 454 65.10 2.75 -15.81
N PRO A 455 65.49 1.99 -16.86
CA PRO A 455 66.64 1.13 -16.68
C PRO A 455 66.38 -0.30 -16.21
N MET A 456 65.70 -0.35 -15.00
CA MET A 456 65.27 -1.57 -14.35
C MET A 456 63.95 -2.06 -15.00
N ILE A 457 63.20 -1.20 -15.69
CA ILE A 457 61.93 -1.53 -16.32
C ILE A 457 62.10 -2.16 -17.67
N LEU A 458 63.16 -1.76 -18.37
CA LEU A 458 63.59 -2.42 -19.62
C LEU A 458 63.95 -3.91 -19.43
N ALA A 459 64.71 -4.21 -18.34
CA ALA A 459 65.07 -5.49 -17.83
C ALA A 459 63.78 -6.31 -17.25
N GLU A 460 62.71 -5.62 -16.77
CA GLU A 460 61.58 -6.32 -16.27
C GLU A 460 60.64 -6.77 -17.35
N THR A 461 60.54 -5.92 -18.33
CA THR A 461 59.87 -6.07 -19.66
C THR A 461 60.44 -7.29 -20.46
N ALA A 462 61.78 -7.51 -20.37
CA ALA A 462 62.39 -8.73 -20.92
C ALA A 462 62.13 -10.04 -20.08
N GLY A 463 61.40 -9.85 -18.99
CA GLY A 463 60.97 -10.91 -18.07
C GLY A 463 61.76 -11.10 -16.85
N LEU A 464 62.75 -10.21 -16.59
CA LEU A 464 63.72 -10.42 -15.47
C LEU A 464 63.44 -9.66 -14.22
N GLU A 465 64.01 -10.05 -13.00
CA GLU A 465 63.61 -9.27 -11.84
C GLU A 465 64.06 -7.77 -12.00
N PRO A 466 63.37 -6.71 -11.65
CA PRO A 466 63.90 -5.38 -11.78
C PRO A 466 64.88 -5.13 -10.67
N ILE A 467 64.53 -5.48 -9.44
CA ILE A 467 65.41 -5.15 -8.27
C ILE A 467 66.73 -5.77 -8.20
N SER A 468 66.87 -7.10 -8.63
CA SER A 468 68.14 -7.68 -8.73
C SER A 468 68.87 -7.17 -9.94
N ALA A 469 68.22 -6.80 -11.13
CA ALA A 469 69.03 -6.23 -12.18
C ALA A 469 69.53 -4.84 -11.83
N LEU A 470 68.81 -3.90 -11.14
CA LEU A 470 69.28 -2.62 -10.81
C LEU A 470 70.43 -2.74 -9.84
N MET A 471 70.35 -3.64 -8.84
CA MET A 471 71.42 -3.83 -7.85
C MET A 471 72.67 -4.48 -8.46
N ASP A 472 72.47 -5.40 -9.43
CA ASP A 472 73.59 -5.97 -10.09
C ASP A 472 74.18 -5.02 -11.14
N LEU A 473 73.37 -4.13 -11.78
CA LEU A 473 73.88 -3.34 -12.81
C LEU A 473 74.62 -2.17 -12.12
N ARG A 474 74.13 -1.66 -11.01
CA ARG A 474 74.65 -0.64 -10.19
C ARG A 474 76.05 -1.03 -9.63
N ALA A 475 76.26 -2.32 -9.17
CA ALA A 475 77.50 -2.82 -8.75
C ALA A 475 78.50 -3.07 -9.87
N ARG A 476 78.08 -3.57 -11.08
CA ARG A 476 78.91 -3.70 -12.25
C ARG A 476 79.30 -2.35 -12.89
N HIS A 477 78.43 -1.35 -12.71
CA HIS A 477 78.75 -0.04 -13.17
C HIS A 477 79.68 0.76 -12.19
N ALA A 478 79.96 0.25 -11.01
CA ALA A 478 80.60 0.99 -9.92
C ALA A 478 81.99 0.47 -9.59
N LYS A 479 82.15 -0.85 -9.49
CA LYS A 479 83.44 -1.49 -9.24
C LYS A 479 84.12 -1.77 -10.60
N GLY A 480 83.30 -2.15 -11.55
CA GLY A 480 83.68 -2.07 -12.99
C GLY A 480 83.60 -0.69 -13.54
N LEU A 481 82.90 -0.50 -14.68
CA LEU A 481 82.82 0.75 -15.41
C LEU A 481 81.50 1.24 -15.90
N THR A 482 81.38 2.53 -16.24
CA THR A 482 80.06 3.23 -16.39
C THR A 482 79.43 3.17 -17.76
N ASN A 483 80.01 2.46 -18.80
CA ASN A 483 79.39 2.37 -20.13
C ASN A 483 78.44 1.15 -20.21
N CYS A 484 78.35 0.29 -19.14
CA CYS A 484 77.54 -0.95 -19.10
C CYS A 484 76.10 -0.68 -19.34
N GLY A 485 75.37 -1.65 -19.89
CA GLY A 485 73.90 -1.50 -19.97
C GLY A 485 73.24 -2.81 -19.77
N VAL A 486 71.99 -2.93 -20.07
CA VAL A 486 71.38 -4.22 -20.06
C VAL A 486 70.78 -4.51 -21.50
N ASP A 487 70.91 -5.72 -22.06
CA ASP A 487 70.62 -6.14 -23.35
C ASP A 487 69.44 -7.11 -23.14
N VAL A 488 68.28 -6.72 -23.67
CA VAL A 488 67.09 -7.46 -23.73
C VAL A 488 67.05 -8.52 -24.84
N ILE A 489 67.99 -8.52 -25.87
CA ILE A 489 68.14 -9.64 -26.85
C ILE A 489 68.62 -10.90 -26.24
N ASN A 490 69.66 -10.80 -25.41
CA ASN A 490 70.14 -11.96 -24.64
C ASN A 490 69.88 -11.93 -23.14
N GLY A 491 68.98 -11.05 -22.66
CA GLY A 491 68.61 -10.91 -21.22
C GLY A 491 69.74 -10.84 -20.26
N LYS A 492 70.73 -10.10 -20.65
CA LYS A 492 71.95 -9.90 -19.83
C LYS A 492 72.32 -8.44 -19.67
N ILE A 493 72.75 -8.13 -18.41
CA ILE A 493 73.62 -7.01 -18.01
C ILE A 493 74.94 -7.31 -18.65
N ILE A 494 75.48 -6.29 -19.39
CA ILE A 494 76.59 -6.46 -20.34
C ILE A 494 77.56 -5.28 -20.27
N ASP A 495 78.86 -5.55 -20.09
CA ASP A 495 79.84 -4.53 -20.25
C ASP A 495 79.88 -3.81 -21.58
N ASP A 496 80.31 -2.50 -21.66
CA ASP A 496 80.10 -1.53 -22.71
C ASP A 496 78.97 -1.63 -23.76
N ILE A 497 77.86 -0.96 -23.45
CA ILE A 497 76.74 -1.01 -24.42
C ILE A 497 77.00 -0.39 -25.78
N TYR A 498 78.01 0.48 -25.86
CA TYR A 498 78.69 0.93 -27.07
C TYR A 498 79.21 -0.16 -27.99
N SER A 499 79.90 -1.17 -27.44
CA SER A 499 80.40 -2.31 -28.15
C SER A 499 79.30 -3.17 -28.78
N ILE A 500 78.06 -3.13 -28.17
CA ILE A 500 76.81 -3.87 -28.50
C ILE A 500 76.11 -3.10 -29.61
N ASN A 501 76.42 -1.75 -29.71
CA ASN A 501 75.93 -0.80 -30.70
C ASN A 501 74.70 -0.05 -30.32
N VAL A 502 74.25 -0.31 -29.07
CA VAL A 502 72.98 0.21 -28.65
C VAL A 502 73.17 1.58 -27.91
N VAL A 503 73.24 2.63 -28.67
CA VAL A 503 73.22 4.00 -28.26
C VAL A 503 72.25 4.81 -29.18
N GLU A 504 71.84 5.99 -28.65
CA GLU A 504 70.80 6.64 -29.21
C GLU A 504 71.28 8.09 -29.53
N PRO A 505 70.71 8.90 -30.38
CA PRO A 505 70.99 10.29 -30.37
C PRO A 505 70.77 11.05 -29.05
N ILE A 506 71.69 11.81 -28.60
CA ILE A 506 71.47 12.66 -27.44
C ILE A 506 70.18 13.48 -27.55
N ARG A 507 69.87 13.96 -28.79
CA ARG A 507 68.77 14.92 -28.97
C ARG A 507 67.34 14.39 -28.75
N VAL A 508 67.09 13.02 -28.90
CA VAL A 508 65.84 12.39 -28.46
C VAL A 508 65.84 12.26 -26.86
N THR A 509 67.09 12.12 -26.22
CA THR A 509 67.25 12.06 -24.72
C THR A 509 67.03 13.47 -24.09
N ARG A 510 67.78 14.52 -24.38
CA ARG A 510 67.58 15.85 -23.94
C ARG A 510 66.18 16.46 -24.10
N GLN A 511 65.46 16.28 -25.25
CA GLN A 511 64.08 16.72 -25.44
C GLN A 511 62.98 16.01 -24.63
N VAL A 512 63.15 14.73 -24.33
CA VAL A 512 62.24 13.95 -23.53
C VAL A 512 62.55 14.28 -22.07
N LEU A 513 63.78 14.79 -21.73
CA LEU A 513 64.06 15.23 -20.43
C LEU A 513 63.53 16.66 -20.18
N LYS A 514 63.52 17.58 -21.22
CA LYS A 514 62.96 18.90 -21.17
C LYS A 514 61.52 18.78 -20.96
N SER A 515 60.82 17.86 -21.67
CA SER A 515 59.30 17.86 -21.61
C SER A 515 58.75 17.15 -20.41
N ALA A 516 59.58 16.30 -19.71
CA ALA A 516 59.26 15.62 -18.52
C ALA A 516 59.34 16.53 -17.30
N THR A 517 60.37 17.43 -17.26
CA THR A 517 60.48 18.49 -16.27
C THR A 517 59.56 19.64 -16.37
N GLU A 518 58.92 19.88 -17.54
CA GLU A 518 57.95 20.95 -17.72
C GLU A 518 56.67 20.49 -17.15
N ALA A 519 56.38 19.17 -17.42
CA ALA A 519 55.19 18.50 -17.05
C ALA A 519 54.87 18.23 -15.55
N ALA A 520 55.90 17.73 -14.78
CA ALA A 520 55.80 17.50 -13.39
C ALA A 520 55.75 18.78 -12.56
N THR A 521 56.53 19.76 -13.05
CA THR A 521 56.61 21.12 -12.56
C THR A 521 55.33 21.90 -12.78
N SER A 522 54.63 21.69 -13.97
CA SER A 522 53.37 22.40 -14.11
C SER A 522 52.25 21.83 -13.24
N ILE A 523 52.16 20.49 -13.08
CA ILE A 523 51.19 19.78 -12.37
C ILE A 523 51.41 20.01 -10.91
N MET A 524 52.68 20.37 -10.46
CA MET A 524 52.88 20.81 -9.08
C MET A 524 52.38 22.16 -8.80
N LYS A 525 52.41 23.07 -9.80
CA LYS A 525 52.06 24.45 -9.73
C LYS A 525 50.54 24.63 -9.94
N ILE A 526 49.81 23.50 -10.09
CA ILE A 526 48.38 23.62 -10.54
C ILE A 526 47.54 23.12 -9.40
N ASP A 527 46.58 23.95 -8.89
CA ASP A 527 45.69 23.56 -7.85
C ASP A 527 44.25 23.69 -8.35
N ASP A 528 43.53 24.79 -8.01
CA ASP A 528 42.10 24.97 -8.18
C ASP A 528 41.55 24.53 -9.56
N LEU A 529 40.25 24.37 -9.52
CA LEU A 529 39.48 23.97 -10.66
C LEU A 529 38.01 24.40 -10.71
N ILE A 530 37.66 25.31 -11.67
CA ILE A 530 36.28 25.74 -11.92
C ILE A 530 35.93 25.44 -13.41
N ALA A 531 34.87 24.64 -13.75
CA ALA A 531 34.59 24.21 -15.10
C ALA A 531 33.05 24.59 -15.42
N ALA A 532 32.76 25.22 -16.57
CA ALA A 532 31.46 25.77 -16.79
C ALA A 532 30.48 24.82 -17.49
N THR B 14 32.54 1.71 -17.39
CA THR B 14 33.68 1.08 -18.06
C THR B 14 34.25 -0.07 -17.41
N SER B 15 34.59 -1.13 -18.23
CA SER B 15 35.17 -2.36 -17.78
C SER B 15 36.67 -2.03 -17.67
N ARG B 16 37.18 -2.27 -16.50
CA ARG B 16 38.60 -2.13 -16.25
C ARG B 16 39.30 -3.47 -16.16
N ASN B 17 40.73 -3.42 -16.16
CA ASN B 17 41.51 -4.64 -16.32
C ASN B 17 42.93 -4.46 -15.60
N SER B 18 43.46 -5.54 -15.01
CA SER B 18 44.77 -5.70 -14.40
C SER B 18 45.14 -7.15 -14.05
N GLY B 19 46.46 -7.39 -13.83
CA GLY B 19 46.94 -8.56 -13.14
C GLY B 19 46.95 -9.79 -14.01
N ARG B 20 46.69 -9.66 -15.40
CA ARG B 20 46.46 -10.73 -16.41
C ARG B 20 45.14 -11.16 -16.73
N ASP B 21 44.11 -10.38 -16.34
CA ASP B 21 42.66 -10.72 -16.54
C ASP B 21 42.16 -10.84 -17.98
N ALA B 22 42.28 -9.74 -18.76
CA ALA B 22 42.06 -9.57 -20.17
C ALA B 22 42.77 -10.71 -21.04
N LEU B 23 44.03 -11.08 -20.60
CA LEU B 23 44.79 -12.11 -21.29
C LEU B 23 44.21 -13.49 -21.03
N LYS B 24 43.80 -13.72 -19.83
CA LYS B 24 43.09 -14.93 -19.36
C LYS B 24 41.70 -15.08 -20.02
N ASN B 25 41.05 -13.95 -20.34
CA ASN B 25 39.79 -13.97 -20.97
C ASN B 25 39.94 -14.13 -22.51
N ASN B 26 41.08 -13.68 -23.12
CA ASN B 26 41.40 -13.96 -24.53
C ASN B 26 42.01 -15.32 -24.81
N ILE B 27 42.57 -15.95 -23.77
CA ILE B 27 43.00 -17.36 -23.86
C ILE B 27 41.69 -18.24 -23.77
N LEU B 28 40.77 -17.88 -22.89
CA LEU B 28 39.59 -18.67 -22.69
C LEU B 28 38.74 -18.73 -23.94
N ALA B 29 38.51 -17.61 -24.65
CA ALA B 29 37.78 -17.61 -25.88
C ALA B 29 38.37 -18.40 -26.98
N ALA B 30 39.71 -18.19 -27.26
CA ALA B 30 40.39 -19.00 -28.27
C ALA B 30 40.53 -20.54 -28.01
N ARG B 31 40.61 -20.99 -26.71
CA ARG B 31 40.75 -22.40 -26.37
C ARG B 31 39.42 -23.05 -26.55
N THR B 32 38.32 -22.27 -26.19
CA THR B 32 36.95 -22.89 -26.21
C THR B 32 36.41 -23.10 -27.60
N LEU B 33 36.68 -22.07 -28.47
CA LEU B 33 36.42 -22.19 -29.92
C LEU B 33 37.13 -23.33 -30.59
N ALA B 34 38.41 -23.56 -30.21
CA ALA B 34 39.26 -24.56 -30.71
C ALA B 34 38.75 -25.91 -30.34
N GLU B 35 38.32 -26.07 -29.08
CA GLU B 35 37.93 -27.35 -28.50
C GLU B 35 36.51 -27.76 -29.05
N MET B 36 35.77 -26.81 -29.69
CA MET B 36 34.52 -27.00 -30.41
C MET B 36 34.84 -27.35 -31.92
N LEU B 37 35.86 -26.73 -32.50
CA LEU B 37 36.18 -27.11 -33.87
C LEU B 37 36.77 -28.50 -34.03
N ARG B 38 37.25 -29.09 -32.94
CA ARG B 38 37.84 -30.39 -32.81
C ARG B 38 36.76 -31.43 -33.04
N SER B 39 35.56 -31.16 -32.71
CA SER B 39 34.45 -32.04 -33.10
C SER B 39 34.25 -32.30 -34.61
N SER B 40 34.83 -31.40 -35.43
CA SER B 40 34.64 -31.32 -36.88
C SER B 40 35.88 -31.66 -37.73
N LEU B 41 36.96 -31.98 -37.03
CA LEU B 41 38.23 -32.39 -37.58
C LEU B 41 38.21 -33.57 -38.60
N GLY B 42 38.61 -33.34 -39.91
CA GLY B 42 38.77 -34.44 -40.81
C GLY B 42 37.51 -35.27 -41.14
N PRO B 43 37.63 -36.43 -41.82
CA PRO B 43 36.55 -37.03 -42.57
C PRO B 43 35.79 -37.99 -41.67
N LYS B 44 35.96 -38.02 -40.34
CA LYS B 44 35.02 -38.62 -39.46
C LYS B 44 34.37 -37.61 -38.57
N GLY B 45 34.63 -36.31 -38.81
CA GLY B 45 34.15 -35.17 -38.01
C GLY B 45 32.62 -34.99 -38.11
N LEU B 46 32.02 -34.13 -37.27
CA LEU B 46 30.61 -33.95 -37.18
C LEU B 46 30.19 -32.50 -37.46
N ASP B 47 29.16 -32.30 -38.28
CA ASP B 47 28.68 -31.02 -38.77
C ASP B 47 28.04 -30.13 -37.73
N LYS B 48 28.23 -28.83 -37.82
CA LYS B 48 27.51 -27.90 -36.94
C LYS B 48 26.33 -27.32 -37.70
N MET B 49 25.34 -26.72 -36.96
CA MET B 49 24.20 -26.06 -37.59
C MET B 49 24.14 -24.57 -37.18
N LEU B 50 23.94 -23.69 -38.17
CA LEU B 50 24.12 -22.24 -38.00
C LEU B 50 22.97 -21.61 -38.75
N ILE B 51 22.06 -20.89 -38.09
CA ILE B 51 20.87 -20.31 -38.66
C ILE B 51 21.09 -18.82 -38.67
N ASP B 52 20.77 -18.25 -39.85
CA ASP B 52 20.94 -16.83 -40.20
C ASP B 52 19.69 -16.02 -39.77
N SER B 53 19.89 -14.64 -39.67
CA SER B 53 18.80 -13.76 -39.35
C SER B 53 17.52 -13.90 -40.25
N PHE B 54 17.65 -14.18 -41.55
CA PHE B 54 16.46 -14.44 -42.38
C PHE B 54 15.98 -15.87 -42.39
N GLY B 55 16.37 -16.70 -41.47
CA GLY B 55 15.91 -18.07 -41.23
C GLY B 55 16.78 -19.14 -41.99
N ASP B 56 17.66 -18.72 -42.95
CA ASP B 56 18.54 -19.61 -43.64
C ASP B 56 19.45 -20.56 -42.79
N VAL B 57 19.14 -21.85 -42.77
CA VAL B 57 20.01 -22.87 -42.08
C VAL B 57 21.09 -23.42 -42.92
N THR B 58 22.26 -23.62 -42.28
CA THR B 58 23.48 -23.97 -42.93
C THR B 58 24.11 -25.05 -42.12
N ILE B 59 24.37 -26.21 -42.67
CA ILE B 59 24.92 -27.37 -41.99
C ILE B 59 26.22 -27.60 -42.56
N THR B 60 27.31 -27.52 -41.91
CA THR B 60 28.63 -27.81 -42.54
C THR B 60 29.60 -28.37 -41.57
N ASN B 61 30.67 -28.95 -42.04
CA ASN B 61 31.79 -29.33 -41.28
C ASN B 61 33.02 -28.49 -41.65
N ASP B 62 32.82 -27.60 -42.67
CA ASP B 62 33.95 -26.64 -43.08
C ASP B 62 34.16 -25.56 -41.95
N GLY B 63 35.43 -25.39 -41.54
CA GLY B 63 35.61 -24.60 -40.28
C GLY B 63 35.79 -23.18 -40.31
N ALA B 64 36.26 -22.63 -41.47
CA ALA B 64 36.32 -21.30 -41.81
C ALA B 64 34.92 -20.79 -42.21
N THR B 65 34.14 -21.84 -42.62
CA THR B 65 32.69 -21.58 -42.71
C THR B 65 32.05 -21.56 -41.36
N ILE B 66 32.41 -22.42 -40.41
CA ILE B 66 31.66 -22.44 -39.14
C ILE B 66 31.85 -21.11 -38.37
N VAL B 67 33.10 -20.54 -38.37
CA VAL B 67 33.40 -19.20 -37.78
C VAL B 67 32.72 -18.04 -38.65
N LYS B 68 32.75 -18.11 -39.99
CA LYS B 68 32.10 -17.16 -40.92
C LYS B 68 30.65 -17.05 -40.78
N GLU B 69 29.90 -18.13 -40.66
CA GLU B 69 28.42 -18.01 -40.56
C GLU B 69 27.78 -17.46 -39.28
N MET B 70 28.57 -17.05 -38.29
CA MET B 70 27.93 -16.76 -37.00
C MET B 70 28.51 -15.46 -36.36
N GLU B 71 27.77 -14.80 -35.49
CA GLU B 71 28.18 -13.66 -34.75
C GLU B 71 29.36 -13.85 -33.72
N ILE B 72 30.50 -13.22 -33.92
CA ILE B 72 31.62 -13.41 -33.08
C ILE B 72 31.60 -12.43 -31.90
N GLN B 73 31.51 -12.93 -30.72
CA GLN B 73 31.25 -12.07 -29.61
C GLN B 73 32.35 -11.95 -28.57
N HIS B 74 33.54 -12.56 -28.89
CA HIS B 74 34.74 -12.53 -28.07
C HIS B 74 36.01 -12.13 -28.86
N PRO B 75 36.74 -11.03 -28.43
CA PRO B 75 37.78 -10.36 -29.28
C PRO B 75 38.87 -11.23 -29.85
N ALA B 76 39.15 -12.28 -29.09
CA ALA B 76 40.12 -13.35 -29.51
C ALA B 76 39.67 -14.25 -30.62
N ALA B 77 38.35 -14.37 -30.70
CA ALA B 77 37.73 -15.11 -31.78
C ALA B 77 37.75 -14.34 -33.10
N LYS B 78 37.84 -12.95 -32.98
CA LYS B 78 37.88 -12.03 -34.15
C LYS B 78 39.23 -12.12 -34.84
N LEU B 79 40.29 -12.21 -33.99
CA LEU B 79 41.67 -12.36 -34.44
C LEU B 79 41.86 -13.67 -35.17
N LEU B 80 41.33 -14.84 -34.64
CA LEU B 80 41.33 -16.11 -35.22
C LEU B 80 40.45 -16.12 -36.48
N VAL B 81 39.33 -15.33 -36.67
CA VAL B 81 38.61 -15.31 -37.92
C VAL B 81 39.55 -14.77 -39.01
N GLU B 82 40.43 -13.73 -38.74
CA GLU B 82 41.34 -13.24 -39.84
C GLU B 82 42.33 -14.30 -40.26
N ALA B 83 42.69 -15.24 -39.32
CA ALA B 83 43.62 -16.34 -39.58
C ALA B 83 42.98 -17.48 -40.45
N ALA B 84 41.66 -17.75 -40.18
CA ALA B 84 40.80 -18.63 -40.96
C ALA B 84 40.62 -18.14 -42.33
N LYS B 85 40.07 -16.92 -42.59
CA LYS B 85 40.01 -16.22 -43.78
C LYS B 85 41.26 -16.32 -44.68
N ALA B 86 42.51 -15.99 -44.22
CA ALA B 86 43.77 -16.09 -44.94
C ALA B 86 44.08 -17.51 -45.37
N GLN B 87 43.68 -18.48 -44.53
CA GLN B 87 43.84 -19.94 -44.70
C GLN B 87 42.81 -20.56 -45.67
N ASP B 88 41.62 -19.92 -45.78
CA ASP B 88 40.47 -20.38 -46.56
C ASP B 88 40.71 -20.25 -48.06
N SER B 89 41.58 -19.33 -48.56
CA SER B 89 41.85 -19.20 -49.96
C SER B 89 42.82 -20.30 -50.38
N GLU B 90 43.66 -20.78 -49.47
CA GLU B 90 44.65 -21.89 -49.71
C GLU B 90 44.09 -23.37 -49.57
N VAL B 91 43.53 -23.71 -48.37
CA VAL B 91 43.07 -25.05 -48.06
C VAL B 91 41.66 -25.11 -47.32
N GLY B 92 41.11 -26.35 -47.23
CA GLY B 92 39.81 -26.86 -46.78
C GLY B 92 39.80 -27.93 -45.67
N ASP B 93 40.90 -28.57 -45.38
CA ASP B 93 41.00 -29.44 -44.27
C ASP B 93 41.71 -28.68 -43.14
N GLY B 94 42.77 -27.88 -43.49
CA GLY B 94 43.68 -27.15 -42.70
C GLY B 94 42.96 -26.01 -41.86
N THR B 95 41.98 -25.37 -42.45
CA THR B 95 41.24 -24.34 -41.74
C THR B 95 40.48 -24.76 -40.45
N THR B 96 39.92 -25.96 -40.38
CA THR B 96 39.57 -26.63 -39.11
C THR B 96 40.80 -26.98 -38.26
N SER B 97 41.82 -27.55 -38.88
CA SER B 97 43.01 -28.02 -38.14
C SER B 97 43.72 -26.81 -37.49
N ALA B 98 43.84 -25.72 -38.24
CA ALA B 98 44.46 -24.51 -37.71
C ALA B 98 43.87 -23.93 -36.47
N VAL B 99 42.54 -23.87 -36.22
CA VAL B 99 41.92 -23.36 -35.02
C VAL B 99 42.25 -24.24 -33.75
N VAL B 100 42.28 -25.60 -33.98
CA VAL B 100 42.64 -26.66 -32.95
C VAL B 100 44.10 -26.55 -32.50
N LEU B 101 45.01 -26.32 -33.54
CA LEU B 101 46.44 -26.19 -33.31
C LEU B 101 46.70 -24.95 -32.52
N ALA B 102 45.96 -23.91 -32.78
CA ALA B 102 46.00 -22.66 -31.99
C ALA B 102 45.50 -22.87 -30.54
N GLY B 103 44.39 -23.54 -30.27
CA GLY B 103 44.00 -23.76 -28.87
C GLY B 103 44.92 -24.59 -28.00
N LEU B 104 45.50 -25.68 -28.58
CA LEU B 104 46.38 -26.63 -27.90
C LEU B 104 47.75 -26.07 -27.64
N PHE B 105 48.18 -25.05 -28.40
CA PHE B 105 49.36 -24.28 -28.08
C PHE B 105 49.05 -23.23 -26.92
N LEU B 106 47.96 -22.58 -26.98
CA LEU B 106 47.47 -21.70 -26.01
C LEU B 106 47.18 -22.40 -24.63
N GLU B 107 46.77 -23.70 -24.48
CA GLU B 107 46.56 -24.29 -23.14
C GLU B 107 47.84 -24.77 -22.42
N LYS B 108 48.98 -24.85 -23.16
CA LYS B 108 50.32 -24.93 -22.55
C LYS B 108 50.88 -23.70 -22.18
N ALA B 109 50.70 -22.66 -22.98
CA ALA B 109 51.16 -21.38 -22.70
C ALA B 109 50.52 -20.84 -21.45
N GLU B 110 49.21 -21.09 -21.27
CA GLU B 110 48.48 -20.70 -20.05
C GLU B 110 48.94 -21.42 -18.85
N SER B 111 49.37 -22.72 -18.94
CA SER B 111 49.98 -23.54 -17.88
C SER B 111 51.26 -22.92 -17.44
N LEU B 112 52.16 -22.50 -18.38
CA LEU B 112 53.40 -21.83 -18.16
C LEU B 112 53.22 -20.49 -17.41
N VAL B 113 52.27 -19.70 -17.87
CA VAL B 113 51.87 -18.40 -17.31
C VAL B 113 51.38 -18.56 -15.83
N ASP B 114 50.63 -19.66 -15.61
CA ASP B 114 50.18 -19.96 -14.25
C ASP B 114 51.24 -20.19 -13.24
N GLN B 115 52.45 -20.78 -13.61
CA GLN B 115 53.70 -20.97 -12.91
C GLN B 115 54.59 -19.67 -12.87
N ASN B 116 53.96 -18.46 -13.01
CA ASN B 116 54.55 -17.14 -13.18
C ASN B 116 55.64 -17.01 -14.16
N ILE B 117 55.55 -17.56 -15.38
CA ILE B 117 56.64 -17.46 -16.30
C ILE B 117 56.33 -16.24 -17.28
N HIS B 118 57.08 -15.14 -17.40
CA HIS B 118 56.70 -14.11 -18.30
C HIS B 118 56.50 -14.48 -19.78
N PRO B 119 55.38 -13.94 -20.44
CA PRO B 119 54.97 -14.36 -21.78
C PRO B 119 56.01 -14.21 -22.87
N THR B 120 56.90 -13.21 -22.68
CA THR B 120 58.00 -13.02 -23.60
C THR B 120 58.89 -14.30 -23.76
N ILE B 121 59.12 -15.02 -22.60
CA ILE B 121 59.98 -16.19 -22.56
C ILE B 121 59.22 -17.32 -23.24
N ILE B 122 57.92 -17.38 -22.93
CA ILE B 122 57.00 -18.43 -23.49
C ILE B 122 56.96 -18.31 -25.00
N ILE B 123 56.82 -17.13 -25.57
CA ILE B 123 56.99 -16.81 -26.94
C ILE B 123 58.39 -17.35 -27.41
N GLU B 124 59.43 -16.95 -26.73
CA GLU B 124 60.78 -17.33 -27.18
C GLU B 124 61.22 -18.82 -27.13
N GLY B 125 60.69 -19.67 -26.27
CA GLY B 125 60.88 -21.11 -26.27
C GLY B 125 59.96 -21.74 -27.28
N PHE B 126 58.71 -21.19 -27.53
CA PHE B 126 57.84 -21.70 -28.58
C PHE B 126 58.48 -21.33 -29.92
N LYS B 127 59.16 -20.19 -29.91
CA LYS B 127 59.79 -19.78 -31.15
C LYS B 127 60.93 -20.65 -31.67
N LYS B 128 61.74 -21.08 -30.75
CA LYS B 128 62.75 -22.04 -30.89
C LYS B 128 62.30 -23.38 -31.21
N ALA B 129 61.16 -23.83 -30.58
CA ALA B 129 60.60 -25.16 -30.82
C ALA B 129 60.15 -25.31 -32.30
N PHE B 130 59.36 -24.26 -32.88
CA PHE B 130 58.99 -24.27 -34.22
C PHE B 130 60.20 -24.14 -35.18
N ASN B 131 61.22 -23.32 -34.85
CA ASN B 131 62.36 -23.22 -35.72
C ASN B 131 63.22 -24.49 -35.86
N LYS B 132 63.30 -25.29 -34.75
CA LYS B 132 63.91 -26.57 -34.65
C LYS B 132 63.02 -27.57 -35.51
N SER B 133 61.68 -27.46 -35.46
CA SER B 133 60.76 -28.38 -36.16
C SER B 133 61.06 -28.11 -37.66
N LEU B 134 61.33 -26.85 -38.07
CA LEU B 134 61.49 -26.37 -39.43
C LEU B 134 62.81 -26.76 -40.06
N GLU B 135 63.94 -27.02 -39.23
CA GLU B 135 65.07 -27.68 -39.91
C GLU B 135 65.01 -29.22 -39.92
N LEU B 136 64.01 -29.87 -39.23
CA LEU B 136 63.68 -31.29 -39.26
C LEU B 136 62.56 -31.60 -40.22
N LEU B 137 61.61 -30.75 -40.52
CA LEU B 137 60.65 -30.93 -41.52
C LEU B 137 61.01 -30.92 -42.99
N PRO B 138 62.28 -30.75 -43.48
CA PRO B 138 62.64 -31.03 -44.88
C PRO B 138 63.44 -32.28 -44.84
N GLN B 139 64.14 -32.66 -43.77
CA GLN B 139 64.80 -33.93 -43.75
C GLN B 139 63.94 -35.16 -43.43
N LEU B 140 63.02 -35.09 -42.40
CA LEU B 140 61.97 -36.13 -42.23
C LEU B 140 60.99 -36.28 -43.46
N ALA B 141 60.74 -35.16 -44.13
CA ALA B 141 59.92 -35.16 -45.33
C ALA B 141 60.19 -36.11 -46.49
N THR B 142 59.26 -36.15 -47.51
CA THR B 142 59.55 -36.92 -48.73
C THR B 142 59.46 -35.91 -49.83
N LYS B 143 60.35 -35.90 -50.78
CA LYS B 143 60.40 -34.90 -51.85
C LYS B 143 60.11 -35.70 -53.10
N VAL B 144 59.14 -35.26 -53.90
CA VAL B 144 58.70 -35.97 -55.06
C VAL B 144 59.27 -35.30 -56.37
N ASP B 145 59.80 -34.10 -56.12
CA ASP B 145 60.36 -33.14 -57.11
C ASP B 145 59.51 -32.80 -58.34
N VAL B 146 59.96 -31.75 -59.06
CA VAL B 146 59.29 -31.19 -60.27
C VAL B 146 59.51 -32.03 -61.55
N SER B 147 58.42 -32.16 -62.24
CA SER B 147 58.31 -32.84 -63.45
C SER B 147 58.41 -34.39 -63.45
N ASP B 148 57.41 -35.16 -63.01
CA ASP B 148 57.33 -36.54 -63.35
C ASP B 148 57.20 -36.76 -64.86
N LEU B 149 58.28 -37.24 -65.53
CA LEU B 149 58.43 -37.47 -66.94
C LEU B 149 57.72 -36.51 -67.90
N ASN B 150 58.13 -35.24 -67.87
CA ASN B 150 57.44 -34.09 -68.46
C ASN B 150 56.13 -33.89 -67.59
N SER B 151 56.22 -33.00 -66.54
CA SER B 151 55.07 -32.55 -65.78
C SER B 151 54.45 -33.56 -64.90
N ALA B 152 53.61 -34.48 -65.40
CA ALA B 152 52.63 -35.10 -64.54
C ALA B 152 52.30 -36.45 -65.17
N THR B 153 53.13 -36.87 -66.19
CA THR B 153 52.74 -38.02 -66.98
C THR B 153 52.46 -39.37 -66.28
N ALA B 154 53.29 -39.73 -65.28
CA ALA B 154 53.25 -41.10 -64.66
C ALA B 154 52.37 -41.20 -63.46
N ARG B 155 51.36 -40.33 -63.50
CA ARG B 155 50.76 -39.54 -62.44
C ARG B 155 50.99 -39.74 -60.99
N ASP B 156 50.74 -41.04 -60.49
CA ASP B 156 51.08 -41.48 -59.16
C ASP B 156 50.77 -40.62 -58.02
N ALA B 157 51.76 -39.76 -57.56
CA ALA B 157 51.69 -38.84 -56.39
C ALA B 157 50.50 -37.85 -56.45
N LEU B 158 50.49 -37.15 -57.60
CA LEU B 158 49.50 -36.10 -57.96
C LEU B 158 48.11 -36.66 -58.00
N LYS B 159 48.09 -37.92 -58.53
CA LYS B 159 46.83 -38.70 -58.58
C LYS B 159 46.16 -39.02 -57.25
N LYS B 160 47.02 -39.45 -56.26
CA LYS B 160 46.72 -39.75 -54.88
C LYS B 160 46.31 -38.49 -54.12
N ILE B 161 46.84 -37.28 -54.35
CA ILE B 161 46.50 -36.10 -53.57
C ILE B 161 45.16 -35.56 -54.09
N VAL B 162 44.91 -35.66 -55.40
CA VAL B 162 43.52 -35.34 -55.84
C VAL B 162 42.53 -36.41 -55.51
N TYR B 163 42.85 -37.74 -55.63
CA TYR B 163 41.88 -38.74 -55.14
C TYR B 163 41.65 -38.64 -53.62
N THR B 164 42.67 -38.49 -52.75
CA THR B 164 42.54 -38.36 -51.25
C THR B 164 41.73 -37.16 -50.86
N THR B 165 41.98 -36.05 -51.47
CA THR B 165 41.15 -34.84 -51.18
C THR B 165 39.69 -35.01 -51.62
N MET B 166 39.38 -35.61 -52.78
CA MET B 166 38.09 -35.93 -53.26
C MET B 166 37.36 -36.92 -52.33
N SER B 167 38.08 -38.00 -51.86
CA SER B 167 37.57 -38.91 -50.95
C SER B 167 37.25 -38.29 -49.62
N SER B 168 38.10 -37.43 -49.15
CA SER B 168 37.97 -36.84 -47.81
C SER B 168 36.77 -35.97 -47.70
N LYS B 169 36.52 -35.11 -48.67
CA LYS B 169 35.34 -34.40 -48.61
C LYS B 169 34.05 -35.07 -49.02
N PHE B 170 34.07 -36.40 -49.34
CA PHE B 170 32.79 -37.06 -49.67
C PHE B 170 32.75 -38.63 -49.69
N MET B 171 33.74 -39.45 -49.17
CA MET B 171 33.73 -40.94 -49.10
C MET B 171 33.43 -41.64 -50.39
N ALA B 172 32.54 -42.68 -50.43
CA ALA B 172 32.15 -43.46 -51.62
C ALA B 172 33.19 -44.03 -52.53
N GLU B 173 32.95 -44.15 -53.83
CA GLU B 173 33.90 -44.59 -54.89
C GLU B 173 34.47 -43.38 -55.59
N GLY B 174 33.75 -42.80 -56.65
CA GLY B 174 34.09 -41.60 -57.41
C GLY B 174 35.13 -41.67 -58.46
N GLU B 175 35.42 -42.88 -58.91
CA GLU B 175 36.40 -43.18 -59.91
C GLU B 175 36.04 -42.52 -61.29
N GLU B 176 34.74 -42.43 -61.73
CA GLU B 176 34.37 -41.78 -62.93
C GLU B 176 34.43 -40.25 -62.80
N LEU B 177 34.72 -39.70 -61.56
CA LEU B 177 35.00 -38.31 -61.26
C LEU B 177 36.51 -38.12 -61.22
N ASN B 178 37.17 -39.04 -60.61
CA ASN B 178 38.66 -38.97 -60.49
C ASN B 178 39.44 -38.89 -61.82
N LYS B 179 39.08 -39.71 -62.82
CA LYS B 179 39.71 -39.63 -64.13
C LYS B 179 39.50 -38.27 -64.81
N ILE B 180 38.25 -37.70 -64.74
CA ILE B 180 37.86 -36.44 -65.35
C ILE B 180 38.62 -35.39 -64.65
N MET B 181 38.70 -35.49 -63.32
CA MET B 181 39.56 -34.61 -62.48
C MET B 181 41.12 -34.63 -62.74
N ASP B 182 41.70 -35.79 -63.01
CA ASP B 182 43.11 -35.87 -63.44
C ASP B 182 43.36 -35.18 -64.71
N ILE B 183 42.45 -35.38 -65.72
CA ILE B 183 42.54 -34.67 -67.00
C ILE B 183 42.34 -33.18 -66.86
N VAL B 184 41.38 -32.68 -66.06
CA VAL B 184 41.14 -31.24 -65.84
C VAL B 184 42.28 -30.54 -65.01
N ILE B 185 42.87 -31.21 -63.96
CA ILE B 185 44.00 -30.72 -63.21
C ILE B 185 45.18 -30.59 -64.14
N ASP B 186 45.35 -31.57 -65.02
CA ASP B 186 46.38 -31.54 -66.10
C ASP B 186 46.23 -30.37 -67.08
N ALA B 187 44.98 -30.05 -67.41
CA ALA B 187 44.70 -28.90 -68.26
C ALA B 187 45.12 -27.59 -67.56
N VAL B 188 44.77 -27.45 -66.20
CA VAL B 188 45.31 -26.34 -65.41
C VAL B 188 46.83 -26.39 -65.28
N THR B 189 47.36 -27.61 -65.13
CA THR B 189 48.87 -27.84 -65.06
C THR B 189 49.53 -27.31 -66.33
N THR B 190 48.97 -27.54 -67.55
CA THR B 190 49.55 -27.04 -68.79
C THR B 190 49.85 -25.52 -68.80
N VAL B 191 48.89 -24.80 -68.19
CA VAL B 191 48.98 -23.38 -68.03
C VAL B 191 50.16 -22.89 -67.24
N ALA B 192 50.13 -23.30 -65.97
CA ALA B 192 51.28 -23.49 -65.04
C ALA B 192 52.57 -23.82 -65.76
N GLU B 193 53.67 -23.22 -65.21
CA GLU B 193 54.98 -23.29 -65.79
C GLU B 193 56.03 -23.18 -64.71
N PRO B 194 57.38 -23.54 -65.00
CA PRO B 194 58.08 -24.26 -63.90
C PRO B 194 59.11 -23.25 -63.46
N LEU B 195 59.56 -23.33 -62.14
CA LEU B 195 60.33 -22.34 -61.37
C LEU B 195 61.60 -23.05 -60.91
N PRO B 196 62.72 -22.30 -60.84
CA PRO B 196 64.01 -23.02 -60.60
C PRO B 196 64.24 -23.77 -59.32
N ASP B 197 63.74 -23.17 -58.21
CA ASP B 197 63.30 -23.85 -56.96
C ASP B 197 62.53 -25.17 -57.08
N GLY B 198 62.04 -25.66 -58.21
CA GLY B 198 61.31 -26.99 -58.22
C GLY B 198 59.86 -26.82 -57.99
N GLY B 199 59.47 -25.64 -57.58
CA GLY B 199 58.09 -25.25 -57.74
C GLY B 199 57.70 -24.76 -59.11
N TYR B 200 56.41 -24.36 -59.14
CA TYR B 200 55.66 -24.17 -60.41
C TYR B 200 54.82 -22.87 -60.14
N ASN B 201 54.64 -22.07 -61.11
CA ASN B 201 53.77 -20.90 -60.97
C ASN B 201 52.39 -21.31 -61.34
N VAL B 202 51.52 -21.15 -60.36
CA VAL B 202 50.11 -21.55 -60.46
C VAL B 202 49.09 -20.39 -60.16
N SER B 203 48.19 -20.16 -61.15
CA SER B 203 47.19 -19.06 -61.19
C SER B 203 45.92 -19.71 -61.61
N LEU B 204 44.89 -19.50 -60.83
CA LEU B 204 43.52 -19.87 -61.16
C LEU B 204 42.78 -18.63 -61.57
N ASP B 205 43.50 -17.52 -61.58
CA ASP B 205 42.86 -16.29 -61.85
C ASP B 205 42.51 -16.08 -63.26
N LEU B 206 43.14 -16.84 -64.19
CA LEU B 206 42.73 -16.80 -65.56
C LEU B 206 42.01 -18.16 -66.03
N ILE B 207 41.80 -19.03 -65.15
CA ILE B 207 41.16 -20.31 -65.41
C ILE B 207 39.70 -20.07 -65.21
N LYS B 208 38.85 -20.65 -66.12
CA LYS B 208 37.44 -20.52 -66.15
C LYS B 208 36.79 -21.84 -66.36
N ILE B 209 35.84 -22.17 -65.56
CA ILE B 209 34.99 -23.33 -65.63
C ILE B 209 33.55 -23.02 -65.60
N ASP B 210 32.77 -23.55 -66.58
CA ASP B 210 31.34 -23.40 -66.87
C ASP B 210 30.62 -24.76 -66.59
N LYS B 211 29.58 -24.78 -65.76
CA LYS B 211 28.83 -26.02 -65.45
C LYS B 211 27.47 -26.09 -65.97
N LYS B 212 27.11 -27.24 -66.70
CA LYS B 212 25.86 -27.50 -67.35
C LYS B 212 25.19 -28.85 -67.01
N LYS B 213 23.88 -28.80 -66.73
CA LYS B 213 23.07 -30.00 -66.52
C LYS B 213 22.79 -30.85 -67.79
N GLY B 214 22.43 -32.12 -67.60
CA GLY B 214 21.58 -32.92 -68.49
C GLY B 214 22.19 -34.19 -68.86
N GLY B 215 23.38 -34.54 -68.38
CA GLY B 215 23.98 -35.77 -68.84
C GLY B 215 24.81 -36.42 -67.82
N THR B 216 26.15 -36.35 -67.97
CA THR B 216 27.13 -37.15 -67.25
C THR B 216 28.41 -36.28 -67.17
N ILE B 217 29.20 -36.62 -66.14
CA ILE B 217 30.46 -35.89 -65.91
C ILE B 217 31.44 -36.14 -66.99
N GLU B 218 31.45 -37.39 -67.57
CA GLU B 218 32.33 -37.72 -68.67
C GLU B 218 32.23 -36.83 -69.91
N ASP B 219 31.17 -36.08 -70.01
CA ASP B 219 30.77 -35.26 -71.12
C ASP B 219 31.21 -33.80 -70.98
N SER B 220 32.05 -33.58 -69.90
CA SER B 220 32.90 -32.36 -69.72
C SER B 220 34.08 -32.47 -70.68
N GLN B 221 34.53 -31.32 -71.10
CA GLN B 221 35.45 -31.17 -72.21
C GLN B 221 36.30 -29.91 -71.89
N LEU B 222 37.53 -29.89 -72.40
CA LEU B 222 38.32 -28.64 -72.58
C LEU B 222 37.83 -27.84 -73.77
N ILE B 223 38.01 -26.50 -73.63
CA ILE B 223 37.97 -25.53 -74.75
C ILE B 223 39.29 -24.78 -74.72
N ARG B 224 40.01 -24.65 -75.84
CA ARG B 224 41.27 -23.90 -75.90
C ARG B 224 40.97 -22.50 -76.24
N GLY B 225 40.31 -21.76 -75.35
CA GLY B 225 39.84 -20.45 -75.56
C GLY B 225 38.78 -20.16 -74.56
N ILE B 226 37.96 -19.09 -74.76
CA ILE B 226 36.94 -18.77 -73.81
C ILE B 226 35.47 -19.17 -74.29
N VAL B 227 34.66 -19.58 -73.32
CA VAL B 227 33.26 -19.81 -73.64
C VAL B 227 32.41 -18.72 -72.98
N LEU B 228 31.57 -18.07 -73.76
CA LEU B 228 30.78 -16.96 -73.30
C LEU B 228 29.37 -17.40 -73.03
N ASP B 229 28.77 -17.25 -71.82
CA ASP B 229 27.46 -17.70 -71.47
C ASP B 229 26.24 -17.02 -72.01
N LYS B 230 26.50 -15.78 -72.56
CA LYS B 230 25.59 -14.98 -73.28
C LYS B 230 25.09 -15.61 -74.63
N GLU B 231 23.77 -15.46 -74.90
CA GLU B 231 23.17 -16.05 -75.97
C GLU B 231 22.66 -15.25 -77.17
N VAL B 232 23.22 -14.03 -77.39
CA VAL B 232 23.25 -13.32 -78.71
C VAL B 232 21.95 -12.50 -79.05
N VAL B 233 20.80 -13.17 -78.92
CA VAL B 233 19.46 -12.51 -78.72
C VAL B 233 18.98 -11.88 -80.00
N HIS B 234 19.55 -12.35 -81.21
CA HIS B 234 18.92 -12.00 -82.45
C HIS B 234 18.90 -13.24 -83.30
N ALA B 235 17.76 -13.66 -83.91
CA ALA B 235 17.72 -14.82 -84.80
C ALA B 235 18.64 -14.78 -86.05
N GLY B 236 18.67 -13.55 -86.71
CA GLY B 236 19.25 -13.43 -88.05
C GLY B 236 20.70 -13.39 -88.20
N MET B 237 21.45 -13.31 -87.09
CA MET B 237 22.86 -13.28 -87.09
C MET B 237 23.54 -14.62 -87.54
N PRO B 238 24.78 -14.64 -88.04
CA PRO B 238 25.57 -15.89 -88.27
C PRO B 238 25.64 -16.78 -87.06
N ARG B 239 25.94 -18.09 -87.34
CA ARG B 239 26.04 -19.16 -86.25
C ARG B 239 27.49 -19.55 -86.08
N ARG B 240 28.38 -19.22 -87.06
CA ARG B 240 29.80 -19.52 -87.03
C ARG B 240 30.66 -18.49 -87.79
N VAL B 241 31.82 -18.15 -87.26
CA VAL B 241 32.82 -17.26 -87.92
C VAL B 241 34.11 -18.03 -87.91
N GLU B 242 34.79 -18.13 -89.05
CA GLU B 242 36.04 -18.73 -89.15
C GLU B 242 37.10 -17.69 -89.56
N LYS B 243 38.21 -17.68 -88.84
CA LYS B 243 39.24 -16.62 -88.82
C LYS B 243 38.57 -15.37 -88.38
N ALA B 244 38.09 -15.42 -87.10
CA ALA B 244 37.32 -14.43 -86.43
C ALA B 244 38.05 -13.26 -85.80
N LYS B 245 37.65 -12.01 -86.09
CA LYS B 245 38.26 -10.80 -85.51
C LYS B 245 37.36 -10.36 -84.36
N ILE B 246 37.79 -10.46 -83.09
CA ILE B 246 36.94 -10.30 -81.97
C ILE B 246 37.11 -8.89 -81.42
N ALA B 247 35.98 -8.08 -81.34
CA ALA B 247 35.92 -6.79 -80.65
C ALA B 247 35.32 -6.98 -79.27
N VAL B 248 35.90 -6.31 -78.30
CA VAL B 248 35.35 -6.17 -77.01
C VAL B 248 34.95 -4.74 -76.74
N LEU B 249 33.68 -4.40 -76.39
CA LEU B 249 33.22 -3.00 -76.36
C LEU B 249 32.59 -2.51 -75.03
N ASP B 250 33.14 -1.38 -74.47
CA ASP B 250 32.81 -0.94 -73.14
C ASP B 250 31.45 -0.26 -73.29
N ALA B 251 31.28 0.48 -74.36
CA ALA B 251 30.16 1.37 -74.68
C ALA B 251 28.90 0.60 -75.12
N SER B 252 27.68 1.14 -74.79
CA SER B 252 26.38 0.65 -75.26
C SER B 252 26.14 0.60 -76.76
N LEU B 253 25.55 -0.45 -77.35
CA LEU B 253 24.97 -0.45 -78.68
C LEU B 253 23.54 0.07 -78.64
N GLU B 254 23.43 1.34 -78.15
CA GLU B 254 22.27 2.16 -77.84
C GLU B 254 22.81 3.57 -77.79
N VAL B 255 22.05 4.59 -78.15
CA VAL B 255 22.50 5.91 -78.03
C VAL B 255 22.61 6.30 -76.56
N GLU B 256 23.81 6.70 -76.08
CA GLU B 256 24.16 7.05 -74.72
C GLU B 256 24.27 8.57 -74.71
N LYS B 257 24.42 9.20 -73.50
CA LYS B 257 24.33 10.72 -73.39
C LYS B 257 25.46 11.53 -74.09
N PRO B 258 25.30 12.78 -74.42
CA PRO B 258 26.35 13.54 -75.10
C PRO B 258 26.79 14.51 -74.05
N GLU B 259 27.66 15.46 -74.43
CA GLU B 259 28.43 16.29 -73.44
C GLU B 259 27.53 17.05 -72.53
N ILE B 260 26.59 17.76 -73.13
CA ILE B 260 25.53 18.33 -72.43
C ILE B 260 24.34 18.40 -73.38
N SER B 261 23.12 18.81 -72.91
CA SER B 261 21.91 18.12 -73.34
C SER B 261 20.71 18.96 -72.98
N ALA B 262 19.51 18.55 -73.40
CA ALA B 262 18.21 19.09 -72.99
C ALA B 262 17.15 18.13 -73.28
N LYS B 263 16.05 18.27 -72.53
CA LYS B 263 14.92 17.44 -72.54
C LYS B 263 13.67 18.18 -72.96
N ILE B 264 12.83 17.58 -73.80
CA ILE B 264 11.67 18.12 -74.40
C ILE B 264 10.46 17.18 -74.23
N SER B 265 9.34 17.75 -73.78
CA SER B 265 8.05 17.02 -73.63
C SER B 265 7.32 17.20 -74.98
N ILE B 266 7.31 16.18 -75.82
CA ILE B 266 6.77 16.20 -77.22
C ILE B 266 5.26 15.70 -77.25
N THR B 267 4.41 16.62 -77.72
CA THR B 267 2.97 16.37 -77.95
C THR B 267 2.60 16.55 -79.40
N SER B 268 3.45 17.28 -80.18
CA SER B 268 3.64 16.95 -81.54
C SER B 268 3.79 15.45 -82.01
N PRO B 269 2.88 14.66 -82.64
CA PRO B 269 3.01 13.21 -82.54
C PRO B 269 3.90 12.74 -83.69
N ASP B 270 3.92 13.49 -84.81
CA ASP B 270 4.67 13.19 -85.99
C ASP B 270 6.12 13.22 -85.77
N GLN B 271 6.51 14.14 -84.85
CA GLN B 271 7.86 14.56 -84.51
C GLN B 271 8.54 13.51 -83.57
N ILE B 272 7.71 12.56 -82.98
CA ILE B 272 8.26 11.52 -82.16
C ILE B 272 8.90 10.43 -83.07
N LYS B 273 8.24 10.11 -84.30
CA LYS B 273 8.73 9.22 -85.32
C LYS B 273 9.98 9.84 -85.97
N ALA B 274 10.10 11.15 -85.93
CA ALA B 274 11.32 11.71 -86.47
C ALA B 274 12.46 11.71 -85.49
N PHE B 275 12.21 11.69 -84.15
CA PHE B 275 13.25 11.48 -83.09
C PHE B 275 13.70 9.98 -83.19
N LEU B 276 12.81 8.98 -83.49
CA LEU B 276 13.18 7.66 -83.54
C LEU B 276 14.03 7.39 -84.82
N ASP B 277 13.72 7.99 -85.98
CA ASP B 277 14.55 7.89 -87.11
C ASP B 277 15.86 8.65 -87.13
N GLU B 278 15.97 9.82 -86.45
CA GLU B 278 17.18 10.42 -86.14
C GLU B 278 18.04 9.64 -85.17
N GLU B 279 17.44 8.91 -84.26
CA GLU B 279 18.17 7.99 -83.33
C GLU B 279 18.63 6.72 -84.02
N ALA B 280 17.86 6.36 -85.09
CA ALA B 280 18.30 5.23 -85.88
C ALA B 280 19.44 5.55 -86.84
N LYS B 281 19.59 6.77 -87.40
CA LYS B 281 20.80 7.09 -88.20
C LYS B 281 22.01 7.33 -87.30
N TYR B 282 21.88 7.45 -86.01
CA TYR B 282 23.01 7.50 -85.08
C TYR B 282 23.54 6.11 -84.87
N LEU B 283 22.61 5.16 -84.77
CA LEU B 283 22.85 3.76 -84.57
C LEU B 283 23.50 3.10 -85.75
N LYS B 284 23.12 3.52 -87.00
CA LYS B 284 23.72 2.96 -88.18
C LYS B 284 25.17 3.40 -88.39
N ASP B 285 25.53 4.61 -87.88
CA ASP B 285 26.83 5.15 -87.79
C ASP B 285 27.72 4.33 -86.85
N MET B 286 27.26 4.10 -85.59
CA MET B 286 27.90 3.22 -84.60
C MET B 286 28.29 1.81 -85.15
N VAL B 287 27.29 1.15 -85.80
CA VAL B 287 27.54 -0.15 -86.43
C VAL B 287 28.56 -0.11 -87.59
N ASP B 288 28.48 0.94 -88.48
CA ASP B 288 29.39 1.14 -89.61
C ASP B 288 30.88 1.29 -89.13
N LYS B 289 30.93 1.81 -87.92
CA LYS B 289 32.17 1.97 -87.18
C LYS B 289 32.82 0.66 -86.76
N LEU B 290 32.10 -0.28 -86.16
CA LEU B 290 32.55 -1.64 -85.88
C LEU B 290 32.92 -2.40 -87.15
N ALA B 291 32.14 -2.27 -88.23
CA ALA B 291 32.34 -2.86 -89.47
C ALA B 291 33.60 -2.32 -90.24
N SER B 292 34.01 -1.07 -89.92
CA SER B 292 35.24 -0.34 -90.23
C SER B 292 36.49 -0.70 -89.47
N ILE B 293 36.37 -0.98 -88.14
CA ILE B 293 37.40 -1.55 -87.38
C ILE B 293 37.92 -2.90 -87.95
N GLY B 294 36.98 -3.60 -88.72
CA GLY B 294 37.19 -4.89 -89.24
C GLY B 294 36.80 -5.98 -88.27
N ALA B 295 35.88 -5.66 -87.28
CA ALA B 295 35.41 -6.71 -86.38
C ALA B 295 34.54 -7.74 -87.05
N ASN B 296 34.63 -9.06 -86.64
CA ASN B 296 33.63 -10.00 -87.13
C ASN B 296 32.72 -10.60 -86.04
N VAL B 297 33.25 -10.67 -84.79
CA VAL B 297 32.46 -10.81 -83.57
C VAL B 297 32.58 -9.53 -82.85
N VAL B 298 31.48 -9.18 -82.10
CA VAL B 298 31.57 -8.05 -81.24
C VAL B 298 30.96 -8.56 -80.01
N ILE B 299 31.50 -8.10 -78.79
CA ILE B 299 30.98 -8.36 -77.43
C ILE B 299 30.64 -6.97 -76.89
N CYS B 300 29.44 -6.66 -76.36
CA CYS B 300 29.10 -5.28 -75.87
C CYS B 300 28.70 -5.44 -74.44
N GLN B 301 29.46 -4.77 -73.52
CA GLN B 301 29.43 -5.00 -72.14
C GLN B 301 28.28 -4.19 -71.52
N LYS B 302 27.38 -3.59 -72.42
CA LYS B 302 26.18 -2.85 -71.97
C LYS B 302 25.00 -3.45 -72.85
N GLY B 303 23.81 -2.80 -72.81
CA GLY B 303 22.70 -2.74 -73.83
C GLY B 303 23.07 -2.80 -75.32
N ILE B 304 22.26 -3.55 -76.14
CA ILE B 304 22.22 -3.62 -77.61
C ILE B 304 20.82 -3.39 -78.09
N ASP B 305 20.55 -2.21 -78.68
CA ASP B 305 19.33 -1.72 -79.34
C ASP B 305 18.94 -2.62 -80.53
N ASP B 306 17.63 -2.82 -80.70
CA ASP B 306 16.88 -3.66 -81.65
C ASP B 306 17.18 -3.34 -83.11
N ILE B 307 17.24 -2.01 -83.40
CA ILE B 307 17.60 -1.40 -84.65
C ILE B 307 19.01 -1.78 -84.94
N ALA B 308 19.96 -1.76 -83.99
CA ALA B 308 21.31 -2.14 -84.05
C ALA B 308 21.53 -3.61 -84.16
N GLN B 309 20.57 -4.48 -83.72
CA GLN B 309 20.71 -5.90 -83.93
C GLN B 309 20.41 -6.27 -85.36
N HIS B 310 19.42 -5.54 -85.96
CA HIS B 310 19.26 -5.73 -87.46
C HIS B 310 20.41 -5.35 -88.23
N PHE B 311 20.99 -4.15 -87.98
CA PHE B 311 22.14 -3.67 -88.73
C PHE B 311 23.39 -4.51 -88.47
N LEU B 312 23.65 -5.13 -87.30
CA LEU B 312 24.78 -6.04 -87.13
C LEU B 312 24.53 -7.38 -87.92
N ALA B 313 23.25 -7.80 -87.93
CA ALA B 313 22.95 -9.11 -88.57
C ALA B 313 23.01 -9.09 -90.10
N LYS B 314 22.52 -7.99 -90.70
CA LYS B 314 22.62 -7.61 -92.07
C LYS B 314 24.10 -7.49 -92.47
N ARG B 315 24.96 -6.87 -91.74
CA ARG B 315 26.36 -6.67 -92.03
C ARG B 315 27.30 -7.92 -91.82
N GLY B 316 26.76 -9.06 -91.28
CA GLY B 316 27.38 -10.34 -91.17
C GLY B 316 28.06 -10.52 -89.82
N ILE B 317 27.59 -9.85 -88.78
CA ILE B 317 28.36 -9.67 -87.51
C ILE B 317 27.68 -10.45 -86.40
N LEU B 318 28.46 -11.22 -85.62
CA LEU B 318 27.90 -11.97 -84.53
C LEU B 318 28.14 -11.14 -83.26
N ALA B 319 27.06 -10.68 -82.55
CA ALA B 319 27.20 -9.86 -81.34
C ALA B 319 26.77 -10.70 -80.18
N VAL B 320 27.53 -10.40 -79.08
CA VAL B 320 27.26 -10.90 -77.75
C VAL B 320 26.90 -9.79 -76.85
N ARG B 321 25.98 -9.85 -75.87
CA ARG B 321 25.78 -8.75 -74.96
C ARG B 321 26.55 -8.89 -73.61
N ARG B 322 25.90 -8.44 -72.51
CA ARG B 322 26.25 -8.44 -71.11
C ARG B 322 27.20 -9.53 -70.59
N VAL B 323 28.49 -9.55 -71.00
CA VAL B 323 29.42 -10.50 -70.44
C VAL B 323 30.17 -9.77 -69.35
N LYS B 324 30.19 -10.37 -68.14
CA LYS B 324 30.81 -9.78 -66.97
C LYS B 324 32.32 -9.58 -66.92
N ARG B 325 32.75 -8.66 -66.07
CA ARG B 325 34.11 -8.19 -65.87
C ARG B 325 35.23 -9.25 -65.72
N SER B 326 35.09 -10.37 -64.93
CA SER B 326 36.14 -11.41 -64.77
C SER B 326 36.27 -12.07 -66.13
N ASP B 327 35.22 -12.36 -66.83
CA ASP B 327 35.16 -13.16 -68.10
C ASP B 327 35.82 -12.39 -69.25
N ILE B 328 35.70 -10.98 -69.21
CA ILE B 328 36.28 -10.08 -70.14
C ILE B 328 37.79 -10.03 -70.01
N GLU B 329 38.31 -10.15 -68.76
CA GLU B 329 39.69 -10.11 -68.53
C GLU B 329 40.38 -11.40 -69.11
N LYS B 330 39.70 -12.58 -69.03
CA LYS B 330 40.23 -13.83 -69.56
C LYS B 330 40.14 -13.78 -71.12
N LEU B 331 39.15 -13.16 -71.76
CA LEU B 331 38.96 -12.93 -73.20
C LEU B 331 39.93 -11.84 -73.81
N GLU B 332 40.29 -10.89 -73.09
CA GLU B 332 41.39 -10.00 -73.45
C GLU B 332 42.71 -10.78 -73.47
N LYS B 333 43.11 -11.32 -72.26
CA LYS B 333 44.38 -12.07 -72.10
C LYS B 333 44.60 -13.25 -73.10
N ALA B 334 43.57 -14.07 -73.47
CA ALA B 334 43.79 -15.10 -74.45
C ALA B 334 43.60 -14.70 -75.88
N LEU B 335 42.86 -13.64 -76.21
CA LEU B 335 42.51 -13.35 -77.61
C LEU B 335 43.27 -12.23 -78.19
N GLY B 336 44.13 -11.50 -77.42
CA GLY B 336 44.75 -10.23 -77.91
C GLY B 336 43.82 -9.08 -77.94
N ALA B 337 42.49 -9.20 -77.57
CA ALA B 337 41.52 -8.11 -77.44
C ALA B 337 42.06 -7.13 -76.38
N ARG B 338 41.94 -5.83 -76.69
CA ARG B 338 42.43 -4.73 -75.86
C ARG B 338 41.44 -3.53 -75.74
N ILE B 339 40.28 -3.73 -76.24
CA ILE B 339 39.08 -3.21 -75.59
C ILE B 339 38.75 -1.77 -75.97
N ILE B 340 37.65 -1.60 -76.66
CA ILE B 340 37.21 -0.28 -77.22
C ILE B 340 36.37 0.52 -76.30
N SER B 341 36.81 1.74 -75.93
CA SER B 341 35.93 2.66 -75.20
C SER B 341 34.96 3.36 -76.06
N SER B 342 35.49 3.86 -77.24
CA SER B 342 34.71 4.80 -78.04
C SER B 342 34.36 4.24 -79.40
N ILE B 343 33.17 3.68 -79.66
CA ILE B 343 32.66 3.11 -80.89
C ILE B 343 32.69 4.17 -81.99
N LYS B 344 32.39 5.41 -81.57
CA LYS B 344 32.45 6.71 -82.33
C LYS B 344 33.83 7.06 -82.92
N ASP B 345 34.88 6.86 -82.14
CA ASP B 345 36.25 7.17 -82.59
C ASP B 345 36.78 6.07 -83.46
N ALA B 346 35.99 5.00 -83.50
CA ALA B 346 36.24 3.76 -84.26
C ALA B 346 37.68 3.23 -84.17
N THR B 347 38.22 2.88 -82.99
CA THR B 347 39.70 2.84 -82.74
C THR B 347 40.43 1.55 -83.22
N PRO B 348 41.78 1.41 -83.51
CA PRO B 348 42.09 0.77 -84.81
C PRO B 348 43.24 -0.17 -84.45
N GLU B 349 43.33 -0.66 -83.20
CA GLU B 349 44.34 -1.56 -82.68
C GLU B 349 43.81 -2.30 -81.46
N ASP B 350 42.53 -2.36 -81.13
CA ASP B 350 42.16 -2.97 -79.92
C ASP B 350 41.68 -4.38 -80.23
N LEU B 351 41.93 -4.88 -81.44
CA LEU B 351 41.08 -5.90 -82.09
C LEU B 351 41.84 -7.28 -81.78
N GLY B 352 41.19 -8.38 -81.42
CA GLY B 352 41.82 -9.70 -81.19
C GLY B 352 41.53 -10.72 -82.26
N TYR B 353 42.08 -11.89 -82.14
CA TYR B 353 42.01 -12.89 -83.19
C TYR B 353 41.81 -14.29 -82.66
N ALA B 354 40.80 -14.98 -83.28
CA ALA B 354 40.25 -16.34 -82.93
C ALA B 354 40.22 -17.28 -84.16
N GLU B 355 40.57 -18.63 -84.10
CA GLU B 355 40.46 -19.48 -85.22
C GLU B 355 38.97 -19.76 -85.65
N LEU B 356 38.14 -19.94 -84.63
CA LEU B 356 36.75 -19.97 -84.86
C LEU B 356 35.98 -19.48 -83.59
N VAL B 357 34.73 -19.13 -83.86
CA VAL B 357 33.71 -18.67 -82.91
C VAL B 357 32.42 -19.25 -83.37
N GLU B 358 31.74 -20.04 -82.56
CA GLU B 358 30.47 -20.54 -82.96
C GLU B 358 29.64 -20.40 -81.75
N GLU B 359 28.28 -20.46 -81.86
CA GLU B 359 27.28 -20.78 -80.89
C GLU B 359 26.80 -22.14 -80.77
N ARG B 360 26.75 -22.71 -79.53
CA ARG B 360 26.37 -24.09 -79.36
C ARG B 360 25.48 -24.12 -78.20
N LYS B 361 24.45 -25.00 -78.31
CA LYS B 361 23.66 -25.30 -77.16
C LYS B 361 24.23 -26.42 -76.37
N VAL B 362 24.32 -26.23 -75.03
CA VAL B 362 24.69 -27.26 -74.10
C VAL B 362 23.56 -27.48 -73.11
N GLY B 363 23.10 -28.74 -73.02
CA GLY B 363 21.82 -28.90 -72.28
C GLY B 363 20.66 -28.14 -72.88
N ASN B 364 20.05 -27.20 -72.19
CA ASN B 364 19.14 -26.35 -72.78
C ASN B 364 19.78 -25.03 -73.25
N ASP B 365 20.85 -24.53 -72.60
CA ASP B 365 21.33 -23.24 -72.87
C ASP B 365 22.21 -22.93 -74.09
N LYS B 366 22.01 -21.77 -74.76
CA LYS B 366 22.86 -21.30 -75.81
C LYS B 366 24.16 -20.69 -75.21
N MET B 367 25.25 -20.69 -75.96
CA MET B 367 26.64 -20.27 -75.52
C MET B 367 27.47 -19.94 -76.74
N VAL B 368 28.35 -18.94 -76.64
CA VAL B 368 29.20 -18.47 -77.70
C VAL B 368 30.61 -18.89 -77.36
N PHE B 369 31.32 -19.63 -78.16
CA PHE B 369 32.55 -20.33 -77.76
C PHE B 369 33.55 -19.79 -78.66
N ILE B 370 34.64 -19.32 -78.09
CA ILE B 370 35.81 -18.84 -78.80
C ILE B 370 36.82 -19.90 -78.51
N GLU B 371 37.38 -20.55 -79.54
CA GLU B 371 38.36 -21.61 -79.47
C GLU B 371 39.35 -21.59 -80.55
N GLY B 372 40.44 -22.35 -80.32
CA GLY B 372 41.59 -22.49 -81.17
C GLY B 372 42.75 -21.55 -80.92
N ALA B 373 43.33 -21.57 -79.67
CA ALA B 373 44.24 -20.52 -79.24
C ALA B 373 45.60 -21.11 -78.98
N LYS B 374 46.64 -20.62 -79.59
CA LYS B 374 47.97 -21.20 -79.41
C LYS B 374 48.57 -20.72 -78.10
N ASN B 375 48.62 -21.63 -77.07
CA ASN B 375 49.37 -21.40 -75.80
C ASN B 375 48.85 -20.25 -74.89
N PRO B 376 47.61 -20.09 -74.59
CA PRO B 376 47.18 -18.95 -73.86
C PRO B 376 47.41 -19.14 -72.39
N LYS B 377 47.24 -18.14 -71.54
CA LYS B 377 47.16 -18.30 -70.00
C LYS B 377 45.77 -18.53 -69.43
N ALA B 378 44.82 -18.39 -70.37
CA ALA B 378 43.46 -18.51 -69.98
C ALA B 378 42.91 -19.69 -70.78
N VAL B 379 42.27 -20.67 -70.06
CA VAL B 379 41.56 -21.78 -70.61
C VAL B 379 40.12 -21.89 -70.16
N ASN B 380 39.25 -22.65 -70.85
CA ASN B 380 37.91 -22.80 -70.35
C ASN B 380 37.45 -24.26 -70.36
N ILE B 381 36.85 -24.70 -69.26
CA ILE B 381 36.50 -26.07 -69.07
C ILE B 381 34.95 -26.11 -69.01
N LEU B 382 34.34 -27.04 -69.78
CA LEU B 382 32.94 -27.18 -69.75
C LEU B 382 32.64 -28.36 -68.88
N LEU B 383 31.87 -28.18 -67.75
CA LEU B 383 31.73 -29.31 -66.80
C LEU B 383 30.28 -29.78 -66.79
N ARG B 384 29.95 -30.91 -67.38
CA ARG B 384 28.60 -31.39 -67.44
C ARG B 384 28.43 -32.37 -66.30
N GLY B 385 27.20 -32.57 -65.87
CA GLY B 385 26.82 -33.58 -64.94
C GLY B 385 25.38 -33.83 -65.23
N SER B 386 24.72 -34.42 -64.25
CA SER B 386 23.30 -34.84 -64.39
C SER B 386 22.32 -33.70 -64.19
N ASN B 387 21.84 -33.48 -62.94
CA ASN B 387 20.96 -32.36 -62.62
C ASN B 387 21.72 -31.21 -61.96
N ASP B 388 21.65 -31.04 -60.61
CA ASP B 388 22.24 -29.73 -60.07
C ASP B 388 23.01 -30.05 -58.80
N MET B 389 22.53 -31.04 -57.91
CA MET B 389 23.28 -31.15 -56.70
C MET B 389 24.65 -31.82 -56.92
N ALA B 390 24.62 -32.75 -57.94
CA ALA B 390 25.69 -33.58 -58.37
C ALA B 390 26.59 -32.91 -59.34
N LEU B 391 26.13 -31.78 -60.01
CA LEU B 391 26.75 -31.00 -61.08
C LEU B 391 27.51 -29.85 -60.40
N ASP B 392 26.89 -29.22 -59.39
CA ASP B 392 27.60 -28.40 -58.40
C ASP B 392 28.67 -29.20 -57.64
N GLU B 393 28.37 -30.45 -57.17
CA GLU B 393 29.39 -31.29 -56.51
C GLU B 393 30.56 -31.68 -57.24
N ALA B 394 30.42 -31.97 -58.46
CA ALA B 394 31.59 -32.24 -59.17
C ALA B 394 32.55 -31.08 -59.42
N GLU B 395 31.97 -29.87 -59.48
CA GLU B 395 32.79 -28.65 -59.56
C GLU B 395 33.48 -28.42 -58.23
N ARG B 396 32.66 -28.51 -57.08
CA ARG B 396 33.23 -28.34 -55.76
C ARG B 396 34.43 -29.27 -55.48
N SER B 397 34.29 -30.57 -55.82
CA SER B 397 35.39 -31.49 -55.66
C SER B 397 36.54 -31.17 -56.54
N ILE B 398 36.33 -30.74 -57.75
CA ILE B 398 37.41 -30.48 -58.68
C ILE B 398 38.21 -29.29 -58.11
N ASN B 399 37.47 -28.30 -57.61
CA ASN B 399 38.06 -27.14 -56.83
C ASN B 399 38.95 -27.64 -55.66
N ASP B 400 38.47 -28.37 -54.68
CA ASP B 400 39.30 -28.97 -53.59
C ASP B 400 40.55 -29.70 -54.06
N ALA B 401 40.41 -30.40 -55.22
CA ALA B 401 41.47 -31.15 -55.83
C ALA B 401 42.55 -30.23 -56.57
N LEU B 402 42.08 -29.10 -57.15
CA LEU B 402 42.87 -28.06 -57.73
C LEU B 402 43.61 -27.35 -56.64
N TYR B 403 43.10 -27.10 -55.44
CA TYR B 403 43.74 -26.38 -54.33
C TYR B 403 44.83 -27.32 -53.73
N SER B 404 44.64 -28.63 -53.73
CA SER B 404 45.62 -29.54 -53.27
C SER B 404 46.75 -29.68 -54.24
N LEU B 405 46.47 -29.53 -55.51
CA LEU B 405 47.41 -29.52 -56.61
C LEU B 405 48.25 -28.18 -56.56
N ARG B 406 47.71 -27.01 -56.17
CA ARG B 406 48.52 -25.82 -55.92
C ARG B 406 49.38 -25.97 -54.65
N ASN B 407 49.03 -26.75 -53.63
CA ASN B 407 50.02 -26.98 -52.54
C ASN B 407 51.14 -27.96 -52.94
N ILE B 408 50.83 -29.05 -53.67
CA ILE B 408 52.03 -29.82 -54.10
C ILE B 408 52.91 -29.13 -55.14
N LEU B 409 52.24 -28.46 -56.08
CA LEU B 409 53.01 -27.73 -57.05
C LEU B 409 53.94 -26.64 -56.55
N MET B 410 53.47 -25.85 -55.63
CA MET B 410 54.30 -24.73 -55.25
C MET B 410 55.36 -25.18 -54.17
N GLU B 411 55.37 -26.46 -53.71
CA GLU B 411 56.53 -27.00 -53.03
C GLU B 411 56.59 -28.52 -53.23
N PRO B 412 57.54 -29.17 -53.86
CA PRO B 412 57.29 -30.60 -54.15
C PRO B 412 57.78 -31.56 -53.07
N TYR B 413 57.34 -31.20 -51.89
CA TYR B 413 57.62 -31.87 -50.67
C TYR B 413 56.29 -32.29 -50.26
N ILE B 414 56.13 -33.53 -49.70
CA ILE B 414 54.92 -34.04 -49.14
C ILE B 414 55.32 -34.59 -47.75
N VAL B 415 54.35 -34.75 -46.83
CA VAL B 415 54.63 -35.21 -45.46
C VAL B 415 53.49 -36.02 -44.95
N PRO B 416 53.69 -36.90 -44.01
CA PRO B 416 52.56 -37.63 -43.40
C PRO B 416 51.87 -36.64 -42.45
N GLY B 417 50.55 -36.60 -42.46
CA GLY B 417 49.69 -35.59 -41.81
C GLY B 417 49.22 -35.90 -40.45
N GLY B 418 49.87 -36.79 -39.74
CA GLY B 418 49.32 -37.26 -38.49
C GLY B 418 49.68 -38.68 -38.02
N GLY B 419 50.86 -38.87 -37.53
CA GLY B 419 51.23 -40.15 -36.99
C GLY B 419 52.71 -40.20 -36.62
N ALA B 420 53.50 -39.80 -37.66
CA ALA B 420 54.97 -40.02 -37.49
C ALA B 420 55.65 -38.76 -37.09
N ILE B 421 55.57 -37.77 -38.03
CA ILE B 421 56.15 -36.44 -37.87
C ILE B 421 56.08 -35.82 -36.53
N GLU B 422 54.81 -35.82 -36.03
CA GLU B 422 54.47 -35.25 -34.72
C GLU B 422 55.10 -35.97 -33.52
N LEU B 423 55.09 -37.32 -33.34
CA LEU B 423 55.80 -38.04 -32.38
C LEU B 423 57.26 -37.93 -32.53
N GLU B 424 57.74 -37.83 -33.82
CA GLU B 424 59.14 -37.63 -34.00
C GLU B 424 59.75 -36.29 -33.60
N LEU B 425 58.96 -35.19 -33.81
CA LEU B 425 59.32 -33.82 -33.43
C LEU B 425 59.31 -33.76 -31.91
N SER B 426 58.34 -34.41 -31.28
CA SER B 426 58.32 -34.42 -29.82
C SER B 426 59.56 -35.19 -29.12
N ALA B 427 60.04 -36.27 -29.71
CA ALA B 427 61.20 -36.87 -29.16
C ALA B 427 62.55 -36.13 -29.47
N ARG B 428 62.64 -35.52 -30.65
CA ARG B 428 63.80 -34.66 -31.00
C ARG B 428 63.83 -33.34 -30.23
N LEU B 429 62.68 -32.74 -29.91
CA LEU B 429 62.52 -31.53 -29.11
C LEU B 429 62.84 -31.90 -27.69
N ARG B 430 62.53 -33.10 -27.05
CA ARG B 430 63.05 -33.39 -25.69
C ARG B 430 64.46 -34.04 -25.75
N GLU B 431 65.42 -33.30 -26.23
CA GLU B 431 66.78 -33.70 -26.46
C GLU B 431 67.47 -32.38 -26.80
N TYR B 432 66.84 -31.58 -27.71
CA TYR B 432 67.16 -30.22 -27.86
C TYR B 432 66.98 -29.45 -26.52
N ALA B 433 65.73 -29.40 -25.95
CA ALA B 433 65.39 -28.75 -24.70
C ALA B 433 66.24 -29.06 -23.43
N ARG B 434 66.94 -30.20 -23.45
CA ARG B 434 67.90 -30.55 -22.50
C ARG B 434 69.19 -29.80 -22.56
N SER B 435 69.64 -29.58 -23.77
CA SER B 435 70.67 -28.61 -23.94
C SER B 435 70.32 -27.13 -23.85
N VAL B 436 68.98 -26.86 -24.08
CA VAL B 436 68.54 -25.51 -23.82
C VAL B 436 68.37 -25.27 -22.36
N GLY B 437 68.88 -24.10 -21.89
CA GLY B 437 68.78 -23.77 -20.52
C GLY B 437 67.64 -22.80 -20.27
N GLY B 438 67.39 -22.42 -18.94
CA GLY B 438 66.35 -21.54 -18.45
C GLY B 438 64.86 -22.00 -18.53
N LYS B 439 63.96 -21.09 -18.12
CA LYS B 439 62.56 -21.19 -18.35
C LYS B 439 62.17 -21.29 -19.88
N GLU B 440 63.09 -21.00 -20.89
CA GLU B 440 62.96 -21.22 -22.28
C GLU B 440 63.00 -22.65 -22.67
N GLN B 441 63.59 -23.46 -21.80
CA GLN B 441 63.57 -24.95 -22.01
C GLN B 441 62.18 -25.53 -21.65
N LEU B 442 61.49 -24.92 -20.64
CA LEU B 442 60.16 -25.23 -20.25
C LEU B 442 59.08 -24.90 -21.28
N ALA B 443 59.28 -23.79 -21.98
CA ALA B 443 58.44 -23.46 -23.16
C ALA B 443 58.64 -24.44 -24.34
N ILE B 444 59.85 -24.87 -24.64
CA ILE B 444 60.08 -25.89 -25.69
C ILE B 444 59.47 -27.29 -25.31
N GLU B 445 59.65 -27.74 -24.01
CA GLU B 445 59.03 -28.97 -23.57
C GLU B 445 57.53 -28.94 -23.42
N ALA B 446 56.90 -27.77 -23.35
CA ALA B 446 55.48 -27.67 -23.39
C ALA B 446 54.94 -27.60 -24.81
N TYR B 447 55.77 -27.15 -25.75
CA TYR B 447 55.44 -27.11 -27.15
C TYR B 447 55.48 -28.53 -27.73
N ALA B 448 56.45 -29.41 -27.20
CA ALA B 448 56.59 -30.81 -27.52
C ALA B 448 55.33 -31.62 -27.05
N ASP B 449 54.93 -31.23 -25.86
CA ASP B 449 53.72 -31.83 -25.23
C ASP B 449 52.48 -31.56 -26.06
N ALA B 450 52.43 -30.35 -26.66
CA ALA B 450 51.42 -29.96 -27.59
C ALA B 450 51.38 -30.73 -28.91
N LEU B 451 52.55 -31.13 -29.53
CA LEU B 451 52.50 -32.04 -30.62
C LEU B 451 51.86 -33.40 -30.39
N GLU B 452 52.03 -33.92 -29.14
CA GLU B 452 51.34 -35.11 -28.68
C GLU B 452 49.80 -35.03 -28.56
N GLU B 453 49.24 -33.85 -28.67
CA GLU B 453 47.80 -33.78 -28.73
C GLU B 453 47.22 -33.93 -30.13
N ILE B 454 48.03 -33.88 -31.22
CA ILE B 454 47.70 -34.16 -32.55
C ILE B 454 47.75 -35.72 -32.67
N PRO B 455 47.35 -36.48 -33.74
CA PRO B 455 47.71 -37.93 -33.78
C PRO B 455 46.71 -38.83 -33.14
N MET B 456 46.48 -38.64 -31.77
CA MET B 456 45.58 -39.46 -30.99
C MET B 456 44.22 -38.89 -31.13
N ILE B 457 44.16 -37.60 -31.54
CA ILE B 457 42.96 -36.79 -31.74
C ILE B 457 42.24 -37.13 -33.05
N LEU B 458 42.98 -37.54 -34.10
CA LEU B 458 42.52 -38.05 -35.37
C LEU B 458 41.77 -39.35 -35.05
N ALA B 459 42.41 -40.16 -34.16
CA ALA B 459 41.77 -41.35 -33.68
C ALA B 459 40.58 -41.19 -32.71
N GLU B 460 40.48 -40.09 -31.92
CA GLU B 460 39.37 -39.77 -31.04
C GLU B 460 38.19 -39.21 -31.86
N THR B 461 38.53 -38.49 -32.95
CA THR B 461 37.54 -38.10 -33.95
C THR B 461 36.86 -39.22 -34.61
N ALA B 462 37.53 -40.35 -34.91
CA ALA B 462 36.98 -41.59 -35.41
C ALA B 462 36.26 -42.53 -34.47
N GLY B 463 36.17 -42.19 -33.18
CA GLY B 463 35.41 -42.83 -32.09
C GLY B 463 36.27 -43.73 -31.12
N LEU B 464 37.61 -43.72 -31.30
CA LEU B 464 38.55 -44.53 -30.52
C LEU B 464 39.06 -43.85 -29.26
N GLU B 465 39.80 -44.69 -28.52
CA GLU B 465 40.38 -44.25 -27.25
C GLU B 465 41.68 -43.53 -27.54
N PRO B 466 41.93 -42.29 -27.11
CA PRO B 466 43.17 -41.54 -27.34
C PRO B 466 44.29 -41.98 -26.44
N ILE B 467 44.12 -42.19 -25.15
CA ILE B 467 45.32 -42.39 -24.41
C ILE B 467 46.05 -43.66 -24.81
N SER B 468 45.44 -44.77 -25.07
CA SER B 468 46.07 -46.04 -25.41
C SER B 468 46.65 -46.00 -26.80
N ALA B 469 46.00 -45.27 -27.73
CA ALA B 469 46.43 -45.13 -29.10
C ALA B 469 47.66 -44.28 -29.17
N LEU B 470 47.73 -43.26 -28.29
CA LEU B 470 49.02 -42.47 -28.13
C LEU B 470 50.20 -43.27 -27.56
N MET B 471 50.05 -44.16 -26.56
CA MET B 471 51.14 -44.96 -25.99
C MET B 471 51.61 -46.02 -26.87
N ASP B 472 50.72 -46.63 -27.69
CA ASP B 472 51.08 -47.60 -28.67
C ASP B 472 51.71 -46.88 -29.85
N LEU B 473 51.36 -45.62 -30.13
CA LEU B 473 51.97 -44.87 -31.20
C LEU B 473 53.47 -44.52 -30.78
N ARG B 474 53.66 -44.21 -29.46
CA ARG B 474 54.92 -43.87 -28.90
C ARG B 474 56.01 -44.94 -28.93
N ALA B 475 55.62 -46.16 -28.63
CA ALA B 475 56.53 -47.32 -28.57
C ALA B 475 56.81 -47.74 -30.09
N ARG B 476 55.80 -47.58 -30.92
CA ARG B 476 55.86 -47.93 -32.36
C ARG B 476 56.82 -46.90 -33.14
N HIS B 477 56.89 -45.63 -32.56
CA HIS B 477 57.70 -44.60 -33.11
C HIS B 477 59.19 -44.67 -32.78
N ALA B 478 59.55 -45.65 -31.92
CA ALA B 478 60.90 -45.81 -31.28
C ALA B 478 61.49 -47.08 -31.86
N LYS B 479 60.65 -48.12 -31.92
CA LYS B 479 61.03 -49.33 -32.47
C LYS B 479 60.85 -49.51 -33.95
N GLY B 480 59.76 -49.04 -34.60
CA GLY B 480 59.64 -48.85 -36.01
C GLY B 480 60.10 -47.52 -36.39
N LEU B 481 60.21 -47.28 -37.69
CA LEU B 481 60.72 -46.06 -38.27
C LEU B 481 59.58 -45.11 -38.82
N THR B 482 59.77 -44.05 -39.65
CA THR B 482 58.76 -43.04 -39.92
C THR B 482 57.84 -43.50 -41.02
N ASN B 483 56.80 -42.69 -41.39
CA ASN B 483 55.83 -42.86 -42.37
C ASN B 483 54.64 -43.69 -41.89
N CYS B 484 54.44 -43.80 -40.53
CA CYS B 484 53.25 -44.41 -39.96
C CYS B 484 52.17 -43.39 -39.86
N GLY B 485 50.92 -43.84 -39.85
CA GLY B 485 49.71 -42.94 -39.72
C GLY B 485 48.68 -43.64 -38.83
N VAL B 486 47.47 -43.13 -38.75
CA VAL B 486 46.23 -43.72 -38.19
C VAL B 486 45.15 -44.04 -39.31
N ASP B 487 44.58 -45.22 -39.26
CA ASP B 487 43.58 -45.54 -40.16
C ASP B 487 42.21 -45.20 -39.58
N VAL B 488 41.44 -44.25 -40.15
CA VAL B 488 40.05 -43.98 -39.64
C VAL B 488 39.00 -44.82 -40.34
N ILE B 489 39.37 -45.50 -41.47
CA ILE B 489 38.45 -46.39 -42.14
C ILE B 489 38.39 -47.81 -41.54
N ASN B 490 39.44 -48.48 -41.03
CA ASN B 490 39.30 -49.67 -40.20
C ASN B 490 39.85 -49.56 -38.75
N GLY B 491 40.25 -48.31 -38.41
CA GLY B 491 40.58 -48.07 -36.99
C GLY B 491 41.88 -48.65 -36.37
N LYS B 492 42.89 -48.80 -37.20
CA LYS B 492 44.27 -49.20 -36.85
C LYS B 492 45.35 -48.09 -36.90
N ILE B 493 46.26 -48.03 -35.91
CA ILE B 493 47.54 -47.43 -36.09
C ILE B 493 48.28 -48.15 -37.19
N ILE B 494 48.77 -47.47 -38.30
CA ILE B 494 49.02 -48.07 -39.57
C ILE B 494 50.46 -47.74 -40.02
N ASP B 495 51.22 -48.67 -40.64
CA ASP B 495 52.47 -48.44 -41.21
C ASP B 495 52.29 -47.94 -42.68
N ASP B 496 53.40 -47.36 -43.25
CA ASP B 496 53.41 -46.47 -44.41
C ASP B 496 52.09 -45.88 -44.93
N ILE B 497 51.73 -44.70 -44.37
CA ILE B 497 50.48 -44.10 -44.73
C ILE B 497 50.51 -43.41 -46.14
N TYR B 498 51.76 -43.22 -46.63
CA TYR B 498 51.98 -42.98 -48.08
C TYR B 498 51.46 -44.20 -49.00
N SER B 499 51.57 -45.44 -48.47
CA SER B 499 50.99 -46.54 -49.24
C SER B 499 49.44 -46.61 -49.06
N ILE B 500 48.86 -45.96 -48.05
CA ILE B 500 47.40 -45.89 -47.92
C ILE B 500 46.86 -44.83 -48.89
N ASN B 501 47.74 -43.96 -49.40
CA ASN B 501 47.58 -42.83 -50.29
C ASN B 501 47.27 -41.60 -49.44
N VAL B 502 47.64 -41.61 -48.13
CA VAL B 502 47.32 -40.43 -47.26
C VAL B 502 48.61 -39.66 -46.85
N VAL B 503 48.99 -38.69 -47.62
CA VAL B 503 50.03 -37.71 -47.27
C VAL B 503 49.51 -36.34 -47.59
N GLU B 504 49.98 -35.30 -46.93
CA GLU B 504 49.53 -33.99 -47.16
C GLU B 504 50.58 -33.18 -47.91
N PRO B 505 50.32 -32.30 -48.84
CA PRO B 505 51.36 -31.24 -49.22
C PRO B 505 52.01 -30.53 -47.98
N ILE B 506 53.37 -30.53 -47.75
CA ILE B 506 54.14 -29.78 -46.70
C ILE B 506 53.70 -28.33 -46.58
N ARG B 507 53.27 -27.70 -47.71
CA ARG B 507 52.76 -26.37 -47.65
C ARG B 507 51.38 -26.20 -46.95
N VAL B 508 50.59 -27.36 -46.77
CA VAL B 508 49.45 -27.25 -45.83
C VAL B 508 49.83 -27.14 -44.40
N THR B 509 50.99 -27.76 -44.03
CA THR B 509 51.56 -27.73 -42.69
C THR B 509 52.18 -26.43 -42.31
N ARG B 510 53.18 -25.97 -43.08
CA ARG B 510 53.93 -24.68 -42.95
C ARG B 510 52.88 -23.54 -42.83
N GLN B 511 51.87 -23.43 -43.66
CA GLN B 511 50.93 -22.27 -43.50
C GLN B 511 50.03 -22.34 -42.28
N VAL B 512 49.55 -23.51 -41.89
CA VAL B 512 48.60 -23.55 -40.76
C VAL B 512 49.37 -23.54 -39.42
N LEU B 513 50.68 -23.89 -39.46
CA LEU B 513 51.56 -23.86 -38.37
C LEU B 513 52.02 -22.46 -38.14
N LYS B 514 52.19 -21.67 -39.23
CA LYS B 514 52.40 -20.23 -39.10
C LYS B 514 51.24 -19.50 -38.44
N SER B 515 50.01 -19.87 -38.76
CA SER B 515 48.89 -19.16 -38.31
C SER B 515 48.47 -19.55 -36.95
N ALA B 516 48.95 -20.70 -36.44
CA ALA B 516 48.80 -21.07 -35.07
C ALA B 516 49.92 -20.41 -34.19
N THR B 517 51.18 -20.33 -34.68
CA THR B 517 52.18 -19.62 -33.92
C THR B 517 51.98 -18.09 -34.01
N GLU B 518 51.19 -17.61 -34.96
CA GLU B 518 50.85 -16.26 -35.14
C GLU B 518 49.76 -15.93 -34.09
N ALA B 519 48.77 -16.88 -33.95
CA ALA B 519 47.60 -16.64 -33.10
C ALA B 519 47.96 -16.62 -31.67
N ALA B 520 48.81 -17.57 -31.21
CA ALA B 520 49.25 -17.59 -29.87
C ALA B 520 50.28 -16.51 -29.48
N THR B 521 51.20 -16.05 -30.39
CA THR B 521 52.18 -14.97 -30.18
C THR B 521 51.52 -13.60 -30.07
N SER B 522 50.46 -13.43 -30.91
CA SER B 522 49.65 -12.25 -30.85
C SER B 522 48.77 -12.29 -29.64
N ILE B 523 48.11 -13.29 -29.14
CA ILE B 523 47.23 -13.17 -27.95
C ILE B 523 48.13 -13.00 -26.73
N MET B 524 49.40 -13.42 -26.80
CA MET B 524 50.38 -13.05 -25.67
C MET B 524 50.76 -11.60 -25.68
N LYS B 525 50.85 -10.99 -26.90
CA LYS B 525 51.43 -9.68 -27.11
C LYS B 525 50.39 -8.58 -26.87
N ILE B 526 49.11 -8.94 -26.55
CA ILE B 526 47.96 -8.03 -26.63
C ILE B 526 47.32 -7.94 -25.30
N ASP B 527 47.12 -6.72 -24.77
CA ASP B 527 46.59 -6.40 -23.43
C ASP B 527 45.13 -5.85 -23.28
N ASP B 528 45.02 -4.57 -22.88
CA ASP B 528 43.81 -3.88 -22.60
C ASP B 528 42.73 -3.90 -23.74
N LEU B 529 41.54 -3.46 -23.36
CA LEU B 529 40.51 -3.37 -24.24
C LEU B 529 39.62 -2.20 -23.84
N ILE B 530 39.69 -1.18 -24.70
CA ILE B 530 38.94 0.06 -24.52
C ILE B 530 37.93 0.46 -25.68
N ALA B 531 36.65 0.49 -25.45
CA ALA B 531 35.60 0.51 -26.47
C ALA B 531 34.67 1.70 -26.23
N ALA B 532 34.45 2.42 -27.31
CA ALA B 532 33.73 3.71 -27.41
C ALA B 532 32.22 3.42 -27.74
N THR C 14 20.96 -17.07 -24.38
CA THR C 14 20.73 -18.09 -25.42
C THR C 14 21.10 -19.48 -24.80
N SER C 15 20.55 -20.50 -25.42
CA SER C 15 20.60 -21.93 -25.04
C SER C 15 21.87 -22.50 -25.56
N ARG C 16 22.80 -23.10 -24.79
CA ARG C 16 24.01 -23.86 -25.22
C ARG C 16 23.78 -25.41 -25.03
N ASN C 17 24.65 -26.22 -25.58
CA ASN C 17 24.53 -27.70 -25.48
C ASN C 17 25.87 -28.43 -25.58
N SER C 18 26.04 -29.44 -24.72
CA SER C 18 27.17 -30.29 -24.69
C SER C 18 26.76 -31.63 -24.10
N GLY C 19 27.62 -32.68 -24.13
CA GLY C 19 27.34 -33.84 -23.32
C GLY C 19 26.45 -34.88 -24.06
N ARG C 20 26.21 -34.65 -25.37
CA ARG C 20 25.36 -35.34 -26.40
C ARG C 20 24.01 -34.75 -26.49
N ASP C 21 23.72 -33.64 -25.86
CA ASP C 21 22.36 -33.05 -25.74
C ASP C 21 21.69 -32.58 -27.04
N ALA C 22 22.27 -31.79 -27.83
CA ALA C 22 21.77 -31.31 -29.07
C ALA C 22 21.23 -32.42 -30.07
N LEU C 23 22.01 -33.46 -30.12
CA LEU C 23 21.76 -34.69 -30.89
C LEU C 23 20.63 -35.49 -30.20
N LYS C 24 20.60 -35.58 -28.84
CA LYS C 24 19.42 -36.17 -28.15
C LYS C 24 18.03 -35.53 -28.27
N ASN C 25 18.08 -34.22 -28.46
CA ASN C 25 16.93 -33.35 -28.62
C ASN C 25 16.46 -33.35 -30.10
N ASN C 26 17.38 -33.61 -31.04
CA ASN C 26 17.01 -33.74 -32.39
C ASN C 26 16.51 -35.15 -32.68
N ILE C 27 16.87 -36.20 -31.93
CA ILE C 27 16.30 -37.52 -32.08
C ILE C 27 14.87 -37.40 -31.56
N LEU C 28 14.59 -36.66 -30.48
CA LEU C 28 13.27 -36.56 -29.89
C LEU C 28 12.31 -35.90 -30.84
N ALA C 29 12.72 -34.81 -31.61
CA ALA C 29 11.89 -34.20 -32.59
C ALA C 29 11.44 -35.15 -33.70
N ALA C 30 12.42 -35.89 -34.32
CA ALA C 30 12.12 -36.92 -35.35
C ALA C 30 11.29 -38.17 -34.89
N ARG C 31 11.45 -38.49 -33.57
CA ARG C 31 10.82 -39.63 -32.90
C ARG C 31 9.35 -39.33 -32.61
N THR C 32 9.02 -38.02 -32.28
CA THR C 32 7.70 -37.54 -32.16
C THR C 32 7.05 -37.47 -33.51
N LEU C 33 7.81 -36.94 -34.58
CA LEU C 33 7.31 -36.92 -35.98
C LEU C 33 7.00 -38.34 -36.40
N ALA C 34 7.88 -39.35 -36.08
CA ALA C 34 7.68 -40.70 -36.54
C ALA C 34 6.45 -41.31 -35.89
N GLU C 35 6.23 -41.12 -34.57
CA GLU C 35 5.13 -41.64 -33.84
C GLU C 35 3.80 -40.81 -34.12
N MET C 36 3.83 -39.64 -34.78
CA MET C 36 2.65 -38.92 -35.17
C MET C 36 2.14 -39.36 -36.57
N LEU C 37 3.17 -39.56 -37.53
CA LEU C 37 2.88 -40.15 -38.84
C LEU C 37 2.57 -41.62 -38.81
N ARG C 38 2.89 -42.31 -37.76
CA ARG C 38 2.48 -43.72 -37.63
C ARG C 38 1.01 -43.92 -37.44
N SER C 39 0.26 -42.95 -36.81
CA SER C 39 -1.26 -43.01 -36.86
C SER C 39 -1.89 -42.92 -38.34
N SER C 40 -1.11 -42.40 -39.31
CA SER C 40 -1.58 -42.41 -40.72
C SER C 40 -0.72 -43.45 -41.48
N LEU C 41 -0.04 -44.39 -40.85
CA LEU C 41 0.64 -45.40 -41.55
C LEU C 41 -0.36 -46.38 -42.16
N GLY C 42 -0.32 -46.78 -43.46
CA GLY C 42 -1.15 -47.75 -44.13
C GLY C 42 -2.60 -47.43 -44.34
N PRO C 43 -3.28 -48.29 -45.16
CA PRO C 43 -4.56 -47.95 -45.76
C PRO C 43 -5.73 -48.06 -44.83
N LYS C 44 -5.58 -48.72 -43.67
CA LYS C 44 -6.50 -48.68 -42.53
C LYS C 44 -6.39 -47.53 -41.52
N GLY C 45 -5.50 -46.57 -41.84
CA GLY C 45 -4.94 -45.57 -40.90
C GLY C 45 -5.81 -44.50 -40.59
N LEU C 46 -5.34 -43.40 -39.99
CA LEU C 46 -6.27 -42.36 -39.54
C LEU C 46 -5.87 -40.99 -40.10
N ASP C 47 -6.93 -40.16 -40.33
CA ASP C 47 -6.85 -38.89 -40.99
C ASP C 47 -6.53 -37.78 -40.02
N LYS C 48 -5.74 -36.81 -40.36
CA LYS C 48 -5.54 -35.68 -39.55
C LYS C 48 -6.35 -34.50 -39.98
N MET C 49 -6.52 -33.46 -39.14
CA MET C 49 -7.25 -32.26 -39.46
C MET C 49 -6.26 -31.07 -39.25
N LEU C 50 -6.25 -30.19 -40.26
CA LEU C 50 -5.34 -29.07 -40.56
C LEU C 50 -6.19 -27.97 -40.99
N ILE C 51 -6.30 -26.91 -40.11
CA ILE C 51 -7.22 -25.85 -40.43
C ILE C 51 -6.39 -24.70 -40.89
N ASP C 52 -6.78 -24.11 -42.03
CA ASP C 52 -6.15 -22.98 -42.52
C ASP C 52 -6.32 -21.63 -41.72
N SER C 53 -5.39 -20.66 -41.91
CA SER C 53 -5.50 -19.32 -41.26
C SER C 53 -6.61 -18.43 -41.92
N PHE C 54 -7.01 -18.87 -43.15
CA PHE C 54 -8.19 -18.29 -43.82
C PHE C 54 -9.44 -19.09 -43.55
N GLY C 55 -9.35 -20.19 -42.91
CA GLY C 55 -10.52 -21.00 -42.43
C GLY C 55 -10.98 -22.24 -43.19
N ASP C 56 -10.25 -22.47 -44.28
CA ASP C 56 -10.39 -23.70 -45.12
C ASP C 56 -10.06 -24.89 -44.29
N VAL C 57 -10.97 -25.82 -43.96
CA VAL C 57 -10.62 -27.00 -43.12
C VAL C 57 -10.15 -28.09 -43.98
N THR C 58 -9.13 -28.86 -43.61
CA THR C 58 -8.41 -29.77 -44.45
C THR C 58 -8.21 -31.06 -43.69
N ILE C 59 -8.78 -32.21 -44.27
CA ILE C 59 -8.65 -33.55 -43.70
C ILE C 59 -7.89 -34.47 -44.57
N THR C 60 -6.73 -35.03 -44.12
CA THR C 60 -5.91 -35.96 -45.07
C THR C 60 -5.17 -37.06 -44.36
N ASN C 61 -4.73 -38.11 -45.10
CA ASN C 61 -3.85 -39.15 -44.45
C ASN C 61 -2.40 -38.98 -44.99
N ASP C 62 -2.24 -38.34 -46.19
CA ASP C 62 -0.98 -38.11 -46.90
C ASP C 62 0.02 -37.26 -46.13
N GLY C 63 1.23 -37.81 -46.05
CA GLY C 63 2.23 -37.42 -45.11
C GLY C 63 3.05 -36.35 -45.71
N ALA C 64 3.13 -36.20 -47.11
CA ALA C 64 3.85 -35.14 -47.80
C ALA C 64 2.98 -33.87 -47.75
N THR C 65 1.63 -34.06 -47.64
CA THR C 65 0.62 -33.00 -47.40
C THR C 65 0.51 -32.54 -45.98
N ILE C 66 0.52 -33.44 -44.93
CA ILE C 66 0.46 -33.15 -43.49
C ILE C 66 1.65 -32.42 -42.98
N VAL C 67 2.83 -32.80 -43.51
CA VAL C 67 4.03 -32.07 -43.32
C VAL C 67 4.01 -30.68 -44.00
N LYS C 68 3.55 -30.54 -45.24
CA LYS C 68 3.40 -29.28 -45.92
C LYS C 68 2.43 -28.34 -45.25
N GLU C 69 1.19 -28.82 -44.78
CA GLU C 69 0.19 -27.92 -44.17
C GLU C 69 0.49 -27.38 -42.77
N MET C 70 1.68 -27.77 -42.22
CA MET C 70 2.04 -27.59 -40.84
C MET C 70 3.32 -26.86 -40.69
N GLU C 71 3.32 -26.04 -39.58
CA GLU C 71 4.41 -25.22 -39.25
C GLU C 71 5.33 -26.00 -38.40
N ILE C 72 6.48 -26.25 -39.06
CA ILE C 72 7.45 -27.17 -38.46
C ILE C 72 8.43 -26.53 -37.54
N GLN C 73 8.41 -26.84 -36.24
CA GLN C 73 9.04 -26.07 -35.27
C GLN C 73 10.25 -26.62 -34.65
N HIS C 74 10.68 -27.87 -35.10
CA HIS C 74 11.91 -28.47 -34.59
C HIS C 74 12.85 -28.68 -35.78
N PRO C 75 14.09 -28.06 -35.80
CA PRO C 75 14.98 -28.09 -37.01
C PRO C 75 15.20 -29.50 -37.64
N ALA C 76 15.22 -30.63 -36.88
CA ALA C 76 15.54 -31.89 -37.41
C ALA C 76 14.39 -32.49 -38.25
N ALA C 77 13.24 -32.00 -37.87
CA ALA C 77 12.01 -32.28 -38.53
C ALA C 77 11.82 -31.45 -39.79
N LYS C 78 12.38 -30.26 -39.88
CA LYS C 78 12.58 -29.38 -41.03
C LYS C 78 13.52 -29.92 -42.02
N LEU C 79 14.58 -30.61 -41.52
CA LEU C 79 15.39 -31.47 -42.32
C LEU C 79 14.63 -32.63 -42.98
N LEU C 80 13.76 -33.34 -42.23
CA LEU C 80 12.91 -34.46 -42.67
C LEU C 80 11.93 -34.11 -43.65
N VAL C 81 11.41 -32.81 -43.71
CA VAL C 81 10.41 -32.38 -44.70
C VAL C 81 11.00 -32.42 -46.15
N GLU C 82 12.25 -32.05 -46.38
CA GLU C 82 12.77 -32.09 -47.75
C GLU C 82 12.87 -33.48 -48.41
N ALA C 83 13.00 -34.55 -47.67
CA ALA C 83 13.17 -35.93 -48.14
C ALA C 83 11.76 -36.32 -48.57
N ALA C 84 10.67 -35.95 -47.84
CA ALA C 84 9.33 -36.34 -48.11
C ALA C 84 8.94 -35.74 -49.41
N LYS C 85 8.95 -34.40 -49.50
CA LYS C 85 8.76 -33.76 -50.82
C LYS C 85 9.37 -34.46 -52.05
N ALA C 86 10.69 -34.66 -52.12
CA ALA C 86 11.37 -35.23 -53.23
C ALA C 86 10.81 -36.69 -53.49
N GLN C 87 10.44 -37.45 -52.43
CA GLN C 87 9.93 -38.77 -52.63
C GLN C 87 8.55 -38.78 -53.15
N ASP C 88 7.80 -37.72 -52.87
CA ASP C 88 6.42 -37.51 -53.17
C ASP C 88 6.29 -37.31 -54.66
N SER C 89 7.32 -36.86 -55.31
CA SER C 89 7.41 -36.69 -56.79
C SER C 89 7.48 -38.03 -57.59
N GLU C 90 8.01 -39.05 -56.85
CA GLU C 90 8.12 -40.41 -57.34
C GLU C 90 6.90 -41.26 -57.02
N VAL C 91 6.49 -41.33 -55.73
CA VAL C 91 5.31 -42.15 -55.24
C VAL C 91 4.58 -41.54 -54.02
N GLY C 92 3.26 -41.80 -53.81
CA GLY C 92 2.50 -41.09 -52.82
C GLY C 92 2.01 -41.86 -51.55
N ASP C 93 2.16 -43.17 -51.62
CA ASP C 93 1.84 -44.05 -50.45
C ASP C 93 3.06 -44.44 -49.68
N GLY C 94 4.08 -44.78 -50.36
CA GLY C 94 5.34 -45.16 -49.77
C GLY C 94 5.96 -44.09 -48.95
N THR C 95 5.79 -42.87 -49.47
CA THR C 95 6.26 -41.60 -48.80
C THR C 95 5.68 -41.26 -47.44
N THR C 96 4.42 -41.74 -47.22
CA THR C 96 3.76 -41.72 -45.90
C THR C 96 4.48 -42.64 -44.95
N SER C 97 4.81 -43.85 -45.38
CA SER C 97 5.68 -44.84 -44.72
C SER C 97 7.06 -44.36 -44.54
N ALA C 98 7.63 -43.68 -45.57
CA ALA C 98 8.97 -43.15 -45.50
C ALA C 98 9.33 -42.13 -44.37
N VAL C 99 8.41 -41.18 -43.88
CA VAL C 99 8.74 -40.38 -42.77
C VAL C 99 8.99 -41.20 -41.47
N VAL C 100 8.10 -42.19 -41.22
CA VAL C 100 8.25 -43.11 -40.04
C VAL C 100 9.58 -43.91 -40.08
N LEU C 101 10.04 -44.43 -41.28
CA LEU C 101 11.12 -45.34 -41.48
C LEU C 101 12.39 -44.68 -40.95
N ALA C 102 12.61 -43.37 -41.13
CA ALA C 102 13.76 -42.66 -40.66
C ALA C 102 13.94 -42.64 -39.16
N GLY C 103 12.85 -42.41 -38.42
CA GLY C 103 12.72 -42.53 -37.02
C GLY C 103 12.92 -43.86 -36.49
N LEU C 104 12.44 -44.90 -37.28
CA LEU C 104 12.45 -46.23 -36.82
C LEU C 104 13.85 -46.83 -36.85
N PHE C 105 14.76 -46.31 -37.66
CA PHE C 105 16.17 -46.59 -37.56
C PHE C 105 16.88 -45.74 -36.44
N LEU C 106 16.40 -44.46 -36.36
CA LEU C 106 16.84 -43.43 -35.48
C LEU C 106 16.64 -43.74 -34.04
N GLU C 107 15.53 -44.43 -33.79
CA GLU C 107 15.30 -44.82 -32.39
C GLU C 107 16.13 -46.09 -31.95
N LYS C 108 16.74 -46.83 -32.93
CA LYS C 108 17.77 -47.81 -32.70
C LYS C 108 19.13 -47.21 -32.58
N ALA C 109 19.44 -46.14 -33.27
CA ALA C 109 20.65 -45.30 -33.10
C ALA C 109 20.80 -44.70 -31.70
N GLU C 110 19.68 -44.16 -31.14
CA GLU C 110 19.67 -43.63 -29.79
C GLU C 110 19.95 -44.66 -28.64
N SER C 111 19.50 -45.89 -28.83
CA SER C 111 19.78 -47.08 -27.97
C SER C 111 21.28 -47.39 -27.97
N LEU C 112 21.88 -47.39 -29.20
CA LEU C 112 23.33 -47.60 -29.42
C LEU C 112 24.14 -46.48 -28.74
N VAL C 113 23.75 -45.16 -28.79
CA VAL C 113 24.35 -44.08 -28.03
C VAL C 113 24.24 -44.31 -26.49
N ASP C 114 23.10 -44.88 -25.99
CA ASP C 114 22.94 -45.14 -24.58
C ASP C 114 23.98 -46.18 -24.20
N GLN C 115 24.30 -47.15 -25.10
CA GLN C 115 25.41 -48.08 -25.05
C GLN C 115 26.86 -47.52 -25.12
N ASN C 116 26.96 -46.17 -25.09
CA ASN C 116 28.09 -45.39 -25.33
C ASN C 116 28.69 -45.32 -26.76
N ILE C 117 27.94 -45.68 -27.82
CA ILE C 117 28.61 -45.99 -29.11
C ILE C 117 28.66 -44.67 -29.87
N HIS C 118 29.89 -44.28 -30.33
CA HIS C 118 30.12 -42.97 -30.89
C HIS C 118 29.29 -42.81 -32.21
N PRO C 119 28.76 -41.68 -32.60
CA PRO C 119 27.83 -41.65 -33.72
C PRO C 119 28.37 -42.08 -35.04
N THR C 120 29.66 -41.88 -35.26
CA THR C 120 30.49 -42.31 -36.39
C THR C 120 30.39 -43.79 -36.65
N ILE C 121 30.49 -44.63 -35.56
CA ILE C 121 30.49 -46.05 -35.66
C ILE C 121 29.15 -46.53 -36.11
N ILE C 122 28.12 -45.90 -35.54
CA ILE C 122 26.74 -46.19 -35.82
C ILE C 122 26.48 -45.89 -37.32
N ILE C 123 26.89 -44.75 -37.88
CA ILE C 123 26.79 -44.29 -39.33
C ILE C 123 27.42 -45.34 -40.22
N GLU C 124 28.72 -45.75 -39.87
CA GLU C 124 29.44 -46.73 -40.66
C GLU C 124 28.89 -48.14 -40.59
N GLY C 125 28.17 -48.42 -39.48
CA GLY C 125 27.52 -49.69 -39.31
C GLY C 125 26.15 -49.82 -40.04
N PHE C 126 25.51 -48.67 -40.12
CA PHE C 126 24.20 -48.46 -40.75
C PHE C 126 24.41 -48.57 -42.24
N LYS C 127 25.48 -48.04 -42.68
CA LYS C 127 25.95 -48.05 -44.06
C LYS C 127 26.19 -49.49 -44.50
N LYS C 128 26.85 -50.28 -43.60
CA LYS C 128 27.08 -51.70 -43.87
C LYS C 128 25.80 -52.53 -43.82
N ALA C 129 24.79 -52.29 -42.90
CA ALA C 129 23.45 -52.97 -42.99
C ALA C 129 22.77 -52.70 -44.31
N PHE C 130 22.79 -51.40 -44.74
CA PHE C 130 22.21 -50.97 -45.96
C PHE C 130 22.86 -51.50 -47.27
N ASN C 131 24.18 -51.61 -47.28
CA ASN C 131 24.95 -52.23 -48.30
C ASN C 131 24.72 -53.77 -48.50
N LYS C 132 24.45 -54.47 -47.38
CA LYS C 132 24.10 -55.88 -47.40
C LYS C 132 22.72 -56.03 -48.09
N SER C 133 21.74 -55.11 -47.71
CA SER C 133 20.34 -55.10 -48.15
C SER C 133 20.28 -54.83 -49.62
N LEU C 134 21.18 -53.97 -50.14
CA LEU C 134 21.23 -53.66 -51.54
C LEU C 134 21.81 -54.76 -52.43
N GLU C 135 22.68 -55.68 -52.00
CA GLU C 135 23.08 -56.81 -52.77
C GLU C 135 22.14 -57.99 -52.59
N LEU C 136 21.20 -57.93 -51.69
CA LEU C 136 20.11 -58.88 -51.50
C LEU C 136 18.80 -58.44 -52.16
N LEU C 137 18.59 -57.11 -52.30
CA LEU C 137 17.38 -56.62 -53.02
C LEU C 137 17.33 -56.76 -54.53
N PRO C 138 18.41 -57.34 -55.12
CA PRO C 138 18.25 -57.81 -56.46
C PRO C 138 18.26 -59.35 -56.65
N GLN C 139 18.85 -60.00 -55.65
CA GLN C 139 18.85 -61.40 -55.56
C GLN C 139 17.52 -61.98 -54.96
N LEU C 140 16.99 -61.43 -53.84
CA LEU C 140 15.65 -61.78 -53.33
C LEU C 140 14.48 -61.37 -54.25
N ALA C 141 14.78 -60.34 -55.09
CA ALA C 141 13.75 -59.84 -56.03
C ALA C 141 13.45 -60.82 -57.15
N THR C 142 12.25 -60.58 -57.76
CA THR C 142 11.65 -61.41 -58.81
C THR C 142 11.55 -60.49 -60.02
N LYS C 143 11.97 -60.97 -61.19
CA LYS C 143 12.13 -60.09 -62.28
C LYS C 143 11.12 -60.40 -63.33
N VAL C 144 10.36 -59.39 -63.74
CA VAL C 144 9.24 -59.47 -64.65
C VAL C 144 9.87 -59.47 -66.05
N ASP C 145 10.93 -58.66 -66.32
CA ASP C 145 11.68 -58.51 -67.56
C ASP C 145 10.98 -57.90 -68.70
N VAL C 146 11.74 -57.04 -69.43
CA VAL C 146 11.35 -56.31 -70.62
C VAL C 146 9.94 -55.68 -70.56
N SER C 147 9.26 -55.54 -71.75
CA SER C 147 7.97 -54.84 -71.88
C SER C 147 6.84 -55.89 -72.02
N ASP C 148 7.26 -57.16 -71.78
CA ASP C 148 6.44 -58.34 -71.61
C ASP C 148 5.28 -58.54 -72.61
N LEU C 149 5.68 -58.56 -73.89
CA LEU C 149 4.94 -58.85 -75.09
C LEU C 149 4.00 -57.80 -75.41
N ASN C 150 4.33 -57.02 -76.50
CA ASN C 150 3.79 -55.73 -76.90
C ASN C 150 3.67 -54.64 -75.81
N SER C 151 2.40 -54.17 -75.59
CA SER C 151 2.04 -53.34 -74.42
C SER C 151 1.65 -54.05 -73.14
N ALA C 152 2.50 -54.96 -72.67
CA ALA C 152 2.24 -55.92 -71.58
C ALA C 152 1.00 -56.71 -71.69
N THR C 153 0.82 -57.58 -72.69
CA THR C 153 -0.48 -58.00 -73.12
C THR C 153 -1.08 -59.01 -72.20
N ALA C 154 -0.31 -59.67 -71.30
CA ALA C 154 -0.76 -60.86 -70.51
C ALA C 154 -1.21 -60.44 -69.13
N ARG C 155 -1.41 -59.14 -68.93
CA ARG C 155 -0.81 -58.30 -67.93
C ARG C 155 -0.11 -58.85 -66.64
N ASP C 156 -0.87 -59.66 -65.86
CA ASP C 156 -0.45 -60.30 -64.63
C ASP C 156 0.34 -59.39 -63.63
N ALA C 157 1.69 -59.41 -63.78
CA ALA C 157 2.56 -58.58 -62.88
C ALA C 157 2.20 -57.08 -62.85
N LEU C 158 2.03 -56.52 -64.07
CA LEU C 158 1.52 -55.18 -64.25
C LEU C 158 0.12 -54.93 -63.72
N LYS C 159 -0.79 -55.88 -63.89
CA LYS C 159 -2.09 -55.78 -63.28
C LYS C 159 -2.03 -55.66 -61.74
N LYS C 160 -1.12 -56.50 -61.16
CA LYS C 160 -0.89 -56.51 -59.72
C LYS C 160 -0.23 -55.20 -59.15
N ILE C 161 0.71 -54.51 -59.88
CA ILE C 161 1.33 -53.30 -59.35
C ILE C 161 0.41 -52.16 -59.48
N VAL C 162 -0.44 -52.22 -60.50
CA VAL C 162 -1.46 -51.10 -60.64
C VAL C 162 -2.59 -51.22 -59.66
N TYR C 163 -3.10 -52.42 -59.37
CA TYR C 163 -4.21 -52.70 -58.44
C TYR C 163 -3.78 -52.37 -57.08
N THR C 164 -2.50 -52.73 -56.78
CA THR C 164 -1.98 -52.53 -55.43
C THR C 164 -1.94 -51.07 -54.98
N THR C 165 -1.49 -50.20 -55.83
CA THR C 165 -1.49 -48.78 -55.52
C THR C 165 -2.94 -48.18 -55.36
N MET C 166 -3.89 -48.53 -56.27
CA MET C 166 -5.29 -48.12 -56.18
C MET C 166 -5.95 -48.72 -54.89
N SER C 167 -5.67 -50.03 -54.58
CA SER C 167 -6.23 -50.78 -53.45
C SER C 167 -5.84 -50.14 -52.15
N SER C 168 -4.59 -49.68 -52.05
CA SER C 168 -4.03 -48.96 -50.97
C SER C 168 -4.54 -47.61 -50.77
N LYS C 169 -4.72 -46.75 -51.80
CA LYS C 169 -5.19 -45.42 -51.59
C LYS C 169 -6.74 -45.15 -51.45
N PHE C 170 -7.54 -46.19 -51.41
CA PHE C 170 -9.04 -46.18 -51.35
C PHE C 170 -9.68 -47.35 -50.69
N MET C 171 -9.08 -48.52 -50.73
CA MET C 171 -9.69 -49.76 -50.32
C MET C 171 -11.06 -50.10 -50.92
N ALA C 172 -11.94 -50.90 -50.27
CA ALA C 172 -13.21 -51.36 -50.81
C ALA C 172 -13.15 -52.23 -52.08
N GLU C 173 -13.97 -51.96 -53.09
CA GLU C 173 -14.01 -52.67 -54.31
C GLU C 173 -13.35 -51.88 -55.36
N GLY C 174 -14.20 -51.23 -56.20
CA GLY C 174 -13.66 -50.29 -57.17
C GLY C 174 -13.18 -50.93 -58.43
N GLU C 175 -13.58 -52.20 -58.60
CA GLU C 175 -13.32 -53.15 -59.64
C GLU C 175 -13.78 -52.75 -61.03
N GLU C 176 -15.00 -52.18 -61.09
CA GLU C 176 -15.61 -51.60 -62.30
C GLU C 176 -15.05 -50.22 -62.55
N LEU C 177 -14.14 -49.68 -61.68
CA LEU C 177 -13.31 -48.49 -61.91
C LEU C 177 -11.95 -48.85 -62.39
N ASN C 178 -11.42 -49.92 -61.85
CA ASN C 178 -10.17 -50.53 -62.15
C ASN C 178 -10.12 -51.01 -63.60
N LYS C 179 -11.15 -51.69 -64.10
CA LYS C 179 -11.04 -52.21 -65.42
C LYS C 179 -10.86 -51.18 -66.57
N ILE C 180 -11.64 -50.06 -66.49
CA ILE C 180 -11.53 -48.84 -67.38
C ILE C 180 -10.14 -48.18 -67.18
N MET C 181 -9.66 -48.10 -65.93
CA MET C 181 -8.33 -47.64 -65.65
C MET C 181 -7.23 -48.45 -66.24
N ASP C 182 -7.42 -49.75 -66.34
CA ASP C 182 -6.58 -50.72 -67.07
C ASP C 182 -6.59 -50.47 -68.55
N ILE C 183 -7.75 -50.18 -69.25
CA ILE C 183 -7.78 -49.80 -70.67
C ILE C 183 -6.96 -48.49 -70.85
N VAL C 184 -7.11 -47.47 -69.91
CA VAL C 184 -6.28 -46.28 -69.89
C VAL C 184 -4.81 -46.52 -69.58
N ILE C 185 -4.37 -47.35 -68.66
CA ILE C 185 -2.97 -47.67 -68.46
C ILE C 185 -2.37 -48.34 -69.67
N ASP C 186 -3.09 -49.30 -70.29
CA ASP C 186 -2.65 -50.02 -71.44
C ASP C 186 -2.46 -49.11 -72.71
N ALA C 187 -3.39 -48.17 -72.93
CA ALA C 187 -3.19 -47.14 -73.93
C ALA C 187 -2.01 -46.22 -73.64
N VAL C 188 -1.78 -45.79 -72.39
CA VAL C 188 -0.70 -45.07 -71.91
C VAL C 188 0.68 -45.80 -72.05
N THR C 189 0.71 -47.15 -71.78
CA THR C 189 1.89 -48.01 -71.97
C THR C 189 2.46 -48.02 -73.37
N THR C 190 1.66 -48.06 -74.40
CA THR C 190 2.03 -47.89 -75.78
C THR C 190 2.74 -46.61 -76.03
N VAL C 191 2.40 -45.50 -75.42
CA VAL C 191 2.99 -44.18 -75.53
C VAL C 191 4.45 -44.13 -75.13
N ALA C 192 4.80 -44.36 -73.84
CA ALA C 192 6.03 -44.96 -73.35
C ALA C 192 6.77 -45.82 -74.40
N GLU C 193 8.10 -45.76 -74.47
CA GLU C 193 8.83 -46.54 -75.45
C GLU C 193 10.19 -46.94 -74.94
N PRO C 194 10.94 -47.99 -75.34
CA PRO C 194 11.66 -48.77 -74.34
C PRO C 194 13.13 -48.64 -74.54
N LEU C 195 13.89 -48.97 -73.49
CA LEU C 195 15.36 -48.66 -73.45
C LEU C 195 16.11 -49.96 -72.89
N PRO C 196 17.44 -50.12 -73.15
CA PRO C 196 18.20 -51.33 -72.79
C PRO C 196 18.11 -51.85 -71.35
N ASP C 197 17.98 -53.14 -71.23
CA ASP C 197 18.37 -53.79 -70.06
C ASP C 197 17.34 -53.58 -68.97
N GLY C 198 16.07 -53.22 -69.33
CA GLY C 198 14.91 -52.96 -68.39
C GLY C 198 14.85 -51.48 -68.03
N GLY C 199 15.21 -50.60 -69.01
CA GLY C 199 14.91 -49.10 -68.97
C GLY C 199 13.79 -48.69 -69.75
N TYR C 200 13.29 -47.45 -69.54
CA TYR C 200 12.11 -46.96 -70.21
C TYR C 200 12.10 -45.45 -70.40
N ASN C 201 11.38 -44.95 -71.43
CA ASN C 201 11.20 -43.58 -71.56
C ASN C 201 9.75 -43.26 -71.26
N VAL C 202 9.42 -42.48 -70.21
CA VAL C 202 8.07 -42.44 -69.68
C VAL C 202 7.96 -41.04 -69.24
N SER C 203 6.79 -40.49 -69.57
CA SER C 203 6.57 -39.03 -69.34
C SER C 203 5.15 -38.84 -68.83
N LEU C 204 5.02 -38.44 -67.58
CA LEU C 204 3.74 -38.02 -67.07
C LEU C 204 3.59 -36.52 -67.16
N ASP C 205 4.65 -35.78 -67.47
CA ASP C 205 4.61 -34.35 -67.68
C ASP C 205 4.04 -33.95 -69.03
N LEU C 206 4.01 -34.91 -69.98
CA LEU C 206 3.47 -34.84 -71.34
C LEU C 206 2.02 -35.43 -71.48
N ILE C 207 1.52 -36.02 -70.37
CA ILE C 207 0.15 -36.55 -70.16
C ILE C 207 -0.71 -35.45 -69.66
N LYS C 208 -1.93 -35.29 -70.18
CA LYS C 208 -2.83 -34.20 -69.87
C LYS C 208 -4.22 -34.83 -69.66
N ILE C 209 -4.88 -34.57 -68.57
CA ILE C 209 -6.22 -35.27 -68.37
C ILE C 209 -7.32 -34.15 -68.23
N ASP C 210 -8.43 -34.30 -69.04
CA ASP C 210 -9.63 -33.53 -69.01
C ASP C 210 -10.80 -34.29 -68.56
N LYS C 211 -11.48 -33.73 -67.52
CA LYS C 211 -12.69 -34.34 -67.06
C LYS C 211 -13.93 -33.62 -67.27
N LYS C 212 -14.96 -34.28 -67.93
CA LYS C 212 -16.25 -33.75 -68.35
C LYS C 212 -17.30 -34.62 -67.76
N LYS C 213 -18.40 -34.04 -67.22
CA LYS C 213 -19.50 -34.81 -66.59
C LYS C 213 -20.47 -35.39 -67.51
N GLY C 214 -21.52 -36.10 -67.03
CA GLY C 214 -22.86 -36.26 -67.68
C GLY C 214 -22.94 -37.57 -68.54
N GLY C 215 -22.04 -38.54 -68.33
CA GLY C 215 -22.09 -39.76 -69.02
C GLY C 215 -21.64 -40.87 -68.11
N THR C 216 -20.75 -41.77 -68.59
CA THR C 216 -20.37 -42.93 -67.86
C THR C 216 -18.83 -43.05 -67.79
N ILE C 217 -18.26 -43.80 -66.82
CA ILE C 217 -16.76 -43.88 -66.77
C ILE C 217 -16.19 -44.61 -67.99
N GLU C 218 -17.01 -45.59 -68.42
CA GLU C 218 -16.90 -46.38 -69.63
C GLU C 218 -16.77 -45.56 -70.92
N ASP C 219 -17.07 -44.25 -70.92
CA ASP C 219 -17.03 -43.37 -72.07
C ASP C 219 -15.69 -42.55 -72.01
N SER C 220 -14.77 -42.87 -71.05
CA SER C 220 -13.46 -42.28 -71.08
C SER C 220 -12.63 -42.89 -72.27
N GLN C 221 -11.71 -42.03 -72.79
CA GLN C 221 -10.94 -42.32 -73.97
C GLN C 221 -9.65 -41.67 -73.95
N LEU C 222 -8.65 -42.27 -74.66
CA LEU C 222 -7.50 -41.48 -75.14
C LEU C 222 -7.67 -40.55 -76.41
N ILE C 223 -6.88 -39.43 -76.46
CA ILE C 223 -6.86 -38.68 -77.68
C ILE C 223 -5.38 -38.58 -78.12
N ARG C 224 -5.02 -38.86 -79.40
CA ARG C 224 -3.64 -38.87 -79.88
C ARG C 224 -3.37 -37.51 -80.58
N GLY C 225 -3.51 -36.43 -79.76
CA GLY C 225 -3.52 -35.03 -80.08
C GLY C 225 -3.97 -34.32 -78.82
N ILE C 226 -4.12 -33.00 -78.90
CA ILE C 226 -4.35 -32.19 -77.74
C ILE C 226 -5.81 -31.78 -77.73
N VAL C 227 -6.50 -31.68 -76.56
CA VAL C 227 -7.84 -31.17 -76.36
C VAL C 227 -7.68 -29.84 -75.66
N LEU C 228 -8.18 -28.70 -76.16
CA LEU C 228 -8.17 -27.35 -75.60
C LEU C 228 -9.49 -27.05 -75.00
N ASP C 229 -9.50 -26.73 -73.67
CA ASP C 229 -10.73 -26.30 -72.95
C ASP C 229 -11.22 -24.95 -73.49
N LYS C 230 -10.32 -23.91 -73.72
CA LYS C 230 -10.52 -22.61 -74.36
C LYS C 230 -11.23 -22.63 -75.61
N GLU C 231 -11.71 -21.49 -75.97
CA GLU C 231 -12.60 -21.34 -77.14
C GLU C 231 -12.04 -20.71 -78.44
N VAL C 232 -12.55 -21.21 -79.62
CA VAL C 232 -12.62 -20.45 -80.84
C VAL C 232 -13.67 -19.27 -80.76
N VAL C 233 -13.41 -18.29 -79.86
CA VAL C 233 -13.67 -16.84 -80.11
C VAL C 233 -14.86 -16.34 -81.00
N HIS C 234 -14.63 -15.41 -81.91
CA HIS C 234 -15.62 -15.02 -82.93
C HIS C 234 -16.26 -16.18 -83.68
N ALA C 235 -17.57 -16.20 -83.77
CA ALA C 235 -18.38 -17.13 -84.47
C ALA C 235 -18.15 -17.36 -85.99
N GLY C 236 -17.65 -16.36 -86.73
CA GLY C 236 -17.28 -16.38 -88.20
C GLY C 236 -16.10 -17.22 -88.54
N MET C 237 -15.23 -17.56 -87.62
CA MET C 237 -14.17 -18.61 -87.90
C MET C 237 -14.66 -20.07 -88.21
N PRO C 238 -14.13 -20.90 -89.17
CA PRO C 238 -14.38 -22.34 -89.30
C PRO C 238 -14.56 -23.14 -88.05
N ARG C 239 -15.36 -24.26 -88.00
CA ARG C 239 -15.55 -25.05 -86.76
C ARG C 239 -14.81 -26.34 -86.94
N ARG C 240 -14.33 -26.64 -88.15
CA ARG C 240 -13.52 -27.87 -88.37
C ARG C 240 -12.53 -27.52 -89.54
N VAL C 241 -11.23 -27.90 -89.36
CA VAL C 241 -10.09 -27.78 -90.34
C VAL C 241 -9.28 -29.09 -90.54
N GLU C 242 -9.14 -29.37 -91.84
CA GLU C 242 -8.48 -30.59 -92.34
C GLU C 242 -7.17 -30.29 -93.08
N LYS C 243 -6.11 -31.03 -92.61
CA LYS C 243 -4.73 -30.84 -93.04
C LYS C 243 -4.32 -29.41 -92.64
N ALA C 244 -4.39 -29.10 -91.32
CA ALA C 244 -3.99 -27.91 -90.70
C ALA C 244 -2.56 -27.69 -90.38
N LYS C 245 -2.16 -26.49 -90.79
CA LYS C 245 -0.83 -25.88 -90.52
C LYS C 245 -1.02 -24.97 -89.34
N ILE C 246 -0.43 -25.37 -88.22
CA ILE C 246 -0.69 -24.75 -86.97
C ILE C 246 0.40 -23.75 -86.59
N ALA C 247 -0.01 -22.44 -86.52
CA ALA C 247 0.89 -21.42 -85.95
C ALA C 247 0.65 -21.20 -84.50
N VAL C 248 1.64 -21.22 -83.68
CA VAL C 248 1.54 -21.04 -82.25
C VAL C 248 2.20 -19.73 -81.92
N LEU C 249 1.49 -18.81 -81.19
CA LEU C 249 1.99 -17.49 -81.09
C LEU C 249 1.99 -17.07 -79.58
N ASP C 250 3.13 -16.57 -79.05
CA ASP C 250 3.44 -16.31 -77.65
C ASP C 250 3.18 -14.80 -77.42
N ALA C 251 2.86 -14.10 -78.56
CA ALA C 251 2.70 -12.71 -78.78
C ALA C 251 1.23 -12.47 -78.87
N SER C 252 0.81 -11.26 -78.42
CA SER C 252 -0.64 -10.93 -78.62
C SER C 252 -1.04 -11.00 -80.04
N LEU C 253 -2.34 -11.27 -80.27
CA LEU C 253 -2.94 -10.76 -81.50
C LEU C 253 -3.80 -9.59 -81.07
N GLU C 254 -3.10 -8.57 -80.56
CA GLU C 254 -3.40 -7.26 -80.13
C GLU C 254 -2.12 -6.39 -80.28
N VAL C 255 -2.19 -5.06 -80.53
CA VAL C 255 -1.01 -4.24 -80.46
C VAL C 255 -0.18 -4.32 -79.27
N GLU C 256 1.06 -4.17 -79.56
CA GLU C 256 2.11 -4.34 -78.64
C GLU C 256 2.80 -3.01 -78.36
N LYS C 257 2.07 -1.92 -78.72
CA LYS C 257 2.52 -0.51 -78.54
C LYS C 257 3.71 -0.02 -79.49
N PRO C 258 3.80 1.34 -79.74
CA PRO C 258 4.92 1.85 -80.59
C PRO C 258 6.17 1.92 -79.80
N GLU C 259 7.35 2.05 -80.40
CA GLU C 259 8.59 2.01 -79.70
C GLU C 259 8.80 3.14 -78.75
N ILE C 260 8.56 4.39 -79.17
CA ILE C 260 8.67 5.58 -78.38
C ILE C 260 7.58 6.57 -78.81
N SER C 261 6.90 7.25 -77.80
CA SER C 261 5.46 7.38 -77.70
C SER C 261 5.12 8.52 -76.82
N ALA C 262 3.87 8.83 -76.70
CA ALA C 262 3.25 9.83 -75.86
C ALA C 262 1.83 9.45 -75.59
N LYS C 263 1.34 10.06 -74.55
CA LYS C 263 -0.02 9.81 -74.11
C LYS C 263 -0.60 11.15 -73.78
N ILE C 264 -1.62 11.61 -74.58
CA ILE C 264 -2.47 12.73 -74.45
C ILE C 264 -3.95 12.45 -74.61
N SER C 265 -4.74 13.48 -74.16
CA SER C 265 -6.15 13.50 -74.19
C SER C 265 -6.74 13.97 -75.49
N ILE C 266 -7.26 12.96 -76.32
CA ILE C 266 -7.66 13.28 -77.67
C ILE C 266 -9.15 13.58 -77.60
N THR C 267 -9.66 14.67 -78.20
CA THR C 267 -11.01 15.10 -78.28
C THR C 267 -11.58 14.95 -79.72
N SER C 268 -11.34 15.79 -80.71
CA SER C 268 -11.06 15.43 -82.11
C SER C 268 -11.58 14.23 -82.77
N PRO C 269 -12.90 14.08 -83.15
CA PRO C 269 -13.57 12.77 -83.30
C PRO C 269 -12.90 12.01 -84.51
N ASP C 270 -12.67 12.70 -85.58
CA ASP C 270 -12.04 12.16 -86.76
C ASP C 270 -10.65 11.66 -86.56
N GLN C 271 -9.87 12.23 -85.63
CA GLN C 271 -8.54 11.75 -85.33
C GLN C 271 -8.59 10.62 -84.40
N ILE C 272 -9.75 10.43 -83.71
CA ILE C 272 -9.97 9.30 -82.92
C ILE C 272 -10.25 8.13 -83.84
N LYS C 273 -10.97 8.25 -84.92
CA LYS C 273 -11.18 7.16 -85.84
C LYS C 273 -9.88 6.80 -86.59
N ALA C 274 -8.98 7.75 -86.85
CA ALA C 274 -7.83 7.42 -87.63
C ALA C 274 -6.73 6.74 -86.80
N PHE C 275 -6.70 7.03 -85.48
CA PHE C 275 -5.87 6.32 -84.58
C PHE C 275 -6.38 4.85 -84.43
N LEU C 276 -7.65 4.61 -84.47
CA LEU C 276 -8.32 3.35 -84.40
C LEU C 276 -8.10 2.54 -85.65
N ASP C 277 -8.15 3.18 -86.84
CA ASP C 277 -7.85 2.56 -88.11
C ASP C 277 -6.37 2.23 -88.29
N GLU C 278 -5.43 2.97 -87.64
CA GLU C 278 -4.05 2.70 -87.49
C GLU C 278 -3.85 1.52 -86.65
N GLU C 279 -4.68 1.28 -85.68
CA GLU C 279 -4.52 0.05 -84.88
C GLU C 279 -5.06 -1.24 -85.66
N ALA C 280 -6.00 -0.99 -86.57
CA ALA C 280 -6.59 -2.05 -87.34
C ALA C 280 -5.73 -2.53 -88.46
N LYS C 281 -4.94 -1.62 -88.99
CA LYS C 281 -3.97 -2.09 -90.01
C LYS C 281 -2.74 -2.87 -89.56
N TYR C 282 -2.45 -2.78 -88.25
CA TYR C 282 -1.50 -3.57 -87.56
C TYR C 282 -2.05 -4.92 -87.24
N LEU C 283 -3.36 -5.04 -86.87
CA LEU C 283 -3.93 -6.43 -86.69
C LEU C 283 -4.01 -7.15 -88.01
N LYS C 284 -4.41 -6.41 -89.07
CA LYS C 284 -4.56 -7.00 -90.40
C LYS C 284 -3.27 -7.42 -91.02
N ASP C 285 -2.14 -6.76 -90.58
CA ASP C 285 -0.79 -7.05 -90.86
C ASP C 285 -0.40 -8.40 -90.25
N MET C 286 -0.54 -8.51 -88.96
CA MET C 286 -0.36 -9.72 -88.20
C MET C 286 -1.06 -10.96 -88.80
N VAL C 287 -2.39 -10.79 -89.27
CA VAL C 287 -3.04 -11.84 -90.02
C VAL C 287 -2.41 -12.05 -91.36
N ASP C 288 -2.07 -11.02 -92.15
CA ASP C 288 -1.42 -11.18 -93.48
C ASP C 288 -0.02 -11.94 -93.39
N LYS C 289 0.72 -11.76 -92.25
CA LYS C 289 2.00 -12.47 -91.98
C LYS C 289 1.67 -13.93 -91.77
N LEU C 290 0.61 -14.29 -90.96
CA LEU C 290 0.13 -15.62 -90.74
C LEU C 290 -0.29 -16.28 -92.05
N ALA C 291 -1.03 -15.54 -92.84
CA ALA C 291 -1.57 -16.04 -94.12
C ALA C 291 -0.50 -16.24 -95.20
N SER C 292 0.63 -15.55 -95.06
CA SER C 292 1.81 -15.74 -95.89
C SER C 292 2.58 -16.99 -95.53
N ILE C 293 2.71 -17.33 -94.21
CA ILE C 293 3.15 -18.64 -93.78
C ILE C 293 2.26 -19.82 -94.24
N GLY C 294 0.96 -19.53 -94.52
CA GLY C 294 -0.05 -20.49 -94.99
C GLY C 294 -0.74 -21.23 -93.81
N ALA C 295 -0.82 -20.54 -92.62
CA ALA C 295 -1.39 -21.09 -91.39
C ALA C 295 -2.94 -21.22 -91.45
N ASN C 296 -3.53 -22.32 -91.00
CA ASN C 296 -4.92 -22.64 -90.98
C ASN C 296 -5.51 -22.53 -89.57
N VAL C 297 -4.70 -22.87 -88.52
CA VAL C 297 -5.02 -22.68 -87.17
C VAL C 297 -4.05 -21.62 -86.58
N VAL C 298 -4.54 -20.95 -85.53
CA VAL C 298 -3.61 -20.17 -84.74
C VAL C 298 -3.97 -20.43 -83.23
N ILE C 299 -2.91 -20.49 -82.41
CA ILE C 299 -2.93 -20.74 -80.98
C ILE C 299 -2.37 -19.44 -80.41
N CYS C 300 -3.03 -18.79 -79.48
CA CYS C 300 -2.54 -17.65 -78.82
C CYS C 300 -2.47 -17.70 -77.33
N GLN C 301 -1.26 -17.44 -76.72
CA GLN C 301 -1.11 -17.69 -75.31
C GLN C 301 -1.43 -16.32 -74.54
N LYS C 302 -1.76 -15.29 -75.33
CA LYS C 302 -2.31 -14.08 -74.86
C LYS C 302 -3.65 -13.93 -75.58
N GLY C 303 -4.47 -12.84 -75.37
CA GLY C 303 -5.51 -12.31 -76.21
C GLY C 303 -5.33 -12.05 -77.70
N ILE C 304 -6.53 -12.04 -78.31
CA ILE C 304 -6.78 -11.74 -79.73
C ILE C 304 -7.80 -10.60 -79.85
N ASP C 305 -7.56 -9.39 -80.38
CA ASP C 305 -8.45 -8.23 -80.66
C ASP C 305 -9.62 -8.60 -81.47
N ASP C 306 -10.77 -7.86 -81.30
CA ASP C 306 -11.97 -8.13 -82.17
C ASP C 306 -11.65 -7.93 -83.66
N ILE C 307 -10.93 -6.88 -84.00
CA ILE C 307 -10.51 -6.59 -85.39
C ILE C 307 -9.71 -7.76 -85.94
N ALA C 308 -8.74 -8.27 -85.12
CA ALA C 308 -7.91 -9.43 -85.55
C ALA C 308 -8.78 -10.73 -85.77
N GLN C 309 -9.91 -10.90 -85.08
CA GLN C 309 -10.81 -12.00 -85.25
C GLN C 309 -11.70 -11.77 -86.49
N HIS C 310 -12.00 -10.52 -86.81
CA HIS C 310 -12.63 -10.25 -88.11
C HIS C 310 -11.78 -10.64 -89.33
N PHE C 311 -10.48 -10.25 -89.31
CA PHE C 311 -9.48 -10.66 -90.30
C PHE C 311 -9.03 -12.16 -90.29
N LEU C 312 -9.16 -12.80 -89.17
CA LEU C 312 -8.89 -14.27 -89.11
C LEU C 312 -9.98 -15.05 -89.77
N ALA C 313 -11.28 -14.63 -89.62
CA ALA C 313 -12.37 -15.32 -90.29
C ALA C 313 -12.31 -15.12 -91.78
N LYS C 314 -11.97 -13.86 -92.19
CA LYS C 314 -11.80 -13.57 -93.61
C LYS C 314 -10.70 -14.42 -94.35
N ARG C 315 -9.51 -14.62 -93.79
CA ARG C 315 -8.56 -15.56 -94.36
C ARG C 315 -8.91 -17.02 -94.11
N GLY C 316 -9.93 -17.36 -93.30
CA GLY C 316 -10.23 -18.78 -93.13
C GLY C 316 -9.50 -19.58 -92.08
N ILE C 317 -9.19 -18.87 -90.95
CA ILE C 317 -8.17 -19.35 -90.01
C ILE C 317 -8.89 -19.73 -88.75
N LEU C 318 -8.63 -20.86 -88.11
CA LEU C 318 -9.31 -21.26 -86.89
C LEU C 318 -8.39 -20.86 -85.75
N ALA C 319 -8.78 -19.85 -85.02
CA ALA C 319 -8.00 -19.33 -83.92
C ALA C 319 -8.61 -19.68 -82.55
N VAL C 320 -7.75 -19.90 -81.47
CA VAL C 320 -8.14 -20.10 -80.07
C VAL C 320 -7.52 -18.88 -79.42
N ARG C 321 -8.10 -18.28 -78.39
CA ARG C 321 -7.37 -17.17 -77.77
C ARG C 321 -6.55 -17.77 -76.61
N ARG C 322 -6.43 -17.12 -75.39
CA ARG C 322 -5.73 -17.46 -74.11
C ARG C 322 -5.38 -18.89 -73.64
N VAL C 323 -4.56 -19.65 -74.27
CA VAL C 323 -4.32 -21.05 -73.76
C VAL C 323 -3.03 -21.12 -72.81
N LYS C 324 -3.07 -21.79 -71.63
CA LYS C 324 -2.03 -21.79 -70.67
C LYS C 324 -0.66 -22.46 -71.03
N ARG C 325 0.50 -22.01 -70.44
CA ARG C 325 1.87 -22.41 -70.71
C ARG C 325 2.15 -23.96 -70.84
N SER C 326 1.47 -24.88 -70.06
CA SER C 326 1.66 -26.29 -70.00
C SER C 326 1.14 -26.90 -71.28
N ASP C 327 -0.03 -26.44 -71.76
CA ASP C 327 -0.73 -26.96 -72.88
C ASP C 327 0.09 -26.73 -74.14
N ILE C 328 0.87 -25.65 -74.15
CA ILE C 328 1.67 -25.30 -75.30
C ILE C 328 2.81 -26.19 -75.43
N GLU C 329 3.47 -26.66 -74.29
CA GLU C 329 4.66 -27.55 -74.39
C GLU C 329 4.23 -28.81 -75.04
N LYS C 330 2.98 -29.32 -74.80
CA LYS C 330 2.44 -30.60 -75.33
C LYS C 330 2.03 -30.57 -76.78
N LEU C 331 1.45 -29.38 -77.20
CA LEU C 331 1.15 -29.17 -78.61
C LEU C 331 2.34 -28.96 -79.50
N GLU C 332 3.38 -28.29 -78.98
CA GLU C 332 4.64 -28.12 -79.68
C GLU C 332 5.20 -29.49 -79.94
N LYS C 333 5.47 -30.29 -78.86
CA LYS C 333 6.00 -31.64 -79.01
C LYS C 333 5.15 -32.58 -79.93
N ALA C 334 3.80 -32.44 -79.90
CA ALA C 334 3.00 -33.39 -80.59
C ALA C 334 2.67 -33.10 -82.01
N LEU C 335 2.73 -31.79 -82.39
CA LEU C 335 2.43 -31.40 -83.73
C LEU C 335 3.65 -31.10 -84.51
N GLY C 336 4.86 -31.19 -83.91
CA GLY C 336 6.02 -30.59 -84.58
C GLY C 336 6.16 -29.12 -84.69
N ALA C 337 5.45 -28.39 -83.85
CA ALA C 337 5.63 -26.95 -83.75
C ALA C 337 6.81 -26.44 -82.96
N ARG C 338 7.19 -25.12 -83.13
CA ARG C 338 8.31 -24.59 -82.48
C ARG C 338 8.11 -23.10 -82.01
N ILE C 339 6.84 -22.56 -82.14
CA ILE C 339 6.33 -21.47 -81.28
C ILE C 339 6.88 -20.08 -81.66
N ILE C 340 6.00 -19.17 -82.09
CA ILE C 340 6.40 -17.88 -82.66
C ILE C 340 6.18 -16.86 -81.55
N SER C 341 7.26 -16.16 -81.27
CA SER C 341 7.11 -14.88 -80.50
C SER C 341 7.15 -13.72 -81.40
N SER C 342 7.36 -13.95 -82.68
CA SER C 342 7.78 -12.93 -83.60
C SER C 342 6.91 -13.03 -84.83
N ILE C 343 5.65 -12.45 -84.83
CA ILE C 343 4.73 -12.53 -85.97
C ILE C 343 5.36 -11.78 -87.22
N LYS C 344 6.00 -10.62 -86.95
CA LYS C 344 6.78 -9.85 -87.95
C LYS C 344 7.83 -10.53 -88.82
N ASP C 345 8.60 -11.43 -88.25
CA ASP C 345 9.52 -12.26 -89.08
C ASP C 345 8.85 -13.41 -89.92
N ALA C 346 7.49 -13.68 -89.70
CA ALA C 346 6.75 -14.69 -90.51
C ALA C 346 7.59 -15.95 -90.91
N THR C 347 8.12 -16.67 -89.90
CA THR C 347 9.31 -17.63 -90.13
C THR C 347 8.81 -19.06 -90.16
N PRO C 348 8.84 -19.81 -91.36
CA PRO C 348 7.56 -20.41 -91.78
C PRO C 348 7.79 -21.86 -91.32
N GLU C 349 9.00 -22.16 -90.83
CA GLU C 349 9.43 -23.43 -90.39
C GLU C 349 9.15 -23.66 -88.95
N ASP C 350 8.68 -22.65 -88.15
CA ASP C 350 8.40 -22.93 -86.79
C ASP C 350 6.99 -23.41 -86.57
N LEU C 351 6.32 -23.89 -87.67
CA LEU C 351 4.95 -24.17 -87.96
C LEU C 351 4.85 -25.66 -87.76
N GLY C 352 3.76 -26.17 -87.07
CA GLY C 352 3.55 -27.57 -86.87
C GLY C 352 2.39 -28.00 -87.81
N TYR C 353 2.03 -29.28 -87.77
CA TYR C 353 1.14 -29.93 -88.69
C TYR C 353 0.11 -30.92 -88.03
N ALA C 354 -1.18 -30.80 -88.38
CA ALA C 354 -2.21 -31.70 -87.83
C ALA C 354 -2.98 -32.24 -89.01
N GLU C 355 -3.39 -33.53 -88.88
CA GLU C 355 -4.40 -34.00 -89.81
C GLU C 355 -5.71 -33.29 -89.68
N LEU C 356 -6.12 -33.01 -88.44
CA LEU C 356 -7.33 -32.24 -88.31
C LEU C 356 -7.35 -31.41 -86.95
N VAL C 357 -8.29 -30.34 -86.87
CA VAL C 357 -8.52 -29.45 -85.82
C VAL C 357 -10.02 -29.24 -85.96
N GLU C 358 -10.76 -29.53 -84.90
CA GLU C 358 -12.12 -29.12 -84.93
C GLU C 358 -12.52 -28.62 -83.57
N GLU C 359 -13.61 -27.79 -83.49
CA GLU C 359 -14.33 -27.52 -82.21
C GLU C 359 -15.44 -28.53 -82.08
N ARG C 360 -15.50 -29.15 -80.85
CA ARG C 360 -16.26 -30.40 -80.59
C ARG C 360 -16.94 -30.25 -79.26
N LYS C 361 -18.18 -30.74 -78.97
CA LYS C 361 -18.84 -30.78 -77.73
C LYS C 361 -18.54 -31.95 -76.80
N VAL C 362 -18.15 -31.70 -75.59
CA VAL C 362 -18.18 -32.75 -74.62
C VAL C 362 -19.08 -32.28 -73.54
N GLY C 363 -20.20 -33.02 -73.28
CA GLY C 363 -21.19 -32.54 -72.39
C GLY C 363 -22.00 -31.39 -72.93
N ASN C 364 -22.00 -30.16 -72.40
CA ASN C 364 -22.54 -29.04 -73.04
C ASN C 364 -21.35 -28.16 -73.49
N ASP C 365 -20.15 -28.42 -72.97
CA ASP C 365 -19.04 -27.54 -73.22
C ASP C 365 -18.47 -27.83 -74.64
N LYS C 366 -18.18 -26.65 -75.20
CA LYS C 366 -17.31 -26.61 -76.40
C LYS C 366 -15.82 -26.80 -76.06
N MET C 367 -15.00 -27.41 -76.91
CA MET C 367 -13.61 -27.81 -76.66
C MET C 367 -13.01 -27.84 -78.00
N VAL C 368 -11.74 -27.43 -78.23
CA VAL C 368 -11.06 -27.48 -79.50
C VAL C 368 -10.07 -28.54 -79.50
N PHE C 369 -10.16 -29.54 -80.43
CA PHE C 369 -9.44 -30.78 -80.32
C PHE C 369 -8.57 -30.78 -81.56
N ILE C 370 -7.26 -31.01 -81.29
CA ILE C 370 -6.27 -31.23 -82.33
C ILE C 370 -5.95 -32.71 -82.27
N GLU C 371 -6.19 -33.47 -83.37
CA GLU C 371 -6.03 -34.92 -83.32
C GLU C 371 -5.61 -35.38 -84.72
N GLY C 372 -5.05 -36.64 -84.89
CA GLY C 372 -4.45 -36.92 -86.21
C GLY C 372 -2.95 -36.60 -86.25
N ALA C 373 -2.15 -37.15 -85.40
CA ALA C 373 -0.81 -36.61 -85.10
C ALA C 373 0.24 -37.59 -85.40
N LYS C 374 1.26 -37.33 -86.33
CA LYS C 374 2.33 -38.22 -86.67
C LYS C 374 3.23 -38.48 -85.41
N ASN C 375 3.33 -39.70 -84.86
CA ASN C 375 4.37 -40.03 -83.92
C ASN C 375 4.29 -39.37 -82.41
N PRO C 376 3.17 -39.27 -81.71
CA PRO C 376 3.12 -38.69 -80.36
C PRO C 376 3.83 -39.47 -79.32
N LYS C 377 4.53 -38.74 -78.46
CA LYS C 377 5.02 -39.26 -77.16
C LYS C 377 4.26 -38.42 -76.13
N ALA C 378 3.22 -37.69 -76.60
CA ALA C 378 2.41 -36.76 -75.81
C ALA C 378 0.89 -36.92 -76.20
N VAL C 379 0.10 -37.42 -75.24
CA VAL C 379 -1.30 -37.73 -75.41
C VAL C 379 -2.03 -36.93 -74.33
N ASN C 380 -3.37 -36.85 -74.56
CA ASN C 380 -4.33 -36.18 -73.81
C ASN C 380 -5.49 -37.17 -73.44
N ILE C 381 -5.93 -37.25 -72.22
CA ILE C 381 -6.96 -38.21 -71.85
C ILE C 381 -8.25 -37.51 -71.51
N LEU C 382 -9.43 -37.91 -72.07
CA LEU C 382 -10.71 -37.41 -71.68
C LEU C 382 -11.38 -38.45 -70.74
N LEU C 383 -11.76 -37.98 -69.51
CA LEU C 383 -12.25 -38.74 -68.43
C LEU C 383 -13.73 -38.28 -68.24
N ARG C 384 -14.67 -39.10 -68.66
CA ARG C 384 -16.09 -38.85 -68.60
C ARG C 384 -16.54 -39.57 -67.33
N GLY C 385 -17.71 -39.17 -66.76
CA GLY C 385 -18.27 -39.98 -65.71
C GLY C 385 -19.64 -39.37 -65.53
N SER C 386 -20.24 -39.67 -64.40
CA SER C 386 -21.60 -39.30 -63.95
C SER C 386 -21.81 -37.83 -63.58
N ASN C 387 -21.78 -37.43 -62.28
CA ASN C 387 -21.60 -36.01 -61.83
C ASN C 387 -20.14 -35.55 -61.74
N ASP C 388 -19.53 -35.56 -60.50
CA ASP C 388 -18.23 -34.95 -60.24
C ASP C 388 -17.29 -35.83 -59.38
N MET C 389 -17.82 -36.53 -58.35
CA MET C 389 -16.97 -37.15 -57.39
C MET C 389 -16.32 -38.43 -57.94
N ALA C 390 -17.03 -39.06 -58.88
CA ALA C 390 -16.56 -40.31 -59.43
C ALA C 390 -15.46 -40.13 -60.47
N LEU C 391 -15.29 -38.88 -60.92
CA LEU C 391 -14.33 -38.44 -61.83
C LEU C 391 -13.11 -37.93 -61.10
N ASP C 392 -13.29 -37.13 -60.05
CA ASP C 392 -12.18 -36.73 -59.18
C ASP C 392 -11.43 -37.95 -58.53
N GLU C 393 -12.15 -39.01 -58.00
CA GLU C 393 -11.60 -40.20 -57.42
C GLU C 393 -10.85 -41.00 -58.53
N ALA C 394 -11.52 -41.04 -59.73
CA ALA C 394 -10.95 -41.65 -60.93
C ALA C 394 -9.72 -40.91 -61.41
N GLU C 395 -9.57 -39.57 -61.19
CA GLU C 395 -8.32 -38.88 -61.46
C GLU C 395 -7.19 -39.18 -60.51
N ARG C 396 -7.46 -39.15 -59.18
CA ARG C 396 -6.51 -39.49 -58.20
C ARG C 396 -5.91 -40.88 -58.39
N SER C 397 -6.83 -41.85 -58.75
CA SER C 397 -6.49 -43.25 -58.95
C SER C 397 -5.53 -43.46 -60.18
N ILE C 398 -5.79 -42.71 -61.30
CA ILE C 398 -5.03 -42.74 -62.54
C ILE C 398 -3.68 -42.18 -62.26
N ASN C 399 -3.59 -41.01 -61.55
CA ASN C 399 -2.32 -40.45 -61.01
C ASN C 399 -1.45 -41.39 -60.22
N ASP C 400 -1.98 -41.88 -59.06
CA ASP C 400 -1.31 -42.91 -58.26
C ASP C 400 -0.85 -44.21 -59.00
N ALA C 401 -1.68 -44.58 -59.94
CA ALA C 401 -1.42 -45.70 -60.83
C ALA C 401 -0.35 -45.45 -61.91
N LEU C 402 -0.25 -44.25 -62.49
CA LEU C 402 0.77 -43.79 -63.43
C LEU C 402 2.16 -43.66 -62.69
N TYR C 403 2.14 -43.23 -61.43
CA TYR C 403 3.38 -43.14 -60.59
C TYR C 403 3.83 -44.52 -60.24
N SER C 404 2.97 -45.57 -60.10
CA SER C 404 3.36 -46.97 -59.90
C SER C 404 3.87 -47.72 -61.19
N LEU C 405 3.25 -47.35 -62.35
CA LEU C 405 3.61 -47.84 -63.62
C LEU C 405 4.96 -47.39 -64.17
N ARG C 406 5.33 -46.10 -63.90
CA ARG C 406 6.58 -45.53 -64.24
C ARG C 406 7.67 -46.10 -63.40
N ASN C 407 7.38 -46.56 -62.20
CA ASN C 407 8.28 -47.35 -61.35
C ASN C 407 8.44 -48.85 -61.71
N ILE C 408 7.39 -49.55 -62.16
CA ILE C 408 7.65 -50.92 -62.72
C ILE C 408 8.37 -50.84 -64.09
N LEU C 409 7.98 -49.84 -64.94
CA LEU C 409 8.55 -49.56 -66.27
C LEU C 409 10.00 -49.21 -66.28
N MET C 410 10.48 -48.40 -65.33
CA MET C 410 11.92 -48.03 -65.30
C MET C 410 12.74 -49.10 -64.55
N GLU C 411 12.07 -50.11 -63.93
CA GLU C 411 12.87 -51.21 -63.51
C GLU C 411 12.02 -52.49 -63.35
N PRO C 412 12.03 -53.48 -64.32
CA PRO C 412 11.04 -54.50 -64.34
C PRO C 412 11.23 -55.69 -63.34
N TYR C 413 11.46 -55.32 -62.04
CA TYR C 413 11.67 -56.15 -60.92
C TYR C 413 10.53 -55.80 -59.95
N ILE C 414 9.98 -56.78 -59.29
CA ILE C 414 8.93 -56.52 -58.33
C ILE C 414 9.27 -57.30 -57.08
N VAL C 415 8.71 -56.86 -55.95
CA VAL C 415 8.94 -57.43 -54.63
C VAL C 415 7.67 -57.53 -53.73
N PRO C 416 7.53 -58.44 -52.75
CA PRO C 416 6.41 -58.47 -51.83
C PRO C 416 6.65 -57.74 -50.60
N GLY C 417 6.89 -56.45 -50.69
CA GLY C 417 7.38 -55.64 -49.64
C GLY C 417 6.35 -55.20 -48.64
N GLY C 418 6.70 -54.98 -47.38
CA GLY C 418 5.76 -54.94 -46.27
C GLY C 418 5.37 -56.30 -45.80
N GLY C 419 6.31 -57.26 -45.75
CA GLY C 419 6.00 -58.53 -45.08
C GLY C 419 7.00 -59.58 -45.32
N ALA C 420 7.58 -59.69 -46.52
CA ALA C 420 8.32 -60.86 -46.93
C ALA C 420 9.81 -60.64 -46.78
N ILE C 421 10.24 -59.70 -47.63
CA ILE C 421 11.50 -59.01 -47.89
C ILE C 421 12.16 -58.59 -46.70
N GLU C 422 11.54 -57.80 -45.79
CA GLU C 422 11.99 -57.38 -44.48
C GLU C 422 12.29 -58.49 -43.49
N LEU C 423 11.36 -59.45 -43.31
CA LEU C 423 11.66 -60.55 -42.38
C LEU C 423 12.83 -61.35 -42.89
N GLU C 424 12.95 -61.59 -44.20
CA GLU C 424 14.09 -62.31 -44.76
C GLU C 424 15.39 -61.60 -44.68
N LEU C 425 15.36 -60.24 -44.78
CA LEU C 425 16.53 -59.41 -44.40
C LEU C 425 16.88 -59.48 -42.89
N SER C 426 15.86 -59.44 -42.04
CA SER C 426 16.01 -59.50 -40.62
C SER C 426 16.59 -60.80 -40.09
N ALA C 427 16.24 -61.99 -40.69
CA ALA C 427 16.89 -63.27 -40.46
C ALA C 427 18.24 -63.39 -41.05
N ARG C 428 18.54 -62.82 -42.21
CA ARG C 428 19.89 -62.80 -42.73
C ARG C 428 20.81 -61.94 -41.86
N LEU C 429 20.34 -60.77 -41.32
CA LEU C 429 21.13 -59.85 -40.49
C LEU C 429 21.38 -60.38 -39.14
N ARG C 430 20.35 -61.08 -38.62
CA ARG C 430 20.71 -61.81 -37.33
C ARG C 430 21.39 -63.20 -37.62
N GLU C 431 22.51 -63.18 -38.30
CA GLU C 431 23.31 -64.35 -38.69
C GLU C 431 24.55 -63.64 -39.22
N TYR C 432 24.37 -62.58 -40.04
CA TYR C 432 25.36 -61.61 -40.46
C TYR C 432 26.10 -60.88 -39.27
N ALA C 433 25.42 -60.06 -38.36
CA ALA C 433 25.95 -59.62 -37.09
C ALA C 433 26.61 -60.66 -36.13
N ARG C 434 26.29 -61.95 -36.31
CA ARG C 434 27.08 -63.00 -35.65
C ARG C 434 28.46 -63.22 -36.18
N SER C 435 28.65 -63.18 -37.50
CA SER C 435 29.96 -63.21 -38.13
C SER C 435 30.73 -61.89 -37.95
N VAL C 436 30.08 -60.73 -37.69
CA VAL C 436 30.53 -59.41 -37.38
C VAL C 436 31.14 -59.19 -35.96
N GLY C 437 32.12 -58.23 -35.79
CA GLY C 437 32.81 -58.01 -34.54
C GLY C 437 32.68 -56.49 -34.19
N GLY C 438 33.34 -56.07 -33.14
CA GLY C 438 33.16 -54.71 -32.56
C GLY C 438 31.76 -54.31 -32.13
N LYS C 439 31.45 -52.98 -32.26
CA LYS C 439 30.19 -52.41 -32.09
C LYS C 439 29.42 -52.20 -33.36
N GLU C 440 30.03 -52.62 -34.50
CA GLU C 440 29.36 -52.79 -35.76
C GLU C 440 28.42 -53.99 -35.92
N GLN C 441 28.59 -55.04 -35.06
CA GLN C 441 27.54 -56.08 -34.99
C GLN C 441 26.32 -55.60 -34.24
N LEU C 442 26.57 -54.67 -33.27
CA LEU C 442 25.50 -54.15 -32.40
C LEU C 442 24.56 -53.24 -33.13
N ALA C 443 25.16 -52.47 -34.10
CA ALA C 443 24.49 -51.57 -34.99
C ALA C 443 23.66 -52.33 -36.05
N ILE C 444 24.21 -53.41 -36.62
CA ILE C 444 23.42 -54.27 -37.54
C ILE C 444 22.21 -54.97 -36.92
N GLU C 445 22.41 -55.51 -35.65
CA GLU C 445 21.32 -56.21 -34.93
C GLU C 445 20.20 -55.31 -34.48
N ALA C 446 20.44 -54.02 -34.45
CA ALA C 446 19.44 -53.02 -34.15
C ALA C 446 18.65 -52.62 -35.36
N TYR C 447 19.26 -52.75 -36.58
CA TYR C 447 18.67 -52.51 -37.85
C TYR C 447 17.73 -53.68 -38.11
N ALA C 448 18.05 -54.89 -37.70
CA ALA C 448 17.30 -56.07 -37.88
C ALA C 448 16.04 -55.97 -37.07
N ASP C 449 16.15 -55.39 -35.84
CA ASP C 449 15.08 -55.03 -34.97
C ASP C 449 14.08 -53.93 -35.47
N ALA C 450 14.63 -52.93 -36.20
CA ALA C 450 13.78 -52.01 -36.84
C ALA C 450 12.91 -52.60 -37.89
N LEU C 451 13.46 -53.56 -38.65
CA LEU C 451 12.70 -54.30 -39.65
C LEU C 451 11.53 -55.01 -39.14
N GLU C 452 11.59 -55.55 -37.87
CA GLU C 452 10.53 -56.08 -37.07
C GLU C 452 9.49 -55.01 -36.58
N GLU C 453 9.85 -53.72 -36.64
CA GLU C 453 8.93 -52.65 -36.41
C GLU C 453 8.13 -52.23 -37.66
N ILE C 454 8.55 -52.69 -38.84
CA ILE C 454 7.77 -52.60 -40.11
C ILE C 454 6.75 -53.82 -40.02
N PRO C 455 5.65 -54.19 -40.79
CA PRO C 455 5.15 -55.58 -40.64
C PRO C 455 4.18 -55.82 -39.50
N MET C 456 4.46 -55.59 -38.22
CA MET C 456 3.48 -55.78 -37.13
C MET C 456 2.62 -54.56 -36.93
N ILE C 457 3.10 -53.36 -37.37
CA ILE C 457 2.36 -52.11 -37.14
C ILE C 457 1.25 -52.12 -38.25
N LEU C 458 1.55 -52.68 -39.39
CA LEU C 458 0.54 -52.91 -40.43
C LEU C 458 -0.55 -53.93 -39.82
N ALA C 459 -0.22 -54.96 -39.04
CA ALA C 459 -1.18 -55.71 -38.26
C ALA C 459 -1.81 -55.04 -37.02
N GLU C 460 -1.16 -54.03 -36.34
CA GLU C 460 -1.88 -53.27 -35.22
C GLU C 460 -2.87 -52.27 -35.81
N THR C 461 -2.50 -51.68 -36.93
CA THR C 461 -3.37 -50.82 -37.69
C THR C 461 -4.68 -51.44 -38.19
N ALA C 462 -4.58 -52.65 -38.66
CA ALA C 462 -5.69 -53.48 -39.06
C ALA C 462 -6.44 -54.00 -37.86
N GLY C 463 -6.00 -53.70 -36.66
CA GLY C 463 -6.61 -53.92 -35.37
C GLY C 463 -6.36 -55.11 -34.55
N LEU C 464 -5.04 -55.52 -34.50
CA LEU C 464 -4.72 -56.75 -33.83
C LEU C 464 -3.51 -56.50 -33.01
N GLU C 465 -3.01 -57.44 -32.29
CA GLU C 465 -1.91 -57.21 -31.36
C GLU C 465 -0.56 -57.38 -32.12
N PRO C 466 0.38 -56.49 -32.02
CA PRO C 466 1.55 -56.54 -32.87
C PRO C 466 2.67 -57.54 -32.48
N ILE C 467 3.02 -57.63 -31.17
CA ILE C 467 4.04 -58.51 -30.68
C ILE C 467 3.61 -59.99 -30.96
N SER C 468 2.33 -60.39 -30.83
CA SER C 468 1.89 -61.75 -31.18
C SER C 468 1.95 -62.01 -32.71
N ALA C 469 1.71 -60.91 -33.44
CA ALA C 469 1.78 -61.04 -34.86
C ALA C 469 3.23 -61.24 -35.35
N LEU C 470 4.23 -60.62 -34.65
CA LEU C 470 5.67 -60.71 -34.98
C LEU C 470 6.33 -62.04 -34.80
N MET C 471 5.95 -62.66 -33.64
CA MET C 471 6.38 -64.02 -33.34
C MET C 471 5.74 -65.04 -34.24
N ASP C 472 4.50 -64.77 -34.69
CA ASP C 472 3.84 -65.72 -35.49
C ASP C 472 4.40 -65.66 -36.95
N LEU C 473 4.85 -64.49 -37.46
CA LEU C 473 5.49 -64.45 -38.77
C LEU C 473 6.92 -65.05 -38.67
N ARG C 474 7.60 -64.80 -37.50
CA ARG C 474 8.98 -65.31 -37.28
C ARG C 474 8.99 -66.82 -37.41
N ALA C 475 7.93 -67.45 -36.83
CA ALA C 475 7.69 -68.82 -36.88
C ALA C 475 7.23 -69.33 -38.20
N ARG C 476 6.47 -68.54 -38.91
CA ARG C 476 5.93 -68.93 -40.21
C ARG C 476 7.07 -69.00 -41.21
N HIS C 477 8.08 -68.08 -41.06
CA HIS C 477 9.18 -67.94 -41.93
C HIS C 477 10.27 -69.01 -41.74
N ALA C 478 10.04 -69.89 -40.76
CA ALA C 478 10.89 -70.90 -40.24
C ALA C 478 10.32 -72.29 -40.54
N LYS C 479 8.97 -72.55 -40.31
CA LYS C 479 8.33 -73.85 -40.58
C LYS C 479 7.92 -73.99 -42.04
N GLY C 480 7.36 -72.88 -42.55
CA GLY C 480 7.02 -72.67 -43.97
C GLY C 480 7.94 -71.82 -44.74
N LEU C 481 7.44 -70.91 -45.69
CA LEU C 481 8.18 -70.16 -46.60
C LEU C 481 8.00 -68.65 -46.33
N THR C 482 9.05 -67.88 -46.75
CA THR C 482 9.40 -66.47 -46.59
C THR C 482 8.39 -65.49 -47.25
N ASN C 483 7.46 -65.95 -48.16
CA ASN C 483 6.53 -65.14 -48.93
C ASN C 483 5.16 -64.95 -48.39
N CYS C 484 4.96 -65.12 -47.10
CA CYS C 484 3.69 -64.76 -46.45
C CYS C 484 3.54 -63.32 -46.29
N GLY C 485 2.32 -62.75 -46.11
CA GLY C 485 2.19 -61.39 -45.69
C GLY C 485 0.92 -61.20 -44.83
N VAL C 486 0.51 -59.95 -44.61
CA VAL C 486 -0.62 -59.68 -43.74
C VAL C 486 -1.74 -59.33 -44.61
N ASP C 487 -2.92 -59.81 -44.31
CA ASP C 487 -4.21 -59.49 -44.92
C ASP C 487 -4.79 -58.54 -43.94
N VAL C 488 -5.08 -57.34 -44.35
CA VAL C 488 -5.79 -56.37 -43.58
C VAL C 488 -7.15 -56.23 -44.18
N ILE C 489 -7.46 -56.84 -45.28
CA ILE C 489 -8.84 -56.84 -45.82
C ILE C 489 -9.68 -57.94 -45.12
N ASN C 490 -9.11 -59.14 -44.75
CA ASN C 490 -9.85 -59.98 -43.78
C ASN C 490 -9.07 -60.12 -42.43
N GLY C 491 -8.01 -59.28 -42.13
CA GLY C 491 -7.29 -59.38 -40.84
C GLY C 491 -6.76 -60.70 -40.32
N LYS C 492 -5.85 -61.35 -41.08
CA LYS C 492 -5.19 -62.63 -40.82
C LYS C 492 -3.76 -62.56 -41.36
N ILE C 493 -2.85 -63.48 -41.01
CA ILE C 493 -1.66 -63.69 -41.75
C ILE C 493 -1.88 -64.81 -42.69
N ILE C 494 -1.27 -64.62 -43.91
CA ILE C 494 -1.50 -65.45 -45.09
C ILE C 494 -0.23 -65.79 -45.88
N ASP C 495 -0.03 -67.10 -46.19
CA ASP C 495 0.94 -67.61 -47.12
C ASP C 495 0.85 -67.02 -48.49
N ASP C 496 1.94 -67.15 -49.17
CA ASP C 496 2.34 -66.50 -50.46
C ASP C 496 1.62 -65.22 -50.93
N ILE C 497 1.95 -64.03 -50.42
CA ILE C 497 1.24 -62.75 -50.58
C ILE C 497 1.10 -62.23 -52.02
N TYR C 498 2.06 -62.52 -52.95
CA TYR C 498 1.81 -62.36 -54.37
C TYR C 498 0.61 -63.00 -54.91
N SER C 499 0.19 -64.14 -54.32
CA SER C 499 -1.04 -64.83 -54.77
C SER C 499 -2.26 -64.19 -54.33
N ILE C 500 -2.21 -63.21 -53.41
CA ILE C 500 -3.37 -62.45 -53.02
C ILE C 500 -3.51 -61.23 -53.99
N ASN C 501 -2.49 -61.08 -54.87
CA ASN C 501 -2.28 -60.04 -55.90
C ASN C 501 -1.56 -58.75 -55.48
N VAL C 502 -0.77 -58.91 -54.41
CA VAL C 502 -0.18 -57.75 -53.79
C VAL C 502 1.37 -57.87 -53.84
N VAL C 503 1.99 -56.89 -54.48
CA VAL C 503 3.46 -56.74 -54.71
C VAL C 503 3.84 -55.27 -55.05
N GLU C 504 5.06 -54.81 -54.76
CA GLU C 504 5.46 -53.45 -55.05
C GLU C 504 6.48 -53.54 -56.22
N PRO C 505 6.56 -52.58 -57.13
CA PRO C 505 7.74 -52.23 -57.90
C PRO C 505 8.94 -52.01 -56.97
N ILE C 506 10.11 -52.67 -57.26
CA ILE C 506 11.32 -52.52 -56.55
C ILE C 506 11.80 -51.06 -56.39
N ARG C 507 11.57 -50.14 -57.36
CA ARG C 507 12.03 -48.77 -57.16
C ARG C 507 11.25 -47.92 -56.13
N VAL C 508 9.95 -48.33 -55.81
CA VAL C 508 9.17 -47.65 -54.74
C VAL C 508 9.56 -48.09 -53.35
N THR C 509 10.08 -49.34 -53.16
CA THR C 509 10.62 -49.84 -51.92
C THR C 509 12.04 -49.37 -51.69
N ARG C 510 12.89 -49.70 -52.64
CA ARG C 510 14.26 -49.17 -52.68
C ARG C 510 14.50 -47.70 -52.50
N GLN C 511 13.68 -46.82 -53.17
CA GLN C 511 13.86 -45.35 -52.93
C GLN C 511 13.40 -44.88 -51.59
N VAL C 512 12.34 -45.44 -50.95
CA VAL C 512 11.84 -44.93 -49.72
C VAL C 512 12.64 -45.49 -48.60
N LEU C 513 13.35 -46.62 -48.79
CA LEU C 513 14.33 -47.18 -47.91
C LEU C 513 15.66 -46.46 -48.02
N LYS C 514 16.08 -45.89 -49.25
CA LYS C 514 17.22 -44.96 -49.46
C LYS C 514 17.07 -43.66 -48.74
N SER C 515 15.82 -43.14 -48.80
CA SER C 515 15.62 -41.82 -48.26
C SER C 515 15.41 -41.87 -46.76
N ALA C 516 15.08 -43.04 -46.17
CA ALA C 516 15.09 -43.19 -44.71
C ALA C 516 16.47 -43.44 -44.08
N THR C 517 17.35 -44.22 -44.78
CA THR C 517 18.74 -44.43 -44.35
C THR C 517 19.67 -43.32 -44.61
N GLU C 518 19.21 -42.38 -45.51
CA GLU C 518 19.82 -41.16 -45.81
C GLU C 518 19.47 -40.17 -44.71
N ALA C 519 18.19 -40.14 -44.24
CA ALA C 519 17.74 -39.25 -43.24
C ALA C 519 18.31 -39.45 -41.87
N ALA C 520 18.29 -40.74 -41.39
CA ALA C 520 18.67 -41.16 -40.04
C ALA C 520 20.14 -41.07 -39.87
N THR C 521 20.89 -41.32 -40.96
CA THR C 521 22.36 -41.13 -41.02
C THR C 521 22.63 -39.67 -40.81
N SER C 522 21.79 -38.78 -41.38
CA SER C 522 21.98 -37.35 -41.35
C SER C 522 21.72 -36.80 -39.97
N ILE C 523 20.69 -37.30 -39.30
CA ILE C 523 20.41 -36.75 -38.00
C ILE C 523 21.43 -37.16 -36.94
N MET C 524 22.11 -38.31 -37.17
CA MET C 524 23.24 -38.76 -36.38
C MET C 524 24.56 -37.94 -36.66
N LYS C 525 24.77 -37.32 -37.88
CA LYS C 525 26.07 -36.70 -38.20
C LYS C 525 26.23 -35.27 -37.70
N ILE C 526 25.24 -34.61 -36.99
CA ILE C 526 25.13 -33.16 -36.91
C ILE C 526 25.11 -32.89 -35.45
N ASP C 527 25.80 -31.83 -35.01
CA ASP C 527 25.78 -31.35 -33.66
C ASP C 527 25.77 -29.86 -33.61
N ASP C 528 25.60 -29.41 -32.45
CA ASP C 528 25.41 -27.93 -32.18
C ASP C 528 24.30 -27.14 -32.93
N LEU C 529 24.03 -25.92 -32.42
CA LEU C 529 22.92 -25.13 -32.89
C LEU C 529 23.26 -23.69 -32.64
N ILE C 530 23.47 -22.86 -33.65
CA ILE C 530 23.68 -21.37 -33.54
C ILE C 530 22.72 -20.59 -34.26
N ALA C 531 22.01 -19.75 -33.53
CA ALA C 531 20.71 -19.21 -33.91
C ALA C 531 20.96 -17.74 -33.72
N ALA C 532 20.58 -16.92 -34.71
CA ALA C 532 20.82 -15.54 -34.86
C ALA C 532 19.56 -14.70 -34.74
N THR D 14 -0.75 -24.23 -26.99
CA THR D 14 -1.23 -24.92 -28.20
C THR D 14 -2.09 -26.02 -27.85
N SER D 15 -3.27 -26.22 -28.50
CA SER D 15 -4.08 -27.27 -28.13
C SER D 15 -3.53 -28.58 -28.80
N ARG D 16 -3.24 -29.51 -27.86
CA ARG D 16 -2.59 -30.73 -28.05
C ARG D 16 -3.63 -31.82 -27.92
N ASN D 17 -3.28 -33.06 -28.34
CA ASN D 17 -4.18 -34.18 -28.46
C ASN D 17 -3.38 -35.41 -28.24
N SER D 18 -4.04 -36.34 -27.48
CA SER D 18 -3.54 -37.65 -27.20
C SER D 18 -4.53 -38.61 -26.66
N GLY D 19 -4.27 -39.88 -26.67
CA GLY D 19 -4.94 -40.90 -25.88
C GLY D 19 -6.41 -41.21 -26.36
N ARG D 20 -6.72 -40.77 -27.57
CA ARG D 20 -8.01 -40.81 -28.18
C ARG D 20 -9.00 -39.73 -27.79
N ASP D 21 -8.52 -38.57 -27.27
CA ASP D 21 -9.28 -37.48 -26.73
C ASP D 21 -10.10 -36.83 -27.84
N ALA D 22 -9.47 -36.43 -28.94
CA ALA D 22 -9.99 -35.86 -30.13
C ALA D 22 -11.22 -36.63 -30.71
N LEU D 23 -11.29 -37.98 -30.62
CA LEU D 23 -12.50 -38.75 -31.03
C LEU D 23 -13.60 -38.55 -30.01
N LYS D 24 -13.30 -38.41 -28.69
CA LYS D 24 -14.20 -38.20 -27.55
C LYS D 24 -14.84 -36.84 -27.67
N ASN D 25 -14.09 -35.89 -28.24
CA ASN D 25 -14.39 -34.52 -28.46
C ASN D 25 -15.20 -34.25 -29.66
N ASN D 26 -15.09 -35.07 -30.75
CA ASN D 26 -15.83 -35.05 -32.03
C ASN D 26 -17.09 -35.90 -31.93
N ILE D 27 -17.18 -36.83 -31.03
CA ILE D 27 -18.42 -37.50 -30.65
C ILE D 27 -19.24 -36.57 -29.72
N LEU D 28 -18.58 -35.86 -28.81
CA LEU D 28 -19.21 -34.95 -27.81
C LEU D 28 -19.95 -33.80 -28.51
N ALA D 29 -19.32 -33.22 -29.58
CA ALA D 29 -19.86 -32.31 -30.52
C ALA D 29 -21.05 -32.87 -31.34
N ALA D 30 -20.93 -34.08 -31.86
CA ALA D 30 -21.96 -34.80 -32.49
C ALA D 30 -23.18 -35.11 -31.59
N ARG D 31 -22.96 -35.35 -30.29
CA ARG D 31 -23.99 -35.70 -29.32
C ARG D 31 -24.69 -34.50 -28.84
N THR D 32 -24.01 -33.35 -28.76
CA THR D 32 -24.56 -32.19 -28.32
C THR D 32 -25.47 -31.64 -29.39
N LEU D 33 -25.04 -31.70 -30.68
CA LEU D 33 -25.87 -31.47 -31.85
C LEU D 33 -27.09 -32.36 -32.08
N ALA D 34 -26.97 -33.62 -31.89
CA ALA D 34 -28.00 -34.58 -32.04
C ALA D 34 -29.09 -34.40 -30.94
N GLU D 35 -28.73 -34.21 -29.69
CA GLU D 35 -29.63 -34.05 -28.61
C GLU D 35 -30.32 -32.69 -28.58
N MET D 36 -29.75 -31.77 -29.37
CA MET D 36 -30.40 -30.52 -29.47
C MET D 36 -31.34 -30.49 -30.60
N LEU D 37 -30.94 -31.01 -31.75
CA LEU D 37 -31.74 -31.10 -32.94
C LEU D 37 -32.90 -32.14 -32.78
N ARG D 38 -32.81 -33.05 -31.82
CA ARG D 38 -33.78 -34.16 -31.62
C ARG D 38 -35.04 -33.71 -30.99
N SER D 39 -35.08 -32.65 -30.19
CA SER D 39 -36.31 -32.03 -29.72
C SER D 39 -37.15 -31.40 -30.85
N SER D 40 -36.53 -31.05 -31.99
CA SER D 40 -37.27 -30.50 -33.08
C SER D 40 -37.56 -31.66 -34.05
N LEU D 41 -37.03 -32.90 -33.79
CA LEU D 41 -37.27 -33.97 -34.64
C LEU D 41 -38.78 -34.29 -34.77
N GLY D 42 -39.15 -34.82 -35.98
CA GLY D 42 -40.48 -35.42 -36.23
C GLY D 42 -41.61 -34.45 -36.13
N PRO D 43 -42.73 -34.98 -36.43
CA PRO D 43 -43.90 -34.20 -36.88
C PRO D 43 -44.73 -33.45 -35.85
N LYS D 44 -44.48 -33.64 -34.54
CA LYS D 44 -45.00 -32.72 -33.53
C LYS D 44 -43.85 -32.07 -32.80
N GLY D 45 -42.62 -32.01 -33.39
CA GLY D 45 -41.42 -31.52 -32.76
C GLY D 45 -41.41 -30.08 -32.41
N LEU D 46 -40.68 -29.68 -31.36
CA LEU D 46 -40.79 -28.27 -30.94
C LEU D 46 -39.95 -27.29 -31.70
N ASP D 47 -40.32 -25.97 -31.71
CA ASP D 47 -39.84 -24.88 -32.45
C ASP D 47 -38.68 -24.06 -31.75
N LYS D 48 -37.56 -23.83 -32.35
CA LYS D 48 -36.50 -23.13 -31.71
C LYS D 48 -36.56 -21.69 -32.19
N MET D 49 -35.88 -20.80 -31.49
CA MET D 49 -35.71 -19.45 -31.96
C MET D 49 -34.23 -19.10 -32.06
N LEU D 50 -33.92 -18.49 -33.14
CA LEU D 50 -32.62 -18.14 -33.62
C LEU D 50 -32.79 -16.70 -34.17
N ILE D 51 -32.14 -15.72 -33.50
CA ILE D 51 -32.23 -14.27 -33.80
C ILE D 51 -30.90 -13.93 -34.41
N ASP D 52 -30.96 -13.15 -35.57
CA ASP D 52 -29.86 -12.62 -36.33
C ASP D 52 -29.14 -11.47 -35.68
N SER D 53 -27.90 -11.22 -36.16
CA SER D 53 -27.04 -10.15 -35.65
C SER D 53 -27.41 -8.83 -36.25
N PHE D 54 -28.25 -8.84 -37.35
CA PHE D 54 -28.90 -7.70 -37.90
C PHE D 54 -30.32 -7.54 -37.36
N GLY D 55 -30.77 -8.52 -36.51
CA GLY D 55 -31.99 -8.35 -35.71
C GLY D 55 -33.21 -9.16 -36.02
N ASP D 56 -33.27 -9.76 -37.26
CA ASP D 56 -34.34 -10.65 -37.78
C ASP D 56 -34.47 -12.02 -37.06
N VAL D 57 -35.72 -12.36 -36.54
CA VAL D 57 -36.02 -13.59 -35.77
C VAL D 57 -36.49 -14.67 -36.68
N THR D 58 -36.09 -15.91 -36.36
CA THR D 58 -36.50 -17.07 -37.10
C THR D 58 -36.88 -18.17 -36.12
N ILE D 59 -38.17 -18.64 -36.19
CA ILE D 59 -38.67 -19.67 -35.28
C ILE D 59 -38.98 -20.85 -36.18
N THR D 60 -38.28 -21.93 -36.04
CA THR D 60 -38.56 -23.05 -36.93
C THR D 60 -38.27 -24.45 -36.38
N ASN D 61 -38.85 -25.50 -36.99
CA ASN D 61 -38.75 -26.89 -36.69
C ASN D 61 -37.82 -27.68 -37.63
N ASP D 62 -37.43 -27.14 -38.82
CA ASP D 62 -36.52 -27.73 -39.80
C ASP D 62 -35.15 -27.64 -39.24
N GLY D 63 -34.38 -28.70 -39.40
CA GLY D 63 -33.07 -28.85 -38.72
C GLY D 63 -31.94 -28.24 -39.61
N ALA D 64 -32.20 -28.16 -40.90
CA ALA D 64 -31.25 -27.60 -41.83
C ALA D 64 -31.23 -26.09 -41.78
N THR D 65 -32.34 -25.47 -41.32
CA THR D 65 -32.52 -24.03 -41.18
C THR D 65 -31.92 -23.68 -39.89
N ILE D 66 -32.12 -24.59 -38.86
CA ILE D 66 -31.54 -24.31 -37.53
C ILE D 66 -30.05 -24.34 -37.65
N VAL D 67 -29.45 -25.26 -38.43
CA VAL D 67 -27.94 -25.24 -38.60
C VAL D 67 -27.39 -24.12 -39.36
N LYS D 68 -28.04 -23.72 -40.49
CA LYS D 68 -27.63 -22.59 -41.32
C LYS D 68 -27.63 -21.33 -40.51
N GLU D 69 -28.70 -21.11 -39.72
CA GLU D 69 -28.86 -19.87 -39.02
C GLU D 69 -27.89 -19.68 -37.83
N MET D 70 -26.99 -20.63 -37.48
CA MET D 70 -26.28 -20.76 -36.23
C MET D 70 -24.81 -20.83 -36.33
N GLU D 71 -24.02 -20.15 -35.47
CA GLU D 71 -22.54 -20.16 -35.39
C GLU D 71 -21.88 -21.42 -34.75
N ILE D 72 -21.25 -22.32 -35.57
CA ILE D 72 -20.82 -23.66 -35.13
C ILE D 72 -19.47 -23.43 -34.47
N GLN D 73 -19.36 -24.00 -33.25
CA GLN D 73 -18.29 -23.75 -32.28
C GLN D 73 -17.18 -24.68 -32.24
N HIS D 74 -17.39 -25.83 -32.77
CA HIS D 74 -16.33 -26.84 -32.94
C HIS D 74 -16.19 -27.43 -34.38
N PRO D 75 -15.06 -27.61 -34.97
CA PRO D 75 -14.95 -28.11 -36.36
C PRO D 75 -15.71 -29.45 -36.70
N ALA D 76 -15.91 -30.42 -35.86
CA ALA D 76 -16.55 -31.64 -36.24
C ALA D 76 -18.04 -31.49 -36.44
N ALA D 77 -18.68 -30.48 -35.78
CA ALA D 77 -20.05 -30.08 -35.88
C ALA D 77 -20.18 -29.28 -37.13
N LYS D 78 -19.12 -28.64 -37.67
CA LYS D 78 -19.14 -27.92 -38.94
C LYS D 78 -19.26 -29.01 -40.08
N LEU D 79 -18.59 -30.21 -39.97
CA LEU D 79 -18.67 -31.33 -40.88
C LEU D 79 -20.07 -31.90 -41.11
N LEU D 80 -20.74 -32.06 -39.95
CA LEU D 80 -22.12 -32.53 -39.80
C LEU D 80 -23.10 -31.47 -40.36
N VAL D 81 -22.75 -30.15 -40.29
CA VAL D 81 -23.49 -29.14 -41.03
C VAL D 81 -23.41 -29.29 -42.50
N GLU D 82 -22.34 -29.71 -43.14
CA GLU D 82 -22.25 -29.99 -44.59
C GLU D 82 -23.10 -31.13 -45.06
N ALA D 83 -23.34 -32.08 -44.12
CA ALA D 83 -24.11 -33.20 -44.41
C ALA D 83 -25.61 -32.83 -44.50
N ALA D 84 -26.03 -31.90 -43.60
CA ALA D 84 -27.39 -31.32 -43.45
C ALA D 84 -27.69 -30.60 -44.78
N LYS D 85 -26.82 -29.64 -45.11
CA LYS D 85 -26.73 -28.97 -46.40
C LYS D 85 -26.95 -29.85 -47.62
N ALA D 86 -26.14 -30.94 -47.88
CA ALA D 86 -26.47 -31.81 -49.02
C ALA D 86 -27.86 -32.54 -49.02
N GLN D 87 -28.25 -32.93 -47.85
CA GLN D 87 -29.47 -33.62 -47.62
C GLN D 87 -30.66 -32.70 -47.74
N ASP D 88 -30.59 -31.42 -47.50
CA ASP D 88 -31.65 -30.43 -47.51
C ASP D 88 -32.22 -30.20 -48.95
N SER D 89 -31.35 -30.43 -50.00
CA SER D 89 -31.84 -30.28 -51.39
C SER D 89 -32.67 -31.48 -51.71
N GLU D 90 -32.37 -32.62 -51.08
CA GLU D 90 -33.00 -33.87 -51.35
C GLU D 90 -34.35 -34.03 -50.62
N VAL D 91 -34.44 -33.77 -49.28
CA VAL D 91 -35.69 -34.08 -48.48
C VAL D 91 -35.84 -33.04 -47.32
N GLY D 92 -37.01 -32.84 -46.66
CA GLY D 92 -37.09 -31.86 -45.58
C GLY D 92 -37.31 -32.28 -44.18
N ASP D 93 -37.87 -33.40 -43.89
CA ASP D 93 -38.07 -34.00 -42.62
C ASP D 93 -36.89 -35.00 -42.39
N GLY D 94 -36.52 -35.70 -43.44
CA GLY D 94 -35.36 -36.67 -43.38
C GLY D 94 -33.98 -36.11 -43.00
N THR D 95 -33.70 -34.91 -43.42
CA THR D 95 -32.44 -34.28 -42.96
C THR D 95 -32.32 -33.97 -41.50
N THR D 96 -33.42 -33.60 -40.76
CA THR D 96 -33.43 -33.41 -39.33
C THR D 96 -33.07 -34.75 -38.75
N SER D 97 -33.67 -35.79 -39.31
CA SER D 97 -33.44 -37.23 -39.01
C SER D 97 -32.09 -37.72 -39.32
N ALA D 98 -31.45 -37.36 -40.46
CA ALA D 98 -30.05 -37.80 -40.66
C ALA D 98 -29.04 -37.35 -39.66
N VAL D 99 -29.09 -36.18 -39.11
CA VAL D 99 -28.27 -35.66 -38.06
C VAL D 99 -28.44 -36.34 -36.75
N VAL D 100 -29.65 -36.67 -36.30
CA VAL D 100 -29.86 -37.45 -35.04
C VAL D 100 -29.24 -38.83 -35.16
N LEU D 101 -29.47 -39.47 -36.31
CA LEU D 101 -29.05 -40.84 -36.73
C LEU D 101 -27.60 -41.02 -36.81
N ALA D 102 -26.91 -39.98 -37.28
CA ALA D 102 -25.48 -40.04 -37.22
C ALA D 102 -25.06 -40.12 -35.82
N GLY D 103 -25.71 -39.32 -34.91
CA GLY D 103 -25.44 -39.47 -33.43
C GLY D 103 -25.87 -40.82 -32.92
N LEU D 104 -26.95 -41.41 -33.44
CA LEU D 104 -27.37 -42.67 -32.96
C LEU D 104 -26.47 -43.87 -33.26
N PHE D 105 -25.65 -43.80 -34.32
CA PHE D 105 -24.64 -44.84 -34.53
C PHE D 105 -23.44 -44.53 -33.61
N LEU D 106 -23.12 -43.27 -33.51
CA LEU D 106 -21.97 -42.82 -32.75
C LEU D 106 -22.07 -43.15 -31.26
N GLU D 107 -23.31 -43.13 -30.64
CA GLU D 107 -23.40 -43.39 -29.21
C GLU D 107 -23.37 -44.91 -28.94
N LYS D 108 -23.58 -45.81 -29.92
CA LYS D 108 -23.31 -47.22 -29.80
C LYS D 108 -21.90 -47.65 -30.08
N ALA D 109 -21.19 -47.02 -31.03
CA ALA D 109 -19.76 -47.11 -31.30
C ALA D 109 -18.93 -46.72 -30.13
N GLU D 110 -19.31 -45.67 -29.35
CA GLU D 110 -18.56 -45.29 -28.14
C GLU D 110 -18.62 -46.41 -27.11
N SER D 111 -19.78 -47.13 -27.04
CA SER D 111 -19.82 -48.38 -26.21
C SER D 111 -18.82 -49.44 -26.70
N LEU D 112 -18.76 -49.76 -28.02
CA LEU D 112 -17.75 -50.61 -28.71
C LEU D 112 -16.25 -50.11 -28.50
N VAL D 113 -15.94 -48.80 -28.57
CA VAL D 113 -14.65 -48.27 -28.18
C VAL D 113 -14.29 -48.46 -26.72
N ASP D 114 -15.28 -48.37 -25.76
CA ASP D 114 -15.11 -48.67 -24.37
C ASP D 114 -14.65 -50.13 -24.02
N GLN D 115 -15.14 -51.10 -24.81
CA GLN D 115 -14.78 -52.50 -24.76
C GLN D 115 -13.55 -52.78 -25.64
N ASN D 116 -12.88 -51.64 -25.91
CA ASN D 116 -11.66 -51.47 -26.72
C ASN D 116 -11.71 -51.97 -28.16
N ILE D 117 -12.82 -51.89 -28.92
CA ILE D 117 -12.86 -52.39 -30.26
C ILE D 117 -12.44 -51.29 -31.20
N HIS D 118 -11.31 -51.57 -31.86
CA HIS D 118 -10.74 -50.86 -32.92
C HIS D 118 -11.72 -50.23 -33.87
N PRO D 119 -11.62 -48.98 -34.26
CA PRO D 119 -12.66 -48.33 -35.09
C PRO D 119 -12.91 -48.79 -36.54
N THR D 120 -11.84 -49.31 -37.14
CA THR D 120 -11.93 -50.14 -38.30
C THR D 120 -12.80 -51.37 -38.15
N ILE D 121 -12.72 -52.12 -36.99
CA ILE D 121 -13.58 -53.31 -36.81
C ILE D 121 -15.11 -52.90 -36.66
N ILE D 122 -15.44 -51.83 -35.91
CA ILE D 122 -16.81 -51.25 -35.83
C ILE D 122 -17.36 -50.70 -37.20
N ILE D 123 -16.50 -49.92 -37.93
CA ILE D 123 -16.75 -49.49 -39.33
C ILE D 123 -17.10 -50.60 -40.22
N GLU D 124 -16.30 -51.72 -40.29
CA GLU D 124 -16.50 -52.96 -41.05
C GLU D 124 -17.54 -53.87 -40.64
N GLY D 125 -17.94 -53.87 -39.40
CA GLY D 125 -19.14 -54.56 -39.00
C GLY D 125 -20.43 -53.78 -39.30
N PHE D 126 -20.39 -52.42 -39.27
CA PHE D 126 -21.53 -51.53 -39.51
C PHE D 126 -21.83 -51.55 -40.97
N LYS D 127 -20.75 -51.72 -41.78
CA LYS D 127 -20.79 -51.92 -43.26
C LYS D 127 -21.50 -53.26 -43.58
N LYS D 128 -21.21 -54.34 -42.90
CA LYS D 128 -21.82 -55.69 -43.06
C LYS D 128 -23.24 -55.63 -42.60
N ALA D 129 -23.62 -54.90 -41.54
CA ALA D 129 -25.04 -54.71 -41.20
C ALA D 129 -25.75 -53.95 -42.31
N PHE D 130 -25.18 -52.87 -42.90
CA PHE D 130 -25.74 -52.04 -43.97
C PHE D 130 -25.87 -52.88 -45.17
N ASN D 131 -24.89 -53.70 -45.52
CA ASN D 131 -25.07 -54.53 -46.73
C ASN D 131 -26.19 -55.53 -46.66
N LYS D 132 -26.37 -56.08 -45.42
CA LYS D 132 -27.52 -56.92 -45.15
C LYS D 132 -28.84 -56.21 -45.27
N SER D 133 -28.88 -54.92 -44.82
CA SER D 133 -30.09 -54.03 -44.86
C SER D 133 -30.46 -53.79 -46.37
N LEU D 134 -29.37 -53.65 -47.19
CA LEU D 134 -29.58 -53.40 -48.57
C LEU D 134 -30.05 -54.57 -49.33
N GLU D 135 -29.81 -55.84 -48.95
CA GLU D 135 -30.50 -56.96 -49.57
C GLU D 135 -31.90 -57.18 -48.95
N LEU D 136 -32.25 -56.43 -47.93
CA LEU D 136 -33.57 -56.41 -47.30
C LEU D 136 -34.40 -55.27 -47.79
N LEU D 137 -33.85 -54.15 -48.20
CA LEU D 137 -34.61 -53.08 -48.82
C LEU D 137 -35.22 -53.23 -50.23
N PRO D 138 -35.17 -54.37 -51.01
CA PRO D 138 -36.03 -54.56 -52.17
C PRO D 138 -37.01 -55.68 -51.85
N GLN D 139 -36.65 -56.58 -50.91
CA GLN D 139 -37.44 -57.69 -50.39
C GLN D 139 -38.51 -57.24 -49.35
N LEU D 140 -38.05 -56.35 -48.42
CA LEU D 140 -38.98 -55.94 -47.34
C LEU D 140 -39.82 -54.74 -47.89
N ALA D 141 -39.40 -54.15 -49.04
CA ALA D 141 -40.05 -53.04 -49.64
C ALA D 141 -41.23 -53.50 -50.48
N THR D 142 -42.05 -52.48 -50.86
CA THR D 142 -43.22 -52.57 -51.59
C THR D 142 -42.99 -51.73 -52.93
N LYS D 143 -43.41 -52.21 -54.13
CA LYS D 143 -43.30 -51.54 -55.44
C LYS D 143 -44.64 -51.24 -55.97
N VAL D 144 -44.86 -49.96 -56.32
CA VAL D 144 -46.10 -49.50 -56.80
C VAL D 144 -46.06 -49.10 -58.28
N ASP D 145 -45.12 -49.66 -59.07
CA ASP D 145 -44.94 -49.53 -60.49
C ASP D 145 -44.89 -48.14 -61.09
N VAL D 146 -45.03 -47.98 -62.41
CA VAL D 146 -45.32 -46.71 -63.08
C VAL D 146 -46.81 -46.25 -62.77
N SER D 147 -47.81 -47.17 -62.88
CA SER D 147 -49.19 -46.67 -62.80
C SER D 147 -50.16 -47.86 -62.97
N ASP D 148 -51.42 -47.65 -62.60
CA ASP D 148 -52.61 -48.45 -62.92
C ASP D 148 -53.28 -47.79 -64.13
N LEU D 149 -53.15 -46.43 -64.29
CA LEU D 149 -53.63 -45.79 -65.46
C LEU D 149 -52.75 -44.55 -65.82
N ASN D 150 -52.58 -44.31 -67.07
CA ASN D 150 -51.58 -43.45 -67.76
C ASN D 150 -50.22 -43.17 -67.11
N SER D 151 -49.88 -41.86 -66.84
CA SER D 151 -48.68 -41.49 -66.07
C SER D 151 -48.78 -41.68 -64.56
N ALA D 152 -49.98 -41.61 -63.99
CA ALA D 152 -50.17 -41.23 -62.55
C ALA D 152 -51.55 -41.35 -62.04
N THR D 153 -52.56 -42.02 -62.75
CA THR D 153 -53.94 -41.90 -62.41
C THR D 153 -54.53 -43.06 -61.63
N ALA D 154 -55.51 -42.78 -60.75
CA ALA D 154 -56.05 -43.69 -59.67
C ALA D 154 -55.23 -43.61 -58.42
N ARG D 155 -54.71 -42.41 -58.31
CA ARG D 155 -53.49 -41.89 -57.76
C ARG D 155 -52.71 -42.73 -56.71
N ASP D 156 -53.38 -43.17 -55.65
CA ASP D 156 -53.12 -44.08 -54.53
C ASP D 156 -51.79 -43.76 -53.91
N ALA D 157 -50.66 -44.43 -54.36
CA ALA D 157 -49.36 -44.24 -53.80
C ALA D 157 -48.93 -42.81 -53.76
N LEU D 158 -49.02 -42.08 -54.89
CA LEU D 158 -48.64 -40.72 -55.08
C LEU D 158 -49.47 -39.79 -54.02
N LYS D 159 -50.79 -40.09 -53.86
CA LYS D 159 -51.68 -39.51 -52.88
C LYS D 159 -51.26 -39.79 -51.46
N LYS D 160 -50.90 -41.06 -51.20
CA LYS D 160 -50.56 -41.39 -49.86
C LYS D 160 -49.29 -40.69 -49.39
N ILE D 161 -48.30 -40.50 -50.25
CA ILE D 161 -47.07 -39.88 -49.80
C ILE D 161 -47.13 -38.36 -49.74
N VAL D 162 -47.96 -37.79 -50.63
CA VAL D 162 -48.27 -36.33 -50.69
C VAL D 162 -49.17 -35.94 -49.50
N TYR D 163 -50.08 -36.85 -49.06
CA TYR D 163 -50.82 -36.73 -47.80
C TYR D 163 -49.91 -36.82 -46.64
N THR D 164 -48.96 -37.79 -46.60
CA THR D 164 -48.05 -37.96 -45.48
C THR D 164 -47.16 -36.79 -45.26
N THR D 165 -46.59 -36.23 -46.36
CA THR D 165 -45.70 -35.06 -46.19
C THR D 165 -46.39 -33.86 -45.62
N MET D 166 -47.60 -33.56 -46.11
CA MET D 166 -48.51 -32.53 -45.73
C MET D 166 -49.00 -32.70 -44.30
N SER D 167 -49.26 -33.96 -43.93
CA SER D 167 -49.61 -34.34 -42.60
C SER D 167 -48.55 -34.15 -41.56
N SER D 168 -47.27 -34.46 -41.89
CA SER D 168 -46.16 -34.21 -41.03
C SER D 168 -45.71 -32.80 -40.76
N LYS D 169 -45.62 -31.97 -41.82
CA LYS D 169 -45.26 -30.56 -41.66
C LYS D 169 -46.45 -29.70 -41.27
N PHE D 170 -47.60 -30.29 -40.82
CA PHE D 170 -48.78 -29.43 -40.52
C PHE D 170 -49.60 -29.89 -39.33
N MET D 171 -50.25 -31.08 -39.41
CA MET D 171 -51.04 -31.65 -38.35
C MET D 171 -52.40 -31.09 -38.11
N ALA D 172 -53.05 -30.73 -39.28
CA ALA D 172 -54.33 -30.11 -39.37
C ALA D 172 -55.14 -30.88 -40.38
N GLU D 173 -55.87 -30.24 -41.29
CA GLU D 173 -56.61 -30.89 -42.38
C GLU D 173 -55.87 -30.91 -43.67
N GLY D 174 -55.75 -29.72 -44.36
CA GLY D 174 -55.14 -29.60 -45.68
C GLY D 174 -55.87 -30.22 -46.79
N GLU D 175 -57.18 -30.52 -46.58
CA GLU D 175 -57.87 -31.21 -47.62
C GLU D 175 -58.04 -30.41 -48.92
N GLU D 176 -58.33 -29.08 -48.75
CA GLU D 176 -58.39 -28.21 -49.91
C GLU D 176 -57.04 -27.86 -50.55
N LEU D 177 -55.97 -28.31 -49.91
CA LEU D 177 -54.59 -28.14 -50.38
C LEU D 177 -54.14 -29.41 -51.11
N ASN D 178 -54.52 -30.58 -50.62
CA ASN D 178 -54.20 -31.92 -51.12
C ASN D 178 -54.79 -32.06 -52.57
N LYS D 179 -56.01 -31.62 -52.86
CA LYS D 179 -56.46 -31.59 -54.26
C LYS D 179 -55.63 -30.66 -55.23
N ILE D 180 -55.18 -29.42 -54.80
CA ILE D 180 -54.30 -28.63 -55.58
C ILE D 180 -52.93 -29.29 -55.83
N MET D 181 -52.39 -29.93 -54.83
CA MET D 181 -51.16 -30.72 -54.87
C MET D 181 -51.28 -31.92 -55.73
N ASP D 182 -52.44 -32.55 -55.71
CA ASP D 182 -52.75 -33.68 -56.53
C ASP D 182 -52.73 -33.24 -58.01
N ILE D 183 -53.32 -32.09 -58.39
CA ILE D 183 -53.32 -31.49 -59.74
C ILE D 183 -51.92 -31.12 -60.14
N VAL D 184 -51.09 -30.53 -59.26
CA VAL D 184 -49.70 -30.19 -59.51
C VAL D 184 -48.87 -31.41 -59.72
N ILE D 185 -49.04 -32.48 -58.86
CA ILE D 185 -48.32 -33.66 -58.99
C ILE D 185 -48.62 -34.34 -60.30
N ASP D 186 -49.94 -34.35 -60.72
CA ASP D 186 -50.34 -35.06 -61.90
C ASP D 186 -49.61 -34.48 -63.17
N ALA D 187 -49.56 -33.16 -63.29
CA ALA D 187 -48.82 -32.48 -64.35
C ALA D 187 -47.35 -32.64 -64.23
N VAL D 188 -46.65 -32.51 -63.12
CA VAL D 188 -45.24 -32.67 -63.05
C VAL D 188 -44.79 -34.03 -63.46
N THR D 189 -45.58 -35.07 -63.07
CA THR D 189 -45.43 -36.46 -63.51
C THR D 189 -45.52 -36.64 -65.04
N THR D 190 -46.52 -35.98 -65.63
CA THR D 190 -46.66 -35.93 -67.07
C THR D 190 -45.45 -35.39 -67.95
N VAL D 191 -44.78 -34.32 -67.49
CA VAL D 191 -43.56 -33.76 -67.97
C VAL D 191 -42.31 -34.72 -67.98
N ALA D 192 -41.92 -35.13 -66.77
CA ALA D 192 -41.05 -36.28 -66.46
C ALA D 192 -41.09 -37.48 -67.48
N GLU D 193 -42.22 -38.33 -67.53
CA GLU D 193 -42.32 -39.53 -68.42
C GLU D 193 -41.37 -40.72 -68.15
N PRO D 194 -41.74 -41.98 -68.53
CA PRO D 194 -41.33 -43.02 -67.58
C PRO D 194 -40.36 -43.93 -68.29
N LEU D 195 -39.30 -44.38 -67.56
CA LEU D 195 -38.17 -45.14 -68.14
C LEU D 195 -38.60 -46.63 -68.05
N PRO D 196 -38.02 -47.72 -68.69
CA PRO D 196 -38.53 -49.10 -68.54
C PRO D 196 -38.14 -49.65 -67.17
N ASP D 197 -37.05 -49.05 -66.57
CA ASP D 197 -36.78 -49.05 -65.08
C ASP D 197 -38.04 -48.80 -64.16
N GLY D 198 -38.92 -47.88 -64.49
CA GLY D 198 -40.02 -47.45 -63.66
C GLY D 198 -39.70 -46.16 -63.00
N GLY D 199 -38.48 -45.69 -62.95
CA GLY D 199 -38.09 -44.27 -62.78
C GLY D 199 -38.71 -43.24 -63.80
N TYR D 200 -38.66 -41.94 -63.50
CA TYR D 200 -39.22 -40.96 -64.43
C TYR D 200 -38.16 -39.99 -64.60
N ASN D 201 -38.25 -39.05 -65.63
CA ASN D 201 -37.17 -38.14 -65.94
C ASN D 201 -37.47 -36.74 -65.34
N VAL D 202 -37.60 -36.71 -63.99
CA VAL D 202 -38.03 -35.58 -63.15
C VAL D 202 -37.09 -34.36 -63.08
N SER D 203 -37.56 -33.14 -63.28
CA SER D 203 -36.65 -32.04 -63.23
C SER D 203 -37.34 -31.13 -62.34
N LEU D 204 -36.80 -30.82 -61.12
CA LEU D 204 -37.31 -29.69 -60.32
C LEU D 204 -36.42 -28.43 -60.56
N ASP D 205 -35.57 -28.52 -61.58
CA ASP D 205 -34.67 -27.41 -61.91
C ASP D 205 -35.12 -26.74 -63.21
N LEU D 206 -35.97 -27.35 -64.02
CA LEU D 206 -36.67 -26.77 -65.15
C LEU D 206 -38.09 -26.39 -64.81
N ILE D 207 -38.48 -26.74 -63.61
CA ILE D 207 -39.69 -26.29 -62.98
C ILE D 207 -39.57 -24.92 -62.35
N LYS D 208 -40.60 -24.06 -62.56
CA LYS D 208 -40.66 -22.72 -62.04
C LYS D 208 -42.08 -22.40 -61.52
N ILE D 209 -42.17 -21.80 -60.29
CA ILE D 209 -43.48 -21.52 -59.74
C ILE D 209 -43.53 -20.06 -59.43
N ASP D 210 -44.52 -19.30 -59.87
CA ASP D 210 -44.70 -17.87 -59.63
C ASP D 210 -45.90 -17.73 -58.74
N LYS D 211 -45.80 -17.05 -57.51
CA LYS D 211 -46.96 -16.84 -56.63
C LYS D 211 -47.46 -15.41 -56.49
N LYS D 212 -48.81 -15.31 -56.74
CA LYS D 212 -49.63 -14.11 -56.98
C LYS D 212 -50.83 -14.00 -56.08
N LYS D 213 -51.08 -12.78 -55.53
CA LYS D 213 -52.07 -12.53 -54.56
C LYS D 213 -53.56 -12.45 -55.13
N GLY D 214 -54.57 -12.26 -54.28
CA GLY D 214 -55.90 -11.72 -54.61
C GLY D 214 -56.92 -12.65 -55.08
N GLY D 215 -56.78 -13.96 -54.85
CA GLY D 215 -57.79 -15.02 -55.14
C GLY D 215 -57.53 -16.24 -54.24
N THR D 216 -57.52 -17.46 -54.78
CA THR D 216 -57.52 -18.66 -53.97
C THR D 216 -56.60 -19.73 -54.65
N ILE D 217 -56.24 -20.82 -54.00
CA ILE D 217 -55.38 -21.90 -54.52
C ILE D 217 -56.09 -22.69 -55.67
N GLU D 218 -57.42 -22.92 -55.69
CA GLU D 218 -58.14 -23.43 -56.91
C GLU D 218 -57.92 -22.62 -58.20
N ASP D 219 -57.34 -21.40 -58.08
CA ASP D 219 -57.03 -20.45 -59.20
C ASP D 219 -55.58 -20.55 -59.60
N SER D 220 -54.92 -21.60 -59.13
CA SER D 220 -53.61 -21.98 -59.59
C SER D 220 -53.78 -22.68 -60.92
N GLN D 221 -52.85 -22.54 -61.84
CA GLN D 221 -52.94 -23.16 -63.13
C GLN D 221 -51.55 -23.61 -63.55
N LEU D 222 -51.45 -24.68 -64.34
CA LEU D 222 -50.31 -24.91 -65.19
C LEU D 222 -50.31 -24.11 -66.49
N ILE D 223 -49.09 -23.73 -67.04
CA ILE D 223 -48.84 -23.13 -68.29
C ILE D 223 -47.78 -24.11 -68.80
N ARG D 224 -47.85 -24.55 -70.13
CA ARG D 224 -46.76 -25.44 -70.58
C ARG D 224 -45.61 -24.62 -71.19
N GLY D 225 -45.75 -23.29 -71.23
CA GLY D 225 -44.69 -22.35 -71.61
C GLY D 225 -44.10 -21.72 -70.35
N ILE D 226 -43.52 -20.58 -70.47
CA ILE D 226 -42.94 -19.69 -69.45
C ILE D 226 -43.84 -18.50 -69.21
N VAL D 227 -43.81 -18.09 -67.92
CA VAL D 227 -44.31 -16.87 -67.44
C VAL D 227 -43.30 -15.89 -67.03
N LEU D 228 -43.38 -14.74 -67.56
CA LEU D 228 -42.48 -13.67 -67.29
C LEU D 228 -43.10 -12.65 -66.41
N ASP D 229 -42.50 -12.44 -65.24
CA ASP D 229 -42.92 -11.44 -64.19
C ASP D 229 -42.76 -9.95 -64.61
N LYS D 230 -41.66 -9.60 -65.36
CA LYS D 230 -41.24 -8.33 -65.80
C LYS D 230 -42.20 -7.58 -66.77
N GLU D 231 -42.06 -6.18 -66.87
CA GLU D 231 -42.98 -5.35 -67.62
C GLU D 231 -42.75 -5.30 -69.09
N VAL D 232 -43.79 -5.26 -69.91
CA VAL D 232 -43.70 -4.62 -71.26
C VAL D 232 -43.54 -3.16 -71.12
N VAL D 233 -42.38 -2.70 -71.48
CA VAL D 233 -42.16 -1.34 -71.92
C VAL D 233 -43.19 -0.78 -72.89
N HIS D 234 -43.52 0.51 -72.79
CA HIS D 234 -44.08 1.40 -73.83
C HIS D 234 -45.59 1.18 -74.12
N ALA D 235 -46.33 2.36 -74.27
CA ALA D 235 -47.76 2.45 -74.68
C ALA D 235 -48.00 2.02 -76.11
N GLY D 236 -47.01 2.35 -77.02
CA GLY D 236 -47.08 2.11 -78.48
C GLY D 236 -47.09 0.70 -78.98
N MET D 237 -46.61 -0.24 -78.19
CA MET D 237 -46.42 -1.64 -78.62
C MET D 237 -47.72 -2.50 -78.62
N PRO D 238 -47.90 -3.56 -79.41
CA PRO D 238 -49.08 -4.49 -79.26
C PRO D 238 -49.15 -5.11 -77.91
N ARG D 239 -50.31 -5.73 -77.62
CA ARG D 239 -50.57 -6.27 -76.29
C ARG D 239 -50.46 -7.76 -76.42
N ARG D 240 -50.55 -8.28 -77.65
CA ARG D 240 -50.51 -9.73 -77.90
C ARG D 240 -49.91 -9.92 -79.25
N VAL D 241 -49.04 -10.97 -79.39
CA VAL D 241 -48.41 -11.38 -80.61
C VAL D 241 -48.71 -12.84 -80.72
N GLU D 242 -49.15 -13.18 -81.88
CA GLU D 242 -49.53 -14.55 -82.23
C GLU D 242 -48.56 -15.04 -83.25
N LYS D 243 -48.05 -16.28 -82.99
CA LYS D 243 -46.96 -16.89 -83.75
C LYS D 243 -45.74 -16.05 -83.73
N ALA D 244 -45.30 -15.91 -82.48
CA ALA D 244 -44.16 -15.12 -82.12
C ALA D 244 -42.80 -15.77 -82.47
N LYS D 245 -42.01 -14.98 -83.21
CA LYS D 245 -40.58 -15.24 -83.48
C LYS D 245 -39.96 -14.34 -82.45
N ILE D 246 -39.36 -14.93 -81.39
CA ILE D 246 -38.91 -14.26 -80.21
C ILE D 246 -37.44 -14.09 -80.28
N ALA D 247 -36.92 -12.84 -80.20
CA ALA D 247 -35.46 -12.64 -80.16
C ALA D 247 -34.97 -12.41 -78.68
N VAL D 248 -33.89 -12.98 -78.28
CA VAL D 248 -33.34 -12.79 -76.91
C VAL D 248 -32.04 -12.06 -77.04
N LEU D 249 -31.85 -10.98 -76.32
CA LEU D 249 -30.71 -10.10 -76.50
C LEU D 249 -30.05 -9.86 -75.15
N ASP D 250 -28.76 -10.17 -75.15
CA ASP D 250 -27.90 -10.12 -73.96
C ASP D 250 -27.28 -8.78 -73.70
N ALA D 251 -27.25 -7.90 -74.80
CA ALA D 251 -26.80 -6.56 -74.73
C ALA D 251 -27.96 -5.67 -74.43
N SER D 252 -27.69 -4.37 -74.05
CA SER D 252 -28.69 -3.33 -74.00
C SER D 252 -29.35 -2.89 -75.31
N LEU D 253 -30.58 -2.44 -75.24
CA LEU D 253 -31.16 -1.61 -76.28
C LEU D 253 -31.05 -0.08 -76.06
N GLU D 254 -29.82 0.34 -75.59
CA GLU D 254 -29.39 1.62 -75.23
C GLU D 254 -27.98 1.69 -75.86
N VAL D 255 -27.50 2.82 -76.38
CA VAL D 255 -26.10 2.91 -77.04
C VAL D 255 -24.90 2.79 -76.16
N GLU D 256 -23.98 1.95 -76.67
CA GLU D 256 -22.83 1.45 -75.94
C GLU D 256 -21.55 1.85 -76.62
N LYS D 257 -20.42 2.00 -75.85
CA LYS D 257 -19.22 2.75 -76.28
C LYS D 257 -18.37 1.99 -77.28
N PRO D 258 -17.65 2.69 -78.22
CA PRO D 258 -16.94 1.90 -79.23
C PRO D 258 -15.55 1.77 -78.64
N GLU D 259 -14.65 0.92 -79.21
CA GLU D 259 -13.37 0.52 -78.67
C GLU D 259 -12.43 1.65 -78.27
N ILE D 260 -12.31 2.70 -79.16
CA ILE D 260 -11.45 3.86 -78.97
C ILE D 260 -12.35 5.04 -79.25
N SER D 261 -12.38 6.02 -78.41
CA SER D 261 -13.58 6.80 -78.07
C SER D 261 -13.25 7.96 -77.13
N ALA D 262 -14.08 9.06 -77.11
CA ALA D 262 -13.79 10.07 -76.06
C ALA D 262 -15.02 10.91 -75.83
N LYS D 263 -15.00 11.66 -74.79
CA LYS D 263 -16.09 12.52 -74.41
C LYS D 263 -15.59 13.95 -74.47
N ILE D 264 -16.36 14.96 -74.89
CA ILE D 264 -15.89 16.32 -74.96
C ILE D 264 -16.95 17.10 -74.16
N SER D 265 -16.56 18.12 -73.32
CA SER D 265 -17.52 18.93 -72.57
C SER D 265 -18.17 19.97 -73.43
N ILE D 266 -19.45 19.81 -73.70
CA ILE D 266 -20.14 20.71 -74.61
C ILE D 266 -21.03 21.71 -73.81
N THR D 267 -20.79 23.00 -74.01
CA THR D 267 -21.70 24.05 -73.52
C THR D 267 -22.13 24.98 -74.61
N SER D 268 -21.82 24.84 -75.88
CA SER D 268 -22.75 25.32 -76.84
C SER D 268 -23.91 24.19 -77.04
N PRO D 269 -25.26 24.44 -76.92
CA PRO D 269 -26.09 23.33 -76.44
C PRO D 269 -26.62 22.60 -77.63
N ASP D 270 -26.57 23.23 -78.85
CA ASP D 270 -27.04 22.69 -80.10
C ASP D 270 -26.18 21.45 -80.39
N GLN D 271 -24.90 21.37 -79.86
CA GLN D 271 -24.01 20.29 -80.18
C GLN D 271 -24.33 19.09 -79.29
N ILE D 272 -25.09 19.30 -78.22
CA ILE D 272 -25.59 18.27 -77.30
C ILE D 272 -26.73 17.69 -77.97
N LYS D 273 -27.54 18.50 -78.64
CA LYS D 273 -28.68 18.00 -79.41
C LYS D 273 -28.20 17.16 -80.66
N ALA D 274 -27.03 17.44 -81.17
CA ALA D 274 -26.46 16.75 -82.32
C ALA D 274 -25.76 15.43 -81.89
N PHE D 275 -25.36 15.37 -80.62
CA PHE D 275 -24.92 14.08 -79.96
C PHE D 275 -26.10 13.13 -79.72
N LEU D 276 -27.25 13.75 -79.38
CA LEU D 276 -28.55 13.01 -79.21
C LEU D 276 -29.15 12.52 -80.49
N ASP D 277 -29.10 13.40 -81.58
CA ASP D 277 -29.50 12.90 -82.92
C ASP D 277 -28.54 11.89 -83.49
N GLU D 278 -27.23 11.95 -83.11
CA GLU D 278 -26.28 10.91 -83.42
C GLU D 278 -26.64 9.59 -82.69
N GLU D 279 -27.20 9.75 -81.47
CA GLU D 279 -27.64 8.62 -80.58
C GLU D 279 -28.98 7.97 -80.99
N ALA D 280 -29.87 8.76 -81.66
CA ALA D 280 -31.14 8.19 -82.22
C ALA D 280 -30.86 7.46 -83.50
N LYS D 281 -29.82 7.79 -84.25
CA LYS D 281 -29.46 7.06 -85.47
C LYS D 281 -28.66 5.75 -85.08
N TYR D 282 -28.16 5.57 -83.85
CA TYR D 282 -27.58 4.34 -83.31
C TYR D 282 -28.68 3.30 -82.81
N LEU D 283 -29.76 3.77 -82.14
CA LEU D 283 -30.86 3.00 -81.73
C LEU D 283 -31.66 2.51 -82.95
N LYS D 284 -31.84 3.42 -83.95
CA LYS D 284 -32.67 3.12 -85.13
C LYS D 284 -31.98 2.10 -86.05
N ASP D 285 -30.61 1.94 -85.98
CA ASP D 285 -29.86 0.85 -86.61
C ASP D 285 -30.16 -0.48 -85.94
N MET D 286 -29.99 -0.63 -84.62
CA MET D 286 -30.38 -1.80 -83.87
C MET D 286 -31.74 -2.42 -84.17
N VAL D 287 -32.72 -1.46 -84.21
CA VAL D 287 -34.09 -1.84 -84.62
C VAL D 287 -34.21 -2.35 -85.95
N ASP D 288 -33.61 -1.63 -86.90
CA ASP D 288 -33.62 -2.06 -88.24
C ASP D 288 -33.01 -3.49 -88.50
N LYS D 289 -32.00 -3.84 -87.69
CA LYS D 289 -31.39 -5.19 -87.78
C LYS D 289 -32.40 -6.24 -87.31
N LEU D 290 -33.10 -5.97 -86.12
CA LEU D 290 -34.11 -6.82 -85.52
C LEU D 290 -35.31 -7.06 -86.49
N ALA D 291 -35.80 -5.96 -87.15
CA ALA D 291 -36.86 -6.05 -88.08
C ALA D 291 -36.51 -6.85 -89.36
N SER D 292 -35.22 -7.00 -89.71
CA SER D 292 -34.73 -7.73 -90.84
C SER D 292 -34.69 -9.25 -90.61
N ILE D 293 -34.31 -9.65 -89.33
CA ILE D 293 -34.49 -10.98 -88.76
C ILE D 293 -35.99 -11.29 -88.79
N GLY D 294 -36.75 -10.19 -88.71
CA GLY D 294 -38.18 -10.13 -88.74
C GLY D 294 -38.87 -10.46 -87.44
N ALA D 295 -38.15 -10.36 -86.34
CA ALA D 295 -38.57 -10.71 -85.07
C ALA D 295 -39.85 -10.01 -84.66
N ASN D 296 -40.73 -10.73 -83.98
CA ASN D 296 -42.06 -10.15 -83.60
C ASN D 296 -42.26 -9.85 -82.12
N VAL D 297 -41.59 -10.60 -81.25
CA VAL D 297 -41.51 -10.34 -79.82
C VAL D 297 -40.03 -10.07 -79.52
N VAL D 298 -39.67 -9.32 -78.43
CA VAL D 298 -38.23 -9.34 -78.03
C VAL D 298 -38.01 -9.40 -76.53
N ILE D 299 -36.98 -10.07 -76.10
CA ILE D 299 -36.58 -10.00 -74.63
C ILE D 299 -35.21 -9.44 -74.58
N CYS D 300 -35.03 -8.45 -73.72
CA CYS D 300 -33.76 -7.78 -73.56
C CYS D 300 -33.33 -7.84 -72.08
N GLN D 301 -32.18 -8.41 -71.70
CA GLN D 301 -31.74 -8.43 -70.30
C GLN D 301 -31.40 -7.08 -69.62
N LYS D 302 -31.17 -5.93 -70.35
CA LYS D 302 -30.82 -4.62 -69.76
C LYS D 302 -32.00 -3.72 -70.10
N GLY D 303 -31.69 -2.40 -69.90
CA GLY D 303 -32.32 -1.15 -70.44
C GLY D 303 -32.81 -1.19 -71.90
N ILE D 304 -33.90 -0.52 -72.14
CA ILE D 304 -34.35 -0.39 -73.50
C ILE D 304 -34.60 1.08 -73.65
N ASP D 305 -33.84 1.88 -74.39
CA ASP D 305 -34.01 3.31 -74.57
C ASP D 305 -35.30 3.70 -75.20
N ASP D 306 -35.87 4.80 -74.74
CA ASP D 306 -37.20 5.35 -75.23
C ASP D 306 -37.25 5.46 -76.70
N ILE D 307 -36.16 5.97 -77.38
CA ILE D 307 -36.13 6.05 -78.84
C ILE D 307 -36.19 4.61 -79.44
N ALA D 308 -35.48 3.64 -78.92
CA ALA D 308 -35.64 2.25 -79.39
C ALA D 308 -36.99 1.65 -79.07
N GLN D 309 -37.69 2.11 -78.04
CA GLN D 309 -39.00 1.61 -77.83
C GLN D 309 -39.93 2.22 -78.89
N HIS D 310 -39.69 3.50 -79.36
CA HIS D 310 -40.53 4.09 -80.43
C HIS D 310 -40.36 3.36 -81.72
N PHE D 311 -39.13 3.04 -82.11
CA PHE D 311 -38.88 2.30 -83.35
C PHE D 311 -39.31 0.84 -83.39
N LEU D 312 -39.31 0.17 -82.23
CA LEU D 312 -39.82 -1.23 -82.10
C LEU D 312 -41.33 -1.14 -82.20
N ALA D 313 -41.99 -0.03 -81.65
CA ALA D 313 -43.44 0.13 -81.71
C ALA D 313 -43.82 0.40 -83.14
N LYS D 314 -43.08 1.11 -83.99
CA LYS D 314 -43.29 1.18 -85.45
C LYS D 314 -43.24 -0.18 -86.16
N ARG D 315 -42.30 -1.02 -85.86
CA ARG D 315 -42.23 -2.28 -86.49
C ARG D 315 -43.27 -3.25 -85.91
N GLY D 316 -43.96 -2.85 -84.84
CA GLY D 316 -45.10 -3.66 -84.40
C GLY D 316 -44.69 -4.75 -83.40
N ILE D 317 -43.59 -4.48 -82.69
CA ILE D 317 -42.86 -5.51 -81.91
C ILE D 317 -43.18 -5.38 -80.42
N LEU D 318 -43.42 -6.54 -79.74
CA LEU D 318 -43.71 -6.56 -78.32
C LEU D 318 -42.42 -6.77 -77.54
N ALA D 319 -42.00 -5.81 -76.72
CA ALA D 319 -40.79 -6.00 -75.92
C ALA D 319 -41.00 -6.18 -74.44
N VAL D 320 -40.08 -6.92 -73.76
CA VAL D 320 -39.99 -7.09 -72.33
C VAL D 320 -38.56 -6.48 -71.96
N ARG D 321 -38.35 -5.80 -70.80
CA ARG D 321 -37.00 -5.49 -70.48
C ARG D 321 -36.34 -6.56 -69.59
N ARG D 322 -35.57 -6.15 -68.60
CA ARG D 322 -34.83 -6.88 -67.61
C ARG D 322 -35.27 -8.29 -67.12
N VAL D 323 -35.27 -9.36 -67.96
CA VAL D 323 -35.53 -10.69 -67.53
C VAL D 323 -34.25 -11.25 -66.99
N LYS D 324 -34.40 -11.78 -65.78
CA LYS D 324 -33.29 -12.31 -64.98
C LYS D 324 -32.74 -13.60 -65.46
N ARG D 325 -31.42 -13.78 -65.15
CA ARG D 325 -30.58 -14.81 -65.76
C ARG D 325 -31.09 -16.28 -65.83
N SER D 326 -31.70 -16.76 -64.70
CA SER D 326 -32.20 -18.16 -64.57
C SER D 326 -33.32 -18.39 -65.50
N ASP D 327 -34.20 -17.39 -65.60
CA ASP D 327 -35.37 -17.36 -66.49
C ASP D 327 -35.01 -17.39 -67.98
N ILE D 328 -33.86 -16.80 -68.34
CA ILE D 328 -33.29 -16.72 -69.66
C ILE D 328 -32.77 -18.13 -70.05
N GLU D 329 -32.29 -18.97 -69.08
CA GLU D 329 -31.83 -20.32 -69.39
C GLU D 329 -33.05 -21.16 -69.77
N LYS D 330 -34.16 -20.97 -69.14
CA LYS D 330 -35.41 -21.61 -69.39
C LYS D 330 -36.08 -21.11 -70.73
N LEU D 331 -35.92 -19.81 -71.09
CA LEU D 331 -36.44 -19.35 -72.37
C LEU D 331 -35.60 -19.89 -73.45
N GLU D 332 -34.31 -20.10 -73.29
CA GLU D 332 -33.44 -20.66 -74.23
C GLU D 332 -33.85 -22.08 -74.68
N LYS D 333 -33.77 -22.95 -73.62
CA LYS D 333 -34.09 -24.33 -73.67
C LYS D 333 -35.52 -24.60 -74.13
N ALA D 334 -36.45 -23.75 -73.73
CA ALA D 334 -37.88 -24.00 -74.13
C ALA D 334 -38.40 -23.40 -75.49
N LEU D 335 -37.76 -22.34 -76.01
CA LEU D 335 -38.16 -21.80 -77.29
C LEU D 335 -37.25 -22.12 -78.52
N GLY D 336 -36.08 -22.76 -78.21
CA GLY D 336 -35.05 -22.96 -79.27
C GLY D 336 -34.32 -21.63 -79.49
N ALA D 337 -34.16 -20.73 -78.51
CA ALA D 337 -33.37 -19.50 -78.72
C ALA D 337 -31.97 -19.74 -78.35
N ARG D 338 -31.04 -18.90 -78.91
CA ARG D 338 -29.66 -18.92 -78.64
C ARG D 338 -29.10 -17.51 -78.49
N ILE D 339 -29.98 -16.48 -78.40
CA ILE D 339 -29.50 -15.26 -77.70
C ILE D 339 -28.52 -14.41 -78.47
N ILE D 340 -29.01 -13.37 -79.15
CA ILE D 340 -28.20 -12.48 -79.97
C ILE D 340 -27.16 -11.85 -79.11
N SER D 341 -25.86 -11.93 -79.47
CA SER D 341 -24.83 -11.23 -78.77
C SER D 341 -24.68 -9.81 -79.33
N SER D 342 -24.52 -9.70 -80.63
CA SER D 342 -24.13 -8.52 -81.30
C SER D 342 -25.34 -8.21 -82.17
N ILE D 343 -26.07 -7.10 -81.76
CA ILE D 343 -27.25 -6.66 -82.51
C ILE D 343 -26.91 -6.24 -83.94
N LYS D 344 -25.78 -5.55 -84.20
CA LYS D 344 -25.26 -5.23 -85.49
C LYS D 344 -25.08 -6.45 -86.47
N ASP D 345 -24.58 -7.65 -85.97
CA ASP D 345 -24.50 -8.76 -86.83
C ASP D 345 -25.88 -9.39 -87.17
N ALA D 346 -27.00 -8.95 -86.49
CA ALA D 346 -28.37 -9.36 -86.83
C ALA D 346 -28.62 -10.85 -86.82
N THR D 347 -28.23 -11.54 -85.77
CA THR D 347 -27.88 -12.97 -85.94
C THR D 347 -28.95 -13.99 -85.71
N PRO D 348 -29.24 -15.07 -86.62
CA PRO D 348 -30.67 -15.13 -87.04
C PRO D 348 -31.36 -16.44 -86.66
N GLU D 349 -30.61 -17.57 -86.55
CA GLU D 349 -30.92 -18.82 -86.02
C GLU D 349 -30.98 -18.73 -84.56
N ASP D 350 -30.62 -17.63 -83.91
CA ASP D 350 -30.76 -17.48 -82.44
C ASP D 350 -32.13 -17.16 -81.91
N LEU D 351 -33.10 -17.23 -82.77
CA LEU D 351 -34.45 -16.73 -82.67
C LEU D 351 -35.30 -17.96 -82.20
N GLY D 352 -36.28 -17.83 -81.22
CA GLY D 352 -37.14 -18.93 -80.81
C GLY D 352 -38.53 -18.82 -81.26
N TYR D 353 -39.44 -19.84 -80.99
CA TYR D 353 -40.81 -19.73 -81.50
C TYR D 353 -41.88 -20.17 -80.49
N ALA D 354 -42.92 -19.34 -80.31
CA ALA D 354 -44.03 -19.53 -79.42
C ALA D 354 -45.25 -19.27 -80.16
N GLU D 355 -46.31 -19.97 -79.85
CA GLU D 355 -47.69 -19.82 -80.43
C GLU D 355 -48.28 -18.50 -80.04
N LEU D 356 -48.05 -17.97 -78.81
CA LEU D 356 -48.48 -16.61 -78.53
C LEU D 356 -47.66 -16.09 -77.37
N VAL D 357 -47.75 -14.82 -77.26
CA VAL D 357 -47.19 -14.02 -76.17
C VAL D 357 -48.20 -12.95 -75.86
N GLU D 358 -48.76 -12.87 -74.65
CA GLU D 358 -49.61 -11.76 -74.24
C GLU D 358 -49.31 -11.34 -72.81
N GLU D 359 -49.78 -10.15 -72.48
CA GLU D 359 -49.87 -9.54 -71.16
C GLU D 359 -51.17 -9.82 -70.41
N ARG D 360 -51.07 -10.26 -69.12
CA ARG D 360 -52.25 -10.54 -68.31
C ARG D 360 -52.00 -9.94 -66.93
N LYS D 361 -53.02 -9.40 -66.26
CA LYS D 361 -52.92 -9.15 -64.83
C LYS D 361 -53.29 -10.37 -64.00
N VAL D 362 -52.45 -10.76 -63.00
CA VAL D 362 -52.66 -11.80 -62.02
C VAL D 362 -52.54 -11.23 -60.62
N GLY D 363 -53.61 -11.31 -59.79
CA GLY D 363 -53.61 -10.79 -58.41
C GLY D 363 -53.39 -9.30 -58.34
N ASN D 364 -53.70 -8.65 -59.51
CA ASN D 364 -53.57 -7.27 -59.97
C ASN D 364 -52.15 -6.95 -60.42
N ASP D 365 -51.19 -7.89 -60.26
CA ASP D 365 -49.90 -7.57 -60.78
C ASP D 365 -49.83 -7.85 -62.27
N LYS D 366 -49.10 -7.00 -63.07
CA LYS D 366 -48.91 -7.30 -64.50
C LYS D 366 -47.78 -8.40 -64.70
N MET D 367 -47.91 -9.14 -65.75
CA MET D 367 -47.27 -10.37 -66.15
C MET D 367 -47.32 -10.69 -67.67
N VAL D 368 -46.25 -11.22 -68.25
CA VAL D 368 -46.04 -11.54 -69.65
C VAL D 368 -46.03 -13.11 -69.78
N PHE D 369 -46.92 -13.74 -70.56
CA PHE D 369 -47.09 -15.22 -70.57
C PHE D 369 -46.74 -15.60 -71.99
N ILE D 370 -45.87 -16.55 -72.05
CA ILE D 370 -45.49 -17.22 -73.26
C ILE D 370 -46.09 -18.59 -73.20
N GLU D 371 -46.84 -19.04 -74.17
CA GLU D 371 -47.37 -20.36 -74.12
C GLU D 371 -47.53 -20.88 -75.59
N GLY D 372 -47.64 -22.20 -75.74
CA GLY D 372 -47.71 -22.89 -77.00
C GLY D 372 -46.32 -23.26 -77.54
N ALA D 373 -45.61 -24.07 -76.75
CA ALA D 373 -44.18 -24.25 -76.75
C ALA D 373 -43.93 -25.67 -77.02
N LYS D 374 -43.14 -26.03 -78.05
CA LYS D 374 -42.75 -27.40 -78.56
C LYS D 374 -42.05 -28.18 -77.42
N ASN D 375 -42.51 -29.50 -77.25
CA ASN D 375 -41.86 -30.55 -76.46
C ASN D 375 -41.50 -30.02 -75.04
N PRO D 376 -42.44 -29.69 -74.18
CA PRO D 376 -42.19 -29.21 -72.82
C PRO D 376 -41.40 -30.15 -71.90
N LYS D 377 -40.23 -29.65 -71.43
CA LYS D 377 -39.45 -30.11 -70.29
C LYS D 377 -39.45 -29.11 -69.22
N ALA D 378 -39.75 -27.93 -69.63
CA ALA D 378 -39.74 -26.72 -68.77
C ALA D 378 -41.11 -26.14 -68.80
N VAL D 379 -41.76 -26.23 -67.61
CA VAL D 379 -43.15 -25.75 -67.45
C VAL D 379 -43.11 -24.78 -66.31
N ASN D 380 -44.13 -23.92 -66.22
CA ASN D 380 -44.28 -22.91 -65.21
C ASN D 380 -45.61 -23.06 -64.56
N ILE D 381 -45.68 -22.94 -63.24
CA ILE D 381 -46.88 -23.07 -62.46
C ILE D 381 -47.28 -21.77 -61.86
N LEU D 382 -48.54 -21.33 -62.06
CA LEU D 382 -48.97 -20.12 -61.57
C LEU D 382 -49.73 -20.47 -60.33
N LEU D 383 -49.26 -19.85 -59.21
CA LEU D 383 -49.82 -20.18 -57.88
C LEU D 383 -50.48 -18.88 -57.36
N ARG D 384 -51.83 -18.87 -57.44
CA ARG D 384 -52.52 -17.73 -56.85
C ARG D 384 -52.98 -18.07 -55.44
N GLY D 385 -53.11 -17.05 -54.68
CA GLY D 385 -53.62 -17.22 -53.30
C GLY D 385 -54.14 -15.91 -52.83
N SER D 386 -54.38 -15.77 -51.48
CA SER D 386 -55.07 -14.57 -50.97
C SER D 386 -54.18 -13.37 -50.76
N ASN D 387 -53.75 -13.09 -49.48
CA ASN D 387 -52.74 -12.18 -49.08
C ASN D 387 -51.34 -12.69 -49.24
N ASP D 388 -50.61 -13.04 -48.09
CA ASP D 388 -49.20 -13.36 -48.24
C ASP D 388 -48.88 -14.62 -47.46
N MET D 389 -49.42 -14.81 -46.27
CA MET D 389 -49.02 -15.81 -45.34
C MET D 389 -49.45 -17.21 -45.83
N ALA D 390 -50.67 -17.27 -46.38
CA ALA D 390 -51.27 -18.52 -46.76
C ALA D 390 -50.75 -18.97 -48.13
N LEU D 391 -50.09 -18.05 -48.86
CA LEU D 391 -49.58 -18.20 -50.17
C LEU D 391 -48.18 -18.75 -50.13
N ASP D 392 -47.39 -18.16 -49.20
CA ASP D 392 -46.16 -18.62 -48.63
C ASP D 392 -46.23 -19.98 -47.94
N GLU D 393 -47.24 -20.31 -47.14
CA GLU D 393 -47.46 -21.70 -46.53
C GLU D 393 -47.85 -22.81 -47.56
N ALA D 394 -48.76 -22.49 -48.54
CA ALA D 394 -49.17 -23.38 -49.56
C ALA D 394 -48.05 -23.65 -50.51
N GLU D 395 -47.15 -22.69 -50.84
CA GLU D 395 -45.92 -22.88 -51.66
C GLU D 395 -44.92 -23.78 -51.03
N ARG D 396 -44.58 -23.56 -49.73
CA ARG D 396 -43.60 -24.41 -49.03
C ARG D 396 -44.17 -25.80 -49.06
N SER D 397 -45.49 -25.95 -48.84
CA SER D 397 -46.13 -27.26 -48.73
C SER D 397 -46.02 -28.08 -50.02
N ILE D 398 -46.18 -27.40 -51.20
CA ILE D 398 -46.00 -27.78 -52.57
C ILE D 398 -44.49 -28.08 -52.87
N ASN D 399 -43.52 -27.25 -52.34
CA ASN D 399 -42.11 -27.57 -52.40
C ASN D 399 -41.91 -28.96 -51.81
N ASP D 400 -42.11 -29.11 -50.47
CA ASP D 400 -41.92 -30.35 -49.77
C ASP D 400 -42.55 -31.63 -50.42
N ALA D 401 -43.75 -31.43 -51.05
CA ALA D 401 -44.51 -32.42 -51.75
C ALA D 401 -43.98 -32.83 -53.11
N LEU D 402 -43.40 -31.88 -53.78
CA LEU D 402 -42.59 -32.13 -54.98
C LEU D 402 -41.33 -32.95 -54.60
N TYR D 403 -40.71 -32.65 -53.49
CA TYR D 403 -39.52 -33.37 -53.10
C TYR D 403 -39.88 -34.76 -52.73
N SER D 404 -41.06 -35.00 -52.14
CA SER D 404 -41.49 -36.34 -51.85
C SER D 404 -41.88 -37.10 -53.13
N LEU D 405 -42.42 -36.34 -54.08
CA LEU D 405 -42.69 -36.93 -55.43
C LEU D 405 -41.36 -37.21 -56.14
N ARG D 406 -40.28 -36.43 -56.08
CA ARG D 406 -39.07 -36.80 -56.85
C ARG D 406 -38.38 -38.05 -56.20
N ASN D 407 -38.57 -38.26 -54.89
CA ASN D 407 -38.14 -39.40 -54.27
C ASN D 407 -39.00 -40.72 -54.52
N ILE D 408 -40.34 -40.57 -54.62
CA ILE D 408 -41.18 -41.63 -55.21
C ILE D 408 -41.05 -41.92 -56.71
N LEU D 409 -40.90 -40.89 -57.50
CA LEU D 409 -40.74 -40.98 -58.89
C LEU D 409 -39.41 -41.62 -59.30
N MET D 410 -38.32 -41.29 -58.62
CA MET D 410 -37.02 -41.93 -59.03
C MET D 410 -36.68 -43.31 -58.47
N GLU D 411 -37.62 -43.84 -57.61
CA GLU D 411 -37.51 -45.31 -57.43
C GLU D 411 -38.91 -45.83 -57.05
N PRO D 412 -39.58 -46.67 -57.84
CA PRO D 412 -41.01 -46.93 -57.73
C PRO D 412 -41.39 -47.79 -56.60
N TYR D 413 -40.58 -47.74 -55.52
CA TYR D 413 -40.73 -48.55 -54.32
C TYR D 413 -41.04 -47.63 -53.14
N ILE D 414 -41.94 -47.96 -52.24
CA ILE D 414 -42.32 -47.24 -51.08
C ILE D 414 -42.28 -48.10 -49.90
N VAL D 415 -42.22 -47.43 -48.68
CA VAL D 415 -42.13 -48.12 -47.41
C VAL D 415 -42.65 -47.19 -46.27
N PRO D 416 -42.99 -47.57 -45.02
CA PRO D 416 -43.20 -46.74 -43.87
C PRO D 416 -41.94 -46.00 -43.41
N GLY D 417 -41.96 -44.70 -42.95
CA GLY D 417 -40.80 -43.98 -42.58
C GLY D 417 -40.36 -44.12 -41.16
N GLY D 418 -41.01 -45.06 -40.46
CA GLY D 418 -40.96 -45.25 -39.06
C GLY D 418 -41.98 -46.17 -38.56
N GLY D 419 -41.60 -47.45 -38.41
CA GLY D 419 -42.46 -48.34 -37.63
C GLY D 419 -42.09 -49.79 -37.93
N ALA D 420 -42.06 -50.16 -39.19
CA ALA D 420 -42.15 -51.52 -39.59
C ALA D 420 -40.82 -52.04 -39.94
N ILE D 421 -40.25 -51.50 -40.95
CA ILE D 421 -38.98 -51.75 -41.48
C ILE D 421 -37.86 -51.88 -40.46
N GLU D 422 -37.75 -50.87 -39.57
CA GLU D 422 -36.73 -50.82 -38.54
C GLU D 422 -36.78 -51.94 -37.51
N LEU D 423 -37.93 -52.28 -36.89
CA LEU D 423 -38.04 -53.44 -36.07
C LEU D 423 -37.72 -54.72 -36.92
N GLU D 424 -38.21 -54.83 -38.19
CA GLU D 424 -37.80 -56.02 -39.00
C GLU D 424 -36.30 -56.09 -39.40
N LEU D 425 -35.60 -54.97 -39.73
CA LEU D 425 -34.12 -55.05 -39.89
C LEU D 425 -33.44 -55.40 -38.55
N SER D 426 -33.81 -54.84 -37.41
CA SER D 426 -33.20 -55.11 -36.15
C SER D 426 -33.41 -56.54 -35.65
N ALA D 427 -34.58 -57.17 -35.85
CA ALA D 427 -34.93 -58.57 -35.46
C ALA D 427 -34.26 -59.55 -36.36
N ARG D 428 -34.13 -59.25 -37.70
CA ARG D 428 -33.29 -60.03 -38.61
C ARG D 428 -31.80 -59.95 -38.42
N LEU D 429 -31.30 -58.77 -37.96
CA LEU D 429 -29.86 -58.62 -37.63
C LEU D 429 -29.43 -59.36 -36.39
N ARG D 430 -30.34 -59.43 -35.37
CA ARG D 430 -29.99 -60.30 -34.24
C ARG D 430 -30.44 -61.75 -34.65
N GLU D 431 -29.85 -62.36 -35.69
CA GLU D 431 -29.94 -63.65 -36.34
C GLU D 431 -28.74 -63.67 -37.34
N TYR D 432 -28.56 -62.55 -38.09
CA TYR D 432 -27.30 -62.34 -38.84
C TYR D 432 -26.12 -62.43 -37.92
N ALA D 433 -26.04 -61.50 -36.95
CA ALA D 433 -25.01 -61.50 -35.92
C ALA D 433 -24.73 -62.85 -35.22
N ARG D 434 -25.64 -63.78 -35.18
CA ARG D 434 -25.40 -65.10 -34.71
C ARG D 434 -24.55 -65.88 -35.58
N SER D 435 -24.80 -65.76 -36.90
CA SER D 435 -23.97 -66.38 -37.96
C SER D 435 -22.61 -65.74 -38.13
N VAL D 436 -22.47 -64.47 -37.72
CA VAL D 436 -21.24 -63.74 -37.63
C VAL D 436 -20.50 -63.99 -36.41
N GLY D 437 -19.22 -64.14 -36.55
CA GLY D 437 -18.28 -64.33 -35.48
C GLY D 437 -17.50 -63.10 -35.09
N GLY D 438 -16.57 -63.28 -34.06
CA GLY D 438 -15.85 -62.08 -33.47
C GLY D 438 -16.48 -60.76 -33.19
N LYS D 439 -15.62 -59.69 -33.15
CA LYS D 439 -15.94 -58.32 -32.78
C LYS D 439 -16.71 -57.54 -33.84
N GLU D 440 -16.89 -58.11 -35.06
CA GLU D 440 -17.80 -57.74 -36.09
C GLU D 440 -19.28 -58.17 -35.74
N GLN D 441 -19.45 -59.18 -34.84
CA GLN D 441 -20.82 -59.60 -34.40
C GLN D 441 -21.35 -58.58 -33.46
N LEU D 442 -20.43 -57.96 -32.69
CA LEU D 442 -20.80 -56.97 -31.77
C LEU D 442 -21.15 -55.71 -32.51
N ALA D 443 -20.48 -55.41 -33.63
CA ALA D 443 -20.80 -54.28 -34.40
C ALA D 443 -22.16 -54.34 -35.09
N ILE D 444 -22.57 -55.52 -35.61
CA ILE D 444 -23.85 -55.82 -36.14
C ILE D 444 -24.99 -55.75 -35.09
N GLU D 445 -24.82 -56.27 -33.82
CA GLU D 445 -25.78 -56.10 -32.78
C GLU D 445 -25.91 -54.69 -32.24
N ALA D 446 -24.86 -53.74 -32.46
CA ALA D 446 -24.82 -52.35 -32.14
C ALA D 446 -25.52 -51.59 -33.24
N TYR D 447 -25.60 -52.09 -34.50
CA TYR D 447 -26.30 -51.46 -35.58
C TYR D 447 -27.83 -51.64 -35.34
N ALA D 448 -28.20 -52.84 -34.79
CA ALA D 448 -29.52 -53.23 -34.44
C ALA D 448 -30.07 -52.45 -33.34
N ASP D 449 -29.24 -52.20 -32.27
CA ASP D 449 -29.65 -51.32 -31.20
C ASP D 449 -29.85 -49.88 -31.71
N ALA D 450 -29.08 -49.32 -32.62
CA ALA D 450 -29.31 -47.96 -33.13
C ALA D 450 -30.60 -47.79 -33.93
N LEU D 451 -31.00 -48.78 -34.76
CA LEU D 451 -32.30 -48.78 -35.40
C LEU D 451 -33.45 -48.76 -34.32
N GLU D 452 -33.32 -49.46 -33.15
CA GLU D 452 -34.32 -49.45 -32.06
C GLU D 452 -34.47 -48.05 -31.41
N GLU D 453 -33.52 -47.09 -31.65
CA GLU D 453 -33.60 -45.76 -31.11
C GLU D 453 -34.42 -44.75 -31.97
N ILE D 454 -34.77 -45.16 -33.25
CA ILE D 454 -35.84 -44.55 -34.16
C ILE D 454 -37.24 -45.10 -33.73
N PRO D 455 -38.50 -44.64 -34.23
CA PRO D 455 -39.60 -45.62 -34.02
C PRO D 455 -40.38 -45.36 -32.67
N MET D 456 -39.68 -45.42 -31.57
CA MET D 456 -40.14 -45.18 -30.20
C MET D 456 -39.99 -43.66 -29.98
N ILE D 457 -39.16 -43.03 -30.88
CA ILE D 457 -38.84 -41.63 -30.81
C ILE D 457 -40.00 -40.85 -31.46
N LEU D 458 -40.65 -41.40 -32.50
CA LEU D 458 -41.88 -40.90 -33.07
C LEU D 458 -43.03 -40.94 -32.06
N ALA D 459 -43.14 -42.04 -31.33
CA ALA D 459 -44.20 -42.08 -30.21
C ALA D 459 -43.88 -41.05 -29.11
N GLU D 460 -42.58 -40.78 -28.83
CA GLU D 460 -42.33 -39.82 -27.74
C GLU D 460 -42.62 -38.41 -28.14
N THR D 461 -42.34 -38.14 -29.36
CA THR D 461 -42.57 -36.87 -30.10
C THR D 461 -44.05 -36.57 -30.01
N ALA D 462 -44.91 -37.60 -30.11
CA ALA D 462 -46.38 -37.49 -29.85
C ALA D 462 -46.87 -37.36 -28.36
N GLY D 463 -45.92 -37.35 -27.37
CA GLY D 463 -46.19 -37.16 -26.02
C GLY D 463 -46.40 -38.44 -25.25
N LEU D 464 -46.11 -39.58 -25.94
CA LEU D 464 -46.35 -40.96 -25.43
C LEU D 464 -45.05 -41.45 -24.76
N GLU D 465 -45.12 -42.61 -24.08
CA GLU D 465 -44.01 -43.22 -23.33
C GLU D 465 -43.17 -44.05 -24.29
N PRO D 466 -41.84 -43.84 -24.46
CA PRO D 466 -41.13 -44.50 -25.52
C PRO D 466 -40.84 -45.98 -25.16
N ILE D 467 -40.33 -46.32 -23.97
CA ILE D 467 -39.86 -47.72 -23.69
C ILE D 467 -40.92 -48.80 -23.60
N SER D 468 -42.11 -48.56 -23.02
CA SER D 468 -43.25 -49.47 -23.10
C SER D 468 -43.81 -49.48 -24.44
N ALA D 469 -43.83 -48.39 -25.26
CA ALA D 469 -44.31 -48.29 -26.64
C ALA D 469 -43.40 -49.10 -27.52
N LEU D 470 -42.04 -49.11 -27.25
CA LEU D 470 -41.14 -49.99 -27.94
C LEU D 470 -41.34 -51.46 -27.64
N MET D 471 -41.66 -51.84 -26.38
CA MET D 471 -41.97 -53.15 -25.93
C MET D 471 -43.28 -53.73 -26.45
N ASP D 472 -44.27 -52.88 -26.58
CA ASP D 472 -45.56 -53.35 -27.00
C ASP D 472 -45.58 -53.45 -28.49
N LEU D 473 -44.82 -52.61 -29.22
CA LEU D 473 -44.68 -52.69 -30.68
C LEU D 473 -43.80 -53.87 -31.13
N ARG D 474 -42.67 -54.14 -30.38
CA ARG D 474 -41.80 -55.29 -30.64
C ARG D 474 -42.56 -56.58 -30.53
N ALA D 475 -43.39 -56.75 -29.48
CA ALA D 475 -44.17 -57.91 -29.20
C ALA D 475 -45.34 -58.18 -30.15
N ARG D 476 -45.92 -57.09 -30.64
CA ARG D 476 -46.96 -57.13 -31.60
C ARG D 476 -46.49 -57.51 -32.90
N HIS D 477 -45.19 -57.16 -33.16
CA HIS D 477 -44.46 -57.44 -34.43
C HIS D 477 -43.95 -58.86 -34.47
N ALA D 478 -44.13 -59.53 -33.33
CA ALA D 478 -43.47 -60.84 -33.14
C ALA D 478 -44.51 -61.91 -33.20
N LYS D 479 -45.64 -61.64 -32.54
CA LYS D 479 -46.78 -62.52 -32.45
C LYS D 479 -47.74 -62.36 -33.57
N GLY D 480 -47.92 -61.05 -33.97
CA GLY D 480 -48.51 -60.64 -35.23
C GLY D 480 -47.55 -60.39 -36.36
N LEU D 481 -47.97 -59.56 -37.24
CA LEU D 481 -47.24 -59.20 -38.46
C LEU D 481 -46.44 -57.84 -38.41
N THR D 482 -45.61 -57.53 -39.41
CA THR D 482 -44.52 -56.58 -39.32
C THR D 482 -44.81 -55.17 -39.76
N ASN D 483 -46.04 -54.82 -40.04
CA ASN D 483 -46.40 -53.52 -40.66
C ASN D 483 -47.17 -52.70 -39.72
N CYS D 484 -47.08 -52.96 -38.43
CA CYS D 484 -47.67 -52.17 -37.37
C CYS D 484 -46.75 -50.96 -37.11
N GLY D 485 -47.27 -49.78 -36.95
CA GLY D 485 -46.53 -48.58 -36.68
C GLY D 485 -47.04 -47.98 -35.39
N VAL D 486 -46.82 -46.68 -35.31
CA VAL D 486 -47.41 -45.81 -34.33
C VAL D 486 -48.28 -44.71 -35.07
N ASP D 487 -49.61 -44.59 -34.63
CA ASP D 487 -50.52 -43.55 -35.13
C ASP D 487 -50.03 -42.22 -34.42
N VAL D 488 -49.72 -41.15 -35.15
CA VAL D 488 -49.44 -39.85 -34.50
C VAL D 488 -50.59 -38.89 -34.67
N ILE D 489 -51.63 -39.22 -35.38
CA ILE D 489 -52.86 -38.49 -35.37
C ILE D 489 -53.78 -38.72 -34.12
N ASN D 490 -53.89 -40.03 -33.76
CA ASN D 490 -54.51 -40.64 -32.61
C ASN D 490 -53.60 -40.92 -31.52
N GLY D 491 -52.24 -40.98 -31.63
CA GLY D 491 -51.38 -41.36 -30.52
C GLY D 491 -51.46 -42.81 -30.04
N LYS D 492 -51.61 -43.73 -31.04
CA LYS D 492 -51.85 -45.11 -30.72
C LYS D 492 -50.80 -46.00 -31.33
N ILE D 493 -50.51 -47.17 -30.76
CA ILE D 493 -49.95 -48.21 -31.61
C ILE D 493 -50.95 -48.78 -32.62
N ILE D 494 -50.63 -48.84 -34.00
CA ILE D 494 -51.57 -49.13 -34.96
C ILE D 494 -51.16 -50.38 -35.76
N ASP D 495 -52.15 -51.20 -36.22
CA ASP D 495 -51.97 -52.22 -37.25
C ASP D 495 -52.06 -51.60 -38.70
N ASP D 496 -51.50 -52.33 -39.69
CA ASP D 496 -50.86 -51.93 -40.90
C ASP D 496 -50.83 -50.42 -41.32
N ILE D 497 -49.64 -49.91 -41.19
CA ILE D 497 -49.43 -48.46 -41.28
C ILE D 497 -49.66 -47.91 -42.65
N TYR D 498 -49.49 -48.78 -43.63
CA TYR D 498 -49.89 -48.62 -45.02
C TYR D 498 -51.31 -48.30 -45.26
N SER D 499 -52.23 -49.05 -44.60
CA SER D 499 -53.64 -48.91 -44.63
C SER D 499 -54.06 -47.68 -43.87
N ILE D 500 -53.15 -47.08 -42.97
CA ILE D 500 -53.41 -45.73 -42.43
C ILE D 500 -53.03 -44.65 -43.34
N ASN D 501 -52.44 -44.99 -44.46
CA ASN D 501 -51.95 -44.27 -45.56
C ASN D 501 -50.52 -43.73 -45.29
N VAL D 502 -49.87 -44.06 -44.15
CA VAL D 502 -48.69 -43.30 -43.67
C VAL D 502 -47.54 -43.99 -44.14
N VAL D 503 -47.15 -43.63 -45.36
CA VAL D 503 -45.94 -44.21 -46.03
C VAL D 503 -45.16 -43.10 -46.65
N GLU D 504 -43.89 -43.44 -47.02
CA GLU D 504 -42.82 -42.67 -47.53
C GLU D 504 -42.28 -43.37 -48.72
N PRO D 505 -41.59 -42.58 -49.63
CA PRO D 505 -40.66 -43.18 -50.56
C PRO D 505 -39.49 -43.85 -49.87
N ILE D 506 -39.16 -45.08 -50.36
CA ILE D 506 -37.91 -45.77 -50.03
C ILE D 506 -36.66 -44.89 -50.17
N ARG D 507 -36.62 -43.96 -51.13
CA ARG D 507 -35.49 -43.08 -51.25
C ARG D 507 -35.25 -42.00 -50.20
N VAL D 508 -36.32 -41.61 -49.44
CA VAL D 508 -36.12 -40.65 -48.39
C VAL D 508 -35.44 -41.34 -47.21
N THR D 509 -35.65 -42.68 -47.11
CA THR D 509 -34.99 -43.60 -46.16
C THR D 509 -33.59 -43.89 -46.67
N ARG D 510 -33.38 -44.47 -47.87
CA ARG D 510 -32.03 -44.90 -48.43
C ARG D 510 -31.04 -43.78 -48.27
N GLN D 511 -31.40 -42.53 -48.59
CA GLN D 511 -30.47 -41.37 -48.42
C GLN D 511 -30.22 -40.99 -47.02
N VAL D 512 -31.14 -41.11 -46.06
CA VAL D 512 -30.84 -40.79 -44.63
C VAL D 512 -30.14 -41.96 -44.07
N LEU D 513 -30.21 -43.22 -44.63
CA LEU D 513 -29.27 -44.25 -44.10
C LEU D 513 -27.85 -44.13 -44.65
N LYS D 514 -27.71 -43.71 -45.88
CA LYS D 514 -26.40 -43.39 -46.42
C LYS D 514 -25.63 -42.22 -45.77
N SER D 515 -26.28 -41.16 -45.46
CA SER D 515 -25.62 -39.98 -44.94
C SER D 515 -25.38 -39.94 -43.46
N ALA D 516 -26.06 -40.82 -42.73
CA ALA D 516 -25.77 -41.21 -41.42
C ALA D 516 -24.68 -42.27 -41.30
N THR D 517 -24.58 -43.26 -42.14
CA THR D 517 -23.43 -44.22 -42.17
C THR D 517 -22.07 -43.64 -42.62
N GLU D 518 -22.18 -42.48 -43.26
CA GLU D 518 -21.11 -41.64 -43.71
C GLU D 518 -20.62 -40.81 -42.61
N ALA D 519 -21.53 -40.24 -41.83
CA ALA D 519 -21.20 -39.30 -40.77
C ALA D 519 -20.49 -40.02 -39.61
N ALA D 520 -21.02 -41.23 -39.27
CA ALA D 520 -20.51 -42.04 -38.20
C ALA D 520 -19.11 -42.55 -38.62
N THR D 521 -18.90 -42.89 -39.94
CA THR D 521 -17.59 -43.32 -40.42
C THR D 521 -16.59 -42.14 -40.36
N SER D 522 -17.10 -40.90 -40.64
CA SER D 522 -16.28 -39.70 -40.69
C SER D 522 -15.79 -39.27 -39.34
N ILE D 523 -16.62 -39.37 -38.33
CA ILE D 523 -16.25 -39.03 -37.00
C ILE D 523 -15.33 -40.13 -36.34
N MET D 524 -15.35 -41.41 -36.77
CA MET D 524 -14.38 -42.39 -36.26
C MET D 524 -12.93 -42.13 -36.89
N LYS D 525 -12.91 -41.61 -38.10
CA LYS D 525 -11.77 -41.70 -39.05
C LYS D 525 -10.65 -40.65 -38.82
N ILE D 526 -10.87 -39.78 -37.84
CA ILE D 526 -10.17 -38.50 -37.75
C ILE D 526 -9.56 -38.47 -36.39
N ASP D 527 -8.24 -38.17 -36.35
CA ASP D 527 -7.41 -38.13 -35.15
C ASP D 527 -7.06 -36.68 -34.81
N ASP D 528 -5.86 -36.18 -35.24
CA ASP D 528 -5.20 -34.87 -34.87
C ASP D 528 -6.01 -33.67 -35.35
N LEU D 529 -5.75 -32.46 -34.77
CA LEU D 529 -6.38 -31.27 -35.10
C LEU D 529 -5.44 -30.16 -34.79
N ILE D 530 -4.96 -29.43 -35.81
CA ILE D 530 -3.93 -28.41 -35.83
C ILE D 530 -4.68 -27.23 -36.49
N ALA D 531 -4.82 -26.10 -35.77
CA ALA D 531 -5.71 -25.06 -36.14
C ALA D 531 -4.94 -23.76 -36.18
N ALA D 532 -5.07 -22.99 -37.27
CA ALA D 532 -4.18 -21.93 -37.53
C ALA D 532 -4.85 -20.55 -37.19
N THR E 14 -22.53 -16.72 -22.62
CA THR E 14 -23.74 -17.04 -23.44
C THR E 14 -24.81 -17.72 -22.66
N SER E 15 -26.09 -17.36 -22.91
CA SER E 15 -27.27 -17.87 -22.14
C SER E 15 -27.68 -19.23 -22.64
N ARG E 16 -27.75 -20.30 -21.79
CA ARG E 16 -28.24 -21.64 -22.19
C ARG E 16 -29.66 -21.98 -21.64
N ASN E 17 -30.15 -23.12 -22.23
CA ASN E 17 -31.51 -23.60 -21.98
C ASN E 17 -31.60 -25.10 -22.16
N SER E 18 -32.28 -25.70 -21.14
CA SER E 18 -32.57 -27.15 -21.02
C SER E 18 -33.64 -27.33 -19.97
N GLY E 19 -34.63 -28.20 -20.27
CA GLY E 19 -35.57 -28.77 -19.24
C GLY E 19 -36.81 -27.98 -19.02
N ARG E 20 -37.36 -27.26 -19.97
CA ARG E 20 -38.49 -26.40 -19.86
C ARG E 20 -38.26 -25.07 -19.05
N ASP E 21 -36.98 -24.60 -18.97
CA ASP E 21 -36.54 -23.36 -18.32
C ASP E 21 -37.00 -22.23 -19.14
N ALA E 22 -36.57 -22.27 -20.46
CA ALA E 22 -36.94 -21.40 -21.47
C ALA E 22 -38.40 -21.08 -21.63
N LEU E 23 -39.30 -22.15 -21.51
CA LEU E 23 -40.72 -21.99 -21.53
C LEU E 23 -41.21 -21.24 -20.33
N LYS E 24 -40.64 -21.49 -19.15
CA LYS E 24 -41.16 -20.76 -17.99
C LYS E 24 -40.78 -19.28 -18.11
N ASN E 25 -39.62 -18.91 -18.79
CA ASN E 25 -39.24 -17.52 -18.76
C ASN E 25 -40.17 -16.87 -19.79
N ASN E 26 -40.63 -17.57 -20.89
CA ASN E 26 -41.39 -16.94 -21.96
C ASN E 26 -42.86 -16.80 -21.65
N ILE E 27 -43.35 -17.67 -20.72
CA ILE E 27 -44.60 -17.61 -20.07
C ILE E 27 -44.54 -16.49 -19.02
N LEU E 28 -43.44 -16.32 -18.23
CA LEU E 28 -43.32 -15.28 -17.27
C LEU E 28 -43.38 -13.90 -17.90
N ALA E 29 -42.70 -13.62 -19.01
CA ALA E 29 -42.69 -12.40 -19.78
C ALA E 29 -44.13 -12.10 -20.26
N ALA E 30 -44.85 -13.15 -20.81
CA ALA E 30 -46.24 -13.10 -21.32
C ALA E 30 -47.20 -12.79 -20.20
N ARG E 31 -46.91 -13.18 -18.99
CA ARG E 31 -47.77 -12.89 -17.85
C ARG E 31 -47.59 -11.52 -17.22
N THR E 32 -46.30 -11.05 -17.25
CA THR E 32 -45.80 -9.74 -16.73
C THR E 32 -46.30 -8.64 -17.70
N LEU E 33 -46.27 -8.91 -19.01
CA LEU E 33 -46.92 -8.05 -20.07
C LEU E 33 -48.40 -7.96 -19.83
N ALA E 34 -49.07 -9.10 -19.47
CA ALA E 34 -50.47 -9.14 -19.21
C ALA E 34 -50.90 -8.41 -18.01
N GLU E 35 -50.09 -8.64 -16.92
CA GLU E 35 -50.37 -8.10 -15.62
C GLU E 35 -50.02 -6.65 -15.46
N MET E 36 -49.32 -6.15 -16.45
CA MET E 36 -49.14 -4.69 -16.64
C MET E 36 -50.28 -4.13 -17.51
N LEU E 37 -50.76 -4.84 -18.52
CA LEU E 37 -52.01 -4.41 -19.21
C LEU E 37 -53.35 -4.56 -18.48
N ARG E 38 -53.42 -5.48 -17.50
CA ARG E 38 -54.69 -5.76 -16.85
C ARG E 38 -55.23 -4.61 -15.95
N SER E 39 -54.27 -3.83 -15.38
CA SER E 39 -54.54 -2.55 -14.65
C SER E 39 -55.12 -1.40 -15.49
N SER E 40 -54.89 -1.50 -16.78
CA SER E 40 -55.32 -0.54 -17.76
C SER E 40 -56.54 -1.03 -18.53
N LEU E 41 -56.96 -2.28 -18.25
CA LEU E 41 -58.10 -2.94 -18.89
C LEU E 41 -59.46 -2.15 -18.72
N GLY E 42 -60.19 -1.86 -19.86
CA GLY E 42 -61.52 -1.31 -20.00
C GLY E 42 -61.81 0.08 -19.63
N PRO E 43 -63.13 0.44 -19.38
CA PRO E 43 -63.48 1.87 -19.30
C PRO E 43 -63.56 2.39 -17.91
N LYS E 44 -63.08 1.59 -17.02
CA LYS E 44 -62.59 1.99 -15.77
C LYS E 44 -61.04 1.80 -15.61
N GLY E 45 -60.28 1.63 -16.63
CA GLY E 45 -58.87 1.16 -16.70
C GLY E 45 -57.96 2.39 -16.54
N LEU E 46 -56.77 2.19 -15.87
CA LEU E 46 -55.87 3.25 -15.57
C LEU E 46 -54.85 3.55 -16.66
N ASP E 47 -54.40 4.85 -16.85
CA ASP E 47 -53.48 5.33 -17.86
C ASP E 47 -52.02 5.15 -17.51
N LYS E 48 -51.22 4.82 -18.47
CA LYS E 48 -49.83 4.56 -18.23
C LYS E 48 -49.03 5.84 -18.68
N MET E 49 -47.73 6.06 -18.24
CA MET E 49 -46.95 7.19 -18.61
C MET E 49 -45.66 6.55 -19.26
N LEU E 50 -45.24 7.01 -20.51
CA LEU E 50 -44.19 6.43 -21.31
C LEU E 50 -43.39 7.57 -21.84
N ILE E 51 -42.11 7.70 -21.44
CA ILE E 51 -41.31 8.88 -21.86
C ILE E 51 -40.28 8.38 -22.88
N ASP E 52 -40.11 9.12 -23.91
CA ASP E 52 -39.24 8.92 -25.01
C ASP E 52 -37.82 9.42 -24.63
N SER E 53 -36.75 8.87 -25.24
CA SER E 53 -35.39 9.37 -25.08
C SER E 53 -35.20 10.81 -25.48
N PHE E 54 -36.05 11.39 -26.33
CA PHE E 54 -36.01 12.77 -26.82
C PHE E 54 -36.90 13.65 -25.89
N GLY E 55 -37.53 13.23 -24.76
CA GLY E 55 -38.29 14.06 -23.81
C GLY E 55 -39.70 14.14 -24.14
N ASP E 56 -40.21 13.51 -25.15
CA ASP E 56 -41.59 13.48 -25.37
C ASP E 56 -42.36 12.39 -24.61
N VAL E 57 -43.26 12.94 -23.75
CA VAL E 57 -44.03 12.15 -22.87
C VAL E 57 -45.31 11.72 -23.54
N THR E 58 -45.82 10.52 -23.32
CA THR E 58 -47.05 9.97 -23.90
C THR E 58 -47.86 9.25 -22.81
N ILE E 59 -49.14 9.72 -22.66
CA ILE E 59 -50.06 9.10 -21.71
C ILE E 59 -51.17 8.43 -22.43
N THR E 60 -51.29 7.13 -22.29
CA THR E 60 -52.48 6.40 -22.81
C THR E 60 -52.85 5.22 -21.97
N ASN E 61 -54.08 4.70 -22.22
CA ASN E 61 -54.56 3.39 -21.63
C ASN E 61 -54.94 2.26 -22.62
N ASP E 62 -54.84 2.58 -23.89
CA ASP E 62 -54.86 1.59 -24.98
C ASP E 62 -53.63 0.66 -24.93
N GLY E 63 -53.76 -0.64 -25.14
CA GLY E 63 -52.67 -1.58 -24.86
C GLY E 63 -51.77 -1.83 -26.07
N ALA E 64 -52.20 -1.65 -27.37
CA ALA E 64 -51.37 -1.69 -28.51
C ALA E 64 -50.62 -0.35 -28.63
N THR E 65 -51.15 0.73 -28.04
CA THR E 65 -50.33 1.94 -27.87
C THR E 65 -49.31 1.82 -26.77
N ILE E 66 -49.69 1.13 -25.64
CA ILE E 66 -48.62 1.01 -24.55
C ILE E 66 -47.43 0.19 -24.90
N VAL E 67 -47.60 -0.93 -25.66
CA VAL E 67 -46.44 -1.63 -26.24
C VAL E 67 -45.66 -0.84 -27.25
N LYS E 68 -46.31 -0.08 -28.16
CA LYS E 68 -45.53 0.72 -29.16
C LYS E 68 -44.67 1.74 -28.54
N GLU E 69 -45.15 2.42 -27.54
CA GLU E 69 -44.51 3.54 -26.86
C GLU E 69 -43.33 3.05 -25.95
N MET E 70 -43.05 1.75 -25.89
CA MET E 70 -42.14 1.13 -24.95
C MET E 70 -41.02 0.24 -25.61
N GLU E 71 -39.87 0.15 -24.96
CA GLU E 71 -38.80 -0.77 -25.38
C GLU E 71 -38.94 -2.06 -24.73
N ILE E 72 -39.35 -2.99 -25.49
CA ILE E 72 -39.77 -4.26 -25.06
C ILE E 72 -38.55 -5.08 -24.69
N GLN E 73 -38.58 -5.62 -23.45
CA GLN E 73 -37.41 -6.19 -22.84
C GLN E 73 -37.19 -7.59 -23.35
N HIS E 74 -38.23 -8.40 -23.44
CA HIS E 74 -38.17 -9.79 -23.85
C HIS E 74 -38.76 -10.11 -25.22
N PRO E 75 -38.04 -10.76 -26.12
CA PRO E 75 -38.43 -11.05 -27.54
C PRO E 75 -39.77 -11.70 -27.71
N ALA E 76 -40.26 -12.57 -26.66
CA ALA E 76 -41.59 -13.24 -26.89
C ALA E 76 -42.72 -12.25 -26.71
N ALA E 77 -42.48 -11.13 -26.00
CA ALA E 77 -43.41 -10.12 -25.82
C ALA E 77 -43.51 -9.27 -27.05
N LYS E 78 -42.43 -9.20 -27.85
CA LYS E 78 -42.42 -8.56 -29.17
C LYS E 78 -43.24 -9.44 -30.13
N LEU E 79 -43.22 -10.82 -30.01
CA LEU E 79 -44.05 -11.74 -30.82
C LEU E 79 -45.51 -11.43 -30.69
N LEU E 80 -45.95 -11.19 -29.40
CA LEU E 80 -47.29 -10.69 -28.98
C LEU E 80 -47.67 -9.28 -29.45
N VAL E 81 -46.67 -8.37 -29.61
CA VAL E 81 -46.98 -7.03 -30.24
C VAL E 81 -47.48 -7.23 -31.68
N GLU E 82 -46.97 -8.13 -32.55
CA GLU E 82 -47.54 -8.21 -33.85
C GLU E 82 -49.04 -8.63 -33.98
N ALA E 83 -49.47 -9.42 -32.92
CA ALA E 83 -50.86 -9.82 -32.89
C ALA E 83 -51.72 -8.64 -32.49
N ALA E 84 -51.22 -7.83 -31.54
CA ALA E 84 -51.89 -6.63 -31.02
C ALA E 84 -52.08 -5.54 -32.16
N LYS E 85 -50.97 -5.11 -32.73
CA LYS E 85 -50.88 -4.40 -34.05
C LYS E 85 -51.86 -4.76 -35.14
N ALA E 86 -51.89 -6.02 -35.57
CA ALA E 86 -52.86 -6.50 -36.49
C ALA E 86 -54.32 -6.39 -36.01
N GLN E 87 -54.59 -6.58 -34.70
CA GLN E 87 -55.91 -6.55 -34.11
C GLN E 87 -56.56 -5.17 -33.90
N ASP E 88 -55.71 -4.11 -33.78
CA ASP E 88 -56.16 -2.85 -33.49
C ASP E 88 -56.93 -2.13 -34.60
N SER E 89 -56.67 -2.43 -35.86
CA SER E 89 -57.37 -1.71 -36.89
C SER E 89 -58.81 -2.24 -37.06
N GLU E 90 -58.99 -3.55 -36.72
CA GLU E 90 -60.24 -4.27 -36.68
C GLU E 90 -61.13 -3.99 -35.39
N VAL E 91 -60.65 -4.01 -34.13
CA VAL E 91 -61.50 -3.78 -32.95
C VAL E 91 -60.81 -2.71 -32.10
N GLY E 92 -61.52 -2.06 -31.14
CA GLY E 92 -60.91 -0.97 -30.28
C GLY E 92 -60.88 -1.19 -28.85
N ASP E 93 -61.75 -2.04 -28.34
CA ASP E 93 -61.68 -2.48 -26.98
C ASP E 93 -60.91 -3.76 -26.75
N GLY E 94 -61.15 -4.65 -27.71
CA GLY E 94 -60.61 -5.98 -27.79
C GLY E 94 -59.15 -6.13 -27.92
N THR E 95 -58.44 -5.22 -28.64
CA THR E 95 -57.04 -5.37 -28.83
C THR E 95 -56.23 -5.22 -27.53
N THR E 96 -56.70 -4.34 -26.52
CA THR E 96 -56.21 -4.55 -25.14
C THR E 96 -56.64 -5.77 -24.49
N SER E 97 -57.93 -6.19 -24.57
CA SER E 97 -58.36 -7.38 -23.91
C SER E 97 -57.67 -8.62 -24.46
N ALA E 98 -57.50 -8.77 -25.80
CA ALA E 98 -56.99 -9.97 -26.45
C ALA E 98 -55.63 -10.42 -26.01
N VAL E 99 -54.75 -9.42 -25.73
CA VAL E 99 -53.40 -9.70 -25.16
C VAL E 99 -53.46 -10.31 -23.78
N VAL E 100 -54.35 -9.88 -22.84
CA VAL E 100 -54.56 -10.40 -21.53
C VAL E 100 -55.12 -11.85 -21.55
N LEU E 101 -56.03 -12.12 -22.57
CA LEU E 101 -56.53 -13.47 -22.86
C LEU E 101 -55.49 -14.45 -23.33
N ALA E 102 -54.55 -14.02 -24.14
CA ALA E 102 -53.50 -14.90 -24.58
C ALA E 102 -52.65 -15.33 -23.33
N GLY E 103 -52.41 -14.35 -22.45
CA GLY E 103 -51.75 -14.48 -21.18
C GLY E 103 -52.54 -15.42 -20.27
N LEU E 104 -53.87 -15.43 -20.25
CA LEU E 104 -54.81 -16.20 -19.43
C LEU E 104 -54.94 -17.68 -19.83
N PHE E 105 -54.59 -17.97 -21.14
CA PHE E 105 -54.56 -19.36 -21.70
C PHE E 105 -53.25 -19.98 -21.21
N LEU E 106 -52.17 -19.16 -21.24
CA LEU E 106 -50.83 -19.58 -20.88
C LEU E 106 -50.62 -19.97 -19.44
N GLU E 107 -51.29 -19.27 -18.50
CA GLU E 107 -51.11 -19.49 -17.06
C GLU E 107 -51.96 -20.70 -16.69
N LYS E 108 -52.92 -21.21 -17.53
CA LYS E 108 -53.56 -22.52 -17.33
C LYS E 108 -52.70 -23.65 -17.83
N ALA E 109 -52.01 -23.40 -18.99
CA ALA E 109 -51.06 -24.34 -19.62
C ALA E 109 -49.99 -24.65 -18.63
N GLU E 110 -49.53 -23.66 -17.80
CA GLU E 110 -48.59 -23.89 -16.76
C GLU E 110 -49.12 -24.80 -15.65
N SER E 111 -50.39 -24.75 -15.28
CA SER E 111 -50.98 -25.69 -14.30
C SER E 111 -50.92 -27.12 -14.96
N LEU E 112 -51.34 -27.30 -16.24
CA LEU E 112 -51.10 -28.62 -16.94
C LEU E 112 -49.71 -29.11 -17.10
N VAL E 113 -48.76 -28.23 -17.44
CA VAL E 113 -47.35 -28.53 -17.52
C VAL E 113 -46.76 -29.02 -16.14
N ASP E 114 -47.24 -28.42 -15.02
CA ASP E 114 -46.93 -28.83 -13.64
C ASP E 114 -47.43 -30.29 -13.30
N GLN E 115 -48.59 -30.75 -13.80
CA GLN E 115 -49.04 -32.06 -13.72
C GLN E 115 -48.43 -33.10 -14.73
N ASN E 116 -47.23 -32.74 -15.32
CA ASN E 116 -46.54 -33.42 -16.43
C ASN E 116 -47.23 -33.63 -17.74
N ILE E 117 -47.86 -32.68 -18.40
CA ILE E 117 -48.52 -33.08 -19.61
C ILE E 117 -47.66 -32.53 -20.71
N HIS E 118 -47.38 -33.29 -21.75
CA HIS E 118 -46.71 -32.85 -22.90
C HIS E 118 -47.39 -31.63 -23.54
N PRO E 119 -46.62 -30.61 -24.11
CA PRO E 119 -47.20 -29.43 -24.71
C PRO E 119 -48.12 -29.71 -25.88
N THR E 120 -47.78 -30.83 -26.65
CA THR E 120 -48.61 -31.21 -27.81
C THR E 120 -50.06 -31.50 -27.41
N ILE E 121 -50.15 -32.18 -26.19
CA ILE E 121 -51.43 -32.59 -25.54
C ILE E 121 -52.19 -31.38 -25.07
N ILE E 122 -51.51 -30.38 -24.47
CA ILE E 122 -52.16 -29.16 -24.08
C ILE E 122 -52.77 -28.35 -25.18
N ILE E 123 -51.91 -28.17 -26.21
CA ILE E 123 -52.38 -27.58 -27.49
C ILE E 123 -53.58 -28.28 -28.06
N GLU E 124 -53.55 -29.61 -28.23
CA GLU E 124 -54.70 -30.40 -28.64
C GLU E 124 -55.98 -30.35 -27.74
N GLY E 125 -55.90 -30.08 -26.40
CA GLY E 125 -57.14 -29.85 -25.72
C GLY E 125 -57.67 -28.39 -25.78
N PHE E 126 -56.72 -27.42 -25.95
CA PHE E 126 -57.06 -25.99 -26.15
C PHE E 126 -57.68 -25.88 -27.58
N LYS E 127 -57.21 -26.73 -28.60
CA LYS E 127 -57.78 -26.87 -29.92
C LYS E 127 -59.10 -27.45 -29.96
N LYS E 128 -59.44 -28.54 -29.21
CA LYS E 128 -60.77 -29.21 -29.15
C LYS E 128 -61.70 -28.29 -28.39
N ALA E 129 -61.27 -27.53 -27.31
CA ALA E 129 -62.15 -26.54 -26.69
C ALA E 129 -62.57 -25.41 -27.64
N PHE E 130 -61.57 -24.87 -28.31
CA PHE E 130 -61.70 -23.67 -29.22
C PHE E 130 -62.63 -24.05 -30.32
N ASN E 131 -62.47 -25.28 -30.86
CA ASN E 131 -63.42 -25.88 -31.84
C ASN E 131 -64.92 -26.10 -31.29
N LYS E 132 -65.07 -26.51 -30.01
CA LYS E 132 -66.41 -26.65 -29.38
C LYS E 132 -67.10 -25.30 -29.31
N SER E 133 -66.33 -24.32 -29.00
CA SER E 133 -66.87 -22.91 -29.10
C SER E 133 -67.21 -22.45 -30.41
N LEU E 134 -66.44 -22.82 -31.45
CA LEU E 134 -66.73 -22.39 -32.84
C LEU E 134 -67.96 -23.08 -33.41
N GLU E 135 -68.29 -24.29 -32.98
CA GLU E 135 -69.59 -24.92 -33.40
C GLU E 135 -70.75 -24.56 -32.49
N LEU E 136 -70.58 -23.79 -31.42
CA LEU E 136 -71.68 -23.35 -30.46
C LEU E 136 -72.03 -21.92 -30.83
N LEU E 137 -71.06 -21.15 -31.36
CA LEU E 137 -71.21 -19.78 -31.84
C LEU E 137 -71.96 -19.43 -33.10
N PRO E 138 -72.58 -20.41 -33.86
CA PRO E 138 -73.65 -20.04 -34.82
C PRO E 138 -74.98 -20.50 -34.19
N GLN E 139 -74.97 -21.49 -33.28
CA GLN E 139 -76.22 -21.90 -32.76
C GLN E 139 -76.72 -21.05 -31.63
N LEU E 140 -75.86 -20.70 -30.62
CA LEU E 140 -76.25 -19.90 -29.48
C LEU E 140 -76.30 -18.45 -29.71
N ALA E 141 -75.84 -18.00 -30.93
CA ALA E 141 -75.99 -16.51 -31.29
C ALA E 141 -77.41 -16.17 -31.74
N THR E 142 -77.61 -14.84 -31.93
CA THR E 142 -78.78 -14.18 -32.35
C THR E 142 -78.42 -13.56 -33.64
N LYS E 143 -79.22 -13.65 -34.71
CA LYS E 143 -78.98 -13.06 -36.00
C LYS E 143 -80.11 -12.05 -36.25
N VAL E 144 -79.74 -10.85 -36.64
CA VAL E 144 -80.55 -9.66 -36.84
C VAL E 144 -80.85 -9.33 -38.34
N ASP E 145 -80.53 -10.35 -39.12
CA ASP E 145 -80.68 -10.43 -40.60
C ASP E 145 -79.89 -9.26 -41.28
N VAL E 146 -80.34 -8.89 -42.49
CA VAL E 146 -79.84 -7.69 -43.17
C VAL E 146 -80.25 -6.36 -42.61
N SER E 147 -81.45 -6.20 -42.09
CA SER E 147 -81.95 -4.91 -41.63
C SER E 147 -83.36 -5.15 -41.20
N ASP E 148 -83.81 -4.39 -40.20
CA ASP E 148 -85.26 -4.29 -40.10
C ASP E 148 -86.02 -3.47 -41.09
N LEU E 149 -85.45 -2.34 -41.53
CA LEU E 149 -86.05 -1.58 -42.63
C LEU E 149 -84.92 -0.79 -43.21
N ASN E 150 -85.03 -0.34 -44.52
CA ASN E 150 -84.00 0.35 -45.25
C ASN E 150 -82.58 -0.17 -44.94
N SER E 151 -81.54 0.70 -45.09
CA SER E 151 -80.12 0.40 -44.72
C SER E 151 -79.94 0.12 -43.27
N ALA E 152 -80.62 0.91 -42.38
CA ALA E 152 -80.28 0.99 -40.97
C ALA E 152 -81.41 1.61 -40.22
N THR E 153 -82.64 1.44 -40.68
CA THR E 153 -83.79 2.21 -40.21
C THR E 153 -84.59 1.28 -39.37
N ALA E 154 -85.19 1.83 -38.22
CA ALA E 154 -85.69 1.10 -37.03
C ALA E 154 -84.64 0.75 -35.96
N ARG E 155 -83.47 1.43 -36.06
CA ARG E 155 -82.08 0.97 -35.87
C ARG E 155 -81.75 -0.30 -35.15
N ASP E 156 -82.29 -0.39 -33.90
CA ASP E 156 -82.15 -1.39 -32.83
C ASP E 156 -80.74 -1.75 -32.60
N ALA E 157 -80.19 -2.82 -33.25
CA ALA E 157 -78.91 -3.54 -33.04
C ALA E 157 -77.73 -2.66 -33.04
N LEU E 158 -77.75 -1.81 -34.14
CA LEU E 158 -76.83 -0.73 -34.36
C LEU E 158 -76.74 0.39 -33.28
N LYS E 159 -77.83 0.91 -32.72
CA LYS E 159 -77.80 1.82 -31.60
C LYS E 159 -77.09 1.17 -30.38
N LYS E 160 -77.35 -0.08 -30.01
CA LYS E 160 -76.76 -0.70 -28.77
C LYS E 160 -75.25 -0.95 -28.79
N ILE E 161 -74.64 -1.28 -29.96
CA ILE E 161 -73.20 -1.39 -30.04
C ILE E 161 -72.50 -0.01 -30.13
N VAL E 162 -73.16 0.96 -30.82
CA VAL E 162 -72.70 2.28 -30.98
C VAL E 162 -72.75 3.14 -29.72
N TYR E 163 -73.84 2.95 -28.95
CA TYR E 163 -73.96 3.49 -27.65
C TYR E 163 -73.03 2.92 -26.68
N THR E 164 -72.79 1.56 -26.70
CA THR E 164 -71.91 0.83 -25.82
C THR E 164 -70.51 1.09 -26.00
N THR E 165 -70.03 1.14 -27.30
CA THR E 165 -68.61 1.59 -27.50
C THR E 165 -68.36 3.02 -27.06
N MET E 166 -69.28 3.92 -27.41
CA MET E 166 -69.18 5.34 -26.98
C MET E 166 -69.26 5.56 -25.49
N SER E 167 -70.16 4.81 -24.83
CA SER E 167 -70.20 4.83 -23.35
C SER E 167 -69.05 4.37 -22.66
N SER E 168 -68.37 3.29 -23.11
CA SER E 168 -67.08 2.89 -22.57
C SER E 168 -66.01 3.91 -22.78
N LYS E 169 -65.97 4.42 -23.99
CA LYS E 169 -64.91 5.38 -24.34
C LYS E 169 -65.09 6.87 -23.96
N PHE E 170 -66.18 7.12 -23.12
CA PHE E 170 -66.44 8.49 -22.76
C PHE E 170 -67.35 8.73 -21.52
N MET E 171 -68.22 7.70 -21.21
CA MET E 171 -69.22 7.84 -20.12
C MET E 171 -70.16 9.03 -20.23
N ALA E 172 -70.66 9.54 -19.13
CA ALA E 172 -71.55 10.68 -18.91
C ALA E 172 -72.64 10.94 -20.02
N GLU E 173 -72.95 12.22 -20.37
CA GLU E 173 -73.97 12.67 -21.31
C GLU E 173 -73.40 13.21 -22.67
N GLY E 174 -74.10 12.97 -23.74
CA GLY E 174 -73.51 13.31 -25.03
C GLY E 174 -74.58 13.04 -26.09
N GLU E 175 -75.83 13.49 -25.89
CA GLU E 175 -76.89 13.23 -26.84
C GLU E 175 -76.73 13.87 -28.16
N GLU E 176 -76.33 15.14 -28.14
CA GLU E 176 -76.23 15.84 -29.41
C GLU E 176 -75.10 15.46 -30.29
N LEU E 177 -74.18 14.59 -29.78
CA LEU E 177 -73.11 13.94 -30.53
C LEU E 177 -73.56 12.60 -30.96
N ASN E 178 -74.32 11.88 -30.08
CA ASN E 178 -74.76 10.53 -30.37
C ASN E 178 -75.61 10.46 -31.63
N LYS E 179 -76.56 11.39 -31.80
CA LYS E 179 -77.47 11.51 -32.84
C LYS E 179 -76.85 11.81 -34.23
N ILE E 180 -75.87 12.72 -34.36
CA ILE E 180 -75.12 12.82 -35.54
C ILE E 180 -74.24 11.66 -35.89
N MET E 181 -73.59 11.05 -34.90
CA MET E 181 -72.85 9.82 -35.08
C MET E 181 -73.76 8.72 -35.61
N ASP E 182 -74.98 8.58 -35.19
CA ASP E 182 -76.07 7.73 -35.74
C ASP E 182 -76.45 8.14 -37.15
N ILE E 183 -76.55 9.46 -37.46
CA ILE E 183 -76.79 9.79 -38.86
C ILE E 183 -75.62 9.37 -39.80
N VAL E 184 -74.35 9.60 -39.32
CA VAL E 184 -73.22 9.25 -40.07
C VAL E 184 -73.06 7.73 -40.25
N ILE E 185 -73.37 6.93 -39.18
CA ILE E 185 -73.38 5.47 -39.18
C ILE E 185 -74.47 4.97 -40.16
N ASP E 186 -75.65 5.53 -40.31
CA ASP E 186 -76.61 5.23 -41.34
C ASP E 186 -76.14 5.43 -42.68
N ALA E 187 -75.45 6.61 -42.81
CA ALA E 187 -74.89 7.01 -44.16
C ALA E 187 -73.80 6.12 -44.74
N VAL E 188 -72.81 5.71 -43.88
CA VAL E 188 -71.81 4.74 -44.27
C VAL E 188 -72.40 3.38 -44.66
N THR E 189 -73.43 2.87 -43.89
CA THR E 189 -74.07 1.54 -44.15
C THR E 189 -74.68 1.49 -45.57
N THR E 190 -75.32 2.60 -46.02
CA THR E 190 -75.83 2.93 -47.40
C THR E 190 -74.84 2.91 -48.51
N VAL E 191 -73.71 3.53 -48.22
CA VAL E 191 -72.49 3.51 -49.02
C VAL E 191 -71.89 2.18 -49.39
N ALA E 192 -71.40 1.50 -48.36
CA ALA E 192 -71.39 0.05 -48.26
C ALA E 192 -72.25 -0.79 -49.15
N GLU E 193 -73.58 -0.78 -48.91
CA GLU E 193 -74.59 -1.54 -49.68
C GLU E 193 -74.51 -3.05 -49.58
N PRO E 194 -75.58 -3.77 -49.93
CA PRO E 194 -75.56 -5.03 -49.21
C PRO E 194 -74.86 -6.13 -49.94
N LEU E 195 -74.46 -7.16 -49.19
CA LEU E 195 -73.80 -8.30 -49.76
C LEU E 195 -74.80 -9.43 -49.31
N PRO E 196 -74.90 -10.52 -49.85
CA PRO E 196 -75.83 -11.56 -49.43
C PRO E 196 -75.79 -12.03 -47.98
N ASP E 197 -76.90 -12.45 -47.32
CA ASP E 197 -76.94 -13.29 -46.12
C ASP E 197 -76.81 -12.42 -44.92
N GLY E 198 -76.91 -11.06 -45.18
CA GLY E 198 -76.76 -10.03 -44.18
C GLY E 198 -75.39 -9.47 -44.10
N GLY E 199 -74.49 -9.62 -45.09
CA GLY E 199 -73.28 -8.83 -45.27
C GLY E 199 -73.53 -7.46 -45.90
N TYR E 200 -72.45 -6.67 -45.97
CA TYR E 200 -72.43 -5.36 -46.58
C TYR E 200 -70.99 -5.19 -46.96
N ASN E 201 -70.67 -4.47 -48.10
CA ASN E 201 -69.29 -4.13 -48.75
C ASN E 201 -68.81 -2.86 -48.05
N VAL E 202 -68.36 -3.00 -46.79
CA VAL E 202 -67.86 -1.86 -46.03
C VAL E 202 -66.34 -1.72 -46.41
N SER E 203 -65.90 -0.50 -46.78
CA SER E 203 -64.55 -0.13 -47.11
C SER E 203 -64.31 1.13 -46.29
N LEU E 204 -63.59 1.12 -45.09
CA LEU E 204 -63.21 2.36 -44.51
C LEU E 204 -62.00 2.96 -45.20
N ASP E 205 -61.56 2.28 -46.24
CA ASP E 205 -60.41 2.80 -47.06
C ASP E 205 -60.91 3.84 -48.06
N LEU E 206 -62.18 3.86 -48.33
CA LEU E 206 -62.78 4.73 -49.23
C LEU E 206 -63.53 5.90 -48.54
N ILE E 207 -63.69 5.93 -47.17
CA ILE E 207 -64.33 6.88 -46.32
C ILE E 207 -63.31 7.93 -45.94
N LYS E 208 -63.69 9.26 -45.98
CA LYS E 208 -62.78 10.36 -45.81
C LYS E 208 -63.50 11.35 -44.87
N ILE E 209 -62.82 11.76 -43.80
CA ILE E 209 -63.47 12.63 -42.78
C ILE E 209 -62.60 13.79 -42.74
N ASP E 210 -63.16 14.98 -42.86
CA ASP E 210 -62.61 16.26 -42.89
C ASP E 210 -63.07 16.93 -41.57
N LYS E 211 -62.08 17.29 -40.65
CA LYS E 211 -62.55 18.02 -39.52
C LYS E 211 -62.15 19.52 -39.39
N LYS E 212 -63.15 20.42 -39.21
CA LYS E 212 -63.06 21.80 -39.12
C LYS E 212 -63.68 22.47 -37.90
N LYS E 213 -62.95 23.41 -37.28
CA LYS E 213 -63.37 24.26 -36.22
C LYS E 213 -64.51 25.27 -36.75
N GLY E 214 -65.33 25.82 -35.77
CA GLY E 214 -65.84 27.08 -36.04
C GLY E 214 -67.39 27.03 -36.20
N GLY E 215 -68.08 25.97 -35.80
CA GLY E 215 -69.48 25.76 -35.87
C GLY E 215 -69.88 24.74 -34.89
N THR E 216 -70.70 23.72 -35.30
CA THR E 216 -71.28 22.83 -34.32
C THR E 216 -71.28 21.49 -34.90
N ILE E 217 -71.20 20.44 -34.05
CA ILE E 217 -71.08 19.08 -34.51
C ILE E 217 -72.35 18.60 -35.18
N GLU E 218 -73.53 19.08 -34.69
CA GLU E 218 -74.85 18.95 -35.33
C GLU E 218 -75.00 19.40 -36.82
N ASP E 219 -74.00 20.12 -37.33
CA ASP E 219 -73.97 20.66 -38.64
C ASP E 219 -73.08 19.82 -39.57
N SER E 220 -72.65 18.63 -39.15
CA SER E 220 -71.85 17.78 -40.01
C SER E 220 -72.57 17.04 -41.09
N GLN E 221 -71.95 16.83 -42.28
CA GLN E 221 -72.61 16.41 -43.46
C GLN E 221 -71.79 15.50 -44.38
N LEU E 222 -72.50 14.65 -45.15
CA LEU E 222 -71.88 14.08 -46.38
C LEU E 222 -71.82 14.95 -47.59
N ILE E 223 -70.81 14.68 -48.42
CA ILE E 223 -70.68 15.17 -49.75
C ILE E 223 -70.50 14.03 -50.73
N ARG E 224 -71.26 13.99 -51.87
CA ARG E 224 -71.13 12.98 -52.84
C ARG E 224 -70.07 13.47 -53.83
N GLY E 225 -68.81 13.06 -53.49
CA GLY E 225 -67.55 13.26 -54.11
C GLY E 225 -66.49 13.60 -53.12
N ILE E 226 -65.35 14.07 -53.62
CA ILE E 226 -64.29 14.31 -52.66
C ILE E 226 -64.09 15.76 -52.40
N VAL E 227 -63.76 16.04 -51.11
CA VAL E 227 -63.46 17.45 -50.66
C VAL E 227 -61.95 17.50 -50.45
N LEU E 228 -61.34 18.54 -51.08
CA LEU E 228 -59.92 18.82 -51.10
C LEU E 228 -59.50 19.99 -50.22
N ASP E 229 -58.63 19.72 -49.28
CA ASP E 229 -58.12 20.70 -48.37
C ASP E 229 -57.14 21.73 -49.04
N LYS E 230 -56.58 21.49 -50.22
CA LYS E 230 -55.73 22.47 -50.82
C LYS E 230 -56.45 23.52 -51.73
N GLU E 231 -56.38 24.85 -51.53
CA GLU E 231 -57.03 25.87 -52.32
C GLU E 231 -56.80 25.86 -53.85
N VAL E 232 -57.73 26.55 -54.57
CA VAL E 232 -57.46 27.10 -55.87
C VAL E 232 -56.64 28.39 -55.76
N VAL E 233 -55.33 28.26 -55.35
CA VAL E 233 -54.19 29.13 -55.67
C VAL E 233 -54.50 30.51 -56.29
N HIS E 234 -54.12 30.72 -57.53
CA HIS E 234 -54.42 31.78 -58.44
C HIS E 234 -55.81 32.41 -58.25
N ALA E 235 -55.86 33.72 -57.95
CA ALA E 235 -57.06 34.55 -58.03
C ALA E 235 -57.83 34.59 -59.37
N GLY E 236 -56.99 34.54 -60.47
CA GLY E 236 -57.50 34.53 -61.81
C GLY E 236 -58.42 33.42 -62.25
N MET E 237 -58.25 32.24 -61.62
CA MET E 237 -59.05 31.00 -61.81
C MET E 237 -60.49 31.15 -61.25
N PRO E 238 -61.56 30.69 -61.91
CA PRO E 238 -62.90 30.76 -61.37
C PRO E 238 -63.02 30.05 -59.98
N ARG E 239 -64.11 30.24 -59.21
CA ARG E 239 -64.37 29.58 -57.95
C ARG E 239 -65.54 28.60 -57.95
N ARG E 240 -65.98 28.32 -59.16
CA ARG E 240 -66.98 27.33 -59.60
C ARG E 240 -66.67 26.88 -61.00
N VAL E 241 -66.81 25.57 -61.22
CA VAL E 241 -66.76 24.98 -62.62
C VAL E 241 -68.03 24.10 -62.68
N GLU E 242 -68.87 24.22 -63.68
CA GLU E 242 -70.19 23.48 -63.77
C GLU E 242 -70.06 22.48 -64.89
N LYS E 243 -70.32 21.16 -64.72
CA LYS E 243 -70.07 20.09 -65.77
C LYS E 243 -68.62 20.03 -66.12
N ALA E 244 -67.91 19.76 -65.03
CA ALA E 244 -66.45 19.58 -65.04
C ALA E 244 -65.83 18.31 -65.58
N LYS E 245 -64.91 18.45 -66.50
CA LYS E 245 -64.05 17.43 -66.95
C LYS E 245 -62.74 17.53 -66.22
N ILE E 246 -62.50 16.57 -65.30
CA ILE E 246 -61.35 16.72 -64.37
C ILE E 246 -60.16 15.92 -64.90
N ALA E 247 -58.98 16.59 -65.07
CA ALA E 247 -57.66 15.88 -65.29
C ALA E 247 -56.87 15.79 -63.98
N VAL E 248 -56.20 14.63 -63.72
CA VAL E 248 -55.33 14.40 -62.55
C VAL E 248 -53.89 14.21 -63.04
N LEU E 249 -52.96 15.03 -62.58
CA LEU E 249 -51.63 15.13 -63.14
C LEU E 249 -50.64 14.80 -62.03
N ASP E 250 -49.70 13.84 -62.27
CA ASP E 250 -48.85 13.38 -61.17
C ASP E 250 -47.64 14.29 -61.10
N ALA E 251 -47.15 14.76 -62.27
CA ALA E 251 -45.96 15.58 -62.40
C ALA E 251 -46.20 17.04 -62.17
N SER E 252 -45.26 17.89 -61.81
CA SER E 252 -45.37 19.35 -61.73
C SER E 252 -45.79 19.95 -63.01
N LEU E 253 -46.75 20.93 -63.06
CA LEU E 253 -47.04 21.77 -64.23
C LEU E 253 -45.94 22.77 -64.50
N GLU E 254 -44.70 22.24 -64.83
CA GLU E 254 -43.49 22.94 -65.20
C GLU E 254 -42.81 22.09 -66.28
N VAL E 255 -41.85 22.69 -66.96
CA VAL E 255 -41.12 21.99 -67.93
C VAL E 255 -40.15 20.96 -67.44
N GLU E 256 -40.09 19.82 -68.17
CA GLU E 256 -39.35 18.67 -67.90
C GLU E 256 -37.85 18.86 -68.32
N LYS E 257 -36.96 18.11 -67.67
CA LYS E 257 -35.51 18.30 -67.77
C LYS E 257 -34.98 17.29 -68.80
N PRO E 258 -34.12 17.62 -69.85
CA PRO E 258 -33.70 16.71 -70.92
C PRO E 258 -32.78 15.50 -70.47
N GLU E 259 -32.72 14.43 -71.23
CA GLU E 259 -32.06 13.21 -70.86
C GLU E 259 -30.56 13.29 -70.63
N ILE E 260 -29.89 14.14 -71.49
CA ILE E 260 -28.46 14.40 -71.58
C ILE E 260 -28.40 15.82 -71.33
N SER E 261 -27.55 16.24 -70.38
CA SER E 261 -27.88 17.37 -69.59
C SER E 261 -26.52 18.02 -69.18
N ALA E 262 -26.38 19.36 -69.41
CA ALA E 262 -25.20 20.07 -68.97
C ALA E 262 -25.55 21.40 -68.35
N LYS E 263 -24.62 21.98 -67.56
CA LYS E 263 -24.93 23.30 -67.02
C LYS E 263 -24.15 24.46 -67.74
N ILE E 264 -24.75 25.66 -67.98
CA ILE E 264 -24.18 26.73 -68.82
C ILE E 264 -24.28 28.06 -68.16
N SER E 265 -23.17 28.76 -67.83
CA SER E 265 -23.31 30.04 -67.07
C SER E 265 -23.44 31.17 -68.02
N ILE E 266 -24.48 32.00 -67.74
CA ILE E 266 -24.81 33.03 -68.70
C ILE E 266 -24.78 34.27 -67.81
N THR E 267 -24.13 35.33 -68.33
CA THR E 267 -24.26 36.55 -67.59
C THR E 267 -25.29 37.46 -68.28
N SER E 268 -24.93 38.11 -69.38
CA SER E 268 -25.77 38.23 -70.59
C SER E 268 -27.21 38.24 -70.34
N PRO E 269 -27.87 39.31 -69.82
CA PRO E 269 -29.13 39.16 -69.08
C PRO E 269 -30.21 38.87 -70.05
N ASP E 270 -30.11 39.35 -71.31
CA ASP E 270 -31.13 39.14 -72.26
C ASP E 270 -31.40 37.66 -72.65
N GLN E 271 -30.31 36.84 -72.56
CA GLN E 271 -30.41 35.41 -72.90
C GLN E 271 -31.01 34.61 -71.71
N ILE E 272 -31.01 35.17 -70.44
CA ILE E 272 -31.72 34.57 -69.33
C ILE E 272 -33.22 34.80 -69.46
N LYS E 273 -33.65 35.97 -70.02
CA LYS E 273 -35.02 36.28 -70.30
C LYS E 273 -35.57 35.47 -71.46
N ALA E 274 -34.68 35.10 -72.38
CA ALA E 274 -35.01 34.28 -73.55
C ALA E 274 -35.20 32.83 -73.34
N PHE E 275 -34.54 32.34 -72.26
CA PHE E 275 -34.60 31.08 -71.67
C PHE E 275 -35.87 30.85 -70.95
N LEU E 276 -36.34 31.94 -70.30
CA LEU E 276 -37.59 32.08 -69.65
C LEU E 276 -38.76 32.20 -70.65
N ASP E 277 -38.68 32.95 -71.81
CA ASP E 277 -39.75 32.95 -72.82
C ASP E 277 -39.90 31.64 -73.67
N GLU E 278 -38.71 30.97 -73.72
CA GLU E 278 -38.66 29.55 -74.19
C GLU E 278 -39.29 28.52 -73.26
N GLU E 279 -39.20 28.73 -72.01
CA GLU E 279 -39.81 27.93 -70.99
C GLU E 279 -41.30 28.20 -70.96
N ALA E 280 -41.74 29.36 -71.39
CA ALA E 280 -43.10 29.64 -71.50
C ALA E 280 -43.79 29.15 -72.73
N LYS E 281 -43.16 28.96 -73.87
CA LYS E 281 -43.85 28.32 -75.01
C LYS E 281 -44.02 26.77 -74.88
N TYR E 282 -43.31 26.08 -74.02
CA TYR E 282 -43.47 24.65 -73.62
C TYR E 282 -44.70 24.60 -72.64
N LEU E 283 -44.85 25.54 -71.70
CA LEU E 283 -45.91 25.57 -70.81
C LEU E 283 -47.25 25.80 -71.43
N LYS E 284 -47.24 26.71 -72.40
CA LYS E 284 -48.41 27.09 -73.13
C LYS E 284 -48.87 26.00 -73.99
N ASP E 285 -47.96 25.06 -74.48
CA ASP E 285 -48.27 23.88 -75.17
C ASP E 285 -49.00 22.98 -74.17
N MET E 286 -48.39 22.69 -72.92
CA MET E 286 -48.92 21.88 -71.83
C MET E 286 -50.42 22.21 -71.56
N VAL E 287 -50.75 23.51 -71.43
CA VAL E 287 -52.10 24.06 -71.18
C VAL E 287 -53.04 23.81 -72.34
N ASP E 288 -52.62 24.06 -73.64
CA ASP E 288 -53.41 23.80 -74.86
C ASP E 288 -53.72 22.31 -75.00
N LYS E 289 -52.85 21.41 -74.48
CA LYS E 289 -53.13 19.97 -74.46
C LYS E 289 -54.32 19.76 -73.53
N LEU E 290 -54.42 20.33 -72.30
CA LEU E 290 -55.51 20.16 -71.34
C LEU E 290 -56.81 20.70 -71.91
N ALA E 291 -56.75 21.88 -72.60
CA ALA E 291 -57.95 22.35 -73.28
C ALA E 291 -58.44 21.53 -74.48
N SER E 292 -57.53 20.70 -75.21
CA SER E 292 -57.82 19.80 -76.32
C SER E 292 -58.46 18.59 -75.75
N ILE E 293 -57.95 18.05 -74.67
CA ILE E 293 -58.54 16.93 -73.97
C ILE E 293 -59.98 17.20 -73.48
N GLY E 294 -60.24 18.48 -73.21
CA GLY E 294 -61.57 19.07 -72.84
C GLY E 294 -61.63 19.43 -71.36
N ALA E 295 -60.51 19.50 -70.67
CA ALA E 295 -60.42 19.72 -69.23
C ALA E 295 -60.99 21.06 -68.76
N ASN E 296 -61.59 21.04 -67.60
CA ASN E 296 -62.26 22.18 -67.06
C ASN E 296 -61.83 22.45 -65.64
N VAL E 297 -61.70 21.28 -64.96
CA VAL E 297 -60.95 21.23 -63.69
C VAL E 297 -59.61 20.47 -63.96
N VAL E 298 -58.59 20.75 -63.18
CA VAL E 298 -57.38 20.01 -63.19
C VAL E 298 -56.98 19.87 -61.77
N ILE E 299 -56.37 18.68 -61.41
CA ILE E 299 -55.75 18.45 -60.16
C ILE E 299 -54.26 18.25 -60.38
N CYS E 300 -53.34 18.96 -59.70
CA CYS E 300 -51.89 18.78 -59.95
C CYS E 300 -51.11 18.44 -58.74
N GLN E 301 -50.34 17.31 -58.70
CA GLN E 301 -49.78 16.81 -57.47
C GLN E 301 -48.43 17.43 -57.10
N LYS E 302 -48.19 18.61 -57.55
CA LYS E 302 -47.05 19.36 -57.09
C LYS E 302 -47.32 20.85 -57.13
N GLY E 303 -46.33 21.76 -57.30
CA GLY E 303 -46.51 23.11 -57.93
C GLY E 303 -47.03 23.09 -59.39
N ILE E 304 -47.60 24.26 -59.70
CA ILE E 304 -47.92 24.76 -61.05
C ILE E 304 -47.07 26.07 -61.22
N ASP E 305 -46.31 26.21 -62.36
CA ASP E 305 -45.71 27.47 -62.67
C ASP E 305 -46.67 28.63 -62.70
N ASP E 306 -46.26 29.87 -62.21
CA ASP E 306 -47.15 31.08 -62.26
C ASP E 306 -47.70 31.48 -63.60
N ILE E 307 -46.85 31.51 -64.60
CA ILE E 307 -47.28 31.78 -66.01
C ILE E 307 -48.26 30.70 -66.50
N ALA E 308 -48.02 29.39 -66.17
CA ALA E 308 -48.93 28.32 -66.49
C ALA E 308 -50.24 28.53 -65.77
N GLN E 309 -50.29 29.24 -64.56
CA GLN E 309 -51.53 29.55 -63.87
C GLN E 309 -52.20 30.66 -64.58
N HIS E 310 -51.45 31.58 -65.24
CA HIS E 310 -51.99 32.64 -66.03
C HIS E 310 -52.70 32.10 -67.25
N PHE E 311 -52.14 31.13 -67.99
CA PHE E 311 -52.72 30.43 -69.15
C PHE E 311 -53.87 29.56 -68.82
N LEU E 312 -53.92 28.99 -67.64
CA LEU E 312 -55.07 28.22 -67.13
C LEU E 312 -56.24 29.08 -66.74
N ALA E 313 -56.03 30.29 -66.17
CA ALA E 313 -57.09 31.25 -65.86
C ALA E 313 -57.69 31.78 -67.09
N LYS E 314 -56.81 32.08 -68.08
CA LYS E 314 -57.23 32.39 -69.38
C LYS E 314 -58.09 31.35 -70.13
N ARG E 315 -57.75 30.04 -70.08
CA ARG E 315 -58.53 28.98 -70.75
C ARG E 315 -59.84 28.64 -69.96
N GLY E 316 -59.95 29.22 -68.74
CA GLY E 316 -61.20 29.17 -68.00
C GLY E 316 -61.17 27.98 -66.97
N ILE E 317 -59.99 27.43 -66.79
CA ILE E 317 -59.73 26.15 -66.13
C ILE E 317 -59.48 26.37 -64.61
N LEU E 318 -60.08 25.60 -63.69
CA LEU E 318 -59.86 25.64 -62.31
C LEU E 318 -58.87 24.52 -61.92
N ALA E 319 -57.66 24.98 -61.46
CA ALA E 319 -56.66 24.01 -61.01
C ALA E 319 -56.45 24.01 -59.52
N VAL E 320 -56.14 22.83 -58.99
CA VAL E 320 -55.88 22.56 -57.64
C VAL E 320 -54.46 22.05 -57.60
N ARG E 321 -53.66 22.40 -56.54
CA ARG E 321 -52.37 21.82 -56.45
C ARG E 321 -52.40 20.52 -55.60
N ARG E 322 -51.36 20.37 -54.75
CA ARG E 322 -51.01 19.22 -53.95
C ARG E 322 -52.05 18.18 -53.37
N VAL E 323 -52.80 17.43 -54.14
CA VAL E 323 -53.69 16.43 -53.55
C VAL E 323 -52.84 15.21 -53.18
N LYS E 324 -53.03 14.62 -52.01
CA LYS E 324 -52.13 13.58 -51.50
C LYS E 324 -52.56 12.14 -51.98
N ARG E 325 -51.71 11.14 -51.83
CA ARG E 325 -51.94 9.81 -52.35
C ARG E 325 -53.18 9.10 -52.11
N SER E 326 -53.66 9.14 -50.89
CA SER E 326 -54.95 8.57 -50.50
C SER E 326 -56.12 9.36 -51.14
N ASP E 327 -56.08 10.69 -51.21
CA ASP E 327 -57.13 11.52 -51.71
C ASP E 327 -57.23 11.31 -53.20
N ILE E 328 -56.13 10.94 -53.88
CA ILE E 328 -55.98 10.70 -55.31
C ILE E 328 -56.63 9.38 -55.62
N GLU E 329 -56.58 8.35 -54.74
CA GLU E 329 -57.17 7.02 -55.05
C GLU E 329 -58.74 7.21 -55.05
N LYS E 330 -59.25 8.04 -54.11
CA LYS E 330 -60.66 8.37 -53.97
C LYS E 330 -61.23 9.27 -55.09
N LEU E 331 -60.34 10.25 -55.55
CA LEU E 331 -60.75 11.07 -56.69
C LEU E 331 -60.81 10.30 -58.06
N GLU E 332 -59.83 9.38 -58.21
CA GLU E 332 -59.84 8.47 -59.33
C GLU E 332 -61.05 7.56 -59.24
N LYS E 333 -61.19 6.65 -58.24
CA LYS E 333 -62.26 5.68 -58.11
C LYS E 333 -63.69 6.21 -58.21
N ALA E 334 -64.00 7.40 -57.73
CA ALA E 334 -65.37 7.94 -57.87
C ALA E 334 -65.71 8.75 -59.04
N LEU E 335 -64.74 9.38 -59.73
CA LEU E 335 -65.05 10.15 -61.02
C LEU E 335 -64.58 9.50 -62.28
N GLY E 336 -63.92 8.36 -62.18
CA GLY E 336 -63.09 7.82 -63.28
C GLY E 336 -62.05 8.71 -63.87
N ALA E 337 -61.42 9.51 -62.95
CA ALA E 337 -60.29 10.34 -63.29
C ALA E 337 -58.98 9.49 -63.22
N ARG E 338 -58.78 8.48 -64.10
CA ARG E 338 -57.67 7.56 -64.23
C ARG E 338 -56.32 8.16 -64.59
N ILE E 339 -55.99 9.48 -64.51
CA ILE E 339 -54.67 9.99 -64.16
C ILE E 339 -53.76 10.09 -65.34
N ILE E 340 -53.37 11.35 -65.73
CA ILE E 340 -52.43 11.52 -66.85
C ILE E 340 -50.95 11.43 -66.38
N SER E 341 -50.18 10.40 -66.73
CA SER E 341 -48.79 10.38 -66.52
C SER E 341 -47.86 11.24 -67.32
N SER E 342 -47.98 11.22 -68.65
CA SER E 342 -47.10 11.82 -69.63
C SER E 342 -47.98 12.90 -70.18
N ILE E 343 -47.74 14.11 -69.69
CA ILE E 343 -48.41 15.35 -70.17
C ILE E 343 -48.09 15.60 -71.61
N LYS E 344 -46.86 15.29 -72.00
CA LYS E 344 -46.39 15.23 -73.34
C LYS E 344 -47.23 14.32 -74.20
N ASP E 345 -47.58 13.09 -73.86
CA ASP E 345 -48.37 12.27 -74.70
C ASP E 345 -49.88 12.71 -74.71
N ALA E 346 -50.30 13.69 -73.84
CA ALA E 346 -51.66 14.28 -73.81
C ALA E 346 -52.91 13.30 -73.93
N THR E 347 -53.08 12.26 -73.03
CA THR E 347 -53.75 10.97 -73.34
C THR E 347 -55.14 11.03 -72.89
N PRO E 348 -56.24 10.74 -73.64
CA PRO E 348 -57.33 11.73 -73.58
C PRO E 348 -58.62 10.97 -73.21
N GLU E 349 -58.36 9.70 -72.70
CA GLU E 349 -59.38 8.85 -72.03
C GLU E 349 -59.11 8.73 -70.52
N ASP E 350 -58.09 9.44 -69.95
CA ASP E 350 -57.73 9.39 -68.56
C ASP E 350 -58.43 10.45 -67.65
N LEU E 351 -59.46 11.03 -68.23
CA LEU E 351 -60.19 12.18 -67.77
C LEU E 351 -61.48 11.66 -67.05
N GLY E 352 -61.82 12.25 -65.87
CA GLY E 352 -63.03 11.99 -65.14
C GLY E 352 -64.04 13.10 -65.16
N TYR E 353 -65.17 12.92 -64.51
CA TYR E 353 -66.40 13.74 -64.67
C TYR E 353 -67.08 14.09 -63.33
N ALA E 354 -67.44 15.37 -63.18
CA ALA E 354 -68.11 15.96 -61.99
C ALA E 354 -69.31 16.70 -62.46
N GLU E 355 -70.42 16.71 -61.66
CA GLU E 355 -71.48 17.60 -61.95
C GLU E 355 -70.97 18.98 -61.80
N LEU E 356 -70.16 19.26 -60.73
CA LEU E 356 -69.61 20.57 -60.47
C LEU E 356 -68.38 20.52 -59.57
N VAL E 357 -67.55 21.66 -59.51
CA VAL E 357 -66.38 21.72 -58.59
C VAL E 357 -66.35 23.13 -58.08
N GLU E 358 -66.34 23.43 -56.75
CA GLU E 358 -66.32 24.77 -56.29
C GLU E 358 -65.28 24.78 -55.29
N GLU E 359 -64.83 26.02 -54.98
CA GLU E 359 -64.19 26.41 -53.76
C GLU E 359 -65.08 26.96 -52.67
N ARG E 360 -65.04 26.48 -51.40
CA ARG E 360 -66.00 26.90 -50.35
C ARG E 360 -65.19 27.04 -49.14
N LYS E 361 -65.43 28.06 -48.28
CA LYS E 361 -64.81 28.18 -47.03
C LYS E 361 -65.56 27.37 -45.90
N VAL E 362 -64.87 26.52 -45.11
CA VAL E 362 -65.35 25.82 -43.91
C VAL E 362 -64.47 26.25 -42.69
N GLY E 363 -65.03 26.89 -41.60
CA GLY E 363 -64.41 27.31 -40.35
C GLY E 363 -63.27 28.20 -40.60
N ASN E 364 -63.52 29.12 -41.54
CA ASN E 364 -62.62 30.12 -41.97
C ASN E 364 -61.74 29.61 -43.16
N ASP E 365 -61.29 28.33 -43.15
CA ASP E 365 -60.34 27.81 -44.08
C ASP E 365 -60.99 27.48 -45.44
N LYS E 366 -60.26 27.75 -46.52
CA LYS E 366 -60.74 27.38 -47.84
C LYS E 366 -60.60 25.83 -48.16
N MET E 367 -61.51 25.30 -49.05
CA MET E 367 -61.59 23.95 -49.37
C MET E 367 -62.30 23.90 -50.67
N VAL E 368 -61.87 22.96 -51.50
CA VAL E 368 -62.22 22.72 -52.89
C VAL E 368 -63.04 21.47 -52.89
N PHE E 369 -64.30 21.43 -53.37
CA PHE E 369 -65.17 20.27 -53.22
C PHE E 369 -65.50 19.83 -54.61
N ILE E 370 -65.38 18.54 -54.84
CA ILE E 370 -65.77 17.96 -56.10
C ILE E 370 -67.02 17.24 -55.72
N GLU E 371 -68.12 17.47 -56.37
CA GLU E 371 -69.38 16.81 -56.06
C GLU E 371 -70.23 16.57 -57.27
N GLY E 372 -71.15 15.62 -57.13
CA GLY E 372 -71.98 15.26 -58.25
C GLY E 372 -71.43 14.10 -59.01
N ALA E 373 -71.37 12.97 -58.31
CA ALA E 373 -70.63 11.78 -58.67
C ALA E 373 -71.59 10.53 -58.95
N LYS E 374 -71.56 9.82 -60.13
CA LYS E 374 -72.41 8.74 -60.36
C LYS E 374 -71.97 7.49 -59.64
N ASN E 375 -72.70 7.23 -58.48
CA ASN E 375 -72.77 5.93 -57.83
C ASN E 375 -71.42 5.32 -57.32
N PRO E 376 -70.57 6.07 -56.59
CA PRO E 376 -69.26 5.62 -56.12
C PRO E 376 -69.34 4.76 -54.85
N LYS E 377 -68.21 4.07 -54.51
CA LYS E 377 -68.09 3.36 -53.22
C LYS E 377 -67.33 4.29 -52.31
N ALA E 378 -66.97 5.51 -52.80
CA ALA E 378 -66.15 6.47 -52.10
C ALA E 378 -66.85 7.84 -51.88
N VAL E 379 -67.08 8.20 -50.60
CA VAL E 379 -67.71 9.36 -50.09
C VAL E 379 -66.79 10.12 -49.10
N ASN E 380 -67.15 11.41 -48.87
CA ASN E 380 -66.45 12.32 -47.95
C ASN E 380 -67.49 12.83 -46.92
N ILE E 381 -67.07 12.81 -45.69
CA ILE E 381 -67.78 13.37 -44.54
C ILE E 381 -67.01 14.56 -44.03
N LEU E 382 -67.72 15.69 -43.82
CA LEU E 382 -67.27 16.91 -43.26
C LEU E 382 -67.77 16.81 -41.89
N LEU E 383 -66.79 16.97 -40.93
CA LEU E 383 -66.99 16.85 -39.55
C LEU E 383 -66.72 18.20 -39.05
N ARG E 384 -67.85 18.90 -38.62
CA ARG E 384 -67.69 20.28 -38.02
C ARG E 384 -67.71 20.23 -36.48
N GLY E 385 -67.09 21.22 -35.94
CA GLY E 385 -67.01 21.32 -34.49
C GLY E 385 -66.84 22.66 -33.95
N SER E 386 -66.37 22.71 -32.61
CA SER E 386 -66.15 24.02 -32.01
C SER E 386 -64.78 24.56 -32.20
N ASN E 387 -63.97 24.40 -31.16
CA ASN E 387 -62.49 24.48 -31.19
C ASN E 387 -61.84 23.29 -31.89
N ASP E 388 -60.98 22.55 -31.14
CA ASP E 388 -60.25 21.47 -31.68
C ASP E 388 -60.22 20.28 -30.79
N MET E 389 -60.12 20.43 -29.38
CA MET E 389 -60.00 19.29 -28.53
C MET E 389 -61.30 18.39 -28.54
N ALA E 390 -62.51 18.98 -28.64
CA ALA E 390 -63.74 18.29 -28.62
C ALA E 390 -64.10 17.63 -29.94
N LEU E 391 -63.38 18.08 -30.96
CA LEU E 391 -63.68 17.86 -32.37
C LEU E 391 -62.89 16.67 -32.77
N ASP E 392 -61.58 16.65 -32.37
CA ASP E 392 -60.71 15.53 -32.39
C ASP E 392 -61.27 14.33 -31.62
N GLU E 393 -61.86 14.65 -30.42
CA GLU E 393 -62.56 13.64 -29.58
C GLU E 393 -63.81 13.01 -30.24
N ALA E 394 -64.63 13.85 -30.91
CA ALA E 394 -65.74 13.40 -31.69
C ALA E 394 -65.38 12.61 -32.92
N GLU E 395 -64.16 12.89 -33.47
CA GLU E 395 -63.67 12.14 -34.63
C GLU E 395 -63.42 10.75 -34.20
N ARG E 396 -62.76 10.57 -33.05
CA ARG E 396 -62.54 9.25 -32.44
C ARG E 396 -63.88 8.56 -32.22
N SER E 397 -64.86 9.34 -31.73
CA SER E 397 -66.16 8.69 -31.34
C SER E 397 -66.87 8.05 -32.55
N ILE E 398 -66.79 8.76 -33.72
CA ILE E 398 -67.39 8.30 -35.01
C ILE E 398 -66.54 7.12 -35.45
N ASN E 399 -65.25 7.25 -35.45
CA ASN E 399 -64.28 6.18 -35.76
C ASN E 399 -64.55 4.90 -34.98
N ASP E 400 -64.42 4.91 -33.65
CA ASP E 400 -64.75 3.77 -32.82
C ASP E 400 -66.16 3.16 -33.13
N ALA E 401 -67.12 3.99 -33.38
CA ALA E 401 -68.50 3.57 -33.69
C ALA E 401 -68.69 2.91 -35.08
N LEU E 402 -67.90 3.42 -36.03
CA LEU E 402 -67.76 2.85 -37.37
C LEU E 402 -66.92 1.54 -37.27
N TYR E 403 -65.91 1.41 -36.37
CA TYR E 403 -65.21 0.12 -36.20
C TYR E 403 -66.09 -0.94 -35.59
N SER E 404 -66.99 -0.66 -34.63
CA SER E 404 -67.96 -1.67 -34.20
C SER E 404 -69.06 -1.97 -35.23
N LEU E 405 -69.54 -1.00 -36.00
CA LEU E 405 -70.62 -1.17 -37.04
C LEU E 405 -70.03 -2.03 -38.14
N ARG E 406 -68.76 -1.88 -38.46
CA ARG E 406 -68.21 -2.77 -39.49
C ARG E 406 -68.12 -4.29 -39.12
N ASN E 407 -68.05 -4.63 -37.83
CA ASN E 407 -68.11 -5.90 -37.22
C ASN E 407 -69.57 -6.43 -37.19
N ILE E 408 -70.60 -5.59 -36.92
CA ILE E 408 -71.97 -6.07 -37.13
C ILE E 408 -72.31 -6.25 -38.61
N LEU E 409 -71.87 -5.32 -39.46
CA LEU E 409 -72.21 -5.38 -40.89
C LEU E 409 -71.63 -6.61 -41.64
N MET E 410 -70.37 -6.98 -41.34
CA MET E 410 -69.78 -8.07 -41.87
C MET E 410 -70.15 -9.42 -41.08
N GLU E 411 -70.91 -9.38 -39.99
CA GLU E 411 -71.51 -10.63 -39.62
C GLU E 411 -72.80 -10.33 -38.82
N PRO E 412 -73.99 -10.51 -39.36
CA PRO E 412 -75.28 -10.05 -38.80
C PRO E 412 -75.76 -10.89 -37.60
N TYR E 413 -74.81 -11.49 -36.90
CA TYR E 413 -75.03 -12.31 -35.73
C TYR E 413 -74.30 -11.47 -34.68
N ILE E 414 -74.91 -11.41 -33.46
CA ILE E 414 -74.51 -10.71 -32.23
C ILE E 414 -74.50 -11.68 -31.07
N VAL E 415 -73.76 -11.19 -30.07
CA VAL E 415 -73.69 -11.95 -28.82
C VAL E 415 -73.80 -11.02 -27.64
N PRO E 416 -74.06 -11.59 -26.47
CA PRO E 416 -74.02 -10.90 -25.19
C PRO E 416 -72.62 -11.01 -24.64
N GLY E 417 -71.63 -10.44 -25.28
CA GLY E 417 -70.24 -10.65 -24.92
C GLY E 417 -69.94 -9.88 -23.64
N GLY E 418 -68.89 -10.27 -22.91
CA GLY E 418 -68.45 -9.83 -21.63
C GLY E 418 -69.33 -10.08 -20.48
N GLY E 419 -69.70 -11.33 -20.31
CA GLY E 419 -70.40 -11.77 -19.12
C GLY E 419 -71.24 -12.99 -19.27
N ALA E 420 -71.99 -13.05 -20.32
CA ALA E 420 -73.01 -14.07 -20.27
C ALA E 420 -72.50 -15.30 -21.02
N ILE E 421 -72.27 -15.04 -22.37
CA ILE E 421 -71.74 -16.01 -23.27
C ILE E 421 -70.55 -16.83 -22.76
N GLU E 422 -69.45 -16.21 -22.19
CA GLU E 422 -68.27 -16.86 -21.74
C GLU E 422 -68.56 -17.86 -20.65
N LEU E 423 -69.34 -17.49 -19.64
CA LEU E 423 -69.68 -18.42 -18.54
C LEU E 423 -70.50 -19.57 -19.06
N GLU E 424 -71.37 -19.31 -20.00
CA GLU E 424 -72.09 -20.41 -20.62
C GLU E 424 -71.27 -21.37 -21.48
N LEU E 425 -70.22 -20.85 -22.14
CA LEU E 425 -69.22 -21.64 -22.73
C LEU E 425 -68.42 -22.44 -21.71
N SER E 426 -68.05 -21.91 -20.53
CA SER E 426 -67.35 -22.72 -19.46
C SER E 426 -68.22 -23.85 -18.94
N ALA E 427 -69.58 -23.73 -18.79
CA ALA E 427 -70.46 -24.76 -18.27
C ALA E 427 -70.76 -25.86 -19.26
N ARG E 428 -70.87 -25.55 -20.59
CA ARG E 428 -70.92 -26.58 -21.58
C ARG E 428 -69.64 -27.38 -21.82
N LEU E 429 -68.50 -26.72 -21.58
CA LEU E 429 -67.22 -27.43 -21.54
C LEU E 429 -67.08 -28.29 -20.28
N ARG E 430 -67.60 -27.96 -19.10
CA ARG E 430 -67.74 -28.79 -17.98
C ARG E 430 -68.99 -29.59 -18.03
N GLU E 431 -69.01 -30.39 -19.11
CA GLU E 431 -70.09 -31.28 -19.50
C GLU E 431 -69.48 -32.12 -20.67
N TYR E 432 -68.89 -31.40 -21.56
CA TYR E 432 -67.99 -31.84 -22.67
C TYR E 432 -66.84 -32.64 -22.09
N ALA E 433 -66.00 -31.99 -21.31
CA ALA E 433 -64.98 -32.67 -20.51
C ALA E 433 -65.29 -33.89 -19.63
N ARG E 434 -66.56 -34.09 -19.23
CA ARG E 434 -66.93 -35.41 -18.67
C ARG E 434 -67.05 -36.50 -19.56
N SER E 435 -67.68 -36.32 -20.75
CA SER E 435 -67.77 -37.44 -21.74
C SER E 435 -66.44 -37.67 -22.42
N VAL E 436 -65.53 -36.58 -22.43
CA VAL E 436 -64.12 -36.64 -22.81
C VAL E 436 -63.27 -37.30 -21.75
N GLY E 437 -62.44 -38.29 -22.13
CA GLY E 437 -61.47 -39.02 -21.35
C GLY E 437 -60.05 -38.51 -21.57
N GLY E 438 -59.08 -39.12 -20.83
CA GLY E 438 -57.65 -38.80 -20.86
C GLY E 438 -57.20 -37.43 -20.38
N LYS E 439 -55.87 -37.12 -20.51
CA LYS E 439 -55.11 -35.85 -20.26
C LYS E 439 -55.60 -34.71 -21.09
N GLU E 440 -56.27 -34.93 -22.27
CA GLU E 440 -57.02 -33.89 -22.93
C GLU E 440 -58.28 -33.49 -22.25
N GLN E 441 -58.95 -34.19 -21.36
CA GLN E 441 -60.16 -33.64 -20.74
C GLN E 441 -59.88 -32.54 -19.68
N LEU E 442 -58.76 -32.68 -19.00
CA LEU E 442 -58.27 -31.72 -17.97
C LEU E 442 -57.85 -30.40 -18.63
N ALA E 443 -57.28 -30.42 -19.90
CA ALA E 443 -57.02 -29.27 -20.69
C ALA E 443 -58.29 -28.56 -21.22
N ILE E 444 -59.31 -29.29 -21.70
CA ILE E 444 -60.52 -28.72 -22.13
C ILE E 444 -61.17 -27.93 -21.01
N GLU E 445 -61.12 -28.57 -19.79
CA GLU E 445 -61.57 -27.87 -18.57
C GLU E 445 -60.66 -26.72 -18.06
N ALA E 446 -59.38 -26.71 -18.43
CA ALA E 446 -58.40 -25.66 -18.06
C ALA E 446 -58.59 -24.50 -19.02
N TYR E 447 -59.06 -24.75 -20.28
CA TYR E 447 -59.42 -23.66 -21.20
C TYR E 447 -60.76 -23.05 -20.72
N ALA E 448 -61.65 -23.94 -20.10
CA ALA E 448 -62.89 -23.52 -19.50
C ALA E 448 -62.62 -22.61 -18.35
N ASP E 449 -61.54 -22.83 -17.52
CA ASP E 449 -61.13 -21.98 -16.43
C ASP E 449 -60.63 -20.54 -16.76
N ALA E 450 -59.84 -20.37 -17.91
CA ALA E 450 -59.49 -19.02 -18.50
C ALA E 450 -60.71 -18.30 -18.91
N LEU E 451 -61.76 -18.94 -19.47
CA LEU E 451 -62.99 -18.29 -19.76
C LEU E 451 -63.71 -17.69 -18.51
N GLU E 452 -63.64 -18.37 -17.34
CA GLU E 452 -64.01 -17.87 -16.02
C GLU E 452 -63.13 -16.74 -15.52
N GLU E 453 -61.91 -16.49 -16.09
CA GLU E 453 -61.11 -15.34 -15.76
C GLU E 453 -61.48 -14.09 -16.52
N ILE E 454 -62.25 -14.09 -17.56
CA ILE E 454 -62.93 -12.93 -18.21
C ILE E 454 -64.14 -12.65 -17.24
N PRO E 455 -64.99 -11.57 -17.31
CA PRO E 455 -66.28 -11.73 -16.60
C PRO E 455 -66.32 -11.35 -15.17
N MET E 456 -65.50 -11.99 -14.32
CA MET E 456 -65.27 -11.69 -12.92
C MET E 456 -64.11 -10.67 -12.86
N ILE E 457 -63.24 -10.53 -13.89
CA ILE E 457 -62.21 -9.46 -14.00
C ILE E 457 -62.98 -8.19 -14.44
N LEU E 458 -64.01 -8.36 -15.31
CA LEU E 458 -64.91 -7.25 -15.54
C LEU E 458 -65.63 -6.82 -14.25
N ALA E 459 -66.04 -7.74 -13.36
CA ALA E 459 -66.69 -7.20 -12.23
C ALA E 459 -65.74 -6.48 -11.30
N GLU E 460 -64.44 -6.88 -11.36
CA GLU E 460 -63.46 -6.26 -10.47
C GLU E 460 -63.13 -4.90 -10.97
N THR E 461 -63.07 -4.67 -12.31
CA THR E 461 -62.94 -3.39 -13.02
C THR E 461 -64.07 -2.47 -12.69
N ALA E 462 -65.28 -3.06 -12.52
CA ALA E 462 -66.43 -2.30 -12.09
C ALA E 462 -66.52 -1.79 -10.63
N GLY E 463 -65.47 -2.24 -9.84
CA GLY E 463 -65.40 -1.82 -8.43
C GLY E 463 -66.14 -2.76 -7.50
N LEU E 464 -66.12 -4.11 -7.80
CA LEU E 464 -66.79 -5.16 -7.05
C LEU E 464 -65.87 -6.35 -6.80
N GLU E 465 -66.31 -7.32 -6.01
CA GLU E 465 -65.46 -8.48 -5.67
C GLU E 465 -65.55 -9.59 -6.76
N PRO E 466 -64.37 -10.13 -7.24
CA PRO E 466 -64.37 -11.12 -8.33
C PRO E 466 -64.79 -12.49 -7.87
N ILE E 467 -64.30 -13.13 -6.76
CA ILE E 467 -64.77 -14.47 -6.34
C ILE E 467 -66.22 -14.43 -5.92
N SER E 468 -66.71 -13.32 -5.29
CA SER E 468 -68.10 -13.12 -4.98
C SER E 468 -68.96 -12.88 -6.14
N ALA E 469 -68.53 -12.18 -7.24
CA ALA E 469 -69.23 -12.02 -8.52
C ALA E 469 -69.22 -13.35 -9.24
N LEU E 470 -68.11 -14.15 -9.17
CA LEU E 470 -68.09 -15.44 -9.81
C LEU E 470 -69.08 -16.58 -9.18
N MET E 471 -69.17 -16.71 -7.85
CA MET E 471 -70.13 -17.62 -7.25
C MET E 471 -71.62 -17.23 -7.36
N ASP E 472 -71.87 -15.88 -7.33
CA ASP E 472 -73.20 -15.29 -7.36
C ASP E 472 -73.66 -15.37 -8.84
N LEU E 473 -72.78 -15.33 -9.81
CA LEU E 473 -73.27 -15.49 -11.18
C LEU E 473 -73.57 -16.91 -11.48
N ARG E 474 -72.78 -17.89 -10.98
CA ARG E 474 -72.99 -19.29 -11.24
C ARG E 474 -74.34 -19.72 -10.73
N ALA E 475 -74.74 -19.23 -9.54
CA ALA E 475 -75.97 -19.64 -9.01
C ALA E 475 -77.15 -18.98 -9.64
N ARG E 476 -77.06 -17.71 -10.07
CA ARG E 476 -78.07 -17.10 -10.93
C ARG E 476 -78.08 -17.64 -12.38
N HIS E 477 -76.97 -18.18 -12.89
CA HIS E 477 -76.92 -18.70 -14.26
C HIS E 477 -77.46 -20.10 -14.33
N ALA E 478 -77.78 -20.67 -13.14
CA ALA E 478 -78.03 -22.09 -13.02
C ALA E 478 -79.55 -22.26 -12.69
N LYS E 479 -80.07 -21.45 -11.77
CA LYS E 479 -81.46 -21.38 -11.28
C LYS E 479 -82.35 -20.46 -12.09
N GLY E 480 -81.80 -19.31 -12.48
CA GLY E 480 -82.33 -18.37 -13.51
C GLY E 480 -81.84 -18.66 -14.95
N LEU E 481 -80.93 -17.85 -15.50
CA LEU E 481 -80.61 -17.91 -16.99
C LEU E 481 -79.14 -17.55 -17.27
N THR E 482 -78.57 -18.12 -18.32
CA THR E 482 -77.20 -18.03 -18.73
C THR E 482 -76.94 -16.79 -19.58
N ASN E 483 -77.61 -15.76 -19.31
CA ASN E 483 -77.58 -14.51 -20.04
C ASN E 483 -77.36 -13.32 -19.07
N CYS E 484 -77.08 -13.54 -17.79
CA CYS E 484 -76.93 -12.50 -16.78
C CYS E 484 -75.53 -11.86 -16.83
N GLY E 485 -75.35 -10.58 -16.46
CA GLY E 485 -74.01 -10.00 -16.32
C GLY E 485 -73.80 -9.00 -15.22
N VAL E 486 -72.74 -8.12 -15.40
CA VAL E 486 -72.39 -6.94 -14.60
C VAL E 486 -72.22 -5.67 -15.50
N ASP E 487 -72.21 -4.50 -14.83
CA ASP E 487 -72.21 -3.19 -15.43
C ASP E 487 -70.82 -2.49 -15.04
N VAL E 488 -69.87 -2.18 -15.96
CA VAL E 488 -68.73 -1.40 -15.54
C VAL E 488 -69.09 -0.02 -15.07
N ILE E 489 -69.97 0.62 -15.93
CA ILE E 489 -70.35 2.03 -15.86
C ILE E 489 -71.25 2.44 -14.64
N ASN E 490 -72.25 1.62 -14.30
CA ASN E 490 -73.06 1.88 -13.06
C ASN E 490 -72.67 0.96 -11.91
N GLY E 491 -71.54 0.23 -12.01
CA GLY E 491 -70.89 -0.53 -10.95
C GLY E 491 -71.81 -1.49 -10.14
N LYS E 492 -72.73 -2.18 -10.80
CA LYS E 492 -73.71 -3.01 -10.29
C LYS E 492 -73.91 -4.30 -11.01
N ILE E 493 -74.27 -5.40 -10.23
CA ILE E 493 -74.90 -6.53 -10.78
C ILE E 493 -76.23 -6.12 -11.46
N ILE E 494 -76.65 -7.03 -12.32
CA ILE E 494 -77.79 -6.87 -13.20
C ILE E 494 -78.29 -8.25 -13.64
N ASP E 495 -79.56 -8.42 -14.05
CA ASP E 495 -79.90 -9.57 -14.86
C ASP E 495 -79.24 -9.45 -16.26
N ASP E 496 -80.07 -9.48 -17.29
CA ASP E 496 -79.62 -9.93 -18.61
C ASP E 496 -79.00 -8.89 -19.56
N ILE E 497 -78.12 -9.33 -20.44
CA ILE E 497 -77.35 -8.37 -21.32
C ILE E 497 -78.16 -7.56 -22.38
N TYR E 498 -79.27 -8.21 -22.83
CA TYR E 498 -80.34 -7.45 -23.49
C TYR E 498 -80.93 -6.35 -22.69
N SER E 499 -81.24 -6.61 -21.44
CA SER E 499 -81.94 -5.60 -20.68
C SER E 499 -81.22 -4.27 -20.50
N ILE E 500 -79.84 -4.36 -20.27
CA ILE E 500 -78.91 -3.28 -20.04
C ILE E 500 -78.43 -2.74 -21.42
N ASN E 501 -78.77 -3.45 -22.51
CA ASN E 501 -78.35 -3.15 -23.87
C ASN E 501 -76.83 -3.13 -24.16
N VAL E 502 -75.96 -4.06 -23.65
CA VAL E 502 -74.53 -3.93 -23.81
C VAL E 502 -73.93 -5.10 -24.57
N VAL E 503 -74.81 -5.70 -25.43
CA VAL E 503 -74.52 -6.67 -26.51
C VAL E 503 -73.37 -6.21 -27.45
N GLU E 504 -72.74 -7.13 -28.20
CA GLU E 504 -71.54 -6.97 -28.97
C GLU E 504 -71.72 -7.65 -30.39
N PRO E 505 -71.27 -7.05 -31.48
CA PRO E 505 -71.07 -7.89 -32.66
C PRO E 505 -70.27 -9.14 -32.46
N ILE E 506 -70.75 -10.28 -32.94
CA ILE E 506 -69.91 -11.50 -32.88
C ILE E 506 -68.50 -11.48 -33.38
N ARG E 507 -68.22 -10.64 -34.38
CA ARG E 507 -66.94 -10.60 -34.97
C ARG E 507 -65.81 -9.95 -34.08
N VAL E 508 -66.20 -9.14 -33.02
CA VAL E 508 -65.17 -8.68 -32.02
C VAL E 508 -64.75 -9.74 -31.04
N THR E 509 -65.62 -10.67 -30.74
CA THR E 509 -65.45 -11.83 -29.86
C THR E 509 -64.62 -12.89 -30.54
N ARG E 510 -65.14 -13.43 -31.70
CA ARG E 510 -64.37 -14.45 -32.46
C ARG E 510 -62.92 -14.06 -32.76
N GLN E 511 -62.70 -12.76 -33.14
CA GLN E 511 -61.37 -12.33 -33.52
C GLN E 511 -60.41 -12.22 -32.40
N VAL E 512 -60.83 -11.83 -31.18
CA VAL E 512 -59.93 -11.81 -30.07
C VAL E 512 -59.75 -13.23 -29.43
N LEU E 513 -60.69 -14.18 -29.70
CA LEU E 513 -60.32 -15.59 -29.41
C LEU E 513 -59.45 -16.26 -30.38
N LYS E 514 -59.51 -15.87 -31.65
CA LYS E 514 -58.64 -16.36 -32.65
C LYS E 514 -57.10 -15.95 -32.43
N SER E 515 -56.99 -14.69 -32.00
CA SER E 515 -55.64 -14.18 -31.84
C SER E 515 -54.93 -14.45 -30.45
N ALA E 516 -55.72 -14.81 -29.39
CA ALA E 516 -55.24 -15.36 -28.12
C ALA E 516 -54.93 -16.88 -28.34
N THR E 517 -55.72 -17.62 -29.13
CA THR E 517 -55.37 -19.04 -29.47
C THR E 517 -54.25 -19.15 -30.47
N GLU E 518 -53.86 -18.16 -31.31
CA GLU E 518 -52.67 -18.28 -32.19
C GLU E 518 -51.37 -18.12 -31.43
N ALA E 519 -51.46 -17.14 -30.48
CA ALA E 519 -50.40 -16.62 -29.69
C ALA E 519 -49.97 -17.57 -28.62
N ALA E 520 -50.93 -18.14 -27.91
CA ALA E 520 -50.76 -19.14 -26.84
C ALA E 520 -50.37 -20.47 -27.43
N THR E 521 -50.81 -20.93 -28.63
CA THR E 521 -50.39 -22.18 -29.12
C THR E 521 -48.91 -22.12 -29.50
N SER E 522 -48.48 -20.97 -30.02
CA SER E 522 -47.13 -20.63 -30.43
C SER E 522 -46.11 -20.45 -29.34
N ILE E 523 -46.61 -19.86 -28.15
CA ILE E 523 -45.69 -19.69 -26.95
C ILE E 523 -45.43 -21.01 -26.26
N MET E 524 -46.34 -21.94 -26.48
CA MET E 524 -46.19 -23.23 -26.01
C MET E 524 -45.17 -23.98 -26.83
N LYS E 525 -45.00 -23.67 -28.10
CA LYS E 525 -44.10 -24.43 -29.02
C LYS E 525 -42.57 -24.03 -29.03
N ILE E 526 -42.18 -23.03 -28.25
CA ILE E 526 -40.95 -22.34 -28.51
C ILE E 526 -40.11 -22.77 -27.33
N ASP E 527 -39.03 -23.49 -27.73
CA ASP E 527 -38.09 -24.08 -26.92
C ASP E 527 -36.87 -23.14 -26.87
N ASP E 528 -35.72 -23.61 -27.42
CA ASP E 528 -34.39 -22.87 -27.41
C ASP E 528 -34.30 -21.45 -27.84
N LEU E 529 -33.13 -20.92 -27.57
CA LEU E 529 -32.84 -19.48 -27.75
C LEU E 529 -31.38 -19.37 -28.10
N ILE E 530 -31.07 -19.06 -29.36
CA ILE E 530 -29.72 -18.98 -29.80
C ILE E 530 -29.54 -17.60 -30.46
N ALA E 531 -28.64 -16.72 -29.96
CA ALA E 531 -28.74 -15.35 -30.28
C ALA E 531 -27.31 -14.92 -30.75
N ALA E 532 -27.27 -14.25 -31.88
CA ALA E 532 -26.14 -13.85 -32.71
C ALA E 532 -25.81 -12.36 -32.60
N THR F 14 -33.15 -0.34 -14.50
CA THR F 14 -34.53 0.09 -14.81
C THR F 14 -35.39 0.26 -13.57
N SER F 15 -36.06 1.37 -13.50
CA SER F 15 -36.85 1.74 -12.34
C SER F 15 -38.30 1.19 -12.37
N ARG F 16 -38.69 0.44 -11.28
CA ARG F 16 -40.04 -0.13 -11.16
C ARG F 16 -40.97 0.65 -10.26
N ASN F 17 -42.27 0.33 -10.36
CA ASN F 17 -43.25 0.97 -9.59
C ASN F 17 -44.32 -0.18 -9.44
N SER F 18 -44.86 -0.19 -8.18
CA SER F 18 -45.91 -1.14 -7.79
C SER F 18 -46.58 -0.78 -6.43
N GLY F 19 -47.82 -1.27 -6.18
CA GLY F 19 -48.39 -1.14 -4.86
C GLY F 19 -48.96 0.19 -4.54
N ARG F 20 -49.33 0.89 -5.61
CA ARG F 20 -49.64 2.28 -5.64
C ARG F 20 -48.54 3.29 -5.49
N ASP F 21 -47.26 2.88 -5.71
CA ASP F 21 -46.08 3.71 -5.55
C ASP F 21 -46.11 4.90 -6.43
N ALA F 22 -46.32 4.69 -7.79
CA ALA F 22 -46.42 5.74 -8.76
C ALA F 22 -47.39 6.81 -8.39
N LEU F 23 -48.58 6.46 -7.84
CA LEU F 23 -49.66 7.31 -7.39
C LEU F 23 -49.31 8.18 -6.17
N LYS F 24 -48.60 7.60 -5.15
CA LYS F 24 -48.16 8.33 -3.92
C LYS F 24 -47.16 9.29 -4.26
N ASN F 25 -46.36 9.04 -5.33
CA ASN F 25 -45.26 9.88 -5.81
C ASN F 25 -45.71 11.08 -6.73
N ASN F 26 -46.88 10.90 -7.38
CA ASN F 26 -47.59 11.95 -8.08
C ASN F 26 -48.49 12.73 -7.11
N ILE F 27 -48.91 12.27 -5.97
CA ILE F 27 -49.69 13.00 -4.96
C ILE F 27 -48.67 13.95 -4.27
N LEU F 28 -47.46 13.43 -3.95
CA LEU F 28 -46.34 14.10 -3.28
C LEU F 28 -45.92 15.28 -4.15
N ALA F 29 -45.82 15.04 -5.50
CA ALA F 29 -45.46 16.10 -6.40
C ALA F 29 -46.47 17.26 -6.44
N ALA F 30 -47.74 16.93 -6.58
CA ALA F 30 -48.87 17.92 -6.62
C ALA F 30 -49.17 18.67 -5.40
N ARG F 31 -48.92 18.08 -4.20
CA ARG F 31 -49.06 18.71 -2.89
C ARG F 31 -47.86 19.56 -2.63
N THR F 32 -46.61 19.24 -3.08
CA THR F 32 -45.45 20.11 -2.73
C THR F 32 -45.42 21.41 -3.52
N LEU F 33 -45.72 21.32 -4.88
CA LEU F 33 -45.92 22.47 -5.80
C LEU F 33 -47.06 23.35 -5.21
N ALA F 34 -48.19 22.71 -4.74
CA ALA F 34 -49.34 23.39 -4.22
C ALA F 34 -48.99 24.06 -2.94
N GLU F 35 -48.29 23.48 -2.03
CA GLU F 35 -48.03 23.96 -0.73
C GLU F 35 -47.01 25.17 -0.72
N MET F 36 -46.32 25.23 -1.86
CA MET F 36 -45.37 26.34 -2.20
C MET F 36 -45.98 27.53 -2.85
N LEU F 37 -46.93 27.30 -3.79
CA LEU F 37 -47.74 28.28 -4.38
C LEU F 37 -48.79 28.84 -3.44
N ARG F 38 -49.14 28.13 -2.29
CA ARG F 38 -50.11 28.66 -1.42
C ARG F 38 -49.64 29.95 -0.60
N SER F 39 -48.38 30.06 -0.34
CA SER F 39 -47.72 31.18 0.36
C SER F 39 -47.94 32.52 -0.39
N SER F 40 -48.22 32.40 -1.68
CA SER F 40 -48.39 33.49 -2.62
C SER F 40 -49.76 33.74 -3.12
N LEU F 41 -50.69 33.01 -2.41
CA LEU F 41 -52.10 32.99 -2.76
C LEU F 41 -52.91 34.14 -2.17
N GLY F 42 -53.61 34.92 -2.99
CA GLY F 42 -54.49 35.96 -2.54
C GLY F 42 -53.80 37.22 -2.18
N PRO F 43 -54.46 38.25 -1.73
CA PRO F 43 -53.97 39.65 -1.79
C PRO F 43 -53.11 40.06 -0.66
N LYS F 44 -52.88 39.11 0.25
CA LYS F 44 -51.81 39.28 1.26
C LYS F 44 -50.56 38.37 1.04
N GLY F 45 -50.40 37.75 -0.18
CA GLY F 45 -49.39 36.74 -0.42
C GLY F 45 -47.98 37.21 -0.41
N LEU F 46 -47.04 36.25 -0.40
CA LEU F 46 -45.68 36.51 -0.41
C LEU F 46 -45.07 36.26 -1.78
N ASP F 47 -44.14 37.18 -2.23
CA ASP F 47 -43.48 37.21 -3.54
C ASP F 47 -42.38 36.09 -3.49
N LYS F 48 -42.15 35.32 -4.63
CA LYS F 48 -41.06 34.40 -4.75
C LYS F 48 -40.01 35.08 -5.62
N MET F 49 -38.72 34.59 -5.61
CA MET F 49 -37.59 35.00 -6.34
C MET F 49 -37.11 33.73 -7.10
N LEU F 50 -36.86 33.96 -8.39
CA LEU F 50 -36.61 32.94 -9.34
C LEU F 50 -35.46 33.47 -10.16
N ILE F 51 -34.22 32.91 -10.11
CA ILE F 51 -33.04 33.33 -10.87
C ILE F 51 -32.70 32.35 -12.04
N ASP F 52 -32.50 32.86 -13.27
CA ASP F 52 -32.19 32.28 -14.47
C ASP F 52 -30.82 31.66 -14.62
N SER F 53 -30.64 30.85 -15.63
CA SER F 53 -29.31 30.36 -16.09
C SER F 53 -28.34 31.26 -16.81
N PHE F 54 -28.92 32.33 -17.36
CA PHE F 54 -28.24 33.46 -17.90
C PHE F 54 -28.16 34.57 -16.94
N GLY F 55 -28.66 34.28 -15.67
CA GLY F 55 -28.51 35.11 -14.51
C GLY F 55 -29.62 36.07 -14.19
N ASP F 56 -30.67 36.20 -14.96
CA ASP F 56 -31.82 37.06 -14.74
C ASP F 56 -32.53 36.77 -13.51
N VAL F 57 -32.70 37.74 -12.54
CA VAL F 57 -33.52 37.52 -11.36
C VAL F 57 -34.99 37.94 -11.62
N THR F 58 -35.98 37.16 -11.12
CA THR F 58 -37.37 37.44 -11.37
C THR F 58 -38.16 37.30 -10.14
N ILE F 59 -38.87 38.30 -9.64
CA ILE F 59 -39.57 38.34 -8.38
C ILE F 59 -41.10 38.44 -8.59
N THR F 60 -41.97 37.43 -8.26
CA THR F 60 -43.39 37.62 -8.51
C THR F 60 -44.22 36.84 -7.45
N ASN F 61 -45.52 37.17 -7.27
CA ASN F 61 -46.45 36.36 -6.51
C ASN F 61 -47.53 35.70 -7.36
N ASP F 62 -47.53 36.03 -8.70
CA ASP F 62 -48.30 35.38 -9.76
C ASP F 62 -47.93 33.98 -9.86
N GLY F 63 -48.85 33.05 -9.80
CA GLY F 63 -48.53 31.65 -9.68
C GLY F 63 -48.40 31.15 -11.07
N ALA F 64 -48.88 31.87 -12.06
CA ALA F 64 -48.66 31.51 -13.43
C ALA F 64 -47.27 31.87 -13.90
N THR F 65 -46.69 32.92 -13.28
CA THR F 65 -45.38 33.34 -13.63
C THR F 65 -44.39 32.47 -13.00
N ILE F 66 -44.63 32.06 -11.71
CA ILE F 66 -43.73 31.25 -10.92
C ILE F 66 -43.62 29.90 -11.62
N VAL F 67 -44.70 29.25 -12.14
CA VAL F 67 -44.53 28.09 -12.94
C VAL F 67 -43.79 28.23 -14.27
N LYS F 68 -44.12 29.35 -14.97
CA LYS F 68 -43.36 29.70 -16.18
C LYS F 68 -41.80 29.86 -15.98
N GLU F 69 -41.33 30.50 -14.88
CA GLU F 69 -39.97 30.71 -14.47
C GLU F 69 -39.20 29.48 -13.97
N MET F 70 -39.90 28.30 -14.01
CA MET F 70 -39.40 27.12 -13.32
C MET F 70 -38.95 25.96 -14.17
N GLU F 71 -37.65 25.62 -13.96
CA GLU F 71 -37.25 24.32 -14.55
C GLU F 71 -37.73 23.09 -13.64
N ILE F 72 -38.64 22.28 -14.13
CA ILE F 72 -39.22 21.22 -13.41
C ILE F 72 -38.55 19.85 -13.40
N GLN F 73 -38.39 19.11 -12.32
CA GLN F 73 -37.60 17.92 -12.31
C GLN F 73 -38.46 16.67 -12.22
N HIS F 74 -39.79 16.82 -12.07
CA HIS F 74 -40.74 15.68 -11.99
C HIS F 74 -41.98 15.75 -12.97
N PRO F 75 -42.13 14.75 -13.88
CA PRO F 75 -43.14 14.86 -14.90
C PRO F 75 -44.56 15.11 -14.46
N ALA F 76 -45.04 14.65 -13.27
CA ALA F 76 -46.41 14.99 -12.91
C ALA F 76 -46.53 16.45 -12.41
N ALA F 77 -45.51 17.15 -11.94
CA ALA F 77 -45.60 18.58 -11.66
C ALA F 77 -45.56 19.34 -13.00
N LYS F 78 -44.89 18.73 -14.02
CA LYS F 78 -44.95 19.37 -15.38
C LYS F 78 -46.31 19.31 -16.00
N LEU F 79 -47.12 18.25 -15.76
CA LEU F 79 -48.53 18.26 -16.17
C LEU F 79 -49.24 19.50 -15.57
N LEU F 80 -49.13 19.77 -14.22
CA LEU F 80 -49.76 20.87 -13.67
C LEU F 80 -49.34 22.25 -14.16
N VAL F 81 -48.08 22.37 -14.56
CA VAL F 81 -47.70 23.67 -15.29
C VAL F 81 -48.43 23.88 -16.60
N GLU F 82 -48.76 22.86 -17.39
CA GLU F 82 -49.62 23.14 -18.51
C GLU F 82 -51.09 23.64 -18.21
N ALA F 83 -51.65 23.24 -17.00
CA ALA F 83 -52.96 23.65 -16.62
C ALA F 83 -53.01 25.08 -16.21
N ALA F 84 -51.95 25.50 -15.54
CA ALA F 84 -51.76 26.79 -15.09
C ALA F 84 -51.64 27.77 -16.30
N LYS F 85 -50.66 27.51 -17.24
CA LYS F 85 -50.48 28.18 -18.54
C LYS F 85 -51.85 28.50 -19.27
N ALA F 86 -52.62 27.38 -19.45
CA ALA F 86 -53.85 27.44 -20.17
C ALA F 86 -54.89 28.41 -19.54
N GLN F 87 -54.89 28.48 -18.20
CA GLN F 87 -55.72 29.34 -17.40
C GLN F 87 -55.24 30.77 -17.38
N ASP F 88 -53.92 31.02 -17.61
CA ASP F 88 -53.33 32.32 -17.36
C ASP F 88 -53.83 33.45 -18.27
N SER F 89 -54.31 33.17 -19.54
CA SER F 89 -54.82 34.21 -20.46
C SER F 89 -56.15 34.71 -19.92
N GLU F 90 -56.84 33.79 -19.28
CA GLU F 90 -58.25 33.95 -18.86
C GLU F 90 -58.33 34.61 -17.50
N VAL F 91 -57.50 34.23 -16.53
CA VAL F 91 -57.50 34.89 -15.14
C VAL F 91 -56.04 34.88 -14.65
N GLY F 92 -55.65 35.88 -13.74
CA GLY F 92 -54.32 35.91 -13.10
C GLY F 92 -54.34 35.78 -11.59
N ASP F 93 -55.57 35.88 -11.02
CA ASP F 93 -55.75 35.58 -9.57
C ASP F 93 -56.17 34.15 -9.46
N GLY F 94 -57.16 33.73 -10.28
CA GLY F 94 -57.67 32.38 -10.30
C GLY F 94 -56.68 31.27 -10.66
N THR F 95 -55.79 31.50 -11.61
CA THR F 95 -54.81 30.45 -12.09
C THR F 95 -53.86 30.02 -10.96
N THR F 96 -53.52 30.99 -9.96
CA THR F 96 -52.95 30.55 -8.72
C THR F 96 -53.85 29.75 -7.82
N SER F 97 -55.09 30.25 -7.65
CA SER F 97 -56.10 29.42 -6.93
C SER F 97 -56.37 28.11 -7.55
N ALA F 98 -56.46 27.94 -8.86
CA ALA F 98 -56.71 26.73 -9.54
C ALA F 98 -55.75 25.60 -9.30
N VAL F 99 -54.41 25.84 -9.20
CA VAL F 99 -53.42 24.79 -8.86
C VAL F 99 -53.63 24.33 -7.40
N VAL F 100 -53.95 25.29 -6.57
CA VAL F 100 -54.22 24.95 -5.19
C VAL F 100 -55.50 24.06 -5.02
N LEU F 101 -56.61 24.25 -5.78
CA LEU F 101 -57.82 23.44 -5.79
C LEU F 101 -57.54 22.03 -6.26
N ALA F 102 -56.65 21.78 -7.20
CA ALA F 102 -56.23 20.44 -7.60
C ALA F 102 -55.56 19.74 -6.43
N GLY F 103 -54.69 20.43 -5.70
CA GLY F 103 -54.03 20.00 -4.50
C GLY F 103 -55.04 19.77 -3.39
N LEU F 104 -56.14 20.52 -3.22
CA LEU F 104 -57.07 20.36 -2.13
C LEU F 104 -58.04 19.19 -2.22
N PHE F 105 -58.31 18.69 -3.46
CA PHE F 105 -59.09 17.56 -3.75
C PHE F 105 -58.24 16.33 -3.57
N LEU F 106 -56.97 16.42 -4.03
CA LEU F 106 -56.05 15.29 -3.87
C LEU F 106 -55.74 14.84 -2.41
N GLU F 107 -55.58 15.75 -1.43
CA GLU F 107 -55.23 15.27 -0.11
C GLU F 107 -56.45 14.73 0.63
N LYS F 108 -57.69 14.98 0.16
CA LYS F 108 -58.90 14.35 0.65
C LYS F 108 -59.09 12.92 0.02
N ALA F 109 -58.67 12.78 -1.24
CA ALA F 109 -58.64 11.57 -1.95
C ALA F 109 -57.84 10.45 -1.31
N GLU F 110 -56.64 10.90 -0.77
CA GLU F 110 -55.60 10.12 -0.10
C GLU F 110 -56.17 9.47 1.18
N SER F 111 -57.09 10.11 1.96
CA SER F 111 -57.86 9.41 3.04
C SER F 111 -58.70 8.25 2.47
N LEU F 112 -59.52 8.55 1.38
CA LEU F 112 -60.33 7.52 0.68
C LEU F 112 -59.45 6.32 0.16
N VAL F 113 -58.21 6.46 -0.42
CA VAL F 113 -57.22 5.37 -0.71
C VAL F 113 -56.83 4.63 0.61
N ASP F 114 -56.65 5.32 1.74
CA ASP F 114 -56.41 4.69 3.03
C ASP F 114 -57.50 3.81 3.53
N GLN F 115 -58.74 4.24 3.32
CA GLN F 115 -60.02 3.45 3.41
C GLN F 115 -60.22 2.34 2.42
N ASN F 116 -59.15 1.96 1.76
CA ASN F 116 -59.03 1.11 0.54
C ASN F 116 -60.17 1.14 -0.41
N ILE F 117 -60.55 2.33 -0.88
CA ILE F 117 -61.67 2.62 -1.81
C ILE F 117 -61.00 2.93 -3.15
N HIS F 118 -61.46 2.37 -4.25
CA HIS F 118 -60.85 2.58 -5.56
C HIS F 118 -60.85 4.03 -6.07
N PRO F 119 -59.84 4.48 -6.84
CA PRO F 119 -59.78 5.91 -7.26
C PRO F 119 -60.98 6.35 -8.15
N THR F 120 -61.51 5.39 -8.89
CA THR F 120 -62.72 5.53 -9.73
C THR F 120 -63.92 6.03 -9.02
N ILE F 121 -64.11 5.44 -7.86
CA ILE F 121 -65.26 5.60 -6.94
C ILE F 121 -65.15 7.07 -6.34
N ILE F 122 -63.92 7.50 -6.00
CA ILE F 122 -63.72 8.84 -5.68
C ILE F 122 -64.03 9.78 -6.85
N ILE F 123 -63.50 9.52 -8.03
CA ILE F 123 -63.71 10.32 -9.27
C ILE F 123 -65.17 10.66 -9.61
N GLU F 124 -66.05 9.65 -9.68
CA GLU F 124 -67.50 9.72 -9.77
C GLU F 124 -68.22 10.34 -8.62
N GLY F 125 -67.74 10.37 -7.39
CA GLY F 125 -68.35 11.16 -6.36
C GLY F 125 -67.88 12.57 -6.40
N PHE F 126 -66.61 12.84 -6.88
CA PHE F 126 -66.13 14.23 -7.04
C PHE F 126 -66.81 14.85 -8.21
N LYS F 127 -67.16 14.19 -9.28
CA LYS F 127 -67.92 14.67 -10.38
C LYS F 127 -69.32 14.94 -10.04
N LYS F 128 -69.98 14.11 -9.27
CA LYS F 128 -71.37 14.29 -8.79
C LYS F 128 -71.47 15.39 -7.85
N ALA F 129 -70.52 15.59 -6.90
CA ALA F 129 -70.46 16.68 -5.93
C ALA F 129 -70.34 17.98 -6.71
N PHE F 130 -69.45 18.07 -7.72
CA PHE F 130 -69.23 19.18 -8.66
C PHE F 130 -70.48 19.48 -9.52
N ASN F 131 -71.21 18.45 -10.08
CA ASN F 131 -72.46 18.61 -10.78
C ASN F 131 -73.54 19.20 -10.00
N LYS F 132 -73.59 18.87 -8.70
CA LYS F 132 -74.50 19.44 -7.72
C LYS F 132 -74.16 20.94 -7.59
N SER F 133 -72.90 21.33 -7.52
CA SER F 133 -72.45 22.70 -7.40
C SER F 133 -72.78 23.53 -8.61
N LEU F 134 -72.70 22.93 -9.77
CA LEU F 134 -73.05 23.54 -11.05
C LEU F 134 -74.51 23.72 -11.19
N GLU F 135 -75.33 22.92 -10.55
CA GLU F 135 -76.77 23.26 -10.38
C GLU F 135 -77.16 24.09 -9.17
N LEU F 136 -76.16 24.46 -8.31
CA LEU F 136 -76.35 25.39 -7.28
C LEU F 136 -75.94 26.82 -7.83
N LEU F 137 -75.00 26.90 -8.66
CA LEU F 137 -74.44 28.18 -9.23
C LEU F 137 -75.26 28.99 -10.25
N PRO F 138 -76.49 28.59 -10.68
CA PRO F 138 -77.37 29.54 -11.34
C PRO F 138 -78.40 29.88 -10.36
N GLN F 139 -78.67 28.99 -9.43
CA GLN F 139 -79.72 29.07 -8.50
C GLN F 139 -79.31 29.98 -7.37
N LEU F 140 -78.13 29.83 -6.73
CA LEU F 140 -77.60 30.74 -5.71
C LEU F 140 -77.31 32.13 -6.25
N ALA F 141 -76.73 32.24 -7.45
CA ALA F 141 -76.37 33.47 -8.15
C ALA F 141 -77.40 34.53 -8.59
N THR F 142 -76.97 35.77 -8.86
CA THR F 142 -77.79 36.88 -9.32
C THR F 142 -77.25 37.33 -10.65
N LYS F 143 -78.17 37.47 -11.64
CA LYS F 143 -77.91 37.68 -13.05
C LYS F 143 -78.39 39.06 -13.34
N VAL F 144 -77.48 39.86 -13.94
CA VAL F 144 -77.66 41.26 -14.22
C VAL F 144 -78.01 41.60 -15.62
N ASP F 145 -78.34 40.60 -16.45
CA ASP F 145 -78.71 40.54 -17.89
C ASP F 145 -77.78 41.24 -18.87
N VAL F 146 -78.24 41.63 -20.10
CA VAL F 146 -77.44 42.48 -21.00
C VAL F 146 -76.87 43.81 -20.48
N SER F 147 -77.59 44.45 -19.53
CA SER F 147 -77.33 45.82 -19.21
C SER F 147 -78.31 46.47 -18.36
N ASP F 148 -77.92 47.06 -17.21
CA ASP F 148 -78.65 47.99 -16.40
C ASP F 148 -78.35 49.39 -16.81
N LEU F 149 -79.38 50.13 -17.29
CA LEU F 149 -79.21 51.47 -17.83
C LEU F 149 -78.50 51.62 -19.15
N ASN F 150 -79.23 51.85 -20.26
CA ASN F 150 -78.72 51.88 -21.57
C ASN F 150 -77.71 50.75 -21.85
N SER F 151 -76.46 51.07 -22.36
CA SER F 151 -75.33 50.21 -22.36
C SER F 151 -74.31 50.52 -21.24
N ALA F 152 -74.12 49.66 -20.22
CA ALA F 152 -73.58 49.95 -18.94
C ALA F 152 -73.57 51.40 -18.42
N THR F 153 -74.72 51.96 -17.94
CA THR F 153 -74.71 53.37 -17.52
C THR F 153 -74.91 53.45 -16.03
N ALA F 154 -75.17 52.33 -15.33
CA ALA F 154 -75.56 52.30 -13.90
C ALA F 154 -74.38 51.93 -13.02
N ARG F 155 -73.17 51.95 -13.62
CA ARG F 155 -72.22 50.81 -13.55
C ARG F 155 -72.23 49.76 -12.50
N ASP F 156 -72.18 50.10 -11.20
CA ASP F 156 -72.40 49.25 -10.00
C ASP F 156 -71.77 47.91 -9.93
N ALA F 157 -72.42 46.77 -10.30
CA ALA F 157 -71.94 45.39 -10.16
C ALA F 157 -70.61 45.12 -10.90
N LEU F 158 -70.69 45.59 -12.18
CA LEU F 158 -69.65 45.75 -13.09
C LEU F 158 -68.55 46.76 -12.56
N LYS F 159 -68.95 47.91 -11.89
CA LYS F 159 -67.96 48.75 -11.20
C LYS F 159 -67.23 48.03 -10.11
N LYS F 160 -67.99 47.30 -9.29
CA LYS F 160 -67.48 46.54 -8.13
C LYS F 160 -66.53 45.38 -8.47
N ILE F 161 -66.70 44.66 -9.58
CA ILE F 161 -65.85 43.55 -9.92
C ILE F 161 -64.58 44.04 -10.57
N VAL F 162 -64.71 45.14 -11.32
CA VAL F 162 -63.54 45.77 -11.84
C VAL F 162 -62.71 46.49 -10.70
N TYR F 163 -63.31 47.19 -9.78
CA TYR F 163 -62.55 47.80 -8.66
C TYR F 163 -61.94 46.79 -7.74
N THR F 164 -62.64 45.69 -7.42
CA THR F 164 -62.22 44.62 -6.57
C THR F 164 -61.00 43.95 -7.17
N THR F 165 -61.02 43.67 -8.48
CA THR F 165 -59.85 43.03 -9.17
C THR F 165 -58.66 43.90 -9.16
N MET F 166 -58.83 45.20 -9.47
CA MET F 166 -57.75 46.16 -9.41
C MET F 166 -57.19 46.29 -7.99
N SER F 167 -58.06 46.31 -6.94
CA SER F 167 -57.69 46.32 -5.55
C SER F 167 -56.91 45.13 -4.97
N SER F 168 -57.36 43.89 -5.41
CA SER F 168 -56.81 42.58 -5.04
C SER F 168 -55.41 42.57 -5.59
N LYS F 169 -55.19 43.07 -6.85
CA LYS F 169 -53.85 43.13 -7.44
C LYS F 169 -52.90 44.26 -7.11
N PHE F 170 -53.22 45.05 -6.20
CA PHE F 170 -52.37 46.21 -5.93
C PHE F 170 -52.62 46.97 -4.59
N MET F 171 -53.77 46.76 -3.97
CA MET F 171 -54.29 47.30 -2.72
C MET F 171 -54.25 48.86 -2.63
N ALA F 172 -54.36 49.47 -1.50
CA ALA F 172 -54.51 50.88 -1.27
C ALA F 172 -55.75 51.53 -2.00
N GLU F 173 -55.79 52.82 -2.36
CA GLU F 173 -57.08 53.32 -2.89
C GLU F 173 -57.24 53.08 -4.36
N GLY F 174 -56.23 53.61 -5.18
CA GLY F 174 -56.27 53.56 -6.70
C GLY F 174 -57.43 54.29 -7.31
N GLU F 175 -58.12 55.09 -6.54
CA GLU F 175 -59.37 55.70 -6.94
C GLU F 175 -59.25 56.64 -8.08
N GLU F 176 -58.21 57.49 -8.15
CA GLU F 176 -58.08 58.38 -9.32
C GLU F 176 -57.62 57.72 -10.52
N LEU F 177 -57.29 56.41 -10.47
CA LEU F 177 -56.91 55.64 -11.65
C LEU F 177 -58.20 54.90 -12.08
N ASN F 178 -58.95 54.41 -11.13
CA ASN F 178 -60.23 53.75 -11.34
C ASN F 178 -61.42 54.52 -12.04
N LYS F 179 -61.80 55.82 -11.81
CA LYS F 179 -62.84 56.46 -12.60
C LYS F 179 -62.55 56.66 -14.11
N ILE F 180 -61.31 57.07 -14.45
CA ILE F 180 -60.84 57.02 -15.77
C ILE F 180 -60.69 55.64 -16.42
N MET F 181 -60.22 54.62 -15.72
CA MET F 181 -60.16 53.19 -16.11
C MET F 181 -61.59 52.71 -16.30
N ASP F 182 -62.55 53.12 -15.49
CA ASP F 182 -63.95 52.77 -15.59
C ASP F 182 -64.46 53.32 -16.88
N ILE F 183 -64.13 54.52 -17.37
CA ILE F 183 -64.43 55.08 -18.70
C ILE F 183 -63.83 54.30 -19.81
N VAL F 184 -62.55 53.90 -19.65
CA VAL F 184 -61.97 53.00 -20.67
C VAL F 184 -62.59 51.57 -20.76
N ILE F 185 -62.99 51.00 -19.63
CA ILE F 185 -63.75 49.75 -19.47
C ILE F 185 -65.12 49.87 -20.10
N ASP F 186 -65.79 51.00 -19.86
CA ASP F 186 -67.04 51.33 -20.45
C ASP F 186 -67.00 51.57 -21.92
N ALA F 187 -65.94 52.21 -22.42
CA ALA F 187 -65.74 52.33 -23.80
C ALA F 187 -65.47 51.04 -24.56
N VAL F 188 -64.65 50.10 -23.97
CA VAL F 188 -64.39 48.83 -24.59
C VAL F 188 -65.65 47.98 -24.74
N THR F 189 -66.54 48.02 -23.65
CA THR F 189 -67.80 47.27 -23.62
C THR F 189 -68.66 47.68 -24.76
N THR F 190 -68.78 48.96 -25.14
CA THR F 190 -69.45 49.33 -26.40
C THR F 190 -69.05 48.71 -27.69
N VAL F 191 -67.70 48.64 -27.86
CA VAL F 191 -67.08 48.00 -29.00
C VAL F 191 -67.46 46.51 -29.16
N ALA F 192 -67.06 45.63 -28.18
CA ALA F 192 -67.66 44.29 -27.89
C ALA F 192 -68.97 43.97 -28.46
N GLU F 193 -70.04 44.70 -27.98
CA GLU F 193 -71.38 44.45 -28.44
C GLU F 193 -72.07 43.08 -28.13
N PRO F 194 -73.38 42.90 -28.07
CA PRO F 194 -73.89 41.94 -27.17
C PRO F 194 -74.59 40.78 -27.90
N LEU F 195 -74.67 39.65 -27.19
CA LEU F 195 -75.15 38.39 -27.62
C LEU F 195 -76.39 38.10 -26.76
N PRO F 196 -77.10 36.99 -27.03
CA PRO F 196 -78.28 36.66 -26.20
C PRO F 196 -78.03 36.60 -24.69
N ASP F 197 -78.96 37.04 -23.85
CA ASP F 197 -79.11 36.53 -22.51
C ASP F 197 -78.01 37.09 -21.59
N GLY F 198 -77.37 38.18 -22.02
CA GLY F 198 -76.32 38.93 -21.31
C GLY F 198 -74.92 38.39 -21.55
N GLY F 199 -74.75 37.45 -22.48
CA GLY F 199 -73.43 37.26 -23.20
C GLY F 199 -73.05 38.35 -24.17
N TYR F 200 -71.77 38.22 -24.59
CA TYR F 200 -71.15 39.27 -25.38
C TYR F 200 -70.12 38.61 -26.28
N ASN F 201 -69.64 39.34 -27.32
CA ASN F 201 -68.58 38.88 -28.30
C ASN F 201 -67.37 39.79 -28.00
N VAL F 202 -66.56 39.54 -26.95
CA VAL F 202 -65.50 40.34 -26.41
C VAL F 202 -64.16 39.91 -27.06
N SER F 203 -63.46 40.88 -27.69
CA SER F 203 -62.12 40.72 -28.34
C SER F 203 -61.14 41.52 -27.57
N LEU F 204 -60.09 40.96 -26.94
CA LEU F 204 -58.98 41.67 -26.34
C LEU F 204 -57.76 41.57 -27.26
N ASP F 205 -57.85 40.78 -28.44
CA ASP F 205 -56.78 40.67 -29.39
C ASP F 205 -56.71 41.85 -30.34
N LEU F 206 -57.82 42.47 -30.56
CA LEU F 206 -57.94 43.72 -31.35
C LEU F 206 -58.02 44.98 -30.53
N ILE F 207 -57.66 44.84 -29.26
CA ILE F 207 -57.37 45.90 -28.32
C ILE F 207 -55.87 46.25 -28.48
N LYS F 208 -55.49 47.50 -28.50
CA LYS F 208 -54.07 47.90 -28.55
C LYS F 208 -53.96 49.05 -27.52
N ILE F 209 -52.95 48.95 -26.63
CA ILE F 209 -52.82 49.92 -25.60
C ILE F 209 -51.41 50.50 -25.79
N ASP F 210 -51.31 51.88 -25.90
CA ASP F 210 -50.12 52.56 -26.14
C ASP F 210 -49.83 53.35 -24.91
N LYS F 211 -48.69 53.26 -24.12
CA LYS F 211 -48.60 54.08 -22.93
C LYS F 211 -47.47 55.14 -23.11
N LYS F 212 -47.84 56.38 -22.84
CA LYS F 212 -47.05 57.59 -23.02
C LYS F 212 -46.84 58.55 -21.88
N LYS F 213 -45.63 59.00 -21.74
CA LYS F 213 -45.11 59.90 -20.72
C LYS F 213 -45.85 61.26 -20.73
N GLY F 214 -45.90 61.95 -19.59
CA GLY F 214 -45.97 63.35 -19.50
C GLY F 214 -47.42 63.93 -19.35
N GLY F 215 -48.33 63.22 -18.68
CA GLY F 215 -49.70 63.76 -18.50
C GLY F 215 -50.15 63.14 -17.26
N THR F 216 -51.49 62.98 -17.11
CA THR F 216 -52.09 62.40 -15.95
C THR F 216 -52.87 61.18 -16.33
N ILE F 217 -53.22 60.25 -15.43
CA ILE F 217 -53.94 59.05 -15.96
C ILE F 217 -55.36 59.41 -16.52
N GLU F 218 -56.01 60.47 -15.95
CA GLU F 218 -57.23 61.21 -16.41
C GLU F 218 -57.03 61.74 -17.88
N ASP F 219 -55.85 61.77 -18.48
CA ASP F 219 -55.57 62.28 -19.83
C ASP F 219 -55.51 61.10 -20.79
N SER F 220 -55.89 59.90 -20.30
CA SER F 220 -56.16 58.73 -21.12
C SER F 220 -57.44 58.79 -21.88
N GLN F 221 -57.40 58.30 -23.15
CA GLN F 221 -58.48 58.54 -24.10
C GLN F 221 -58.68 57.27 -25.02
N LEU F 222 -59.93 57.04 -25.54
CA LEU F 222 -60.11 56.23 -26.69
C LEU F 222 -59.79 56.90 -28.00
N ILE F 223 -59.37 55.96 -28.95
CA ILE F 223 -59.16 56.35 -30.31
C ILE F 223 -60.03 55.35 -31.15
N ARG F 224 -60.78 55.89 -32.12
CA ARG F 224 -61.65 55.26 -33.08
C ARG F 224 -60.90 55.02 -34.33
N GLY F 225 -59.75 54.35 -34.12
CA GLY F 225 -58.87 53.95 -35.18
C GLY F 225 -57.62 53.49 -34.48
N ILE F 226 -56.44 53.31 -35.19
CA ILE F 226 -55.23 52.83 -34.74
C ILE F 226 -54.17 53.92 -34.58
N VAL F 227 -53.36 53.74 -33.55
CA VAL F 227 -52.27 54.62 -33.25
C VAL F 227 -51.06 53.91 -33.69
N LEU F 228 -50.21 54.50 -34.58
CA LEU F 228 -48.93 54.01 -35.00
C LEU F 228 -47.81 54.74 -34.34
N ASP F 229 -46.90 54.07 -33.62
CA ASP F 229 -45.75 54.58 -33.10
C ASP F 229 -44.65 54.95 -34.16
N LYS F 230 -44.73 54.40 -35.40
CA LYS F 230 -43.73 54.72 -36.44
C LYS F 230 -43.95 55.98 -37.20
N GLU F 231 -43.12 57.02 -37.07
CA GLU F 231 -43.34 58.34 -37.54
C GLU F 231 -42.89 58.85 -38.91
N VAL F 232 -42.93 57.90 -39.90
CA VAL F 232 -42.87 58.18 -41.37
C VAL F 232 -41.49 58.08 -42.00
N VAL F 233 -40.55 59.08 -41.72
CA VAL F 233 -39.10 59.10 -41.80
C VAL F 233 -38.67 59.56 -43.17
N HIS F 234 -39.34 60.50 -43.82
CA HIS F 234 -38.81 61.09 -45.02
C HIS F 234 -39.33 62.47 -45.03
N ALA F 235 -38.46 63.49 -45.36
CA ALA F 235 -38.88 64.89 -45.38
C ALA F 235 -40.05 65.40 -46.26
N GLY F 236 -40.18 65.07 -47.53
CA GLY F 236 -41.33 65.66 -48.37
C GLY F 236 -42.75 65.22 -48.20
N MET F 237 -43.14 64.29 -47.32
CA MET F 237 -44.48 63.80 -47.26
C MET F 237 -45.37 64.79 -46.50
N PRO F 238 -46.66 64.88 -46.90
CA PRO F 238 -47.61 65.50 -45.98
C PRO F 238 -47.76 64.85 -44.57
N ARG F 239 -48.13 65.59 -43.52
CA ARG F 239 -48.08 65.07 -42.18
C ARG F 239 -49.51 64.83 -41.73
N ARG F 240 -50.52 65.06 -42.55
CA ARG F 240 -51.94 64.82 -42.34
C ARG F 240 -52.66 64.61 -43.64
N VAL F 241 -53.61 63.63 -43.74
CA VAL F 241 -54.43 63.30 -44.88
C VAL F 241 -55.89 63.26 -44.50
N GLU F 242 -56.85 63.90 -45.24
CA GLU F 242 -58.26 63.85 -44.88
C GLU F 242 -59.06 63.14 -45.96
N LYS F 243 -59.93 62.16 -45.57
CA LYS F 243 -60.48 61.10 -46.44
C LYS F 243 -59.33 60.23 -47.04
N ALA F 244 -58.59 59.58 -46.11
CA ALA F 244 -57.51 58.81 -46.55
C ALA F 244 -57.95 57.44 -47.13
N LYS F 245 -57.40 57.10 -48.35
CA LYS F 245 -57.58 55.81 -48.98
C LYS F 245 -56.31 55.21 -48.74
N ILE F 246 -56.35 54.21 -47.84
CA ILE F 246 -55.17 53.61 -47.28
C ILE F 246 -54.86 52.32 -47.97
N ALA F 247 -53.66 52.16 -48.59
CA ALA F 247 -53.11 50.92 -49.06
C ALA F 247 -52.19 50.32 -47.98
N VAL F 248 -52.29 49.07 -47.71
CA VAL F 248 -51.56 48.23 -46.74
C VAL F 248 -50.75 47.23 -47.57
N LEU F 249 -49.41 47.14 -47.48
CA LEU F 249 -48.57 46.43 -48.38
C LEU F 249 -47.66 45.48 -47.64
N ASP F 250 -47.72 44.16 -48.10
CA ASP F 250 -47.07 42.98 -47.53
C ASP F 250 -45.51 42.98 -47.61
N ALA F 251 -45.01 43.40 -48.74
CA ALA F 251 -43.56 43.16 -48.99
C ALA F 251 -42.64 44.30 -48.50
N SER F 252 -41.64 44.73 -49.36
CA SER F 252 -40.73 45.85 -49.11
C SER F 252 -40.85 46.70 -50.36
N LEU F 253 -41.08 48.05 -50.33
CA LEU F 253 -40.93 48.96 -51.48
C LEU F 253 -39.38 49.18 -51.79
N GLU F 254 -38.69 48.12 -52.18
CA GLU F 254 -37.30 48.00 -52.62
C GLU F 254 -37.33 47.18 -53.87
N VAL F 255 -36.30 47.22 -54.78
CA VAL F 255 -36.26 46.30 -55.96
C VAL F 255 -36.20 44.82 -55.58
N GLU F 256 -36.98 44.05 -56.35
CA GLU F 256 -37.25 42.69 -56.02
C GLU F 256 -36.82 41.77 -57.27
N LYS F 257 -36.44 40.53 -56.88
CA LYS F 257 -35.93 39.58 -57.85
C LYS F 257 -36.97 39.12 -58.84
N PRO F 258 -36.64 39.04 -60.17
CA PRO F 258 -37.64 38.64 -61.17
C PRO F 258 -37.79 37.07 -60.96
N GLU F 259 -38.46 36.40 -61.93
CA GLU F 259 -38.67 34.91 -61.83
C GLU F 259 -37.36 34.10 -61.80
N ILE F 260 -36.46 34.41 -62.76
CA ILE F 260 -35.15 33.85 -62.82
C ILE F 260 -34.23 35.00 -63.20
N SER F 261 -33.06 35.10 -62.60
CA SER F 261 -32.44 36.40 -62.25
C SER F 261 -31.14 36.37 -62.89
N ALA F 262 -30.87 37.38 -63.66
CA ALA F 262 -29.53 37.61 -64.14
C ALA F 262 -28.67 38.26 -63.09
N LYS F 263 -27.40 37.89 -63.08
CA LYS F 263 -26.43 38.33 -62.12
C LYS F 263 -25.22 38.63 -62.94
N ILE F 264 -24.60 39.84 -62.84
CA ILE F 264 -23.35 40.25 -63.49
C ILE F 264 -22.54 40.93 -62.42
N SER F 265 -21.18 40.96 -62.57
CA SER F 265 -20.22 41.63 -61.74
C SER F 265 -19.52 42.67 -62.60
N ILE F 266 -19.67 43.94 -62.21
CA ILE F 266 -19.41 45.11 -63.03
C ILE F 266 -18.21 45.90 -62.49
N THR F 267 -17.24 46.41 -63.26
CA THR F 267 -16.22 47.27 -62.79
C THR F 267 -15.87 48.17 -63.98
N SER F 268 -16.65 48.14 -65.12
CA SER F 268 -17.14 49.35 -65.80
C SER F 268 -17.96 50.41 -65.01
N PRO F 269 -17.40 51.63 -64.72
CA PRO F 269 -17.83 52.43 -63.61
C PRO F 269 -19.13 53.07 -63.98
N ASP F 270 -19.32 53.57 -65.22
CA ASP F 270 -20.57 54.05 -65.72
C ASP F 270 -21.65 52.98 -65.80
N GLN F 271 -21.30 51.66 -65.98
CA GLN F 271 -22.40 50.75 -66.06
C GLN F 271 -22.94 50.34 -64.69
N ILE F 272 -22.17 50.69 -63.60
CA ILE F 272 -22.74 50.59 -62.28
C ILE F 272 -23.74 51.76 -62.06
N LYS F 273 -23.51 53.01 -62.56
CA LYS F 273 -24.43 54.06 -62.42
C LYS F 273 -25.70 53.84 -63.23
N ALA F 274 -25.63 53.05 -64.29
CA ALA F 274 -26.73 52.70 -65.17
C ALA F 274 -27.51 51.53 -64.49
N PHE F 275 -26.85 50.73 -63.58
CA PHE F 275 -27.58 49.78 -62.79
C PHE F 275 -28.41 50.50 -61.75
N LEU F 276 -27.88 51.60 -61.19
CA LEU F 276 -28.50 52.33 -60.13
C LEU F 276 -29.77 53.01 -60.59
N ASP F 277 -29.72 53.62 -61.81
CA ASP F 277 -30.88 54.20 -62.47
C ASP F 277 -31.83 53.19 -62.93
N GLU F 278 -31.35 51.95 -63.22
CA GLU F 278 -32.34 50.82 -63.55
C GLU F 278 -33.13 50.47 -62.28
N GLU F 279 -32.50 50.58 -61.06
CA GLU F 279 -33.23 50.29 -59.84
C GLU F 279 -34.21 51.35 -59.45
N ALA F 280 -34.07 52.56 -59.86
CA ALA F 280 -34.97 53.65 -59.74
C ALA F 280 -36.04 53.58 -60.77
N LYS F 281 -35.83 52.96 -61.93
CA LYS F 281 -36.83 52.79 -62.98
C LYS F 281 -37.75 51.62 -62.66
N TYR F 282 -37.34 50.69 -61.71
CA TYR F 282 -38.30 49.69 -61.09
C TYR F 282 -39.11 50.37 -60.05
N LEU F 283 -38.52 51.22 -59.19
CA LEU F 283 -39.22 51.86 -58.09
C LEU F 283 -40.28 52.83 -58.44
N LYS F 284 -40.09 53.71 -59.49
CA LYS F 284 -41.05 54.66 -59.99
C LYS F 284 -42.14 53.89 -60.64
N ASP F 285 -42.02 52.64 -61.19
CA ASP F 285 -43.12 51.81 -61.59
C ASP F 285 -43.92 51.35 -60.35
N MET F 286 -43.24 50.73 -59.29
CA MET F 286 -43.90 50.36 -58.06
C MET F 286 -44.84 51.48 -57.46
N VAL F 287 -44.27 52.70 -57.38
CA VAL F 287 -44.96 53.94 -57.03
C VAL F 287 -46.07 54.36 -57.99
N ASP F 288 -45.89 54.28 -59.32
CA ASP F 288 -46.83 54.58 -60.29
C ASP F 288 -48.12 53.71 -60.23
N LYS F 289 -47.95 52.42 -59.87
CA LYS F 289 -48.98 51.52 -59.62
C LYS F 289 -49.83 51.91 -58.30
N LEU F 290 -49.10 52.15 -57.15
CA LEU F 290 -49.73 52.60 -55.89
C LEU F 290 -50.55 53.94 -56.15
N ALA F 291 -49.93 54.92 -56.91
CA ALA F 291 -50.59 56.18 -57.21
C ALA F 291 -51.76 56.04 -58.16
N SER F 292 -51.79 54.99 -59.04
CA SER F 292 -52.93 54.70 -59.91
C SER F 292 -54.06 54.06 -59.19
N ILE F 293 -53.69 53.23 -58.29
CA ILE F 293 -54.69 52.76 -57.30
C ILE F 293 -55.32 53.82 -56.50
N GLY F 294 -54.67 54.98 -56.26
CA GLY F 294 -55.25 56.04 -55.57
C GLY F 294 -55.03 56.05 -54.12
N ALA F 295 -54.05 55.23 -53.61
CA ALA F 295 -53.57 55.21 -52.28
C ALA F 295 -52.87 56.50 -51.79
N ASN F 296 -53.59 57.30 -50.91
CA ASN F 296 -53.20 58.59 -50.32
C ASN F 296 -52.30 58.28 -49.18
N VAL F 297 -52.61 57.15 -48.47
CA VAL F 297 -51.79 56.66 -47.39
C VAL F 297 -51.16 55.38 -47.91
N VAL F 298 -50.00 54.94 -47.44
CA VAL F 298 -49.56 53.59 -47.66
C VAL F 298 -48.91 53.15 -46.38
N ILE F 299 -48.97 51.86 -45.97
CA ILE F 299 -48.28 51.21 -44.81
C ILE F 299 -47.41 50.22 -45.61
N CYS F 300 -46.08 50.12 -45.43
CA CYS F 300 -45.24 49.01 -45.97
C CYS F 300 -44.49 48.24 -44.84
N GLN F 301 -44.85 46.94 -44.66
CA GLN F 301 -44.36 46.08 -43.63
C GLN F 301 -42.89 45.87 -43.47
N LYS F 302 -42.12 45.55 -44.59
CA LYS F 302 -40.69 45.25 -44.37
C LYS F 302 -39.90 46.38 -45.05
N GLY F 303 -40.55 47.52 -45.42
CA GLY F 303 -39.81 48.85 -45.53
C GLY F 303 -40.02 49.57 -46.78
N ILE F 304 -39.33 50.68 -46.95
CA ILE F 304 -39.42 51.55 -48.17
C ILE F 304 -38.09 52.11 -48.42
N ASP F 305 -37.49 51.90 -49.69
CA ASP F 305 -36.19 52.35 -50.17
C ASP F 305 -36.19 53.88 -50.20
N ASP F 306 -35.05 54.55 -49.99
CA ASP F 306 -34.89 56.01 -49.99
C ASP F 306 -35.39 56.77 -51.22
N ILE F 307 -35.01 56.16 -52.37
CA ILE F 307 -35.54 56.48 -53.74
C ILE F 307 -37.10 56.27 -53.84
N ALA F 308 -37.61 55.17 -53.29
CA ALA F 308 -39.04 54.97 -53.28
C ALA F 308 -39.79 55.87 -52.37
N GLN F 309 -39.12 56.36 -51.30
CA GLN F 309 -39.79 57.32 -50.43
C GLN F 309 -39.81 58.69 -51.01
N HIS F 310 -38.79 59.11 -51.77
CA HIS F 310 -38.78 60.32 -52.53
C HIS F 310 -39.82 60.40 -53.64
N PHE F 311 -39.95 59.30 -54.42
CA PHE F 311 -41.01 59.21 -55.37
C PHE F 311 -42.48 59.16 -54.89
N LEU F 312 -42.75 58.56 -53.68
CA LEU F 312 -44.13 58.58 -53.09
C LEU F 312 -44.50 59.96 -52.54
N ALA F 313 -43.45 60.59 -52.01
CA ALA F 313 -43.53 61.97 -51.55
C ALA F 313 -43.72 63.02 -52.59
N LYS F 314 -43.14 62.86 -53.76
CA LYS F 314 -43.43 63.67 -54.99
C LYS F 314 -44.84 63.59 -55.39
N ARG F 315 -45.42 62.30 -55.44
CA ARG F 315 -46.83 62.07 -55.78
C ARG F 315 -47.80 62.43 -54.65
N GLY F 316 -47.35 62.73 -53.40
CA GLY F 316 -48.21 63.24 -52.33
C GLY F 316 -48.74 62.31 -51.31
N ILE F 317 -48.09 61.09 -51.32
CA ILE F 317 -48.59 59.82 -50.77
C ILE F 317 -47.82 59.62 -49.48
N LEU F 318 -48.51 59.45 -48.33
CA LEU F 318 -47.84 59.49 -47.09
C LEU F 318 -47.65 58.01 -46.67
N ALA F 319 -46.38 57.51 -46.72
CA ALA F 319 -46.09 56.06 -46.45
C ALA F 319 -45.46 55.98 -45.07
N VAL F 320 -45.75 54.83 -44.36
CA VAL F 320 -45.24 54.47 -43.08
C VAL F 320 -44.50 53.23 -43.43
N ARG F 321 -43.27 52.88 -42.83
CA ARG F 321 -42.56 51.62 -42.99
C ARG F 321 -42.90 50.58 -41.98
N ARG F 322 -41.86 49.85 -41.46
CA ARG F 322 -41.85 48.74 -40.53
C ARG F 322 -42.92 48.56 -39.48
N VAL F 323 -44.20 48.29 -39.85
CA VAL F 323 -45.32 48.02 -39.01
C VAL F 323 -45.58 46.53 -38.91
N LYS F 324 -45.54 46.03 -37.62
CA LYS F 324 -45.71 44.61 -37.30
C LYS F 324 -47.00 43.92 -37.65
N ARG F 325 -46.87 42.60 -37.92
CA ARG F 325 -47.97 41.77 -38.31
C ARG F 325 -49.22 41.88 -37.41
N SER F 326 -49.03 42.00 -36.06
CA SER F 326 -50.18 42.22 -35.16
C SER F 326 -50.92 43.55 -35.45
N ASP F 327 -50.21 44.66 -35.65
CA ASP F 327 -50.68 45.97 -35.94
C ASP F 327 -51.35 46.05 -37.32
N ILE F 328 -50.87 45.15 -38.31
CA ILE F 328 -51.35 45.01 -39.66
C ILE F 328 -52.68 44.29 -39.60
N GLU F 329 -52.86 43.22 -38.68
CA GLU F 329 -54.10 42.52 -38.54
C GLU F 329 -55.20 43.38 -38.02
N LYS F 330 -54.88 44.30 -37.12
CA LYS F 330 -55.79 45.28 -36.47
C LYS F 330 -56.12 46.36 -37.45
N LEU F 331 -55.18 46.80 -38.31
CA LEU F 331 -55.44 47.81 -39.30
C LEU F 331 -56.33 47.19 -40.42
N GLU F 332 -56.26 45.91 -40.78
CA GLU F 332 -57.14 45.22 -41.65
C GLU F 332 -58.53 45.17 -41.11
N LYS F 333 -58.74 44.49 -39.92
CA LYS F 333 -60.02 44.38 -39.30
C LYS F 333 -60.73 45.72 -39.03
N ALA F 334 -60.05 46.80 -38.65
CA ALA F 334 -60.76 48.11 -38.50
C ALA F 334 -60.93 49.04 -39.70
N LEU F 335 -60.09 48.97 -40.72
CA LEU F 335 -60.16 49.99 -41.70
C LEU F 335 -60.82 49.62 -42.94
N GLY F 336 -61.16 48.39 -43.07
CA GLY F 336 -61.63 47.92 -44.43
C GLY F 336 -60.47 47.59 -45.37
N ALA F 337 -59.19 47.68 -44.95
CA ALA F 337 -58.15 47.28 -45.90
C ALA F 337 -58.14 45.80 -46.07
N ARG F 338 -57.82 45.26 -47.25
CA ARG F 338 -57.89 43.79 -47.39
C ARG F 338 -56.62 43.22 -48.10
N ILE F 339 -55.56 44.04 -48.10
CA ILE F 339 -54.20 43.71 -47.99
C ILE F 339 -53.46 43.49 -49.34
N ILE F 340 -52.69 44.43 -49.98
CA ILE F 340 -51.94 44.27 -51.28
C ILE F 340 -50.74 43.32 -51.07
N SER F 341 -50.88 42.07 -51.57
CA SER F 341 -49.70 41.26 -51.68
C SER F 341 -48.68 41.64 -52.78
N SER F 342 -49.20 41.86 -54.01
CA SER F 342 -48.33 42.08 -55.22
C SER F 342 -48.49 43.55 -55.73
N ILE F 343 -47.47 44.45 -55.47
CA ILE F 343 -47.53 45.80 -56.04
C ILE F 343 -47.50 45.87 -57.64
N LYS F 344 -46.69 44.95 -58.23
CA LYS F 344 -46.63 44.83 -59.66
C LYS F 344 -47.93 44.62 -60.43
N ASP F 345 -48.73 43.72 -59.91
CA ASP F 345 -50.02 43.42 -60.48
C ASP F 345 -51.02 44.53 -60.21
N ALA F 346 -50.65 45.58 -59.35
CA ALA F 346 -51.44 46.82 -59.10
C ALA F 346 -52.91 46.76 -58.76
N THR F 347 -53.28 46.04 -57.68
CA THR F 347 -54.61 45.46 -57.55
C THR F 347 -55.70 46.27 -56.90
N PRO F 348 -56.96 46.39 -57.34
CA PRO F 348 -57.47 47.73 -57.44
C PRO F 348 -58.69 47.79 -56.51
N GLU F 349 -58.88 46.86 -55.61
CA GLU F 349 -59.92 47.00 -54.55
C GLU F 349 -59.38 46.49 -53.21
N ASP F 350 -58.08 46.60 -52.91
CA ASP F 350 -57.49 46.13 -51.64
C ASP F 350 -57.45 47.21 -50.58
N LEU F 351 -58.09 48.36 -50.86
CA LEU F 351 -57.80 49.67 -50.20
C LEU F 351 -58.73 49.84 -48.97
N GLY F 352 -58.22 50.34 -47.82
CA GLY F 352 -59.23 50.64 -46.77
C GLY F 352 -59.53 52.11 -46.68
N TYR F 353 -60.43 52.46 -45.78
CA TYR F 353 -60.86 53.81 -45.81
C TYR F 353 -60.94 54.37 -44.36
N ALA F 354 -60.32 55.58 -44.13
CA ALA F 354 -60.23 56.28 -42.84
C ALA F 354 -60.69 57.71 -43.07
N GLU F 355 -61.33 58.36 -42.06
CA GLU F 355 -61.74 59.74 -42.12
C GLU F 355 -60.59 60.70 -42.19
N LEU F 356 -59.49 60.48 -41.42
CA LEU F 356 -58.37 61.32 -41.48
C LEU F 356 -57.11 60.54 -40.97
N VAL F 357 -55.88 60.98 -41.27
CA VAL F 357 -54.67 60.37 -40.86
C VAL F 357 -53.73 61.50 -40.59
N GLU F 358 -53.17 61.65 -39.39
CA GLU F 358 -52.18 62.69 -39.15
C GLU F 358 -51.04 62.20 -38.29
N GLU F 359 -50.00 62.95 -38.26
CA GLU F 359 -49.01 62.91 -37.18
C GLU F 359 -49.26 63.87 -36.12
N ARG F 360 -49.29 63.41 -34.93
CA ARG F 360 -49.51 64.33 -33.74
C ARG F 360 -48.53 63.85 -32.79
N LYS F 361 -47.85 64.75 -32.06
CA LYS F 361 -46.85 64.35 -31.05
C LYS F 361 -47.57 64.07 -29.64
N VAL F 362 -47.40 62.94 -29.07
CA VAL F 362 -48.00 62.61 -27.80
C VAL F 362 -46.85 62.36 -26.75
N GLY F 363 -46.78 63.03 -25.61
CA GLY F 363 -45.71 62.82 -24.64
C GLY F 363 -44.39 63.10 -25.16
N ASN F 364 -44.31 64.18 -26.04
CA ASN F 364 -43.12 64.74 -26.74
C ASN F 364 -42.75 63.97 -28.03
N ASP F 365 -42.84 62.57 -27.97
CA ASP F 365 -42.44 61.79 -29.18
C ASP F 365 -43.56 61.84 -30.27
N LYS F 366 -43.08 61.89 -31.52
CA LYS F 366 -43.98 61.77 -32.64
C LYS F 366 -44.54 60.36 -32.98
N MET F 367 -45.78 60.36 -33.58
CA MET F 367 -46.63 59.25 -33.69
C MET F 367 -47.66 59.56 -34.68
N VAL F 368 -48.10 58.59 -35.50
CA VAL F 368 -48.97 58.75 -36.58
C VAL F 368 -50.32 58.15 -36.15
N PHE F 369 -51.42 58.97 -36.29
CA PHE F 369 -52.67 58.52 -35.81
C PHE F 369 -53.70 58.38 -36.84
N ILE F 370 -54.33 57.20 -36.89
CA ILE F 370 -55.30 56.86 -37.83
C ILE F 370 -56.67 56.78 -37.21
N GLU F 371 -57.70 57.51 -37.62
CA GLU F 371 -58.95 57.48 -36.94
C GLU F 371 -60.11 57.76 -37.88
N GLY F 372 -61.33 57.45 -37.36
CA GLY F 372 -62.60 57.74 -38.06
C GLY F 372 -63.07 56.66 -38.94
N ALA F 373 -63.24 55.45 -38.41
CA ALA F 373 -63.36 54.21 -39.13
C ALA F 373 -64.69 53.61 -38.93
N LYS F 374 -65.49 53.35 -39.97
CA LYS F 374 -66.83 52.76 -39.83
C LYS F 374 -66.86 51.34 -39.17
N ASN F 375 -67.46 51.24 -37.93
CA ASN F 375 -67.81 50.03 -37.15
C ASN F 375 -66.58 49.19 -36.83
N PRO F 376 -65.59 49.68 -36.09
CA PRO F 376 -64.53 48.87 -35.66
C PRO F 376 -64.90 47.89 -34.51
N LYS F 377 -64.27 46.72 -34.49
CA LYS F 377 -64.21 45.90 -33.30
C LYS F 377 -62.87 46.00 -32.69
N ALA F 378 -61.98 46.85 -33.26
CA ALA F 378 -60.62 47.09 -32.85
C ALA F 378 -60.45 48.58 -32.48
N VAL F 379 -60.20 48.93 -31.19
CA VAL F 379 -60.01 50.29 -30.72
C VAL F 379 -58.69 50.31 -30.04
N ASN F 380 -58.19 51.52 -29.84
CA ASN F 380 -56.90 51.83 -29.36
C ASN F 380 -57.08 52.68 -28.19
N ILE F 381 -56.25 52.40 -27.10
CA ILE F 381 -56.33 53.17 -25.83
C ILE F 381 -55.06 53.91 -25.71
N LEU F 382 -55.22 55.22 -25.43
CA LEU F 382 -54.05 56.01 -25.26
C LEU F 382 -54.00 56.08 -23.74
N LEU F 383 -52.83 55.59 -23.14
CA LEU F 383 -52.66 55.47 -21.78
C LEU F 383 -51.56 56.38 -21.27
N ARG F 384 -51.97 57.44 -20.55
CA ARG F 384 -51.03 58.48 -20.05
C ARG F 384 -50.75 58.15 -18.59
N GLY F 385 -49.53 58.56 -18.20
CA GLY F 385 -49.18 58.66 -16.77
C GLY F 385 -48.05 59.70 -16.72
N SER F 386 -47.47 59.78 -15.53
CA SER F 386 -46.33 60.68 -15.24
C SER F 386 -44.93 60.27 -15.78
N ASN F 387 -44.16 59.47 -14.99
CA ASN F 387 -42.89 58.81 -15.29
C ASN F 387 -42.95 57.47 -16.06
N ASP F 388 -42.51 56.28 -15.45
CA ASP F 388 -42.61 54.98 -16.11
C ASP F 388 -43.17 53.83 -15.35
N MET F 389 -42.77 53.71 -14.04
CA MET F 389 -43.16 52.55 -13.24
C MET F 389 -44.64 52.53 -12.82
N ALA F 390 -45.21 53.65 -12.62
CA ALA F 390 -46.54 53.77 -12.23
C ALA F 390 -47.44 53.62 -13.40
N LEU F 391 -46.86 53.72 -14.63
CA LEU F 391 -47.57 53.78 -15.94
C LEU F 391 -47.55 52.35 -16.45
N ASP F 392 -46.41 51.63 -16.38
CA ASP F 392 -46.20 50.21 -16.63
C ASP F 392 -47.10 49.39 -15.73
N GLU F 393 -47.17 49.79 -14.44
CA GLU F 393 -48.02 49.21 -13.44
C GLU F 393 -49.49 49.45 -13.77
N ALA F 394 -49.75 50.65 -14.29
CA ALA F 394 -51.09 51.05 -14.59
C ALA F 394 -51.61 50.27 -15.76
N GLU F 395 -50.69 49.84 -16.72
CA GLU F 395 -50.90 48.96 -17.86
C GLU F 395 -51.20 47.55 -17.37
N ARG F 396 -50.47 47.06 -16.36
CA ARG F 396 -50.88 45.85 -15.76
C ARG F 396 -52.29 45.95 -15.15
N SER F 397 -52.70 47.08 -14.47
CA SER F 397 -53.99 47.18 -13.88
C SER F 397 -55.05 47.06 -14.92
N ILE F 398 -54.78 47.73 -16.12
CA ILE F 398 -55.81 47.83 -17.18
C ILE F 398 -56.05 46.44 -17.72
N ASN F 399 -54.94 45.70 -17.88
CA ASN F 399 -55.05 44.28 -18.25
C ASN F 399 -55.94 43.53 -17.29
N ASP F 400 -55.65 43.40 -15.97
CA ASP F 400 -56.46 42.62 -14.96
C ASP F 400 -57.93 43.12 -15.03
N ALA F 401 -58.13 44.46 -15.20
CA ALA F 401 -59.42 45.07 -15.24
C ALA F 401 -60.18 44.75 -16.53
N LEU F 402 -59.40 44.68 -17.69
CA LEU F 402 -59.96 44.12 -18.93
C LEU F 402 -60.22 42.61 -18.84
N TYR F 403 -59.37 41.77 -18.18
CA TYR F 403 -59.70 40.35 -18.14
C TYR F 403 -60.93 40.04 -17.30
N SER F 404 -61.14 40.86 -16.27
CA SER F 404 -62.29 40.87 -15.45
C SER F 404 -63.58 41.33 -16.09
N LEU F 405 -63.52 42.35 -17.02
CA LEU F 405 -64.59 42.81 -17.80
C LEU F 405 -64.99 41.76 -18.87
N ARG F 406 -64.08 41.03 -19.50
CA ARG F 406 -64.43 39.91 -20.35
C ARG F 406 -64.98 38.74 -19.49
N ASN F 407 -64.63 38.56 -18.20
CA ASN F 407 -65.37 37.56 -17.38
C ASN F 407 -66.83 38.01 -16.92
N ILE F 408 -67.14 39.22 -16.61
CA ILE F 408 -68.53 39.66 -16.47
C ILE F 408 -69.32 39.71 -17.74
N LEU F 409 -68.71 40.22 -18.86
CA LEU F 409 -69.33 40.14 -20.11
C LEU F 409 -69.65 38.79 -20.61
N MET F 410 -68.68 37.80 -20.44
CA MET F 410 -68.95 36.48 -21.01
C MET F 410 -69.79 35.58 -20.16
N GLU F 411 -70.16 35.97 -19.03
CA GLU F 411 -71.27 35.39 -18.26
C GLU F 411 -71.84 36.41 -17.31
N PRO F 412 -73.10 36.94 -17.47
CA PRO F 412 -73.68 38.02 -16.66
C PRO F 412 -74.21 37.51 -15.33
N TYR F 413 -73.63 36.48 -14.66
CA TYR F 413 -74.01 35.96 -13.40
C TYR F 413 -72.85 36.31 -12.51
N ILE F 414 -73.17 36.74 -11.26
CA ILE F 414 -72.14 37.13 -10.33
C ILE F 414 -72.34 36.42 -9.00
N VAL F 415 -71.25 36.23 -8.16
CA VAL F 415 -71.30 35.53 -6.90
C VAL F 415 -70.51 36.23 -5.80
N PRO F 416 -70.78 35.99 -4.53
CA PRO F 416 -70.03 36.53 -3.38
C PRO F 416 -69.06 35.40 -2.89
N GLY F 417 -68.11 35.06 -3.81
CA GLY F 417 -67.14 34.02 -3.41
C GLY F 417 -66.08 34.59 -2.54
N GLY F 418 -65.24 33.76 -1.91
CA GLY F 418 -64.37 34.28 -0.87
C GLY F 418 -65.12 34.32 0.48
N GLY F 419 -66.04 33.38 0.75
CA GLY F 419 -66.69 33.34 2.05
C GLY F 419 -67.94 32.64 2.00
N ALA F 420 -68.79 33.05 1.01
CA ALA F 420 -70.13 32.67 1.11
C ALA F 420 -70.37 31.40 0.38
N ILE F 421 -70.17 31.43 -0.96
CA ILE F 421 -70.19 30.43 -1.96
C ILE F 421 -69.50 29.13 -1.58
N GLU F 422 -68.27 29.17 -1.07
CA GLU F 422 -67.65 27.99 -0.52
C GLU F 422 -68.24 27.32 0.80
N LEU F 423 -68.48 28.09 1.79
CA LEU F 423 -69.27 27.58 2.97
C LEU F 423 -70.73 27.11 2.63
N GLU F 424 -71.41 27.89 1.77
CA GLU F 424 -72.79 27.54 1.34
C GLU F 424 -72.82 26.24 0.49
N LEU F 425 -71.80 26.00 -0.35
CA LEU F 425 -71.60 24.68 -1.03
C LEU F 425 -71.18 23.60 -0.12
N SER F 426 -70.30 23.68 0.91
CA SER F 426 -69.89 22.59 1.78
C SER F 426 -71.08 22.14 2.59
N ALA F 427 -71.91 23.06 3.06
CA ALA F 427 -73.02 22.79 3.82
C ALA F 427 -74.24 22.18 2.98
N ARG F 428 -74.53 22.58 1.74
CA ARG F 428 -75.43 21.92 0.85
C ARG F 428 -74.92 20.60 0.40
N LEU F 429 -73.63 20.35 0.23
CA LEU F 429 -73.09 19.05 -0.15
C LEU F 429 -73.18 18.02 0.91
N ARG F 430 -72.97 18.44 2.17
CA ARG F 430 -73.10 17.62 3.38
C ARG F 430 -74.58 17.66 3.87
N GLU F 431 -75.39 17.18 2.93
CA GLU F 431 -76.81 17.08 3.10
C GLU F 431 -77.25 16.41 1.88
N TYR F 432 -76.68 16.77 0.72
CA TYR F 432 -76.76 15.89 -0.44
C TYR F 432 -76.13 14.50 0.00
N ALA F 433 -74.81 14.48 0.30
CA ALA F 433 -74.07 13.27 0.77
C ALA F 433 -74.63 12.54 1.93
N ARG F 434 -75.49 13.19 2.79
CA ARG F 434 -76.34 12.44 3.72
C ARG F 434 -77.45 11.55 3.13
N SER F 435 -78.17 12.12 2.23
CA SER F 435 -79.21 11.39 1.51
C SER F 435 -78.69 10.36 0.50
N VAL F 436 -77.46 10.45 -0.05
CA VAL F 436 -76.77 9.42 -0.84
C VAL F 436 -76.23 8.28 -0.06
N GLY F 437 -76.21 7.08 -0.63
CA GLY F 437 -75.62 5.90 0.14
C GLY F 437 -74.35 5.45 -0.53
N GLY F 438 -73.92 4.28 -0.12
CA GLY F 438 -72.63 3.62 -0.60
C GLY F 438 -71.34 4.38 -0.31
N LYS F 439 -70.27 3.96 -0.92
CA LYS F 439 -68.96 4.65 -0.92
C LYS F 439 -68.87 5.91 -1.70
N GLU F 440 -69.87 6.13 -2.56
CA GLU F 440 -70.00 7.37 -3.29
C GLU F 440 -70.48 8.52 -2.41
N GLN F 441 -71.06 8.19 -1.19
CA GLN F 441 -71.43 9.20 -0.18
C GLN F 441 -70.19 9.73 0.57
N LEU F 442 -69.19 8.89 0.74
CA LEU F 442 -67.92 9.30 1.37
C LEU F 442 -67.15 10.14 0.40
N ALA F 443 -67.18 9.78 -0.89
CA ALA F 443 -66.49 10.63 -1.90
C ALA F 443 -67.15 12.04 -2.07
N ILE F 444 -68.53 12.13 -2.11
CA ILE F 444 -69.24 13.54 -2.13
C ILE F 444 -68.91 14.25 -0.84
N GLU F 445 -68.90 13.63 0.33
CA GLU F 445 -68.55 14.30 1.60
C GLU F 445 -67.09 14.68 1.77
N ALA F 446 -66.21 14.09 1.04
CA ALA F 446 -64.83 14.48 1.08
C ALA F 446 -64.60 15.69 0.15
N TYR F 447 -65.41 15.93 -0.84
CA TYR F 447 -65.46 17.13 -1.65
C TYR F 447 -66.03 18.35 -0.84
N ALA F 448 -66.98 18.06 0.02
CA ALA F 448 -67.44 19.07 0.93
C ALA F 448 -66.38 19.53 1.87
N ASP F 449 -65.58 18.53 2.34
CA ASP F 449 -64.48 18.65 3.19
C ASP F 449 -63.36 19.48 2.63
N ALA F 450 -63.15 19.33 1.30
CA ALA F 450 -62.31 20.20 0.59
C ALA F 450 -62.67 21.67 0.45
N LEU F 451 -64.00 21.99 0.29
CA LEU F 451 -64.47 23.36 0.16
C LEU F 451 -64.19 24.25 1.41
N GLU F 452 -64.31 23.61 2.54
CA GLU F 452 -63.96 24.23 3.75
C GLU F 452 -62.50 24.71 3.99
N GLU F 453 -61.54 24.29 3.15
CA GLU F 453 -60.08 24.64 3.14
C GLU F 453 -59.70 25.92 2.36
N ILE F 454 -60.71 26.38 1.56
CA ILE F 454 -60.68 27.75 0.92
C ILE F 454 -61.01 28.81 2.00
N PRO F 455 -60.94 30.25 2.07
CA PRO F 455 -61.83 30.87 3.05
C PRO F 455 -61.27 31.09 4.46
N MET F 456 -60.92 30.03 5.18
CA MET F 456 -60.15 30.11 6.44
C MET F 456 -58.68 30.22 6.10
N ILE F 457 -58.35 29.88 4.86
CA ILE F 457 -56.99 29.99 4.37
C ILE F 457 -56.68 31.42 3.97
N LEU F 458 -57.71 32.16 3.52
CA LEU F 458 -57.60 33.58 3.18
C LEU F 458 -57.22 34.32 4.50
N ALA F 459 -57.81 33.97 5.69
CA ALA F 459 -57.52 34.51 7.00
C ALA F 459 -56.12 34.03 7.51
N GLU F 460 -55.68 32.91 7.01
CA GLU F 460 -54.42 32.37 7.43
C GLU F 460 -53.15 33.03 6.73
N THR F 461 -53.31 33.36 5.43
CA THR F 461 -52.42 34.14 4.59
C THR F 461 -52.24 35.49 5.26
N ALA F 462 -53.35 36.08 5.73
CA ALA F 462 -53.40 37.36 6.47
C ALA F 462 -52.91 37.31 7.92
N GLY F 463 -52.58 36.15 8.47
CA GLY F 463 -52.04 35.94 9.76
C GLY F 463 -53.04 35.72 10.93
N LEU F 464 -54.34 35.58 10.67
CA LEU F 464 -55.37 35.28 11.67
C LEU F 464 -55.36 33.75 11.81
N GLU F 465 -55.85 33.15 12.94
CA GLU F 465 -55.74 31.74 13.23
C GLU F 465 -56.64 31.07 12.24
N PRO F 466 -56.27 29.90 11.74
CA PRO F 466 -57.14 29.10 10.82
C PRO F 466 -58.21 28.50 11.62
N ILE F 467 -58.05 27.87 12.72
CA ILE F 467 -59.00 27.00 13.38
C ILE F 467 -60.12 27.81 13.98
N SER F 468 -59.83 28.99 14.47
CA SER F 468 -60.89 29.97 14.86
C SER F 468 -61.62 30.65 13.77
N ALA F 469 -60.94 30.85 12.64
CA ALA F 469 -61.62 31.41 11.50
C ALA F 469 -62.59 30.37 10.89
N LEU F 470 -62.17 29.07 10.88
CA LEU F 470 -63.09 28.03 10.40
C LEU F 470 -64.32 27.83 11.28
N MET F 471 -64.05 27.90 12.61
CA MET F 471 -65.05 27.70 13.64
C MET F 471 -66.12 28.84 13.78
N ASP F 472 -65.74 30.06 13.58
CA ASP F 472 -66.56 31.17 13.53
C ASP F 472 -67.27 31.27 12.23
N LEU F 473 -66.73 30.78 11.06
CA LEU F 473 -67.36 30.80 9.81
C LEU F 473 -68.42 29.76 9.79
N ARG F 474 -68.19 28.56 10.35
CA ARG F 474 -69.21 27.53 10.38
C ARG F 474 -70.41 27.99 11.22
N ALA F 475 -70.17 28.56 12.40
CA ALA F 475 -71.13 28.90 13.43
C ALA F 475 -72.02 30.07 13.19
N ARG F 476 -71.38 31.07 12.47
CA ARG F 476 -72.10 32.27 12.02
C ARG F 476 -73.07 31.95 10.84
N HIS F 477 -72.73 30.97 10.03
CA HIS F 477 -73.46 30.55 8.87
C HIS F 477 -74.63 29.64 9.05
N ALA F 478 -74.85 29.21 10.30
CA ALA F 478 -75.73 28.19 10.72
C ALA F 478 -76.84 28.78 11.55
N LYS F 479 -76.32 29.70 12.39
CA LYS F 479 -77.22 30.39 13.25
C LYS F 479 -77.79 31.68 12.64
N GLY F 480 -76.91 32.49 12.00
CA GLY F 480 -77.40 33.62 11.32
C GLY F 480 -77.13 33.34 9.86
N LEU F 481 -76.37 34.19 9.21
CA LEU F 481 -76.47 34.30 7.73
C LEU F 481 -75.25 33.70 6.84
N THR F 482 -75.65 33.31 5.68
CA THR F 482 -74.90 32.46 4.69
C THR F 482 -74.14 33.23 3.65
N ASN F 483 -74.06 34.60 3.81
CA ASN F 483 -73.41 35.57 2.85
C ASN F 483 -72.21 36.20 3.58
N CYS F 484 -71.67 35.50 4.64
CA CYS F 484 -70.64 36.05 5.51
C CYS F 484 -69.33 35.66 4.90
N GLY F 485 -68.29 36.48 5.01
CA GLY F 485 -66.89 36.20 4.62
C GLY F 485 -65.95 36.87 5.56
N VAL F 486 -64.69 36.96 5.23
CA VAL F 486 -63.71 37.61 5.99
C VAL F 486 -63.15 38.76 5.21
N ASP F 487 -62.37 39.64 5.83
CA ASP F 487 -61.88 40.87 5.28
C ASP F 487 -60.37 40.84 5.77
N VAL F 488 -59.44 41.16 4.82
CA VAL F 488 -58.05 41.40 5.07
C VAL F 488 -57.64 42.84 4.96
N ILE F 489 -58.53 43.81 4.74
CA ILE F 489 -58.25 45.19 4.86
C ILE F 489 -58.46 45.62 6.27
N ASN F 490 -59.68 45.35 6.82
CA ASN F 490 -59.80 45.79 8.19
C ASN F 490 -59.45 44.69 9.13
N GLY F 491 -59.18 43.53 8.53
CA GLY F 491 -58.70 42.34 9.23
C GLY F 491 -59.72 41.74 10.19
N LYS F 492 -60.97 41.61 9.81
CA LYS F 492 -62.07 41.00 10.62
C LYS F 492 -62.75 39.93 9.96
N ILE F 493 -63.59 39.09 10.70
CA ILE F 493 -64.76 38.43 10.05
C ILE F 493 -65.95 39.39 9.81
N ILE F 494 -66.87 39.09 8.77
CA ILE F 494 -67.75 40.11 8.32
C ILE F 494 -69.07 39.60 7.76
N ASP F 495 -70.23 40.13 8.17
CA ASP F 495 -71.44 39.83 7.43
C ASP F 495 -71.50 40.74 6.19
N ASP F 496 -72.42 40.35 5.30
CA ASP F 496 -72.62 40.78 3.88
C ASP F 496 -71.40 41.14 3.13
N ILE F 497 -70.62 40.19 2.76
CA ILE F 497 -69.38 40.36 1.94
C ILE F 497 -69.62 41.02 0.57
N TYR F 498 -70.79 40.93 0.05
CA TYR F 498 -71.32 41.87 -1.00
C TYR F 498 -71.52 43.32 -0.60
N SER F 499 -72.06 43.67 0.57
CA SER F 499 -72.15 45.10 0.94
C SER F 499 -70.84 45.70 1.23
N ILE F 500 -69.81 44.91 1.41
CA ILE F 500 -68.43 45.32 1.61
C ILE F 500 -67.74 45.58 0.17
N ASN F 501 -68.48 45.18 -0.88
CA ASN F 501 -68.23 45.29 -2.32
C ASN F 501 -67.45 44.16 -2.95
N VAL F 502 -67.20 43.04 -2.29
CA VAL F 502 -66.14 42.14 -2.73
C VAL F 502 -66.80 40.98 -3.57
N VAL F 503 -67.40 41.37 -4.65
CA VAL F 503 -67.96 40.43 -5.61
C VAL F 503 -67.04 39.99 -6.67
N GLU F 504 -67.37 38.81 -7.26
CA GLU F 504 -66.65 38.24 -8.37
C GLU F 504 -67.68 37.96 -9.50
N PRO F 505 -67.26 38.05 -10.75
CA PRO F 505 -67.81 37.23 -11.86
C PRO F 505 -67.77 35.73 -11.64
N ILE F 506 -68.87 35.06 -11.78
CA ILE F 506 -69.11 33.63 -11.78
C ILE F 506 -68.15 32.81 -12.62
N ARG F 507 -67.73 33.38 -13.78
CA ARG F 507 -66.95 32.70 -14.74
C ARG F 507 -65.48 32.43 -14.18
N VAL F 508 -65.02 33.18 -13.15
CA VAL F 508 -63.76 32.92 -12.47
C VAL F 508 -63.93 31.71 -11.54
N THR F 509 -65.14 31.52 -11.08
CA THR F 509 -65.51 30.37 -10.17
C THR F 509 -65.53 29.04 -10.99
N ARG F 510 -66.47 29.05 -11.98
CA ARG F 510 -66.62 28.00 -13.00
C ARG F 510 -65.35 27.54 -13.67
N GLN F 511 -64.39 28.47 -14.10
CA GLN F 511 -63.10 28.00 -14.66
C GLN F 511 -62.10 27.39 -13.64
N VAL F 512 -62.04 27.84 -12.40
CA VAL F 512 -61.17 27.22 -11.45
C VAL F 512 -61.72 25.91 -10.85
N LEU F 513 -63.05 25.65 -10.88
CA LEU F 513 -63.60 24.31 -10.49
C LEU F 513 -63.57 23.25 -11.60
N LYS F 514 -63.71 23.71 -12.86
CA LYS F 514 -63.56 22.84 -14.00
C LYS F 514 -62.19 22.30 -13.99
N SER F 515 -61.17 23.21 -13.76
CA SER F 515 -59.75 22.87 -13.90
C SER F 515 -59.07 22.20 -12.76
N ALA F 516 -59.66 22.23 -11.56
CA ALA F 516 -59.19 21.42 -10.41
C ALA F 516 -59.73 20.04 -10.49
N THR F 517 -61.03 19.86 -10.93
CA THR F 517 -61.56 18.50 -11.19
C THR F 517 -61.01 17.82 -12.36
N GLU F 518 -60.36 18.59 -13.24
CA GLU F 518 -59.75 18.03 -14.37
C GLU F 518 -58.39 17.39 -14.01
N ALA F 519 -57.68 18.23 -13.21
CA ALA F 519 -56.34 18.08 -12.80
C ALA F 519 -56.16 16.92 -11.82
N ALA F 520 -57.03 16.81 -10.83
CA ALA F 520 -57.19 15.84 -9.81
C ALA F 520 -57.71 14.48 -10.33
N THR F 521 -58.64 14.57 -11.32
CA THR F 521 -59.11 13.33 -12.00
C THR F 521 -58.11 12.68 -12.86
N SER F 522 -57.36 13.56 -13.52
CA SER F 522 -56.29 13.11 -14.35
C SER F 522 -55.08 12.57 -13.55
N ILE F 523 -54.71 13.18 -12.47
CA ILE F 523 -53.64 12.68 -11.70
C ILE F 523 -54.09 11.40 -10.90
N MET F 524 -55.40 11.14 -10.63
CA MET F 524 -55.82 9.85 -10.05
C MET F 524 -55.74 8.72 -11.09
N LYS F 525 -55.97 9.05 -12.37
CA LYS F 525 -56.14 8.02 -13.33
C LYS F 525 -54.94 7.41 -13.92
N ILE F 526 -53.76 7.87 -13.46
CA ILE F 526 -52.51 7.57 -14.17
C ILE F 526 -51.79 6.72 -13.10
N ASP F 527 -51.21 5.59 -13.59
CA ASP F 527 -50.43 4.59 -12.83
C ASP F 527 -49.37 4.08 -13.78
N ASP F 528 -48.25 3.75 -13.24
CA ASP F 528 -47.04 3.44 -13.86
C ASP F 528 -46.44 4.50 -14.85
N LEU F 529 -45.14 4.26 -15.02
CA LEU F 529 -44.24 5.17 -15.60
C LEU F 529 -43.03 4.46 -16.25
N ILE F 530 -42.83 4.51 -17.63
CA ILE F 530 -41.64 3.85 -18.22
C ILE F 530 -40.81 4.89 -19.01
N ALA F 531 -39.57 5.16 -18.63
CA ALA F 531 -38.76 6.31 -19.02
C ALA F 531 -37.45 5.87 -19.58
N ALA F 532 -37.16 6.43 -20.78
CA ALA F 532 -36.09 6.09 -21.69
C ALA F 532 -35.00 7.24 -21.83
N THR G 14 -28.79 21.63 -3.98
CA THR G 14 -30.05 22.47 -4.08
C THR G 14 -30.59 22.96 -2.72
N SER G 15 -30.46 24.27 -2.47
CA SER G 15 -30.80 24.78 -1.19
C SER G 15 -32.27 25.06 -1.11
N ARG G 16 -32.92 24.41 -0.16
CA ARG G 16 -34.31 24.58 0.12
C ARG G 16 -34.53 25.36 1.32
N ASN G 17 -35.76 25.84 1.53
CA ASN G 17 -36.02 26.68 2.61
C ASN G 17 -37.37 26.51 3.02
N SER G 18 -37.65 26.52 4.37
CA SER G 18 -38.98 26.53 4.84
C SER G 18 -38.82 27.14 6.21
N GLY G 19 -39.93 27.44 6.89
CA GLY G 19 -39.84 27.72 8.29
C GLY G 19 -39.73 29.23 8.56
N ARG G 20 -39.50 30.02 7.48
CA ARG G 20 -39.05 31.40 7.42
C ARG G 20 -37.52 31.52 7.45
N ASP G 21 -36.84 30.51 6.92
CA ASP G 21 -35.36 30.37 6.85
C ASP G 21 -34.82 31.45 5.97
N ALA G 22 -35.39 31.53 4.75
CA ALA G 22 -35.14 32.48 3.71
C ALA G 22 -35.16 33.94 4.09
N LEU G 23 -36.10 34.39 4.92
CA LEU G 23 -36.19 35.68 5.49
C LEU G 23 -35.11 35.91 6.49
N LYS G 24 -34.73 34.87 7.36
CA LYS G 24 -33.69 35.12 8.39
C LYS G 24 -32.27 35.31 7.83
N ASN G 25 -31.95 34.68 6.64
CA ASN G 25 -30.71 34.69 5.96
C ASN G 25 -30.55 35.96 5.11
N ASN G 26 -31.66 36.50 4.64
CA ASN G 26 -31.83 37.75 3.96
C ASN G 26 -31.96 39.05 4.96
N ILE G 27 -32.36 38.96 6.25
CA ILE G 27 -32.28 40.05 7.17
C ILE G 27 -30.89 40.08 7.57
N LEU G 28 -30.24 38.86 7.81
CA LEU G 28 -28.84 38.87 8.26
C LEU G 28 -27.93 39.54 7.15
N ALA G 29 -28.10 39.29 5.83
CA ALA G 29 -27.42 39.95 4.74
C ALA G 29 -27.68 41.45 4.69
N ALA G 30 -28.97 41.90 4.75
CA ALA G 30 -29.32 43.30 4.69
C ALA G 30 -28.83 44.09 5.88
N ARG G 31 -28.73 43.40 7.05
CA ARG G 31 -28.24 43.97 8.29
C ARG G 31 -26.78 44.03 8.27
N THR G 32 -26.14 43.07 7.59
CA THR G 32 -24.64 43.10 7.40
C THR G 32 -24.07 44.14 6.46
N LEU G 33 -24.83 44.35 5.32
CA LEU G 33 -24.53 45.46 4.43
C LEU G 33 -24.53 46.85 5.05
N ALA G 34 -25.58 47.15 5.92
CA ALA G 34 -25.81 48.31 6.66
C ALA G 34 -24.78 48.53 7.73
N GLU G 35 -24.42 47.48 8.57
CA GLU G 35 -23.53 47.72 9.72
C GLU G 35 -22.12 47.83 9.27
N MET G 36 -21.86 47.43 7.99
CA MET G 36 -20.63 47.60 7.27
C MET G 36 -20.52 48.97 6.58
N LEU G 37 -21.59 49.52 6.00
CA LEU G 37 -21.61 50.91 5.51
C LEU G 37 -21.67 51.84 6.67
N ARG G 38 -22.09 51.43 7.93
CA ARG G 38 -22.22 52.32 9.04
C ARG G 38 -20.96 52.85 9.62
N SER G 39 -19.81 52.10 9.51
CA SER G 39 -18.51 52.65 9.73
C SER G 39 -18.10 53.76 8.77
N SER G 40 -18.70 53.79 7.57
CA SER G 40 -18.50 54.78 6.52
C SER G 40 -19.62 55.87 6.63
N LEU G 41 -20.47 55.84 7.67
CA LEU G 41 -21.66 56.76 7.77
C LEU G 41 -21.40 57.90 8.67
N GLY G 42 -21.24 59.16 8.24
CA GLY G 42 -21.03 60.29 9.12
C GLY G 42 -19.82 61.06 8.64
N PRO G 43 -19.72 62.33 9.00
CA PRO G 43 -18.84 63.18 8.22
C PRO G 43 -17.48 63.15 8.81
N LYS G 44 -17.17 62.36 9.81
CA LYS G 44 -15.83 62.05 10.22
C LYS G 44 -15.48 60.58 10.07
N GLY G 45 -16.32 59.82 9.29
CA GLY G 45 -16.34 58.33 9.15
C GLY G 45 -15.12 57.75 8.57
N LEU G 46 -15.14 56.38 8.45
CA LEU G 46 -13.92 55.62 8.07
C LEU G 46 -14.09 55.18 6.62
N ASP G 47 -13.18 55.57 5.70
CA ASP G 47 -13.47 55.33 4.29
C ASP G 47 -12.98 53.93 3.89
N LYS G 48 -13.57 53.32 2.81
CA LYS G 48 -13.14 51.97 2.37
C LYS G 48 -12.23 52.06 1.24
N MET G 49 -11.55 50.96 0.97
CA MET G 49 -10.63 50.79 -0.07
C MET G 49 -11.14 49.58 -0.86
N LEU G 50 -11.27 49.68 -2.21
CA LEU G 50 -11.95 48.67 -3.02
C LEU G 50 -11.07 48.56 -4.23
N ILE G 51 -10.43 47.40 -4.44
CA ILE G 51 -9.53 47.26 -5.59
C ILE G 51 -10.10 46.37 -6.73
N ASP G 52 -9.99 46.87 -7.93
CA ASP G 52 -10.70 46.33 -9.06
C ASP G 52 -9.72 45.43 -9.88
N SER G 53 -10.31 44.80 -10.95
CA SER G 53 -9.87 43.68 -11.74
C SER G 53 -8.42 43.69 -12.23
N PHE G 54 -7.86 44.83 -12.73
CA PHE G 54 -6.48 45.01 -13.08
C PHE G 54 -5.70 45.74 -12.00
N GLY G 55 -6.27 45.82 -10.80
CA GLY G 55 -5.57 46.32 -9.65
C GLY G 55 -5.82 47.78 -9.33
N ASP G 56 -6.74 48.43 -10.16
CA ASP G 56 -7.06 49.84 -10.11
C ASP G 56 -7.85 50.05 -8.81
N VAL G 57 -7.37 50.97 -7.99
CA VAL G 57 -7.78 51.32 -6.66
C VAL G 57 -8.81 52.43 -6.54
N THR G 58 -9.75 52.26 -5.64
CA THR G 58 -10.81 53.12 -5.45
C THR G 58 -11.03 53.24 -3.95
N ILE G 59 -10.97 54.47 -3.41
CA ILE G 59 -11.14 54.80 -1.93
C ILE G 59 -12.39 55.62 -1.84
N THR G 60 -13.48 55.14 -1.16
CA THR G 60 -14.72 55.88 -0.95
C THR G 60 -15.44 55.64 0.39
N ASN G 61 -16.25 56.64 0.77
CA ASN G 61 -17.33 56.41 1.72
C ASN G 61 -18.69 56.58 1.14
N ASP G 62 -18.84 56.85 -0.16
CA ASP G 62 -20.10 56.94 -0.79
C ASP G 62 -20.75 55.58 -0.87
N GLY G 63 -22.04 55.45 -0.48
CA GLY G 63 -22.44 54.08 -0.35
C GLY G 63 -22.98 53.41 -1.69
N ALA G 64 -23.40 54.15 -2.73
CA ALA G 64 -23.77 53.55 -3.97
C ALA G 64 -22.54 53.18 -4.82
N THR G 65 -21.40 53.83 -4.49
CA THR G 65 -20.08 53.49 -5.05
C THR G 65 -19.58 52.21 -4.39
N ILE G 66 -19.75 52.09 -3.02
CA ILE G 66 -19.21 51.02 -2.33
C ILE G 66 -19.85 49.67 -2.66
N VAL G 67 -21.20 49.65 -2.88
CA VAL G 67 -21.89 48.49 -3.43
C VAL G 67 -21.52 48.15 -4.88
N LYS G 68 -21.39 49.22 -5.77
CA LYS G 68 -20.82 49.08 -7.10
C LYS G 68 -19.42 48.49 -7.31
N GLU G 69 -18.41 48.86 -6.47
CA GLU G 69 -17.08 48.40 -6.67
C GLU G 69 -16.77 46.96 -6.39
N MET G 70 -17.75 46.05 -6.09
CA MET G 70 -17.37 44.70 -5.67
C MET G 70 -18.45 43.70 -5.95
N GLU G 71 -18.17 42.42 -5.78
CA GLU G 71 -19.18 41.43 -6.00
C GLU G 71 -20.06 41.27 -4.80
N ILE G 72 -21.33 40.80 -5.03
CA ILE G 72 -22.37 40.64 -3.96
C ILE G 72 -22.80 39.19 -4.01
N GLN G 73 -22.68 38.48 -2.84
CA GLN G 73 -22.74 37.02 -2.77
C GLN G 73 -23.99 36.53 -2.11
N HIS G 74 -24.76 37.48 -1.66
CA HIS G 74 -26.10 37.21 -1.26
C HIS G 74 -27.13 38.00 -2.07
N PRO G 75 -27.96 37.27 -2.85
CA PRO G 75 -29.00 38.01 -3.66
C PRO G 75 -29.91 39.05 -3.05
N ALA G 76 -30.32 39.04 -1.77
CA ALA G 76 -31.21 40.02 -1.21
C ALA G 76 -30.46 41.33 -0.96
N ALA G 77 -29.12 41.26 -0.85
CA ALA G 77 -28.23 42.39 -0.74
C ALA G 77 -28.00 42.94 -2.15
N LYS G 78 -28.08 42.10 -3.23
CA LYS G 78 -27.96 42.49 -4.63
C LYS G 78 -29.19 43.37 -4.97
N LEU G 79 -30.34 43.07 -4.45
CA LEU G 79 -31.58 43.86 -4.56
C LEU G 79 -31.43 45.16 -3.95
N LEU G 80 -30.81 45.25 -2.75
CA LEU G 80 -30.43 46.52 -2.03
C LEU G 80 -29.41 47.39 -2.78
N VAL G 81 -28.49 46.78 -3.50
CA VAL G 81 -27.58 47.55 -4.34
C VAL G 81 -28.25 48.25 -5.44
N GLU G 82 -29.31 47.66 -6.09
CA GLU G 82 -30.08 48.37 -7.17
C GLU G 82 -30.83 49.65 -6.69
N ALA G 83 -31.14 49.61 -5.36
CA ALA G 83 -31.91 50.64 -4.63
C ALA G 83 -31.02 51.90 -4.31
N ALA G 84 -29.83 51.58 -3.99
CA ALA G 84 -28.82 52.52 -3.83
C ALA G 84 -28.55 53.23 -5.13
N LYS G 85 -28.15 52.52 -6.26
CA LYS G 85 -27.99 53.05 -7.62
C LYS G 85 -29.05 54.14 -8.05
N ALA G 86 -30.36 53.74 -8.03
CA ALA G 86 -31.42 54.66 -8.33
C ALA G 86 -31.64 55.90 -7.48
N GLN G 87 -31.38 55.77 -6.14
CA GLN G 87 -31.53 56.84 -5.16
C GLN G 87 -30.34 57.81 -5.29
N ASP G 88 -29.17 57.45 -5.84
CA ASP G 88 -27.96 58.28 -5.94
C ASP G 88 -28.18 59.44 -6.89
N SER G 89 -29.07 59.45 -7.92
CA SER G 89 -29.21 60.62 -8.83
C SER G 89 -29.91 61.77 -8.06
N GLU G 90 -30.74 61.37 -7.12
CA GLU G 90 -31.46 62.41 -6.34
C GLU G 90 -30.63 63.03 -5.17
N VAL G 91 -30.00 62.21 -4.34
CA VAL G 91 -29.14 62.67 -3.20
C VAL G 91 -27.90 61.87 -3.15
N GLY G 92 -26.82 62.41 -2.61
CA GLY G 92 -25.59 61.62 -2.46
C GLY G 92 -24.97 61.58 -1.10
N ASP G 93 -25.54 62.23 -0.05
CA ASP G 93 -25.16 62.11 1.38
C ASP G 93 -26.06 61.11 1.98
N GLY G 94 -27.35 61.23 1.68
CA GLY G 94 -28.42 60.40 2.06
C GLY G 94 -28.47 59.01 1.54
N THR G 95 -28.07 58.78 0.33
CA THR G 95 -28.03 57.43 -0.23
C THR G 95 -27.08 56.57 0.55
N THR G 96 -26.00 57.11 1.19
CA THR G 96 -25.15 56.43 2.17
C THR G 96 -25.97 56.10 3.34
N SER G 97 -26.75 57.04 3.86
CA SER G 97 -27.70 56.88 4.97
C SER G 97 -28.89 55.91 4.70
N ALA G 98 -29.44 55.94 3.50
CA ALA G 98 -30.54 54.99 3.16
C ALA G 98 -30.22 53.53 3.23
N VAL G 99 -28.99 52.98 2.86
CA VAL G 99 -28.72 51.57 2.89
C VAL G 99 -28.77 51.12 4.33
N VAL G 100 -28.23 51.90 5.29
CA VAL G 100 -28.24 51.57 6.69
C VAL G 100 -29.67 51.55 7.35
N LEU G 101 -30.44 52.49 6.88
CA LEU G 101 -31.83 52.57 7.35
C LEU G 101 -32.71 51.34 7.01
N ALA G 102 -32.54 50.82 5.77
CA ALA G 102 -33.21 49.61 5.34
C ALA G 102 -32.90 48.37 6.18
N GLY G 103 -31.58 48.23 6.57
CA GLY G 103 -31.11 47.26 7.57
C GLY G 103 -31.68 47.44 8.94
N LEU G 104 -31.91 48.73 9.43
CA LEU G 104 -32.43 48.92 10.79
C LEU G 104 -33.91 48.57 10.91
N PHE G 105 -34.65 48.59 9.79
CA PHE G 105 -36.05 48.28 9.79
C PHE G 105 -36.19 46.70 9.75
N LEU G 106 -35.33 46.03 8.96
CA LEU G 106 -35.23 44.59 8.91
C LEU G 106 -34.77 43.94 10.34
N GLU G 107 -33.90 44.65 11.11
CA GLU G 107 -33.54 44.15 12.42
C GLU G 107 -34.60 44.48 13.48
N LYS G 108 -35.54 45.40 13.25
CA LYS G 108 -36.66 45.58 14.15
C LYS G 108 -37.77 44.55 13.85
N ALA G 109 -37.90 44.24 12.54
CA ALA G 109 -38.77 43.13 12.04
C ALA G 109 -38.37 41.77 12.71
N GLU G 110 -37.08 41.44 12.91
CA GLU G 110 -36.56 40.19 13.40
C GLU G 110 -36.99 39.91 14.82
N SER G 111 -37.09 41.06 15.65
CA SER G 111 -37.61 41.09 17.01
C SER G 111 -39.16 40.76 17.04
N LEU G 112 -39.92 41.47 16.13
CA LEU G 112 -41.36 41.19 15.93
C LEU G 112 -41.54 39.75 15.39
N VAL G 113 -40.72 39.17 14.48
CA VAL G 113 -40.82 37.78 14.08
C VAL G 113 -40.63 36.82 15.27
N ASP G 114 -39.71 37.11 16.23
CA ASP G 114 -39.52 36.37 17.42
C ASP G 114 -40.71 36.39 18.37
N GLN G 115 -41.41 37.52 18.47
CA GLN G 115 -42.69 37.56 19.16
C GLN G 115 -43.89 36.88 18.35
N ASN G 116 -43.53 36.06 17.35
CA ASN G 116 -44.37 35.42 16.38
C ASN G 116 -45.17 36.30 15.49
N ILE G 117 -44.76 37.54 15.15
CA ILE G 117 -45.63 38.44 14.38
C ILE G 117 -45.49 38.03 12.94
N HIS G 118 -46.64 37.72 12.32
CA HIS G 118 -46.78 37.37 10.92
C HIS G 118 -46.44 38.55 9.98
N PRO G 119 -45.70 38.41 8.86
CA PRO G 119 -45.10 39.63 8.20
C PRO G 119 -46.07 40.70 7.74
N THR G 120 -47.27 40.27 7.37
CA THR G 120 -48.39 41.14 7.02
C THR G 120 -48.74 42.10 8.14
N ILE G 121 -48.67 41.63 9.39
CA ILE G 121 -48.91 42.47 10.60
C ILE G 121 -47.76 43.43 10.72
N ILE G 122 -46.48 42.99 10.54
CA ILE G 122 -45.34 43.85 10.62
C ILE G 122 -45.39 45.01 9.56
N ILE G 123 -45.65 44.65 8.29
CA ILE G 123 -46.10 45.61 7.22
C ILE G 123 -47.22 46.59 7.60
N GLU G 124 -48.41 46.10 8.21
CA GLU G 124 -49.48 46.92 8.62
C GLU G 124 -49.12 47.91 9.72
N GLY G 125 -48.11 47.63 10.59
CA GLY G 125 -47.78 48.71 11.54
C GLY G 125 -46.80 49.74 10.98
N PHE G 126 -45.97 49.29 10.02
CA PHE G 126 -45.02 50.25 9.50
C PHE G 126 -45.84 51.28 8.63
N LYS G 127 -46.94 50.79 8.03
CA LYS G 127 -47.90 51.62 7.35
C LYS G 127 -48.63 52.55 8.25
N LYS G 128 -49.13 52.17 9.40
CA LYS G 128 -49.85 53.06 10.30
C LYS G 128 -48.89 54.06 10.81
N ALA G 129 -47.62 53.67 11.08
CA ALA G 129 -46.57 54.54 11.43
C ALA G 129 -46.32 55.51 10.31
N PHE G 130 -46.18 55.12 9.07
CA PHE G 130 -45.88 55.85 7.82
C PHE G 130 -47.00 56.81 7.39
N ASN G 131 -48.27 56.41 7.49
CA ASN G 131 -49.47 57.23 7.30
C ASN G 131 -49.53 58.37 8.32
N LYS G 132 -49.08 58.05 9.55
CA LYS G 132 -48.93 59.00 10.70
C LYS G 132 -47.79 59.97 10.52
N SER G 133 -46.63 59.51 10.04
CA SER G 133 -45.44 60.27 9.84
C SER G 133 -45.57 61.41 8.78
N LEU G 134 -46.30 61.09 7.68
CA LEU G 134 -46.57 61.89 6.59
C LEU G 134 -47.57 62.98 6.96
N GLU G 135 -48.48 62.82 7.99
CA GLU G 135 -49.30 63.92 8.56
C GLU G 135 -48.48 64.64 9.62
N LEU G 136 -47.30 64.18 10.03
CA LEU G 136 -46.43 64.87 11.06
C LEU G 136 -45.31 65.72 10.57
N LEU G 137 -44.75 65.38 9.39
CA LEU G 137 -43.71 66.00 8.66
C LEU G 137 -44.16 67.28 7.95
N PRO G 138 -45.40 67.74 8.00
CA PRO G 138 -45.60 69.12 7.60
C PRO G 138 -45.80 69.92 8.83
N GLN G 139 -46.20 69.30 9.96
CA GLN G 139 -46.36 69.95 11.18
C GLN G 139 -45.02 70.17 11.92
N LEU G 140 -44.11 69.12 12.02
CA LEU G 140 -42.76 69.25 12.49
C LEU G 140 -41.86 70.12 11.62
N ALA G 141 -42.04 70.17 10.31
CA ALA G 141 -41.27 71.01 9.38
C ALA G 141 -41.40 72.46 9.53
N THR G 142 -40.36 73.17 9.02
CA THR G 142 -40.22 74.64 9.09
C THR G 142 -40.24 75.10 7.68
N LYS G 143 -40.99 76.18 7.36
CA LYS G 143 -41.13 76.63 5.99
C LYS G 143 -40.57 77.97 5.75
N VAL G 144 -39.68 78.05 4.77
CA VAL G 144 -38.93 79.28 4.42
C VAL G 144 -39.56 79.96 3.13
N ASP G 145 -40.64 79.35 2.62
CA ASP G 145 -41.36 79.78 1.50
C ASP G 145 -40.58 79.76 0.16
N VAL G 146 -41.17 80.31 -0.98
CA VAL G 146 -40.66 80.44 -2.35
C VAL G 146 -39.49 81.34 -2.47
N SER G 147 -39.58 82.52 -1.83
CA SER G 147 -38.36 83.36 -1.80
C SER G 147 -38.42 84.44 -0.69
N ASP G 148 -37.27 84.95 -0.26
CA ASP G 148 -37.10 86.21 0.23
C ASP G 148 -36.13 87.06 -0.64
N LEU G 149 -36.58 88.29 -0.86
CA LEU G 149 -35.89 89.31 -1.61
C LEU G 149 -35.65 88.97 -3.06
N ASN G 150 -36.67 88.25 -3.62
CA ASN G 150 -36.68 87.74 -5.03
C ASN G 150 -35.48 86.80 -5.32
N SER G 151 -35.85 85.56 -5.75
CA SER G 151 -34.83 84.57 -6.23
C SER G 151 -33.97 83.96 -5.18
N ALA G 152 -34.46 83.85 -3.94
CA ALA G 152 -33.53 83.69 -2.81
C ALA G 152 -32.20 84.54 -2.62
N THR G 153 -32.40 85.87 -2.33
CA THR G 153 -31.41 86.96 -2.22
C THR G 153 -31.29 87.39 -0.82
N ALA G 154 -31.81 86.56 0.14
CA ALA G 154 -31.71 86.97 1.53
C ALA G 154 -30.82 85.96 2.16
N ARG G 155 -30.05 85.16 1.34
CA ARG G 155 -29.92 83.73 1.30
C ARG G 155 -30.27 82.75 2.40
N ASP G 156 -29.71 82.92 3.63
CA ASP G 156 -30.07 82.32 4.90
C ASP G 156 -30.28 80.85 4.75
N ALA G 157 -31.52 80.45 4.45
CA ALA G 157 -31.87 79.07 4.35
C ALA G 157 -31.06 78.20 3.34
N LEU G 158 -30.90 78.83 2.11
CA LEU G 158 -30.06 78.30 1.05
C LEU G 158 -28.59 78.14 1.47
N LYS G 159 -28.06 79.14 2.20
CA LYS G 159 -26.66 79.01 2.65
C LYS G 159 -26.52 77.78 3.53
N LYS G 160 -27.51 77.57 4.50
CA LYS G 160 -27.50 76.49 5.46
C LYS G 160 -27.55 75.10 4.91
N ILE G 161 -28.24 74.93 3.77
CA ILE G 161 -28.42 73.68 3.10
C ILE G 161 -27.25 73.35 2.20
N VAL G 162 -26.65 74.37 1.52
CA VAL G 162 -25.48 74.24 0.68
C VAL G 162 -24.26 74.00 1.43
N TYR G 163 -24.21 74.77 2.55
CA TYR G 163 -23.21 74.56 3.46
C TYR G 163 -23.27 73.19 4.14
N THR G 164 -24.46 72.68 4.59
CA THR G 164 -24.60 71.41 5.32
C THR G 164 -24.26 70.20 4.50
N THR G 165 -24.66 70.09 3.25
CA THR G 165 -24.28 69.04 2.37
C THR G 165 -22.84 69.03 2.05
N MET G 166 -22.24 70.18 1.72
CA MET G 166 -20.81 70.27 1.48
C MET G 166 -20.03 69.91 2.78
N SER G 167 -20.47 70.42 3.95
CA SER G 167 -19.82 70.19 5.25
C SER G 167 -19.82 68.69 5.56
N SER G 168 -20.91 67.98 5.37
CA SER G 168 -21.00 66.50 5.61
C SER G 168 -20.00 65.75 4.67
N LYS G 169 -19.94 66.23 3.36
CA LYS G 169 -18.98 65.70 2.47
C LYS G 169 -17.59 66.20 2.51
N PHE G 170 -17.21 67.05 3.56
CA PHE G 170 -15.90 67.69 3.54
C PHE G 170 -15.35 67.86 4.92
N MET G 171 -16.00 68.72 5.66
CA MET G 171 -15.78 69.01 7.08
C MET G 171 -14.51 69.78 7.38
N ALA G 172 -14.24 70.88 6.67
CA ALA G 172 -13.06 71.66 6.78
C ALA G 172 -13.26 73.12 6.17
N GLU G 173 -12.31 74.00 6.49
CA GLU G 173 -12.40 75.39 6.04
C GLU G 173 -12.47 75.67 4.57
N GLY G 174 -13.51 76.23 4.07
CA GLY G 174 -13.63 76.41 2.67
C GLY G 174 -14.44 77.61 2.39
N GLU G 175 -14.22 78.65 3.20
CA GLU G 175 -14.96 79.96 3.08
C GLU G 175 -14.81 80.64 1.76
N GLU G 176 -13.57 80.67 1.24
CA GLU G 176 -13.39 81.26 -0.11
C GLU G 176 -13.88 80.36 -1.29
N LEU G 177 -14.36 79.15 -1.05
CA LEU G 177 -15.03 78.30 -2.01
C LEU G 177 -16.58 78.55 -1.81
N ASN G 178 -17.17 78.61 -0.59
CA ASN G 178 -18.56 78.76 -0.30
C ASN G 178 -19.09 80.10 -0.84
N LYS G 179 -18.39 81.21 -0.65
CA LYS G 179 -18.94 82.42 -1.10
C LYS G 179 -19.19 82.52 -2.61
N ILE G 180 -18.28 82.05 -3.38
CA ILE G 180 -18.38 81.85 -4.81
C ILE G 180 -19.44 80.84 -5.24
N MET G 181 -19.51 79.71 -4.55
CA MET G 181 -20.47 78.66 -4.79
C MET G 181 -21.89 79.17 -4.47
N ASP G 182 -22.06 80.06 -3.44
CA ASP G 182 -23.29 80.75 -3.20
C ASP G 182 -23.71 81.62 -4.37
N ILE G 183 -22.76 82.31 -5.08
CA ILE G 183 -23.03 83.01 -6.41
C ILE G 183 -23.44 82.01 -7.52
N VAL G 184 -22.85 80.84 -7.63
CA VAL G 184 -23.23 79.83 -8.61
C VAL G 184 -24.63 79.33 -8.30
N ILE G 185 -24.95 79.16 -7.01
CA ILE G 185 -26.23 78.68 -6.44
C ILE G 185 -27.37 79.61 -6.72
N ASP G 186 -27.04 80.89 -6.56
CA ASP G 186 -27.87 82.07 -6.87
C ASP G 186 -28.25 82.23 -8.36
N ALA G 187 -27.29 82.03 -9.28
CA ALA G 187 -27.50 82.00 -10.75
C ALA G 187 -28.41 80.86 -11.20
N VAL G 188 -28.17 79.66 -10.60
CA VAL G 188 -28.88 78.44 -10.85
C VAL G 188 -30.35 78.58 -10.39
N THR G 189 -30.56 79.29 -9.24
CA THR G 189 -31.88 79.68 -8.83
C THR G 189 -32.61 80.55 -9.81
N THR G 190 -31.96 81.59 -10.45
CA THR G 190 -32.47 82.45 -11.53
C THR G 190 -32.97 81.72 -12.78
N VAL G 191 -32.18 80.74 -13.18
CA VAL G 191 -32.40 79.85 -14.29
C VAL G 191 -33.73 79.03 -14.13
N ALA G 192 -33.74 78.15 -13.07
CA ALA G 192 -34.88 77.71 -12.29
C ALA G 192 -36.14 78.56 -12.33
N GLU G 193 -36.19 79.74 -11.74
CA GLU G 193 -37.31 80.72 -11.86
C GLU G 193 -38.71 80.35 -11.34
N PRO G 194 -39.38 81.11 -10.60
CA PRO G 194 -40.28 80.59 -9.55
C PRO G 194 -41.72 80.40 -10.03
N LEU G 195 -42.41 79.30 -9.64
CA LEU G 195 -43.73 79.07 -10.23
C LEU G 195 -44.80 79.41 -9.15
N PRO G 196 -46.15 79.64 -9.41
CA PRO G 196 -47.21 79.85 -8.41
C PRO G 196 -47.88 78.50 -7.92
N ASP G 197 -47.18 77.43 -8.17
CA ASP G 197 -47.09 76.30 -7.24
C ASP G 197 -46.38 76.64 -5.85
N GLY G 198 -45.46 77.65 -5.95
CA GLY G 198 -44.47 77.98 -4.96
C GLY G 198 -43.29 77.04 -5.05
N GLY G 199 -43.22 76.28 -6.15
CA GLY G 199 -42.09 75.61 -6.61
C GLY G 199 -41.38 76.32 -7.70
N TYR G 200 -40.54 75.67 -8.48
CA TYR G 200 -39.55 76.22 -9.48
C TYR G 200 -39.46 75.20 -10.52
N ASN G 201 -38.71 75.36 -11.61
CA ASN G 201 -38.43 74.31 -12.57
C ASN G 201 -36.88 74.15 -12.58
N VAL G 202 -36.37 73.16 -11.86
CA VAL G 202 -34.90 72.91 -11.83
C VAL G 202 -34.61 71.81 -12.87
N SER G 203 -33.67 72.09 -13.79
CA SER G 203 -33.12 70.97 -14.60
C SER G 203 -31.66 71.22 -14.38
N LEU G 204 -30.89 70.32 -13.75
CA LEU G 204 -29.37 70.13 -13.69
C LEU G 204 -28.80 69.67 -14.97
N ASP G 205 -29.63 68.98 -15.91
CA ASP G 205 -29.25 68.57 -17.22
C ASP G 205 -29.14 69.75 -18.25
N LEU G 206 -29.58 70.99 -17.92
CA LEU G 206 -29.32 72.12 -18.75
C LEU G 206 -28.26 73.01 -18.10
N ILE G 207 -27.72 72.65 -16.91
CA ILE G 207 -26.58 73.28 -16.32
C ILE G 207 -25.28 72.51 -16.84
N LYS G 208 -24.21 73.29 -17.18
CA LYS G 208 -23.00 72.60 -17.56
C LYS G 208 -21.83 73.35 -16.92
N ILE G 209 -20.89 72.64 -16.27
CA ILE G 209 -19.82 73.40 -15.60
C ILE G 209 -18.49 72.91 -16.15
N ASP G 210 -17.62 73.83 -16.59
CA ASP G 210 -16.37 73.56 -17.20
C ASP G 210 -15.20 74.03 -16.37
N LYS G 211 -14.21 73.18 -16.03
CA LYS G 211 -13.13 73.58 -15.14
C LYS G 211 -11.86 73.72 -15.89
N LYS G 212 -11.22 74.86 -15.72
CA LYS G 212 -9.99 75.19 -16.39
C LYS G 212 -8.91 75.67 -15.44
N LYS G 213 -7.61 75.20 -15.51
CA LYS G 213 -6.58 75.71 -14.70
C LYS G 213 -6.23 77.22 -14.96
N GLY G 214 -5.53 77.99 -14.00
CA GLY G 214 -4.73 79.15 -14.32
C GLY G 214 -5.36 80.40 -13.85
N GLY G 215 -6.25 80.26 -12.84
CA GLY G 215 -6.86 81.47 -12.31
C GLY G 215 -7.06 81.35 -10.79
N THR G 216 -8.22 81.77 -10.27
CA THR G 216 -8.61 81.72 -8.89
C THR G 216 -10.03 81.33 -9.01
N ILE G 217 -10.67 80.94 -7.87
CA ILE G 217 -12.05 80.58 -7.87
C ILE G 217 -13.00 81.72 -8.17
N GLU G 218 -12.72 82.94 -7.68
CA GLU G 218 -13.28 84.25 -8.00
C GLU G 218 -13.32 84.71 -9.39
N ASP G 219 -12.59 84.02 -10.30
CA ASP G 219 -12.57 84.30 -11.73
C ASP G 219 -13.51 83.39 -12.49
N SER G 220 -14.38 82.66 -11.74
CA SER G 220 -15.39 81.84 -12.40
C SER G 220 -16.54 82.67 -12.82
N GLN G 221 -17.23 82.33 -13.90
CA GLN G 221 -18.24 83.20 -14.52
C GLN G 221 -19.35 82.31 -15.08
N LEU G 222 -20.60 82.82 -15.09
CA LEU G 222 -21.70 82.29 -15.90
C LEU G 222 -21.56 82.69 -17.38
N ILE G 223 -22.07 81.83 -18.32
CA ILE G 223 -22.08 82.19 -19.68
C ILE G 223 -23.51 82.08 -20.08
N ARG G 224 -24.06 83.10 -20.79
CA ARG G 224 -25.38 83.11 -21.34
C ARG G 224 -25.36 82.44 -22.73
N GLY G 225 -25.04 81.14 -22.69
CA GLY G 225 -24.76 80.38 -23.84
C GLY G 225 -24.06 79.18 -23.52
N ILE G 226 -23.35 78.68 -24.51
CA ILE G 226 -22.55 77.44 -24.51
C ILE G 226 -21.05 77.82 -24.58
N VAL G 227 -20.25 77.00 -23.90
CA VAL G 227 -18.85 76.93 -24.19
C VAL G 227 -18.71 75.55 -24.87
N LEU G 228 -18.05 75.62 -26.07
CA LEU G 228 -17.69 74.52 -26.82
C LEU G 228 -16.13 74.33 -26.62
N ASP G 229 -15.88 73.13 -26.11
CA ASP G 229 -14.57 72.81 -25.75
C ASP G 229 -13.56 72.67 -27.00
N LYS G 230 -14.10 72.18 -28.14
CA LYS G 230 -13.53 72.06 -29.44
C LYS G 230 -13.17 73.38 -30.16
N GLU G 231 -12.22 73.29 -31.07
CA GLU G 231 -11.71 74.34 -31.84
C GLU G 231 -12.26 74.45 -33.29
N VAL G 232 -12.18 75.59 -33.82
CA VAL G 232 -12.08 75.94 -35.22
C VAL G 232 -10.74 75.72 -35.92
N VAL G 233 -10.50 74.49 -36.26
CA VAL G 233 -9.97 73.77 -37.44
C VAL G 233 -8.99 74.67 -38.23
N HIS G 234 -9.13 74.67 -39.57
CA HIS G 234 -8.46 75.48 -40.49
C HIS G 234 -8.01 76.92 -40.14
N ALA G 235 -6.74 77.27 -40.52
CA ALA G 235 -6.12 78.54 -40.39
C ALA G 235 -6.76 79.86 -40.90
N GLY G 236 -7.42 79.65 -42.07
CA GLY G 236 -8.13 80.74 -42.75
C GLY G 236 -9.50 81.06 -42.19
N MET G 237 -10.13 80.17 -41.31
CA MET G 237 -11.46 80.49 -40.79
C MET G 237 -11.61 81.68 -39.88
N PRO G 238 -12.68 82.53 -39.93
CA PRO G 238 -12.94 83.54 -38.91
C PRO G 238 -12.79 83.23 -37.42
N ARG G 239 -12.52 84.23 -36.56
CA ARG G 239 -12.22 84.03 -35.15
C ARG G 239 -13.27 84.60 -34.23
N ARG G 240 -14.09 85.51 -34.69
CA ARG G 240 -15.20 85.90 -33.84
C ARG G 240 -16.26 86.31 -34.79
N VAL G 241 -17.54 85.97 -34.58
CA VAL G 241 -18.68 86.19 -35.47
C VAL G 241 -19.71 86.87 -34.67
N GLU G 242 -20.17 88.05 -35.16
CA GLU G 242 -21.13 88.91 -34.50
C GLU G 242 -22.37 88.89 -35.36
N LYS G 243 -23.57 88.63 -34.68
CA LYS G 243 -24.88 88.31 -35.22
C LYS G 243 -24.84 87.00 -36.07
N ALA G 244 -24.42 85.96 -35.38
CA ALA G 244 -24.22 84.65 -35.98
C ALA G 244 -25.43 83.76 -36.22
N LYS G 245 -25.68 83.29 -37.46
CA LYS G 245 -26.72 82.37 -37.85
C LYS G 245 -26.04 80.97 -37.91
N ILE G 246 -26.30 80.07 -36.92
CA ILE G 246 -25.57 78.86 -36.69
C ILE G 246 -26.29 77.65 -37.21
N ALA G 247 -25.60 76.92 -38.14
CA ALA G 247 -26.12 75.67 -38.57
C ALA G 247 -25.50 74.53 -37.67
N VAL G 248 -26.27 73.56 -37.16
CA VAL G 248 -25.85 72.40 -36.44
C VAL G 248 -26.12 71.23 -37.30
N LEU G 249 -25.04 70.44 -37.54
CA LEU G 249 -25.12 69.34 -38.48
C LEU G 249 -24.65 68.06 -37.82
N ASP G 250 -25.62 67.05 -37.99
CA ASP G 250 -25.50 65.77 -37.36
C ASP G 250 -25.15 64.81 -38.50
N ALA G 251 -23.98 65.21 -39.05
CA ALA G 251 -23.40 64.62 -40.26
C ALA G 251 -21.88 64.89 -40.39
N SER G 252 -21.26 64.32 -41.41
CA SER G 252 -19.81 64.54 -41.80
C SER G 252 -19.76 65.51 -42.96
N LEU G 253 -18.92 66.61 -42.90
CA LEU G 253 -18.70 67.34 -44.16
C LEU G 253 -17.54 66.75 -44.88
N GLU G 254 -17.73 65.48 -45.24
CA GLU G 254 -16.89 64.53 -45.99
C GLU G 254 -17.84 63.87 -46.97
N VAL G 255 -17.41 63.50 -48.10
CA VAL G 255 -18.23 62.81 -49.08
C VAL G 255 -18.75 61.41 -48.73
N GLU G 256 -20.12 61.20 -48.56
CA GLU G 256 -20.44 59.85 -48.17
C GLU G 256 -20.38 58.85 -49.30
N LYS G 257 -20.19 57.57 -48.97
CA LYS G 257 -19.96 56.50 -49.93
C LYS G 257 -21.34 56.09 -50.56
N PRO G 258 -21.51 56.11 -51.89
CA PRO G 258 -22.82 55.95 -52.48
C PRO G 258 -23.59 54.62 -52.28
N GLU G 259 -24.72 54.39 -52.87
CA GLU G 259 -25.56 53.22 -52.67
C GLU G 259 -24.93 51.98 -53.18
N ILE G 260 -24.34 52.06 -54.39
CA ILE G 260 -23.57 50.97 -54.98
C ILE G 260 -22.48 51.48 -55.91
N SER G 261 -21.49 50.64 -56.23
CA SER G 261 -20.10 51.18 -56.26
C SER G 261 -19.37 49.84 -56.29
N ALA G 262 -18.16 49.86 -56.84
CA ALA G 262 -17.30 48.65 -56.78
C ALA G 262 -15.84 49.03 -56.63
N LYS G 263 -14.92 48.20 -56.19
CA LYS G 263 -13.52 48.50 -56.03
C LYS G 263 -12.90 48.35 -57.47
N ILE G 264 -12.32 49.46 -57.95
CA ILE G 264 -11.84 49.39 -59.29
C ILE G 264 -10.29 49.73 -59.29
N SER G 265 -9.52 48.92 -60.08
CA SER G 265 -8.05 49.11 -60.27
C SER G 265 -7.75 50.17 -61.23
N ILE G 266 -7.39 51.43 -60.86
CA ILE G 266 -7.06 52.55 -61.74
C ILE G 266 -5.59 52.83 -61.50
N THR G 267 -4.72 52.85 -62.49
CA THR G 267 -3.33 53.26 -62.22
C THR G 267 -3.04 54.63 -62.69
N SER G 268 -3.16 54.91 -63.99
CA SER G 268 -3.70 56.03 -64.67
C SER G 268 -3.87 57.35 -63.85
N PRO G 269 -2.84 58.34 -63.91
CA PRO G 269 -2.81 59.28 -62.80
C PRO G 269 -3.91 60.38 -62.97
N ASP G 270 -4.35 60.77 -64.24
CA ASP G 270 -5.38 61.74 -64.42
C ASP G 270 -6.68 61.28 -63.86
N GLN G 271 -6.88 60.00 -63.84
CA GLN G 271 -8.08 59.45 -63.30
C GLN G 271 -8.13 59.31 -61.80
N ILE G 272 -6.97 59.29 -61.13
CA ILE G 272 -6.79 59.42 -59.68
C ILE G 272 -6.92 60.89 -59.20
N LYS G 273 -6.43 61.75 -60.01
CA LYS G 273 -6.63 63.22 -59.88
C LYS G 273 -8.09 63.62 -60.16
N ALA G 274 -8.82 62.82 -60.98
CA ALA G 274 -10.23 63.00 -61.28
C ALA G 274 -11.17 62.46 -60.20
N PHE G 275 -10.69 61.47 -59.41
CA PHE G 275 -11.41 60.96 -58.31
C PHE G 275 -11.33 62.08 -57.18
N LEU G 276 -10.22 62.84 -57.02
CA LEU G 276 -10.06 63.85 -56.01
C LEU G 276 -10.96 65.00 -56.44
N ASP G 277 -11.00 65.35 -57.77
CA ASP G 277 -11.69 66.44 -58.36
C ASP G 277 -13.25 66.24 -58.32
N GLU G 278 -13.70 65.02 -58.44
CA GLU G 278 -15.07 64.67 -58.04
C GLU G 278 -15.37 64.80 -56.55
N GLU G 279 -14.44 64.54 -55.64
CA GLU G 279 -14.67 64.55 -54.17
C GLU G 279 -14.72 66.00 -53.70
N ALA G 280 -14.06 66.88 -54.45
CA ALA G 280 -14.19 68.29 -54.30
C ALA G 280 -15.41 68.86 -54.90
N LYS G 281 -16.03 68.25 -55.94
CA LYS G 281 -17.28 68.83 -56.47
C LYS G 281 -18.45 68.44 -55.63
N TYR G 282 -18.27 67.43 -54.77
CA TYR G 282 -19.26 67.07 -53.78
C TYR G 282 -19.19 67.99 -52.53
N LEU G 283 -17.97 68.36 -52.05
CA LEU G 283 -17.75 69.16 -50.90
C LEU G 283 -18.20 70.63 -51.02
N LYS G 284 -17.93 71.19 -52.24
CA LYS G 284 -18.25 72.57 -52.65
C LYS G 284 -19.74 72.71 -52.76
N ASP G 285 -20.45 71.57 -53.01
CA ASP G 285 -21.88 71.49 -52.97
C ASP G 285 -22.40 71.69 -51.60
N MET G 286 -22.00 70.85 -50.66
CA MET G 286 -22.34 70.99 -49.23
C MET G 286 -22.11 72.35 -48.68
N VAL G 287 -20.91 72.97 -48.95
CA VAL G 287 -20.70 74.32 -48.54
C VAL G 287 -21.60 75.36 -49.16
N ASP G 288 -21.90 75.31 -50.50
CA ASP G 288 -22.82 76.20 -51.10
C ASP G 288 -24.23 76.12 -50.51
N LYS G 289 -24.67 74.91 -50.10
CA LYS G 289 -25.93 74.73 -49.45
C LYS G 289 -25.95 75.41 -48.12
N LEU G 290 -24.92 75.32 -47.25
CA LEU G 290 -24.74 76.03 -45.98
C LEU G 290 -24.77 77.54 -46.21
N ALA G 291 -24.08 78.13 -47.24
CA ALA G 291 -24.16 79.49 -47.49
C ALA G 291 -25.52 79.96 -47.97
N SER G 292 -26.37 79.07 -48.55
CA SER G 292 -27.78 79.40 -48.87
C SER G 292 -28.78 79.41 -47.73
N ILE G 293 -28.49 78.45 -46.85
CA ILE G 293 -29.12 78.29 -45.59
C ILE G 293 -28.97 79.56 -44.72
N GLY G 294 -27.89 80.38 -45.00
CA GLY G 294 -27.55 81.61 -44.32
C GLY G 294 -26.66 81.38 -43.13
N ALA G 295 -25.96 80.25 -43.17
CA ALA G 295 -25.03 79.84 -42.17
C ALA G 295 -23.85 80.76 -42.07
N ASN G 296 -23.52 81.39 -40.97
CA ASN G 296 -22.31 82.19 -40.89
C ASN G 296 -21.43 81.34 -39.91
N VAL G 297 -21.98 80.55 -38.96
CA VAL G 297 -21.26 79.58 -38.21
C VAL G 297 -21.79 78.19 -38.57
N VAL G 298 -21.00 77.13 -38.40
CA VAL G 298 -21.36 75.73 -38.58
C VAL G 298 -20.78 74.96 -37.39
N ILE G 299 -21.55 73.92 -36.96
CA ILE G 299 -21.24 72.89 -36.09
C ILE G 299 -21.27 71.64 -36.96
N CYS G 300 -20.18 70.81 -36.88
CA CYS G 300 -20.26 69.56 -37.52
C CYS G 300 -19.92 68.49 -36.56
N GLN G 301 -20.87 67.56 -36.39
CA GLN G 301 -20.66 66.48 -35.36
C GLN G 301 -19.42 65.56 -35.68
N LYS G 302 -19.25 65.17 -36.94
CA LYS G 302 -18.13 64.29 -37.28
C LYS G 302 -16.83 65.12 -37.65
N GLY G 303 -15.96 64.30 -38.41
CA GLY G 303 -14.94 64.88 -39.22
C GLY G 303 -15.34 65.90 -40.17
N ILE G 304 -14.42 66.76 -40.49
CA ILE G 304 -14.55 67.69 -41.56
C ILE G 304 -13.45 67.40 -42.53
N ASP G 305 -13.72 67.39 -43.89
CA ASP G 305 -12.68 67.37 -44.93
C ASP G 305 -11.85 68.59 -45.11
N ASP G 306 -10.56 68.50 -45.50
CA ASP G 306 -9.62 69.56 -45.73
C ASP G 306 -10.18 70.60 -46.82
N ILE G 307 -10.70 70.02 -47.90
CA ILE G 307 -11.22 70.78 -49.01
C ILE G 307 -12.41 71.64 -48.68
N ALA G 308 -13.42 71.09 -47.95
CA ALA G 308 -14.55 71.82 -47.44
C ALA G 308 -14.21 72.89 -46.37
N GLN G 309 -13.09 72.69 -45.62
CA GLN G 309 -12.60 73.72 -44.73
C GLN G 309 -12.01 74.92 -45.39
N HIS G 310 -11.32 74.77 -46.53
CA HIS G 310 -10.92 75.86 -47.36
C HIS G 310 -12.18 76.58 -47.94
N PHE G 311 -13.21 75.83 -48.48
CA PHE G 311 -14.35 76.54 -49.07
C PHE G 311 -15.20 77.32 -47.99
N LEU G 312 -15.30 76.80 -46.76
CA LEU G 312 -16.04 77.48 -45.72
C LEU G 312 -15.23 78.73 -45.25
N ALA G 313 -13.86 78.79 -45.15
CA ALA G 313 -13.21 79.97 -44.82
C ALA G 313 -13.32 81.00 -45.94
N LYS G 314 -13.26 80.58 -47.25
CA LYS G 314 -13.42 81.29 -48.43
C LYS G 314 -14.82 81.94 -48.53
N ARG G 315 -15.94 81.22 -48.21
CA ARG G 315 -17.36 81.75 -48.13
C ARG G 315 -17.60 82.50 -46.89
N GLY G 316 -16.60 82.53 -45.92
CA GLY G 316 -16.63 83.47 -44.78
C GLY G 316 -17.15 82.80 -43.49
N ILE G 317 -17.36 81.43 -43.50
CA ILE G 317 -18.14 80.70 -42.54
C ILE G 317 -17.15 80.11 -41.49
N LEU G 318 -17.42 80.20 -40.18
CA LEU G 318 -16.63 79.75 -39.08
C LEU G 318 -17.22 78.39 -38.67
N ALA G 319 -16.42 77.31 -38.86
CA ALA G 319 -16.84 75.96 -38.45
C ALA G 319 -16.08 75.39 -37.32
N VAL G 320 -16.86 74.61 -36.56
CA VAL G 320 -16.42 73.78 -35.40
C VAL G 320 -16.64 72.35 -35.75
N ARG G 321 -15.75 71.47 -35.25
CA ARG G 321 -15.90 70.04 -35.41
C ARG G 321 -16.55 69.36 -34.24
N ARG G 322 -16.11 68.19 -33.88
CA ARG G 322 -16.53 67.21 -32.88
C ARG G 322 -17.28 67.70 -31.63
N VAL G 323 -18.49 68.25 -31.73
CA VAL G 323 -19.33 68.40 -30.56
C VAL G 323 -20.05 67.11 -30.10
N LYS G 324 -19.95 66.95 -28.77
CA LYS G 324 -20.49 65.75 -28.12
C LYS G 324 -21.93 65.84 -27.80
N ARG G 325 -22.70 64.73 -27.79
CA ARG G 325 -24.25 64.68 -27.71
C ARG G 325 -24.96 65.53 -26.63
N SER G 326 -24.44 65.59 -25.47
CA SER G 326 -25.03 66.41 -24.39
C SER G 326 -24.94 67.91 -24.78
N ASP G 327 -23.77 68.41 -25.33
CA ASP G 327 -23.53 69.74 -25.79
C ASP G 327 -24.38 70.01 -27.03
N ILE G 328 -24.77 69.05 -27.87
CA ILE G 328 -25.55 69.29 -29.06
C ILE G 328 -26.98 69.56 -28.75
N GLU G 329 -27.45 68.86 -27.67
CA GLU G 329 -28.84 69.04 -27.14
C GLU G 329 -28.97 70.49 -26.59
N LYS G 330 -27.90 71.06 -25.99
CA LYS G 330 -27.86 72.43 -25.54
C LYS G 330 -27.77 73.33 -26.68
N LEU G 331 -27.06 72.94 -27.78
CA LEU G 331 -27.10 73.78 -29.00
C LEU G 331 -28.47 73.81 -29.71
N GLU G 332 -29.29 72.71 -29.76
CA GLU G 332 -30.68 72.66 -30.21
C GLU G 332 -31.54 73.60 -29.43
N LYS G 333 -31.77 73.26 -28.16
CA LYS G 333 -32.54 73.96 -27.19
C LYS G 333 -32.21 75.40 -26.94
N ALA G 334 -30.92 75.83 -26.91
CA ALA G 334 -30.65 77.23 -26.65
C ALA G 334 -30.65 78.17 -27.78
N LEU G 335 -30.40 77.69 -29.03
CA LEU G 335 -30.29 78.61 -30.17
C LEU G 335 -31.56 78.68 -31.07
N GLY G 336 -32.53 77.82 -30.74
CA GLY G 336 -33.63 77.61 -31.66
C GLY G 336 -33.30 77.09 -33.07
N ALA G 337 -32.22 76.32 -33.02
CA ALA G 337 -31.80 75.38 -34.08
C ALA G 337 -32.41 73.98 -33.83
N ARG G 338 -32.54 73.18 -34.93
CA ARG G 338 -33.32 71.95 -34.79
C ARG G 338 -32.65 70.88 -35.63
N ILE G 339 -31.34 71.07 -35.96
CA ILE G 339 -30.43 69.93 -36.05
C ILE G 339 -30.58 69.29 -37.41
N ILE G 340 -29.70 69.64 -38.29
CA ILE G 340 -29.84 69.18 -39.65
C ILE G 340 -29.22 67.84 -39.94
N SER G 341 -30.07 66.87 -40.14
CA SER G 341 -29.56 65.54 -40.60
C SER G 341 -28.85 65.54 -42.04
N SER G 342 -29.48 66.19 -43.10
CA SER G 342 -29.19 66.14 -44.60
C SER G 342 -28.83 67.56 -45.05
N ILE G 343 -27.53 67.88 -45.26
CA ILE G 343 -27.18 69.11 -45.99
C ILE G 343 -27.66 69.15 -47.39
N LYS G 344 -27.71 67.97 -48.06
CA LYS G 344 -28.09 67.75 -49.45
C LYS G 344 -29.51 68.33 -49.83
N ASP G 345 -30.56 68.16 -48.98
CA ASP G 345 -31.82 68.75 -49.16
C ASP G 345 -31.86 70.22 -48.88
N ALA G 346 -30.70 70.88 -48.46
CA ALA G 346 -30.50 72.24 -48.14
C ALA G 346 -31.36 72.71 -46.95
N THR G 347 -31.63 71.90 -45.89
CA THR G 347 -32.78 72.02 -45.06
C THR G 347 -32.91 73.30 -44.19
N PRO G 348 -33.84 74.19 -44.40
CA PRO G 348 -33.49 75.56 -44.66
C PRO G 348 -33.72 76.40 -43.41
N GLU G 349 -34.79 76.24 -42.56
CA GLU G 349 -35.06 77.03 -41.38
C GLU G 349 -34.91 76.16 -40.06
N ASP G 350 -34.13 75.08 -40.18
CA ASP G 350 -33.67 74.33 -39.00
C ASP G 350 -32.41 74.99 -38.31
N LEU G 351 -32.26 76.29 -38.45
CA LEU G 351 -31.12 77.17 -38.31
C LEU G 351 -31.24 77.86 -36.91
N GLY G 352 -30.16 78.07 -36.05
CA GLY G 352 -30.24 78.90 -34.83
C GLY G 352 -29.53 80.26 -34.88
N TYR G 353 -29.63 81.04 -33.80
CA TYR G 353 -29.23 82.43 -33.76
C TYR G 353 -28.52 82.80 -32.48
N ALA G 354 -27.37 83.43 -32.58
CA ALA G 354 -26.54 83.96 -31.48
C ALA G 354 -26.09 85.39 -31.73
N GLU G 355 -25.96 86.15 -30.65
CA GLU G 355 -25.37 87.51 -30.76
C GLU G 355 -23.90 87.42 -31.15
N LEU G 356 -23.15 86.47 -30.54
CA LEU G 356 -21.76 86.33 -30.94
C LEU G 356 -21.17 84.97 -30.66
N VAL G 357 -20.07 84.68 -31.34
CA VAL G 357 -19.30 83.44 -31.34
C VAL G 357 -17.94 83.86 -31.37
N GLU G 358 -17.14 83.47 -30.38
CA GLU G 358 -15.67 83.72 -30.48
C GLU G 358 -14.85 82.53 -30.01
N GLU G 359 -13.63 82.66 -30.47
CA GLU G 359 -12.49 81.89 -30.04
C GLU G 359 -11.70 82.60 -28.90
N ARG G 360 -11.44 81.84 -27.81
CA ARG G 360 -10.75 82.28 -26.67
C ARG G 360 -9.72 81.25 -26.21
N LYS G 361 -8.58 81.79 -25.75
CA LYS G 361 -7.77 80.87 -24.95
C LYS G 361 -8.16 80.89 -23.51
N VAL G 362 -8.43 79.69 -22.87
CA VAL G 362 -8.61 79.59 -21.38
C VAL G 362 -7.54 78.63 -21.02
N GLY G 363 -6.55 78.92 -20.11
CA GLY G 363 -5.49 77.99 -19.70
C GLY G 363 -4.59 78.03 -20.90
N ASN G 364 -4.14 76.87 -21.37
CA ASN G 364 -3.43 76.90 -22.59
C ASN G 364 -4.36 76.63 -23.85
N ASP G 365 -5.52 76.03 -23.62
CA ASP G 365 -6.40 75.55 -24.64
C ASP G 365 -7.24 76.66 -25.25
N LYS G 366 -7.51 76.54 -26.59
CA LYS G 366 -8.50 77.22 -27.40
C LYS G 366 -9.77 76.57 -27.10
N MET G 367 -10.77 77.42 -27.25
CA MET G 367 -12.12 77.09 -26.90
C MET G 367 -13.03 78.05 -27.66
N VAL G 368 -14.27 77.63 -28.10
CA VAL G 368 -15.26 78.36 -28.89
C VAL G 368 -16.33 78.67 -27.84
N PHE G 369 -16.66 79.96 -27.68
CA PHE G 369 -17.68 80.35 -26.72
C PHE G 369 -18.71 80.90 -27.54
N ILE G 370 -19.96 80.37 -27.30
CA ILE G 370 -21.18 80.79 -27.89
C ILE G 370 -22.00 81.53 -26.91
N GLU G 371 -22.43 82.80 -27.12
CA GLU G 371 -23.17 83.51 -26.16
C GLU G 371 -24.15 84.54 -26.74
N GLY G 372 -25.10 84.92 -25.96
CA GLY G 372 -26.20 85.86 -26.35
C GLY G 372 -27.34 85.01 -26.80
N ALA G 373 -27.86 84.20 -25.88
CA ALA G 373 -28.78 83.08 -26.26
C ALA G 373 -30.03 83.43 -25.48
N LYS G 374 -31.19 83.59 -26.21
CA LYS G 374 -32.39 84.10 -25.57
C LYS G 374 -33.02 83.33 -24.44
N ASN G 375 -33.06 84.00 -23.25
CA ASN G 375 -33.81 83.59 -22.04
C ASN G 375 -33.27 82.31 -21.49
N PRO G 376 -32.02 82.24 -21.00
CA PRO G 376 -31.37 81.05 -20.67
C PRO G 376 -32.12 80.08 -19.75
N LYS G 377 -32.32 78.90 -20.21
CA LYS G 377 -32.62 77.76 -19.42
C LYS G 377 -31.48 76.81 -19.26
N ALA G 378 -30.59 76.87 -20.29
CA ALA G 378 -29.33 76.21 -20.45
C ALA G 378 -28.21 77.25 -20.44
N VAL G 379 -27.35 77.15 -19.37
CA VAL G 379 -26.29 78.08 -19.08
C VAL G 379 -25.03 77.19 -18.98
N ASN G 380 -23.80 77.81 -19.16
CA ASN G 380 -22.55 77.17 -19.12
C ASN G 380 -21.80 77.94 -18.11
N ILE G 381 -21.14 77.24 -17.27
CA ILE G 381 -20.43 77.86 -16.15
C ILE G 381 -19.05 77.55 -16.46
N LEU G 382 -18.28 78.62 -16.41
CA LEU G 382 -16.87 78.38 -16.59
C LEU G 382 -16.29 78.49 -15.16
N LEU G 383 -15.60 77.46 -14.64
CA LEU G 383 -15.00 77.34 -13.30
C LEU G 383 -13.46 77.33 -13.21
N ARG G 384 -12.78 78.38 -12.78
CA ARG G 384 -11.35 78.43 -12.70
C ARG G 384 -10.84 78.04 -11.30
N GLY G 385 -9.61 77.54 -11.30
CA GLY G 385 -8.92 77.13 -10.13
C GLY G 385 -7.46 77.50 -10.38
N SER G 386 -6.61 77.50 -9.38
CA SER G 386 -5.21 77.83 -9.53
C SER G 386 -4.32 76.74 -10.07
N ASN G 387 -4.37 75.50 -9.49
CA ASN G 387 -3.95 74.19 -10.08
C ASN G 387 -5.02 73.22 -10.41
N ASP G 388 -5.01 71.95 -9.88
CA ASP G 388 -5.88 70.97 -10.34
C ASP G 388 -6.50 70.15 -9.15
N MET G 389 -5.88 69.80 -8.01
CA MET G 389 -6.54 69.02 -6.96
C MET G 389 -7.57 69.90 -6.28
N ALA G 390 -7.31 71.22 -6.10
CA ALA G 390 -8.15 72.05 -5.36
C ALA G 390 -9.34 72.53 -6.26
N LEU G 391 -9.25 72.40 -7.59
CA LEU G 391 -10.31 72.75 -8.60
C LEU G 391 -11.21 71.53 -8.84
N ASP G 392 -10.62 70.27 -8.99
CA ASP G 392 -11.41 69.00 -9.08
C ASP G 392 -12.29 68.90 -7.82
N GLU G 393 -11.74 69.18 -6.65
CA GLU G 393 -12.57 69.24 -5.43
C GLU G 393 -13.64 70.38 -5.30
N ALA G 394 -13.32 71.56 -5.81
CA ALA G 394 -14.24 72.61 -5.96
C ALA G 394 -15.37 72.38 -6.96
N GLU G 395 -15.17 71.56 -8.02
CA GLU G 395 -16.20 71.10 -8.90
C GLU G 395 -17.16 70.15 -8.19
N ARG G 396 -16.63 69.16 -7.40
CA ARG G 396 -17.38 68.26 -6.60
C ARG G 396 -18.26 68.92 -5.57
N SER G 397 -17.78 69.88 -4.78
CA SER G 397 -18.52 70.65 -3.84
C SER G 397 -19.67 71.41 -4.48
N ILE G 398 -19.40 72.00 -5.70
CA ILE G 398 -20.48 72.75 -6.42
C ILE G 398 -21.60 71.84 -6.79
N ASN G 399 -21.34 70.63 -7.30
CA ASN G 399 -22.32 69.60 -7.63
C ASN G 399 -23.18 69.35 -6.39
N ASP G 400 -22.61 68.80 -5.28
CA ASP G 400 -23.33 68.49 -4.03
C ASP G 400 -24.23 69.63 -3.51
N ALA G 401 -23.77 70.90 -3.67
CA ALA G 401 -24.50 72.13 -3.34
C ALA G 401 -25.67 72.38 -4.25
N LEU G 402 -25.56 72.00 -5.52
CA LEU G 402 -26.58 71.89 -6.49
C LEU G 402 -27.62 70.77 -6.29
N TYR G 403 -27.22 69.53 -5.86
CA TYR G 403 -28.07 68.41 -5.53
C TYR G 403 -28.87 68.87 -4.35
N SER G 404 -28.25 69.70 -3.42
CA SER G 404 -28.99 70.24 -2.29
C SER G 404 -30.00 71.36 -2.64
N LEU G 405 -29.66 72.28 -3.56
CA LEU G 405 -30.46 73.45 -3.97
C LEU G 405 -31.63 72.95 -4.83
N ARG G 406 -31.54 71.87 -5.61
CA ARG G 406 -32.63 71.29 -6.36
C ARG G 406 -33.67 70.65 -5.34
N ASN G 407 -33.30 70.20 -4.13
CA ASN G 407 -34.27 69.85 -3.10
C ASN G 407 -34.89 71.01 -2.26
N ILE G 408 -34.13 72.07 -1.89
CA ILE G 408 -34.76 73.13 -1.23
C ILE G 408 -35.70 73.95 -2.17
N LEU G 409 -35.36 74.19 -3.46
CA LEU G 409 -36.21 74.77 -4.48
C LEU G 409 -37.41 73.87 -4.77
N MET G 410 -37.38 72.48 -4.88
CA MET G 410 -38.57 71.61 -5.16
C MET G 410 -39.33 71.35 -3.89
N GLU G 411 -38.93 71.80 -2.65
CA GLU G 411 -39.85 71.95 -1.58
C GLU G 411 -39.51 73.13 -0.60
N PRO G 412 -40.32 74.18 -0.27
CA PRO G 412 -40.11 75.28 0.73
C PRO G 412 -40.03 74.89 2.22
N TYR G 413 -40.05 73.51 2.53
CA TYR G 413 -40.01 73.02 3.85
C TYR G 413 -38.76 72.37 4.01
N ILE G 414 -38.19 72.60 5.26
CA ILE G 414 -36.87 72.13 5.64
C ILE G 414 -37.09 71.46 6.95
N VAL G 415 -36.19 70.61 7.35
CA VAL G 415 -36.23 69.86 8.57
C VAL G 415 -34.88 69.93 9.32
N PRO G 416 -34.87 69.89 10.60
CA PRO G 416 -33.64 69.88 11.32
C PRO G 416 -33.50 68.47 11.85
N GLY G 417 -33.28 67.48 10.89
CA GLY G 417 -33.17 66.08 10.97
C GLY G 417 -31.79 65.71 11.52
N GLY G 418 -31.62 64.44 12.01
CA GLY G 418 -30.40 64.15 12.76
C GLY G 418 -30.51 64.46 14.22
N GLY G 419 -31.69 64.75 14.74
CA GLY G 419 -31.84 64.85 16.21
C GLY G 419 -33.20 65.26 16.70
N ALA G 420 -33.87 66.11 15.87
CA ALA G 420 -35.05 66.75 16.40
C ALA G 420 -36.26 65.98 15.96
N ILE G 421 -36.40 65.94 14.65
CA ILE G 421 -37.42 65.19 13.87
C ILE G 421 -37.66 63.75 14.32
N GLU G 422 -36.68 62.91 14.44
CA GLU G 422 -36.71 61.59 14.82
C GLU G 422 -37.19 61.46 16.26
N LEU G 423 -36.60 62.21 17.20
CA LEU G 423 -37.01 62.17 18.63
C LEU G 423 -38.42 62.54 18.86
N GLU G 424 -38.91 63.53 18.11
CA GLU G 424 -40.30 64.00 18.04
C GLU G 424 -41.26 63.04 17.41
N LEU G 425 -40.83 62.28 16.43
CA LEU G 425 -41.59 61.16 15.93
C LEU G 425 -41.69 60.04 16.97
N SER G 426 -40.56 59.74 17.61
CA SER G 426 -40.43 58.65 18.57
C SER G 426 -41.32 58.84 19.80
N ALA G 427 -41.47 60.05 20.25
CA ALA G 427 -42.40 60.36 21.29
C ALA G 427 -43.88 60.46 20.89
N ARG G 428 -44.26 60.99 19.72
CA ARG G 428 -45.62 60.97 19.16
C ARG G 428 -46.04 59.50 18.81
N LEU G 429 -45.16 58.58 18.33
CA LEU G 429 -45.54 57.24 18.15
C LEU G 429 -45.72 56.49 19.50
N ARG G 430 -44.86 56.78 20.54
CA ARG G 430 -45.10 56.22 21.84
C ARG G 430 -46.05 57.06 22.66
N GLU G 431 -47.26 57.18 22.16
CA GLU G 431 -48.41 57.84 22.67
C GLU G 431 -49.57 57.44 21.79
N TYR G 432 -49.39 57.50 20.45
CA TYR G 432 -50.23 56.90 19.44
C TYR G 432 -50.35 55.42 19.55
N ALA G 433 -49.29 54.71 19.37
CA ALA G 433 -49.19 53.25 19.56
C ALA G 433 -49.74 52.70 20.91
N ARG G 434 -49.75 53.57 21.98
CA ARG G 434 -50.51 53.34 23.22
C ARG G 434 -52.01 53.35 23.10
N SER G 435 -52.63 54.35 22.47
CA SER G 435 -54.01 54.41 22.10
C SER G 435 -54.43 53.44 20.94
N VAL G 436 -53.47 53.00 20.12
CA VAL G 436 -53.67 52.00 19.01
C VAL G 436 -53.58 50.59 19.50
N GLY G 437 -54.43 49.71 18.98
CA GLY G 437 -54.60 48.25 19.33
C GLY G 437 -53.97 47.30 18.39
N GLY G 438 -54.24 46.00 18.69
CA GLY G 438 -53.64 44.90 17.94
C GLY G 438 -52.15 44.69 17.98
N LYS G 439 -51.66 43.69 17.23
CA LYS G 439 -50.22 43.52 17.07
C LYS G 439 -49.64 44.49 15.97
N GLU G 440 -50.45 45.35 15.43
CA GLU G 440 -50.02 46.50 14.75
C GLU G 440 -49.58 47.59 15.75
N GLN G 441 -49.93 47.58 17.10
CA GLN G 441 -49.42 48.65 18.01
C GLN G 441 -47.95 48.32 18.30
N LEU G 442 -47.58 46.99 18.37
CA LEU G 442 -46.26 46.55 18.60
C LEU G 442 -45.27 46.85 17.46
N ALA G 443 -45.77 46.69 16.23
CA ALA G 443 -45.05 47.10 14.99
C ALA G 443 -44.82 48.60 14.89
N ILE G 444 -45.83 49.44 15.32
CA ILE G 444 -45.56 50.82 15.36
C ILE G 444 -44.41 51.18 16.28
N GLU G 445 -44.32 50.56 17.50
CA GLU G 445 -43.29 50.73 18.48
C GLU G 445 -41.89 50.21 18.22
N ALA G 446 -41.78 49.28 17.20
CA ALA G 446 -40.54 48.86 16.61
C ALA G 446 -40.10 49.86 15.58
N TYR G 447 -41.05 50.61 14.98
CA TYR G 447 -40.69 51.71 14.06
C TYR G 447 -40.15 52.90 14.83
N ALA G 448 -40.69 53.18 16.00
CA ALA G 448 -40.19 54.22 16.90
C ALA G 448 -38.82 53.86 17.34
N ASP G 449 -38.57 52.58 17.63
CA ASP G 449 -37.31 51.98 18.02
C ASP G 449 -36.29 52.11 16.95
N ALA G 450 -36.60 51.99 15.61
CA ALA G 450 -35.66 52.25 14.54
C ALA G 450 -35.26 53.68 14.54
N LEU G 451 -36.13 54.65 14.80
CA LEU G 451 -35.75 56.05 14.94
C LEU G 451 -34.68 56.36 16.02
N GLU G 452 -34.82 55.68 17.17
CA GLU G 452 -33.71 55.70 18.16
C GLU G 452 -32.38 55.10 17.74
N GLU G 453 -32.25 54.32 16.66
CA GLU G 453 -30.97 53.83 16.24
C GLU G 453 -30.21 54.79 15.37
N ILE G 454 -30.77 55.89 14.86
CA ILE G 454 -30.27 57.02 14.09
C ILE G 454 -29.68 58.04 15.12
N PRO G 455 -28.92 59.18 14.88
CA PRO G 455 -28.73 60.11 15.99
C PRO G 455 -27.48 59.89 16.89
N MET G 456 -27.36 58.69 17.43
CA MET G 456 -26.35 58.35 18.35
C MET G 456 -25.12 57.86 17.64
N ILE G 457 -25.25 57.43 16.44
CA ILE G 457 -24.21 56.92 15.55
C ILE G 457 -23.55 58.20 15.02
N LEU G 458 -24.31 59.27 14.81
CA LEU G 458 -23.66 60.53 14.49
C LEU G 458 -22.78 61.03 15.70
N ALA G 459 -23.25 60.88 16.93
CA ALA G 459 -22.41 61.29 18.05
C ALA G 459 -21.15 60.45 18.27
N GLU G 460 -21.13 59.17 17.92
CA GLU G 460 -19.95 58.26 18.03
C GLU G 460 -18.92 58.63 16.93
N THR G 461 -19.39 58.94 15.73
CA THR G 461 -18.64 59.54 14.64
C THR G 461 -17.96 60.83 14.98
N ALA G 462 -18.69 61.72 15.80
CA ALA G 462 -18.17 62.95 16.30
C ALA G 462 -17.12 62.83 17.46
N GLY G 463 -16.87 61.53 17.93
CA GLY G 463 -15.82 61.15 18.88
C GLY G 463 -16.39 60.91 20.21
N LEU G 464 -17.75 60.89 20.42
CA LEU G 464 -18.45 60.81 21.71
C LEU G 464 -18.97 59.40 21.98
N GLU G 465 -19.87 59.21 22.94
CA GLU G 465 -20.47 57.86 23.26
C GLU G 465 -21.80 57.72 22.67
N PRO G 466 -22.30 56.58 22.02
CA PRO G 466 -23.66 56.60 21.55
C PRO G 466 -24.70 56.48 22.66
N ILE G 467 -24.62 55.50 23.61
CA ILE G 467 -25.67 55.46 24.63
C ILE G 467 -25.72 56.64 25.52
N SER G 468 -24.55 57.20 25.88
CA SER G 468 -24.73 58.34 26.75
C SER G 468 -25.30 59.53 26.00
N ALA G 469 -24.94 59.70 24.72
CA ALA G 469 -25.44 60.86 24.00
C ALA G 469 -26.96 60.70 23.71
N LEU G 470 -27.48 59.52 23.38
CA LEU G 470 -28.92 59.35 23.16
C LEU G 470 -29.75 59.54 24.46
N MET G 471 -29.30 59.03 25.61
CA MET G 471 -29.98 59.22 26.86
C MET G 471 -29.95 60.63 27.34
N ASP G 472 -28.89 61.39 26.97
CA ASP G 472 -28.76 62.81 27.35
C ASP G 472 -29.59 63.70 26.46
N LEU G 473 -29.83 63.30 25.25
CA LEU G 473 -30.76 64.06 24.33
C LEU G 473 -32.18 63.82 24.67
N ARG G 474 -32.47 62.57 25.13
CA ARG G 474 -33.73 62.03 25.59
C ARG G 474 -34.14 62.86 26.82
N ALA G 475 -33.18 63.12 27.76
CA ALA G 475 -33.49 63.94 28.92
C ALA G 475 -33.66 65.44 28.64
N ARG G 476 -32.86 65.97 27.70
CA ARG G 476 -32.85 67.39 27.25
C ARG G 476 -34.07 67.74 26.35
N HIS G 477 -34.63 66.80 25.57
CA HIS G 477 -35.79 67.01 24.69
C HIS G 477 -37.11 66.99 25.56
N ALA G 478 -37.05 66.67 26.87
CA ALA G 478 -38.21 66.40 27.68
C ALA G 478 -38.34 67.47 28.72
N LYS G 479 -37.21 67.85 29.41
CA LYS G 479 -37.22 68.87 30.37
C LYS G 479 -36.94 70.20 29.74
N GLY G 480 -36.04 70.25 28.75
CA GLY G 480 -35.94 71.44 27.90
C GLY G 480 -36.87 71.44 26.72
N LEU G 481 -36.41 71.90 25.51
CA LEU G 481 -37.27 72.17 24.33
C LEU G 481 -36.92 71.13 23.30
N THR G 482 -37.73 70.94 22.26
CA THR G 482 -37.59 69.80 21.34
C THR G 482 -36.75 70.06 20.12
N ASN G 483 -35.97 71.07 20.09
CA ASN G 483 -35.07 71.46 18.93
C ASN G 483 -33.63 71.21 19.12
N CYS G 484 -33.25 70.45 20.12
CA CYS G 484 -31.90 70.21 20.53
C CYS G 484 -31.31 69.04 19.68
N GLY G 485 -29.97 69.23 19.40
CA GLY G 485 -29.05 68.30 18.64
C GLY G 485 -27.71 68.26 19.39
N VAL G 486 -26.75 67.64 18.66
CA VAL G 486 -25.35 67.59 19.03
C VAL G 486 -24.45 68.26 18.01
N ASP G 487 -23.49 69.08 18.45
CA ASP G 487 -22.52 69.78 17.58
C ASP G 487 -21.40 68.65 17.19
N VAL G 488 -21.05 68.38 15.92
CA VAL G 488 -19.87 67.59 15.59
C VAL G 488 -18.62 68.33 15.48
N ILE G 489 -18.54 69.62 15.32
CA ILE G 489 -17.33 70.45 15.22
C ILE G 489 -16.94 70.84 16.65
N ASN G 490 -17.90 71.37 17.51
CA ASN G 490 -17.69 71.51 18.99
C ASN G 490 -17.68 70.22 19.82
N GLY G 491 -18.44 69.19 19.38
CA GLY G 491 -18.55 67.95 20.14
C GLY G 491 -19.57 67.86 21.25
N LYS G 492 -20.58 68.84 21.33
CA LYS G 492 -21.38 68.83 22.60
C LYS G 492 -22.83 69.07 22.20
N ILE G 493 -23.78 68.31 22.82
CA ILE G 493 -25.21 68.66 22.97
C ILE G 493 -25.53 70.20 22.97
N ILE G 494 -26.46 70.61 22.14
CA ILE G 494 -26.69 72.07 21.73
C ILE G 494 -28.25 72.14 21.45
N ASP G 495 -28.91 73.20 22.00
CA ASP G 495 -30.32 73.50 21.61
C ASP G 495 -30.39 74.32 20.32
N ASP G 496 -31.56 74.50 19.59
CA ASP G 496 -31.66 75.02 18.32
C ASP G 496 -30.68 74.65 17.27
N ILE G 497 -30.68 73.34 16.86
CA ILE G 497 -29.63 72.92 15.99
C ILE G 497 -29.57 73.52 14.58
N TYR G 498 -30.78 74.03 14.11
CA TYR G 498 -30.82 74.94 12.95
C TYR G 498 -30.02 76.32 13.10
N SER G 499 -29.91 76.84 14.32
CA SER G 499 -29.14 78.02 14.53
C SER G 499 -27.67 77.70 14.44
N ILE G 500 -27.30 76.42 14.53
CA ILE G 500 -25.92 75.96 14.33
C ILE G 500 -25.60 75.70 12.77
N ASN G 501 -26.62 76.05 11.95
CA ASN G 501 -26.59 75.97 10.57
C ASN G 501 -26.87 74.68 10.01
N VAL G 502 -27.36 73.75 10.84
CA VAL G 502 -27.51 72.38 10.38
C VAL G 502 -29.05 72.21 10.07
N VAL G 503 -29.37 72.14 8.72
CA VAL G 503 -30.65 71.74 8.17
C VAL G 503 -30.49 70.98 6.90
N GLU G 504 -31.51 70.17 6.60
CA GLU G 504 -31.75 69.30 5.45
C GLU G 504 -33.00 69.88 4.78
N PRO G 505 -33.17 69.98 3.46
CA PRO G 505 -34.45 69.99 2.82
C PRO G 505 -35.33 68.78 3.05
N ILE G 506 -36.65 68.96 3.44
CA ILE G 506 -37.63 67.93 3.65
C ILE G 506 -37.64 66.90 2.55
N ARG G 507 -37.35 67.28 1.31
CA ARG G 507 -37.36 66.33 0.21
C ARG G 507 -36.10 65.38 0.22
N VAL G 508 -34.95 65.68 0.92
CA VAL G 508 -33.92 64.67 1.04
C VAL G 508 -34.18 63.65 2.04
N THR G 509 -34.85 64.02 3.10
CA THR G 509 -35.15 63.12 4.18
C THR G 509 -36.33 62.24 3.82
N ARG G 510 -37.50 62.82 3.45
CA ARG G 510 -38.66 62.12 3.02
C ARG G 510 -38.47 61.02 1.87
N GLN G 511 -37.65 61.23 0.80
CA GLN G 511 -37.31 60.28 -0.19
C GLN G 511 -36.48 59.17 0.24
N VAL G 512 -35.55 59.42 1.18
CA VAL G 512 -34.58 58.37 1.72
C VAL G 512 -35.22 57.51 2.79
N LEU G 513 -36.30 57.94 3.47
CA LEU G 513 -37.14 57.11 4.27
C LEU G 513 -38.16 56.27 3.44
N LYS G 514 -38.63 56.87 2.27
CA LYS G 514 -39.49 56.15 1.29
C LYS G 514 -38.71 54.96 0.70
N SER G 515 -37.42 55.20 0.28
CA SER G 515 -36.74 54.15 -0.54
C SER G 515 -36.09 53.03 0.34
N ALA G 516 -35.86 53.33 1.65
CA ALA G 516 -35.50 52.30 2.61
C ALA G 516 -36.73 51.48 3.07
N THR G 517 -37.88 52.14 3.24
CA THR G 517 -39.15 51.40 3.62
C THR G 517 -39.73 50.56 2.54
N GLU G 518 -39.34 50.84 1.28
CA GLU G 518 -39.87 50.15 0.12
C GLU G 518 -39.14 48.79 0.05
N ALA G 519 -37.78 48.92 0.30
CA ALA G 519 -36.75 47.85 0.28
C ALA G 519 -37.00 46.87 1.41
N ALA G 520 -37.33 47.39 2.60
CA ALA G 520 -37.58 46.58 3.80
C ALA G 520 -38.92 45.88 3.69
N THR G 521 -39.92 46.53 3.04
CA THR G 521 -41.27 45.97 2.94
C THR G 521 -41.16 44.85 1.95
N SER G 522 -40.31 45.10 0.92
CA SER G 522 -40.08 44.04 -0.04
C SER G 522 -39.28 42.88 0.52
N ILE G 523 -38.27 43.03 1.36
CA ILE G 523 -37.69 41.82 1.86
C ILE G 523 -38.59 41.11 2.88
N MET G 524 -39.55 41.79 3.59
CA MET G 524 -40.50 41.10 4.41
C MET G 524 -41.52 40.40 3.57
N LYS G 525 -41.95 40.86 2.36
CA LYS G 525 -42.99 40.36 1.61
C LYS G 525 -42.55 39.18 0.71
N ILE G 526 -41.27 38.76 0.73
CA ILE G 526 -40.67 37.80 -0.32
C ILE G 526 -40.19 36.59 0.40
N ASP G 527 -40.55 35.40 -0.05
CA ASP G 527 -40.14 34.18 0.60
C ASP G 527 -39.88 33.13 -0.51
N ASP G 528 -39.06 32.11 -0.30
CA ASP G 528 -38.70 31.09 -1.26
C ASP G 528 -37.65 31.57 -2.33
N LEU G 529 -36.84 30.66 -2.87
CA LEU G 529 -35.70 31.00 -3.76
C LEU G 529 -35.56 29.74 -4.65
N ILE G 530 -35.85 29.91 -5.89
CA ILE G 530 -35.84 28.81 -6.84
C ILE G 530 -34.90 29.23 -7.95
N ALA G 531 -33.81 28.39 -8.11
CA ALA G 531 -32.62 28.78 -8.89
C ALA G 531 -32.24 27.82 -9.98
N ALA G 532 -32.01 28.35 -11.16
CA ALA G 532 -31.74 27.61 -12.32
C ALA G 532 -30.26 27.68 -12.59
N THR H 14 -11.58 34.52 0.93
CA THR H 14 -12.05 35.86 0.77
C THR H 14 -11.43 36.46 1.94
N SER H 15 -10.47 37.42 1.82
CA SER H 15 -9.74 37.97 2.91
C SER H 15 -10.60 39.07 3.58
N ARG H 16 -10.98 38.95 4.93
CA ARG H 16 -11.66 39.88 5.69
C ARG H 16 -10.78 40.62 6.62
N ASN H 17 -11.29 41.73 7.17
CA ASN H 17 -10.55 42.59 8.07
C ASN H 17 -11.61 43.22 9.01
N SER H 18 -11.37 43.35 10.34
CA SER H 18 -12.37 44.03 11.16
C SER H 18 -11.75 44.55 12.42
N GLY H 19 -12.22 45.68 12.92
CA GLY H 19 -11.76 46.04 14.26
C GLY H 19 -10.42 46.71 14.42
N ARG H 20 -9.97 47.61 13.49
CA ARG H 20 -8.58 48.17 13.39
C ARG H 20 -7.52 47.31 12.73
N ASP H 21 -7.95 46.13 12.15
CA ASP H 21 -7.04 45.15 11.60
C ASP H 21 -6.32 45.75 10.38
N ALA H 22 -7.09 46.24 9.44
CA ALA H 22 -6.69 46.96 8.26
C ALA H 22 -5.77 48.09 8.55
N LEU H 23 -6.03 48.80 9.65
CA LEU H 23 -5.17 49.84 10.14
C LEU H 23 -3.81 49.37 10.72
N LYS H 24 -3.87 48.27 11.50
CA LYS H 24 -2.67 47.65 12.08
C LYS H 24 -1.69 47.05 11.03
N ASN H 25 -2.25 46.58 9.86
CA ASN H 25 -1.56 45.90 8.69
C ASN H 25 -0.99 47.01 7.88
N ASN H 26 -1.68 48.20 7.92
CA ASN H 26 -1.18 49.37 7.27
C ASN H 26 -0.22 50.22 8.05
N ILE H 27 -0.19 50.17 9.40
CA ILE H 27 0.87 50.74 10.26
C ILE H 27 2.02 49.83 10.06
N LEU H 28 1.82 48.51 10.05
CA LEU H 28 2.94 47.55 10.04
C LEU H 28 3.82 47.77 8.75
N ALA H 29 3.21 47.89 7.61
CA ALA H 29 3.76 48.08 6.29
C ALA H 29 4.57 49.44 6.23
N ALA H 30 3.95 50.49 6.66
CA ALA H 30 4.46 51.80 6.72
C ALA H 30 5.66 51.98 7.69
N ARG H 31 5.72 51.08 8.72
CA ARG H 31 6.87 51.01 9.62
C ARG H 31 8.02 50.23 8.96
N THR H 32 7.59 49.21 8.19
CA THR H 32 8.63 48.31 7.57
C THR H 32 9.40 49.02 6.52
N LEU H 33 8.64 49.80 5.69
CA LEU H 33 9.24 50.67 4.66
C LEU H 33 10.12 51.70 5.30
N ALA H 34 9.66 52.30 6.44
CA ALA H 34 10.35 53.29 7.19
C ALA H 34 11.65 52.78 7.91
N GLU H 35 11.67 51.63 8.59
CA GLU H 35 12.81 51.13 9.29
C GLU H 35 13.90 50.65 8.34
N MET H 36 13.50 50.50 7.01
CA MET H 36 14.43 50.25 6.01
C MET H 36 15.01 51.51 5.37
N LEU H 37 14.15 52.51 5.13
CA LEU H 37 14.65 53.81 4.71
C LEU H 37 15.36 54.67 5.82
N ARG H 38 15.13 54.37 7.09
CA ARG H 38 15.71 54.99 8.20
C ARG H 38 17.19 54.69 8.38
N SER H 39 17.66 53.54 7.93
CA SER H 39 19.03 53.35 7.90
C SER H 39 19.82 54.21 6.99
N SER H 40 19.17 54.70 5.95
CA SER H 40 19.74 55.68 4.96
C SER H 40 19.55 57.15 5.26
N LEU H 41 18.69 57.49 6.28
CA LEU H 41 18.20 58.84 6.53
C LEU H 41 19.19 59.92 6.70
N GLY H 42 20.19 59.87 7.54
CA GLY H 42 21.18 60.91 7.75
C GLY H 42 22.26 60.95 6.72
N PRO H 43 23.20 61.94 6.95
CA PRO H 43 24.25 62.20 5.90
C PRO H 43 25.32 61.24 5.99
N LYS H 44 25.41 60.59 7.08
CA LYS H 44 26.25 59.43 7.26
C LYS H 44 25.64 58.07 7.04
N GLY H 45 24.39 57.98 6.54
CA GLY H 45 23.59 56.75 6.48
C GLY H 45 24.08 55.75 5.47
N LEU H 46 23.29 54.66 5.50
CA LEU H 46 23.64 53.44 4.80
C LEU H 46 22.98 53.37 3.49
N ASP H 47 23.40 52.48 2.67
CA ASP H 47 22.97 52.24 1.27
C ASP H 47 22.25 50.89 1.16
N LYS H 48 21.29 50.76 0.29
CA LYS H 48 20.63 49.51 0.06
C LYS H 48 21.10 48.81 -1.22
N MET H 49 20.79 47.47 -1.42
CA MET H 49 21.09 46.88 -2.71
C MET H 49 19.95 46.26 -3.38
N LEU H 50 19.73 46.58 -4.62
CA LEU H 50 18.46 46.25 -5.30
C LEU H 50 18.77 45.68 -6.69
N ILE H 51 18.45 44.37 -6.87
CA ILE H 51 18.68 43.66 -8.12
C ILE H 51 17.32 43.49 -8.81
N ASP H 52 17.36 43.77 -10.14
CA ASP H 52 16.25 43.89 -11.05
C ASP H 52 15.80 42.54 -11.63
N SER H 53 14.71 42.72 -12.42
CA SER H 53 13.98 41.81 -13.30
C SER H 53 14.94 41.55 -14.45
N PHE H 54 15.67 42.58 -14.97
CA PHE H 54 16.67 42.29 -16.00
C PHE H 54 18.07 42.01 -15.41
N GLY H 55 18.18 41.76 -14.10
CA GLY H 55 19.44 41.27 -13.53
C GLY H 55 20.46 42.45 -13.37
N ASP H 56 20.00 43.78 -13.71
CA ASP H 56 20.80 44.95 -13.42
C ASP H 56 20.91 45.22 -11.94
N VAL H 57 22.04 45.39 -11.31
CA VAL H 57 22.25 45.62 -9.85
C VAL H 57 22.21 47.17 -9.67
N THR H 58 21.59 47.65 -8.57
CA THR H 58 21.49 49.13 -8.26
C THR H 58 21.72 49.34 -6.78
N ILE H 59 22.78 50.16 -6.41
CA ILE H 59 23.08 50.54 -5.03
C ILE H 59 22.82 52.05 -4.84
N THR H 60 21.92 52.44 -3.96
CA THR H 60 21.68 53.82 -3.53
C THR H 60 21.23 53.95 -2.07
N ASN H 61 21.26 55.13 -1.44
CA ASN H 61 20.68 55.54 -0.12
C ASN H 61 19.54 56.57 -0.23
N ASP H 62 19.16 56.97 -1.48
CA ASP H 62 18.03 57.77 -1.88
C ASP H 62 16.63 57.12 -1.78
N GLY H 63 15.62 57.91 -1.34
CA GLY H 63 14.36 57.34 -0.96
C GLY H 63 13.34 57.27 -2.01
N ALA H 64 13.47 58.16 -3.05
CA ALA H 64 12.58 58.16 -4.12
C ALA H 64 13.11 57.09 -5.10
N THR H 65 14.45 56.81 -5.11
CA THR H 65 15.10 55.77 -5.85
C THR H 65 14.84 54.42 -5.18
N ILE H 66 14.96 54.23 -3.83
CA ILE H 66 14.79 52.91 -3.28
C ILE H 66 13.30 52.42 -3.46
N VAL H 67 12.29 53.33 -3.32
CA VAL H 67 10.87 52.91 -3.65
C VAL H 67 10.66 52.57 -5.10
N LYS H 68 11.18 53.38 -6.12
CA LYS H 68 11.15 52.97 -7.56
C LYS H 68 11.91 51.65 -7.93
N GLU H 69 13.13 51.39 -7.45
CA GLU H 69 13.93 50.17 -7.73
C GLU H 69 13.28 48.90 -7.01
N MET H 70 12.17 49.14 -6.35
CA MET H 70 11.63 48.10 -5.43
C MET H 70 10.26 47.62 -5.80
N GLU H 71 9.87 46.40 -5.44
CA GLU H 71 8.53 45.90 -5.66
C GLU H 71 7.71 46.18 -4.37
N ILE H 72 6.61 46.91 -4.57
CA ILE H 72 5.87 47.42 -3.41
C ILE H 72 4.61 46.65 -3.27
N GLN H 73 4.42 45.96 -2.14
CA GLN H 73 3.43 44.86 -2.18
C GLN H 73 2.32 45.04 -1.20
N HIS H 74 2.50 45.88 -0.17
CA HIS H 74 1.45 46.20 0.80
C HIS H 74 0.75 47.56 0.53
N PRO H 75 -0.59 47.71 0.24
CA PRO H 75 -1.21 48.96 -0.24
C PRO H 75 -1.01 50.26 0.40
N ALA H 76 -0.83 50.28 1.72
CA ALA H 76 -0.58 51.61 2.31
C ALA H 76 0.84 52.14 2.03
N ALA H 77 1.77 51.22 1.74
CA ALA H 77 3.12 51.51 1.28
C ALA H 77 3.05 51.83 -0.28
N LYS H 78 2.04 51.31 -1.04
CA LYS H 78 1.84 51.68 -2.42
C LYS H 78 1.36 53.14 -2.57
N LEU H 79 0.52 53.63 -1.64
CA LEU H 79 0.10 55.02 -1.47
C LEU H 79 1.27 55.91 -1.19
N LEU H 80 2.16 55.45 -0.28
CA LEU H 80 3.41 56.20 0.21
C LEU H 80 4.43 56.49 -0.90
N VAL H 81 4.56 55.65 -1.93
CA VAL H 81 5.35 55.99 -3.11
C VAL H 81 4.87 57.21 -3.83
N GLU H 82 3.66 57.55 -4.06
CA GLU H 82 3.25 58.86 -4.67
C GLU H 82 3.54 60.03 -3.78
N ALA H 83 3.64 59.87 -2.45
CA ALA H 83 4.00 60.89 -1.44
C ALA H 83 5.53 61.24 -1.52
N ALA H 84 6.40 60.24 -1.79
CA ALA H 84 7.77 60.24 -2.02
C ALA H 84 8.10 61.06 -3.24
N LYS H 85 7.56 60.62 -4.38
CA LYS H 85 7.41 61.27 -5.65
C LYS H 85 7.14 62.79 -5.61
N ALA H 86 6.06 63.24 -4.97
CA ALA H 86 5.67 64.66 -4.90
C ALA H 86 6.70 65.47 -4.19
N GLN H 87 7.38 64.93 -3.16
CA GLN H 87 8.52 65.49 -2.43
C GLN H 87 9.84 65.41 -3.15
N ASP H 88 10.05 64.44 -4.02
CA ASP H 88 11.36 64.23 -4.73
C ASP H 88 11.71 65.37 -5.72
N SER H 89 10.66 66.07 -6.29
CA SER H 89 10.97 67.10 -7.34
C SER H 89 11.49 68.35 -6.62
N GLU H 90 10.95 68.49 -5.34
CA GLU H 90 11.16 69.61 -4.39
C GLU H 90 12.52 69.45 -3.74
N VAL H 91 12.69 68.27 -3.07
CA VAL H 91 13.93 68.00 -2.30
C VAL H 91 14.58 66.61 -2.47
N GLY H 92 15.82 66.38 -1.95
CA GLY H 92 16.59 65.15 -1.99
C GLY H 92 17.06 64.41 -0.75
N ASP H 93 17.13 65.08 0.43
CA ASP H 93 17.45 64.52 1.72
C ASP H 93 16.12 64.28 2.42
N GLY H 94 15.23 65.34 2.36
CA GLY H 94 13.98 65.48 3.08
C GLY H 94 12.90 64.39 2.83
N THR H 95 12.76 63.93 1.62
CA THR H 95 11.86 62.81 1.23
C THR H 95 12.23 61.47 1.89
N THR H 96 13.53 61.16 2.16
CA THR H 96 13.87 60.07 3.01
C THR H 96 13.42 60.18 4.49
N SER H 97 13.72 61.42 5.03
CA SER H 97 13.33 61.80 6.33
C SER H 97 11.84 61.84 6.44
N ALA H 98 11.08 62.40 5.49
CA ALA H 98 9.60 62.47 5.57
C ALA H 98 8.80 61.16 5.66
N VAL H 99 9.19 60.11 4.92
CA VAL H 99 8.62 58.77 4.86
C VAL H 99 8.79 58.10 6.16
N VAL H 100 9.98 58.20 6.87
CA VAL H 100 10.21 57.75 8.19
C VAL H 100 9.38 58.51 9.24
N LEU H 101 9.15 59.87 9.03
CA LEU H 101 8.40 60.85 9.97
C LEU H 101 6.97 60.46 10.04
N ALA H 102 6.41 60.07 8.92
CA ALA H 102 5.01 59.59 8.78
C ALA H 102 4.66 58.35 9.67
N GLY H 103 5.58 57.35 9.77
CA GLY H 103 5.67 56.17 10.72
C GLY H 103 5.78 56.69 12.14
N LEU H 104 6.61 57.74 12.38
CA LEU H 104 6.87 58.16 13.77
C LEU H 104 5.67 58.86 14.37
N PHE H 105 4.83 59.36 13.52
CA PHE H 105 3.56 59.89 13.91
C PHE H 105 2.50 58.80 14.14
N LEU H 106 2.52 57.79 13.26
CA LEU H 106 1.76 56.58 13.39
C LEU H 106 2.12 55.77 14.65
N GLU H 107 3.32 55.76 15.15
CA GLU H 107 3.60 54.97 16.36
C GLU H 107 3.24 55.65 17.67
N LYS H 108 2.96 56.98 17.58
CA LYS H 108 2.32 57.70 18.63
C LYS H 108 0.87 57.58 18.67
N ALA H 109 0.22 57.46 17.43
CA ALA H 109 -1.18 57.23 17.22
C ALA H 109 -1.61 55.92 17.87
N GLU H 110 -0.74 54.89 17.74
CA GLU H 110 -1.00 53.56 18.28
C GLU H 110 -1.07 53.54 19.88
N SER H 111 -0.23 54.44 20.46
CA SER H 111 -0.24 54.67 21.90
C SER H 111 -1.61 55.25 22.41
N LEU H 112 -2.08 56.24 21.73
CA LEU H 112 -3.36 56.82 21.94
C LEU H 112 -4.55 55.86 21.74
N VAL H 113 -4.46 55.01 20.66
CA VAL H 113 -5.47 54.07 20.33
C VAL H 113 -5.63 53.02 21.40
N ASP H 114 -4.49 52.60 22.00
CA ASP H 114 -4.45 51.64 23.11
C ASP H 114 -5.12 52.10 24.36
N GLN H 115 -5.04 53.40 24.74
CA GLN H 115 -5.76 54.11 25.83
C GLN H 115 -7.26 54.42 25.49
N ASN H 116 -7.81 53.57 24.65
CA ASN H 116 -9.02 53.57 23.79
C ASN H 116 -9.45 54.86 23.01
N ILE H 117 -8.62 55.76 22.53
CA ILE H 117 -9.01 57.07 22.04
C ILE H 117 -9.43 56.95 20.56
N HIS H 118 -10.62 57.49 20.21
CA HIS H 118 -11.22 57.45 18.88
C HIS H 118 -10.32 58.10 17.74
N PRO H 119 -10.31 57.60 16.53
CA PRO H 119 -9.40 58.03 15.51
C PRO H 119 -9.64 59.52 15.18
N THR H 120 -10.92 59.94 15.25
CA THR H 120 -11.37 61.32 15.08
C THR H 120 -10.75 62.28 16.07
N ILE H 121 -10.60 61.86 17.33
CA ILE H 121 -10.05 62.73 18.30
C ILE H 121 -8.53 62.90 18.14
N ILE H 122 -7.83 61.78 17.84
CA ILE H 122 -6.39 61.80 17.52
C ILE H 122 -6.00 62.69 16.38
N ILE H 123 -6.75 62.62 15.23
CA ILE H 123 -6.65 63.63 14.19
C ILE H 123 -6.76 65.02 14.64
N GLU H 124 -7.83 65.40 15.41
CA GLU H 124 -8.00 66.80 15.86
C GLU H 124 -6.96 67.24 16.75
N GLY H 125 -6.26 66.28 17.50
CA GLY H 125 -5.13 66.69 18.37
C GLY H 125 -3.86 66.78 17.60
N PHE H 126 -3.71 65.98 16.50
CA PHE H 126 -2.59 66.06 15.66
C PHE H 126 -2.61 67.30 14.78
N LYS H 127 -3.85 67.71 14.42
CA LYS H 127 -4.19 69.01 13.83
C LYS H 127 -3.97 70.26 14.68
N LYS H 128 -4.28 70.13 15.99
CA LYS H 128 -4.05 71.25 16.96
C LYS H 128 -2.62 71.50 17.13
N ALA H 129 -1.79 70.37 17.16
CA ALA H 129 -0.34 70.47 17.18
C ALA H 129 0.16 71.11 15.87
N PHE H 130 -0.36 70.68 14.71
CA PHE H 130 0.05 71.20 13.47
C PHE H 130 -0.24 72.65 13.29
N ASN H 131 -1.40 73.21 13.67
CA ASN H 131 -1.82 74.53 13.60
C ASN H 131 -1.01 75.53 14.45
N LYS H 132 -0.66 75.00 15.62
CA LYS H 132 0.33 75.67 16.45
C LYS H 132 1.71 75.72 15.82
N SER H 133 2.16 74.62 15.13
CA SER H 133 3.53 74.51 14.56
C SER H 133 3.67 75.53 13.41
N LEU H 134 2.58 75.71 12.62
CA LEU H 134 2.37 76.64 11.58
C LEU H 134 2.14 78.08 11.95
N GLU H 135 1.60 78.33 13.14
CA GLU H 135 1.64 79.73 13.59
C GLU H 135 2.98 80.18 14.25
N LEU H 136 3.84 79.20 14.44
CA LEU H 136 5.12 79.49 14.90
C LEU H 136 6.12 79.54 13.79
N LEU H 137 6.01 78.80 12.68
CA LEU H 137 7.00 78.91 11.59
C LEU H 137 7.03 80.13 10.70
N PRO H 138 6.25 81.23 10.91
CA PRO H 138 6.52 82.54 10.23
C PRO H 138 7.15 83.45 11.34
N GLN H 139 6.88 83.14 12.60
CA GLN H 139 7.36 83.97 13.73
C GLN H 139 8.79 83.66 14.11
N LEU H 140 9.11 82.33 14.22
CA LEU H 140 10.54 81.83 14.57
C LEU H 140 11.44 81.51 13.39
N ALA H 141 10.99 81.97 12.28
CA ALA H 141 11.73 82.01 11.02
C ALA H 141 12.57 83.21 10.75
N THR H 142 13.59 83.11 9.83
CA THR H 142 14.49 84.17 9.37
C THR H 142 14.41 84.26 7.91
N LYS H 143 14.29 85.55 7.43
CA LYS H 143 14.09 85.84 6.04
C LYS H 143 15.21 86.65 5.46
N VAL H 144 15.82 86.08 4.28
CA VAL H 144 16.97 86.66 3.63
C VAL H 144 16.55 87.66 2.49
N ASP H 145 15.21 87.93 2.33
CA ASP H 145 14.68 88.83 1.33
C ASP H 145 15.04 88.55 -0.10
N VAL H 146 14.89 89.62 -0.98
CA VAL H 146 15.24 89.52 -2.39
C VAL H 146 16.76 89.20 -2.53
N SER H 147 17.61 89.89 -1.77
CA SER H 147 19.03 89.78 -1.85
C SER H 147 19.55 90.89 -1.06
N ASP H 148 20.67 90.79 -0.31
CA ASP H 148 21.43 91.91 0.20
C ASP H 148 21.90 92.87 -0.89
N LEU H 149 22.48 92.35 -2.00
CA LEU H 149 22.66 93.27 -3.17
C LEU H 149 22.52 92.54 -4.59
N ASN H 150 22.01 93.23 -5.64
CA ASN H 150 21.52 92.71 -6.91
C ASN H 150 20.70 91.52 -6.75
N SER H 151 20.73 90.56 -7.68
CA SER H 151 20.13 89.33 -7.63
C SER H 151 20.62 88.36 -6.56
N ALA H 152 21.94 88.38 -6.33
CA ALA H 152 22.73 87.24 -5.85
C ALA H 152 24.20 87.60 -5.36
N THR H 153 24.48 88.88 -5.09
CA THR H 153 25.86 89.40 -5.02
C THR H 153 26.18 89.73 -3.61
N ALA H 154 27.42 89.47 -3.10
CA ALA H 154 27.84 89.42 -1.73
C ALA H 154 27.54 88.04 -1.06
N ARG H 155 27.33 87.04 -1.93
CA ARG H 155 26.42 85.94 -1.96
C ARG H 155 25.70 85.32 -0.68
N ASP H 156 26.59 84.98 0.34
CA ASP H 156 26.20 84.54 1.67
C ASP H 156 25.13 83.47 1.72
N ALA H 157 23.78 83.79 1.82
CA ALA H 157 22.77 82.84 2.03
C ALA H 157 22.69 81.70 0.93
N LEU H 158 22.83 82.14 -0.38
CA LEU H 158 22.90 81.21 -1.46
C LEU H 158 24.10 80.23 -1.41
N LYS H 159 25.33 80.71 -1.09
CA LYS H 159 26.56 79.94 -0.98
C LYS H 159 26.45 78.88 0.12
N LYS H 160 25.97 79.31 1.30
CA LYS H 160 26.03 78.41 2.42
C LYS H 160 25.11 77.28 2.31
N ILE H 161 23.92 77.40 1.61
CA ILE H 161 23.02 76.24 1.42
C ILE H 161 23.49 75.34 0.32
N VAL H 162 24.08 75.96 -0.73
CA VAL H 162 24.59 75.28 -1.97
C VAL H 162 25.90 74.49 -1.65
N TYR H 163 26.82 75.01 -0.73
CA TYR H 163 27.89 74.29 -0.06
C TYR H 163 27.41 73.18 0.87
N THR H 164 26.34 73.51 1.68
CA THR H 164 25.83 72.54 2.61
C THR H 164 25.21 71.30 2.03
N THR H 165 24.42 71.43 0.92
CA THR H 165 23.81 70.34 0.17
C THR H 165 24.89 69.51 -0.43
N MET H 166 25.92 70.15 -0.98
CA MET H 166 27.05 69.44 -1.53
C MET H 166 27.80 68.61 -0.45
N SER H 167 27.99 69.20 0.70
CA SER H 167 28.62 68.47 1.80
C SER H 167 27.76 67.31 2.33
N SER H 168 26.44 67.53 2.49
CA SER H 168 25.51 66.48 2.98
C SER H 168 25.40 65.23 2.09
N LYS H 169 25.30 65.45 0.78
CA LYS H 169 25.14 64.38 -0.12
C LYS H 169 26.42 63.54 -0.56
N PHE H 170 27.59 63.81 -0.02
CA PHE H 170 28.74 62.89 -0.25
C PHE H 170 30.01 63.25 0.60
N MET H 171 30.06 64.27 1.44
CA MET H 171 31.18 64.64 2.27
C MET H 171 32.45 65.07 1.50
N ALA H 172 33.65 64.38 1.60
CA ALA H 172 34.92 64.74 1.02
C ALA H 172 35.30 66.22 1.25
N GLU H 173 35.74 66.92 0.15
CA GLU H 173 36.13 68.31 0.16
C GLU H 173 35.83 68.73 -1.20
N GLY H 174 35.38 69.97 -1.52
CA GLY H 174 34.90 70.35 -2.87
C GLY H 174 34.86 71.83 -3.13
N GLU H 175 35.76 72.57 -2.61
CA GLU H 175 35.83 74.00 -2.82
C GLU H 175 36.03 74.43 -4.25
N GLU H 176 36.90 73.87 -5.06
CA GLU H 176 37.12 74.23 -6.50
C GLU H 176 35.99 73.77 -7.42
N LEU H 177 34.96 73.04 -7.05
CA LEU H 177 33.75 72.59 -7.75
C LEU H 177 32.70 73.61 -7.32
N ASN H 178 32.74 73.90 -5.99
CA ASN H 178 31.78 74.77 -5.37
C ASN H 178 31.84 76.19 -5.91
N LYS H 179 33.08 76.74 -6.07
CA LYS H 179 33.16 78.10 -6.59
C LYS H 179 32.58 78.19 -8.03
N ILE H 180 32.89 77.20 -8.91
CA ILE H 180 32.35 77.20 -10.32
C ILE H 180 30.77 77.02 -10.33
N MET H 181 30.33 76.12 -9.48
CA MET H 181 28.93 75.84 -9.29
C MET H 181 28.10 77.01 -8.74
N ASP H 182 28.73 77.78 -7.80
CA ASP H 182 28.32 79.05 -7.24
C ASP H 182 28.20 80.18 -8.31
N ILE H 183 29.11 80.29 -9.29
CA ILE H 183 28.95 81.20 -10.50
C ILE H 183 27.78 80.76 -11.34
N VAL H 184 27.58 79.39 -11.52
CA VAL H 184 26.39 78.93 -12.24
C VAL H 184 25.05 79.27 -11.55
N ILE H 185 25.13 79.05 -10.19
CA ILE H 185 23.95 79.29 -9.33
C ILE H 185 23.57 80.77 -9.34
N ASP H 186 24.51 81.73 -9.29
CA ASP H 186 24.38 83.14 -9.47
C ASP H 186 23.84 83.54 -10.83
N ALA H 187 24.27 82.86 -11.93
CA ALA H 187 23.62 83.17 -13.20
C ALA H 187 22.12 82.77 -13.24
N VAL H 188 21.82 81.53 -12.75
CA VAL H 188 20.43 80.99 -12.70
C VAL H 188 19.55 81.86 -11.85
N THR H 189 20.03 82.36 -10.66
CA THR H 189 19.19 83.27 -9.91
C THR H 189 18.75 84.54 -10.62
N THR H 190 19.67 85.27 -11.40
CA THR H 190 19.54 86.45 -12.29
C THR H 190 18.52 86.26 -13.44
N VAL H 191 18.51 85.08 -14.03
CA VAL H 191 17.63 84.51 -15.03
C VAL H 191 16.16 84.47 -14.49
N ALA H 192 15.86 83.64 -13.52
CA ALA H 192 14.71 83.65 -12.68
C ALA H 192 13.94 84.99 -12.47
N GLU H 193 14.59 86.09 -12.02
CA GLU H 193 13.98 87.40 -11.82
C GLU H 193 12.95 87.56 -10.69
N PRO H 194 12.79 88.74 -9.98
CA PRO H 194 12.56 88.72 -8.56
C PRO H 194 11.25 89.27 -8.22
N LEU H 195 10.63 88.98 -7.04
CA LEU H 195 9.29 89.36 -6.66
C LEU H 195 9.54 90.41 -5.55
N PRO H 196 8.66 91.27 -5.14
CA PRO H 196 8.81 92.15 -4.00
C PRO H 196 8.69 91.48 -2.61
N ASP H 197 8.11 90.26 -2.58
CA ASP H 197 8.29 89.36 -1.49
C ASP H 197 9.76 88.90 -1.17
N GLY H 198 10.60 88.71 -2.24
CA GLY H 198 11.92 88.09 -2.24
C GLY H 198 11.78 86.72 -2.78
N GLY H 199 10.56 86.22 -3.05
CA GLY H 199 10.44 85.06 -3.99
C GLY H 199 10.95 85.29 -5.36
N TYR H 200 11.07 84.30 -6.28
CA TYR H 200 11.70 84.49 -7.59
C TYR H 200 10.95 83.57 -8.50
N ASN H 201 10.79 84.02 -9.73
CA ASN H 201 10.08 83.26 -10.80
C ASN H 201 10.85 82.11 -11.32
N VAL H 202 11.40 81.19 -10.53
CA VAL H 202 12.20 80.07 -10.95
C VAL H 202 11.47 79.14 -11.90
N SER H 203 12.21 78.78 -12.95
CA SER H 203 11.78 77.95 -14.01
C SER H 203 13.00 77.04 -14.40
N LEU H 204 13.08 75.86 -13.74
CA LEU H 204 14.13 74.85 -14.10
C LEU H 204 13.72 74.00 -15.33
N ASP H 205 12.48 74.23 -15.81
CA ASP H 205 12.01 73.61 -17.10
C ASP H 205 12.56 74.28 -18.32
N LEU H 206 13.14 75.52 -18.08
CA LEU H 206 13.89 76.20 -19.05
C LEU H 206 15.45 76.13 -18.85
N ILE H 207 15.94 75.34 -17.90
CA ILE H 207 17.40 75.01 -17.62
C ILE H 207 17.78 73.80 -18.47
N LYS H 208 18.96 73.85 -19.12
CA LYS H 208 19.44 72.70 -19.89
C LYS H 208 20.89 72.47 -19.61
N ILE H 209 21.39 71.23 -19.20
CA ILE H 209 22.82 71.09 -18.89
C ILE H 209 23.36 70.00 -19.79
N ASP H 210 24.42 70.30 -20.44
CA ASP H 210 25.13 69.45 -21.39
C ASP H 210 26.53 69.08 -20.86
N LYS H 211 26.86 67.78 -20.69
CA LYS H 211 28.21 67.45 -20.16
C LYS H 211 29.10 66.80 -21.18
N LYS H 212 30.27 67.40 -21.32
CA LYS H 212 31.26 66.92 -22.29
C LYS H 212 32.65 66.56 -21.66
N LYS H 213 33.19 65.42 -22.04
CA LYS H 213 34.56 65.03 -21.60
C LYS H 213 35.66 65.97 -22.16
N GLY H 214 36.77 65.92 -21.43
CA GLY H 214 38.14 66.15 -21.89
C GLY H 214 38.76 67.49 -21.52
N GLY H 215 38.26 68.09 -20.52
CA GLY H 215 38.78 69.34 -19.98
C GLY H 215 38.84 69.36 -18.43
N THR H 216 38.23 70.39 -17.86
CA THR H 216 38.19 70.55 -16.42
C THR H 216 36.79 71.23 -16.11
N ILE H 217 36.29 71.15 -14.81
CA ILE H 217 35.10 71.80 -14.52
C ILE H 217 35.23 73.32 -14.64
N GLU H 218 36.38 73.96 -14.34
CA GLU H 218 36.73 75.28 -14.60
C GLU H 218 36.54 75.76 -16.08
N ASP H 219 36.41 74.89 -17.05
CA ASP H 219 36.18 75.13 -18.47
C ASP H 219 34.66 75.00 -18.81
N SER H 220 33.73 74.89 -17.76
CA SER H 220 32.27 74.95 -17.87
C SER H 220 31.85 76.36 -18.06
N GLN H 221 30.79 76.66 -18.83
CA GLN H 221 30.36 78.05 -19.22
C GLN H 221 28.85 78.14 -19.32
N LEU H 222 28.26 79.34 -19.02
CA LEU H 222 26.91 79.63 -19.52
C LEU H 222 26.93 79.97 -21.06
N ILE H 223 25.80 79.64 -21.73
CA ILE H 223 25.47 79.99 -23.13
C ILE H 223 24.13 80.72 -23.04
N ARG H 224 24.04 81.97 -23.60
CA ARG H 224 22.77 82.70 -23.62
C ARG H 224 22.07 82.45 -24.91
N GLY H 225 21.63 81.19 -25.05
CA GLY H 225 20.84 80.64 -26.13
C GLY H 225 21.01 79.11 -25.90
N ILE H 226 20.71 78.26 -26.91
CA ILE H 226 20.66 76.78 -26.89
C ILE H 226 21.82 76.18 -27.59
N VAL H 227 22.24 75.05 -27.02
CA VAL H 227 23.27 74.22 -27.59
C VAL H 227 22.59 72.96 -28.19
N LEU H 228 22.81 72.75 -29.50
CA LEU H 228 22.33 71.62 -30.22
C LEU H 228 23.40 70.52 -30.49
N ASP H 229 23.12 69.25 -29.90
CA ASP H 229 23.93 68.08 -30.15
C ASP H 229 23.64 67.55 -31.54
N LYS H 230 22.38 67.63 -32.02
CA LYS H 230 21.95 67.05 -33.26
C LYS H 230 22.53 67.53 -34.57
N GLU H 231 22.82 66.66 -35.51
CA GLU H 231 23.55 66.85 -36.69
C GLU H 231 22.97 67.77 -37.84
N VAL H 232 23.83 68.77 -38.26
CA VAL H 232 23.79 69.41 -39.54
C VAL H 232 23.94 68.55 -40.79
N VAL H 233 24.89 67.64 -40.79
CA VAL H 233 24.75 66.35 -41.51
C VAL H 233 24.73 66.49 -43.02
N HIS H 234 25.33 67.58 -43.49
CA HIS H 234 25.76 67.87 -44.84
C HIS H 234 27.12 68.58 -44.71
N ALA H 235 27.90 68.60 -45.87
CA ALA H 235 29.20 69.23 -45.95
C ALA H 235 29.24 70.70 -46.41
N GLY H 236 28.26 71.00 -47.27
CA GLY H 236 28.16 72.33 -47.88
C GLY H 236 27.47 73.47 -47.16
N MET H 237 26.89 73.40 -45.93
CA MET H 237 26.20 74.55 -45.38
C MET H 237 27.27 75.40 -44.65
N PRO H 238 27.10 76.65 -44.21
CA PRO H 238 28.02 77.41 -43.43
C PRO H 238 28.09 76.93 -41.96
N ARG H 239 29.34 76.84 -41.45
CA ARG H 239 29.72 76.43 -40.06
C ARG H 239 29.45 77.62 -39.12
N ARG H 240 29.15 78.80 -39.66
CA ARG H 240 28.83 80.02 -38.88
C ARG H 240 27.93 80.98 -39.64
N VAL H 241 26.91 81.48 -38.88
CA VAL H 241 25.93 82.40 -39.36
C VAL H 241 25.76 83.61 -38.47
N GLU H 242 25.73 84.86 -39.05
CA GLU H 242 25.69 86.05 -38.29
C GLU H 242 24.42 86.76 -38.53
N LYS H 243 23.69 87.14 -37.45
CA LYS H 243 22.32 87.66 -37.57
C LYS H 243 21.35 86.69 -38.27
N ALA H 244 21.23 85.53 -37.62
CA ALA H 244 20.45 84.40 -38.03
C ALA H 244 18.93 84.53 -37.74
N LYS H 245 18.15 84.33 -38.82
CA LYS H 245 16.72 84.25 -38.77
C LYS H 245 16.29 82.79 -38.83
N ILE H 246 15.80 82.29 -37.75
CA ILE H 246 15.69 80.86 -37.53
C ILE H 246 14.30 80.28 -37.71
N ALA H 247 14.17 79.32 -38.61
CA ALA H 247 12.91 78.57 -38.79
C ALA H 247 12.98 77.31 -38.00
N VAL H 248 11.92 76.98 -37.20
CA VAL H 248 11.85 75.77 -36.45
C VAL H 248 10.69 75.00 -37.02
N LEU H 249 10.84 73.67 -37.42
CA LEU H 249 9.87 72.94 -38.23
C LEU H 249 9.45 71.67 -37.55
N ASP H 250 8.08 71.48 -37.49
CA ASP H 250 7.38 70.34 -36.97
C ASP H 250 7.10 69.18 -37.89
N ALA H 251 7.75 69.09 -39.05
CA ALA H 251 7.35 68.15 -40.13
C ALA H 251 8.53 67.65 -40.85
N SER H 252 8.39 66.66 -41.67
CA SER H 252 9.43 66.18 -42.61
C SER H 252 9.83 67.18 -43.69
N LEU H 253 11.14 67.42 -43.99
CA LEU H 253 11.58 68.02 -45.17
C LEU H 253 11.93 67.00 -46.19
N GLU H 254 10.90 66.19 -46.52
CA GLU H 254 11.03 65.09 -47.45
C GLU H 254 9.70 64.98 -48.15
N VAL H 255 9.64 64.47 -49.37
CA VAL H 255 8.44 64.21 -50.13
C VAL H 255 7.67 62.98 -49.63
N GLU H 256 6.33 62.97 -49.71
CA GLU H 256 5.50 61.93 -49.17
C GLU H 256 4.22 61.90 -50.02
N LYS H 257 3.29 60.94 -49.77
CA LYS H 257 2.14 60.74 -50.61
C LYS H 257 0.90 61.60 -50.12
N PRO H 258 0.15 62.03 -51.16
CA PRO H 258 -0.96 62.96 -51.05
C PRO H 258 -2.22 62.29 -50.56
N GLU H 259 -3.37 62.96 -50.66
CA GLU H 259 -4.67 62.56 -50.20
C GLU H 259 -5.09 61.22 -50.83
N ILE H 260 -4.87 61.05 -52.12
CA ILE H 260 -5.14 59.86 -52.94
C ILE H 260 -3.90 59.20 -53.52
N SER H 261 -3.69 57.89 -53.09
CA SER H 261 -2.35 57.45 -52.75
C SER H 261 -2.13 56.06 -53.43
N ALA H 262 -0.94 55.75 -53.96
CA ALA H 262 -0.78 54.53 -54.75
C ALA H 262 0.63 54.13 -54.86
N LYS H 263 0.81 52.82 -55.28
CA LYS H 263 2.09 52.09 -55.45
C LYS H 263 2.04 51.37 -56.72
N ILE H 264 2.97 51.56 -57.61
CA ILE H 264 2.96 50.95 -58.92
C ILE H 264 4.17 50.06 -59.33
N SER H 265 3.92 48.91 -59.97
CA SER H 265 4.97 48.05 -60.56
C SER H 265 5.53 48.66 -61.86
N ILE H 266 6.81 48.96 -61.92
CA ILE H 266 7.43 49.73 -63.02
C ILE H 266 8.72 48.99 -63.39
N THR H 267 8.88 48.62 -64.66
CA THR H 267 10.14 48.03 -65.22
C THR H 267 10.41 48.46 -66.66
N SER H 268 9.70 49.51 -67.18
CA SER H 268 10.39 50.57 -67.83
C SER H 268 11.42 51.42 -66.98
N PRO H 269 12.63 51.72 -67.36
CA PRO H 269 13.59 52.08 -66.31
C PRO H 269 13.59 53.62 -66.21
N ASP H 270 13.20 54.29 -67.33
CA ASP H 270 13.16 55.76 -67.55
C ASP H 270 12.12 56.38 -66.55
N GLN H 271 11.14 55.61 -66.18
CA GLN H 271 9.98 56.07 -65.43
C GLN H 271 10.18 56.23 -63.93
N ILE H 272 11.33 55.60 -63.58
CA ILE H 272 11.98 55.80 -62.23
C ILE H 272 12.77 57.11 -62.25
N LYS H 273 13.37 57.49 -63.38
CA LYS H 273 14.13 58.76 -63.49
C LYS H 273 13.30 59.97 -63.43
N ALA H 274 12.00 59.88 -63.95
CA ALA H 274 11.07 60.93 -64.04
C ALA H 274 10.43 61.03 -62.66
N PHE H 275 10.44 59.92 -61.86
CA PHE H 275 10.06 59.96 -60.53
C PHE H 275 11.00 60.67 -59.65
N LEU H 276 12.31 60.58 -59.94
CA LEU H 276 13.39 61.23 -59.21
C LEU H 276 13.30 62.79 -59.59
N ASP H 277 13.02 63.10 -60.90
CA ASP H 277 12.96 64.53 -61.28
C ASP H 277 11.74 65.22 -60.66
N GLU H 278 10.73 64.47 -60.45
CA GLU H 278 9.57 64.82 -59.58
C GLU H 278 9.87 64.93 -58.04
N GLU H 279 10.73 64.07 -57.50
CA GLU H 279 11.02 64.15 -56.06
C GLU H 279 11.97 65.28 -55.72
N ALA H 280 12.82 65.67 -56.61
CA ALA H 280 13.62 66.83 -56.48
C ALA H 280 12.82 68.11 -56.79
N LYS H 281 11.76 68.10 -57.67
CA LYS H 281 11.06 69.31 -57.82
C LYS H 281 10.02 69.61 -56.66
N TYR H 282 9.62 68.62 -55.82
CA TYR H 282 8.86 68.88 -54.56
C TYR H 282 9.75 69.34 -53.48
N LEU H 283 11.02 68.81 -53.36
CA LEU H 283 11.96 69.24 -52.45
C LEU H 283 12.45 70.66 -52.67
N LYS H 284 12.73 71.10 -53.88
CA LYS H 284 13.22 72.41 -54.26
C LYS H 284 12.08 73.41 -54.03
N ASP H 285 10.83 72.98 -54.08
CA ASP H 285 9.71 73.74 -53.69
C ASP H 285 9.64 74.03 -52.16
N MET H 286 9.62 73.01 -51.31
CA MET H 286 9.77 73.19 -49.84
C MET H 286 10.98 74.06 -49.37
N VAL H 287 12.21 73.87 -49.87
CA VAL H 287 13.38 74.67 -49.57
C VAL H 287 13.13 76.05 -50.00
N ASP H 288 12.58 76.29 -51.21
CA ASP H 288 12.25 77.63 -51.71
C ASP H 288 11.20 78.31 -50.81
N LYS H 289 10.29 77.57 -50.17
CA LYS H 289 9.37 78.19 -49.31
C LYS H 289 10.07 78.72 -48.06
N LEU H 290 10.99 77.94 -47.49
CA LEU H 290 11.81 78.40 -46.36
C LEU H 290 12.66 79.62 -46.80
N ALA H 291 13.22 79.56 -47.97
CA ALA H 291 14.03 80.70 -48.44
C ALA H 291 13.14 81.98 -48.71
N SER H 292 11.84 81.79 -48.99
CA SER H 292 10.87 82.87 -49.16
C SER H 292 10.62 83.50 -47.87
N ILE H 293 10.49 82.63 -46.86
CA ILE H 293 10.37 83.13 -45.45
C ILE H 293 11.48 83.98 -44.92
N GLY H 294 12.68 83.86 -45.54
CA GLY H 294 13.85 84.62 -45.11
C GLY H 294 14.84 83.79 -44.34
N ALA H 295 14.46 82.50 -44.05
CA ALA H 295 15.18 81.55 -43.23
C ALA H 295 16.66 81.37 -43.49
N ASN H 296 17.55 81.63 -42.52
CA ASN H 296 18.94 81.59 -42.60
C ASN H 296 19.36 80.34 -41.97
N VAL H 297 18.79 80.02 -40.78
CA VAL H 297 19.02 78.74 -40.14
C VAL H 297 17.70 77.96 -40.22
N VAL H 298 17.72 76.57 -40.18
CA VAL H 298 16.50 75.85 -40.01
C VAL H 298 16.77 74.73 -39.06
N ILE H 299 15.76 74.45 -38.26
CA ILE H 299 15.80 73.26 -37.40
C ILE H 299 14.63 72.45 -37.89
N CYS H 300 14.78 71.15 -38.13
CA CYS H 300 13.73 70.27 -38.50
C CYS H 300 13.67 69.15 -37.53
N GLN H 301 12.49 68.96 -36.91
CA GLN H 301 12.25 67.91 -35.93
C GLN H 301 12.06 66.54 -36.53
N LYS H 302 12.29 66.37 -37.84
CA LYS H 302 12.34 65.14 -38.58
C LYS H 302 13.61 65.13 -39.45
N GLY H 303 13.78 64.05 -40.25
CA GLY H 303 14.47 63.97 -41.54
C GLY H 303 14.48 65.15 -42.36
N ILE H 304 15.58 65.33 -43.11
CA ILE H 304 15.79 66.23 -44.27
C ILE H 304 16.49 65.30 -45.30
N ASP H 305 15.90 64.98 -46.48
CA ASP H 305 16.57 64.22 -47.49
C ASP H 305 17.76 64.99 -48.18
N ASP H 306 18.68 64.23 -48.79
CA ASP H 306 19.95 64.69 -49.44
C ASP H 306 19.89 65.72 -50.53
N ILE H 307 18.90 65.61 -51.49
CA ILE H 307 18.60 66.59 -52.56
C ILE H 307 18.23 67.87 -51.93
N ALA H 308 17.38 67.77 -50.92
CA ALA H 308 17.07 68.96 -50.13
C ALA H 308 18.16 69.62 -49.31
N GLN H 309 19.18 68.84 -48.92
CA GLN H 309 20.32 69.44 -48.29
C GLN H 309 21.18 70.15 -49.33
N HIS H 310 21.27 69.75 -50.58
CA HIS H 310 21.94 70.45 -51.63
C HIS H 310 21.27 71.79 -51.95
N PHE H 311 19.91 71.83 -52.03
CA PHE H 311 19.23 73.17 -52.15
C PHE H 311 19.30 74.08 -50.94
N LEU H 312 19.37 73.60 -49.73
CA LEU H 312 19.46 74.39 -48.49
C LEU H 312 20.83 74.96 -48.43
N ALA H 313 21.80 74.14 -48.91
CA ALA H 313 23.23 74.50 -48.86
C ALA H 313 23.60 75.58 -49.93
N LYS H 314 23.04 75.44 -51.13
CA LYS H 314 23.08 76.38 -52.30
C LYS H 314 22.46 77.73 -51.85
N ARG H 315 21.36 77.64 -51.09
CA ARG H 315 20.70 78.84 -50.58
C ARG H 315 21.37 79.53 -49.42
N GLY H 316 22.42 78.88 -48.85
CA GLY H 316 23.23 79.55 -47.86
C GLY H 316 22.81 79.22 -46.47
N ILE H 317 21.84 78.32 -46.39
CA ILE H 317 21.09 78.08 -45.20
C ILE H 317 21.71 76.92 -44.34
N LEU H 318 21.82 77.12 -43.03
CA LEU H 318 22.42 76.16 -42.12
C LEU H 318 21.24 75.46 -41.55
N ALA H 319 21.03 74.14 -41.90
CA ALA H 319 19.92 73.35 -41.40
C ALA H 319 20.38 72.28 -40.29
N VAL H 320 19.57 71.87 -39.30
CA VAL H 320 19.77 70.79 -38.45
C VAL H 320 18.60 69.85 -38.70
N ARG H 321 18.83 68.58 -38.59
CA ARG H 321 17.68 67.70 -38.51
C ARG H 321 17.19 67.29 -37.08
N ARG H 322 16.78 66.07 -36.87
CA ARG H 322 16.17 65.43 -35.71
C ARG H 322 16.39 65.87 -34.20
N VAL H 323 15.91 67.08 -33.95
CA VAL H 323 15.91 67.66 -32.59
C VAL H 323 14.67 67.33 -31.85
N LYS H 324 14.77 66.78 -30.57
CA LYS H 324 13.64 66.30 -29.75
C LYS H 324 12.84 67.48 -29.10
N ARG H 325 11.51 67.21 -28.89
CA ARG H 325 10.57 68.24 -28.44
C ARG H 325 11.02 69.18 -27.26
N SER H 326 11.70 68.69 -26.17
CA SER H 326 12.09 69.50 -25.05
C SER H 326 13.06 70.62 -25.41
N ASP H 327 14.04 70.31 -26.23
CA ASP H 327 15.05 71.16 -26.72
C ASP H 327 14.42 72.12 -27.70
N ILE H 328 13.33 71.73 -28.44
CA ILE H 328 12.54 72.48 -29.38
C ILE H 328 11.67 73.48 -28.63
N GLU H 329 11.12 73.05 -27.50
CA GLU H 329 10.40 73.96 -26.63
C GLU H 329 11.22 75.09 -26.01
N LYS H 330 12.48 74.89 -25.67
CA LYS H 330 13.42 75.81 -25.20
C LYS H 330 13.90 76.76 -26.24
N LEU H 331 14.06 76.24 -27.46
CA LEU H 331 14.55 76.99 -28.58
C LEU H 331 13.51 77.97 -29.18
N GLU H 332 12.23 77.51 -29.13
CA GLU H 332 10.97 78.26 -29.38
C GLU H 332 10.89 79.43 -28.39
N LYS H 333 10.85 79.10 -27.06
CA LYS H 333 10.79 80.03 -25.99
C LYS H 333 11.83 81.12 -25.98
N ALA H 334 13.08 80.83 -26.46
CA ALA H 334 14.21 81.69 -26.39
C ALA H 334 14.42 82.67 -27.55
N LEU H 335 13.93 82.34 -28.78
CA LEU H 335 14.26 83.09 -29.97
C LEU H 335 13.26 83.98 -30.55
N GLY H 336 12.09 84.01 -29.89
CA GLY H 336 10.91 84.56 -30.55
C GLY H 336 10.24 83.75 -31.51
N ALA H 337 10.61 82.44 -31.67
CA ALA H 337 9.97 81.63 -32.69
C ALA H 337 8.78 80.84 -32.20
N ARG H 338 7.89 80.44 -33.13
CA ARG H 338 6.65 79.77 -32.74
C ARG H 338 6.21 78.67 -33.70
N ILE H 339 7.07 78.20 -34.63
CA ILE H 339 7.12 76.79 -35.12
C ILE H 339 6.13 76.52 -36.27
N ILE H 340 6.69 76.27 -37.48
CA ILE H 340 6.06 75.96 -38.81
C ILE H 340 5.70 74.50 -38.81
N SER H 341 4.46 74.18 -38.80
CA SER H 341 4.00 72.81 -39.22
C SER H 341 3.90 72.66 -40.72
N SER H 342 3.22 73.65 -41.44
CA SER H 342 2.95 73.56 -42.85
C SER H 342 3.99 74.37 -43.54
N ILE H 343 5.03 73.68 -43.99
CA ILE H 343 6.12 74.33 -44.72
C ILE H 343 5.62 75.03 -46.03
N LYS H 344 4.71 74.30 -46.78
CA LYS H 344 4.04 74.82 -48.02
C LYS H 344 3.37 76.22 -47.80
N ASP H 345 2.67 76.36 -46.67
CA ASP H 345 1.98 77.59 -46.30
C ASP H 345 2.92 78.74 -45.86
N ALA H 346 4.26 78.54 -45.69
CA ALA H 346 5.32 79.45 -45.37
C ALA H 346 5.14 80.48 -44.25
N THR H 347 4.86 80.09 -42.93
CA THR H 347 4.14 81.03 -42.05
C THR H 347 5.09 82.03 -41.31
N PRO H 348 5.10 83.31 -41.53
CA PRO H 348 6.44 83.87 -41.72
C PRO H 348 6.76 84.82 -40.53
N GLU H 349 5.88 84.87 -39.50
CA GLU H 349 6.13 85.66 -38.30
C GLU H 349 6.50 84.69 -37.17
N ASP H 350 6.33 83.33 -37.34
CA ASP H 350 6.69 82.28 -36.42
C ASP H 350 8.23 82.11 -36.39
N LEU H 351 9.03 83.11 -36.90
CA LEU H 351 10.44 83.04 -37.23
C LEU H 351 11.18 83.64 -36.09
N GLY H 352 12.31 83.10 -35.60
CA GLY H 352 12.99 83.82 -34.54
C GLY H 352 14.28 84.47 -35.03
N TYR H 353 14.92 85.05 -34.01
CA TYR H 353 16.14 85.82 -34.20
C TYR H 353 17.23 85.55 -33.22
N ALA H 354 18.44 85.30 -33.70
CA ALA H 354 19.64 85.00 -32.90
C ALA H 354 20.72 85.91 -33.46
N GLU H 355 21.60 86.48 -32.66
CA GLU H 355 22.75 87.31 -33.07
C GLU H 355 23.74 86.52 -33.81
N LEU H 356 23.94 85.26 -33.34
CA LEU H 356 24.79 84.36 -34.08
C LEU H 356 24.48 82.92 -33.90
N VAL H 357 24.93 82.11 -34.85
CA VAL H 357 24.89 80.64 -34.81
C VAL H 357 26.17 80.06 -35.35
N GLU H 358 26.93 79.24 -34.61
CA GLU H 358 28.06 78.54 -35.16
C GLU H 358 28.13 77.11 -34.63
N GLU H 359 28.94 76.27 -35.38
CA GLU H 359 29.36 74.89 -35.07
C GLU H 359 30.68 74.78 -34.38
N ARG H 360 30.77 74.05 -33.22
CA ARG H 360 31.95 73.94 -32.37
C ARG H 360 32.16 72.45 -32.02
N LYS H 361 33.43 71.96 -31.91
CA LYS H 361 33.65 70.70 -31.32
C LYS H 361 33.82 70.88 -29.83
N VAL H 362 33.02 70.17 -29.01
CA VAL H 362 33.12 69.98 -27.60
C VAL H 362 33.29 68.53 -27.27
N GLY H 363 34.34 68.11 -26.53
CA GLY H 363 34.63 66.69 -26.19
C GLY H 363 34.65 65.76 -27.39
N ASN H 364 35.38 66.14 -28.44
CA ASN H 364 35.54 65.37 -29.61
C ASN H 364 34.46 65.48 -30.65
N ASP H 365 33.20 65.50 -30.15
CA ASP H 365 31.98 65.59 -30.97
C ASP H 365 31.75 67.00 -31.51
N LYS H 366 31.25 67.18 -32.74
CA LYS H 366 30.78 68.46 -33.30
C LYS H 366 29.46 68.76 -32.65
N MET H 367 29.13 70.05 -32.54
CA MET H 367 27.99 70.56 -31.72
C MET H 367 27.64 71.95 -32.21
N VAL H 368 26.36 72.29 -32.25
CA VAL H 368 25.83 73.53 -32.81
C VAL H 368 25.29 74.52 -31.75
N PHE H 369 25.77 75.78 -31.70
CA PHE H 369 25.38 76.69 -30.66
C PHE H 369 24.70 77.86 -31.33
N ILE H 370 23.54 78.13 -30.75
CA ILE H 370 22.72 79.30 -31.07
C ILE H 370 22.81 80.23 -29.93
N GLU H 371 23.28 81.46 -30.08
CA GLU H 371 23.43 82.37 -28.89
C GLU H 371 23.37 83.78 -29.36
N GLY H 372 23.15 84.64 -28.35
CA GLY H 372 22.97 86.02 -28.57
C GLY H 372 21.54 86.36 -28.70
N ALA H 373 20.75 85.99 -27.66
CA ALA H 373 19.31 85.92 -27.72
C ALA H 373 18.82 86.99 -26.78
N LYS H 374 18.00 87.96 -27.32
CA LYS H 374 17.43 89.01 -26.50
C LYS H 374 16.39 88.45 -25.54
N ASN H 375 16.67 88.55 -24.21
CA ASN H 375 15.83 88.38 -23.08
C ASN H 375 15.09 87.03 -23.06
N PRO H 376 15.78 85.90 -23.03
CA PRO H 376 15.23 84.57 -22.78
C PRO H 376 15.09 84.27 -21.32
N LYS H 377 14.08 83.43 -20.83
CA LYS H 377 14.06 82.94 -19.45
C LYS H 377 14.66 81.54 -19.49
N ALA H 378 15.13 81.16 -20.69
CA ALA H 378 15.62 79.85 -21.09
C ALA H 378 17.12 79.91 -21.42
N VAL H 379 17.92 79.16 -20.57
CA VAL H 379 19.33 79.09 -20.74
C VAL H 379 19.88 77.68 -20.90
N ASN H 380 21.07 77.64 -21.48
CA ASN H 380 21.74 76.33 -21.63
C ASN H 380 23.10 76.38 -20.97
N ILE H 381 23.61 75.42 -20.21
CA ILE H 381 24.83 75.37 -19.51
C ILE H 381 25.70 74.32 -20.12
N LEU H 382 27.00 74.63 -20.46
CA LEU H 382 27.88 73.60 -20.99
C LEU H 382 28.79 73.23 -19.83
N LEU H 383 28.76 71.96 -19.39
CA LEU H 383 29.51 71.42 -18.23
C LEU H 383 30.62 70.45 -18.69
N ARG H 384 31.84 70.96 -18.65
CA ARG H 384 33.00 70.17 -19.07
C ARG H 384 33.64 69.56 -17.86
N GLY H 385 34.40 68.47 -18.00
CA GLY H 385 35.14 67.86 -16.88
C GLY H 385 36.17 67.04 -17.50
N SER H 386 36.73 66.04 -16.73
CA SER H 386 37.75 65.19 -17.30
C SER H 386 37.29 64.02 -18.09
N ASN H 387 37.19 62.76 -17.61
CA ASN H 387 36.51 61.65 -18.24
C ASN H 387 34.99 61.68 -17.98
N ASP H 388 34.54 60.84 -17.05
CA ASP H 388 33.20 60.56 -16.88
C ASP H 388 32.81 60.51 -15.37
N MET H 389 33.62 59.90 -14.48
CA MET H 389 33.15 59.65 -13.17
C MET H 389 33.05 60.96 -12.35
N ALA H 390 33.99 61.97 -12.54
CA ALA H 390 34.01 63.23 -11.90
C ALA H 390 33.12 64.35 -12.47
N LEU H 391 32.65 64.11 -13.68
CA LEU H 391 31.83 64.97 -14.49
C LEU H 391 30.37 64.58 -14.25
N ASP H 392 30.00 63.25 -14.16
CA ASP H 392 28.69 62.84 -13.77
C ASP H 392 28.43 63.30 -12.38
N GLU H 393 29.46 63.15 -11.47
CA GLU H 393 29.37 63.54 -10.11
C GLU H 393 29.18 65.05 -10.00
N ALA H 394 29.88 65.80 -10.86
CA ALA H 394 29.69 67.26 -10.98
C ALA H 394 28.32 67.72 -11.60
N GLU H 395 27.66 66.90 -12.49
CA GLU H 395 26.35 67.07 -12.99
C GLU H 395 25.27 66.88 -11.98
N ARG H 396 25.35 65.80 -11.13
CA ARG H 396 24.49 65.59 -9.91
C ARG H 396 24.57 66.74 -8.87
N SER H 397 25.85 67.22 -8.62
CA SER H 397 26.09 68.33 -7.74
C SER H 397 25.41 69.60 -8.13
N ILE H 398 25.45 69.92 -9.52
CA ILE H 398 24.83 71.13 -10.01
C ILE H 398 23.41 71.03 -10.04
N ASN H 399 22.76 69.87 -10.39
CA ASN H 399 21.34 69.54 -10.28
C ASN H 399 20.89 69.75 -8.81
N ASP H 400 21.45 68.98 -7.83
CA ASP H 400 21.18 69.24 -6.39
C ASP H 400 21.36 70.69 -5.95
N ALA H 401 22.34 71.40 -6.53
CA ALA H 401 22.60 72.80 -6.24
C ALA H 401 21.46 73.73 -6.73
N LEU H 402 20.89 73.42 -7.91
CA LEU H 402 19.72 74.08 -8.41
C LEU H 402 18.39 73.81 -7.60
N TYR H 403 18.17 72.56 -7.11
CA TYR H 403 17.01 72.24 -6.32
C TYR H 403 17.08 72.90 -4.92
N SER H 404 18.27 73.05 -4.32
CA SER H 404 18.44 73.90 -3.08
C SER H 404 18.28 75.43 -3.27
N LEU H 405 18.66 75.87 -4.48
CA LEU H 405 18.48 77.30 -4.88
C LEU H 405 17.04 77.58 -5.14
N ARG H 406 16.27 76.63 -5.76
CA ARG H 406 14.87 76.80 -6.01
C ARG H 406 14.17 76.73 -4.62
N ASN H 407 14.74 76.07 -3.64
CA ASN H 407 14.04 76.09 -2.34
C ASN H 407 14.21 77.39 -1.63
N ILE H 408 15.34 78.08 -1.62
CA ILE H 408 15.43 79.43 -1.09
C ILE H 408 14.73 80.56 -1.92
N LEU H 409 14.86 80.33 -3.23
CA LEU H 409 14.14 81.20 -4.28
C LEU H 409 12.66 81.23 -4.31
N MET H 410 11.97 80.05 -4.16
CA MET H 410 10.51 80.07 -4.11
C MET H 410 9.93 80.39 -2.72
N GLU H 411 10.84 80.57 -1.67
CA GLU H 411 10.38 81.18 -0.41
C GLU H 411 11.58 81.73 0.33
N PRO H 412 11.75 83.05 0.51
CA PRO H 412 12.97 83.71 1.08
C PRO H 412 13.11 83.51 2.59
N TYR H 413 12.80 82.38 3.19
CA TYR H 413 12.85 82.10 4.56
C TYR H 413 13.86 80.98 4.76
N ILE H 414 14.70 81.06 5.80
CA ILE H 414 15.66 80.04 6.13
C ILE H 414 15.41 79.73 7.58
N VAL H 415 15.88 78.53 8.11
CA VAL H 415 15.56 78.09 9.48
C VAL H 415 16.72 77.21 10.00
N PRO H 416 16.89 77.11 11.26
CA PRO H 416 17.97 76.32 11.78
C PRO H 416 17.39 74.94 12.14
N GLY H 417 16.91 74.18 11.05
CA GLY H 417 16.14 72.96 11.29
C GLY H 417 16.89 71.75 11.39
N GLY H 418 16.23 70.67 11.81
CA GLY H 418 16.81 69.37 12.12
C GLY H 418 17.57 69.49 13.39
N GLY H 419 17.16 70.47 14.21
CA GLY H 419 17.54 70.52 15.63
C GLY H 419 16.93 71.53 16.51
N ALA H 420 16.81 72.77 16.14
CA ALA H 420 16.57 73.76 17.05
C ALA H 420 15.10 73.97 17.09
N ILE H 421 14.56 74.36 15.93
CA ILE H 421 13.12 74.53 15.66
C ILE H 421 12.25 73.36 16.26
N GLU H 422 12.56 72.09 15.96
CA GLU H 422 11.83 70.92 16.36
C GLU H 422 11.84 70.86 17.93
N LEU H 423 12.97 71.01 18.64
CA LEU H 423 12.97 71.05 20.15
C LEU H 423 12.22 72.15 20.80
N GLU H 424 12.24 73.32 20.19
CA GLU H 424 11.49 74.52 20.58
C GLU H 424 9.94 74.37 20.35
N LEU H 425 9.57 73.64 19.32
CA LEU H 425 8.22 73.16 19.14
C LEU H 425 7.79 72.19 20.19
N SER H 426 8.64 71.23 20.65
CA SER H 426 8.35 70.21 21.69
C SER H 426 8.06 70.83 23.03
N ALA H 427 8.73 71.90 23.43
CA ALA H 427 8.46 72.73 24.51
C ALA H 427 7.33 73.74 24.38
N ARG H 428 7.03 74.36 23.26
CA ARG H 428 5.81 75.14 23.09
C ARG H 428 4.54 74.22 23.13
N LEU H 429 4.66 72.97 22.64
CA LEU H 429 3.52 72.00 22.66
C LEU H 429 3.33 71.51 24.10
N ARG H 430 4.43 71.27 24.89
CA ARG H 430 4.30 70.92 26.32
C ARG H 430 4.29 72.21 27.20
N GLU H 431 3.21 72.98 26.95
CA GLU H 431 2.86 74.18 27.62
C GLU H 431 1.46 74.50 27.09
N TYR H 432 1.28 74.40 25.71
CA TYR H 432 0.03 74.46 24.97
C TYR H 432 -0.84 73.36 25.49
N ALA H 433 -0.42 72.09 25.25
CA ALA H 433 -1.14 70.92 25.67
C ALA H 433 -1.64 70.86 27.10
N ARG H 434 -1.07 71.60 28.04
CA ARG H 434 -1.61 71.79 29.36
C ARG H 434 -2.83 72.69 29.44
N SER H 435 -2.81 73.82 28.72
CA SER H 435 -4.01 74.64 28.64
C SER H 435 -5.18 74.10 27.84
N VAL H 436 -4.93 73.22 26.88
CA VAL H 436 -5.74 72.41 26.03
C VAL H 436 -6.29 71.25 26.85
N GLY H 437 -7.51 70.84 26.72
CA GLY H 437 -8.06 69.71 27.52
C GLY H 437 -8.58 68.51 26.82
N GLY H 438 -9.08 67.50 27.58
CA GLY H 438 -9.60 66.27 27.11
C GLY H 438 -8.65 65.28 26.45
N LYS H 439 -9.08 64.27 25.62
CA LYS H 439 -8.25 63.36 24.83
C LYS H 439 -7.50 63.98 23.69
N GLU H 440 -7.92 65.20 23.30
CA GLU H 440 -7.08 66.06 22.46
C GLU H 440 -5.74 66.64 23.21
N GLN H 441 -5.68 66.71 24.58
CA GLN H 441 -4.47 67.17 25.23
C GLN H 441 -3.47 66.15 25.21
N LEU H 442 -3.83 64.92 25.36
CA LEU H 442 -2.91 63.77 25.28
C LEU H 442 -2.32 63.57 23.82
N ALA H 443 -3.11 63.85 22.81
CA ALA H 443 -2.63 63.83 21.38
C ALA H 443 -1.65 64.92 21.08
N ILE H 444 -1.83 66.15 21.55
CA ILE H 444 -0.80 67.18 21.35
C ILE H 444 0.53 66.82 22.03
N GLU H 445 0.47 66.23 23.22
CA GLU H 445 1.61 65.68 23.84
C GLU H 445 2.21 64.44 23.28
N ALA H 446 1.48 63.74 22.51
CA ALA H 446 2.03 62.64 21.74
C ALA H 446 2.69 63.17 20.46
N TYR H 447 2.23 64.33 19.95
CA TYR H 447 2.86 65.03 18.81
C TYR H 447 4.14 65.65 19.22
N ALA H 448 4.14 66.09 20.43
CA ALA H 448 5.30 66.60 21.11
C ALA H 448 6.39 65.58 21.37
N ASP H 449 5.96 64.33 21.73
CA ASP H 449 6.85 63.17 21.82
C ASP H 449 7.40 62.85 20.46
N ALA H 450 6.67 63.00 19.36
CA ALA H 450 7.24 62.78 18.00
C ALA H 450 8.34 63.72 17.51
N LEU H 451 8.34 65.03 17.78
CA LEU H 451 9.39 65.96 17.43
C LEU H 451 10.75 65.62 18.02
N GLU H 452 10.68 65.07 19.22
CA GLU H 452 11.79 64.51 19.92
C GLU H 452 12.29 63.24 19.23
N GLU H 453 11.59 62.61 18.27
CA GLU H 453 12.01 61.49 17.51
C GLU H 453 12.75 61.82 16.30
N ILE H 454 12.72 63.07 15.93
CA ILE H 454 13.66 63.82 15.02
C ILE H 454 15.01 64.20 15.82
N PRO H 455 16.19 64.76 15.33
CA PRO H 455 17.10 65.36 16.26
C PRO H 455 18.09 64.33 16.86
N MET H 456 17.59 63.30 17.60
CA MET H 456 18.33 62.20 18.22
C MET H 456 18.56 61.07 17.11
N ILE H 457 17.80 61.06 16.01
CA ILE H 457 17.84 60.08 14.88
C ILE H 457 18.99 60.53 14.06
N LEU H 458 19.32 61.86 13.87
CA LEU H 458 20.38 62.24 13.06
C LEU H 458 21.71 61.73 13.57
N ALA H 459 21.87 61.76 14.88
CA ALA H 459 23.00 61.26 15.68
C ALA H 459 23.02 59.72 15.75
N GLU H 460 21.84 58.96 15.66
CA GLU H 460 21.90 57.46 15.64
C GLU H 460 22.34 56.92 14.30
N THR H 461 21.94 57.47 13.16
CA THR H 461 22.43 57.19 11.79
C THR H 461 23.89 57.40 11.72
N ALA H 462 24.37 58.42 12.38
CA ALA H 462 25.85 58.60 12.51
C ALA H 462 26.58 57.69 13.53
N GLY H 463 25.86 56.79 14.27
CA GLY H 463 26.59 55.85 15.14
C GLY H 463 26.88 56.18 16.55
N LEU H 464 26.25 57.27 17.05
CA LEU H 464 26.44 57.71 18.43
C LEU H 464 25.32 57.11 19.30
N GLU H 465 25.26 57.58 20.55
CA GLU H 465 24.24 57.04 21.44
C GLU H 465 23.00 57.99 21.41
N PRO H 466 21.78 57.60 21.04
CA PRO H 466 20.65 58.52 20.84
C PRO H 466 20.02 59.02 22.11
N ILE H 467 19.75 58.19 23.10
CA ILE H 467 19.06 58.61 24.27
C ILE H 467 19.82 59.57 25.11
N SER H 468 21.14 59.40 25.13
CA SER H 468 22.05 60.29 25.93
C SER H 468 22.16 61.64 25.27
N ALA H 469 22.05 61.59 23.85
CA ALA H 469 22.06 62.73 23.03
C ALA H 469 20.88 63.58 23.07
N LEU H 470 19.75 62.96 23.19
CA LEU H 470 18.42 63.59 23.33
C LEU H 470 18.39 64.32 24.67
N MET H 471 18.97 63.65 25.70
CA MET H 471 19.03 64.28 27.04
C MET H 471 20.04 65.45 27.08
N ASP H 472 21.14 65.42 26.30
CA ASP H 472 22.07 66.52 26.29
C ASP H 472 21.57 67.69 25.40
N LEU H 473 20.66 67.36 24.41
CA LEU H 473 19.99 68.40 23.62
C LEU H 473 18.87 69.07 24.41
N ARG H 474 18.12 68.31 25.27
CA ARG H 474 17.06 68.87 26.15
C ARG H 474 17.60 69.88 27.20
N ALA H 475 18.74 69.56 27.80
CA ALA H 475 19.32 70.27 28.87
C ALA H 475 20.06 71.59 28.26
N ARG H 476 20.59 71.39 27.01
CA ARG H 476 21.25 72.51 26.29
C ARG H 476 20.32 73.54 25.76
N HIS H 477 19.09 73.05 25.45
CA HIS H 477 17.92 73.83 24.99
C HIS H 477 17.28 74.53 26.18
N ALA H 478 17.76 74.20 27.43
CA ALA H 478 16.93 74.57 28.62
C ALA H 478 17.74 75.58 29.39
N LYS H 479 19.01 75.29 29.65
CA LYS H 479 19.93 76.04 30.40
C LYS H 479 20.56 77.05 29.48
N GLY H 480 20.84 76.63 28.21
CA GLY H 480 21.29 77.52 27.15
C GLY H 480 20.20 78.17 26.44
N LEU H 481 20.37 78.09 25.16
CA LEU H 481 19.63 78.73 24.10
C LEU H 481 19.07 77.73 23.20
N THR H 482 18.02 78.04 22.39
CA THR H 482 17.26 77.08 21.68
C THR H 482 17.61 77.06 20.27
N ASN H 483 18.80 77.57 19.98
CA ASN H 483 19.39 77.61 18.63
C ASN H 483 20.32 76.40 18.30
N CYS H 484 20.41 75.32 19.09
CA CYS H 484 21.49 74.38 19.01
C CYS H 484 21.29 73.24 17.92
N GLY H 485 22.31 72.43 17.57
CA GLY H 485 22.23 71.22 16.72
C GLY H 485 23.18 70.14 17.14
N VAL H 486 23.36 69.20 16.17
CA VAL H 486 24.43 68.25 16.37
C VAL H 486 25.25 68.24 15.02
N ASP H 487 26.58 68.14 15.16
CA ASP H 487 27.41 68.22 14.00
C ASP H 487 27.62 66.82 13.47
N VAL H 488 27.18 66.46 12.28
CA VAL H 488 27.58 65.28 11.62
C VAL H 488 29.00 65.04 11.31
N ILE H 489 29.73 66.08 11.03
CA ILE H 489 31.08 65.97 10.60
C ILE H 489 32.03 65.68 11.86
N ASN H 490 31.94 66.46 13.02
CA ASN H 490 32.65 66.02 14.25
C ASN H 490 31.86 65.21 15.27
N GLY H 491 30.55 65.03 15.06
CA GLY H 491 29.77 64.18 15.94
C GLY H 491 29.44 64.79 17.26
N LYS H 492 29.64 66.14 17.32
CA LYS H 492 29.55 66.78 18.58
C LYS H 492 28.22 67.52 18.74
N ILE H 493 27.64 67.69 19.94
CA ILE H 493 26.70 68.75 20.18
C ILE H 493 27.29 70.18 19.97
N ILE H 494 26.50 70.99 19.29
CA ILE H 494 26.96 72.24 18.66
C ILE H 494 25.99 73.38 18.92
N ASP H 495 26.57 74.54 19.24
CA ASP H 495 25.86 75.76 19.40
C ASP H 495 25.78 76.52 18.06
N ASP H 496 24.92 77.51 17.98
CA ASP H 496 24.29 78.19 16.83
C ASP H 496 24.67 77.77 15.34
N ILE H 497 23.88 76.91 14.69
CA ILE H 497 23.97 76.29 13.44
C ILE H 497 23.59 77.35 12.41
N TYR H 498 22.94 78.44 12.83
CA TYR H 498 22.84 79.67 12.03
C TYR H 498 24.24 80.20 11.80
N SER H 499 25.04 80.28 12.92
CA SER H 499 26.43 80.84 12.79
C SER H 499 27.44 79.93 12.08
N ILE H 500 27.27 78.55 12.13
CA ILE H 500 28.09 77.51 11.47
C ILE H 500 27.82 77.56 9.97
N ASN H 501 26.69 78.28 9.57
CA ASN H 501 26.35 78.36 8.12
C ASN H 501 25.88 77.09 7.50
N VAL H 502 24.97 76.30 8.21
CA VAL H 502 24.48 74.94 7.79
C VAL H 502 22.86 74.82 7.88
N VAL H 503 22.25 76.02 7.94
CA VAL H 503 20.77 76.26 7.87
C VAL H 503 20.06 75.50 6.75
N GLU H 504 18.79 75.21 6.89
CA GLU H 504 17.93 74.58 5.95
C GLU H 504 17.02 75.69 5.37
N PRO H 505 16.75 75.78 4.09
CA PRO H 505 15.62 76.50 3.54
C PRO H 505 14.34 76.08 4.16
N ILE H 506 13.51 76.98 4.66
CA ILE H 506 12.23 76.75 5.21
C ILE H 506 11.33 75.78 4.40
N ARG H 507 11.43 75.74 3.05
CA ARG H 507 10.59 75.00 2.21
C ARG H 507 10.89 73.48 2.36
N VAL H 508 12.06 73.10 2.95
CA VAL H 508 12.40 71.76 3.22
C VAL H 508 11.62 71.23 4.52
N THR H 509 11.31 72.21 5.43
CA THR H 509 10.57 71.98 6.66
C THR H 509 9.13 71.79 6.34
N ARG H 510 8.54 72.83 5.72
CA ARG H 510 7.20 72.90 5.29
C ARG H 510 6.63 71.68 4.53
N GLN H 511 7.41 71.13 3.44
CA GLN H 511 7.09 69.96 2.63
C GLN H 511 7.18 68.59 3.40
N VAL H 512 8.10 68.43 4.39
CA VAL H 512 8.16 67.14 5.14
C VAL H 512 7.16 67.02 6.28
N LEU H 513 6.68 68.18 6.73
CA LEU H 513 5.58 68.29 7.72
C LEU H 513 4.23 68.09 7.03
N LYS H 514 4.12 68.59 5.76
CA LYS H 514 2.94 68.36 4.97
C LYS H 514 2.70 66.85 4.58
N SER H 515 3.75 66.03 4.17
CA SER H 515 3.55 64.67 3.72
C SER H 515 3.57 63.60 4.75
N ALA H 516 4.09 63.94 5.95
CA ALA H 516 3.86 63.14 7.15
C ALA H 516 2.54 63.34 7.81
N THR H 517 2.05 64.59 7.91
CA THR H 517 0.73 64.78 8.47
C THR H 517 -0.38 64.40 7.49
N GLU H 518 -0.10 64.26 6.19
CA GLU H 518 -1.05 63.80 5.20
C GLU H 518 -1.11 62.21 5.29
N ALA H 519 0.06 61.57 5.53
CA ALA H 519 0.22 60.18 5.53
C ALA H 519 -0.51 59.68 6.77
N ALA H 520 -0.27 60.31 7.90
CA ALA H 520 -0.91 59.80 9.06
C ALA H 520 -2.40 59.96 9.18
N THR H 521 -2.96 61.07 8.72
CA THR H 521 -4.36 61.35 8.68
C THR H 521 -5.04 60.40 7.69
N SER H 522 -4.35 60.09 6.56
CA SER H 522 -4.89 59.23 5.51
C SER H 522 -4.91 57.74 5.89
N ILE H 523 -3.86 57.20 6.65
CA ILE H 523 -3.86 55.84 7.10
C ILE H 523 -4.85 55.78 8.26
N MET H 524 -5.09 56.91 8.95
CA MET H 524 -6.11 56.87 10.04
C MET H 524 -7.53 56.82 9.51
N LYS H 525 -7.72 57.39 8.25
CA LYS H 525 -9.14 57.67 7.79
C LYS H 525 -9.83 56.47 7.23
N ILE H 526 -9.16 55.29 7.14
CA ILE H 526 -9.52 54.33 6.13
C ILE H 526 -9.33 52.91 6.74
N ASP H 527 -10.30 52.02 6.36
CA ASP H 527 -10.57 50.66 6.90
C ASP H 527 -11.16 49.80 5.74
N ASP H 528 -11.38 48.47 6.00
CA ASP H 528 -11.63 47.52 4.94
C ASP H 528 -10.74 47.51 3.72
N LEU H 529 -10.68 46.33 3.04
CA LEU H 529 -9.89 46.11 1.81
C LEU H 529 -10.63 44.95 1.09
N ILE H 530 -11.28 45.22 -0.04
CA ILE H 530 -11.88 44.26 -0.91
C ILE H 530 -11.28 44.26 -2.29
N ALA H 531 -10.71 43.08 -2.74
CA ALA H 531 -9.88 43.11 -3.94
C ALA H 531 -10.44 42.07 -4.95
N ALA H 532 -10.51 42.46 -6.21
CA ALA H 532 -10.95 41.78 -7.38
C ALA H 532 -9.90 40.88 -8.05
N THR I 14 12.12 34.60 -0.31
CA THR I 14 13.23 35.49 -0.67
C THR I 14 14.19 35.75 0.51
N SER I 15 15.32 36.33 0.24
CA SER I 15 16.41 36.53 1.23
C SER I 15 16.17 37.76 1.99
N ARG I 16 16.02 37.52 3.31
CA ARG I 16 15.83 38.54 4.25
C ARG I 16 17.08 38.79 5.00
N ASN I 17 17.16 39.88 5.77
CA ASN I 17 18.37 40.23 6.40
C ASN I 17 17.94 41.06 7.64
N SER I 18 18.58 40.86 8.82
CA SER I 18 18.40 41.77 9.87
C SER I 18 19.54 41.58 10.83
N GLY I 19 20.01 42.60 11.57
CA GLY I 19 20.95 42.33 12.66
C GLY I 19 22.35 42.10 12.32
N ARG I 20 22.89 42.95 11.45
CA ARG I 20 24.18 42.89 10.82
C ARG I 20 24.29 41.78 9.77
N ASP I 21 23.18 41.08 9.36
CA ASP I 21 23.21 39.87 8.56
C ASP I 21 23.76 40.13 7.16
N ALA I 22 23.20 41.08 6.42
CA ALA I 22 23.75 41.65 5.17
C ALA I 22 25.19 42.04 5.16
N LEU I 23 25.60 42.61 6.24
CA LEU I 23 26.98 43.03 6.38
C LEU I 23 28.03 41.88 6.55
N LYS I 24 27.57 40.86 7.40
CA LYS I 24 28.29 39.59 7.55
C LYS I 24 28.30 38.65 6.37
N ASN I 25 27.28 38.68 5.46
CA ASN I 25 27.21 37.86 4.25
C ASN I 25 27.94 38.48 3.10
N ASN I 26 28.06 39.80 3.01
CA ASN I 26 28.78 40.51 1.91
C ASN I 26 30.33 40.67 2.16
N ILE I 27 30.70 40.56 3.46
CA ILE I 27 32.12 40.34 3.90
C ILE I 27 32.51 38.86 3.65
N LEU I 28 31.66 37.82 3.92
CA LEU I 28 31.99 36.51 3.66
C LEU I 28 32.30 36.14 2.22
N ALA I 29 31.49 36.64 1.27
CA ALA I 29 31.76 36.41 -0.12
C ALA I 29 33.04 36.97 -0.60
N ALA I 30 33.27 38.25 -0.27
CA ALA I 30 34.47 39.03 -0.64
C ALA I 30 35.68 38.46 -0.03
N ARG I 31 35.56 37.87 1.18
CA ARG I 31 36.73 37.38 1.95
C ARG I 31 37.16 36.04 1.39
N THR I 32 36.22 35.26 0.96
CA THR I 32 36.34 33.85 0.52
C THR I 32 37.01 33.97 -0.85
N LEU I 33 36.55 35.00 -1.67
CA LEU I 33 37.23 35.45 -2.89
C LEU I 33 38.64 35.94 -2.77
N ALA I 34 38.85 36.82 -1.70
CA ALA I 34 40.17 37.41 -1.47
C ALA I 34 41.16 36.26 -1.04
N GLU I 35 40.69 35.36 -0.13
CA GLU I 35 41.50 34.36 0.46
C GLU I 35 41.78 33.17 -0.44
N MET I 36 41.01 33.07 -1.58
CA MET I 36 41.16 32.08 -2.67
C MET I 36 42.21 32.63 -3.70
N LEU I 37 42.12 33.94 -4.00
CA LEU I 37 43.11 34.62 -4.85
C LEU I 37 44.43 34.79 -4.17
N ARG I 38 44.50 34.68 -2.84
CA ARG I 38 45.74 34.89 -2.08
C ARG I 38 46.65 33.71 -2.27
N SER I 39 46.27 32.44 -2.49
CA SER I 39 47.12 31.37 -2.80
C SER I 39 47.95 31.48 -4.08
N SER I 40 47.49 32.25 -5.04
CA SER I 40 48.10 32.65 -6.32
C SER I 40 48.60 34.07 -6.38
N LEU I 41 48.50 34.80 -5.25
CA LEU I 41 48.86 36.22 -5.14
C LEU I 41 50.37 36.62 -5.44
N GLY I 42 51.29 36.11 -4.62
CA GLY I 42 52.70 36.29 -4.81
C GLY I 42 53.16 35.64 -6.15
N PRO I 43 54.30 36.11 -6.69
CA PRO I 43 54.75 35.89 -8.05
C PRO I 43 55.18 34.55 -8.28
N LYS I 44 55.44 33.71 -7.25
CA LYS I 44 55.51 32.22 -7.29
C LYS I 44 54.34 31.36 -6.95
N GLY I 45 53.16 31.91 -6.61
CA GLY I 45 52.03 31.13 -6.13
C GLY I 45 51.53 30.11 -7.15
N LEU I 46 50.42 29.45 -6.76
CA LEU I 46 49.90 28.35 -7.58
C LEU I 46 49.04 28.90 -8.72
N ASP I 47 48.91 28.07 -9.74
CA ASP I 47 48.09 28.24 -10.89
C ASP I 47 46.70 27.61 -10.65
N LYS I 48 45.65 28.27 -11.08
CA LYS I 48 44.27 27.80 -11.00
C LYS I 48 43.99 27.26 -12.42
N MET I 49 42.93 26.42 -12.51
CA MET I 49 42.50 25.95 -13.80
C MET I 49 41.05 26.26 -13.98
N LEU I 50 40.66 26.85 -15.11
CA LEU I 50 39.36 27.47 -15.31
C LEU I 50 38.91 26.94 -16.75
N ILE I 51 37.87 26.08 -16.74
CA ILE I 51 37.45 25.45 -18.02
C ILE I 51 36.16 26.18 -18.43
N ASP I 52 36.15 26.49 -19.72
CA ASP I 52 35.03 27.19 -20.38
C ASP I 52 33.99 26.24 -20.70
N SER I 53 32.79 26.76 -21.16
CA SER I 53 31.63 26.02 -21.49
C SER I 53 31.87 25.10 -22.55
N PHE I 54 32.60 25.56 -23.62
CA PHE I 54 32.86 24.70 -24.79
C PHE I 54 34.14 23.79 -24.73
N GLY I 55 34.69 23.64 -23.53
CA GLY I 55 35.60 22.59 -23.25
C GLY I 55 37.03 23.10 -23.17
N ASP I 56 37.25 24.40 -23.60
CA ASP I 56 38.50 25.07 -23.65
C ASP I 56 39.09 25.21 -22.21
N VAL I 57 40.27 24.63 -21.95
CA VAL I 57 40.94 24.70 -20.66
C VAL I 57 41.89 25.93 -20.61
N THR I 58 41.99 26.60 -19.38
CA THR I 58 42.67 27.87 -19.26
C THR I 58 43.37 27.71 -17.92
N ILE I 59 44.70 27.82 -17.84
CA ILE I 59 45.37 27.67 -16.54
C ILE I 59 45.99 29.03 -16.22
N THR I 60 45.56 29.75 -15.11
CA THR I 60 46.19 31.03 -14.86
C THR I 60 46.34 31.38 -13.34
N ASN I 61 47.32 32.33 -13.11
CA ASN I 61 47.59 32.95 -11.83
C ASN I 61 47.31 34.41 -11.83
N ASP I 62 46.73 34.92 -12.97
CA ASP I 62 46.18 36.23 -12.95
C ASP I 62 44.83 36.35 -12.39
N GLY I 63 44.58 37.38 -11.51
CA GLY I 63 43.40 37.38 -10.64
C GLY I 63 42.23 38.09 -11.35
N ALA I 64 42.52 38.92 -12.37
CA ALA I 64 41.43 39.51 -13.20
C ALA I 64 40.98 38.48 -14.25
N THR I 65 41.81 37.51 -14.66
CA THR I 65 41.41 36.38 -15.50
C THR I 65 40.63 35.46 -14.72
N ILE I 66 40.95 35.21 -13.39
CA ILE I 66 40.28 34.26 -12.63
C ILE I 66 38.87 34.61 -12.29
N VAL I 67 38.69 35.91 -12.02
CA VAL I 67 37.35 36.50 -11.90
C VAL I 67 36.59 36.52 -13.17
N LYS I 68 37.17 36.93 -14.35
CA LYS I 68 36.53 36.94 -15.66
C LYS I 68 36.06 35.61 -16.09
N GLU I 69 36.85 34.52 -15.95
CA GLU I 69 36.49 33.25 -16.46
C GLU I 69 35.44 32.56 -15.69
N MET I 70 34.88 33.16 -14.64
CA MET I 70 34.14 32.42 -13.58
C MET I 70 32.75 32.90 -13.37
N GLU I 71 31.84 32.01 -13.07
CA GLU I 71 30.47 32.36 -12.67
C GLU I 71 30.54 32.86 -11.20
N ILE I 72 30.13 34.13 -10.95
CA ILE I 72 30.24 34.82 -9.65
C ILE I 72 28.87 34.93 -8.94
N GLN I 73 28.60 34.07 -8.00
CA GLN I 73 27.30 33.76 -7.53
C GLN I 73 26.92 34.49 -6.27
N HIS I 74 27.72 35.44 -5.85
CA HIS I 74 27.47 36.25 -4.71
C HIS I 74 27.55 37.73 -5.06
N PRO I 75 26.53 38.64 -4.90
CA PRO I 75 26.54 40.01 -5.41
C PRO I 75 27.76 40.89 -5.04
N ALA I 76 28.35 40.68 -3.86
CA ALA I 76 29.40 41.58 -3.50
C ALA I 76 30.67 41.21 -4.21
N ALA I 77 30.83 39.98 -4.68
CA ALA I 77 31.89 39.55 -5.50
C ALA I 77 31.67 39.96 -6.97
N LYS I 78 30.40 40.10 -7.38
CA LYS I 78 30.06 40.57 -8.69
C LYS I 78 30.51 41.99 -8.87
N LEU I 79 30.39 42.88 -7.89
CA LEU I 79 30.90 44.29 -7.90
C LEU I 79 32.40 44.37 -8.05
N LEU I 80 33.04 43.51 -7.28
CA LEU I 80 34.51 43.45 -7.22
C LEU I 80 35.08 43.01 -8.54
N VAL I 81 34.45 42.25 -9.48
CA VAL I 81 35.02 41.95 -10.81
C VAL I 81 35.36 43.15 -11.72
N GLU I 82 34.44 44.15 -11.66
CA GLU I 82 34.68 45.49 -12.29
C GLU I 82 35.91 46.23 -11.76
N ALA I 83 36.29 45.97 -10.53
CA ALA I 83 37.46 46.56 -9.93
C ALA I 83 38.72 46.00 -10.40
N ALA I 84 38.76 44.72 -10.61
CA ALA I 84 39.92 44.01 -11.18
C ALA I 84 40.06 44.46 -12.62
N LYS I 85 39.03 44.31 -13.46
CA LYS I 85 38.91 44.80 -14.78
C LYS I 85 39.49 46.17 -15.04
N ALA I 86 39.03 47.21 -14.32
CA ALA I 86 39.57 48.56 -14.40
C ALA I 86 41.00 48.61 -14.02
N GLN I 87 41.51 47.83 -13.06
CA GLN I 87 42.86 47.70 -12.52
C GLN I 87 43.79 46.87 -13.47
N ASP I 88 43.23 45.93 -14.25
CA ASP I 88 43.80 45.06 -15.23
C ASP I 88 44.29 45.95 -16.44
N SER I 89 43.64 47.11 -16.65
CA SER I 89 44.02 48.00 -17.77
C SER I 89 45.34 48.62 -17.36
N GLU I 90 45.57 48.85 -16.01
CA GLU I 90 46.78 49.49 -15.50
C GLU I 90 47.98 48.50 -15.40
N VAL I 91 47.82 47.28 -14.87
CA VAL I 91 48.82 46.23 -14.62
C VAL I 91 48.25 44.82 -14.47
N GLY I 92 49.12 43.73 -14.40
CA GLY I 92 48.60 42.33 -14.14
C GLY I 92 49.08 41.69 -12.85
N ASP I 93 50.00 42.25 -12.13
CA ASP I 93 50.49 41.93 -10.82
C ASP I 93 49.83 42.66 -9.72
N GLY I 94 49.70 44.01 -9.84
CA GLY I 94 49.07 44.88 -8.89
C GLY I 94 47.57 44.49 -8.82
N THR I 95 46.98 44.13 -10.00
CA THR I 95 45.57 43.75 -10.04
C THR I 95 45.16 42.55 -9.29
N THR I 96 46.04 41.59 -9.21
CA THR I 96 45.96 40.40 -8.36
C THR I 96 46.06 40.82 -6.87
N SER I 97 46.99 41.72 -6.52
CA SER I 97 47.11 42.31 -5.20
C SER I 97 45.91 43.07 -4.85
N ALA I 98 45.37 43.96 -5.80
CA ALA I 98 44.22 44.74 -5.56
C ALA I 98 42.98 43.94 -5.08
N VAL I 99 42.67 42.73 -5.61
CA VAL I 99 41.52 41.89 -5.27
C VAL I 99 41.65 41.34 -3.81
N VAL I 100 42.87 40.91 -3.39
CA VAL I 100 43.13 40.48 -1.99
C VAL I 100 43.03 41.67 -0.97
N LEU I 101 43.57 42.84 -1.34
CA LEU I 101 43.74 44.02 -0.54
C LEU I 101 42.42 44.56 -0.01
N ALA I 102 41.31 44.47 -0.86
CA ALA I 102 40.00 44.90 -0.43
C ALA I 102 39.59 44.14 0.77
N GLY I 103 39.88 42.79 0.68
CA GLY I 103 39.69 41.86 1.80
C GLY I 103 40.46 42.09 2.97
N LEU I 104 41.70 42.50 2.81
CA LEU I 104 42.70 42.56 3.84
C LEU I 104 42.48 43.75 4.80
N PHE I 105 41.77 44.78 4.26
CA PHE I 105 41.23 45.92 5.14
C PHE I 105 39.92 45.49 5.80
N LEU I 106 39.12 44.84 4.95
CA LEU I 106 37.80 44.46 5.36
C LEU I 106 37.75 43.45 6.53
N GLU I 107 38.67 42.54 6.68
CA GLU I 107 38.53 41.57 7.78
C GLU I 107 38.98 42.16 9.10
N LYS I 108 39.67 43.30 9.04
CA LYS I 108 40.03 44.18 10.16
C LYS I 108 38.81 45.10 10.49
N ALA I 109 37.98 45.57 9.48
CA ALA I 109 36.71 46.21 9.69
C ALA I 109 35.70 45.29 10.38
N GLU I 110 35.64 43.99 10.02
CA GLU I 110 34.82 42.97 10.63
C GLU I 110 35.21 42.74 12.06
N SER I 111 36.53 42.91 12.37
CA SER I 111 37.11 42.84 13.66
C SER I 111 36.57 44.05 14.55
N LEU I 112 36.59 45.26 13.97
CA LEU I 112 36.15 46.45 14.66
C LEU I 112 34.72 46.39 15.02
N VAL I 113 33.93 45.79 14.06
CA VAL I 113 32.52 45.44 14.24
C VAL I 113 32.15 44.44 15.39
N ASP I 114 32.99 43.33 15.62
CA ASP I 114 32.92 42.39 16.75
C ASP I 114 33.15 43.14 18.12
N GLN I 115 34.02 44.14 18.19
CA GLN I 115 34.08 44.89 19.41
C GLN I 115 33.04 46.11 19.44
N ASN I 116 32.14 46.30 18.43
CA ASN I 116 31.13 47.34 18.32
C ASN I 116 31.62 48.70 18.04
N ILE I 117 32.63 48.94 17.20
CA ILE I 117 33.24 50.24 16.97
C ILE I 117 32.43 51.13 15.98
N HIS I 118 31.51 50.56 15.25
CA HIS I 118 30.44 51.08 14.29
C HIS I 118 30.96 51.51 12.92
N PRO I 119 30.42 51.06 11.78
CA PRO I 119 31.06 51.34 10.48
C PRO I 119 31.23 52.86 10.08
N THR I 120 30.36 53.83 10.46
CA THR I 120 30.63 55.25 10.24
C THR I 120 31.90 55.64 10.89
N ILE I 121 32.12 55.23 12.16
CA ILE I 121 33.35 55.55 12.90
C ILE I 121 34.43 54.78 12.28
N ILE I 122 34.35 53.48 11.96
CA ILE I 122 35.51 52.77 11.36
C ILE I 122 36.05 53.35 10.08
N ILE I 123 35.13 53.59 9.12
CA ILE I 123 35.42 54.32 7.93
C ILE I 123 36.12 55.65 8.16
N GLU I 124 35.54 56.47 9.03
CA GLU I 124 36.21 57.76 9.36
C GLU I 124 37.57 57.63 10.08
N GLY I 125 37.99 56.58 10.85
CA GLY I 125 39.30 56.30 11.37
C GLY I 125 40.24 55.63 10.37
N PHE I 126 39.78 54.87 9.42
CA PHE I 126 40.44 54.25 8.29
C PHE I 126 40.76 55.42 7.31
N LYS I 127 39.89 56.46 7.25
CA LYS I 127 40.06 57.68 6.45
C LYS I 127 41.21 58.45 6.90
N LYS I 128 41.28 58.56 8.25
CA LYS I 128 42.38 59.20 8.92
C LYS I 128 43.72 58.47 8.85
N ALA I 129 43.66 57.15 8.91
CA ALA I 129 44.82 56.36 8.67
C ALA I 129 45.45 56.52 7.23
N PHE I 130 44.62 56.35 6.14
CA PHE I 130 44.99 56.45 4.74
C PHE I 130 45.46 57.85 4.33
N ASN I 131 44.79 58.95 4.84
CA ASN I 131 45.30 60.34 4.69
C ASN I 131 46.62 60.59 5.38
N LYS I 132 46.88 60.02 6.56
CA LYS I 132 48.14 60.11 7.20
C LYS I 132 49.25 59.38 6.42
N SER I 133 48.91 58.23 5.88
CA SER I 133 49.86 57.46 5.02
C SER I 133 50.17 58.19 3.67
N LEU I 134 49.21 58.85 3.08
CA LEU I 134 49.35 59.60 1.89
C LEU I 134 50.21 60.85 2.17
N GLU I 135 50.28 61.45 3.39
CA GLU I 135 51.26 62.53 3.54
C GLU I 135 52.68 62.04 3.81
N LEU I 136 52.81 60.70 4.00
CA LEU I 136 54.12 59.98 4.22
C LEU I 136 54.75 59.33 2.98
N LEU I 137 53.95 58.91 2.07
CA LEU I 137 54.42 58.43 0.75
C LEU I 137 55.01 59.50 -0.20
N PRO I 138 55.10 60.79 0.14
CA PRO I 138 55.99 61.68 -0.67
C PRO I 138 57.24 62.01 0.16
N GLN I 139 57.15 61.99 1.53
CA GLN I 139 58.36 62.21 2.34
C GLN I 139 59.19 60.97 2.44
N LEU I 140 58.59 59.81 2.69
CA LEU I 140 59.20 58.51 2.78
C LEU I 140 59.65 57.90 1.43
N ALA I 141 59.16 58.41 0.29
CA ALA I 141 59.51 57.97 -1.05
C ALA I 141 60.87 58.52 -1.63
N THR I 142 61.23 58.05 -2.82
CA THR I 142 62.44 58.42 -3.57
C THR I 142 62.04 58.90 -4.97
N LYS I 143 62.56 60.04 -5.40
CA LYS I 143 62.10 60.73 -6.66
C LYS I 143 63.14 60.78 -7.70
N VAL I 144 62.78 60.40 -8.96
CA VAL I 144 63.78 60.16 -10.06
C VAL I 144 63.70 61.22 -11.15
N ASP I 145 62.90 62.24 -10.86
CA ASP I 145 62.51 63.40 -11.65
C ASP I 145 62.04 62.96 -13.05
N VAL I 146 61.80 63.88 -13.92
CA VAL I 146 61.51 63.66 -15.34
C VAL I 146 62.66 63.17 -16.15
N SER I 147 63.90 63.40 -15.71
CA SER I 147 65.08 63.12 -16.59
C SER I 147 66.23 62.78 -15.80
N ASP I 148 67.04 61.82 -16.19
CA ASP I 148 68.40 61.75 -15.77
C ASP I 148 69.23 61.67 -17.02
N LEU I 149 69.07 62.78 -17.74
CA LEU I 149 69.84 63.09 -18.97
C LEU I 149 69.16 62.60 -20.17
N ASN I 150 68.67 63.56 -21.03
CA ASN I 150 67.78 63.38 -22.12
C ASN I 150 66.48 62.75 -21.76
N SER I 151 65.91 61.91 -22.66
CA SER I 151 64.81 61.02 -22.41
C SER I 151 65.01 59.90 -21.32
N ALA I 152 66.14 59.17 -21.34
CA ALA I 152 66.19 57.92 -20.61
C ALA I 152 67.66 57.46 -20.45
N THR I 153 68.67 58.34 -20.62
CA THR I 153 70.07 57.96 -20.95
C THR I 153 70.69 57.13 -19.90
N ALA I 154 70.49 57.52 -18.64
CA ALA I 154 71.33 56.88 -17.55
C ALA I 154 70.61 55.68 -17.06
N ARG I 155 69.66 55.09 -17.82
CA ARG I 155 68.38 54.48 -17.53
C ARG I 155 68.03 54.15 -16.08
N ASP I 156 68.87 53.35 -15.35
CA ASP I 156 68.80 53.13 -13.88
C ASP I 156 67.38 52.82 -13.37
N ALA I 157 66.69 53.93 -12.93
CA ALA I 157 65.34 53.81 -12.40
C ALA I 157 64.40 53.10 -13.35
N LEU I 158 64.35 53.50 -14.65
CA LEU I 158 63.53 52.80 -15.68
C LEU I 158 63.93 51.34 -15.84
N LYS I 159 65.19 51.10 -15.89
CA LYS I 159 65.71 49.72 -15.97
C LYS I 159 65.30 48.88 -14.68
N LYS I 160 65.43 49.40 -13.43
CA LYS I 160 65.12 48.53 -12.32
C LYS I 160 63.57 48.16 -12.26
N ILE I 161 62.68 49.11 -12.67
CA ILE I 161 61.27 48.78 -12.67
C ILE I 161 60.86 47.88 -13.80
N VAL I 162 61.51 47.99 -15.03
CA VAL I 162 61.31 47.19 -16.18
C VAL I 162 61.96 45.84 -15.98
N TYR I 163 63.15 45.71 -15.36
CA TYR I 163 63.77 44.43 -14.93
C TYR I 163 62.98 43.62 -13.87
N THR I 164 62.45 44.39 -12.83
CA THR I 164 61.59 43.80 -11.80
C THR I 164 60.31 43.26 -12.29
N THR I 165 59.68 44.00 -13.21
CA THR I 165 58.34 43.60 -13.74
C THR I 165 58.40 42.35 -14.56
N MET I 166 59.46 42.15 -15.49
CA MET I 166 59.72 40.93 -16.15
C MET I 166 60.04 39.79 -15.23
N SER I 167 60.87 40.00 -14.15
CA SER I 167 61.00 38.95 -13.22
C SER I 167 59.74 38.48 -12.41
N SER I 168 59.01 39.52 -11.91
CA SER I 168 57.78 39.26 -11.22
C SER I 168 56.70 38.53 -12.08
N LYS I 169 56.55 38.98 -13.34
CA LYS I 169 55.49 38.31 -14.22
C LYS I 169 55.82 37.00 -14.90
N PHE I 170 56.94 36.39 -14.56
CA PHE I 170 57.29 35.15 -15.30
C PHE I 170 58.13 34.23 -14.45
N MET I 171 58.97 34.76 -13.51
CA MET I 171 59.88 33.82 -12.74
C MET I 171 60.81 32.88 -13.63
N ALA I 172 61.52 33.56 -14.56
CA ALA I 172 62.48 33.04 -15.42
C ALA I 172 63.51 34.07 -15.97
N GLU I 173 64.75 33.66 -16.38
CA GLU I 173 65.84 34.37 -17.01
C GLU I 173 65.40 35.00 -18.34
N GLY I 174 66.00 36.10 -18.74
CA GLY I 174 65.77 36.67 -20.04
C GLY I 174 66.67 37.77 -20.39
N GLU I 175 67.95 37.68 -20.18
CA GLU I 175 68.87 38.87 -20.50
C GLU I 175 68.83 39.28 -22.06
N GLU I 176 68.78 38.33 -22.97
CA GLU I 176 68.61 38.62 -24.36
C GLU I 176 67.25 39.06 -24.68
N LEU I 177 66.32 39.08 -23.73
CA LEU I 177 65.03 39.68 -23.83
C LEU I 177 64.91 41.08 -23.20
N ASN I 178 65.58 41.27 -22.00
CA ASN I 178 65.74 42.52 -21.32
C ASN I 178 66.48 43.59 -22.12
N LYS I 179 67.63 43.28 -22.77
CA LYS I 179 68.40 44.35 -23.47
C LYS I 179 67.56 44.98 -24.55
N ILE I 180 66.81 44.13 -25.37
CA ILE I 180 65.90 44.44 -26.44
C ILE I 180 64.66 45.18 -25.89
N MET I 181 64.17 44.75 -24.77
CA MET I 181 63.07 45.40 -24.15
C MET I 181 63.37 46.80 -23.71
N ASP I 182 64.59 47.00 -23.18
CA ASP I 182 65.17 48.27 -22.80
C ASP I 182 65.33 49.13 -24.04
N ILE I 183 65.72 48.64 -25.24
CA ILE I 183 65.76 49.49 -26.48
C ILE I 183 64.44 49.98 -26.92
N VAL I 184 63.37 49.14 -26.83
CA VAL I 184 62.01 49.57 -27.07
C VAL I 184 61.54 50.58 -26.05
N ILE I 185 61.88 50.36 -24.77
CA ILE I 185 61.54 51.26 -23.67
C ILE I 185 62.20 52.59 -23.82
N ASP I 186 63.48 52.68 -24.25
CA ASP I 186 64.24 53.90 -24.50
C ASP I 186 63.67 54.71 -25.65
N ALA I 187 63.23 54.00 -26.76
CA ALA I 187 62.53 54.56 -27.92
C ALA I 187 61.19 55.12 -27.61
N VAL I 188 60.42 54.40 -26.77
CA VAL I 188 59.05 54.84 -26.42
C VAL I 188 58.93 56.10 -25.68
N THR I 189 59.87 56.39 -24.74
CA THR I 189 59.83 57.70 -23.99
C THR I 189 59.93 58.92 -24.91
N THR I 190 60.88 58.83 -25.93
CA THR I 190 61.01 59.87 -26.90
C THR I 190 59.72 60.20 -27.66
N VAL I 191 59.00 59.13 -28.10
CA VAL I 191 57.63 59.25 -28.71
C VAL I 191 56.63 59.95 -27.93
N ALA I 192 56.28 59.34 -26.74
CA ALA I 192 55.77 60.04 -25.62
C ALA I 192 55.89 61.64 -25.45
N GLU I 193 57.08 62.19 -25.04
CA GLU I 193 57.35 63.68 -24.87
C GLU I 193 56.76 64.39 -23.62
N PRO I 194 57.38 65.42 -22.98
CA PRO I 194 57.19 65.61 -21.52
C PRO I 194 56.15 66.67 -21.43
N LEU I 195 55.60 66.90 -20.24
CA LEU I 195 54.46 67.79 -19.94
C LEU I 195 54.93 68.48 -18.66
N PRO I 196 54.34 69.54 -18.21
CA PRO I 196 54.75 70.21 -16.92
C PRO I 196 54.92 69.28 -15.76
N ASP I 197 55.95 69.55 -14.88
CA ASP I 197 56.02 69.24 -13.45
C ASP I 197 56.49 67.80 -13.15
N GLY I 198 57.12 67.17 -14.11
CA GLY I 198 57.60 65.77 -14.03
C GLY I 198 56.71 64.70 -14.75
N GLY I 199 55.56 65.15 -15.34
CA GLY I 199 54.77 64.33 -16.22
C GLY I 199 55.28 63.97 -17.66
N TYR I 200 54.61 62.99 -18.34
CA TYR I 200 54.94 62.55 -19.70
C TYR I 200 53.68 62.06 -20.38
N ASN I 201 53.45 62.47 -21.62
CA ASN I 201 52.26 62.23 -22.42
C ASN I 201 52.36 60.79 -22.95
N VAL I 202 52.20 59.78 -22.09
CA VAL I 202 52.25 58.40 -22.55
C VAL I 202 50.85 57.92 -22.91
N SER I 203 50.72 57.37 -24.15
CA SER I 203 49.57 56.84 -24.79
C SER I 203 50.17 55.56 -25.33
N LEU I 204 49.81 54.48 -24.70
CA LEU I 204 50.08 53.14 -25.14
C LEU I 204 49.17 52.52 -26.11
N ASP I 205 48.11 53.29 -26.39
CA ASP I 205 47.17 53.00 -27.42
C ASP I 205 47.54 53.26 -28.79
N LEU I 206 48.32 54.29 -29.00
CA LEU I 206 48.97 54.49 -30.27
C LEU I 206 50.29 53.66 -30.54
N ILE I 207 50.80 52.82 -29.61
CA ILE I 207 51.83 51.87 -29.74
C ILE I 207 51.26 50.52 -30.31
N LYS I 208 52.01 49.95 -31.33
CA LYS I 208 51.68 48.78 -32.07
C LYS I 208 52.97 47.89 -32.27
N ILE I 209 52.78 46.62 -31.89
CA ILE I 209 53.91 45.63 -32.06
C ILE I 209 53.38 44.50 -32.87
N ASP I 210 54.15 44.10 -33.92
CA ASP I 210 53.88 42.98 -34.79
C ASP I 210 54.96 41.95 -34.63
N LYS I 211 54.56 40.68 -34.36
CA LYS I 211 55.46 39.56 -34.17
C LYS I 211 55.46 38.62 -35.33
N LYS I 212 56.66 38.27 -35.83
CA LYS I 212 56.97 37.37 -36.99
C LYS I 212 57.94 36.24 -36.73
N LYS I 213 57.64 34.99 -37.20
CA LYS I 213 58.48 33.87 -36.97
C LYS I 213 59.87 33.99 -37.64
N GLY I 214 60.77 33.13 -37.20
CA GLY I 214 61.85 32.59 -38.06
C GLY I 214 63.17 33.20 -37.82
N GLY I 215 63.42 33.95 -36.73
CA GLY I 215 64.70 34.54 -36.50
C GLY I 215 65.05 34.64 -35.03
N THR I 216 65.56 35.80 -34.56
CA THR I 216 66.10 35.99 -33.16
C THR I 216 65.43 37.19 -32.50
N ILE I 217 65.40 37.40 -31.19
CA ILE I 217 64.77 38.62 -30.68
C ILE I 217 65.50 39.86 -31.11
N GLU I 218 66.88 39.77 -31.20
CA GLU I 218 67.80 40.72 -31.77
C GLU I 218 67.53 41.19 -33.21
N ASP I 219 66.57 40.47 -33.84
CA ASP I 219 66.30 40.84 -35.14
C ASP I 219 65.03 41.69 -35.21
N SER I 220 64.53 42.18 -34.07
CA SER I 220 63.51 43.21 -33.98
C SER I 220 64.04 44.70 -34.14
N GLN I 221 63.24 45.56 -34.62
CA GLN I 221 63.60 46.99 -34.87
C GLN I 221 62.38 47.93 -34.59
N LEU I 222 62.65 49.21 -34.16
CA LEU I 222 61.71 50.25 -34.21
C LEU I 222 61.52 50.82 -35.58
N ILE I 223 60.26 51.29 -35.90
CA ILE I 223 59.80 51.99 -37.03
C ILE I 223 59.20 53.27 -36.65
N ARG I 224 59.57 54.29 -37.39
CA ARG I 224 58.99 55.65 -37.39
C ARG I 224 57.87 55.83 -38.36
N GLY I 225 56.81 55.02 -38.14
CA GLY I 225 55.67 54.86 -39.07
C GLY I 225 55.08 53.50 -38.72
N ILE I 226 54.10 53.13 -39.50
CA ILE I 226 53.32 51.95 -39.25
C ILE I 226 53.55 50.77 -40.27
N VAL I 227 53.49 49.48 -39.87
CA VAL I 227 53.54 48.41 -40.77
C VAL I 227 52.11 47.76 -40.92
N LEU I 228 51.66 47.60 -42.15
CA LEU I 228 50.40 47.03 -42.56
C LEU I 228 50.45 45.62 -43.03
N ASP I 229 49.76 44.72 -42.36
CA ASP I 229 49.80 43.28 -42.66
C ASP I 229 49.17 42.88 -44.03
N LYS I 230 48.14 43.59 -44.41
CA LYS I 230 47.38 43.52 -45.59
C LYS I 230 48.15 43.69 -46.90
N GLU I 231 47.67 42.99 -47.91
CA GLU I 231 48.13 42.96 -49.27
C GLU I 231 47.50 44.05 -50.12
N VAL I 232 48.34 44.47 -51.01
CA VAL I 232 47.94 45.29 -52.22
C VAL I 232 47.20 44.52 -53.33
N VAL I 233 47.41 43.16 -53.47
CA VAL I 233 46.44 42.23 -53.93
C VAL I 233 46.07 42.35 -55.42
N HIS I 234 46.95 42.80 -56.30
CA HIS I 234 46.68 42.62 -57.74
C HIS I 234 48.05 42.44 -58.35
N ALA I 235 48.29 41.53 -59.31
CA ALA I 235 49.68 41.39 -59.83
C ALA I 235 50.43 42.63 -60.41
N GLY I 236 49.71 43.40 -61.21
CA GLY I 236 50.25 44.54 -61.88
C GLY I 236 50.53 45.79 -61.12
N MET I 237 50.23 45.89 -59.78
CA MET I 237 50.57 47.05 -58.99
C MET I 237 52.09 47.23 -58.80
N PRO I 238 52.72 48.50 -58.75
CA PRO I 238 54.07 48.80 -58.18
C PRO I 238 54.28 48.35 -56.78
N ARG I 239 55.52 48.19 -56.29
CA ARG I 239 55.66 47.67 -54.92
C ARG I 239 56.43 48.67 -54.06
N ARG I 240 56.68 49.87 -54.58
CA ARG I 240 57.32 50.96 -53.74
C ARG I 240 56.81 52.29 -54.26
N VAL I 241 56.53 53.20 -53.37
CA VAL I 241 56.17 54.57 -53.66
C VAL I 241 57.12 55.37 -52.71
N GLU I 242 57.75 56.38 -53.22
CA GLU I 242 58.57 57.33 -52.54
C GLU I 242 58.01 58.70 -52.55
N LYS I 243 57.92 59.35 -51.39
CA LYS I 243 57.18 60.60 -51.25
C LYS I 243 55.69 60.51 -51.58
N ALA I 244 54.93 59.67 -50.86
CA ALA I 244 53.55 59.25 -50.94
C ALA I 244 52.50 60.26 -50.39
N LYS I 245 51.49 60.60 -51.19
CA LYS I 245 50.31 61.28 -50.78
C LYS I 245 49.27 60.18 -50.58
N ILE I 246 48.94 59.94 -49.31
CA ILE I 246 48.10 58.86 -48.87
C ILE I 246 46.60 59.25 -48.46
N ALA I 247 45.72 58.65 -49.12
CA ALA I 247 44.30 58.74 -48.82
C ALA I 247 43.90 57.59 -47.96
N VAL I 248 43.08 57.83 -46.91
CA VAL I 248 42.59 56.86 -46.06
C VAL I 248 41.11 56.83 -46.27
N LEU I 249 40.49 55.69 -46.58
CA LEU I 249 39.11 55.63 -47.10
C LEU I 249 38.36 54.65 -46.18
N ASP I 250 37.27 55.19 -45.61
CA ASP I 250 36.29 54.68 -44.74
C ASP I 250 35.31 53.69 -45.41
N ALA I 251 35.09 54.00 -46.73
CA ALA I 251 34.05 53.40 -47.59
C ALA I 251 34.67 52.66 -48.74
N SER I 252 34.16 51.50 -49.19
CA SER I 252 34.54 50.70 -50.30
C SER I 252 34.75 51.23 -51.68
N LEU I 253 35.75 50.74 -52.37
CA LEU I 253 35.94 50.88 -53.81
C LEU I 253 35.16 49.82 -54.52
N GLU I 254 33.87 49.87 -54.31
CA GLU I 254 32.83 48.97 -54.82
C GLU I 254 31.63 49.90 -55.24
N VAL I 255 30.97 49.78 -56.48
CA VAL I 255 29.85 50.56 -56.85
C VAL I 255 28.68 50.52 -55.88
N GLU I 256 27.99 51.60 -55.82
CA GLU I 256 26.98 51.94 -54.85
C GLU I 256 25.60 51.81 -55.45
N LYS I 257 24.65 51.44 -54.56
CA LYS I 257 23.25 51.13 -54.97
C LYS I 257 22.45 52.31 -55.41
N PRO I 258 21.44 52.34 -56.38
CA PRO I 258 20.79 53.59 -56.81
C PRO I 258 19.84 54.08 -55.83
N GLU I 259 19.55 55.42 -55.91
CA GLU I 259 18.72 56.09 -54.94
C GLU I 259 17.25 55.70 -55.07
N ILE I 260 16.75 55.55 -56.32
CA ILE I 260 15.38 55.11 -56.63
C ILE I 260 15.38 53.98 -57.64
N SER I 261 14.78 52.86 -57.25
CA SER I 261 15.26 51.56 -57.66
C SER I 261 14.09 50.50 -57.83
N ALA I 262 14.19 49.75 -58.96
CA ALA I 262 13.32 48.68 -59.41
C ALA I 262 14.21 47.54 -59.80
N LYS I 263 13.84 46.25 -59.48
CA LYS I 263 14.61 45.08 -59.83
C LYS I 263 14.19 44.65 -61.21
N ILE I 264 15.11 44.47 -62.17
CA ILE I 264 14.88 44.12 -63.52
C ILE I 264 15.70 42.83 -63.86
N SER I 265 15.13 41.66 -64.08
CA SER I 265 15.79 40.41 -64.42
C SER I 265 16.21 40.50 -65.90
N ILE I 266 17.59 40.42 -66.12
CA ILE I 266 18.15 40.62 -67.41
C ILE I 266 18.58 39.24 -67.96
N THR I 267 18.19 38.97 -69.24
CA THR I 267 18.66 37.79 -69.93
C THR I 267 19.02 37.97 -71.47
N SER I 268 18.38 38.91 -72.20
CA SER I 268 19.05 39.73 -73.23
C SER I 268 20.61 39.94 -73.13
N PRO I 269 21.47 39.23 -73.85
CA PRO I 269 22.84 38.99 -73.43
C PRO I 269 23.75 40.22 -73.53
N ASP I 270 23.51 41.06 -74.52
CA ASP I 270 24.21 42.29 -74.63
C ASP I 270 24.01 43.29 -73.49
N GLN I 271 22.85 43.25 -72.89
CA GLN I 271 22.42 44.13 -71.83
C GLN I 271 23.10 43.56 -70.50
N ILE I 272 23.63 42.27 -70.48
CA ILE I 272 24.49 41.88 -69.41
C ILE I 272 25.82 42.46 -69.55
N LYS I 273 26.29 42.63 -70.78
CA LYS I 273 27.54 43.31 -71.04
C LYS I 273 27.55 44.83 -70.71
N ALA I 274 26.40 45.43 -70.84
CA ALA I 274 26.20 46.86 -70.60
C ALA I 274 26.00 47.12 -69.16
N PHE I 275 25.56 46.09 -68.40
CA PHE I 275 25.52 46.29 -66.95
C PHE I 275 26.98 46.22 -66.44
N LEU I 276 27.83 45.32 -67.04
CA LEU I 276 29.16 45.14 -66.57
C LEU I 276 30.05 46.37 -66.83
N ASP I 277 29.94 46.90 -68.04
CA ASP I 277 30.64 48.15 -68.45
C ASP I 277 30.10 49.42 -67.76
N GLU I 278 28.76 49.44 -67.30
CA GLU I 278 28.26 50.47 -66.50
C GLU I 278 28.84 50.43 -65.13
N GLU I 279 29.07 49.23 -64.66
CA GLU I 279 29.66 49.10 -63.36
C GLU I 279 31.12 49.52 -63.45
N ALA I 280 31.74 49.38 -64.61
CA ALA I 280 33.10 49.81 -64.83
C ALA I 280 33.37 51.30 -65.02
N LYS I 281 32.41 52.07 -65.50
CA LYS I 281 32.59 53.51 -65.58
C LYS I 281 32.41 54.21 -64.22
N TYR I 282 31.78 53.52 -63.31
CA TYR I 282 31.68 53.95 -61.92
C TYR I 282 32.93 53.68 -61.11
N LEU I 283 33.55 52.57 -61.32
CA LEU I 283 34.83 52.34 -60.71
C LEU I 283 35.95 53.19 -61.18
N LYS I 284 36.03 53.51 -62.50
CA LYS I 284 37.05 54.41 -63.01
C LYS I 284 36.89 55.84 -62.61
N ASP I 285 35.60 56.32 -62.31
CA ASP I 285 35.25 57.61 -61.74
C ASP I 285 35.69 57.91 -60.32
N MET I 286 35.29 56.96 -59.39
CA MET I 286 35.89 56.86 -58.04
C MET I 286 37.46 56.91 -58.12
N VAL I 287 38.12 56.16 -58.99
CA VAL I 287 39.56 56.14 -59.17
C VAL I 287 40.11 57.48 -59.66
N ASP I 288 39.53 58.17 -60.62
CA ASP I 288 39.91 59.50 -61.14
C ASP I 288 39.82 60.56 -60.07
N LYS I 289 38.89 60.48 -59.18
CA LYS I 289 38.61 61.37 -58.08
C LYS I 289 39.70 61.23 -57.08
N LEU I 290 40.20 59.98 -56.74
CA LEU I 290 41.41 59.75 -55.93
C LEU I 290 42.72 60.31 -56.50
N ALA I 291 42.87 60.04 -57.78
CA ALA I 291 44.02 60.45 -58.52
C ALA I 291 44.08 61.97 -58.70
N SER I 292 42.89 62.64 -58.72
CA SER I 292 42.65 64.09 -58.70
C SER I 292 42.88 64.83 -57.34
N ILE I 293 42.52 64.16 -56.18
CA ILE I 293 43.01 64.42 -54.76
C ILE I 293 44.53 64.35 -54.83
N GLY I 294 45.13 63.58 -55.81
CA GLY I 294 46.53 63.28 -55.97
C GLY I 294 47.07 62.16 -55.10
N ALA I 295 46.12 61.20 -54.79
CA ALA I 295 46.47 59.98 -54.06
C ALA I 295 47.40 58.99 -54.74
N ASN I 296 48.55 58.68 -54.05
CA ASN I 296 49.62 57.85 -54.61
C ASN I 296 49.54 56.50 -54.04
N VAL I 297 49.33 56.49 -52.76
CA VAL I 297 48.98 55.33 -51.99
C VAL I 297 47.49 55.59 -51.64
N VAL I 298 46.75 54.46 -51.42
CA VAL I 298 45.45 54.56 -50.85
C VAL I 298 45.28 53.47 -49.81
N ILE I 299 44.57 53.69 -48.68
CA ILE I 299 44.26 52.55 -47.84
C ILE I 299 42.73 52.58 -47.85
N CYS I 300 42.18 51.36 -48.14
CA CYS I 300 40.74 51.26 -48.20
C CYS I 300 40.28 50.25 -47.24
N GLN I 301 39.41 50.63 -46.20
CA GLN I 301 39.03 49.80 -45.06
C GLN I 301 38.11 48.69 -45.46
N LYS I 302 37.25 48.88 -46.49
CA LYS I 302 36.44 47.79 -47.00
C LYS I 302 37.06 47.16 -48.23
N GLY I 303 36.36 46.14 -48.84
CA GLY I 303 36.32 45.81 -50.36
C GLY I 303 36.93 46.89 -51.31
N ILE I 304 37.66 46.42 -52.26
CA ILE I 304 38.08 47.07 -53.42
C ILE I 304 37.67 46.08 -54.50
N ASP I 305 36.91 46.52 -55.57
CA ASP I 305 36.53 45.70 -56.75
C ASP I 305 37.77 45.51 -57.64
N ASP I 306 37.89 44.34 -58.30
CA ASP I 306 39.03 43.95 -59.15
C ASP I 306 39.30 44.98 -60.26
N ILE I 307 38.30 45.49 -60.92
CA ILE I 307 38.40 46.58 -61.84
C ILE I 307 38.90 47.86 -61.22
N ALA I 308 38.47 48.35 -60.00
CA ALA I 308 39.09 49.56 -59.46
C ALA I 308 40.57 49.44 -59.15
N GLN I 309 41.04 48.24 -58.80
CA GLN I 309 42.43 48.03 -58.50
C GLN I 309 43.27 47.97 -59.78
N HIS I 310 42.75 47.47 -60.91
CA HIS I 310 43.39 47.42 -62.22
C HIS I 310 43.62 48.90 -62.73
N PHE I 311 42.54 49.66 -62.57
CA PHE I 311 42.63 51.13 -62.88
C PHE I 311 43.54 51.96 -61.93
N LEU I 312 43.71 51.58 -60.68
CA LEU I 312 44.75 52.18 -59.87
C LEU I 312 46.19 51.76 -60.25
N ALA I 313 46.37 50.51 -60.67
CA ALA I 313 47.71 50.09 -60.92
C ALA I 313 48.18 50.74 -62.21
N LYS I 314 47.36 50.89 -63.25
CA LYS I 314 47.80 51.61 -64.42
C LYS I 314 48.25 53.06 -64.10
N ARG I 315 47.47 53.78 -63.33
CA ARG I 315 47.71 55.19 -63.04
C ARG I 315 48.87 55.36 -62.00
N GLY I 316 49.36 54.22 -61.55
CA GLY I 316 50.59 54.03 -60.83
C GLY I 316 50.44 53.87 -59.32
N ILE I 317 49.18 53.61 -58.89
CA ILE I 317 48.69 53.89 -57.56
C ILE I 317 48.70 52.63 -56.72
N LEU I 318 49.26 52.73 -55.51
CA LEU I 318 49.45 51.61 -54.67
C LEU I 318 48.36 51.55 -53.67
N ALA I 319 47.39 50.52 -53.76
CA ALA I 319 46.30 50.57 -52.89
C ALA I 319 46.57 49.42 -51.90
N VAL I 320 46.15 49.57 -50.67
CA VAL I 320 46.18 48.44 -49.66
C VAL I 320 44.75 48.17 -49.35
N ARG I 321 44.31 46.97 -49.05
CA ARG I 321 42.91 46.76 -48.74
C ARG I 321 42.63 46.79 -47.21
N ARG I 322 41.75 45.86 -46.72
CA ARG I 322 41.24 45.66 -45.36
C ARG I 322 41.96 45.99 -44.04
N VAL I 323 42.26 47.28 -43.69
CA VAL I 323 42.78 47.72 -42.50
C VAL I 323 41.76 47.78 -41.37
N LYS I 324 42.09 47.41 -40.09
CA LYS I 324 41.14 47.43 -39.01
C LYS I 324 41.24 48.75 -38.27
N ARG I 325 40.14 49.13 -37.60
CA ARG I 325 39.86 50.45 -37.03
C ARG I 325 41.04 50.98 -36.18
N SER I 326 41.70 50.14 -35.35
CA SER I 326 42.76 50.60 -34.51
C SER I 326 44.02 51.02 -35.32
N ASP I 327 44.39 50.24 -36.39
CA ASP I 327 45.48 50.55 -37.29
C ASP I 327 45.25 51.80 -38.14
N ILE I 328 43.92 52.12 -38.43
CA ILE I 328 43.56 53.35 -39.12
C ILE I 328 43.81 54.56 -38.19
N GLU I 329 43.51 54.45 -36.84
CA GLU I 329 43.71 55.58 -35.90
C GLU I 329 45.23 55.91 -35.77
N LYS I 330 46.11 54.90 -35.82
CA LYS I 330 47.51 55.02 -35.77
C LYS I 330 47.99 55.56 -37.09
N LEU I 331 47.42 55.21 -38.26
CA LEU I 331 47.77 55.70 -39.61
C LEU I 331 47.34 57.20 -39.84
N GLU I 332 46.26 57.54 -39.22
CA GLU I 332 45.79 58.90 -39.13
C GLU I 332 46.71 59.87 -38.43
N LYS I 333 46.91 59.58 -37.15
CA LYS I 333 47.72 60.37 -36.30
C LYS I 333 49.13 60.61 -36.76
N ALA I 334 49.73 59.65 -37.45
CA ALA I 334 51.09 59.83 -37.89
C ALA I 334 51.43 60.46 -39.21
N LEU I 335 50.52 60.39 -40.21
CA LEU I 335 50.70 60.92 -41.59
C LEU I 335 49.92 62.16 -41.85
N GLY I 336 49.04 62.60 -40.95
CA GLY I 336 48.03 63.63 -41.13
C GLY I 336 46.96 63.32 -42.18
N ALA I 337 46.76 61.98 -42.36
CA ALA I 337 45.65 61.46 -43.09
C ALA I 337 44.35 61.45 -42.32
N ARG I 338 43.63 62.62 -42.24
CA ARG I 338 42.41 62.79 -41.49
C ARG I 338 41.07 62.25 -42.15
N ILE I 339 41.14 61.41 -43.16
CA ILE I 339 40.11 60.39 -43.36
C ILE I 339 39.04 60.79 -44.31
N ILE I 340 39.04 60.15 -45.57
CA ILE I 340 38.04 60.41 -46.58
C ILE I 340 36.90 59.46 -46.48
N SER I 341 35.68 59.90 -46.11
CA SER I 341 34.41 59.13 -46.24
C SER I 341 34.00 59.09 -47.71
N SER I 342 34.05 60.28 -48.40
CA SER I 342 33.42 60.40 -49.72
C SER I 342 34.55 60.42 -50.62
N ILE I 343 34.75 59.31 -51.31
CA ILE I 343 35.64 59.16 -52.43
C ILE I 343 35.23 60.05 -53.65
N LYS I 344 33.95 60.04 -53.81
CA LYS I 344 33.16 60.79 -54.69
C LYS I 344 33.22 62.28 -54.60
N ASP I 345 33.23 62.89 -53.34
CA ASP I 345 33.19 64.31 -53.26
C ASP I 345 34.49 65.03 -53.62
N ALA I 346 35.57 64.21 -53.84
CA ALA I 346 36.93 64.49 -54.32
C ALA I 346 37.55 65.76 -53.76
N THR I 347 37.48 65.96 -52.42
CA THR I 347 37.68 67.31 -51.88
C THR I 347 38.81 67.23 -50.77
N PRO I 348 39.92 67.96 -50.77
CA PRO I 348 41.19 67.30 -50.93
C PRO I 348 42.04 67.65 -49.76
N GLU I 349 41.48 68.29 -48.65
CA GLU I 349 42.22 68.70 -47.45
C GLU I 349 42.43 67.52 -46.42
N ASP I 350 41.74 66.38 -46.54
CA ASP I 350 41.75 65.25 -45.61
C ASP I 350 42.96 64.28 -45.87
N LEU I 351 43.99 64.74 -46.69
CA LEU I 351 44.95 63.94 -47.34
C LEU I 351 46.18 63.88 -46.51
N GLY I 352 46.85 62.71 -46.34
CA GLY I 352 48.13 62.67 -45.63
C GLY I 352 49.38 62.43 -46.42
N TYR I 353 50.55 62.42 -45.74
CA TYR I 353 51.85 62.40 -46.34
C TYR I 353 52.75 61.46 -45.63
N ALA I 354 53.44 60.56 -46.35
CA ALA I 354 54.35 59.57 -45.74
C ALA I 354 55.65 59.65 -46.57
N GLU I 355 56.86 59.45 -45.94
CA GLU I 355 58.07 59.42 -46.74
C GLU I 355 58.19 58.26 -47.79
N LEU I 356 57.84 57.03 -47.42
CA LEU I 356 57.86 55.94 -48.36
C LEU I 356 56.86 54.85 -47.90
N VAL I 357 56.49 54.01 -48.89
CA VAL I 357 55.61 52.91 -48.69
C VAL I 357 56.25 51.83 -49.58
N GLU I 358 56.66 50.66 -49.05
CA GLU I 358 57.03 49.61 -49.91
C GLU I 358 56.47 48.26 -49.39
N GLU I 359 56.41 47.22 -50.20
CA GLU I 359 56.21 45.86 -49.74
C GLU I 359 57.37 45.02 -49.42
N ARG I 360 57.31 44.41 -48.28
CA ARG I 360 58.47 43.63 -47.75
C ARG I 360 58.00 42.28 -47.24
N LYS I 361 58.73 41.18 -47.45
CA LYS I 361 58.41 39.92 -46.75
C LYS I 361 59.18 39.92 -45.43
N VAL I 362 58.50 39.63 -44.27
CA VAL I 362 59.14 39.45 -42.96
C VAL I 362 58.74 38.03 -42.52
N GLY I 363 59.65 37.11 -42.23
CA GLY I 363 59.22 35.80 -41.75
C GLY I 363 58.59 35.01 -42.80
N ASN I 364 58.63 35.37 -44.06
CA ASN I 364 58.04 34.83 -45.25
C ASN I 364 56.72 35.45 -45.67
N ASP I 365 56.01 36.13 -44.71
CA ASP I 365 54.73 36.78 -44.88
C ASP I 365 54.91 38.14 -45.52
N LYS I 366 54.00 38.44 -46.41
CA LYS I 366 54.05 39.82 -46.97
C LYS I 366 53.48 40.78 -45.96
N MET I 367 54.01 41.99 -45.99
CA MET I 367 53.69 43.06 -45.12
C MET I 367 54.04 44.40 -45.83
N VAL I 368 53.27 45.44 -45.69
CA VAL I 368 53.36 46.75 -46.37
C VAL I 368 53.77 47.82 -45.38
N PHE I 369 54.93 48.54 -45.67
CA PHE I 369 55.44 49.41 -44.59
C PHE I 369 55.36 50.86 -44.93
N ILE I 370 54.75 51.58 -43.99
CA ILE I 370 54.82 53.02 -44.07
C ILE I 370 55.78 53.55 -43.08
N GLU I 371 56.85 54.30 -43.56
CA GLU I 371 57.91 54.83 -42.69
C GLU I 371 58.58 56.15 -43.18
N GLY I 372 59.28 56.76 -42.16
CA GLY I 372 59.91 58.08 -42.37
C GLY I 372 59.04 59.26 -42.03
N ALA I 373 58.49 59.35 -40.70
CA ALA I 373 57.45 60.24 -40.31
C ALA I 373 58.15 61.18 -39.27
N LYS I 374 58.12 62.52 -39.53
CA LYS I 374 58.54 63.41 -38.49
C LYS I 374 57.69 63.35 -37.17
N ASN I 375 58.32 63.45 -36.01
CA ASN I 375 57.63 63.77 -34.75
C ASN I 375 56.34 63.01 -34.29
N PRO I 376 56.29 61.65 -34.38
CA PRO I 376 55.06 61.00 -34.24
C PRO I 376 54.76 60.58 -32.85
N LYS I 377 53.48 60.30 -32.55
CA LYS I 377 53.04 59.68 -31.27
C LYS I 377 52.72 58.23 -31.53
N ALA I 378 52.70 57.80 -32.83
CA ALA I 378 52.29 56.52 -33.21
C ALA I 378 53.44 55.88 -34.03
N VAL I 379 54.05 54.79 -33.47
CA VAL I 379 55.16 54.02 -33.99
C VAL I 379 54.80 52.53 -33.99
N ASN I 380 55.62 51.79 -34.74
CA ASN I 380 55.48 50.37 -34.91
C ASN I 380 56.82 49.66 -34.49
N ILE I 381 56.71 48.55 -33.73
CA ILE I 381 57.86 47.79 -33.28
C ILE I 381 57.62 46.53 -34.09
N LEU I 382 58.71 46.12 -34.75
CA LEU I 382 58.75 44.92 -35.50
C LEU I 382 59.46 43.90 -34.67
N LEU I 383 58.79 42.76 -34.31
CA LEU I 383 59.32 41.72 -33.41
C LEU I 383 59.57 40.39 -34.06
N ARG I 384 60.85 40.01 -34.22
CA ARG I 384 61.22 38.59 -34.68
C ARG I 384 61.52 37.72 -33.48
N GLY I 385 61.33 36.36 -33.70
CA GLY I 385 61.61 35.31 -32.79
C GLY I 385 61.53 33.98 -33.41
N SER I 386 61.34 32.87 -32.67
CA SER I 386 61.39 31.52 -33.19
C SER I 386 60.20 31.05 -33.96
N ASN I 387 59.30 30.22 -33.43
CA ASN I 387 57.94 30.01 -34.02
C ASN I 387 56.83 30.99 -33.59
N ASP I 388 56.03 30.54 -32.54
CA ASP I 388 54.94 31.38 -32.15
C ASP I 388 54.84 31.54 -30.58
N MET I 389 55.06 30.48 -29.75
CA MET I 389 54.82 30.56 -28.34
C MET I 389 55.82 31.38 -27.56
N ALA I 390 57.13 31.37 -27.98
CA ALA I 390 58.25 32.04 -27.29
C ALA I 390 58.30 33.59 -27.59
N LEU I 391 57.50 33.90 -28.65
CA LEU I 391 57.35 35.20 -29.24
C LEU I 391 56.15 35.86 -28.63
N ASP I 392 54.95 35.09 -28.45
CA ASP I 392 53.84 35.48 -27.66
C ASP I 392 54.23 35.85 -26.23
N GLU I 393 55.17 34.97 -25.65
CA GLU I 393 55.68 35.32 -24.35
C GLU I 393 56.58 36.65 -24.36
N ALA I 394 57.42 36.81 -25.35
CA ALA I 394 58.24 37.98 -25.47
C ALA I 394 57.45 39.27 -25.81
N GLU I 395 56.33 39.23 -26.55
CA GLU I 395 55.44 40.41 -26.86
C GLU I 395 54.73 40.82 -25.62
N ARG I 396 54.24 39.85 -24.93
CA ARG I 396 53.64 40.03 -23.64
C ARG I 396 54.57 40.62 -22.54
N SER I 397 55.84 40.18 -22.48
CA SER I 397 56.83 40.76 -21.59
C SER I 397 57.04 42.22 -21.90
N ILE I 398 57.09 42.60 -23.19
CA ILE I 398 57.26 44.01 -23.66
C ILE I 398 56.07 44.86 -23.32
N ASN I 399 54.88 44.31 -23.50
CA ASN I 399 53.65 44.96 -23.03
C ASN I 399 53.77 45.33 -21.51
N ASP I 400 53.91 44.26 -20.61
CA ASP I 400 54.10 44.46 -19.20
C ASP I 400 55.17 45.50 -18.75
N ALA I 401 56.31 45.59 -19.47
CA ALA I 401 57.35 46.57 -19.27
C ALA I 401 56.98 47.99 -19.66
N LEU I 402 56.19 48.15 -20.80
CA LEU I 402 55.68 49.40 -21.28
C LEU I 402 54.68 49.92 -20.27
N TYR I 403 53.86 49.08 -19.70
CA TYR I 403 52.78 49.43 -18.81
C TYR I 403 53.25 49.96 -17.43
N SER I 404 54.37 49.34 -16.99
CA SER I 404 55.09 49.84 -15.87
C SER I 404 55.88 51.10 -16.20
N LEU I 405 56.31 51.28 -17.47
CA LEU I 405 56.99 52.43 -17.88
C LEU I 405 56.06 53.63 -17.90
N ARG I 406 54.75 53.43 -18.28
CA ARG I 406 53.70 54.44 -18.24
C ARG I 406 53.37 54.77 -16.79
N ASN I 407 53.62 53.82 -15.90
CA ASN I 407 53.57 54.13 -14.39
C ASN I 407 54.68 54.88 -13.72
N ILE I 408 55.93 54.71 -14.06
CA ILE I 408 57.07 55.56 -13.67
C ILE I 408 57.12 56.89 -14.37
N LEU I 409 56.74 57.04 -15.70
CA LEU I 409 56.68 58.32 -16.36
C LEU I 409 55.65 59.20 -15.76
N MET I 410 54.43 58.67 -15.43
CA MET I 410 53.41 59.61 -14.97
C MET I 410 53.38 59.93 -13.51
N GLU I 411 54.13 59.26 -12.68
CA GLU I 411 54.61 59.93 -11.41
C GLU I 411 56.10 59.64 -11.20
N PRO I 412 57.02 60.61 -11.20
CA PRO I 412 58.44 60.31 -11.05
C PRO I 412 58.84 59.96 -9.61
N TYR I 413 58.08 59.18 -8.87
CA TYR I 413 58.40 58.80 -7.51
C TYR I 413 58.59 57.33 -7.55
N ILE I 414 59.51 56.70 -6.86
CA ILE I 414 59.67 55.27 -6.89
C ILE I 414 59.72 54.86 -5.46
N VAL I 415 59.40 53.61 -5.23
CA VAL I 415 59.36 53.21 -3.89
C VAL I 415 59.80 51.73 -3.82
N PRO I 416 60.16 51.21 -2.65
CA PRO I 416 60.46 49.82 -2.41
C PRO I 416 59.34 49.17 -1.65
N GLY I 417 58.20 48.84 -2.32
CA GLY I 417 57.02 48.23 -1.67
C GLY I 417 57.18 46.72 -1.59
N GLY I 418 56.28 46.11 -0.74
CA GLY I 418 56.37 44.64 -0.43
C GLY I 418 57.41 44.29 0.58
N GLY I 419 57.96 45.24 1.33
CA GLY I 419 58.84 44.95 2.51
C GLY I 419 59.09 46.17 3.30
N ALA I 420 59.36 47.32 2.61
CA ALA I 420 60.09 48.45 3.31
C ALA I 420 59.07 49.43 3.74
N ILE I 421 58.31 50.02 2.78
CA ILE I 421 57.14 50.92 2.93
C ILE I 421 56.18 50.49 4.02
N GLU I 422 55.69 49.22 3.93
CA GLU I 422 54.67 48.63 4.72
C GLU I 422 55.06 48.60 6.15
N LEU I 423 56.28 48.05 6.33
CA LEU I 423 56.85 47.89 7.64
C LEU I 423 57.03 49.27 8.28
N GLU I 424 57.49 50.35 7.46
CA GLU I 424 57.70 51.73 7.93
C GLU I 424 56.48 52.52 8.26
N LEU I 425 55.42 52.32 7.44
CA LEU I 425 54.14 52.88 7.67
C LEU I 425 53.45 52.29 8.86
N SER I 426 53.54 50.96 9.11
CA SER I 426 52.86 50.28 10.22
C SER I 426 53.44 50.74 11.56
N ALA I 427 54.79 51.05 11.56
CA ALA I 427 55.43 51.68 12.75
C ALA I 427 55.09 53.14 12.88
N ARG I 428 54.96 53.87 11.73
CA ARG I 428 54.52 55.25 11.80
C ARG I 428 53.06 55.42 12.28
N LEU I 429 52.24 54.49 11.92
CA LEU I 429 50.92 54.45 12.44
C LEU I 429 50.76 54.03 13.87
N ARG I 430 51.55 53.05 14.40
CA ARG I 430 51.56 52.82 15.77
C ARG I 430 52.59 53.73 16.54
N GLU I 431 52.24 55.04 16.41
CA GLU I 431 52.98 56.19 16.90
C GLU I 431 52.05 57.36 16.75
N TYR I 432 51.54 57.50 15.51
CA TYR I 432 50.42 58.31 15.22
C TYR I 432 49.16 57.90 16.01
N ALA I 433 48.64 56.65 15.84
CA ALA I 433 47.47 56.01 16.52
C ALA I 433 47.55 56.22 17.98
N ARG I 434 48.71 56.42 18.63
CA ARG I 434 48.80 56.82 20.01
C ARG I 434 48.43 58.28 20.30
N SER I 435 48.93 59.22 19.48
CA SER I 435 48.54 60.65 19.58
C SER I 435 47.14 61.03 19.12
N VAL I 436 46.46 60.22 18.31
CA VAL I 436 45.07 60.34 18.01
C VAL I 436 44.15 59.68 19.13
N GLY I 437 42.94 60.18 19.30
CA GLY I 437 42.01 59.81 20.34
C GLY I 437 40.91 58.96 19.71
N GLY I 438 39.88 58.96 20.55
CA GLY I 438 38.66 58.19 20.27
C GLY I 438 38.58 56.78 19.80
N LYS I 439 37.49 56.48 19.11
CA LYS I 439 37.40 55.25 18.37
C LYS I 439 38.14 55.30 17.03
N GLU I 440 38.64 56.45 16.64
CA GLU I 440 39.45 56.78 15.49
C GLU I 440 40.89 56.29 15.66
N GLN I 441 41.34 56.03 16.91
CA GLN I 441 42.68 55.44 17.05
C GLN I 441 42.75 53.97 16.76
N LEU I 442 41.70 53.16 17.16
CA LEU I 442 41.54 51.69 17.08
C LEU I 442 41.41 51.29 15.57
N ALA I 443 40.68 52.18 14.83
CA ALA I 443 40.51 52.14 13.39
C ALA I 443 41.81 52.43 12.64
N ILE I 444 42.65 53.42 13.12
CA ILE I 444 43.99 53.55 12.57
C ILE I 444 44.85 52.35 12.82
N GLU I 445 44.71 51.81 14.03
CA GLU I 445 45.57 50.76 14.33
C GLU I 445 45.26 49.41 13.65
N ALA I 446 44.08 49.26 13.12
CA ALA I 446 43.65 48.05 12.41
C ALA I 446 44.11 48.10 10.99
N TYR I 447 44.24 49.32 10.48
CA TYR I 447 44.89 49.64 9.18
C TYR I 447 46.40 49.44 9.30
N ALA I 448 47.01 49.66 10.48
CA ALA I 448 48.43 49.37 10.74
C ALA I 448 48.74 47.82 10.71
N ASP I 449 47.83 47.06 11.36
CA ASP I 449 48.01 45.58 11.37
C ASP I 449 47.96 45.08 9.99
N ALA I 450 47.05 45.71 9.18
CA ALA I 450 46.90 45.26 7.76
C ALA I 450 48.09 45.43 6.95
N LEU I 451 48.90 46.56 7.07
CA LEU I 451 50.15 46.73 6.38
C LEU I 451 51.17 45.65 6.69
N GLU I 452 51.14 45.26 7.98
CA GLU I 452 51.88 44.10 8.42
C GLU I 452 51.41 42.79 7.87
N GLU I 453 50.14 42.70 7.38
CA GLU I 453 49.56 41.58 6.70
C GLU I 453 49.85 41.56 5.20
N ILE I 454 50.39 42.60 4.55
CA ILE I 454 50.96 42.54 3.21
C ILE I 454 52.40 41.90 3.38
N PRO I 455 53.33 41.47 2.40
CA PRO I 455 54.71 41.23 2.92
C PRO I 455 54.99 39.82 3.43
N MET I 456 54.26 39.30 4.49
CA MET I 456 54.46 37.96 5.04
C MET I 456 53.66 36.94 4.16
N ILE I 457 52.63 37.45 3.46
CA ILE I 457 51.87 36.68 2.55
C ILE I 457 52.57 36.47 1.23
N LEU I 458 53.40 37.40 0.84
CA LEU I 458 54.43 37.33 -0.23
C LEU I 458 55.44 36.25 0.23
N ALA I 459 55.89 36.21 1.53
CA ALA I 459 56.70 35.08 1.96
C ALA I 459 55.99 33.66 2.00
N GLU I 460 54.68 33.61 2.27
CA GLU I 460 53.95 32.38 2.42
C GLU I 460 53.66 31.68 1.03
N THR I 461 53.41 32.55 0.07
CA THR I 461 53.22 32.25 -1.34
C THR I 461 54.53 31.59 -1.83
N ALA I 462 55.71 32.13 -1.36
CA ALA I 462 56.95 31.60 -1.58
C ALA I 462 57.37 30.30 -0.89
N GLY I 463 56.52 29.74 -0.01
CA GLY I 463 56.82 28.58 0.74
C GLY I 463 57.75 28.90 1.94
N LEU I 464 57.79 30.09 2.42
CA LEU I 464 58.65 30.42 3.56
C LEU I 464 57.78 30.64 4.78
N GLU I 465 58.34 30.80 5.96
CA GLU I 465 57.58 30.86 7.22
C GLU I 465 57.17 32.36 7.39
N PRO I 466 55.84 32.66 7.41
CA PRO I 466 55.39 34.09 7.35
C PRO I 466 55.60 34.85 8.67
N ILE I 467 55.13 34.30 9.73
CA ILE I 467 55.18 34.88 11.06
C ILE I 467 56.65 35.11 11.50
N SER I 468 57.61 34.21 11.19
CA SER I 468 59.01 34.43 11.42
C SER I 468 59.68 35.40 10.55
N ALA I 469 59.22 35.54 9.25
CA ALA I 469 59.72 36.63 8.32
C ALA I 469 59.24 37.94 8.82
N LEU I 470 57.99 38.12 9.34
CA LEU I 470 57.45 39.38 9.92
C LEU I 470 58.07 39.89 11.17
N MET I 471 58.37 39.09 12.07
CA MET I 471 59.06 39.47 13.31
C MET I 471 60.52 39.85 13.09
N ASP I 472 61.13 39.19 12.06
CA ASP I 472 62.56 39.45 11.76
C ASP I 472 62.66 40.73 10.98
N LEU I 473 61.56 41.05 10.21
CA LEU I 473 61.48 42.31 9.42
C LEU I 473 61.11 43.54 10.34
N ARG I 474 60.32 43.35 11.39
CA ARG I 474 60.17 44.37 12.44
C ARG I 474 61.47 44.68 13.15
N ALA I 475 62.29 43.67 13.47
CA ALA I 475 63.55 43.72 14.14
C ALA I 475 64.64 44.25 13.23
N ARG I 476 64.61 44.01 11.86
CA ARG I 476 65.55 44.47 10.84
C ARG I 476 65.38 45.99 10.54
N HIS I 477 64.14 46.49 10.67
CA HIS I 477 63.82 47.86 10.44
C HIS I 477 64.15 48.74 11.71
N ALA I 478 64.52 48.13 12.84
CA ALA I 478 64.62 48.73 14.11
C ALA I 478 66.05 48.76 14.63
N LYS I 479 66.66 47.64 14.42
CA LYS I 479 68.08 47.47 14.75
C LYS I 479 68.87 47.93 13.58
N GLY I 480 68.45 47.66 12.35
CA GLY I 480 69.01 48.16 11.15
C GLY I 480 68.15 49.28 10.56
N LEU I 481 68.20 49.38 9.23
CA LEU I 481 67.60 50.41 8.51
C LEU I 481 66.34 49.94 7.81
N THR I 482 65.61 50.89 7.24
CA THR I 482 64.22 50.81 6.82
C THR I 482 64.04 50.49 5.35
N ASN I 483 65.09 50.25 4.57
CA ASN I 483 65.00 50.03 3.09
C ASN I 483 65.17 48.55 2.76
N CYS I 484 64.77 47.76 3.79
CA CYS I 484 64.63 46.33 3.81
C CYS I 484 63.61 45.78 2.84
N GLY I 485 64.07 44.68 2.15
CA GLY I 485 63.06 43.78 1.40
C GLY I 485 63.17 42.34 1.77
N VAL I 486 62.31 41.41 1.22
CA VAL I 486 62.60 40.01 1.44
C VAL I 486 62.47 39.26 0.15
N ASP I 487 63.49 38.45 -0.29
CA ASP I 487 63.51 37.84 -1.63
C ASP I 487 62.64 36.60 -1.76
N VAL I 488 61.86 36.40 -2.86
CA VAL I 488 61.26 35.09 -3.14
C VAL I 488 62.02 34.18 -4.06
N ILE I 489 63.10 34.71 -4.72
CA ILE I 489 63.93 33.89 -5.58
C ILE I 489 65.12 33.20 -4.81
N ASN I 490 65.84 33.96 -4.00
CA ASN I 490 66.78 33.30 -3.10
C ASN I 490 66.28 33.16 -1.65
N GLY I 491 65.17 33.80 -1.27
CA GLY I 491 64.64 33.58 0.10
C GLY I 491 65.22 34.36 1.12
N LYS I 492 66.17 35.21 0.72
CA LYS I 492 66.89 36.14 1.67
C LYS I 492 66.23 37.37 2.02
N ILE I 493 66.03 37.64 3.31
CA ILE I 493 65.97 38.97 3.88
C ILE I 493 67.22 39.85 3.53
N ILE I 494 66.92 41.02 2.85
CA ILE I 494 68.05 41.75 2.25
C ILE I 494 67.89 43.23 2.46
N ASP I 495 68.91 43.87 3.09
CA ASP I 495 69.13 45.31 3.24
C ASP I 495 69.32 45.97 1.93
N ASP I 496 69.03 47.27 1.85
CA ASP I 496 68.83 48.04 0.64
C ASP I 496 68.35 47.36 -0.63
N ILE I 497 67.05 47.00 -0.65
CA ILE I 497 66.40 46.21 -1.65
C ILE I 497 66.34 46.88 -3.04
N TYR I 498 66.43 48.24 -3.03
CA TYR I 498 66.56 48.92 -4.26
C TYR I 498 67.91 48.71 -4.87
N SER I 499 68.92 48.29 -4.07
CA SER I 499 70.26 47.97 -4.64
C SER I 499 70.42 46.58 -5.13
N ILE I 500 69.38 45.78 -4.89
CA ILE I 500 69.22 44.51 -5.48
C ILE I 500 68.43 44.59 -6.73
N ASN I 501 68.08 45.84 -7.11
CA ASN I 501 67.37 46.22 -8.30
C ASN I 501 65.89 45.90 -8.33
N VAL I 502 65.34 45.79 -7.17
CA VAL I 502 63.98 45.28 -6.92
C VAL I 502 63.14 46.56 -6.42
N VAL I 503 62.55 47.28 -7.35
CA VAL I 503 61.74 48.42 -6.91
C VAL I 503 60.42 48.49 -7.69
N GLU I 504 59.46 49.28 -7.20
CA GLU I 504 58.12 49.51 -7.84
C GLU I 504 58.01 50.96 -8.27
N PRO I 505 57.31 51.34 -9.34
CA PRO I 505 56.64 52.66 -9.47
C PRO I 505 55.68 52.82 -8.30
N ILE I 506 55.72 54.00 -7.61
CA ILE I 506 54.69 54.42 -6.63
C ILE I 506 53.23 54.24 -7.03
N ARG I 507 52.92 54.42 -8.34
CA ARG I 507 51.48 54.40 -8.80
C ARG I 507 50.71 53.06 -8.82
N VAL I 508 51.38 51.92 -8.83
CA VAL I 508 50.81 50.66 -8.64
C VAL I 508 50.51 50.47 -7.21
N THR I 509 51.20 51.17 -6.27
CA THR I 509 50.80 51.15 -4.83
C THR I 509 49.59 51.98 -4.65
N ARG I 510 49.68 53.30 -4.96
CA ARG I 510 48.50 54.10 -4.84
C ARG I 510 47.19 53.65 -5.33
N GLN I 511 47.17 53.04 -6.55
CA GLN I 511 46.02 52.58 -7.27
C GLN I 511 45.28 51.37 -6.77
N VAL I 512 45.95 50.37 -6.14
CA VAL I 512 45.38 49.23 -5.53
C VAL I 512 44.94 49.63 -4.10
N LEU I 513 45.52 50.72 -3.50
CA LEU I 513 45.00 51.35 -2.29
C LEU I 513 43.90 52.24 -2.55
N LYS I 514 43.85 52.90 -3.75
CA LYS I 514 42.69 53.68 -4.17
C LYS I 514 41.44 52.86 -4.41
N SER I 515 41.58 51.65 -5.05
CA SER I 515 40.35 50.78 -5.16
C SER I 515 40.07 49.93 -3.94
N ALA I 516 41.05 49.67 -3.02
CA ALA I 516 40.77 48.94 -1.81
C ALA I 516 40.07 49.74 -0.74
N THR I 517 40.44 51.05 -0.58
CA THR I 517 39.74 51.96 0.39
C THR I 517 38.34 52.38 -0.09
N GLU I 518 38.11 52.23 -1.38
CA GLU I 518 36.88 52.48 -1.96
C GLU I 518 35.94 51.33 -1.73
N ALA I 519 36.46 50.11 -1.91
CA ALA I 519 35.71 48.88 -1.82
C ALA I 519 35.25 48.52 -0.45
N ALA I 520 36.10 48.67 0.61
CA ALA I 520 35.77 48.40 2.01
C ALA I 520 34.88 49.42 2.61
N THR I 521 34.96 50.71 2.24
CA THR I 521 34.10 51.82 2.73
C THR I 521 32.64 51.57 2.15
N SER I 522 32.54 51.09 0.90
CA SER I 522 31.30 50.74 0.29
C SER I 522 30.73 49.48 0.81
N ILE I 523 31.56 48.50 1.16
CA ILE I 523 30.99 47.27 1.87
C ILE I 523 30.58 47.44 3.30
N MET I 524 31.20 48.47 3.93
CA MET I 524 30.63 48.88 5.26
C MET I 524 29.35 49.54 5.10
N LYS I 525 29.13 50.31 4.00
CA LYS I 525 28.05 51.21 3.77
C LYS I 525 26.78 50.58 3.16
N ILE I 526 26.89 49.29 2.86
CA ILE I 526 25.79 48.58 2.15
C ILE I 526 24.96 47.75 3.15
N ASP I 527 23.67 47.68 3.00
CA ASP I 527 22.82 46.89 3.88
C ASP I 527 21.43 46.46 3.17
N ASP I 528 20.74 45.43 3.67
CA ASP I 528 19.60 44.79 3.03
C ASP I 528 19.86 44.44 1.50
N LEU I 529 18.93 43.70 0.96
CA LEU I 529 19.06 43.15 -0.38
C LEU I 529 17.56 42.94 -0.79
N ILE I 530 17.10 43.65 -1.77
CA ILE I 530 15.71 43.61 -2.33
C ILE I 530 15.70 43.26 -3.78
N ALA I 531 15.07 42.14 -4.16
CA ALA I 531 15.29 41.49 -5.44
C ALA I 531 13.90 41.42 -6.14
N ALA I 532 13.84 41.76 -7.38
CA ALA I 532 12.55 41.83 -8.15
C ALA I 532 11.87 40.43 -8.34
N THR J 14 -23.95 -26.91 4.41
CA THR J 14 -24.73 -28.18 4.63
C THR J 14 -25.08 -28.88 3.36
N SER J 15 -24.82 -30.19 3.22
CA SER J 15 -25.00 -30.72 1.83
C SER J 15 -26.43 -31.08 1.67
N ARG J 16 -27.07 -30.46 0.66
CA ARG J 16 -28.41 -30.73 0.29
C ARG J 16 -28.37 -31.56 -0.94
N ASN J 17 -29.52 -32.16 -1.34
CA ASN J 17 -29.54 -33.10 -2.43
C ASN J 17 -30.93 -33.12 -3.09
N SER J 18 -31.08 -33.16 -4.40
CA SER J 18 -32.33 -33.40 -5.04
C SER J 18 -32.22 -33.89 -6.44
N GLY J 19 -33.23 -34.60 -6.95
CA GLY J 19 -33.36 -34.89 -8.37
C GLY J 19 -32.57 -36.06 -8.68
N ARG J 20 -32.46 -37.00 -7.73
CA ARG J 20 -31.58 -38.22 -7.80
C ARG J 20 -30.11 -37.96 -7.61
N ASP J 21 -29.75 -36.81 -7.00
CA ASP J 21 -28.35 -36.49 -6.73
C ASP J 21 -27.68 -37.44 -5.77
N ALA J 22 -28.35 -37.59 -4.61
CA ALA J 22 -27.93 -38.58 -3.62
C ALA J 22 -27.71 -40.04 -4.15
N LEU J 23 -28.62 -40.57 -5.06
CA LEU J 23 -28.57 -41.88 -5.56
C LEU J 23 -27.35 -42.01 -6.42
N LYS J 24 -27.01 -41.05 -7.22
CA LYS J 24 -25.83 -41.13 -8.03
C LYS J 24 -24.51 -41.09 -7.30
N ASN J 25 -24.53 -40.42 -6.15
CA ASN J 25 -23.37 -40.22 -5.30
C ASN J 25 -23.17 -41.42 -4.39
N ASN J 26 -24.21 -42.14 -4.02
CA ASN J 26 -23.99 -43.36 -3.32
C ASN J 26 -23.66 -44.51 -4.27
N ILE J 27 -23.98 -44.40 -5.57
CA ILE J 27 -23.42 -45.31 -6.56
C ILE J 27 -21.92 -44.97 -6.76
N LEU J 28 -21.48 -43.73 -6.83
CA LEU J 28 -20.14 -43.35 -7.20
C LEU J 28 -19.10 -43.85 -6.26
N ALA J 29 -19.47 -43.78 -4.98
CA ALA J 29 -18.72 -44.34 -3.83
C ALA J 29 -18.55 -45.83 -3.82
N ALA J 30 -19.70 -46.59 -4.07
CA ALA J 30 -19.89 -48.07 -4.28
C ALA J 30 -19.26 -48.66 -5.50
N ARG J 31 -19.16 -47.85 -6.49
CA ARG J 31 -18.47 -48.10 -7.78
C ARG J 31 -17.00 -47.88 -7.55
N THR J 32 -16.61 -46.90 -6.72
CA THR J 32 -15.17 -46.72 -6.44
C THR J 32 -14.59 -47.72 -5.56
N LEU J 33 -15.27 -48.12 -4.43
CA LEU J 33 -14.91 -49.27 -3.65
C LEU J 33 -14.95 -50.60 -4.47
N ALA J 34 -15.93 -50.86 -5.45
CA ALA J 34 -15.83 -52.02 -6.28
C ALA J 34 -14.60 -52.12 -7.20
N GLU J 35 -14.31 -51.03 -7.95
CA GLU J 35 -13.33 -50.96 -8.99
C GLU J 35 -11.91 -50.89 -8.50
N MET J 36 -11.72 -50.56 -7.21
CA MET J 36 -10.46 -50.62 -6.47
C MET J 36 -10.27 -52.00 -5.82
N LEU J 37 -11.32 -52.60 -5.31
CA LEU J 37 -11.16 -53.93 -4.85
C LEU J 37 -10.99 -54.93 -6.04
N ARG J 38 -11.39 -54.57 -7.28
CA ARG J 38 -11.44 -55.46 -8.46
C ARG J 38 -10.06 -55.77 -8.96
N SER J 39 -9.04 -54.84 -8.82
CA SER J 39 -7.66 -55.25 -9.13
C SER J 39 -7.16 -56.41 -8.27
N SER J 40 -7.74 -56.64 -7.09
CA SER J 40 -7.45 -57.69 -6.19
C SER J 40 -8.28 -58.98 -6.30
N LEU J 41 -9.01 -59.08 -7.40
CA LEU J 41 -10.03 -60.04 -7.65
C LEU J 41 -9.57 -61.34 -8.41
N GLY J 42 -10.03 -62.50 -7.94
CA GLY J 42 -9.71 -63.83 -8.57
C GLY J 42 -8.28 -64.33 -8.14
N PRO J 43 -7.96 -65.47 -8.74
CA PRO J 43 -6.81 -66.29 -8.27
C PRO J 43 -5.49 -65.66 -8.73
N LYS J 44 -5.48 -64.61 -9.54
CA LYS J 44 -4.21 -63.83 -9.81
C LYS J 44 -4.25 -62.30 -9.42
N GLY J 45 -5.15 -61.95 -8.59
CA GLY J 45 -5.38 -60.54 -8.15
C GLY J 45 -4.22 -59.87 -7.44
N LEU J 46 -4.11 -58.56 -7.64
CA LEU J 46 -2.91 -57.87 -7.20
C LEU J 46 -3.07 -57.35 -5.77
N ASP J 47 -1.90 -57.26 -5.07
CA ASP J 47 -1.77 -56.83 -3.68
C ASP J 47 -1.64 -55.34 -3.47
N LYS J 48 -2.41 -54.80 -2.46
CA LYS J 48 -2.38 -53.39 -2.08
C LYS J 48 -1.51 -53.18 -0.89
N MET J 49 -1.07 -51.97 -0.60
CA MET J 49 -0.27 -51.69 0.47
C MET J 49 -0.99 -50.65 1.28
N LEU J 50 -1.04 -50.86 2.56
CA LEU J 50 -1.79 -50.02 3.51
C LEU J 50 -0.87 -49.70 4.72
N ILE J 51 -0.44 -48.49 4.94
CA ILE J 51 0.46 -48.25 6.02
C ILE J 51 -0.39 -47.57 7.06
N ASP J 52 -0.25 -48.04 8.30
CA ASP J 52 -1.00 -47.61 9.47
C ASP J 52 -0.47 -46.35 10.05
N SER J 53 -1.14 -45.67 10.97
CA SER J 53 -0.68 -44.43 11.61
C SER J 53 0.31 -44.70 12.78
N PHE J 54 0.38 -46.05 13.14
CA PHE J 54 1.37 -46.58 14.05
C PHE J 54 2.59 -47.01 13.28
N GLY J 55 2.60 -46.92 11.97
CA GLY J 55 3.72 -47.00 11.06
C GLY J 55 3.84 -48.29 10.39
N ASP J 56 3.02 -49.28 10.82
CA ASP J 56 3.06 -50.63 10.22
C ASP J 56 2.68 -50.70 8.77
N VAL J 57 3.47 -51.31 7.91
CA VAL J 57 3.12 -51.54 6.48
C VAL J 57 2.35 -52.85 6.42
N THR J 58 1.32 -52.98 5.60
CA THR J 58 0.41 -54.12 5.47
C THR J 58 0.15 -54.30 4.04
N ILE J 59 0.51 -55.49 3.52
CA ILE J 59 0.40 -55.85 2.06
C ILE J 59 -0.65 -56.97 1.97
N THR J 60 -1.84 -56.75 1.27
CA THR J 60 -2.84 -57.84 1.14
C THR J 60 -3.61 -57.77 -0.16
N ASN J 61 -4.29 -58.89 -0.55
CA ASN J 61 -5.16 -58.93 -1.69
C ASN J 61 -6.54 -59.38 -1.20
N ASP J 62 -6.72 -59.44 0.11
CA ASP J 62 -7.97 -59.70 0.69
C ASP J 62 -8.83 -58.46 0.74
N GLY J 63 -10.09 -58.50 0.24
CA GLY J 63 -10.96 -57.34 0.07
C GLY J 63 -11.83 -57.05 1.20
N ALA J 64 -12.07 -58.08 2.07
CA ALA J 64 -12.68 -57.77 3.36
C ALA J 64 -11.71 -57.22 4.35
N THR J 65 -10.44 -57.60 4.11
CA THR J 65 -9.31 -57.02 4.84
C THR J 65 -8.99 -55.58 4.30
N ILE J 66 -9.00 -55.28 2.97
CA ILE J 66 -8.70 -53.98 2.43
C ILE J 66 -9.69 -52.94 2.77
N VAL J 67 -11.03 -53.28 2.77
CA VAL J 67 -12.11 -52.50 3.26
C VAL J 67 -12.03 -52.30 4.80
N LYS J 68 -11.74 -53.37 5.70
CA LYS J 68 -11.56 -53.23 7.13
C LYS J 68 -10.37 -52.28 7.50
N GLU J 69 -9.21 -52.47 6.76
CA GLU J 69 -7.94 -51.78 7.03
C GLU J 69 -7.87 -50.26 6.62
N MET J 70 -8.99 -49.79 6.01
CA MET J 70 -9.19 -48.57 5.34
C MET J 70 -10.23 -47.68 6.01
N GLU J 71 -9.78 -46.40 6.19
CA GLU J 71 -10.71 -45.41 6.64
C GLU J 71 -11.76 -45.01 5.57
N ILE J 72 -13.05 -45.25 5.84
CA ILE J 72 -14.14 -44.98 4.85
C ILE J 72 -14.67 -43.59 4.98
N GLN J 73 -14.79 -42.86 3.82
CA GLN J 73 -15.11 -41.44 3.87
C GLN J 73 -16.45 -41.07 3.21
N HIS J 74 -16.76 -41.73 2.07
CA HIS J 74 -18.05 -41.56 1.34
C HIS J 74 -19.01 -42.66 1.99
N PRO J 75 -20.09 -42.29 2.70
CA PRO J 75 -20.95 -43.19 3.47
C PRO J 75 -21.51 -44.54 2.84
N ALA J 76 -21.75 -44.61 1.52
CA ALA J 76 -22.28 -45.86 0.95
C ALA J 76 -21.24 -46.97 0.89
N ALA J 77 -19.94 -46.61 0.89
CA ALA J 77 -18.87 -47.57 1.05
C ALA J 77 -18.85 -48.04 2.54
N LYS J 78 -19.33 -47.19 3.50
CA LYS J 78 -19.45 -47.63 4.83
C LYS J 78 -20.54 -48.71 5.07
N LEU J 79 -21.70 -48.59 4.35
CA LEU J 79 -22.81 -49.57 4.30
C LEU J 79 -22.25 -50.91 3.83
N LEU J 80 -21.44 -50.96 2.76
CA LEU J 80 -20.79 -52.07 2.18
C LEU J 80 -19.79 -52.75 3.01
N VAL J 81 -19.10 -52.03 3.98
CA VAL J 81 -18.17 -52.73 4.86
C VAL J 81 -18.92 -53.75 5.67
N GLU J 82 -20.14 -53.38 6.05
CA GLU J 82 -20.93 -54.44 6.82
C GLU J 82 -21.30 -55.78 6.08
N ALA J 83 -21.40 -55.72 4.76
CA ALA J 83 -21.77 -56.80 3.83
C ALA J 83 -20.57 -57.69 3.64
N ALA J 84 -19.37 -57.18 3.54
CA ALA J 84 -18.13 -57.81 3.42
C ALA J 84 -17.95 -58.55 4.73
N LYS J 85 -17.94 -57.86 5.82
CA LYS J 85 -17.96 -58.38 7.19
C LYS J 85 -18.77 -59.67 7.32
N ALA J 86 -20.12 -59.62 7.00
CA ALA J 86 -20.96 -60.74 7.21
C ALA J 86 -20.65 -62.03 6.41
N GLN J 87 -20.14 -61.75 5.18
CA GLN J 87 -19.51 -62.76 4.29
C GLN J 87 -18.06 -63.16 4.66
N ASP J 88 -17.29 -62.32 5.37
CA ASP J 88 -15.97 -62.62 5.74
C ASP J 88 -15.92 -63.70 6.82
N SER J 89 -16.96 -63.79 7.67
CA SER J 89 -16.92 -64.83 8.68
C SER J 89 -17.19 -66.18 8.06
N GLU J 90 -17.98 -66.18 6.92
CA GLU J 90 -18.32 -67.42 6.19
C GLU J 90 -17.28 -67.97 5.21
N VAL J 91 -16.68 -67.12 4.39
CA VAL J 91 -15.89 -67.45 3.23
C VAL J 91 -14.71 -66.40 3.17
N GLY J 92 -13.68 -66.68 2.36
CA GLY J 92 -12.58 -65.72 2.25
C GLY J 92 -12.25 -65.26 0.88
N ASP J 93 -12.71 -66.00 -0.09
CA ASP J 93 -12.68 -65.69 -1.54
C ASP J 93 -13.95 -65.12 -2.04
N GLY J 94 -15.10 -65.66 -1.63
CA GLY J 94 -16.38 -65.20 -2.09
C GLY J 94 -16.67 -63.75 -1.76
N THR J 95 -16.26 -63.30 -0.53
CA THR J 95 -16.38 -61.86 -0.14
C THR J 95 -15.64 -60.85 -0.99
N THR J 96 -14.51 -61.25 -1.59
CA THR J 96 -13.86 -60.35 -2.59
C THR J 96 -14.76 -60.15 -3.81
N SER J 97 -15.32 -61.32 -4.33
CA SER J 97 -16.33 -61.37 -5.38
C SER J 97 -17.69 -60.75 -5.01
N ALA J 98 -18.31 -60.93 -3.81
CA ALA J 98 -19.60 -60.27 -3.63
C ALA J 98 -19.66 -58.74 -3.67
N VAL J 99 -18.58 -58.06 -3.12
CA VAL J 99 -18.61 -56.61 -3.10
C VAL J 99 -18.63 -56.05 -4.51
N VAL J 100 -17.86 -56.68 -5.42
CA VAL J 100 -17.81 -56.30 -6.84
C VAL J 100 -19.14 -56.52 -7.53
N LEU J 101 -19.76 -57.64 -7.20
CA LEU J 101 -21.05 -58.04 -7.67
C LEU J 101 -22.18 -57.07 -7.24
N ALA J 102 -22.10 -56.48 -6.02
CA ALA J 102 -23.02 -55.39 -5.58
C ALA J 102 -22.93 -54.20 -6.53
N GLY J 103 -21.72 -53.85 -6.99
CA GLY J 103 -21.44 -52.95 -8.08
C GLY J 103 -21.98 -53.33 -9.42
N LEU J 104 -21.95 -54.63 -9.75
CA LEU J 104 -22.42 -55.05 -11.03
C LEU J 104 -24.01 -55.00 -11.09
N PHE J 105 -24.78 -55.05 -9.95
CA PHE J 105 -26.24 -54.91 -9.96
C PHE J 105 -26.53 -53.47 -9.95
N LEU J 106 -25.74 -52.69 -9.16
CA LEU J 106 -25.91 -51.21 -9.12
C LEU J 106 -25.65 -50.54 -10.43
N GLU J 107 -24.68 -50.97 -11.29
CA GLU J 107 -24.46 -50.24 -12.58
C GLU J 107 -25.45 -50.58 -13.65
N LYS J 108 -26.22 -51.73 -13.55
CA LYS J 108 -27.41 -52.04 -14.36
C LYS J 108 -28.60 -51.32 -13.86
N ALA J 109 -28.75 -51.18 -12.52
CA ALA J 109 -29.83 -50.37 -11.97
C ALA J 109 -29.70 -48.92 -12.46
N GLU J 110 -28.47 -48.37 -12.51
CA GLU J 110 -28.09 -47.02 -12.94
C GLU J 110 -28.42 -46.75 -14.38
N SER J 111 -28.26 -47.77 -15.25
CA SER J 111 -28.72 -47.66 -16.59
C SER J 111 -30.23 -47.50 -16.74
N LEU J 112 -30.95 -48.36 -16.01
CA LEU J 112 -32.41 -48.29 -15.94
C LEU J 112 -32.91 -46.93 -15.36
N VAL J 113 -32.22 -46.35 -14.33
CA VAL J 113 -32.53 -44.96 -13.78
C VAL J 113 -32.32 -43.82 -14.73
N ASP J 114 -31.23 -43.95 -15.56
CA ASP J 114 -30.95 -43.03 -16.54
C ASP J 114 -32.08 -43.02 -17.57
N GLN J 115 -32.63 -44.21 -17.87
CA GLN J 115 -33.76 -44.28 -18.78
C GLN J 115 -35.12 -44.13 -18.13
N ASN J 116 -35.22 -43.48 -16.95
CA ASN J 116 -36.45 -43.39 -16.16
C ASN J 116 -37.32 -44.70 -15.98
N ILE J 117 -36.80 -45.97 -15.57
CA ILE J 117 -37.56 -47.20 -15.57
C ILE J 117 -38.13 -47.27 -14.11
N HIS J 118 -37.71 -46.38 -13.18
CA HIS J 118 -38.23 -46.07 -11.82
C HIS J 118 -37.72 -46.97 -10.66
N PRO J 119 -36.87 -46.66 -9.58
CA PRO J 119 -36.19 -47.69 -8.85
C PRO J 119 -37.01 -48.85 -8.13
N THR J 120 -38.25 -48.50 -7.71
CA THR J 120 -39.30 -49.39 -7.11
C THR J 120 -39.64 -50.51 -8.07
N ILE J 121 -39.76 -50.21 -9.38
CA ILE J 121 -39.97 -51.25 -10.41
C ILE J 121 -38.67 -52.04 -10.66
N ILE J 122 -37.46 -51.37 -10.69
CA ILE J 122 -36.21 -52.04 -10.86
C ILE J 122 -35.99 -53.09 -9.73
N ILE J 123 -36.20 -52.77 -8.43
CA ILE J 123 -36.20 -53.61 -7.22
C ILE J 123 -37.02 -54.85 -7.40
N GLU J 124 -38.26 -54.64 -7.85
CA GLU J 124 -39.23 -55.74 -8.14
C GLU J 124 -38.91 -56.63 -9.28
N GLY J 125 -38.12 -56.17 -10.23
CA GLY J 125 -37.60 -57.04 -11.27
C GLY J 125 -36.30 -57.72 -10.81
N PHE J 126 -35.50 -57.04 -9.92
CA PHE J 126 -34.28 -57.70 -9.42
C PHE J 126 -34.59 -58.85 -8.45
N LYS J 127 -35.67 -58.70 -7.67
CA LYS J 127 -36.34 -59.65 -6.80
C LYS J 127 -37.00 -60.83 -7.56
N LYS J 128 -37.66 -60.49 -8.67
CA LYS J 128 -38.26 -61.41 -9.57
C LYS J 128 -37.27 -62.28 -10.35
N ALA J 129 -36.14 -61.65 -10.66
CA ALA J 129 -34.96 -62.30 -11.13
C ALA J 129 -34.30 -63.30 -10.10
N PHE J 130 -34.19 -62.85 -8.77
CA PHE J 130 -33.57 -63.61 -7.71
C PHE J 130 -34.42 -64.86 -7.46
N ASN J 131 -35.79 -64.74 -7.43
CA ASN J 131 -36.66 -65.92 -7.23
C ASN J 131 -36.54 -66.92 -8.31
N LYS J 132 -36.36 -66.41 -9.58
CA LYS J 132 -36.16 -67.31 -10.70
C LYS J 132 -34.81 -68.10 -10.56
N SER J 133 -33.77 -67.35 -10.02
CA SER J 133 -32.45 -67.97 -9.76
C SER J 133 -32.50 -69.07 -8.77
N LEU J 134 -33.30 -68.98 -7.72
CA LEU J 134 -33.44 -69.97 -6.73
C LEU J 134 -34.25 -71.23 -7.18
N GLU J 135 -35.14 -71.23 -8.18
CA GLU J 135 -35.67 -72.48 -8.65
C GLU J 135 -34.73 -73.08 -9.69
N LEU J 136 -33.67 -72.27 -10.06
CA LEU J 136 -32.65 -72.64 -11.06
C LEU J 136 -31.45 -73.20 -10.42
N LEU J 137 -31.08 -72.79 -9.20
CA LEU J 137 -30.01 -73.34 -8.44
C LEU J 137 -30.14 -74.77 -7.84
N PRO J 138 -31.22 -75.48 -8.00
CA PRO J 138 -31.11 -76.98 -7.76
C PRO J 138 -31.18 -77.73 -9.08
N GLN J 139 -31.72 -77.09 -10.13
CA GLN J 139 -31.78 -77.60 -11.50
C GLN J 139 -30.54 -77.38 -12.36
N LEU J 140 -29.95 -76.20 -12.35
CA LEU J 140 -28.65 -75.95 -13.00
C LEU J 140 -27.43 -76.44 -12.23
N ALA J 141 -27.66 -76.81 -10.96
CA ALA J 141 -26.72 -77.34 -10.05
C ALA J 141 -26.58 -78.88 -10.09
N THR J 142 -25.44 -79.49 -9.58
CA THR J 142 -25.13 -80.94 -9.61
C THR J 142 -25.02 -81.41 -8.20
N LYS J 143 -25.64 -82.51 -7.86
CA LYS J 143 -25.68 -83.12 -6.59
C LYS J 143 -24.98 -84.45 -6.65
N VAL J 144 -24.04 -84.57 -5.71
CA VAL J 144 -23.25 -85.80 -5.62
C VAL J 144 -23.58 -86.65 -4.42
N ASP J 145 -24.42 -86.14 -3.51
CA ASP J 145 -24.87 -86.67 -2.22
C ASP J 145 -23.83 -86.60 -1.12
N VAL J 146 -24.27 -86.32 0.14
CA VAL J 146 -23.45 -86.22 1.35
C VAL J 146 -22.48 -87.46 1.60
N SER J 147 -22.94 -88.69 1.62
CA SER J 147 -22.25 -89.93 1.90
C SER J 147 -21.32 -90.38 0.70
N ASP J 148 -20.17 -91.03 0.98
CA ASP J 148 -19.35 -91.83 0.06
C ASP J 148 -18.44 -92.70 0.90
N LEU J 149 -18.91 -93.92 1.16
CA LEU J 149 -18.10 -94.86 1.86
C LEU J 149 -17.84 -94.40 3.33
N ASN J 150 -18.88 -94.02 4.01
CA ASN J 150 -18.81 -93.24 5.21
C ASN J 150 -18.70 -91.71 4.92
N SER J 151 -17.99 -90.93 5.80
CA SER J 151 -17.78 -89.53 5.62
C SER J 151 -16.74 -89.19 4.64
N ALA J 152 -15.53 -89.77 4.80
CA ALA J 152 -14.33 -89.06 4.38
C ALA J 152 -13.27 -90.07 3.81
N THR J 153 -13.73 -91.30 3.50
CA THR J 153 -12.84 -92.39 3.27
C THR J 153 -12.45 -92.28 1.80
N ALA J 154 -13.38 -91.84 0.95
CA ALA J 154 -13.24 -92.09 -0.49
C ALA J 154 -12.76 -90.84 -1.22
N ARG J 155 -12.26 -89.89 -0.42
CA ARG J 155 -12.68 -88.52 -0.38
C ARG J 155 -13.48 -87.85 -1.45
N ASP J 156 -13.00 -87.97 -2.72
CA ASP J 156 -13.54 -87.58 -4.00
C ASP J 156 -14.03 -86.15 -3.90
N ALA J 157 -15.37 -85.99 -3.51
CA ALA J 157 -16.06 -84.73 -3.45
C ALA J 157 -15.35 -83.63 -2.57
N LEU J 158 -15.03 -84.05 -1.29
CA LEU J 158 -14.26 -83.18 -0.36
C LEU J 158 -12.90 -82.84 -0.90
N LYS J 159 -12.20 -83.85 -1.54
CA LYS J 159 -10.92 -83.54 -2.13
C LYS J 159 -10.93 -82.53 -3.24
N LYS J 160 -11.87 -82.57 -4.19
CA LYS J 160 -11.88 -81.63 -5.35
C LYS J 160 -12.17 -80.24 -4.87
N ILE J 161 -13.02 -80.00 -3.77
CA ILE J 161 -13.35 -78.66 -3.31
C ILE J 161 -12.18 -78.11 -2.44
N VAL J 162 -11.42 -78.97 -1.69
CA VAL J 162 -10.24 -78.53 -0.93
C VAL J 162 -9.03 -78.19 -1.75
N TYR J 163 -8.74 -78.94 -2.78
CA TYR J 163 -7.69 -78.68 -3.81
C TYR J 163 -8.08 -77.41 -4.61
N THR J 164 -9.41 -77.23 -4.99
CA THR J 164 -9.88 -76.00 -5.71
C THR J 164 -9.68 -74.75 -4.85
N THR J 165 -10.05 -74.87 -3.55
CA THR J 165 -9.93 -73.71 -2.66
C THR J 165 -8.53 -73.30 -2.54
N MET J 166 -7.61 -74.20 -2.37
CA MET J 166 -6.14 -74.03 -2.26
C MET J 166 -5.43 -73.42 -3.52
N SER J 167 -5.90 -73.91 -4.69
CA SER J 167 -5.52 -73.42 -5.98
C SER J 167 -6.01 -71.94 -6.16
N SER J 168 -7.29 -71.62 -5.74
CA SER J 168 -7.72 -70.23 -5.80
C SER J 168 -6.96 -69.25 -4.87
N LYS J 169 -6.75 -69.65 -3.59
CA LYS J 169 -6.03 -68.88 -2.59
C LYS J 169 -4.57 -69.02 -2.66
N PHE J 170 -3.94 -69.75 -3.61
CA PHE J 170 -2.49 -69.76 -3.51
C PHE J 170 -1.74 -70.06 -4.80
N MET J 171 -2.42 -70.71 -5.78
CA MET J 171 -1.76 -71.12 -7.04
C MET J 171 -0.66 -72.13 -6.82
N ALA J 172 0.24 -72.29 -7.82
CA ALA J 172 1.37 -73.21 -7.78
C ALA J 172 1.10 -74.68 -7.25
N GLU J 173 2.08 -75.30 -6.66
CA GLU J 173 1.94 -76.76 -6.31
C GLU J 173 1.14 -77.06 -5.02
N GLY J 174 1.85 -76.99 -3.88
CA GLY J 174 1.17 -77.23 -2.61
C GLY J 174 0.58 -78.62 -2.44
N GLU J 175 1.08 -79.61 -3.22
CA GLU J 175 0.69 -81.00 -3.24
C GLU J 175 1.00 -81.76 -1.92
N GLU J 176 2.13 -81.54 -1.31
CA GLU J 176 2.49 -82.04 -0.04
C GLU J 176 1.91 -81.36 1.14
N LEU J 177 1.15 -80.28 0.91
CA LEU J 177 0.47 -79.50 1.91
C LEU J 177 -0.96 -80.03 1.86
N ASN J 178 -1.48 -80.28 0.62
CA ASN J 178 -2.76 -80.89 0.29
C ASN J 178 -3.01 -82.38 0.79
N LYS J 179 -2.08 -83.29 0.71
CA LYS J 179 -2.24 -84.59 1.36
C LYS J 179 -2.37 -84.46 2.93
N ILE J 180 -1.60 -83.64 3.61
CA ILE J 180 -1.83 -83.38 5.08
C ILE J 180 -3.19 -82.68 5.35
N MET J 181 -3.53 -81.67 4.54
CA MET J 181 -4.78 -80.89 4.69
C MET J 181 -5.95 -81.85 4.52
N ASP J 182 -5.96 -82.84 3.60
CA ASP J 182 -6.99 -83.84 3.57
C ASP J 182 -7.04 -84.66 4.88
N ILE J 183 -5.88 -85.04 5.50
CA ILE J 183 -5.92 -85.75 6.80
C ILE J 183 -6.55 -84.84 7.92
N VAL J 184 -6.25 -83.51 7.99
CA VAL J 184 -6.81 -82.62 9.01
C VAL J 184 -8.30 -82.41 8.91
N ILE J 185 -8.79 -82.18 7.64
CA ILE J 185 -10.20 -81.99 7.28
C ILE J 185 -11.00 -83.19 7.56
N ASP J 186 -10.41 -84.37 7.27
CA ASP J 186 -11.07 -85.64 7.54
C ASP J 186 -11.30 -85.81 9.02
N ALA J 187 -10.30 -85.45 9.90
CA ALA J 187 -10.48 -85.52 11.39
C ALA J 187 -11.51 -84.57 11.96
N VAL J 188 -11.54 -83.34 11.44
CA VAL J 188 -12.57 -82.35 11.65
C VAL J 188 -14.00 -82.78 11.14
N THR J 189 -14.05 -83.53 10.01
CA THR J 189 -15.29 -84.24 9.58
C THR J 189 -15.81 -85.26 10.51
N THR J 190 -14.94 -86.12 11.14
CA THR J 190 -15.30 -87.05 12.21
C THR J 190 -16.08 -86.33 13.34
N VAL J 191 -15.59 -85.11 13.67
CA VAL J 191 -16.19 -84.24 14.67
C VAL J 191 -17.63 -83.74 14.42
N ALA J 192 -17.78 -82.97 13.29
CA ALA J 192 -18.96 -82.81 12.44
C ALA J 192 -19.86 -84.01 12.34
N GLU J 193 -21.15 -83.80 12.24
CA GLU J 193 -22.03 -84.94 12.17
C GLU J 193 -23.33 -84.71 11.41
N PRO J 194 -24.23 -85.61 10.96
CA PRO J 194 -24.84 -85.41 9.71
C PRO J 194 -26.34 -85.30 9.97
N LEU J 195 -26.88 -84.16 9.44
CA LEU J 195 -28.22 -83.73 9.71
C LEU J 195 -29.07 -84.36 8.55
N PRO J 196 -30.36 -84.56 8.71
CA PRO J 196 -31.19 -85.18 7.75
C PRO J 196 -31.05 -84.84 6.26
N ASP J 197 -30.77 -85.86 5.44
CA ASP J 197 -30.99 -85.80 3.99
C ASP J 197 -29.97 -84.91 3.31
N GLY J 198 -28.74 -84.92 3.83
CA GLY J 198 -27.69 -84.14 3.31
C GLY J 198 -27.55 -82.83 3.90
N GLY J 199 -28.27 -82.41 4.96
CA GLY J 199 -27.81 -81.37 5.94
C GLY J 199 -26.56 -81.89 6.71
N TYR J 200 -25.96 -80.94 7.51
CA TYR J 200 -24.82 -81.27 8.36
C TYR J 200 -24.68 -80.34 9.60
N ASN J 201 -24.22 -80.85 10.76
CA ASN J 201 -23.83 -80.05 11.94
C ASN J 201 -22.27 -80.03 11.89
N VAL J 202 -21.74 -78.82 11.67
CA VAL J 202 -20.38 -78.53 11.39
C VAL J 202 -19.91 -77.49 12.44
N SER J 203 -18.81 -77.54 13.08
CA SER J 203 -18.36 -76.64 14.21
C SER J 203 -16.95 -76.26 13.84
N LEU J 204 -16.52 -75.00 13.95
CA LEU J 204 -15.12 -74.59 14.07
C LEU J 204 -14.76 -73.98 15.47
N ASP J 205 -15.78 -73.74 16.34
CA ASP J 205 -15.69 -73.23 17.67
C ASP J 205 -15.02 -74.21 18.65
N LEU J 206 -15.22 -75.56 18.49
CA LEU J 206 -14.62 -76.59 19.29
C LEU J 206 -13.43 -77.19 18.58
N ILE J 207 -12.97 -76.68 17.43
CA ILE J 207 -11.80 -77.11 16.78
C ILE J 207 -10.62 -76.27 17.31
N LYS J 208 -9.43 -76.88 17.55
CA LYS J 208 -8.27 -76.20 18.06
C LYS J 208 -7.08 -76.67 17.27
N ILE J 209 -6.23 -75.70 16.73
CA ILE J 209 -4.99 -76.15 16.03
C ILE J 209 -3.89 -75.43 16.81
N ASP J 210 -2.83 -76.20 17.33
CA ASP J 210 -1.73 -75.58 18.02
C ASP J 210 -0.51 -75.74 17.17
N LYS J 211 0.20 -74.64 16.77
CA LYS J 211 1.33 -74.82 15.83
C LYS J 211 2.76 -74.60 16.34
N LYS J 212 3.69 -75.52 16.03
CA LYS J 212 5.06 -75.62 16.43
C LYS J 212 6.17 -75.74 15.36
N LYS J 213 7.28 -74.97 15.45
CA LYS J 213 8.43 -75.08 14.67
C LYS J 213 9.09 -76.46 14.83
N GLY J 214 9.72 -76.99 13.76
CA GLY J 214 10.99 -77.74 13.99
C GLY J 214 10.86 -79.23 13.62
N GLY J 215 9.78 -79.56 12.95
CA GLY J 215 9.40 -80.83 12.45
C GLY J 215 8.91 -80.57 11.06
N THR J 216 7.94 -81.43 10.57
CA THR J 216 7.34 -81.33 9.34
C THR J 216 5.83 -81.30 9.55
N ILE J 217 5.12 -81.01 8.50
CA ILE J 217 3.73 -81.12 8.40
C ILE J 217 3.18 -82.54 8.44
N GLU J 218 3.89 -83.49 7.85
CA GLU J 218 3.65 -84.91 8.03
C GLU J 218 3.67 -85.39 9.49
N ASP J 219 4.24 -84.55 10.37
CA ASP J 219 4.44 -84.81 11.78
C ASP J 219 3.32 -84.14 12.62
N SER J 220 2.31 -83.61 11.98
CA SER J 220 1.08 -83.06 12.58
C SER J 220 0.18 -84.23 13.03
N GLN J 221 -0.49 -84.09 14.13
CA GLN J 221 -1.24 -85.29 14.73
C GLN J 221 -2.51 -84.71 15.24
N LEU J 222 -3.58 -85.56 15.24
CA LEU J 222 -4.78 -85.30 16.09
C LEU J 222 -4.54 -85.81 17.50
N ILE J 223 -5.17 -85.20 18.53
CA ILE J 223 -5.19 -85.70 19.90
C ILE J 223 -6.60 -85.87 20.41
N ARG J 224 -6.81 -87.00 21.02
CA ARG J 224 -8.01 -87.45 21.76
C ARG J 224 -8.07 -86.87 23.17
N GLY J 225 -8.15 -85.48 23.20
CA GLY J 225 -8.24 -84.73 24.38
C GLY J 225 -7.61 -83.36 24.05
N ILE J 226 -7.48 -82.45 25.05
CA ILE J 226 -6.97 -81.15 24.80
C ILE J 226 -5.58 -80.94 25.31
N VAL J 227 -4.80 -80.14 24.49
CA VAL J 227 -3.44 -79.77 24.78
C VAL J 227 -3.39 -78.33 25.30
N LEU J 228 -2.73 -78.27 26.41
CA LEU J 228 -2.51 -77.08 27.20
C LEU J 228 -1.13 -76.55 27.00
N ASP J 229 -1.04 -75.35 26.44
CA ASP J 229 0.25 -74.60 26.28
C ASP J 229 0.82 -74.07 27.54
N LYS J 230 -0.04 -73.79 28.57
CA LYS J 230 0.21 -73.29 29.89
C LYS J 230 0.97 -74.11 30.82
N GLU J 231 1.74 -73.53 31.75
CA GLU J 231 2.61 -74.24 32.68
C GLU J 231 1.98 -74.91 33.93
N VAL J 232 2.56 -76.09 34.35
CA VAL J 232 2.54 -76.63 35.73
C VAL J 232 3.32 -75.87 36.78
N VAL J 233 4.57 -75.34 36.42
CA VAL J 233 5.18 -74.16 36.99
C VAL J 233 6.21 -74.47 38.04
N HIS J 234 5.83 -74.81 39.28
CA HIS J 234 6.58 -75.46 40.39
C HIS J 234 7.20 -76.76 39.94
N ALA J 235 8.51 -76.86 40.31
CA ALA J 235 9.36 -77.96 40.08
C ALA J 235 8.92 -79.31 40.67
N GLY J 236 8.37 -79.35 41.87
CA GLY J 236 7.96 -80.54 42.58
C GLY J 236 6.70 -81.19 42.24
N MET J 237 5.93 -80.56 41.32
CA MET J 237 4.76 -80.98 40.64
C MET J 237 4.96 -82.21 39.92
N PRO J 238 4.09 -83.16 39.80
CA PRO J 238 4.05 -84.32 38.92
C PRO J 238 4.23 -84.02 37.50
N ARG J 239 4.97 -84.85 36.74
CA ARG J 239 5.20 -84.76 35.34
C ARG J 239 4.52 -85.87 34.56
N ARG J 240 3.81 -86.87 35.19
CA ARG J 240 3.00 -87.83 34.47
C ARG J 240 1.84 -88.22 35.41
N VAL J 241 0.56 -88.31 34.89
CA VAL J 241 -0.64 -88.69 35.57
C VAL J 241 -1.30 -89.81 34.77
N GLU J 242 -1.63 -90.94 35.42
CA GLU J 242 -2.33 -92.02 34.85
C GLU J 242 -3.75 -92.20 35.50
N LYS J 243 -4.84 -92.30 34.73
CA LYS J 243 -6.26 -92.23 35.10
C LYS J 243 -6.58 -90.82 35.79
N ALA J 244 -6.38 -89.74 35.11
CA ALA J 244 -6.48 -88.42 35.72
C ALA J 244 -7.96 -87.93 35.91
N LYS J 245 -8.20 -87.53 37.17
CA LYS J 245 -9.48 -86.85 37.55
C LYS J 245 -9.19 -85.27 37.63
N ILE J 246 -9.77 -84.49 36.64
CA ILE J 246 -9.44 -83.06 36.42
C ILE J 246 -10.48 -82.11 37.01
N ALA J 247 -10.09 -81.23 37.97
CA ALA J 247 -10.95 -80.14 38.49
C ALA J 247 -10.62 -78.79 37.80
N VAL J 248 -11.64 -78.05 37.46
CA VAL J 248 -11.48 -76.80 36.66
C VAL J 248 -11.98 -75.67 37.58
N LEU J 249 -11.18 -74.65 37.75
CA LEU J 249 -11.40 -73.62 38.70
C LEU J 249 -11.38 -72.17 38.17
N ASP J 250 -12.47 -71.40 38.44
CA ASP J 250 -12.62 -70.04 37.95
C ASP J 250 -11.79 -69.06 38.72
N ALA J 251 -11.68 -69.37 40.05
CA ALA J 251 -11.14 -68.49 41.08
C ALA J 251 -9.64 -68.66 41.17
N SER J 252 -8.98 -67.58 41.65
CA SER J 252 -7.58 -67.62 42.03
C SER J 252 -7.28 -68.60 43.19
N LEU J 253 -6.19 -69.38 43.06
CA LEU J 253 -5.51 -69.99 44.17
C LEU J 253 -4.51 -69.04 44.90
N GLU J 254 -4.96 -67.85 45.20
CA GLU J 254 -4.30 -66.72 45.87
C GLU J 254 -5.15 -66.30 47.05
N VAL J 255 -4.61 -65.64 48.03
CA VAL J 255 -5.42 -65.15 49.11
C VAL J 255 -6.12 -63.91 48.92
N GLU J 256 -7.42 -63.91 49.20
CA GLU J 256 -8.18 -62.75 48.83
C GLU J 256 -8.90 -62.02 50.05
N LYS J 257 -8.99 -60.70 50.02
CA LYS J 257 -9.35 -59.83 51.04
C LYS J 257 -10.80 -60.07 51.68
N PRO J 258 -10.97 -59.89 52.96
CA PRO J 258 -12.19 -60.15 53.63
C PRO J 258 -13.29 -59.15 53.20
N GLU J 259 -14.58 -59.35 53.54
CA GLU J 259 -15.82 -58.60 53.15
C GLU J 259 -15.64 -57.03 53.31
N ILE J 260 -15.00 -56.70 54.45
CA ILE J 260 -14.61 -55.37 54.78
C ILE J 260 -13.30 -55.61 55.58
N SER J 261 -12.28 -54.65 55.51
CA SER J 261 -10.93 -55.01 55.45
C SER J 261 -10.11 -53.72 55.78
N ALA J 262 -8.80 -53.88 56.15
CA ALA J 262 -7.91 -52.72 56.45
C ALA J 262 -6.44 -53.07 56.20
N LYS J 263 -5.67 -52.11 55.70
CA LYS J 263 -4.28 -52.23 55.56
C LYS J 263 -3.64 -51.86 56.91
N ILE J 264 -2.63 -52.63 57.38
CA ILE J 264 -1.82 -52.36 58.48
C ILE J 264 -0.38 -52.12 58.02
N SER J 265 0.30 -51.03 58.38
CA SER J 265 1.72 -50.79 58.27
C SER J 265 2.44 -51.46 59.49
N ILE J 266 3.47 -52.33 59.16
CA ILE J 266 4.19 -53.13 60.13
C ILE J 266 5.72 -52.89 60.00
N THR J 267 6.50 -52.76 61.11
CA THR J 267 7.93 -52.77 61.12
C THR J 267 8.60 -53.42 62.29
N SER J 268 7.96 -53.55 63.48
CA SER J 268 8.10 -54.84 64.31
C SER J 268 8.09 -56.20 63.54
N PRO J 269 9.09 -57.10 63.75
CA PRO J 269 9.43 -58.08 62.73
C PRO J 269 8.52 -59.28 62.81
N ASP J 270 8.27 -59.90 63.92
CA ASP J 270 7.56 -61.19 64.09
C ASP J 270 6.13 -61.09 63.61
N GLN J 271 5.47 -59.94 63.64
CA GLN J 271 4.10 -59.82 63.18
C GLN J 271 4.00 -59.75 61.68
N ILE J 272 5.12 -59.47 61.00
CA ILE J 272 5.14 -59.57 59.56
C ILE J 272 5.23 -61.08 59.11
N LYS J 273 5.99 -61.89 59.80
CA LYS J 273 6.14 -63.30 59.56
C LYS J 273 4.87 -64.03 59.86
N ALA J 274 4.00 -63.49 60.76
CA ALA J 274 2.84 -64.11 61.23
C ALA J 274 1.67 -63.82 60.27
N PHE J 275 1.76 -62.68 59.56
CA PHE J 275 0.85 -62.36 58.46
C PHE J 275 1.11 -63.29 57.24
N LEU J 276 2.35 -63.63 57.03
CA LEU J 276 2.76 -64.53 55.97
C LEU J 276 2.28 -65.95 56.35
N ASP J 277 2.42 -66.37 57.59
CA ASP J 277 1.98 -67.69 57.88
C ASP J 277 0.43 -67.86 57.85
N GLU J 278 -0.33 -66.73 58.10
CA GLU J 278 -1.80 -66.64 57.96
C GLU J 278 -2.20 -66.74 56.56
N GLU J 279 -1.40 -66.26 55.61
CA GLU J 279 -1.73 -66.47 54.16
C GLU J 279 -1.38 -67.85 53.66
N ALA J 280 -0.38 -68.52 54.27
CA ALA J 280 -0.01 -69.91 53.95
C ALA J 280 -1.01 -70.93 54.54
N LYS J 281 -1.75 -70.63 55.63
CA LYS J 281 -2.84 -71.53 56.13
C LYS J 281 -4.21 -71.40 55.33
N TYR J 282 -4.48 -70.36 54.61
CA TYR J 282 -5.70 -70.21 53.88
C TYR J 282 -5.53 -71.05 52.66
N LEU J 283 -4.25 -71.07 52.04
CA LEU J 283 -3.90 -71.82 50.88
C LEU J 283 -3.93 -73.31 51.19
N LYS J 284 -3.41 -73.67 52.38
CA LYS J 284 -3.39 -75.06 52.79
C LYS J 284 -4.80 -75.58 53.10
N ASP J 285 -5.77 -74.66 53.44
CA ASP J 285 -7.14 -75.06 53.55
C ASP J 285 -7.73 -75.41 52.18
N MET J 286 -7.58 -74.47 51.24
CA MET J 286 -7.91 -74.61 49.84
C MET J 286 -7.47 -75.82 49.14
N VAL J 287 -6.14 -76.11 49.33
CA VAL J 287 -5.48 -77.35 48.93
C VAL J 287 -6.08 -78.61 49.53
N ASP J 288 -6.34 -78.60 50.80
CA ASP J 288 -6.92 -79.74 51.46
C ASP J 288 -8.25 -80.10 50.93
N LYS J 289 -9.15 -79.13 50.52
CA LYS J 289 -10.46 -79.27 49.92
C LYS J 289 -10.24 -79.88 48.52
N LEU J 290 -9.31 -79.37 47.68
CA LEU J 290 -9.07 -79.90 46.35
C LEU J 290 -8.66 -81.34 46.37
N ALA J 291 -7.76 -81.66 47.33
CA ALA J 291 -7.28 -82.96 47.55
C ALA J 291 -8.37 -83.97 48.07
N SER J 292 -9.41 -83.41 48.73
CA SER J 292 -10.58 -84.19 49.18
C SER J 292 -11.43 -84.52 47.98
N ILE J 293 -11.55 -83.55 47.02
CA ILE J 293 -12.28 -83.86 45.83
C ILE J 293 -11.82 -85.02 44.99
N GLY J 294 -10.52 -85.32 45.11
CA GLY J 294 -9.85 -86.42 44.43
C GLY J 294 -9.38 -85.96 43.08
N ALA J 295 -9.20 -84.66 42.96
CA ALA J 295 -8.60 -84.14 41.78
C ALA J 295 -7.13 -84.61 41.70
N ASN J 296 -6.56 -85.04 40.55
CA ASN J 296 -5.20 -85.49 40.43
C ASN J 296 -4.60 -84.46 39.46
N VAL J 297 -5.34 -84.02 38.46
CA VAL J 297 -4.95 -82.87 37.68
C VAL J 297 -5.89 -81.72 38.07
N VAL J 298 -5.53 -80.43 37.90
CA VAL J 298 -6.32 -79.22 38.06
C VAL J 298 -5.92 -78.25 36.91
N ILE J 299 -6.89 -77.41 36.49
CA ILE J 299 -6.88 -76.29 35.65
C ILE J 299 -7.28 -75.20 36.50
N CYS J 300 -6.51 -74.13 36.56
CA CYS J 300 -6.85 -72.89 37.19
C CYS J 300 -6.86 -71.66 36.32
N GLN J 301 -8.02 -70.97 36.24
CA GLN J 301 -8.33 -69.91 35.33
C GLN J 301 -7.73 -68.58 35.81
N LYS J 302 -6.89 -68.58 36.89
CA LYS J 302 -6.09 -67.40 37.25
C LYS J 302 -4.81 -68.00 37.75
N GLY J 303 -3.94 -67.11 38.21
CA GLY J 303 -2.83 -67.27 39.13
C GLY J 303 -3.05 -68.36 40.17
N ILE J 304 -1.94 -69.11 40.47
CA ILE J 304 -1.81 -69.90 41.69
C ILE J 304 -0.62 -69.41 42.47
N ASP J 305 -0.71 -69.22 43.83
CA ASP J 305 0.41 -68.79 44.64
C ASP J 305 1.43 -69.84 44.93
N ASP J 306 2.71 -69.39 45.07
CA ASP J 306 3.78 -70.27 45.28
C ASP J 306 3.65 -71.26 46.45
N ILE J 307 3.17 -70.82 47.61
CA ILE J 307 2.98 -71.70 48.79
C ILE J 307 1.99 -72.87 48.48
N ALA J 308 0.89 -72.54 47.77
CA ALA J 308 -0.03 -73.50 47.22
C ALA J 308 0.57 -74.28 46.16
N GLN J 309 1.62 -73.96 45.37
CA GLN J 309 2.17 -74.84 44.44
C GLN J 309 3.01 -75.90 45.12
N HIS J 310 3.69 -75.51 46.18
CA HIS J 310 4.36 -76.44 47.09
C HIS J 310 3.45 -77.44 47.88
N PHE J 311 2.31 -76.88 48.45
CA PHE J 311 1.38 -77.75 49.13
C PHE J 311 0.66 -78.72 48.17
N LEU J 312 0.46 -78.29 46.90
CA LEU J 312 -0.19 -79.10 45.82
C LEU J 312 0.68 -80.19 45.41
N ALA J 313 2.05 -80.03 45.42
CA ALA J 313 2.96 -81.05 45.20
C ALA J 313 3.09 -81.97 46.35
N LYS J 314 3.04 -81.49 47.63
CA LYS J 314 2.97 -82.41 48.73
C LYS J 314 1.80 -83.40 48.68
N ARG J 315 0.61 -82.93 48.37
CA ARG J 315 -0.44 -83.78 48.27
C ARG J 315 -0.52 -84.60 46.94
N GLY J 316 0.39 -84.37 46.04
CA GLY J 316 0.75 -85.10 44.83
C GLY J 316 -0.07 -84.82 43.64
N ILE J 317 -0.54 -83.56 43.44
CA ILE J 317 -1.53 -83.26 42.49
C ILE J 317 -1.03 -82.23 41.50
N LEU J 318 -1.24 -82.38 40.22
CA LEU J 318 -0.64 -81.58 39.13
C LEU J 318 -1.53 -80.50 38.70
N ALA J 319 -1.17 -79.19 38.95
CA ALA J 319 -1.97 -78.08 38.57
C ALA J 319 -1.31 -77.25 37.48
N VAL J 320 -2.16 -76.75 36.55
CA VAL J 320 -1.72 -75.97 35.46
C VAL J 320 -2.42 -74.66 35.78
N ARG J 321 -1.77 -73.58 35.47
CA ARG J 321 -2.40 -72.31 35.72
C ARG J 321 -3.21 -71.73 34.51
N ARG J 322 -3.11 -70.40 34.29
CA ARG J 322 -3.80 -69.45 33.37
C ARG J 322 -4.37 -69.94 32.06
N VAL J 323 -5.44 -70.74 32.08
CA VAL J 323 -6.20 -71.17 30.88
C VAL J 323 -7.31 -70.29 30.52
N LYS J 324 -7.21 -69.68 29.36
CA LYS J 324 -8.04 -68.71 28.81
C LYS J 324 -9.47 -69.25 28.34
N ARG J 325 -10.49 -68.33 28.19
CA ARG J 325 -11.91 -68.65 28.08
C ARG J 325 -12.25 -69.75 27.07
N SER J 326 -11.58 -69.70 25.85
CA SER J 326 -11.83 -70.57 24.74
C SER J 326 -11.41 -72.00 25.10
N ASP J 327 -10.20 -72.14 25.72
CA ASP J 327 -9.56 -73.39 26.09
C ASP J 327 -10.32 -74.06 27.16
N ILE J 328 -10.98 -73.35 27.99
CA ILE J 328 -11.86 -73.79 29.02
C ILE J 328 -13.15 -74.35 28.46
N GLU J 329 -13.71 -73.72 27.37
CA GLU J 329 -14.92 -74.19 26.78
C GLU J 329 -14.83 -75.56 26.14
N LYS J 330 -13.64 -75.78 25.54
CA LYS J 330 -13.29 -77.01 24.99
C LYS J 330 -12.92 -78.08 25.99
N LEU J 331 -12.21 -77.71 27.05
CA LEU J 331 -11.76 -78.62 28.13
C LEU J 331 -12.96 -79.08 28.96
N GLU J 332 -14.02 -78.19 29.17
CA GLU J 332 -15.37 -78.57 29.77
C GLU J 332 -15.96 -79.60 28.83
N LYS J 333 -16.22 -79.27 27.56
CA LYS J 333 -16.77 -80.06 26.51
C LYS J 333 -16.13 -81.41 26.31
N ALA J 334 -14.77 -81.55 26.46
CA ALA J 334 -14.04 -82.78 26.20
C ALA J 334 -13.87 -83.66 27.38
N LEU J 335 -13.84 -83.09 28.65
CA LEU J 335 -13.58 -84.04 29.74
C LEU J 335 -14.74 -84.45 30.62
N GLY J 336 -15.86 -83.77 30.43
CA GLY J 336 -17.11 -83.96 31.16
C GLY J 336 -17.14 -83.15 32.46
N ALA J 337 -16.27 -82.08 32.44
CA ALA J 337 -16.12 -81.14 33.46
C ALA J 337 -17.27 -80.18 33.38
N ARG J 338 -17.58 -79.53 34.52
CA ARG J 338 -18.68 -78.67 34.66
C ARG J 338 -18.45 -77.60 35.73
N ILE J 339 -17.18 -77.57 36.27
CA ILE J 339 -16.52 -76.36 36.64
C ILE J 339 -16.83 -75.88 38.02
N ILE J 340 -15.80 -75.51 38.87
CA ILE J 340 -15.88 -75.11 40.25
C ILE J 340 -15.73 -73.57 40.36
N SER J 341 -16.74 -72.86 40.91
CA SER J 341 -16.68 -71.41 41.15
C SER J 341 -15.82 -71.12 42.36
N SER J 342 -16.06 -71.86 43.46
CA SER J 342 -15.56 -71.57 44.75
C SER J 342 -14.82 -72.84 45.34
N ILE J 343 -13.55 -72.73 45.47
CA ILE J 343 -12.59 -73.74 45.99
C ILE J 343 -12.95 -74.04 47.45
N LYS J 344 -13.40 -72.92 48.25
CA LYS J 344 -13.89 -73.10 49.64
C LYS J 344 -15.01 -74.14 49.86
N ASP J 345 -16.03 -74.09 48.93
CA ASP J 345 -17.14 -74.93 48.94
C ASP J 345 -16.85 -76.32 48.45
N ALA J 346 -15.63 -76.49 47.92
CA ALA J 346 -15.00 -77.79 47.61
C ALA J 346 -15.86 -78.72 46.79
N THR J 347 -16.38 -78.22 45.68
CA THR J 347 -17.59 -78.87 45.14
C THR J 347 -17.38 -80.03 44.17
N PRO J 348 -17.82 -81.29 44.47
CA PRO J 348 -16.89 -82.43 44.21
C PRO J 348 -17.24 -83.13 42.89
N GLU J 349 -18.49 -83.05 42.37
CA GLU J 349 -18.99 -83.75 41.18
C GLU J 349 -18.95 -82.92 39.88
N ASP J 350 -18.26 -81.80 39.90
CA ASP J 350 -17.95 -80.88 38.85
C ASP J 350 -16.66 -81.36 37.96
N LEU J 351 -16.22 -82.63 38.19
CA LEU J 351 -14.92 -83.27 37.94
C LEU J 351 -14.87 -84.07 36.63
N GLY J 352 -13.81 -83.99 35.75
CA GLY J 352 -13.76 -84.84 34.54
C GLY J 352 -12.69 -85.96 34.59
N TYR J 353 -12.61 -86.69 33.46
CA TYR J 353 -11.82 -87.86 33.30
C TYR J 353 -11.03 -88.00 31.99
N ALA J 354 -9.75 -88.36 32.15
CA ALA J 354 -8.80 -88.55 31.08
C ALA J 354 -8.09 -89.89 31.40
N GLU J 355 -7.72 -90.60 30.31
CA GLU J 355 -6.89 -91.78 30.54
C GLU J 355 -5.51 -91.39 31.15
N LEU J 356 -4.92 -90.31 30.64
CA LEU J 356 -3.64 -89.86 31.13
C LEU J 356 -3.35 -88.38 30.90
N VAL J 357 -2.37 -87.84 31.59
CA VAL J 357 -1.97 -86.54 31.44
C VAL J 357 -0.50 -86.70 31.59
N GLU J 358 0.23 -86.16 30.56
CA GLU J 358 1.71 -85.90 30.79
C GLU J 358 2.12 -84.53 30.19
N GLU J 359 3.35 -84.10 30.52
CA GLU J 359 4.06 -82.96 29.91
C GLU J 359 5.01 -83.32 28.76
N ARG J 360 4.97 -82.74 27.54
CA ARG J 360 5.81 -83.15 26.42
C ARG J 360 6.39 -81.82 25.88
N LYS J 361 7.71 -81.72 25.55
CA LYS J 361 8.24 -80.56 24.86
C LYS J 361 7.98 -80.74 23.37
N VAL J 362 7.36 -79.71 22.68
CA VAL J 362 7.01 -79.64 21.25
C VAL J 362 7.60 -78.45 20.51
N GLY J 363 8.38 -78.67 19.46
CA GLY J 363 9.10 -77.58 18.80
C GLY J 363 10.02 -76.89 19.80
N ASN J 364 10.49 -77.64 20.77
CA ASN J 364 11.31 -77.18 21.91
C ASN J 364 10.50 -76.65 23.12
N ASP J 365 9.29 -76.13 22.81
CA ASP J 365 8.47 -75.47 23.87
C ASP J 365 7.69 -76.47 24.80
N LYS J 366 7.51 -76.19 26.10
CA LYS J 366 6.76 -77.03 26.97
C LYS J 366 5.21 -76.95 26.73
N MET J 367 4.51 -78.12 26.97
CA MET J 367 3.16 -78.27 26.60
C MET J 367 2.69 -79.41 27.42
N VAL J 368 1.43 -79.31 27.98
CA VAL J 368 0.85 -80.39 28.82
C VAL J 368 -0.33 -80.95 28.02
N PHE J 369 -0.37 -82.25 27.84
CA PHE J 369 -1.42 -82.80 26.95
C PHE J 369 -2.44 -83.62 27.76
N ILE J 370 -3.78 -83.40 27.62
CA ILE J 370 -4.82 -84.17 28.33
C ILE J 370 -5.40 -85.08 27.24
N GLU J 371 -5.38 -86.46 27.48
CA GLU J 371 -5.91 -87.34 26.52
C GLU J 371 -6.38 -88.64 27.00
N GLY J 372 -7.16 -89.28 26.16
CA GLY J 372 -7.78 -90.53 26.37
C GLY J 372 -9.12 -90.36 26.95
N ALA J 373 -9.95 -89.55 26.28
CA ALA J 373 -11.23 -88.96 26.72
C ALA J 373 -12.29 -89.52 25.74
N LYS J 374 -13.36 -90.21 26.19
CA LYS J 374 -14.43 -90.82 25.39
C LYS J 374 -15.22 -89.76 24.69
N ASN J 375 -15.54 -89.95 23.37
CA ASN J 375 -16.60 -89.29 22.49
C ASN J 375 -16.46 -87.74 22.42
N PRO J 376 -15.28 -87.18 22.06
CA PRO J 376 -15.12 -85.75 21.95
C PRO J 376 -15.78 -85.08 20.73
N LYS J 377 -16.34 -83.85 20.93
CA LYS J 377 -16.66 -83.00 19.83
C LYS J 377 -15.66 -81.78 19.84
N ALA J 378 -14.83 -81.71 20.90
CA ALA J 378 -13.77 -80.78 21.02
C ALA J 378 -12.49 -81.53 20.95
N VAL J 379 -11.68 -81.38 19.87
CA VAL J 379 -10.51 -82.14 19.64
C VAL J 379 -9.36 -81.23 19.45
N ASN J 380 -8.14 -81.70 19.56
CA ASN J 380 -7.02 -80.80 19.49
C ASN J 380 -6.09 -81.32 18.41
N ILE J 381 -5.58 -80.46 17.58
CA ILE J 381 -4.66 -80.81 16.50
C ILE J 381 -3.30 -80.19 16.78
N LEU J 382 -2.17 -80.89 16.67
CA LEU J 382 -0.90 -80.30 16.87
C LEU J 382 -0.31 -80.17 15.49
N LEU J 383 0.05 -78.96 15.07
CA LEU J 383 0.49 -78.80 13.68
C LEU J 383 1.97 -78.39 13.59
N ARG J 384 2.89 -79.26 13.17
CA ARG J 384 4.29 -78.88 13.21
C ARG J 384 4.73 -78.39 11.81
N GLY J 385 5.80 -77.55 11.81
CA GLY J 385 6.27 -77.05 10.60
C GLY J 385 7.71 -76.77 10.50
N SER J 386 8.10 -76.11 9.39
CA SER J 386 9.54 -75.89 9.14
C SER J 386 10.29 -74.79 9.95
N ASN J 387 10.03 -73.54 9.73
CA ASN J 387 10.30 -72.54 10.77
C ASN J 387 8.95 -71.94 11.27
N ASP J 388 8.53 -70.74 10.78
CA ASP J 388 7.36 -70.08 11.32
C ASP J 388 6.49 -69.52 10.21
N MET J 389 7.13 -68.92 9.16
CA MET J 389 6.34 -68.31 8.10
C MET J 389 5.56 -69.24 7.17
N ALA J 390 6.17 -70.42 6.91
CA ALA J 390 5.62 -71.42 6.05
C ALA J 390 4.55 -72.28 6.73
N LEU J 391 4.48 -72.20 8.05
CA LEU J 391 3.56 -72.97 8.93
C LEU J 391 2.35 -72.14 9.24
N ASP J 392 2.59 -70.86 9.48
CA ASP J 392 1.59 -69.84 9.52
C ASP J 392 0.83 -69.77 8.23
N GLU J 393 1.55 -69.85 7.03
CA GLU J 393 0.98 -69.94 5.69
C GLU J 393 0.21 -71.24 5.45
N ALA J 394 0.69 -72.42 5.95
CA ALA J 394 -0.11 -73.64 5.93
C ALA J 394 -1.25 -73.66 6.86
N GLU J 395 -1.23 -72.92 7.97
CA GLU J 395 -2.31 -72.78 8.96
C GLU J 395 -3.46 -72.06 8.39
N ARG J 396 -3.11 -70.99 7.70
CA ARG J 396 -3.99 -70.17 6.84
C ARG J 396 -4.66 -71.02 5.74
N SER J 397 -3.90 -71.88 5.07
CA SER J 397 -4.39 -72.84 4.05
C SER J 397 -5.43 -73.83 4.64
N ILE J 398 -5.18 -74.32 5.91
CA ILE J 398 -6.15 -75.26 6.58
C ILE J 398 -7.41 -74.50 6.93
N ASN J 399 -7.34 -73.25 7.48
CA ASN J 399 -8.55 -72.43 7.79
C ASN J 399 -9.36 -72.28 6.59
N ASP J 400 -8.86 -71.72 5.49
CA ASP J 400 -9.57 -71.57 4.19
C ASP J 400 -10.26 -72.84 3.63
N ALA J 401 -9.60 -74.00 3.83
CA ALA J 401 -10.05 -75.33 3.48
C ALA J 401 -11.16 -75.80 4.41
N LEU J 402 -11.10 -75.45 5.70
CA LEU J 402 -12.14 -75.75 6.77
C LEU J 402 -13.39 -74.92 6.47
N TYR J 403 -13.32 -73.64 6.10
CA TYR J 403 -14.60 -72.87 5.79
C TYR J 403 -15.22 -73.32 4.47
N SER J 404 -14.39 -73.79 3.51
CA SER J 404 -14.80 -74.48 2.24
C SER J 404 -15.34 -75.90 2.51
N LEU J 405 -14.84 -76.58 3.50
CA LEU J 405 -15.37 -77.88 3.99
C LEU J 405 -16.70 -77.69 4.60
N ARG J 406 -16.90 -76.55 5.37
CA ARG J 406 -18.26 -76.20 5.88
C ARG J 406 -19.20 -75.84 4.73
N ASN J 407 -18.69 -75.35 3.61
CA ASN J 407 -19.44 -75.15 2.41
C ASN J 407 -19.76 -76.35 1.60
N ILE J 408 -18.96 -77.35 1.38
CA ILE J 408 -19.49 -78.59 0.82
C ILE J 408 -20.36 -79.42 1.75
N LEU J 409 -20.05 -79.47 3.05
CA LEU J 409 -20.86 -80.12 4.05
C LEU J 409 -22.29 -79.60 4.21
N MET J 410 -22.49 -78.31 4.25
CA MET J 410 -23.86 -77.89 4.42
C MET J 410 -24.73 -77.87 3.14
N GLU J 411 -24.17 -78.07 1.92
CA GLU J 411 -25.05 -78.56 0.86
C GLU J 411 -24.29 -79.49 0.00
N PRO J 412 -24.71 -80.73 -0.29
CA PRO J 412 -23.95 -81.65 -1.09
C PRO J 412 -24.10 -81.48 -2.58
N TYR J 413 -24.23 -80.23 -3.04
CA TYR J 413 -24.41 -79.77 -4.39
C TYR J 413 -23.21 -78.96 -4.73
N ILE J 414 -22.69 -79.06 -5.91
CA ILE J 414 -21.55 -78.38 -6.39
C ILE J 414 -21.87 -77.74 -7.70
N VAL J 415 -21.10 -76.69 -8.15
CA VAL J 415 -21.42 -75.94 -9.36
C VAL J 415 -20.09 -75.50 -9.93
N PRO J 416 -19.94 -75.21 -11.21
CA PRO J 416 -18.65 -74.66 -11.54
C PRO J 416 -18.83 -73.16 -11.64
N GLY J 417 -18.95 -72.49 -10.41
CA GLY J 417 -19.16 -71.09 -10.35
C GLY J 417 -17.87 -70.45 -10.88
N GLY J 418 -18.05 -69.40 -11.73
CA GLY J 418 -17.02 -68.75 -12.49
C GLY J 418 -17.03 -69.22 -13.94
N GLY J 419 -18.00 -70.07 -14.36
CA GLY J 419 -18.12 -70.26 -15.79
C GLY J 419 -19.39 -70.83 -16.26
N ALA J 420 -19.92 -71.84 -15.57
CA ALA J 420 -20.99 -72.66 -16.10
C ALA J 420 -22.36 -72.25 -15.67
N ILE J 421 -22.54 -72.30 -14.31
CA ILE J 421 -23.70 -71.74 -13.63
C ILE J 421 -24.21 -70.39 -14.07
N GLU J 422 -23.30 -69.38 -14.07
CA GLU J 422 -23.60 -67.99 -14.39
C GLU J 422 -24.07 -67.88 -15.79
N LEU J 423 -23.37 -68.46 -16.76
CA LEU J 423 -23.77 -68.42 -18.19
C LEU J 423 -25.09 -69.16 -18.32
N GLU J 424 -25.33 -70.26 -17.60
CA GLU J 424 -26.65 -70.88 -17.65
C GLU J 424 -27.77 -70.10 -17.06
N LEU J 425 -27.50 -69.40 -15.94
CA LEU J 425 -28.53 -68.52 -15.35
C LEU J 425 -28.91 -67.39 -16.36
N SER J 426 -27.88 -66.85 -16.99
CA SER J 426 -28.04 -65.77 -18.00
C SER J 426 -28.83 -66.14 -19.18
N ALA J 427 -28.68 -67.43 -19.76
CA ALA J 427 -29.43 -67.95 -20.83
C ALA J 427 -30.90 -68.38 -20.47
N ARG J 428 -31.12 -68.98 -19.26
CA ARG J 428 -32.45 -69.18 -18.79
C ARG J 428 -33.21 -67.93 -18.45
N LEU J 429 -32.51 -66.92 -17.97
CA LEU J 429 -33.16 -65.62 -17.73
C LEU J 429 -33.50 -64.97 -19.05
N ARG J 430 -32.67 -65.14 -20.06
CA ARG J 430 -32.89 -64.60 -21.40
C ARG J 430 -33.63 -65.63 -22.24
N GLU J 431 -34.85 -65.98 -21.81
CA GLU J 431 -35.77 -66.91 -22.27
C GLU J 431 -37.05 -66.63 -21.44
N TYR J 432 -36.78 -66.52 -20.08
CA TYR J 432 -37.70 -66.07 -19.05
C TYR J 432 -38.22 -64.68 -19.38
N ALA J 433 -37.34 -63.68 -19.41
CA ALA J 433 -37.60 -62.41 -19.89
C ALA J 433 -38.25 -62.13 -21.19
N ARG J 434 -38.24 -63.09 -22.16
CA ARG J 434 -39.13 -63.06 -23.30
C ARG J 434 -40.55 -63.38 -23.05
N SER J 435 -40.81 -64.38 -22.20
CA SER J 435 -42.12 -64.70 -21.69
C SER J 435 -42.74 -63.70 -20.69
N VAL J 436 -41.93 -62.88 -19.96
CA VAL J 436 -42.36 -61.76 -19.19
C VAL J 436 -42.76 -60.64 -20.07
N GLY J 437 -43.60 -59.74 -19.53
CA GLY J 437 -44.10 -58.56 -20.20
C GLY J 437 -43.76 -57.41 -19.31
N GLY J 438 -44.17 -56.15 -19.64
CA GLY J 438 -43.85 -54.90 -18.99
C GLY J 438 -42.44 -54.48 -18.69
N LYS J 439 -42.33 -53.59 -17.71
CA LYS J 439 -41.04 -53.04 -17.33
C LYS J 439 -40.15 -53.96 -16.47
N GLU J 440 -40.72 -54.90 -15.80
CA GLU J 440 -40.00 -55.95 -15.01
C GLU J 440 -39.33 -57.01 -15.98
N GLN J 441 -39.70 -57.13 -17.29
CA GLN J 441 -39.02 -58.09 -18.24
C GLN J 441 -37.67 -57.39 -18.53
N LEU J 442 -37.62 -55.97 -18.64
CA LEU J 442 -36.43 -55.18 -18.98
C LEU J 442 -35.46 -55.32 -17.74
N ALA J 443 -36.00 -55.35 -16.51
CA ALA J 443 -35.21 -55.54 -15.37
C ALA J 443 -34.56 -56.99 -15.32
N ILE J 444 -35.34 -58.07 -15.62
CA ILE J 444 -34.76 -59.39 -15.72
C ILE J 444 -33.71 -59.47 -16.75
N GLU J 445 -33.84 -58.85 -17.96
CA GLU J 445 -32.72 -58.90 -18.91
C GLU J 445 -31.48 -58.08 -18.51
N ALA J 446 -31.60 -57.15 -17.55
CA ALA J 446 -30.41 -56.40 -17.03
C ALA J 446 -29.67 -57.20 -15.90
N TYR J 447 -30.46 -58.00 -15.16
CA TYR J 447 -29.92 -58.89 -14.15
C TYR J 447 -29.16 -60.07 -14.91
N ALA J 448 -29.65 -60.58 -16.07
CA ALA J 448 -28.93 -61.58 -16.88
C ALA J 448 -27.60 -61.03 -17.49
N ASP J 449 -27.73 -59.77 -17.90
CA ASP J 449 -26.64 -58.99 -18.27
C ASP J 449 -25.57 -58.74 -17.11
N ALA J 450 -26.06 -58.62 -15.84
CA ALA J 450 -25.17 -58.58 -14.68
C ALA J 450 -24.38 -59.83 -14.45
N LEU J 451 -24.88 -61.05 -14.61
CA LEU J 451 -24.13 -62.29 -14.66
C LEU J 451 -23.07 -62.43 -15.70
N GLU J 452 -23.30 -61.90 -16.94
CA GLU J 452 -22.35 -61.70 -17.98
C GLU J 452 -21.28 -60.81 -17.70
N GLU J 453 -21.31 -59.97 -16.62
CA GLU J 453 -20.16 -59.20 -16.22
C GLU J 453 -19.18 -60.01 -15.32
N ILE J 454 -19.58 -61.21 -14.83
CA ILE J 454 -18.78 -62.23 -14.14
C ILE J 454 -17.94 -63.04 -15.19
N PRO J 455 -16.94 -64.00 -14.97
CA PRO J 455 -16.67 -64.89 -16.11
C PRO J 455 -15.60 -64.50 -17.04
N MET J 456 -15.67 -63.31 -17.71
CA MET J 456 -14.67 -62.78 -18.68
C MET J 456 -13.56 -62.11 -17.91
N ILE J 457 -13.84 -61.80 -16.65
CA ILE J 457 -12.96 -61.21 -15.64
C ILE J 457 -12.09 -62.33 -15.08
N LEU J 458 -12.63 -63.57 -14.95
CA LEU J 458 -11.76 -64.69 -14.71
C LEU J 458 -10.77 -64.98 -15.87
N ALA J 459 -11.18 -64.87 -17.09
CA ALA J 459 -10.42 -64.99 -18.28
C ALA J 459 -9.47 -63.74 -18.39
N GLU J 460 -9.80 -62.62 -17.82
CA GLU J 460 -8.96 -61.41 -17.92
C GLU J 460 -7.84 -61.52 -16.91
N THR J 461 -8.07 -62.10 -15.67
CA THR J 461 -7.15 -62.39 -14.66
C THR J 461 -6.06 -63.31 -15.22
N ALA J 462 -6.51 -64.28 -16.08
CA ALA J 462 -5.73 -65.30 -16.82
C ALA J 462 -4.87 -64.80 -17.95
N GLY J 463 -4.95 -63.48 -18.15
CA GLY J 463 -4.14 -62.86 -19.17
C GLY J 463 -4.75 -62.66 -20.52
N LEU J 464 -6.04 -62.92 -20.72
CA LEU J 464 -6.77 -62.83 -21.94
C LEU J 464 -7.66 -61.57 -22.03
N GLU J 465 -8.11 -61.30 -23.25
CA GLU J 465 -8.96 -60.19 -23.59
C GLU J 465 -10.38 -60.58 -23.11
N PRO J 466 -11.09 -59.79 -22.41
CA PRO J 466 -12.37 -60.16 -21.91
C PRO J 466 -13.49 -60.26 -22.89
N ILE J 467 -13.79 -59.34 -23.84
CA ILE J 467 -14.90 -59.36 -24.72
C ILE J 467 -14.91 -60.47 -25.74
N SER J 468 -13.78 -60.84 -26.25
CA SER J 468 -13.46 -62.06 -27.05
C SER J 468 -13.50 -63.34 -26.13
N ALA J 469 -13.18 -63.24 -24.88
CA ALA J 469 -13.31 -64.40 -23.98
C ALA J 469 -14.75 -64.76 -23.73
N LEU J 470 -15.61 -63.79 -23.53
CA LEU J 470 -17.04 -64.02 -23.31
C LEU J 470 -17.73 -64.46 -24.66
N MET J 471 -17.33 -63.82 -25.82
CA MET J 471 -17.92 -64.27 -27.06
C MET J 471 -17.50 -65.68 -27.50
N ASP J 472 -16.24 -66.15 -27.24
CA ASP J 472 -15.83 -67.51 -27.53
C ASP J 472 -16.33 -68.52 -26.46
N LEU J 473 -16.52 -68.11 -25.24
CA LEU J 473 -17.14 -68.95 -24.13
C LEU J 473 -18.64 -69.21 -24.27
N ARG J 474 -19.38 -68.24 -24.77
CA ARG J 474 -20.80 -68.42 -25.09
C ARG J 474 -20.95 -69.42 -26.19
N ALA J 475 -20.18 -69.24 -27.22
CA ALA J 475 -20.32 -70.06 -28.41
C ALA J 475 -19.85 -71.45 -28.30
N ARG J 476 -18.78 -71.68 -27.45
CA ARG J 476 -18.31 -73.01 -27.07
C ARG J 476 -19.20 -73.82 -26.17
N HIS J 477 -19.87 -73.05 -25.30
CA HIS J 477 -20.80 -73.63 -24.34
C HIS J 477 -22.15 -73.87 -25.01
N ALA J 478 -22.36 -73.54 -26.26
CA ALA J 478 -23.63 -73.51 -26.91
C ALA J 478 -23.63 -74.60 -27.92
N LYS J 479 -22.47 -74.75 -28.63
CA LYS J 479 -22.25 -75.76 -29.58
C LYS J 479 -21.68 -77.01 -29.08
N GLY J 480 -20.75 -76.85 -28.08
CA GLY J 480 -20.38 -77.95 -27.17
C GLY J 480 -21.28 -78.08 -25.98
N LEU J 481 -20.67 -78.25 -24.82
CA LEU J 481 -21.39 -78.70 -23.63
C LEU J 481 -21.16 -77.75 -22.42
N THR J 482 -22.09 -77.76 -21.42
CA THR J 482 -22.39 -76.72 -20.45
C THR J 482 -21.34 -76.44 -19.46
N ASN J 483 -20.47 -77.38 -19.04
CA ASN J 483 -19.40 -77.12 -18.01
C ASN J 483 -18.05 -76.59 -18.47
N CYS J 484 -18.05 -75.92 -19.64
CA CYS J 484 -16.86 -75.27 -20.24
C CYS J 484 -16.28 -74.17 -19.34
N GLY J 485 -15.01 -73.88 -19.37
CA GLY J 485 -14.56 -72.69 -18.61
C GLY J 485 -13.27 -72.22 -19.07
N VAL J 486 -12.40 -71.69 -18.17
CA VAL J 486 -10.99 -71.44 -18.48
C VAL J 486 -10.07 -71.99 -17.33
N ASP J 487 -8.88 -72.51 -17.72
CA ASP J 487 -7.93 -73.03 -16.78
C ASP J 487 -7.08 -71.81 -16.46
N VAL J 488 -6.98 -71.28 -15.23
CA VAL J 488 -5.99 -70.25 -14.94
C VAL J 488 -4.57 -70.66 -14.66
N ILE J 489 -4.32 -71.92 -14.36
CA ILE J 489 -3.03 -72.48 -14.20
C ILE J 489 -2.30 -72.51 -15.63
N ASN J 490 -3.01 -73.03 -16.64
CA ASN J 490 -2.38 -73.17 -17.95
C ASN J 490 -2.81 -72.10 -19.00
N GLY J 491 -3.90 -71.30 -18.67
CA GLY J 491 -4.27 -70.11 -19.52
C GLY J 491 -5.07 -70.27 -20.77
N LYS J 492 -5.57 -71.57 -21.00
CA LYS J 492 -6.44 -72.03 -22.07
C LYS J 492 -7.86 -71.97 -21.55
N ILE J 493 -8.79 -71.38 -22.37
CA ILE J 493 -10.27 -71.70 -22.42
C ILE J 493 -10.39 -73.15 -22.75
N ILE J 494 -11.08 -73.95 -21.88
CA ILE J 494 -10.95 -75.37 -21.71
C ILE J 494 -12.37 -75.89 -21.61
N ASP J 495 -12.72 -77.00 -22.29
CA ASP J 495 -13.93 -77.84 -22.03
C ASP J 495 -13.97 -78.57 -20.68
N ASP J 496 -15.21 -78.85 -20.22
CA ASP J 496 -15.53 -79.36 -18.87
C ASP J 496 -14.65 -79.18 -17.66
N ILE J 497 -14.58 -78.00 -17.07
CA ILE J 497 -13.74 -77.73 -15.99
C ILE J 497 -13.95 -78.46 -14.63
N TYR J 498 -15.19 -79.03 -14.50
CA TYR J 498 -15.61 -80.12 -13.59
C TYR J 498 -14.70 -81.34 -13.71
N SER J 499 -14.47 -81.83 -14.92
CA SER J 499 -13.51 -82.87 -15.26
C SER J 499 -12.09 -82.47 -15.04
N ILE J 500 -11.80 -81.19 -15.24
CA ILE J 500 -10.44 -80.64 -14.99
C ILE J 500 -10.18 -80.70 -13.51
N ASN J 501 -11.26 -80.92 -12.66
CA ASN J 501 -11.33 -80.99 -11.24
C ASN J 501 -11.56 -79.73 -10.43
N VAL J 502 -12.16 -78.70 -11.13
CA VAL J 502 -12.24 -77.37 -10.59
C VAL J 502 -13.73 -77.01 -10.41
N VAL J 503 -14.32 -77.20 -9.24
CA VAL J 503 -15.72 -76.89 -8.92
C VAL J 503 -15.83 -76.04 -7.63
N GLU J 504 -16.98 -75.34 -7.52
CA GLU J 504 -17.29 -74.61 -6.34
C GLU J 504 -18.39 -75.31 -5.65
N PRO J 505 -18.36 -75.63 -4.32
CA PRO J 505 -19.66 -75.73 -3.57
C PRO J 505 -20.66 -74.71 -3.90
N ILE J 506 -21.89 -75.02 -4.23
CA ILE J 506 -23.04 -74.13 -4.49
C ILE J 506 -23.25 -73.07 -3.40
N ARG J 507 -22.94 -73.38 -2.16
CA ARG J 507 -23.20 -72.48 -1.09
C ARG J 507 -22.19 -71.27 -1.16
N VAL J 508 -21.04 -71.32 -1.80
CA VAL J 508 -20.19 -70.15 -1.94
C VAL J 508 -20.83 -69.19 -2.98
N THR J 509 -21.66 -69.80 -3.91
CA THR J 509 -22.47 -69.13 -4.87
C THR J 509 -23.73 -68.50 -4.24
N ARG J 510 -24.65 -69.34 -3.59
CA ARG J 510 -25.86 -68.94 -2.95
C ARG J 510 -25.70 -67.71 -2.03
N GLN J 511 -24.59 -67.68 -1.25
CA GLN J 511 -24.28 -66.58 -0.44
C GLN J 511 -23.80 -65.35 -1.05
N VAL J 512 -22.98 -65.41 -2.17
CA VAL J 512 -22.52 -64.20 -2.79
C VAL J 512 -23.50 -63.59 -3.78
N LEU J 513 -24.46 -64.38 -4.15
CA LEU J 513 -25.57 -63.85 -4.81
C LEU J 513 -26.65 -63.22 -3.87
N LYS J 514 -26.87 -63.77 -2.70
CA LYS J 514 -27.66 -63.21 -1.63
C LYS J 514 -27.09 -61.91 -1.06
N SER J 515 -25.77 -61.76 -0.81
CA SER J 515 -25.36 -60.64 -0.03
C SER J 515 -25.12 -59.50 -0.92
N ALA J 516 -24.97 -59.68 -2.21
CA ALA J 516 -24.96 -58.62 -3.16
C ALA J 516 -26.40 -58.20 -3.47
N THR J 517 -27.41 -59.16 -3.58
CA THR J 517 -28.76 -58.67 -3.90
C THR J 517 -29.48 -57.91 -2.77
N GLU J 518 -28.98 -58.07 -1.56
CA GLU J 518 -29.61 -57.43 -0.38
C GLU J 518 -29.17 -56.00 -0.31
N ALA J 519 -27.86 -55.74 -0.53
CA ALA J 519 -27.11 -54.46 -0.51
C ALA J 519 -27.59 -53.56 -1.70
N ALA J 520 -27.74 -54.08 -2.96
CA ALA J 520 -28.05 -53.29 -4.16
C ALA J 520 -29.50 -52.81 -4.04
N THR J 521 -30.28 -53.69 -3.40
CA THR J 521 -31.71 -53.33 -3.06
C THR J 521 -31.81 -52.15 -2.08
N SER J 522 -30.87 -52.23 -1.05
CA SER J 522 -30.99 -51.15 -0.05
C SER J 522 -30.53 -49.81 -0.62
N ILE J 523 -29.48 -49.83 -1.44
CA ILE J 523 -28.84 -48.62 -2.11
C ILE J 523 -29.75 -48.10 -3.27
N MET J 524 -30.64 -48.93 -3.90
CA MET J 524 -31.68 -48.52 -4.77
C MET J 524 -32.74 -47.81 -3.91
N LYS J 525 -32.97 -48.14 -2.57
CA LYS J 525 -34.09 -47.63 -1.80
C LYS J 525 -33.77 -46.28 -1.11
N ILE J 526 -32.52 -45.70 -1.26
CA ILE J 526 -32.13 -44.69 -0.26
C ILE J 526 -31.97 -43.41 -0.96
N ASP J 527 -32.48 -42.28 -0.39
CA ASP J 527 -32.50 -40.93 -0.73
C ASP J 527 -32.53 -40.08 0.54
N ASP J 528 -31.88 -38.90 0.53
CA ASP J 528 -31.58 -37.92 1.61
C ASP J 528 -30.48 -38.37 2.51
N LEU J 529 -29.73 -37.39 3.03
CA LEU J 529 -28.61 -37.55 3.90
C LEU J 529 -28.56 -36.34 4.79
N ILE J 530 -28.79 -36.61 6.06
CA ILE J 530 -28.85 -35.58 7.03
C ILE J 530 -27.85 -35.98 8.10
N ALA J 531 -26.85 -35.18 8.40
CA ALA J 531 -25.72 -35.64 9.05
C ALA J 531 -25.42 -34.69 10.18
N ALA J 532 -25.18 -35.21 11.39
CA ALA J 532 -24.94 -34.23 12.46
C ALA J 532 -23.47 -33.65 12.52
N THR K 14 -5.42 -36.53 -0.76
CA THR K 14 -5.04 -38.00 -0.99
C THR K 14 -4.11 -38.28 -2.07
N SER K 15 -3.12 -39.20 -1.96
CA SER K 15 -2.21 -39.62 -3.00
C SER K 15 -2.95 -40.69 -3.77
N ARG K 16 -3.10 -40.59 -5.08
CA ARG K 16 -3.83 -41.52 -5.86
C ARG K 16 -2.95 -42.41 -6.68
N ASN K 17 -3.53 -43.54 -7.21
CA ASN K 17 -2.70 -44.50 -8.01
C ASN K 17 -3.74 -45.18 -8.97
N SER K 18 -3.31 -45.38 -10.25
CA SER K 18 -4.25 -46.00 -11.16
C SER K 18 -3.42 -46.47 -12.32
N GLY K 19 -3.84 -47.37 -13.24
CA GLY K 19 -3.26 -47.46 -14.51
C GLY K 19 -1.74 -47.72 -14.69
N ARG K 20 -1.21 -48.64 -13.78
CA ARG K 20 0.19 -49.07 -13.66
C ARG K 20 1.10 -47.93 -13.12
N ASP K 21 0.51 -46.97 -12.41
CA ASP K 21 1.21 -45.78 -11.95
C ASP K 21 2.12 -46.06 -10.82
N ALA K 22 1.56 -46.56 -9.69
CA ALA K 22 2.32 -47.00 -8.54
C ALA K 22 3.49 -47.93 -8.85
N LEU K 23 3.32 -48.85 -9.81
CA LEU K 23 4.25 -49.79 -10.19
C LEU K 23 5.45 -49.12 -10.88
N LYS K 24 5.29 -48.11 -11.74
CA LYS K 24 6.35 -47.46 -12.44
C LYS K 24 7.23 -46.65 -11.53
N ASN K 25 6.59 -46.24 -10.43
CA ASN K 25 7.20 -45.46 -9.39
C ASN K 25 7.84 -46.43 -8.40
N ASN K 26 7.39 -47.67 -8.30
CA ASN K 26 7.95 -48.64 -7.41
C ASN K 26 9.11 -49.31 -8.07
N ILE K 27 9.22 -49.32 -9.44
CA ILE K 27 10.31 -49.78 -10.25
C ILE K 27 11.40 -48.72 -10.18
N LEU K 28 11.02 -47.46 -10.24
CA LEU K 28 11.88 -46.32 -10.21
C LEU K 28 12.68 -46.27 -8.90
N ALA K 29 11.96 -46.62 -7.82
CA ALA K 29 12.61 -46.68 -6.56
C ALA K 29 13.72 -47.69 -6.42
N ALA K 30 13.40 -48.93 -6.89
CA ALA K 30 14.39 -49.98 -6.96
C ALA K 30 15.55 -49.78 -7.93
N ARG K 31 15.30 -49.04 -9.06
CA ARG K 31 16.35 -48.80 -10.13
C ARG K 31 17.30 -47.72 -9.64
N THR K 32 16.73 -46.67 -8.91
CA THR K 32 17.48 -45.54 -8.44
C THR K 32 18.33 -46.08 -7.28
N LEU K 33 17.73 -47.01 -6.41
CA LEU K 33 18.48 -47.76 -5.33
C LEU K 33 19.66 -48.57 -5.95
N ALA K 34 19.39 -49.23 -7.02
CA ALA K 34 20.37 -50.08 -7.70
C ALA K 34 21.54 -49.25 -8.27
N GLU K 35 21.18 -48.06 -8.93
CA GLU K 35 22.18 -47.39 -9.72
C GLU K 35 23.29 -46.69 -8.90
N MET K 36 22.96 -46.58 -7.59
CA MET K 36 23.76 -46.10 -6.46
C MET K 36 24.50 -47.28 -5.77
N LEU K 37 23.84 -48.48 -5.58
CA LEU K 37 24.40 -49.67 -4.98
C LEU K 37 25.39 -50.46 -5.85
N ARG K 38 25.33 -50.28 -7.16
CA ARG K 38 26.16 -51.10 -8.03
C ARG K 38 27.59 -50.64 -8.01
N SER K 39 27.89 -49.35 -7.75
CA SER K 39 29.17 -48.81 -7.51
C SER K 39 29.87 -49.38 -6.28
N SER K 40 29.23 -49.99 -5.25
CA SER K 40 29.99 -50.69 -4.18
C SER K 40 29.70 -52.21 -4.23
N LEU K 41 29.39 -52.84 -5.33
CA LEU K 41 29.04 -54.21 -5.49
C LEU K 41 30.19 -55.14 -5.59
N GLY K 42 31.08 -54.80 -6.54
CA GLY K 42 32.34 -55.59 -6.80
C GLY K 42 33.54 -55.12 -5.98
N PRO K 43 34.72 -55.74 -6.25
CA PRO K 43 35.84 -55.63 -5.25
C PRO K 43 36.98 -54.73 -5.82
N LYS K 44 36.68 -53.82 -6.71
CA LYS K 44 37.44 -52.61 -7.13
C LYS K 44 36.53 -51.36 -6.88
N GLY K 45 35.42 -51.56 -6.13
CA GLY K 45 34.32 -50.60 -6.00
C GLY K 45 34.67 -49.43 -5.12
N LEU K 46 33.62 -48.68 -4.74
CA LEU K 46 33.78 -47.42 -4.03
C LEU K 46 32.98 -47.45 -2.78
N ASP K 47 33.51 -46.70 -1.81
CA ASP K 47 33.10 -46.53 -0.44
C ASP K 47 32.02 -45.36 -0.39
N LYS K 48 30.98 -45.64 0.37
CA LYS K 48 29.84 -44.68 0.54
C LYS K 48 30.00 -43.90 1.84
N MET K 49 29.31 -42.83 2.03
CA MET K 49 29.47 -41.98 3.17
C MET K 49 28.11 -41.82 3.81
N LEU K 50 28.07 -41.97 5.11
CA LEU K 50 26.86 -41.93 5.87
C LEU K 50 27.04 -41.10 7.12
N ILE K 51 26.38 -39.95 7.25
CA ILE K 51 26.65 -38.94 8.32
C ILE K 51 25.54 -38.93 9.33
N ASP K 52 25.88 -38.99 10.61
CA ASP K 52 24.98 -38.93 11.73
C ASP K 52 24.33 -37.57 11.90
N SER K 53 23.27 -37.61 12.66
CA SER K 53 22.52 -36.40 13.04
C SER K 53 23.34 -35.73 14.19
N PHE K 54 24.19 -36.56 14.85
CA PHE K 54 25.20 -36.14 15.81
C PHE K 54 26.52 -35.86 15.10
N GLY K 55 26.62 -35.70 13.71
CA GLY K 55 27.78 -35.20 12.99
C GLY K 55 28.91 -36.30 12.74
N ASP K 56 28.77 -37.59 13.21
CA ASP K 56 29.65 -38.69 13.05
C ASP K 56 29.59 -39.12 11.57
N VAL K 57 30.67 -38.98 10.81
CA VAL K 57 30.78 -39.44 9.44
C VAL K 57 31.29 -40.89 9.41
N THR K 58 30.79 -41.71 8.53
CA THR K 58 31.11 -43.11 8.51
C THR K 58 31.33 -43.47 7.08
N ILE K 59 32.55 -43.98 6.68
CA ILE K 59 32.87 -44.20 5.31
C ILE K 59 32.90 -45.73 5.30
N THR K 60 32.00 -46.41 4.51
CA THR K 60 32.23 -47.86 4.36
C THR K 60 31.72 -48.23 2.92
N ASN K 61 32.21 -49.37 2.37
CA ASN K 61 31.79 -49.89 1.11
C ASN K 61 30.59 -50.86 1.18
N ASP K 62 30.16 -51.15 2.41
CA ASP K 62 28.94 -51.95 2.73
C ASP K 62 27.65 -51.20 2.35
N GLY K 63 26.99 -51.71 1.30
CA GLY K 63 25.81 -51.05 0.69
C GLY K 63 24.48 -51.55 1.31
N ALA K 64 24.47 -52.77 1.91
CA ALA K 64 23.23 -53.27 2.59
C ALA K 64 23.08 -52.69 3.94
N THR K 65 24.18 -52.29 4.52
CA THR K 65 24.25 -51.52 5.79
C THR K 65 23.88 -50.01 5.62
N ILE K 66 24.36 -49.39 4.51
CA ILE K 66 24.00 -48.05 4.23
C ILE K 66 22.48 -47.81 3.92
N VAL K 67 21.82 -48.75 3.19
CA VAL K 67 20.36 -48.76 3.06
C VAL K 67 19.65 -49.06 4.36
N LYS K 68 20.04 -50.06 5.14
CA LYS K 68 19.46 -50.33 6.44
C LYS K 68 19.55 -49.16 7.38
N GLU K 69 20.72 -48.55 7.42
CA GLU K 69 20.87 -47.35 8.26
C GLU K 69 20.31 -45.99 7.79
N MET K 70 19.70 -45.86 6.55
CA MET K 70 19.38 -44.62 6.09
C MET K 70 17.85 -44.57 5.92
N GLU K 71 17.20 -43.44 6.29
CA GLU K 71 15.76 -43.32 6.15
C GLU K 71 15.30 -43.51 4.73
N ILE K 72 14.27 -44.33 4.53
CA ILE K 72 13.83 -44.70 3.27
C ILE K 72 12.45 -44.14 3.02
N GLN K 73 12.36 -43.36 1.95
CA GLN K 73 11.17 -42.61 1.73
C GLN K 73 10.45 -43.11 0.50
N HIS K 74 10.79 -44.26 -0.04
CA HIS K 74 9.97 -44.90 -1.01
C HIS K 74 9.55 -46.21 -0.37
N PRO K 75 8.27 -46.49 -0.15
CA PRO K 75 7.86 -47.75 0.53
C PRO K 75 8.33 -49.07 -0.05
N ALA K 76 8.59 -49.11 -1.34
CA ALA K 76 9.16 -50.33 -1.97
C ALA K 76 10.73 -50.65 -1.72
N ALA K 77 11.46 -49.55 -1.41
CA ALA K 77 12.75 -49.71 -0.84
C ALA K 77 12.81 -50.11 0.62
N LYS K 78 11.73 -49.83 1.38
CA LYS K 78 11.61 -50.29 2.75
C LYS K 78 11.41 -51.80 2.80
N LEU K 79 10.67 -52.43 1.85
CA LEU K 79 10.46 -53.87 1.73
C LEU K 79 11.77 -54.66 1.52
N LEU K 80 12.61 -54.13 0.59
CA LEU K 80 13.91 -54.63 0.19
C LEU K 80 14.94 -54.49 1.30
N VAL K 81 14.90 -53.49 2.21
CA VAL K 81 15.85 -53.52 3.33
C VAL K 81 15.75 -54.67 4.23
N GLU K 82 14.55 -55.21 4.65
CA GLU K 82 14.48 -56.34 5.54
C GLU K 82 15.12 -57.59 4.99
N ALA K 83 15.17 -57.75 3.67
CA ALA K 83 15.78 -58.90 3.05
C ALA K 83 17.26 -58.73 2.99
N ALA K 84 17.84 -57.46 2.72
CA ALA K 84 19.17 -57.06 2.70
C ALA K 84 19.79 -57.29 4.09
N LYS K 85 19.27 -56.70 5.15
CA LYS K 85 19.46 -57.05 6.54
C LYS K 85 19.59 -58.54 6.84
N ALA K 86 18.59 -59.35 6.50
CA ALA K 86 18.60 -60.78 6.74
C ALA K 86 19.67 -61.62 6.05
N GLN K 87 20.06 -61.24 4.85
CA GLN K 87 21.05 -61.89 4.03
C GLN K 87 22.55 -61.63 4.48
N ASP K 88 22.83 -60.52 5.16
CA ASP K 88 24.15 -60.07 5.57
C ASP K 88 24.68 -60.95 6.68
N SER K 89 23.84 -61.57 7.47
CA SER K 89 24.34 -62.65 8.35
C SER K 89 24.68 -63.91 7.62
N GLU K 90 24.06 -64.30 6.46
CA GLU K 90 24.39 -65.39 5.54
C GLU K 90 25.64 -65.27 4.73
N VAL K 91 25.91 -64.08 4.16
CA VAL K 91 27.08 -63.77 3.34
C VAL K 91 27.31 -62.26 3.30
N GLY K 92 28.60 -61.84 3.01
CA GLY K 92 28.89 -60.48 3.01
C GLY K 92 29.24 -59.77 1.71
N ASP K 93 29.54 -60.46 0.65
CA ASP K 93 29.65 -59.83 -0.63
C ASP K 93 28.37 -59.92 -1.51
N GLY K 94 27.72 -61.13 -1.52
CA GLY K 94 26.53 -61.46 -2.30
C GLY K 94 25.30 -60.61 -1.88
N THR K 95 25.13 -60.31 -0.60
CA THR K 95 23.95 -59.45 -0.24
C THR K 95 23.94 -58.01 -0.81
N THR K 96 25.03 -57.28 -1.06
CA THR K 96 24.95 -55.98 -1.76
C THR K 96 24.47 -56.35 -3.20
N SER K 97 25.17 -57.39 -3.75
CA SER K 97 24.85 -57.92 -5.10
C SER K 97 23.42 -58.41 -5.33
N ALA K 98 22.81 -59.13 -4.34
CA ALA K 98 21.42 -59.67 -4.33
C ALA K 98 20.44 -58.54 -4.54
N VAL K 99 20.75 -57.38 -3.91
CA VAL K 99 19.88 -56.15 -4.02
C VAL K 99 19.84 -55.61 -5.43
N VAL K 100 21.05 -55.51 -6.03
CA VAL K 100 21.25 -55.10 -7.45
C VAL K 100 20.66 -56.11 -8.44
N LEU K 101 20.75 -57.40 -8.19
CA LEU K 101 20.26 -58.49 -8.96
C LEU K 101 18.79 -58.50 -9.20
N ALA K 102 18.00 -58.07 -8.11
CA ALA K 102 16.55 -57.85 -8.14
C ALA K 102 16.17 -56.78 -9.18
N GLY K 103 16.92 -55.68 -9.21
CA GLY K 103 16.72 -54.68 -10.26
C GLY K 103 16.94 -55.15 -11.66
N LEU K 104 17.90 -56.01 -11.81
CA LEU K 104 18.32 -56.33 -13.20
C LEU K 104 17.33 -57.23 -13.94
N PHE K 105 16.47 -58.01 -13.16
CA PHE K 105 15.36 -58.77 -13.69
C PHE K 105 14.28 -57.85 -13.83
N LEU K 106 14.11 -56.89 -12.84
CA LEU K 106 12.98 -55.93 -12.83
C LEU K 106 12.94 -54.97 -14.04
N GLU K 107 14.10 -54.48 -14.56
CA GLU K 107 14.18 -53.48 -15.65
C GLU K 107 14.07 -54.20 -17.04
N LYS K 108 14.17 -55.61 -17.09
CA LYS K 108 13.76 -56.36 -18.27
C LYS K 108 12.31 -56.60 -18.25
N ALA K 109 11.64 -56.82 -17.05
CA ALA K 109 10.18 -56.89 -16.85
C ALA K 109 9.50 -55.57 -17.29
N GLU K 110 10.05 -54.36 -17.02
CA GLU K 110 9.47 -53.06 -17.42
C GLU K 110 9.34 -52.96 -18.98
N SER K 111 10.28 -53.51 -19.74
CA SER K 111 10.24 -53.68 -21.20
C SER K 111 9.14 -54.58 -21.63
N LEU K 112 8.97 -55.72 -20.97
CA LEU K 112 7.89 -56.61 -21.25
C LEU K 112 6.46 -56.08 -21.07
N VAL K 113 6.41 -55.31 -20.02
CA VAL K 113 5.27 -54.43 -19.62
C VAL K 113 4.99 -53.33 -20.67
N ASP K 114 6.13 -52.74 -21.23
CA ASP K 114 6.15 -51.82 -22.39
C ASP K 114 5.64 -52.44 -23.69
N GLN K 115 5.93 -53.68 -23.96
CA GLN K 115 5.45 -54.52 -25.03
C GLN K 115 3.96 -55.07 -24.67
N ASN K 116 3.26 -54.36 -23.80
CA ASN K 116 2.01 -54.68 -23.26
C ASN K 116 1.67 -56.04 -22.69
N ILE K 117 2.69 -56.81 -22.26
CA ILE K 117 2.46 -58.26 -21.86
C ILE K 117 1.98 -58.27 -20.42
N HIS K 118 0.85 -58.89 -20.16
CA HIS K 118 0.13 -58.94 -18.92
C HIS K 118 1.02 -59.43 -17.81
N PRO K 119 1.06 -58.79 -16.59
CA PRO K 119 2.03 -59.06 -15.56
C PRO K 119 2.03 -60.52 -15.08
N THR K 120 0.86 -61.18 -15.16
CA THR K 120 0.81 -62.64 -14.85
C THR K 120 1.71 -63.47 -15.74
N ILE K 121 1.70 -63.22 -17.11
CA ILE K 121 2.52 -63.92 -18.01
C ILE K 121 3.95 -63.60 -17.86
N ILE K 122 4.32 -62.31 -17.62
CA ILE K 122 5.73 -61.94 -17.36
C ILE K 122 6.30 -62.64 -16.12
N ILE K 123 5.59 -62.63 -14.99
CA ILE K 123 5.86 -63.47 -13.85
C ILE K 123 6.09 -64.94 -14.06
N GLU K 124 5.13 -65.61 -14.75
CA GLU K 124 5.14 -67.05 -15.13
C GLU K 124 6.14 -67.48 -16.09
N GLY K 125 6.65 -66.58 -16.94
CA GLY K 125 7.81 -66.97 -17.66
C GLY K 125 9.09 -66.79 -16.85
N PHE K 126 9.14 -65.85 -15.89
CA PHE K 126 10.32 -65.73 -15.04
C PHE K 126 10.48 -66.92 -14.10
N LYS K 127 9.32 -67.47 -13.67
CA LYS K 127 9.15 -68.62 -12.80
C LYS K 127 9.63 -69.82 -13.57
N LYS K 128 9.27 -70.02 -14.82
CA LYS K 128 9.74 -71.10 -15.66
C LYS K 128 11.18 -71.11 -16.03
N ALA K 129 11.74 -69.92 -16.32
CA ALA K 129 13.10 -69.64 -16.65
C ALA K 129 13.98 -70.07 -15.47
N PHE K 130 13.54 -69.68 -14.27
CA PHE K 130 14.11 -70.01 -12.98
C PHE K 130 14.07 -71.48 -12.58
N ASN K 131 12.92 -72.14 -12.85
CA ASN K 131 12.87 -73.60 -12.66
C ASN K 131 13.89 -74.35 -13.56
N LYS K 132 14.07 -73.87 -14.79
CA LYS K 132 15.09 -74.36 -15.75
C LYS K 132 16.50 -74.07 -15.23
N SER K 133 16.70 -72.88 -14.65
CA SER K 133 18.05 -72.56 -14.04
C SER K 133 18.41 -73.45 -12.85
N LEU K 134 17.35 -73.72 -12.03
CA LEU K 134 17.41 -74.54 -10.84
C LEU K 134 17.70 -76.01 -11.10
N GLU K 135 17.28 -76.59 -12.23
CA GLU K 135 17.68 -77.96 -12.57
C GLU K 135 19.01 -78.01 -13.33
N LEU K 136 19.51 -76.83 -13.68
CA LEU K 136 20.85 -76.69 -14.26
C LEU K 136 21.97 -76.37 -13.21
N LEU K 137 21.65 -75.67 -12.08
CA LEU K 137 22.67 -75.51 -11.00
C LEU K 137 23.04 -76.71 -10.13
N PRO K 138 22.53 -77.85 -10.29
CA PRO K 138 23.11 -78.96 -9.53
C PRO K 138 23.92 -79.84 -10.53
N GLN K 139 23.51 -79.73 -11.86
CA GLN K 139 24.12 -80.38 -12.99
C GLN K 139 25.37 -79.73 -13.52
N LEU K 140 25.38 -78.39 -13.69
CA LEU K 140 26.58 -77.72 -14.18
C LEU K 140 27.49 -77.57 -13.00
N ALA K 141 26.83 -77.46 -11.80
CA ALA K 141 27.52 -77.45 -10.50
C ALA K 141 28.41 -78.65 -10.12
N THR K 142 29.43 -78.43 -9.30
CA THR K 142 30.51 -79.40 -8.98
C THR K 142 30.47 -79.62 -7.52
N LYS K 143 30.61 -80.93 -7.17
CA LYS K 143 30.59 -81.46 -5.83
C LYS K 143 31.93 -82.06 -5.48
N VAL K 144 32.40 -81.71 -4.32
CA VAL K 144 33.62 -82.13 -3.70
C VAL K 144 33.42 -83.02 -2.47
N ASP K 145 32.15 -83.41 -2.24
CA ASP K 145 31.63 -84.18 -1.17
C ASP K 145 31.94 -83.68 0.28
N VAL K 146 31.90 -84.56 1.36
CA VAL K 146 32.36 -84.34 2.71
C VAL K 146 33.79 -83.87 2.74
N SER K 147 34.71 -84.60 2.08
CA SER K 147 36.17 -84.48 2.23
C SER K 147 36.92 -84.93 1.10
N ASP K 148 38.24 -84.68 1.05
CA ASP K 148 39.07 -85.57 0.31
C ASP K 148 40.02 -86.29 1.28
N LEU K 149 40.39 -85.73 2.44
CA LEU K 149 41.15 -86.63 3.36
C LEU K 149 40.68 -86.21 4.78
N ASN K 150 40.42 -87.17 5.72
CA ASN K 150 39.86 -86.85 7.07
C ASN K 150 38.61 -85.86 6.91
N SER K 151 38.71 -84.71 7.56
CA SER K 151 37.74 -83.60 7.32
C SER K 151 38.26 -82.58 6.25
N ALA K 152 39.41 -82.05 6.60
CA ALA K 152 39.83 -80.84 5.95
C ALA K 152 41.29 -81.05 5.42
N THR K 153 41.89 -82.25 5.51
CA THR K 153 43.34 -82.38 5.34
C THR K 153 43.70 -82.22 3.89
N ALA K 154 42.76 -82.49 2.91
CA ALA K 154 43.29 -82.49 1.55
C ALA K 154 43.13 -81.11 0.90
N ARG K 155 43.00 -80.06 1.82
CA ARG K 155 42.10 -78.93 1.82
C ARG K 155 41.29 -78.51 0.56
N ASP K 156 42.02 -78.29 -0.56
CA ASP K 156 41.56 -78.13 -1.95
C ASP K 156 40.38 -77.15 -2.11
N ALA K 157 39.08 -77.66 -2.06
CA ALA K 157 37.91 -76.85 -2.19
C ALA K 157 37.87 -75.71 -1.17
N LEU K 158 38.09 -76.07 0.11
CA LEU K 158 38.14 -75.15 1.22
C LEU K 158 39.21 -74.04 1.10
N LYS K 159 40.44 -74.45 0.54
CA LYS K 159 41.57 -73.49 0.33
C LYS K 159 41.10 -72.41 -0.63
N LYS K 160 40.41 -72.83 -1.74
CA LYS K 160 39.95 -71.85 -2.77
C LYS K 160 38.86 -70.93 -2.31
N ILE K 161 37.88 -71.38 -1.54
CA ILE K 161 36.86 -70.46 -1.05
C ILE K 161 37.26 -69.51 0.05
N VAL K 162 38.15 -69.95 0.99
CA VAL K 162 38.68 -69.08 2.01
C VAL K 162 39.70 -68.05 1.49
N TYR K 163 40.60 -68.46 0.50
CA TYR K 163 41.51 -67.50 -0.18
C TYR K 163 40.69 -66.55 -1.07
N THR K 164 39.65 -67.09 -1.79
CA THR K 164 38.82 -66.22 -2.67
C THR K 164 38.01 -65.19 -1.92
N THR K 165 37.35 -65.55 -0.78
CA THR K 165 36.59 -64.62 -0.01
C THR K 165 37.35 -63.49 0.57
N MET K 166 38.65 -63.79 1.05
CA MET K 166 39.56 -62.85 1.56
C MET K 166 39.96 -61.91 0.49
N SER K 167 40.18 -62.44 -0.74
CA SER K 167 40.41 -61.61 -1.85
C SER K 167 39.28 -60.69 -2.28
N SER K 168 37.97 -61.15 -2.31
CA SER K 168 36.86 -60.32 -2.66
C SER K 168 36.59 -59.23 -1.70
N LYS K 169 36.65 -59.45 -0.33
CA LYS K 169 36.39 -58.59 0.78
C LYS K 169 37.54 -57.68 1.09
N PHE K 170 38.58 -57.65 0.22
CA PHE K 170 39.78 -56.84 0.49
C PHE K 170 40.48 -56.39 -0.83
N MET K 171 40.97 -57.36 -1.70
CA MET K 171 41.67 -57.31 -2.96
C MET K 171 43.07 -56.65 -2.90
N ALA K 172 43.89 -57.26 -2.08
CA ALA K 172 45.29 -56.84 -2.04
C ALA K 172 46.03 -58.06 -1.38
N GLU K 173 47.36 -58.01 -1.51
CA GLU K 173 48.27 -59.01 -1.02
C GLU K 173 48.09 -59.41 0.44
N GLY K 174 48.19 -60.68 0.81
CA GLY K 174 47.91 -61.14 2.13
C GLY K 174 47.93 -62.60 2.46
N GLU K 175 48.98 -63.30 1.89
CA GLU K 175 49.17 -64.79 2.01
C GLU K 175 49.49 -65.28 3.38
N GLU K 176 50.27 -64.60 4.24
CA GLU K 176 50.56 -65.03 5.55
C GLU K 176 49.43 -64.90 6.54
N LEU K 177 48.36 -64.23 6.05
CA LEU K 177 47.13 -64.11 6.75
C LEU K 177 46.23 -65.24 6.26
N ASN K 178 46.27 -65.55 4.88
CA ASN K 178 45.44 -66.61 4.25
C ASN K 178 45.70 -67.92 4.82
N LYS K 179 46.93 -68.37 5.05
CA LYS K 179 47.28 -69.63 5.64
C LYS K 179 46.80 -69.72 7.12
N ILE K 180 47.03 -68.69 7.92
CA ILE K 180 46.62 -68.66 9.29
C ILE K 180 45.13 -68.74 9.57
N MET K 181 44.30 -68.02 8.74
CA MET K 181 42.84 -68.02 8.58
C MET K 181 42.44 -69.37 8.00
N ASP K 182 43.19 -69.97 7.08
CA ASP K 182 42.96 -71.34 6.59
C ASP K 182 43.05 -72.38 7.68
N ILE K 183 44.12 -72.19 8.57
CA ILE K 183 44.32 -73.15 9.71
C ILE K 183 43.06 -73.03 10.64
N VAL K 184 42.58 -71.79 10.81
CA VAL K 184 41.36 -71.59 11.68
C VAL K 184 40.07 -72.31 11.14
N ILE K 185 39.87 -72.25 9.85
CA ILE K 185 38.84 -72.92 9.07
C ILE K 185 38.98 -74.45 9.16
N ASP K 186 40.26 -74.98 9.17
CA ASP K 186 40.50 -76.40 9.29
C ASP K 186 40.10 -76.89 10.69
N ALA K 187 40.45 -76.10 11.69
CA ALA K 187 40.16 -76.34 13.02
C ALA K 187 38.68 -76.35 13.37
N VAL K 188 37.93 -75.34 12.80
CA VAL K 188 36.44 -75.22 12.95
C VAL K 188 35.75 -76.44 12.33
N THR K 189 36.20 -76.98 11.12
CA THR K 189 35.50 -78.11 10.54
C THR K 189 35.41 -79.39 11.31
N THR K 190 36.51 -79.65 11.98
CA THR K 190 36.70 -80.77 12.94
C THR K 190 35.63 -80.73 14.00
N VAL K 191 35.31 -79.48 14.49
CA VAL K 191 34.30 -79.22 15.43
C VAL K 191 32.89 -79.65 14.87
N ALA K 192 32.35 -78.93 13.84
CA ALA K 192 31.29 -79.33 12.90
C ALA K 192 30.77 -80.80 12.88
N GLU K 193 31.58 -81.71 12.26
CA GLU K 193 31.34 -83.17 12.11
C GLU K 193 30.16 -83.54 11.23
N PRO K 194 30.17 -84.69 10.58
CA PRO K 194 29.58 -84.68 9.22
C PRO K 194 28.22 -85.36 9.20
N LEU K 195 27.34 -85.19 8.25
CA LEU K 195 25.99 -85.53 8.25
C LEU K 195 25.75 -86.54 7.10
N PRO K 196 24.66 -87.34 7.05
CA PRO K 196 24.52 -88.23 5.92
C PRO K 196 24.07 -87.55 4.62
N ASP K 197 23.56 -86.28 4.67
CA ASP K 197 23.53 -85.34 3.59
C ASP K 197 24.85 -85.13 2.84
N GLY K 198 26.02 -85.11 3.57
CA GLY K 198 27.33 -84.92 3.00
C GLY K 198 27.92 -83.54 3.22
N GLY K 199 27.11 -82.75 4.00
CA GLY K 199 27.47 -81.60 4.77
C GLY K 199 28.12 -81.97 6.11
N TYR K 200 28.18 -80.99 6.97
CA TYR K 200 28.69 -80.92 8.33
C TYR K 200 27.80 -80.11 9.27
N ASN K 201 27.87 -80.32 10.62
CA ASN K 201 26.92 -79.53 11.46
C ASN K 201 27.68 -78.26 11.93
N VAL K 202 27.81 -77.23 11.05
CA VAL K 202 28.48 -76.00 11.41
C VAL K 202 27.57 -75.03 12.05
N SER K 203 28.01 -74.53 13.26
CA SER K 203 27.25 -73.65 14.10
C SER K 203 28.18 -72.52 14.50
N LEU K 204 28.02 -71.34 13.95
CA LEU K 204 28.67 -70.05 14.34
C LEU K 204 28.17 -69.63 15.76
N ASP K 205 27.01 -70.13 16.20
CA ASP K 205 26.42 -69.86 17.51
C ASP K 205 27.21 -70.62 18.64
N LEU K 206 28.01 -71.59 18.32
CA LEU K 206 28.89 -72.14 19.35
C LEU K 206 30.38 -71.64 19.21
N ILE K 207 30.68 -70.91 18.08
CA ILE K 207 32.04 -70.28 17.82
C ILE K 207 32.21 -68.96 18.56
N LYS K 208 33.44 -68.75 19.12
CA LYS K 208 33.80 -67.65 19.88
C LYS K 208 35.23 -67.26 19.52
N ILE K 209 35.53 -65.98 19.16
CA ILE K 209 36.84 -65.44 18.84
C ILE K 209 37.01 -64.27 19.85
N ASP K 210 38.17 -64.28 20.60
CA ASP K 210 38.67 -63.19 21.48
C ASP K 210 39.95 -62.62 20.88
N LYS K 211 40.02 -61.28 20.60
CA LYS K 211 41.27 -60.74 19.99
C LYS K 211 42.05 -59.90 20.97
N LYS K 212 43.31 -60.23 21.13
CA LYS K 212 44.18 -59.55 22.04
C LYS K 212 45.50 -59.09 21.44
N LYS K 213 45.92 -57.86 21.74
CA LYS K 213 47.15 -57.17 21.30
C LYS K 213 48.47 -57.73 21.76
N GLY K 214 49.54 -57.31 21.12
CA GLY K 214 50.82 -57.38 21.74
C GLY K 214 51.66 -58.59 21.30
N GLY K 215 51.25 -59.26 20.15
CA GLY K 215 52.03 -60.36 19.58
C GLY K 215 51.77 -60.39 18.10
N THR K 216 51.49 -61.59 17.62
CA THR K 216 51.30 -61.84 16.16
C THR K 216 50.20 -62.83 15.95
N ILE K 217 49.68 -62.96 14.72
CA ILE K 217 48.62 -63.95 14.28
C ILE K 217 49.13 -65.44 14.30
N GLU K 218 50.41 -65.69 14.09
CA GLU K 218 51.00 -67.04 14.40
C GLU K 218 50.74 -67.53 15.82
N ASP K 219 50.31 -66.65 16.77
CA ASP K 219 50.06 -66.98 18.15
C ASP K 219 48.64 -67.17 18.41
N SER K 220 47.84 -67.27 17.32
CA SER K 220 46.45 -67.79 17.44
C SER K 220 46.29 -69.25 17.62
N GLN K 221 45.29 -69.64 18.47
CA GLN K 221 45.04 -71.03 18.77
C GLN K 221 43.63 -71.24 18.98
N LEU K 222 43.17 -72.53 18.71
CA LEU K 222 41.93 -73.05 19.30
C LEU K 222 42.11 -73.49 20.81
N ILE K 223 41.05 -73.39 21.55
CA ILE K 223 40.88 -73.73 22.92
C ILE K 223 39.69 -74.76 23.00
N ARG K 224 39.86 -75.88 23.70
CA ARG K 224 38.78 -76.86 23.98
C ARG K 224 37.97 -76.49 25.21
N GLY K 225 37.25 -75.36 25.24
CA GLY K 225 36.42 -74.97 26.29
C GLY K 225 36.29 -73.52 26.05
N ILE K 226 35.72 -72.76 27.02
CA ILE K 226 35.55 -71.30 26.90
C ILE K 226 36.52 -70.46 27.79
N VAL K 227 36.82 -69.32 27.20
CA VAL K 227 37.57 -68.27 27.83
C VAL K 227 36.72 -67.12 28.15
N LEU K 228 36.74 -66.77 29.42
CA LEU K 228 36.03 -65.66 29.96
C LEU K 228 36.98 -64.53 30.11
N ASP K 229 36.74 -63.38 29.47
CA ASP K 229 37.52 -62.18 29.77
C ASP K 229 37.45 -61.75 31.18
N LYS K 230 36.17 -61.75 31.62
CA LYS K 230 35.72 -61.62 33.02
C LYS K 230 36.48 -62.02 34.26
N GLU K 231 36.32 -61.19 35.28
CA GLU K 231 36.88 -61.21 36.60
C GLU K 231 36.57 -62.35 37.46
N VAL K 232 37.59 -63.07 37.85
CA VAL K 232 37.61 -63.85 39.13
C VAL K 232 38.07 -62.91 40.33
N VAL K 233 37.18 -61.83 40.61
CA VAL K 233 36.89 -61.39 41.97
C VAL K 233 38.08 -61.23 42.98
N HIS K 234 37.77 -61.42 44.32
CA HIS K 234 38.75 -61.50 45.37
C HIS K 234 40.05 -62.23 45.15
N ALA K 235 41.07 -61.49 45.64
CA ALA K 235 42.44 -62.00 45.65
C ALA K 235 42.82 -63.28 46.32
N GLY K 236 42.13 -63.59 47.42
CA GLY K 236 42.25 -64.79 48.29
C GLY K 236 41.80 -66.08 47.71
N MET K 237 41.07 -66.17 46.60
CA MET K 237 40.73 -67.47 45.98
C MET K 237 41.88 -67.95 45.18
N PRO K 238 42.09 -69.25 44.97
CA PRO K 238 43.05 -69.73 43.97
C PRO K 238 42.85 -69.16 42.61
N ARG K 239 43.94 -69.02 41.80
CA ARG K 239 43.90 -68.49 40.41
C ARG K 239 44.01 -69.66 39.45
N ARG K 240 44.06 -70.88 40.01
CA ARG K 240 43.93 -72.05 39.21
C ARG K 240 43.34 -73.17 40.00
N VAL K 241 42.44 -73.96 39.38
CA VAL K 241 41.78 -75.10 39.88
C VAL K 241 42.03 -76.30 38.92
N GLU K 242 42.42 -77.47 39.50
CA GLU K 242 42.70 -78.66 38.63
C GLU K 242 41.65 -79.68 38.93
N LYS K 243 40.97 -80.29 37.89
CA LYS K 243 39.76 -81.10 37.94
C LYS K 243 38.61 -80.51 38.55
N ALA K 244 38.18 -79.43 37.88
CA ALA K 244 37.19 -78.45 38.31
C ALA K 244 35.69 -78.89 38.15
N LYS K 245 34.89 -78.84 39.30
CA LYS K 245 33.47 -79.22 39.22
C LYS K 245 32.67 -77.93 39.15
N ILE K 246 32.03 -77.62 37.96
CA ILE K 246 31.55 -76.26 37.63
C ILE K 246 30.05 -76.06 37.82
N ALA K 247 29.72 -75.08 38.76
CA ALA K 247 28.28 -74.66 38.91
C ALA K 247 28.09 -73.40 38.06
N VAL K 248 26.99 -73.29 37.34
CA VAL K 248 26.67 -72.05 36.66
C VAL K 248 25.36 -71.53 37.35
N LEU K 249 25.39 -70.31 37.83
CA LEU K 249 24.29 -69.88 38.62
C LEU K 249 23.65 -68.58 38.28
N ASP K 250 22.28 -68.78 38.08
CA ASP K 250 21.44 -67.79 37.37
C ASP K 250 21.15 -66.62 38.27
N ALA K 251 21.05 -66.82 39.54
CA ALA K 251 20.70 -65.86 40.62
C ALA K 251 21.93 -65.09 40.98
N SER K 252 21.73 -64.09 41.91
CA SER K 252 22.88 -63.36 42.43
C SER K 252 23.49 -64.13 43.58
N LEU K 253 24.81 -63.94 43.97
CA LEU K 253 25.26 -64.28 45.26
C LEU K 253 25.18 -63.11 46.24
N GLU K 254 23.94 -62.60 46.33
CA GLU K 254 23.66 -61.54 47.35
C GLU K 254 22.41 -62.04 47.97
N VAL K 255 22.09 -61.67 49.17
CA VAL K 255 20.82 -62.00 49.83
C VAL K 255 19.63 -61.19 49.38
N GLU K 256 18.65 -61.89 48.82
CA GLU K 256 17.39 -61.36 48.25
C GLU K 256 16.43 -61.01 49.26
N LYS K 257 15.31 -60.33 48.90
CA LYS K 257 14.33 -59.78 49.79
C LYS K 257 13.26 -60.73 50.31
N PRO K 258 12.78 -60.67 51.56
CA PRO K 258 11.89 -61.72 52.04
C PRO K 258 10.49 -61.54 51.42
N GLU K 259 9.57 -62.42 51.73
CA GLU K 259 8.17 -62.55 51.13
C GLU K 259 7.27 -61.29 51.26
N ILE K 260 7.29 -60.71 52.49
CA ILE K 260 6.55 -59.53 52.81
C ILE K 260 7.53 -58.70 53.65
N SER K 261 7.50 -57.37 53.45
CA SER K 261 8.75 -56.63 53.48
C SER K 261 8.43 -55.28 54.13
N ALA K 262 9.39 -54.69 54.81
CA ALA K 262 9.10 -53.42 55.50
C ALA K 262 10.45 -52.73 55.62
N LYS K 263 10.43 -51.45 55.81
CA LYS K 263 11.64 -50.65 55.94
C LYS K 263 11.51 -49.91 57.23
N ILE K 264 12.48 -50.03 58.15
CA ILE K 264 12.55 -49.42 59.47
C ILE K 264 13.74 -48.46 59.65
N SER K 265 13.61 -47.24 60.28
CA SER K 265 14.68 -46.26 60.35
C SER K 265 15.58 -46.56 61.57
N ILE K 266 16.99 -46.85 61.39
CA ILE K 266 17.73 -47.22 62.53
C ILE K 266 18.75 -46.08 62.77
N THR K 267 19.04 -45.73 64.02
CA THR K 267 20.12 -44.91 64.34
C THR K 267 20.97 -45.42 65.49
N SER K 268 20.45 -46.35 66.35
CA SER K 268 21.32 -47.48 66.98
C SER K 268 22.27 -48.26 66.01
N PRO K 269 23.62 -48.21 66.22
CA PRO K 269 24.65 -48.57 65.25
C PRO K 269 24.85 -50.10 65.32
N ASP K 270 24.72 -50.74 66.52
CA ASP K 270 24.80 -52.18 66.77
C ASP K 270 23.61 -52.93 66.08
N GLN K 271 22.40 -52.39 65.99
CA GLN K 271 21.19 -53.08 65.42
C GLN K 271 21.25 -52.99 63.91
N ILE K 272 22.11 -52.15 63.31
CA ILE K 272 22.56 -52.18 61.95
C ILE K 272 23.65 -53.23 61.68
N LYS K 273 24.60 -53.41 62.59
CA LYS K 273 25.63 -54.40 62.52
C LYS K 273 24.98 -55.75 62.72
N ALA K 274 23.81 -55.86 63.46
CA ALA K 274 23.08 -57.10 63.66
C ALA K 274 22.24 -57.44 62.47
N PHE K 275 21.82 -56.42 61.70
CA PHE K 275 21.24 -56.71 60.42
C PHE K 275 22.29 -57.26 59.35
N LEU K 276 23.49 -56.75 59.37
CA LEU K 276 24.54 -57.15 58.49
C LEU K 276 25.01 -58.54 58.77
N ASP K 277 25.18 -58.90 60.10
CA ASP K 277 25.55 -60.23 60.56
C ASP K 277 24.42 -61.21 60.42
N GLU K 278 23.12 -60.79 60.44
CA GLU K 278 22.12 -61.75 59.97
C GLU K 278 22.29 -62.13 58.50
N GLU K 279 22.76 -61.17 57.66
CA GLU K 279 22.88 -61.32 56.20
C GLU K 279 24.02 -62.21 55.84
N ALA K 280 24.98 -62.19 56.78
CA ALA K 280 26.22 -62.87 56.71
C ALA K 280 25.95 -64.36 57.08
N LYS K 281 24.87 -64.66 57.93
CA LYS K 281 24.53 -66.09 58.07
C LYS K 281 23.79 -66.66 56.91
N TYR K 282 23.20 -65.80 56.04
CA TYR K 282 22.61 -66.27 54.80
C TYR K 282 23.54 -66.58 53.75
N LEU K 283 24.59 -65.70 53.54
CA LEU K 283 25.63 -65.84 52.58
C LEU K 283 26.52 -66.97 52.83
N LYS K 284 26.89 -67.26 54.09
CA LYS K 284 27.74 -68.43 54.53
C LYS K 284 27.06 -69.80 54.37
N ASP K 285 25.69 -69.76 54.39
CA ASP K 285 24.86 -70.85 53.94
C ASP K 285 24.92 -71.17 52.46
N MET K 286 24.61 -70.19 51.60
CA MET K 286 24.72 -70.22 50.15
C MET K 286 26.01 -70.75 49.72
N VAL K 287 27.16 -70.32 50.28
CA VAL K 287 28.51 -70.81 49.97
C VAL K 287 28.67 -72.34 50.37
N ASP K 288 28.22 -72.75 51.55
CA ASP K 288 28.20 -74.12 52.04
C ASP K 288 27.42 -75.02 51.16
N LYS K 289 26.38 -74.47 50.51
CA LYS K 289 25.53 -75.18 49.58
C LYS K 289 26.18 -75.63 48.30
N LEU K 290 26.94 -74.71 47.68
CA LEU K 290 27.75 -74.88 46.55
C LEU K 290 28.82 -75.86 46.80
N ALA K 291 29.51 -75.75 47.92
CA ALA K 291 30.54 -76.66 48.26
C ALA K 291 29.97 -78.06 48.58
N SER K 292 28.66 -78.19 49.00
CA SER K 292 27.97 -79.47 49.16
C SER K 292 27.61 -80.15 47.86
N ILE K 293 27.20 -79.33 46.88
CA ILE K 293 27.03 -79.75 45.52
C ILE K 293 28.32 -80.33 44.93
N GLY K 294 29.45 -79.87 45.45
CA GLY K 294 30.75 -80.40 45.00
C GLY K 294 31.41 -79.39 44.17
N ALA K 295 30.84 -78.22 43.95
CA ALA K 295 31.42 -77.29 43.03
C ALA K 295 32.68 -76.61 43.55
N ASN K 296 33.76 -76.66 42.67
CA ASN K 296 35.02 -76.06 42.96
C ASN K 296 35.11 -74.74 42.32
N VAL K 297 34.53 -74.65 41.08
CA VAL K 297 34.47 -73.38 40.41
C VAL K 297 32.99 -72.96 40.46
N VAL K 298 32.62 -71.60 40.38
CA VAL K 298 31.26 -71.16 40.13
C VAL K 298 31.23 -69.97 39.14
N ILE K 299 30.16 -69.91 38.28
CA ILE K 299 29.88 -68.79 37.40
C ILE K 299 28.60 -68.36 38.00
N CYS K 300 28.60 -67.03 38.24
CA CYS K 300 27.52 -66.23 38.83
C CYS K 300 27.26 -65.14 37.87
N GLN K 301 26.01 -65.07 37.39
CA GLN K 301 25.62 -64.23 36.25
C GLN K 301 25.22 -62.86 36.69
N LYS K 302 25.33 -62.62 37.96
CA LYS K 302 25.07 -61.34 38.60
C LYS K 302 26.22 -61.02 39.58
N GLY K 303 26.13 -59.85 40.27
CA GLY K 303 26.80 -59.45 41.51
C GLY K 303 27.08 -60.49 42.56
N ILE K 304 28.19 -60.32 43.28
CA ILE K 304 28.58 -61.20 44.37
C ILE K 304 28.87 -60.25 45.57
N ASP K 305 28.17 -60.50 46.73
CA ASP K 305 28.52 -59.79 47.94
C ASP K 305 29.97 -60.00 48.47
N ASP K 306 30.61 -58.95 49.01
CA ASP K 306 31.92 -58.91 49.59
C ASP K 306 32.10 -59.92 50.71
N ILE K 307 31.09 -60.12 51.50
CA ILE K 307 30.96 -61.13 52.57
C ILE K 307 30.98 -62.53 52.05
N ALA K 308 30.20 -62.77 51.00
CA ALA K 308 30.33 -64.02 50.21
C ALA K 308 31.62 -64.28 49.44
N GLN K 309 32.38 -63.22 49.05
CA GLN K 309 33.71 -63.38 48.39
C GLN K 309 34.71 -63.82 49.45
N HIS K 310 34.56 -63.37 50.72
CA HIS K 310 35.28 -63.94 51.82
C HIS K 310 34.96 -65.43 52.09
N PHE K 311 33.65 -65.76 52.03
CA PHE K 311 33.22 -67.12 52.34
C PHE K 311 33.65 -68.15 51.23
N LEU K 312 33.74 -67.70 49.95
CA LEU K 312 34.17 -68.48 48.83
C LEU K 312 35.66 -68.73 48.78
N ALA K 313 36.42 -67.73 49.22
CA ALA K 313 37.80 -67.78 49.31
C ALA K 313 38.24 -68.66 50.47
N LYS K 314 37.53 -68.68 51.62
CA LYS K 314 37.65 -69.64 52.75
C LYS K 314 37.34 -71.12 52.48
N ARG K 315 36.23 -71.33 51.80
CA ARG K 315 35.87 -72.67 51.26
C ARG K 315 36.69 -73.14 50.02
N GLY K 316 37.59 -72.32 49.47
CA GLY K 316 38.58 -72.58 48.43
C GLY K 316 37.96 -72.74 47.02
N ILE K 317 36.92 -71.94 46.64
CA ILE K 317 35.99 -72.07 45.52
C ILE K 317 36.45 -70.89 44.71
N LEU K 318 36.55 -71.15 43.37
CA LEU K 318 36.97 -70.10 42.46
C LEU K 318 35.66 -69.57 41.89
N ALA K 319 35.22 -68.38 42.17
CA ALA K 319 34.00 -67.83 41.56
C ALA K 319 34.39 -66.84 40.44
N VAL K 320 33.61 -66.72 39.39
CA VAL K 320 33.83 -65.76 38.34
C VAL K 320 32.54 -64.92 38.39
N ARG K 321 32.58 -63.60 38.10
CA ARG K 321 31.35 -62.84 38.05
C ARG K 321 30.69 -62.84 36.62
N ARG K 322 30.21 -61.67 36.18
CA ARG K 322 29.45 -61.27 34.99
C ARG K 322 29.62 -61.95 33.69
N VAL K 323 29.26 -63.29 33.52
CA VAL K 323 29.44 -64.02 32.26
C VAL K 323 28.18 -63.81 31.48
N LYS K 324 28.19 -63.03 30.39
CA LYS K 324 27.05 -62.70 29.49
C LYS K 324 26.32 -63.85 28.92
N ARG K 325 24.99 -63.73 28.57
CA ARG K 325 24.09 -64.84 28.13
C ARG K 325 24.53 -65.80 27.00
N SER K 326 25.22 -65.33 25.95
CA SER K 326 25.78 -66.10 24.86
C SER K 326 26.91 -67.03 25.34
N ASP K 327 27.77 -66.44 26.15
CA ASP K 327 28.92 -67.16 26.73
C ASP K 327 28.42 -68.35 27.60
N ILE K 328 27.24 -68.21 28.27
CA ILE K 328 26.60 -69.10 29.19
C ILE K 328 26.07 -70.26 28.50
N GLU K 329 25.58 -70.01 27.25
CA GLU K 329 25.09 -71.05 26.41
C GLU K 329 26.18 -72.01 25.96
N LYS K 330 27.37 -71.50 25.78
CA LYS K 330 28.51 -72.22 25.42
C LYS K 330 29.05 -73.06 26.53
N LEU K 331 28.97 -72.54 27.77
CA LEU K 331 29.44 -73.17 29.00
C LEU K 331 28.59 -74.36 29.39
N GLU K 332 27.25 -74.27 29.12
CA GLU K 332 26.25 -75.33 29.16
C GLU K 332 26.64 -76.45 28.22
N LYS K 333 26.67 -76.16 26.89
CA LYS K 333 27.04 -77.13 25.88
C LYS K 333 28.34 -77.79 26.08
N ALA K 334 29.35 -77.06 26.59
CA ALA K 334 30.70 -77.62 26.78
C ALA K 334 31.00 -78.30 28.05
N LEU K 335 30.30 -77.91 29.14
CA LEU K 335 30.58 -78.50 30.46
C LEU K 335 29.54 -79.46 30.89
N GLY K 336 28.53 -79.64 30.11
CA GLY K 336 27.34 -80.38 30.57
C GLY K 336 26.61 -79.81 31.79
N ALA K 337 26.81 -78.46 32.00
CA ALA K 337 26.21 -77.67 33.04
C ALA K 337 24.84 -77.29 32.62
N ARG K 338 23.87 -77.62 33.52
CA ARG K 338 22.45 -77.38 33.32
C ARG K 338 21.87 -76.38 34.31
N ILE K 339 22.73 -75.72 35.15
CA ILE K 339 22.56 -74.35 35.52
C ILE K 339 21.71 -74.26 36.78
N ILE K 340 22.23 -73.74 37.94
CA ILE K 340 21.43 -73.78 39.21
C ILE K 340 20.43 -72.63 39.06
N SER K 341 19.09 -72.86 39.06
CA SER K 341 18.08 -71.85 39.03
C SER K 341 17.96 -71.25 40.47
N SER K 342 18.20 -72.08 41.49
CA SER K 342 17.79 -71.73 42.86
C SER K 342 18.86 -72.20 43.74
N ILE K 343 19.61 -71.31 44.50
CA ILE K 343 20.57 -71.83 45.49
C ILE K 343 19.90 -72.65 46.63
N LYS K 344 18.68 -72.21 47.07
CA LYS K 344 17.90 -72.83 48.15
C LYS K 344 17.64 -74.30 48.03
N ASP K 345 17.29 -74.68 46.78
CA ASP K 345 17.21 -76.07 46.45
C ASP K 345 18.52 -76.83 46.30
N ALA K 346 19.71 -76.13 46.36
CA ALA K 346 21.09 -76.68 46.33
C ALA K 346 21.34 -77.79 45.32
N THR K 347 20.74 -77.72 44.09
CA THR K 347 20.37 -78.92 43.41
C THR K 347 21.48 -79.50 42.65
N PRO K 348 21.71 -80.83 42.76
CA PRO K 348 23.03 -81.25 43.12
C PRO K 348 23.46 -82.00 41.89
N GLU K 349 22.65 -82.31 40.83
CA GLU K 349 23.12 -82.97 39.61
C GLU K 349 23.08 -81.95 38.47
N ASP K 350 22.96 -80.67 38.72
CA ASP K 350 23.04 -79.62 37.71
C ASP K 350 24.47 -79.09 37.26
N LEU K 351 25.41 -79.90 37.66
CA LEU K 351 26.87 -79.63 37.90
C LEU K 351 27.60 -80.08 36.55
N GLY K 352 28.57 -79.23 36.15
CA GLY K 352 29.39 -79.65 34.99
C GLY K 352 30.75 -80.01 35.36
N TYR K 353 31.48 -80.37 34.36
CA TYR K 353 32.86 -80.87 34.63
C TYR K 353 33.89 -80.32 33.63
N ALA K 354 35.04 -79.83 34.19
CA ALA K 354 36.12 -79.25 33.38
C ALA K 354 37.41 -79.93 33.76
N GLU K 355 38.35 -80.15 32.87
CA GLU K 355 39.67 -80.63 33.27
C GLU K 355 40.40 -79.60 34.13
N LEU K 356 40.34 -78.25 33.75
CA LEU K 356 40.98 -77.31 34.61
C LEU K 356 40.33 -75.97 34.44
N VAL K 357 40.54 -75.02 35.40
CA VAL K 357 40.16 -73.70 35.26
C VAL K 357 41.17 -72.87 35.83
N GLU K 358 41.76 -71.89 35.11
CA GLU K 358 42.75 -70.97 35.68
C GLU K 358 42.57 -69.59 35.07
N GLU K 359 43.15 -68.56 35.72
CA GLU K 359 43.36 -67.28 35.17
C GLU K 359 44.71 -67.11 34.52
N ARG K 360 44.72 -66.65 33.30
CA ARG K 360 45.94 -66.54 32.51
C ARG K 360 45.98 -65.15 31.86
N LYS K 361 47.13 -64.55 31.73
CA LYS K 361 47.24 -63.29 30.95
C LYS K 361 47.42 -63.47 29.41
N VAL K 362 46.57 -62.79 28.63
CA VAL K 362 46.66 -62.65 27.18
C VAL K 362 46.83 -61.19 26.86
N GLY K 363 47.93 -60.83 26.14
CA GLY K 363 48.17 -59.46 25.93
C GLY K 363 48.23 -58.66 27.12
N ASN K 364 48.81 -59.10 28.24
CA ASN K 364 48.89 -58.48 29.59
C ASN K 364 47.60 -58.58 30.42
N ASP K 365 46.43 -58.58 29.67
CA ASP K 365 45.14 -58.57 30.36
C ASP K 365 44.80 -59.95 30.84
N LYS K 366 44.19 -60.05 32.03
CA LYS K 366 43.66 -61.30 32.59
C LYS K 366 42.42 -61.73 32.02
N MET K 367 42.30 -63.07 32.06
CA MET K 367 41.29 -63.90 31.36
C MET K 367 41.24 -65.27 32.01
N VAL K 368 40.03 -65.80 32.12
CA VAL K 368 39.81 -67.04 32.87
C VAL K 368 39.50 -68.07 31.79
N PHE K 369 40.24 -69.24 31.72
CA PHE K 369 40.08 -70.22 30.65
C PHE K 369 39.59 -71.49 31.23
N ILE K 370 38.53 -72.05 30.70
CA ILE K 370 38.05 -73.33 31.10
C ILE K 370 38.38 -74.24 29.91
N GLU K 371 39.21 -75.38 30.07
CA GLU K 371 39.54 -76.17 28.96
C GLU K 371 39.76 -77.65 29.43
N GLY K 372 39.71 -78.53 28.41
CA GLY K 372 39.73 -79.96 28.57
C GLY K 372 38.40 -80.59 28.66
N ALA K 373 37.59 -80.46 27.58
CA ALA K 373 36.19 -80.59 27.56
C ALA K 373 35.92 -81.76 26.61
N LYS K 374 35.23 -82.81 27.08
CA LYS K 374 34.93 -84.03 26.29
C LYS K 374 34.16 -83.57 25.08
N ASN K 375 34.50 -83.97 23.87
CA ASN K 375 33.80 -83.96 22.59
C ASN K 375 33.28 -82.53 22.34
N PRO K 376 34.12 -81.49 22.48
CA PRO K 376 33.63 -80.10 22.46
C PRO K 376 32.97 -79.61 21.18
N LYS K 377 31.73 -79.17 21.34
CA LYS K 377 30.98 -78.64 20.17
C LYS K 377 31.14 -77.14 20.16
N ALA K 378 31.68 -76.52 21.17
CA ALA K 378 31.70 -75.09 21.35
C ALA K 378 33.10 -74.67 21.65
N VAL K 379 33.71 -73.81 20.82
CA VAL K 379 35.16 -73.68 20.88
C VAL K 379 35.41 -72.21 21.08
N ASN K 380 36.64 -71.90 21.60
CA ASN K 380 37.01 -70.49 21.81
C ASN K 380 38.32 -70.45 21.05
N ILE K 381 38.45 -69.41 20.24
CA ILE K 381 39.62 -69.06 19.42
C ILE K 381 40.18 -67.85 19.93
N LEU K 382 41.45 -67.91 20.18
CA LEU K 382 42.21 -66.76 20.69
C LEU K 382 43.05 -66.23 19.60
N LEU K 383 42.85 -64.94 19.31
CA LEU K 383 43.38 -64.26 18.20
C LEU K 383 44.26 -63.22 18.70
N ARG K 384 45.58 -63.45 18.52
CA ARG K 384 46.54 -62.48 18.93
C ARG K 384 46.78 -61.69 17.70
N GLY K 385 47.24 -60.44 17.89
CA GLY K 385 47.58 -59.56 16.84
C GLY K 385 48.58 -58.58 17.29
N SER K 386 48.95 -57.63 16.47
CA SER K 386 49.90 -56.59 16.75
C SER K 386 49.42 -55.49 17.66
N ASN K 387 48.91 -54.36 17.21
CA ASN K 387 48.23 -53.37 17.94
C ASN K 387 46.75 -53.48 17.79
N ASP K 388 46.07 -52.74 16.83
CA ASP K 388 44.56 -52.79 16.64
C ASP K 388 44.08 -52.91 15.19
N MET K 389 44.69 -52.20 14.22
CA MET K 389 44.14 -52.21 12.87
C MET K 389 44.30 -53.53 12.09
N ALA K 390 45.36 -54.24 12.26
CA ALA K 390 45.62 -55.47 11.52
C ALA K 390 44.93 -56.69 12.13
N LEU K 391 44.52 -56.50 13.37
CA LEU K 391 44.03 -57.50 14.32
C LEU K 391 42.49 -57.46 14.19
N ASP K 392 41.99 -56.23 14.17
CA ASP K 392 40.61 -55.90 13.88
C ASP K 392 40.15 -56.35 12.52
N GLU K 393 41.04 -56.10 11.55
CA GLU K 393 40.90 -56.56 10.21
C GLU K 393 41.02 -58.09 10.14
N ALA K 394 41.91 -58.83 10.90
CA ALA K 394 42.07 -60.22 10.89
C ALA K 394 40.86 -60.93 11.55
N GLU K 395 40.15 -60.33 12.52
CA GLU K 395 38.97 -60.80 13.13
C GLU K 395 37.80 -60.76 12.12
N ARG K 396 37.69 -59.59 11.41
CA ARG K 396 36.72 -59.42 10.31
C ARG K 396 36.92 -60.37 9.13
N SER K 397 38.21 -60.59 8.75
CA SER K 397 38.60 -61.56 7.66
C SER K 397 38.27 -62.98 8.02
N ILE K 398 38.48 -63.42 9.31
CA ILE K 398 38.16 -64.74 9.74
C ILE K 398 36.65 -64.99 9.76
N ASN K 399 35.87 -64.00 10.27
CA ASN K 399 34.37 -64.03 10.36
C ASN K 399 33.81 -64.32 8.91
N ASP K 400 34.11 -63.36 7.94
CA ASP K 400 33.73 -63.64 6.54
C ASP K 400 34.12 -65.04 5.93
N ALA K 401 35.34 -65.56 6.36
CA ALA K 401 35.80 -66.92 5.97
C ALA K 401 35.13 -68.07 6.65
N LEU K 402 34.72 -67.99 7.89
CA LEU K 402 33.86 -68.96 8.59
C LEU K 402 32.46 -68.94 7.97
N TYR K 403 31.89 -67.71 7.53
CA TYR K 403 30.56 -67.69 7.02
C TYR K 403 30.62 -68.36 5.64
N SER K 404 31.79 -68.21 4.88
CA SER K 404 31.98 -68.86 3.56
C SER K 404 32.22 -70.41 3.74
N LEU K 405 32.79 -70.81 4.86
CA LEU K 405 33.01 -72.25 5.23
C LEU K 405 31.65 -72.94 5.59
N ARG K 406 30.77 -72.19 6.28
CA ARG K 406 29.42 -72.64 6.55
C ARG K 406 28.54 -72.72 5.31
N ASN K 407 28.86 -71.86 4.27
CA ASN K 407 28.21 -72.12 3.05
C ASN K 407 28.67 -73.27 2.29
N ILE K 408 29.94 -73.56 2.22
CA ILE K 408 30.44 -74.68 1.56
C ILE K 408 30.21 -75.93 2.26
N LEU K 409 30.33 -75.98 3.57
CA LEU K 409 30.02 -77.12 4.46
C LEU K 409 28.56 -77.49 4.49
N MET K 410 27.65 -76.55 4.55
CA MET K 410 26.19 -76.94 4.60
C MET K 410 25.58 -77.21 3.19
N GLU K 411 26.42 -77.07 2.11
CA GLU K 411 26.16 -77.78 0.88
C GLU K 411 27.37 -77.90 0.07
N PRO K 412 27.96 -79.15 -0.15
CA PRO K 412 29.28 -79.42 -0.77
C PRO K 412 29.30 -79.23 -2.26
N TYR K 413 28.63 -78.17 -2.68
CA TYR K 413 28.57 -77.84 -4.02
C TYR K 413 29.23 -76.50 -4.10
N ILE K 414 29.97 -76.40 -5.18
CA ILE K 414 30.79 -75.22 -5.55
C ILE K 414 30.46 -74.88 -7.03
N VAL K 415 30.78 -73.72 -7.49
CA VAL K 415 30.47 -73.27 -8.86
C VAL K 415 31.44 -72.16 -9.26
N PRO K 416 31.60 -71.86 -10.55
CA PRO K 416 32.46 -70.74 -11.05
C PRO K 416 31.54 -69.53 -11.42
N GLY K 417 30.87 -68.98 -10.40
CA GLY K 417 30.00 -67.84 -10.49
C GLY K 417 30.65 -66.46 -10.70
N GLY K 418 29.86 -65.50 -11.13
CA GLY K 418 30.41 -64.16 -11.47
C GLY K 418 31.23 -64.10 -12.74
N GLY K 419 30.91 -65.02 -13.76
CA GLY K 419 31.62 -65.03 -15.07
C GLY K 419 31.11 -66.17 -16.03
N ALA K 420 31.17 -67.42 -15.52
CA ALA K 420 31.08 -68.61 -16.35
C ALA K 420 29.59 -69.14 -16.30
N ILE K 421 29.14 -69.46 -15.08
CA ILE K 421 27.75 -69.83 -14.73
C ILE K 421 26.73 -68.94 -15.43
N GLU K 422 26.94 -67.63 -15.38
CA GLU K 422 26.13 -66.57 -16.07
C GLU K 422 26.11 -66.63 -17.59
N LEU K 423 27.23 -66.70 -18.27
CA LEU K 423 27.26 -66.92 -19.73
C LEU K 423 26.70 -68.29 -20.21
N GLU K 424 26.95 -69.39 -19.42
CA GLU K 424 26.41 -70.69 -19.71
C GLU K 424 24.90 -70.73 -19.49
N LEU K 425 24.40 -70.05 -18.49
CA LEU K 425 22.99 -70.06 -18.31
C LEU K 425 22.20 -69.27 -19.42
N SER K 426 22.79 -68.07 -19.76
CA SER K 426 22.21 -67.15 -20.77
C SER K 426 22.12 -67.75 -22.13
N ALA K 427 23.17 -68.55 -22.53
CA ALA K 427 23.19 -69.28 -23.75
C ALA K 427 22.33 -70.47 -23.75
N ARG K 428 22.16 -71.28 -22.64
CA ARG K 428 21.14 -72.33 -22.51
C ARG K 428 19.69 -71.88 -22.54
N LEU K 429 19.38 -70.69 -22.01
CA LEU K 429 18.07 -70.08 -22.04
C LEU K 429 17.73 -69.58 -23.44
N ARG K 430 18.76 -69.10 -24.17
CA ARG K 430 18.43 -68.78 -25.57
C ARG K 430 18.59 -69.95 -26.50
N GLU K 431 17.74 -71.01 -26.19
CA GLU K 431 17.62 -72.23 -26.89
C GLU K 431 16.38 -72.83 -26.34
N TYR K 432 16.31 -72.75 -24.94
CA TYR K 432 15.08 -73.10 -24.16
C TYR K 432 13.87 -72.17 -24.65
N ALA K 433 14.03 -70.79 -24.52
CA ALA K 433 13.17 -69.82 -25.05
C ALA K 433 12.70 -69.86 -26.49
N ARG K 434 13.39 -70.55 -27.43
CA ARG K 434 12.99 -70.92 -28.79
C ARG K 434 11.94 -72.02 -28.88
N SER K 435 12.14 -73.01 -28.07
CA SER K 435 11.27 -74.15 -27.85
C SER K 435 10.00 -73.79 -27.09
N VAL K 436 9.92 -72.66 -26.35
CA VAL K 436 8.69 -72.19 -25.71
C VAL K 436 8.02 -71.21 -26.66
N GLY K 437 6.67 -71.10 -26.64
CA GLY K 437 5.90 -70.25 -27.49
C GLY K 437 5.22 -69.21 -26.65
N GLY K 438 4.26 -68.48 -27.33
CA GLY K 438 3.64 -67.28 -26.76
C GLY K 438 4.52 -66.09 -26.29
N LYS K 439 3.96 -65.15 -25.54
CA LYS K 439 4.63 -64.18 -24.66
C LYS K 439 5.36 -64.81 -23.42
N GLU K 440 5.15 -66.11 -23.14
CA GLU K 440 5.95 -66.80 -22.15
C GLU K 440 7.39 -67.07 -22.54
N GLN K 441 7.56 -67.15 -23.87
CA GLN K 441 8.89 -67.35 -24.49
C GLN K 441 9.71 -66.10 -24.40
N LEU K 442 9.09 -64.83 -24.46
CA LEU K 442 9.75 -63.54 -24.26
C LEU K 442 10.20 -63.28 -22.81
N ALA K 443 9.41 -63.72 -21.82
CA ALA K 443 9.89 -63.70 -20.47
C ALA K 443 11.16 -64.58 -20.14
N ILE K 444 11.20 -65.82 -20.75
CA ILE K 444 12.36 -66.66 -20.67
C ILE K 444 13.60 -65.98 -21.33
N GLU K 445 13.53 -65.39 -22.53
CA GLU K 445 14.65 -64.63 -23.13
C GLU K 445 14.96 -63.28 -22.51
N ALA K 446 14.08 -62.66 -21.76
CA ALA K 446 14.40 -61.49 -21.01
C ALA K 446 15.11 -61.85 -19.69
N TYR K 447 14.89 -63.02 -19.15
CA TYR K 447 15.50 -63.60 -17.99
C TYR K 447 16.96 -64.05 -18.30
N ALA K 448 17.13 -64.46 -19.59
CA ALA K 448 18.39 -64.77 -20.12
C ALA K 448 19.29 -63.45 -20.23
N ASP K 449 18.62 -62.38 -20.74
CA ASP K 449 19.14 -61.13 -20.96
C ASP K 449 19.58 -60.50 -19.63
N ALA K 450 18.82 -60.76 -18.55
CA ALA K 450 19.19 -60.34 -17.21
C ALA K 450 20.49 -60.98 -16.63
N LEU K 451 20.80 -62.27 -16.81
CA LEU K 451 22.02 -62.95 -16.44
C LEU K 451 23.31 -62.27 -17.07
N GLU K 452 23.21 -61.86 -18.32
CA GLU K 452 24.11 -60.99 -19.03
C GLU K 452 24.37 -59.52 -18.50
N GLU K 453 23.58 -58.96 -17.59
CA GLU K 453 24.02 -57.71 -17.01
C GLU K 453 24.91 -57.94 -15.84
N ILE K 454 25.06 -59.19 -15.26
CA ILE K 454 26.13 -59.44 -14.36
C ILE K 454 27.52 -59.58 -15.11
N PRO K 455 28.79 -59.70 -14.57
CA PRO K 455 29.85 -60.22 -15.55
C PRO K 455 30.53 -59.12 -16.28
N MET K 456 29.87 -58.32 -17.06
CA MET K 456 30.35 -57.19 -17.78
C MET K 456 30.38 -55.94 -16.93
N ILE K 457 29.61 -55.93 -15.85
CA ILE K 457 29.45 -54.89 -14.81
C ILE K 457 30.63 -55.10 -13.99
N LEU K 458 31.17 -56.36 -13.90
CA LEU K 458 32.48 -56.64 -13.33
C LEU K 458 33.55 -55.97 -14.09
N ALA K 459 33.46 -55.96 -15.41
CA ALA K 459 34.44 -55.27 -16.26
C ALA K 459 34.35 -53.72 -16.11
N GLU K 460 33.16 -53.14 -15.82
CA GLU K 460 33.10 -51.69 -15.75
C GLU K 460 33.72 -51.19 -14.39
N THR K 461 33.46 -51.97 -13.32
CA THR K 461 34.01 -51.71 -11.98
C THR K 461 35.54 -51.65 -11.88
N ALA K 462 36.13 -52.55 -12.65
CA ALA K 462 37.57 -52.64 -12.89
C ALA K 462 38.17 -51.64 -13.86
N GLY K 463 37.36 -50.72 -14.43
CA GLY K 463 37.85 -49.64 -15.29
C GLY K 463 38.01 -49.98 -16.81
N LEU K 464 37.26 -51.06 -17.18
CA LEU K 464 37.38 -51.60 -18.51
C LEU K 464 36.05 -51.33 -19.14
N GLU K 465 35.91 -51.69 -20.50
CA GLU K 465 34.79 -51.21 -21.23
C GLU K 465 33.79 -52.38 -21.12
N PRO K 466 32.53 -52.21 -20.61
CA PRO K 466 31.64 -53.29 -20.23
C PRO K 466 31.08 -53.98 -21.48
N ILE K 467 30.56 -53.23 -22.45
CA ILE K 467 29.97 -53.74 -23.62
C ILE K 467 30.99 -54.47 -24.52
N SER K 468 32.23 -54.03 -24.60
CA SER K 468 33.31 -54.68 -25.23
C SER K 468 33.81 -55.91 -24.52
N ALA K 469 33.67 -55.95 -23.21
CA ALA K 469 34.05 -57.17 -22.50
C ALA K 469 33.02 -58.25 -22.72
N LEU K 470 31.74 -57.84 -22.76
CA LEU K 470 30.64 -58.77 -22.84
C LEU K 470 30.64 -59.51 -24.24
N MET K 471 30.88 -58.69 -25.28
CA MET K 471 30.89 -59.27 -26.58
C MET K 471 32.06 -60.13 -26.86
N ASP K 472 33.23 -59.89 -26.22
CA ASP K 472 34.37 -60.66 -26.34
C ASP K 472 34.32 -61.91 -25.52
N LEU K 473 33.59 -61.81 -24.40
CA LEU K 473 33.40 -62.89 -23.40
C LEU K 473 32.45 -63.96 -23.96
N ARG K 474 31.46 -63.51 -24.76
CA ARG K 474 30.46 -64.16 -25.54
C ARG K 474 31.00 -65.02 -26.66
N ALA K 475 31.98 -64.51 -27.47
CA ALA K 475 32.60 -65.30 -28.45
C ALA K 475 33.57 -66.30 -27.85
N ARG K 476 34.29 -65.96 -26.79
CA ARG K 476 35.25 -66.81 -26.20
C ARG K 476 34.54 -67.93 -25.40
N HIS K 477 33.34 -67.68 -24.86
CA HIS K 477 32.60 -68.81 -24.25
C HIS K 477 31.91 -69.73 -25.30
N ALA K 478 31.94 -69.38 -26.63
CA ALA K 478 31.08 -69.99 -27.58
C ALA K 478 31.88 -70.86 -28.53
N LYS K 479 32.97 -70.31 -29.04
CA LYS K 479 33.93 -71.01 -29.86
C LYS K 479 34.98 -71.65 -29.00
N GLY K 480 35.46 -70.98 -27.95
CA GLY K 480 36.32 -71.47 -26.87
C GLY K 480 35.53 -72.31 -25.92
N LEU K 481 35.57 -71.99 -24.64
CA LEU K 481 35.18 -72.87 -23.52
C LEU K 481 34.37 -72.07 -22.47
N THR K 482 33.36 -72.77 -22.00
CA THR K 482 32.34 -72.21 -21.14
C THR K 482 32.73 -71.70 -19.71
N ASN K 483 33.85 -72.16 -19.19
CA ASN K 483 34.50 -71.70 -17.95
C ASN K 483 35.50 -70.61 -18.04
N CYS K 484 35.25 -69.67 -18.98
CA CYS K 484 35.90 -68.42 -19.13
C CYS K 484 35.43 -67.49 -18.06
N GLY K 485 36.29 -66.83 -17.28
CA GLY K 485 35.92 -65.73 -16.33
C GLY K 485 36.70 -64.50 -16.62
N VAL K 486 36.76 -63.66 -15.60
CA VAL K 486 37.56 -62.47 -15.56
C VAL K 486 38.41 -62.39 -14.28
N ASP K 487 39.61 -61.86 -14.44
CA ASP K 487 40.67 -61.70 -13.48
C ASP K 487 40.71 -60.18 -13.26
N VAL K 488 40.52 -59.70 -12.03
CA VAL K 488 40.73 -58.33 -11.66
C VAL K 488 42.04 -58.07 -10.92
N ILE K 489 42.91 -59.07 -10.78
CA ILE K 489 44.23 -58.72 -10.33
C ILE K 489 45.17 -58.24 -11.52
N ASN K 490 45.25 -59.00 -12.64
CA ASN K 490 45.95 -58.57 -13.92
C ASN K 490 44.95 -57.99 -14.86
N GLY K 491 43.67 -58.01 -14.50
CA GLY K 491 42.70 -57.27 -15.22
C GLY K 491 42.37 -57.79 -16.64
N LYS K 492 42.11 -59.14 -16.80
CA LYS K 492 41.77 -59.65 -18.06
C LYS K 492 40.76 -60.80 -17.97
N ILE K 493 39.90 -61.00 -19.02
CA ILE K 493 39.27 -62.20 -19.36
C ILE K 493 40.26 -63.35 -19.34
N ILE K 494 39.89 -64.43 -18.66
CA ILE K 494 40.76 -65.54 -18.44
C ILE K 494 40.05 -66.90 -18.56
N ASP K 495 40.50 -67.76 -19.50
CA ASP K 495 40.04 -69.16 -19.61
C ASP K 495 40.34 -69.99 -18.37
N ASP K 496 39.50 -71.03 -18.16
CA ASP K 496 39.32 -71.78 -16.93
C ASP K 496 39.51 -71.06 -15.55
N ILE K 497 38.56 -70.19 -15.16
CA ILE K 497 38.58 -69.43 -13.97
C ILE K 497 38.68 -70.19 -12.67
N TYR K 498 37.96 -71.36 -12.49
CA TYR K 498 38.14 -72.32 -11.35
C TYR K 498 39.52 -72.81 -11.18
N SER K 499 40.28 -73.06 -12.27
CA SER K 499 41.68 -73.39 -12.21
C SER K 499 42.66 -72.39 -11.76
N ILE K 500 42.24 -71.18 -11.56
CA ILE K 500 43.02 -70.12 -10.96
C ILE K 500 42.71 -69.85 -9.45
N ASN K 501 42.18 -70.90 -8.74
CA ASN K 501 41.75 -71.03 -7.41
C ASN K 501 40.50 -70.16 -7.02
N VAL K 502 39.65 -69.79 -8.03
CA VAL K 502 38.55 -68.89 -7.76
C VAL K 502 37.31 -69.74 -7.94
N VAL K 503 36.67 -70.11 -6.85
CA VAL K 503 35.30 -70.64 -6.97
C VAL K 503 34.44 -70.06 -5.83
N GLU K 504 33.13 -70.21 -6.12
CA GLU K 504 32.07 -69.76 -5.24
C GLU K 504 31.34 -70.90 -4.67
N PRO K 505 30.91 -71.01 -3.39
CA PRO K 505 29.86 -71.88 -2.96
C PRO K 505 28.53 -71.69 -3.71
N ILE K 506 27.82 -72.78 -4.07
CA ILE K 506 26.51 -72.74 -4.60
C ILE K 506 25.45 -71.90 -3.88
N ARG K 507 25.59 -71.92 -2.53
CA ARG K 507 24.66 -71.29 -1.70
C ARG K 507 24.70 -69.77 -1.69
N VAL K 508 25.79 -69.04 -2.05
CA VAL K 508 25.69 -67.60 -2.16
C VAL K 508 25.03 -67.16 -3.47
N THR K 509 25.18 -68.01 -4.50
CA THR K 509 24.54 -67.79 -5.77
C THR K 509 23.07 -68.12 -5.74
N ARG K 510 22.69 -69.42 -5.57
CA ARG K 510 21.33 -69.91 -5.48
C ARG K 510 20.41 -69.15 -4.60
N GLN K 511 20.84 -68.79 -3.37
CA GLN K 511 20.06 -68.04 -2.45
C GLN K 511 19.81 -66.60 -2.83
N VAL K 512 20.76 -65.94 -3.46
CA VAL K 512 20.62 -64.49 -3.74
C VAL K 512 19.86 -64.29 -5.06
N LEU K 513 19.86 -65.38 -5.87
CA LEU K 513 19.06 -65.58 -7.08
C LEU K 513 17.62 -65.98 -6.65
N LYS K 514 17.40 -66.78 -5.54
CA LYS K 514 16.15 -67.02 -4.90
C LYS K 514 15.50 -65.80 -4.29
N SER K 515 16.29 -64.92 -3.62
CA SER K 515 15.68 -63.72 -2.96
C SER K 515 15.55 -62.48 -3.88
N ALA K 516 16.30 -62.45 -5.00
CA ALA K 516 16.19 -61.43 -6.03
C ALA K 516 14.96 -61.82 -6.90
N THR K 517 14.70 -63.11 -7.20
CA THR K 517 13.53 -63.46 -7.98
C THR K 517 12.33 -63.27 -7.08
N GLU K 518 12.45 -63.18 -5.76
CA GLU K 518 11.46 -62.94 -4.78
C GLU K 518 11.11 -61.50 -4.71
N ALA K 519 12.07 -60.61 -4.77
CA ALA K 519 12.01 -59.19 -4.66
C ALA K 519 11.28 -58.59 -5.94
N ALA K 520 11.67 -59.10 -7.16
CA ALA K 520 11.18 -58.72 -8.44
C ALA K 520 9.78 -59.26 -8.63
N THR K 521 9.45 -60.44 -8.16
CA THR K 521 8.11 -61.04 -8.20
C THR K 521 7.23 -60.28 -7.29
N SER K 522 7.68 -59.82 -6.13
CA SER K 522 6.81 -59.05 -5.19
C SER K 522 6.53 -57.67 -5.70
N ILE K 523 7.53 -57.00 -6.31
CA ILE K 523 7.30 -55.67 -6.82
C ILE K 523 6.47 -55.72 -8.11
N MET K 524 6.39 -56.84 -8.81
CA MET K 524 5.44 -57.04 -9.86
C MET K 524 4.07 -57.19 -9.26
N LYS K 525 3.85 -57.78 -8.04
CA LYS K 525 2.55 -58.14 -7.52
C LYS K 525 1.78 -57.08 -6.79
N ILE K 526 2.34 -55.86 -6.68
CA ILE K 526 1.90 -54.87 -5.75
C ILE K 526 1.29 -53.76 -6.57
N ASP K 527 0.16 -53.10 -6.31
CA ASP K 527 -0.35 -51.97 -7.01
C ASP K 527 -0.56 -50.75 -6.09
N ASP K 528 -1.79 -50.51 -5.52
CA ASP K 528 -2.06 -49.28 -4.87
C ASP K 528 -1.30 -49.07 -3.53
N LEU K 529 -1.40 -47.92 -2.91
CA LEU K 529 -0.62 -47.50 -1.78
C LEU K 529 -1.53 -46.55 -1.03
N ILE K 530 -1.99 -46.96 0.20
CA ILE K 530 -2.92 -46.26 1.04
C ILE K 530 -2.32 -46.02 2.44
N ALA K 531 -2.16 -44.78 2.78
CA ALA K 531 -1.31 -44.46 3.89
C ALA K 531 -2.08 -43.55 4.79
N ALA K 532 -2.17 -43.83 6.13
CA ALA K 532 -2.99 -43.13 7.07
C ALA K 532 -2.26 -42.12 7.90
N THR L 14 17.05 -31.41 0.01
CA THR L 14 17.90 -32.61 0.17
C THR L 14 18.92 -32.54 -0.90
N SER L 15 20.20 -32.33 -0.51
CA SER L 15 21.28 -32.24 -1.50
C SER L 15 21.69 -33.68 -1.79
N ARG L 16 21.63 -34.02 -3.07
CA ARG L 16 22.04 -35.32 -3.66
C ARG L 16 23.33 -35.20 -4.40
N ASN L 17 23.97 -36.32 -4.69
CA ASN L 17 25.20 -36.26 -5.38
C ASN L 17 25.37 -37.62 -6.16
N SER L 18 25.87 -37.54 -7.42
CA SER L 18 26.28 -38.65 -8.18
C SER L 18 27.28 -38.13 -9.16
N GLY L 19 28.07 -39.02 -9.76
CA GLY L 19 28.65 -38.72 -11.05
C GLY L 19 29.96 -37.94 -11.09
N ARG L 20 30.89 -38.39 -10.20
CA ARG L 20 32.19 -37.78 -9.88
C ARG L 20 32.14 -36.39 -9.18
N ASP L 21 30.87 -35.93 -8.80
CA ASP L 21 30.48 -34.65 -8.23
C ASP L 21 31.05 -34.48 -6.82
N ALA L 22 30.74 -35.52 -5.96
CA ALA L 22 31.39 -35.68 -4.69
C ALA L 22 32.94 -35.66 -4.66
N LEU L 23 33.60 -36.35 -5.66
CA LEU L 23 35.09 -36.45 -5.75
C LEU L 23 35.68 -35.07 -6.06
N LYS L 24 35.09 -34.30 -6.88
CA LYS L 24 35.52 -32.95 -7.08
C LYS L 24 35.31 -32.09 -5.76
N ASN L 25 34.33 -32.37 -4.89
CA ASN L 25 34.11 -31.65 -3.64
C ASN L 25 35.07 -32.10 -2.53
N ASN L 26 35.42 -33.37 -2.51
CA ASN L 26 36.37 -33.91 -1.50
C ASN L 26 37.82 -33.74 -1.89
N ILE L 27 38.15 -33.54 -3.24
CA ILE L 27 39.54 -33.14 -3.64
C ILE L 27 39.68 -31.69 -3.28
N LEU L 28 38.58 -30.92 -3.59
CA LEU L 28 38.66 -29.50 -3.28
C LEU L 28 38.89 -29.11 -1.82
N ALA L 29 38.20 -29.82 -0.87
CA ALA L 29 38.44 -29.63 0.57
C ALA L 29 39.93 -30.02 0.96
N ALA L 30 40.39 -31.20 0.56
CA ALA L 30 41.73 -31.61 0.83
C ALA L 30 42.89 -30.80 0.21
N ARG L 31 42.61 -30.11 -0.91
CA ARG L 31 43.53 -29.31 -1.52
C ARG L 31 43.49 -28.00 -0.77
N THR L 32 42.34 -27.55 -0.28
CA THR L 32 42.28 -26.33 0.41
C THR L 32 42.97 -26.46 1.81
N LEU L 33 42.79 -27.60 2.52
CA LEU L 33 43.45 -27.91 3.84
C LEU L 33 44.99 -27.88 3.71
N ALA L 34 45.47 -28.57 2.64
CA ALA L 34 46.84 -28.83 2.29
C ALA L 34 47.63 -27.56 1.85
N GLU L 35 47.05 -26.73 0.91
CA GLU L 35 47.69 -25.54 0.45
C GLU L 35 47.64 -24.43 1.49
N MET L 36 46.86 -24.59 2.60
CA MET L 36 46.88 -23.70 3.81
C MET L 36 47.83 -24.13 4.84
N LEU L 37 48.03 -25.43 5.14
CA LEU L 37 49.12 -25.89 5.97
C LEU L 37 50.48 -25.77 5.29
N ARG L 38 50.52 -25.69 3.95
CA ARG L 38 51.79 -25.57 3.26
C ARG L 38 52.44 -24.23 3.39
N SER L 39 51.77 -23.05 3.49
CA SER L 39 52.36 -21.79 3.88
C SER L 39 52.98 -21.90 5.25
N SER L 40 52.53 -22.85 6.10
CA SER L 40 53.18 -23.04 7.37
C SER L 40 54.09 -24.29 7.44
N LEU L 41 54.55 -24.80 6.30
CA LEU L 41 55.39 -25.99 6.27
C LEU L 41 56.90 -25.82 6.64
N GLY L 42 57.75 -25.56 5.65
CA GLY L 42 59.19 -25.41 5.72
C GLY L 42 59.79 -24.48 6.84
N PRO L 43 61.08 -24.50 7.25
CA PRO L 43 61.57 -23.89 8.45
C PRO L 43 61.50 -22.40 8.66
N LYS L 44 61.46 -21.76 7.50
CA LYS L 44 61.26 -20.35 7.30
C LYS L 44 59.84 -19.89 6.86
N GLY L 45 58.81 -20.79 7.04
CA GLY L 45 57.41 -20.52 6.71
C GLY L 45 56.68 -19.59 7.68
N LEU L 46 55.33 -19.62 7.71
CA LEU L 46 54.43 -18.73 8.41
C LEU L 46 53.45 -19.31 9.40
N ASP L 47 53.34 -18.71 10.61
CA ASP L 47 52.56 -19.11 11.77
C ASP L 47 51.20 -18.52 11.63
N LYS L 48 50.21 -19.30 12.10
CA LYS L 48 48.76 -18.93 12.00
C LYS L 48 48.36 -18.46 13.35
N MET L 49 47.23 -17.71 13.42
CA MET L 49 46.66 -17.34 14.71
C MET L 49 45.24 -17.84 14.70
N LEU L 50 44.98 -18.46 15.91
CA LEU L 50 43.77 -19.25 16.20
C LEU L 50 43.16 -18.95 17.53
N ILE L 51 41.90 -18.29 17.51
CA ILE L 51 41.26 -17.85 18.67
C ILE L 51 40.13 -18.71 19.07
N ASP L 52 40.21 -19.06 20.34
CA ASP L 52 39.35 -19.96 21.03
C ASP L 52 38.04 -19.40 21.46
N SER L 53 37.06 -20.31 21.78
CA SER L 53 35.71 -19.94 22.16
C SER L 53 35.67 -19.00 23.33
N PHE L 54 36.48 -19.28 24.39
CA PHE L 54 36.53 -18.34 25.53
C PHE L 54 37.61 -17.29 25.26
N GLY L 55 38.06 -17.09 24.00
CA GLY L 55 38.86 -15.90 23.62
C GLY L 55 40.29 -16.04 23.64
N ASP L 56 40.86 -17.25 24.06
CA ASP L 56 42.23 -17.46 24.17
C ASP L 56 42.85 -17.43 22.73
N VAL L 57 43.89 -16.73 22.48
CA VAL L 57 44.67 -16.65 21.30
C VAL L 57 45.85 -17.66 21.29
N THR L 58 46.09 -18.26 20.12
CA THR L 58 47.02 -19.30 19.96
C THR L 58 47.72 -19.02 18.64
N ILE L 59 49.04 -18.85 18.66
CA ILE L 59 49.92 -18.65 17.48
C ILE L 59 50.76 -19.79 17.38
N THR L 60 50.69 -20.61 16.25
CA THR L 60 51.67 -21.71 16.07
C THR L 60 51.89 -21.91 14.63
N ASN L 61 52.94 -22.57 14.24
CA ASN L 61 53.15 -23.11 12.84
C ASN L 61 53.02 -24.63 12.85
N ASP L 62 53.00 -25.27 14.04
CA ASP L 62 52.70 -26.68 14.23
C ASP L 62 51.33 -27.13 13.63
N GLY L 63 51.36 -28.03 12.66
CA GLY L 63 50.29 -28.21 11.68
C GLY L 63 49.26 -29.22 12.14
N ALA L 64 49.70 -30.10 13.03
CA ALA L 64 48.72 -30.92 13.76
C ALA L 64 48.12 -29.97 14.88
N THR L 65 48.79 -28.91 15.39
CA THR L 65 48.17 -28.01 16.34
C THR L 65 47.14 -27.14 15.55
N ILE L 66 47.45 -26.67 14.32
CA ILE L 66 46.57 -25.69 13.61
C ILE L 66 45.24 -26.36 13.27
N VAL L 67 45.26 -27.68 12.84
CA VAL L 67 43.99 -28.42 12.67
C VAL L 67 43.23 -28.65 14.02
N LYS L 68 43.97 -29.00 15.13
CA LYS L 68 43.39 -29.13 16.43
C LYS L 68 42.73 -27.95 17.03
N GLU L 69 43.31 -26.75 16.90
CA GLU L 69 42.84 -25.45 17.33
C GLU L 69 41.73 -24.87 16.49
N MET L 70 41.27 -25.67 15.42
CA MET L 70 40.33 -25.27 14.40
C MET L 70 39.16 -26.26 14.29
N GLU L 71 37.89 -25.80 14.26
CA GLU L 71 36.62 -26.54 13.96
C GLU L 71 36.54 -26.89 12.47
N ILE L 72 36.27 -28.15 12.14
CA ILE L 72 36.61 -28.56 10.73
C ILE L 72 35.38 -28.78 10.08
N GLN L 73 35.05 -28.04 9.06
CA GLN L 73 33.72 -27.90 8.55
C GLN L 73 33.44 -28.74 7.32
N HIS L 74 34.42 -29.34 6.66
CA HIS L 74 34.27 -30.06 5.40
C HIS L 74 34.68 -31.56 5.53
N PRO L 75 33.79 -32.57 5.38
CA PRO L 75 33.97 -33.95 5.84
C PRO L 75 35.26 -34.62 5.37
N ALA L 76 35.82 -34.22 4.23
CA ALA L 76 37.02 -34.77 3.62
C ALA L 76 38.25 -34.30 4.40
N ALA L 77 38.13 -33.10 5.00
CA ALA L 77 39.11 -32.44 5.78
C ALA L 77 39.19 -33.09 7.16
N LYS L 78 38.10 -33.69 7.71
CA LYS L 78 38.07 -34.40 8.97
C LYS L 78 38.78 -35.71 8.90
N LEU L 79 38.63 -36.45 7.82
CA LEU L 79 39.40 -37.70 7.52
C LEU L 79 40.89 -37.35 7.44
N LEU L 80 41.24 -36.27 6.69
CA LEU L 80 42.71 -35.99 6.54
C LEU L 80 43.48 -35.65 7.84
N VAL L 81 42.75 -35.01 8.81
CA VAL L 81 43.13 -34.62 10.15
C VAL L 81 43.44 -35.87 11.04
N GLU L 82 42.68 -36.99 10.91
CA GLU L 82 43.00 -38.18 11.71
C GLU L 82 44.36 -38.81 11.33
N ALA L 83 44.74 -38.57 10.07
CA ALA L 83 46.00 -39.05 9.48
C ALA L 83 47.22 -38.30 9.99
N ALA L 84 47.02 -36.96 10.07
CA ALA L 84 47.93 -36.14 10.78
C ALA L 84 48.09 -36.44 12.27
N LYS L 85 47.05 -36.45 13.16
CA LYS L 85 47.07 -36.95 14.63
C LYS L 85 47.90 -38.12 14.92
N ALA L 86 47.72 -39.30 14.18
CA ALA L 86 48.58 -40.46 14.34
C ALA L 86 50.06 -40.22 13.99
N GLN L 87 50.32 -39.34 12.95
CA GLN L 87 51.60 -39.09 12.46
C GLN L 87 52.28 -38.17 13.40
N ASP L 88 51.57 -37.29 14.15
CA ASP L 88 52.18 -36.28 15.04
C ASP L 88 52.88 -36.84 16.32
N SER L 89 52.43 -38.02 16.67
CA SER L 89 52.98 -38.77 17.86
C SER L 89 54.31 -39.35 17.45
N GLU L 90 54.49 -39.66 16.13
CA GLU L 90 55.77 -40.12 15.60
C GLU L 90 56.72 -38.96 15.24
N VAL L 91 56.31 -37.96 14.40
CA VAL L 91 57.13 -36.85 13.89
C VAL L 91 56.26 -35.60 13.88
N GLY L 92 56.49 -34.70 14.83
CA GLY L 92 55.72 -33.45 14.94
C GLY L 92 55.99 -32.36 13.89
N ASP L 93 56.96 -32.48 12.87
CA ASP L 93 57.24 -31.75 11.69
C ASP L 93 56.69 -32.41 10.40
N GLY L 94 56.90 -33.72 10.34
CA GLY L 94 56.68 -34.68 9.31
C GLY L 94 55.21 -34.75 9.08
N THR L 95 54.37 -34.64 10.14
CA THR L 95 52.93 -34.58 10.02
C THR L 95 52.35 -33.36 9.26
N THR L 96 53.00 -32.18 9.22
CA THR L 96 52.60 -31.16 8.27
C THR L 96 52.87 -31.59 6.88
N SER L 97 54.13 -32.11 6.76
CA SER L 97 54.73 -32.54 5.44
C SER L 97 53.93 -33.58 4.82
N ALA L 98 53.45 -34.57 5.62
CA ALA L 98 52.54 -35.56 5.07
C ALA L 98 51.19 -35.02 4.52
N VAL L 99 50.55 -34.04 5.10
CA VAL L 99 49.34 -33.43 4.62
C VAL L 99 49.53 -32.68 3.25
N VAL L 100 50.62 -31.94 3.08
CA VAL L 100 50.90 -31.30 1.82
C VAL L 100 51.08 -32.42 0.68
N LEU L 101 51.85 -33.57 1.04
CA LEU L 101 52.27 -34.69 0.17
C LEU L 101 51.04 -35.40 -0.34
N ALA L 102 50.05 -35.59 0.60
CA ALA L 102 48.70 -36.15 0.26
C ALA L 102 47.97 -35.30 -0.73
N GLY L 103 48.01 -33.98 -0.55
CA GLY L 103 47.47 -32.92 -1.42
C GLY L 103 48.08 -32.82 -2.83
N LEU L 104 49.44 -32.97 -2.90
CA LEU L 104 50.24 -32.91 -4.10
C LEU L 104 50.08 -34.26 -4.83
N PHE L 105 49.68 -35.32 -4.13
CA PHE L 105 49.39 -36.61 -4.74
C PHE L 105 48.00 -36.69 -5.42
N LEU L 106 47.03 -36.06 -4.70
CA LEU L 106 45.69 -35.89 -5.06
C LEU L 106 45.45 -35.04 -6.29
N GLU L 107 46.21 -33.94 -6.59
CA GLU L 107 46.10 -33.15 -7.79
C GLU L 107 46.79 -33.76 -9.00
N LYS L 108 47.68 -34.83 -8.86
CA LYS L 108 48.12 -35.63 -9.96
C LYS L 108 47.06 -36.65 -10.27
N ALA L 109 46.32 -37.21 -9.28
CA ALA L 109 45.19 -38.15 -9.35
C ALA L 109 44.02 -37.56 -10.13
N GLU L 110 43.69 -36.28 -9.92
CA GLU L 110 42.74 -35.55 -10.70
C GLU L 110 43.10 -35.30 -12.19
N SER L 111 44.42 -35.04 -12.49
CA SER L 111 44.90 -34.90 -13.86
C SER L 111 44.70 -36.20 -14.63
N LEU L 112 45.11 -37.32 -13.99
CA LEU L 112 44.89 -38.74 -14.51
C LEU L 112 43.39 -39.07 -14.72
N VAL L 113 42.43 -38.66 -13.84
CA VAL L 113 40.97 -38.74 -13.99
C VAL L 113 40.53 -37.95 -15.22
N ASP L 114 41.11 -36.81 -15.42
CA ASP L 114 40.92 -35.85 -16.50
C ASP L 114 41.24 -36.42 -17.88
N GLN L 115 42.26 -37.29 -17.85
CA GLN L 115 42.67 -38.04 -19.01
C GLN L 115 41.80 -39.33 -19.20
N ASN L 116 40.80 -39.56 -18.27
CA ASN L 116 39.96 -40.77 -18.18
C ASN L 116 40.69 -42.09 -17.89
N ILE L 117 41.59 -42.15 -16.87
CA ILE L 117 42.36 -43.37 -16.62
C ILE L 117 41.74 -44.30 -15.56
N HIS L 118 40.70 -43.80 -14.80
CA HIS L 118 39.76 -44.39 -13.88
C HIS L 118 40.38 -44.45 -12.50
N PRO L 119 39.58 -44.16 -11.39
CA PRO L 119 40.29 -44.04 -10.19
C PRO L 119 40.97 -45.38 -9.69
N THR L 120 40.38 -46.53 -9.95
CA THR L 120 40.97 -47.84 -9.54
C THR L 120 42.39 -48.16 -10.10
N ILE L 121 42.56 -47.83 -11.37
CA ILE L 121 43.77 -47.96 -12.12
C ILE L 121 44.83 -46.91 -11.65
N ILE L 122 44.33 -45.69 -11.38
CA ILE L 122 45.17 -44.66 -10.75
C ILE L 122 45.68 -45.12 -9.34
N ILE L 123 44.79 -45.63 -8.44
CA ILE L 123 45.09 -46.29 -7.20
C ILE L 123 46.10 -47.40 -7.24
N GLU L 124 45.92 -48.40 -8.16
CA GLU L 124 46.96 -49.43 -8.42
C GLU L 124 48.29 -49.06 -9.02
N GLY L 125 48.34 -47.94 -9.78
CA GLY L 125 49.59 -47.39 -10.41
C GLY L 125 50.30 -46.59 -9.37
N PHE L 126 49.59 -45.93 -8.44
CA PHE L 126 50.31 -45.20 -7.33
C PHE L 126 50.88 -46.21 -6.32
N LYS L 127 50.26 -47.31 -6.07
CA LYS L 127 50.72 -48.37 -5.19
C LYS L 127 51.91 -49.05 -5.78
N LYS L 128 51.97 -49.27 -7.06
CA LYS L 128 53.05 -49.92 -7.79
C LYS L 128 54.28 -49.00 -7.75
N ALA L 129 54.08 -47.62 -7.85
CA ALA L 129 55.06 -46.57 -7.68
C ALA L 129 55.61 -46.59 -6.25
N PHE L 130 54.68 -46.82 -5.23
CA PHE L 130 55.08 -46.91 -3.88
C PHE L 130 55.97 -48.19 -3.71
N ASN L 131 55.66 -49.32 -4.32
CA ASN L 131 56.42 -50.58 -4.21
C ASN L 131 57.83 -50.50 -4.69
N LYS L 132 58.00 -49.74 -5.83
CA LYS L 132 59.31 -49.38 -6.38
C LYS L 132 60.00 -48.48 -5.41
N SER L 133 59.30 -47.51 -4.81
CA SER L 133 59.91 -46.60 -3.78
C SER L 133 60.42 -47.32 -2.54
N LEU L 134 59.71 -48.37 -2.13
CA LEU L 134 60.14 -49.18 -0.99
C LEU L 134 61.27 -50.16 -1.23
N GLU L 135 61.41 -50.65 -2.50
CA GLU L 135 62.64 -51.43 -2.77
C GLU L 135 63.85 -50.53 -3.17
N LEU L 136 63.68 -49.20 -3.33
CA LEU L 136 64.69 -48.17 -3.62
C LEU L 136 65.13 -47.50 -2.26
N LEU L 137 64.26 -47.41 -1.24
CA LEU L 137 64.68 -46.91 0.11
C LEU L 137 65.62 -47.81 0.97
N PRO L 138 66.09 -48.96 0.58
CA PRO L 138 67.23 -49.63 1.29
C PRO L 138 68.52 -49.48 0.49
N GLN L 139 68.40 -49.24 -0.85
CA GLN L 139 69.52 -49.16 -1.73
C GLN L 139 70.16 -47.84 -1.76
N LEU L 140 69.26 -46.82 -1.86
CA LEU L 140 69.64 -45.40 -1.99
C LEU L 140 69.79 -44.82 -0.65
N ALA L 141 69.32 -45.55 0.43
CA ALA L 141 69.56 -45.01 1.77
C ALA L 141 70.86 -45.41 2.34
N THR L 142 71.16 -44.89 3.57
CA THR L 142 72.46 -45.10 4.12
C THR L 142 72.14 -45.86 5.39
N LYS L 143 72.85 -46.96 5.70
CA LYS L 143 72.68 -47.64 7.01
C LYS L 143 73.98 -47.49 7.78
N VAL L 144 73.77 -46.95 8.99
CA VAL L 144 74.90 -46.53 9.91
C VAL L 144 75.21 -47.56 10.96
N ASP L 145 74.50 -48.71 10.86
CA ASP L 145 74.51 -49.84 11.75
C ASP L 145 74.12 -49.53 13.20
N VAL L 146 73.87 -50.65 13.94
CA VAL L 146 73.41 -50.83 15.33
C VAL L 146 74.21 -50.03 16.31
N SER L 147 75.57 -50.28 16.49
CA SER L 147 76.33 -49.76 17.60
C SER L 147 77.68 -49.22 17.24
N ASP L 148 77.83 -47.89 17.47
CA ASP L 148 79.12 -47.32 17.72
C ASP L 148 79.50 -47.34 19.23
N LEU L 149 80.28 -48.33 19.61
CA LEU L 149 80.87 -48.50 20.89
C LEU L 149 80.07 -48.27 22.16
N ASN L 150 78.95 -49.08 22.40
CA ASN L 150 77.87 -48.95 23.30
C ASN L 150 76.98 -47.78 22.93
N SER L 151 76.40 -47.87 21.67
CA SER L 151 75.25 -47.16 21.07
C SER L 151 75.41 -45.69 20.82
N ALA L 152 76.57 -45.07 21.02
CA ALA L 152 76.55 -43.59 21.19
C ALA L 152 77.97 -42.96 21.34
N THR L 153 79.01 -43.73 20.96
CA THR L 153 80.43 -43.37 21.19
C THR L 153 81.15 -43.17 19.94
N ALA L 154 81.75 -41.99 19.78
CA ALA L 154 82.12 -41.29 18.52
C ALA L 154 81.01 -40.38 17.91
N ARG L 155 79.89 -40.22 18.66
CA ARG L 155 78.45 -40.37 18.29
C ARG L 155 78.00 -40.30 16.81
N ASP L 156 78.39 -39.19 16.12
CA ASP L 156 78.18 -38.89 14.64
C ASP L 156 76.78 -39.10 14.16
N ALA L 157 76.43 -40.30 13.63
CA ALA L 157 75.22 -40.40 12.89
C ALA L 157 73.99 -39.95 13.69
N LEU L 158 73.83 -40.43 14.95
CA LEU L 158 72.78 -40.02 15.91
C LEU L 158 72.83 -38.58 16.27
N LYS L 159 74.07 -38.01 16.39
CA LYS L 159 74.49 -36.64 16.73
C LYS L 159 73.96 -35.71 15.63
N LYS L 160 74.18 -36.18 14.35
CA LYS L 160 73.74 -35.48 13.18
C LYS L 160 72.28 -35.38 13.02
N ILE L 161 71.43 -36.36 13.36
CA ILE L 161 70.00 -36.30 13.13
C ILE L 161 69.31 -35.50 14.19
N VAL L 162 69.78 -35.59 15.53
CA VAL L 162 69.23 -34.81 16.64
C VAL L 162 69.68 -33.32 16.48
N TYR L 163 70.93 -33.01 15.97
CA TYR L 163 71.25 -31.60 15.52
C TYR L 163 70.43 -31.11 14.35
N THR L 164 70.25 -31.99 13.25
CA THR L 164 69.60 -31.55 12.04
C THR L 164 68.17 -31.19 12.34
N THR L 165 67.42 -32.02 13.13
CA THR L 165 66.07 -31.82 13.50
C THR L 165 65.88 -30.54 14.29
N MET L 166 66.78 -30.33 15.27
CA MET L 166 66.78 -29.04 15.98
C MET L 166 67.08 -27.83 15.08
N SER L 167 68.04 -27.92 14.17
CA SER L 167 68.34 -26.81 13.28
C SER L 167 67.16 -26.53 12.37
N SER L 168 66.42 -27.42 11.76
CA SER L 168 65.24 -27.28 10.96
C SER L 168 64.05 -26.78 11.72
N LYS L 169 63.79 -27.32 12.91
CA LYS L 169 62.66 -26.84 13.74
C LYS L 169 62.72 -25.63 14.67
N PHE L 170 63.78 -24.85 14.64
CA PHE L 170 64.05 -23.63 15.47
C PHE L 170 64.89 -22.65 14.72
N MET L 171 65.67 -23.11 13.76
CA MET L 171 66.57 -22.26 12.89
C MET L 171 67.57 -21.52 13.74
N ALA L 172 68.38 -20.65 13.06
CA ALA L 172 69.49 -19.95 13.60
C ALA L 172 70.49 -20.75 14.33
N GLU L 173 71.32 -20.12 15.20
CA GLU L 173 72.35 -20.76 15.95
C GLU L 173 71.82 -21.15 17.27
N GLY L 174 72.35 -22.29 17.73
CA GLY L 174 72.06 -22.88 19.08
C GLY L 174 72.97 -23.96 19.52
N GLU L 175 74.29 -23.76 19.22
CA GLU L 175 75.32 -24.72 19.43
C GLU L 175 75.43 -25.02 21.01
N GLU L 176 75.33 -24.02 21.90
CA GLU L 176 75.42 -24.23 23.38
C GLU L 176 74.11 -24.92 23.99
N LEU L 177 73.05 -25.15 23.14
CA LEU L 177 71.88 -25.84 23.45
C LEU L 177 71.90 -27.28 22.97
N ASN L 178 72.43 -27.49 21.72
CA ASN L 178 72.63 -28.81 21.03
C ASN L 178 73.60 -29.64 21.85
N LYS L 179 74.75 -29.15 22.40
CA LYS L 179 75.59 -30.07 23.18
C LYS L 179 75.02 -30.60 24.47
N ILE L 180 74.29 -29.76 25.24
CA ILE L 180 73.51 -30.26 26.35
C ILE L 180 72.31 -31.24 26.04
N MET L 181 71.60 -30.98 25.01
CA MET L 181 70.65 -31.89 24.43
C MET L 181 71.28 -33.20 23.95
N ASP L 182 72.47 -33.24 23.29
CA ASP L 182 73.22 -34.38 22.88
C ASP L 182 73.69 -35.25 24.04
N ILE L 183 74.16 -34.63 25.14
CA ILE L 183 74.48 -35.35 26.39
C ILE L 183 73.25 -35.99 27.04
N VAL L 184 72.11 -35.18 27.07
CA VAL L 184 70.81 -35.57 27.60
C VAL L 184 70.24 -36.73 26.77
N ILE L 185 70.37 -36.66 25.44
CA ILE L 185 69.98 -37.72 24.53
C ILE L 185 70.83 -38.95 24.67
N ASP L 186 72.17 -38.84 24.87
CA ASP L 186 73.07 -39.91 25.06
C ASP L 186 72.73 -40.68 26.34
N ALA L 187 72.35 -40.07 27.49
CA ALA L 187 71.84 -40.67 28.71
C ALA L 187 70.48 -41.39 28.53
N VAL L 188 69.51 -40.78 27.78
CA VAL L 188 68.29 -41.52 27.43
C VAL L 188 68.63 -42.77 26.55
N THR L 189 69.62 -42.65 25.64
CA THR L 189 70.04 -43.74 24.75
C THR L 189 70.49 -44.95 25.54
N THR L 190 71.20 -44.63 26.66
CA THR L 190 71.64 -45.63 27.60
C THR L 190 70.52 -46.53 28.16
N VAL L 191 69.30 -45.92 28.50
CA VAL L 191 68.17 -46.67 29.06
C VAL L 191 67.74 -47.86 28.21
N ALA L 192 67.21 -47.54 27.00
CA ALA L 192 67.13 -48.37 25.83
C ALA L 192 68.20 -49.44 25.52
N GLU L 193 67.83 -50.63 25.11
CA GLU L 193 68.68 -51.74 24.78
C GLU L 193 68.36 -52.54 23.61
N PRO L 194 69.20 -53.44 23.07
CA PRO L 194 69.27 -53.72 21.68
C PRO L 194 68.73 -55.14 21.50
N LEU L 195 68.47 -55.44 20.19
CA LEU L 195 67.87 -56.69 19.78
C LEU L 195 68.67 -57.26 18.54
N PRO L 196 68.44 -58.54 18.03
CA PRO L 196 69.15 -59.06 16.88
C PRO L 196 68.34 -58.67 15.60
N ASP L 197 67.20 -57.95 15.75
CA ASP L 197 66.64 -56.98 14.89
C ASP L 197 67.52 -55.72 14.74
N GLY L 198 68.46 -55.53 15.66
CA GLY L 198 69.34 -54.39 15.51
C GLY L 198 68.73 -52.95 15.77
N GLY L 199 67.42 -52.80 16.02
CA GLY L 199 66.95 -51.63 16.72
C GLY L 199 67.11 -51.71 18.20
N TYR L 200 66.53 -50.77 18.94
CA TYR L 200 66.60 -50.58 20.38
C TYR L 200 65.23 -50.52 21.00
N ASN L 201 64.98 -51.06 22.22
CA ASN L 201 63.71 -50.85 22.92
C ASN L 201 63.61 -49.39 23.48
N VAL L 202 63.00 -48.50 22.65
CA VAL L 202 62.92 -47.11 23.06
C VAL L 202 61.54 -46.81 23.63
N SER L 203 61.45 -46.47 24.93
CA SER L 203 60.24 -46.11 25.60
C SER L 203 60.39 -44.71 25.97
N LEU L 204 59.82 -43.74 25.22
CA LEU L 204 59.74 -42.33 25.48
C LEU L 204 58.65 -41.99 26.47
N ASP L 205 57.79 -42.98 26.68
CA ASP L 205 56.63 -43.02 27.64
C ASP L 205 57.11 -42.95 29.01
N LEU L 206 58.11 -43.77 29.33
CA LEU L 206 58.58 -43.84 30.69
C LEU L 206 59.62 -42.72 30.97
N ILE L 207 59.84 -41.87 30.00
CA ILE L 207 60.73 -40.74 30.18
C ILE L 207 59.98 -39.51 30.78
N LYS L 208 60.62 -38.81 31.77
CA LYS L 208 59.95 -37.75 32.47
C LYS L 208 60.87 -36.55 32.58
N ILE L 209 60.44 -35.30 32.16
CA ILE L 209 61.20 -34.10 32.19
C ILE L 209 60.46 -33.08 33.02
N ASP L 210 61.20 -32.47 33.99
CA ASP L 210 60.86 -31.40 34.86
C ASP L 210 61.69 -30.15 34.62
N LYS L 211 60.99 -28.98 34.34
CA LYS L 211 61.71 -27.76 34.15
C LYS L 211 61.50 -26.74 35.24
N LYS L 212 62.62 -26.23 35.84
CA LYS L 212 62.72 -25.37 37.01
C LYS L 212 63.54 -24.10 36.73
N LYS L 213 63.03 -22.89 37.15
CA LYS L 213 63.70 -21.62 36.99
C LYS L 213 65.07 -21.56 37.75
N GLY L 214 65.98 -20.55 37.36
CA GLY L 214 66.87 -19.90 38.30
C GLY L 214 68.21 -20.38 38.13
N GLY L 215 68.52 -20.97 36.94
CA GLY L 215 69.86 -21.47 36.64
C GLY L 215 70.15 -21.18 35.19
N THR L 216 70.78 -22.16 34.48
CA THR L 216 71.24 -22.15 33.11
C THR L 216 71.19 -23.54 32.58
N ILE L 217 71.23 -23.65 31.25
CA ILE L 217 71.02 -24.99 30.71
C ILE L 217 72.13 -26.00 31.02
N GLU L 218 73.43 -25.63 31.14
CA GLU L 218 74.50 -26.45 31.65
C GLU L 218 74.24 -27.10 33.04
N ASP L 219 73.22 -26.59 33.74
CA ASP L 219 72.79 -26.92 35.09
C ASP L 219 71.63 -27.89 35.08
N SER L 220 71.33 -28.44 33.89
CA SER L 220 70.50 -29.63 33.76
C SER L 220 71.22 -30.94 34.10
N GLN L 221 70.51 -31.95 34.68
CA GLN L 221 71.11 -33.19 35.10
C GLN L 221 70.11 -34.38 34.90
N LEU L 222 70.59 -35.64 34.70
CA LEU L 222 69.78 -36.84 34.99
C LEU L 222 69.63 -37.26 36.43
N ILE L 223 68.45 -37.91 36.72
CA ILE L 223 68.19 -38.62 37.96
C ILE L 223 67.85 -40.01 37.58
N ARG L 224 68.53 -40.99 38.26
CA ARG L 224 68.36 -42.37 38.14
C ARG L 224 67.38 -42.84 39.16
N GLY L 225 66.10 -42.38 39.01
CA GLY L 225 64.93 -42.55 39.85
C GLY L 225 64.04 -41.50 39.51
N ILE L 226 62.92 -41.30 40.29
CA ILE L 226 61.86 -40.32 39.94
C ILE L 226 61.94 -39.12 40.89
N VAL L 227 61.61 -37.88 40.34
CA VAL L 227 61.40 -36.73 41.16
C VAL L 227 59.92 -36.40 41.28
N LEU L 228 59.37 -36.27 42.54
CA LEU L 228 58.04 -35.90 42.84
C LEU L 228 57.85 -34.42 43.29
N ASP L 229 57.09 -33.54 42.58
CA ASP L 229 56.66 -32.29 42.98
C ASP L 229 55.83 -32.13 44.24
N LYS L 230 54.93 -33.10 44.50
CA LYS L 230 54.02 -33.15 45.68
C LYS L 230 54.70 -33.01 47.08
N GLU L 231 53.84 -32.56 48.00
CA GLU L 231 54.06 -32.25 49.42
C GLU L 231 54.20 -33.37 50.46
N VAL L 232 55.27 -33.35 51.25
CA VAL L 232 55.38 -34.09 52.45
C VAL L 232 54.55 -33.56 53.64
N VAL L 233 54.09 -32.27 53.52
CA VAL L 233 52.75 -31.85 53.93
C VAL L 233 52.61 -31.56 55.44
N HIS L 234 53.24 -32.38 56.29
CA HIS L 234 53.26 -32.32 57.66
C HIS L 234 54.62 -31.96 58.23
N ALA L 235 54.64 -31.01 59.22
CA ALA L 235 55.79 -30.63 59.98
C ALA L 235 56.57 -31.79 60.60
N GLY L 236 56.03 -32.81 61.25
CA GLY L 236 56.83 -33.80 61.95
C GLY L 236 57.58 -34.85 61.24
N MET L 237 57.30 -35.03 59.95
CA MET L 237 57.82 -36.05 59.06
C MET L 237 59.36 -35.87 58.95
N PRO L 238 60.15 -36.87 58.65
CA PRO L 238 61.55 -36.78 58.20
C PRO L 238 61.52 -36.19 56.82
N ARG L 239 62.59 -35.52 56.35
CA ARG L 239 62.71 -34.97 55.01
C ARG L 239 63.81 -35.54 54.14
N ARG L 240 64.70 -36.49 54.63
CA ARG L 240 65.65 -37.17 53.75
C ARG L 240 65.69 -38.54 54.45
N VAL L 241 65.71 -39.57 53.63
CA VAL L 241 65.79 -41.01 53.93
C VAL L 241 66.96 -41.65 53.13
N GLU L 242 67.90 -42.44 53.73
CA GLU L 242 69.02 -43.10 53.11
C GLU L 242 68.91 -44.67 53.13
N LYS L 243 69.09 -45.30 51.92
CA LYS L 243 68.76 -46.70 51.65
C LYS L 243 67.25 -46.94 51.89
N ALA L 244 66.55 -46.09 51.15
CA ALA L 244 65.12 -46.08 51.26
C ALA L 244 64.27 -47.17 50.63
N LYS L 245 63.42 -47.77 51.38
CA LYS L 245 62.52 -48.86 50.98
C LYS L 245 61.15 -48.16 50.83
N ILE L 246 60.64 -48.07 49.54
CA ILE L 246 59.49 -47.21 49.17
C ILE L 246 58.20 -47.98 48.93
N ALA L 247 57.14 -47.64 49.68
CA ALA L 247 55.83 -48.17 49.41
C ALA L 247 55.09 -47.24 48.60
N VAL L 248 54.44 -47.69 47.52
CA VAL L 248 53.56 -46.95 46.61
C VAL L 248 52.09 -47.52 46.87
N LEU L 249 51.13 -46.67 47.16
CA LEU L 249 49.89 -47.16 47.75
C LEU L 249 48.80 -46.57 46.89
N ASP L 250 47.92 -47.44 46.46
CA ASP L 250 46.88 -47.16 45.47
C ASP L 250 45.66 -46.51 46.20
N ALA L 251 45.30 -47.22 47.30
CA ALA L 251 44.24 -46.93 48.21
C ALA L 251 44.50 -45.67 49.01
N SER L 252 43.47 -44.94 49.38
CA SER L 252 43.48 -43.81 50.27
C SER L 252 43.90 -44.11 51.63
N LEU L 253 44.75 -43.27 52.20
CA LEU L 253 44.90 -43.25 53.64
C LEU L 253 43.86 -42.41 54.38
N GLU L 254 42.56 -42.79 54.28
CA GLU L 254 41.42 -42.26 54.91
C GLU L 254 40.54 -43.48 55.20
N VAL L 255 39.87 -43.57 56.33
CA VAL L 255 38.86 -44.58 56.69
C VAL L 255 37.67 -44.79 55.79
N GLU L 256 37.20 -46.03 55.67
CA GLU L 256 36.07 -46.47 54.81
C GLU L 256 34.79 -46.76 55.60
N LYS L 257 33.64 -46.31 55.13
CA LYS L 257 32.36 -46.40 55.85
C LYS L 257 31.82 -47.85 55.75
N PRO L 258 30.86 -48.22 56.68
CA PRO L 258 30.36 -49.62 56.67
C PRO L 258 29.39 -49.91 55.55
N GLU L 259 29.04 -51.17 55.29
CA GLU L 259 28.18 -51.55 54.21
C GLU L 259 26.87 -50.94 54.38
N ILE L 260 26.36 -50.94 55.63
CA ILE L 260 25.02 -50.24 55.80
C ILE L 260 25.13 -49.61 57.19
N SER L 261 24.45 -48.51 57.43
CA SER L 261 25.05 -47.43 58.11
C SER L 261 24.04 -46.40 58.59
N ALA L 262 24.43 -45.50 59.54
CA ALA L 262 23.51 -44.49 60.11
C ALA L 262 24.30 -43.30 60.73
N LYS L 263 23.65 -42.18 60.86
CA LYS L 263 24.29 -40.93 61.36
C LYS L 263 23.18 -40.25 62.09
N ILE L 264 23.43 -39.40 63.06
CA ILE L 264 22.44 -38.68 63.80
C ILE L 264 23.13 -37.37 64.33
N SER L 265 22.45 -36.27 64.63
CA SER L 265 23.09 -35.06 65.08
C SER L 265 23.46 -35.11 66.54
N ILE L 266 24.67 -34.77 66.98
CA ILE L 266 25.10 -34.88 68.36
C ILE L 266 25.46 -33.59 69.02
N THR L 267 25.07 -33.32 70.27
CA THR L 267 25.47 -32.17 71.02
C THR L 267 26.56 -32.54 72.05
N SER L 268 26.17 -32.99 73.28
CA SER L 268 26.79 -34.08 73.94
C SER L 268 28.20 -34.42 73.60
N PRO L 269 29.24 -33.78 74.11
CA PRO L 269 30.44 -33.68 73.26
C PRO L 269 31.34 -34.88 73.43
N ASP L 270 31.21 -35.61 74.51
CA ASP L 270 32.02 -36.75 74.72
C ASP L 270 31.83 -37.89 73.66
N GLN L 271 30.59 -38.06 73.03
CA GLN L 271 30.37 -39.18 72.12
C GLN L 271 30.95 -38.86 70.76
N ILE L 272 31.19 -37.52 70.51
CA ILE L 272 31.87 -37.00 69.30
C ILE L 272 33.35 -37.21 69.40
N LYS L 273 33.89 -37.12 70.63
CA LYS L 273 35.35 -37.37 70.83
C LYS L 273 35.69 -38.85 70.63
N ALA L 274 34.71 -39.73 70.97
CA ALA L 274 34.82 -41.22 71.01
C ALA L 274 34.61 -41.79 69.54
N PHE L 275 33.86 -41.08 68.67
CA PHE L 275 33.76 -41.36 67.25
C PHE L 275 35.05 -41.08 66.49
N LEU L 276 35.69 -40.06 66.89
CA LEU L 276 36.99 -39.65 66.40
C LEU L 276 38.09 -40.60 66.87
N ASP L 277 38.02 -41.03 68.15
CA ASP L 277 38.96 -41.87 68.71
C ASP L 277 38.84 -43.28 68.17
N GLU L 278 37.64 -43.65 67.74
CA GLU L 278 37.52 -44.89 66.98
C GLU L 278 38.16 -44.81 65.57
N GLU L 279 38.03 -43.59 64.94
CA GLU L 279 38.50 -43.39 63.64
C GLU L 279 40.06 -43.20 63.63
N ALA L 280 40.63 -42.76 64.78
CA ALA L 280 42.06 -42.67 64.99
C ALA L 280 42.69 -44.05 65.32
N LYS L 281 42.00 -44.98 65.95
CA LYS L 281 42.50 -46.33 66.09
C LYS L 281 42.33 -47.06 64.73
N TYR L 282 41.45 -46.58 63.72
CA TYR L 282 41.50 -47.15 62.36
C TYR L 282 42.75 -46.56 61.60
N LEU L 283 43.13 -45.28 61.71
CA LEU L 283 44.31 -44.73 60.99
C LEU L 283 45.61 -45.26 61.53
N LYS L 284 45.71 -45.44 62.83
CA LYS L 284 46.89 -45.94 63.54
C LYS L 284 47.14 -47.47 63.26
N ASP L 285 46.08 -48.27 62.92
CA ASP L 285 46.08 -49.57 62.40
C ASP L 285 46.71 -49.60 61.01
N MET L 286 46.17 -48.81 60.08
CA MET L 286 46.72 -48.54 58.71
C MET L 286 48.29 -48.25 58.71
N VAL L 287 48.78 -47.33 59.62
CA VAL L 287 50.16 -46.94 59.81
C VAL L 287 50.97 -48.05 60.32
N ASP L 288 50.47 -48.79 61.26
CA ASP L 288 51.16 -49.96 61.77
C ASP L 288 51.39 -51.01 60.68
N LYS L 289 50.49 -51.10 59.67
CA LYS L 289 50.61 -51.96 58.55
C LYS L 289 51.77 -51.51 57.59
N LEU L 290 51.81 -50.18 57.33
CA LEU L 290 52.95 -49.66 56.53
C LEU L 290 54.34 -49.88 57.18
N ALA L 291 54.32 -49.55 58.51
CA ALA L 291 55.52 -49.69 59.32
C ALA L 291 55.87 -51.20 59.58
N SER L 292 54.95 -52.17 59.49
CA SER L 292 55.15 -53.62 59.65
C SER L 292 55.94 -54.14 58.48
N ILE L 293 55.63 -53.68 57.24
CA ILE L 293 56.38 -54.03 56.05
C ILE L 293 57.86 -53.68 56.10
N GLY L 294 58.16 -52.65 56.93
CA GLY L 294 59.48 -52.06 57.00
C GLY L 294 59.65 -50.79 56.09
N ALA L 295 58.50 -50.31 55.70
CA ALA L 295 58.42 -49.08 54.98
C ALA L 295 59.07 -47.78 55.54
N ASN L 296 60.12 -47.15 54.87
CA ASN L 296 60.74 -45.95 55.32
C ASN L 296 60.18 -44.72 54.58
N VAL L 297 59.85 -44.91 53.31
CA VAL L 297 59.08 -43.92 52.54
C VAL L 297 57.74 -44.50 52.28
N VAL L 298 56.70 -43.65 52.08
CA VAL L 298 55.43 -44.12 51.48
C VAL L 298 55.02 -43.03 50.47
N ILE L 299 54.43 -43.46 49.37
CA ILE L 299 53.87 -42.63 48.35
C ILE L 299 52.38 -43.00 48.27
N CYS L 300 51.46 -42.08 48.36
CA CYS L 300 50.00 -42.35 48.35
C CYS L 300 49.27 -41.63 47.21
N GLN L 301 48.59 -42.38 46.25
CA GLN L 301 48.00 -41.81 45.10
C GLN L 301 46.80 -40.91 45.40
N LYS L 302 46.14 -41.29 46.45
CA LYS L 302 45.02 -40.61 47.04
C LYS L 302 45.49 -39.69 48.16
N GLY L 303 44.64 -38.89 48.78
CA GLY L 303 44.86 -38.35 50.10
C GLY L 303 45.29 -39.29 51.22
N ILE L 304 45.91 -38.58 52.20
CA ILE L 304 46.30 -39.02 53.50
C ILE L 304 45.70 -38.20 54.51
N ASP L 305 44.86 -38.79 55.47
CA ASP L 305 44.38 -37.99 56.62
C ASP L 305 45.34 -37.46 57.63
N ASP L 306 45.03 -36.29 58.20
CA ASP L 306 45.88 -35.50 59.08
C ASP L 306 46.39 -36.33 60.27
N ILE L 307 45.60 -37.15 60.95
CA ILE L 307 45.96 -38.15 62.06
C ILE L 307 46.94 -39.18 61.55
N ALA L 308 46.71 -39.79 60.38
CA ALA L 308 47.56 -40.73 59.76
C ALA L 308 48.92 -40.09 59.40
N GLN L 309 49.02 -38.75 59.18
CA GLN L 309 50.24 -38.09 58.95
C GLN L 309 50.98 -37.88 60.25
N HIS L 310 50.22 -37.69 61.34
CA HIS L 310 50.88 -37.56 62.63
C HIS L 310 51.54 -38.95 62.93
N PHE L 311 50.80 -40.05 62.82
CA PHE L 311 51.38 -41.39 63.13
C PHE L 311 52.45 -41.80 62.16
N LEU L 312 52.47 -41.40 60.93
CA LEU L 312 53.54 -41.70 60.00
C LEU L 312 54.83 -40.95 60.42
N ALA L 313 54.71 -39.70 60.93
CA ALA L 313 55.87 -38.96 61.40
C ALA L 313 56.40 -39.53 62.76
N LYS L 314 55.52 -39.93 63.62
CA LYS L 314 55.88 -40.59 64.92
C LYS L 314 56.70 -41.85 64.77
N ARG L 315 56.33 -42.76 63.79
CA ARG L 315 57.10 -43.96 63.29
C ARG L 315 58.25 -43.66 62.44
N GLY L 316 58.48 -42.39 62.08
CA GLY L 316 59.64 -41.82 61.44
C GLY L 316 59.70 -42.05 59.97
N ILE L 317 58.49 -41.89 59.37
CA ILE L 317 58.28 -42.35 58.02
C ILE L 317 57.81 -41.26 57.14
N LEU L 318 58.32 -41.20 55.91
CA LEU L 318 58.18 -40.03 55.05
C LEU L 318 57.07 -40.23 54.07
N ALA L 319 55.96 -39.45 54.15
CA ALA L 319 54.90 -39.67 53.22
C ALA L 319 54.80 -38.59 52.26
N VAL L 320 54.31 -38.88 51.01
CA VAL L 320 53.93 -37.97 49.94
C VAL L 320 52.46 -38.12 49.68
N ARG L 321 51.69 -37.07 49.31
CA ARG L 321 50.30 -37.17 49.06
C ARG L 321 50.04 -37.41 47.59
N ARG L 322 48.96 -36.77 47.01
CA ARG L 322 48.45 -36.85 45.67
C ARG L 322 49.42 -37.12 44.54
N VAL L 323 50.04 -38.32 44.42
CA VAL L 323 50.99 -38.51 43.29
C VAL L 323 50.19 -38.95 42.05
N LYS L 324 50.29 -38.14 40.98
CA LYS L 324 49.51 -38.31 39.76
C LYS L 324 49.80 -39.60 39.04
N ARG L 325 48.81 -40.04 38.30
CA ARG L 325 48.77 -41.39 37.61
C ARG L 325 49.99 -41.78 36.78
N SER L 326 50.59 -40.87 36.00
CA SER L 326 51.75 -41.03 35.17
C SER L 326 53.01 -41.29 35.92
N ASP L 327 53.26 -40.56 37.03
CA ASP L 327 54.33 -40.65 37.98
C ASP L 327 54.32 -41.95 38.81
N ILE L 328 53.10 -42.56 38.97
CA ILE L 328 52.95 -43.87 39.62
C ILE L 328 53.40 -45.02 38.77
N GLU L 329 53.20 -45.09 37.38
CA GLU L 329 53.72 -46.16 36.52
C GLU L 329 55.21 -46.01 36.51
N LYS L 330 55.72 -44.70 36.53
CA LYS L 330 57.17 -44.44 36.41
C LYS L 330 57.97 -44.86 37.69
N LEU L 331 57.30 -44.61 38.87
CA LEU L 331 57.76 -44.95 40.12
C LEU L 331 57.76 -46.42 40.34
N GLU L 332 56.75 -47.19 39.77
CA GLU L 332 56.81 -48.62 39.70
C GLU L 332 57.96 -49.27 38.92
N LYS L 333 57.98 -49.05 37.62
CA LYS L 333 59.01 -49.51 36.67
C LYS L 333 60.44 -49.16 37.13
N ALA L 334 60.72 -47.95 37.80
CA ALA L 334 62.09 -47.67 38.22
C ALA L 334 62.50 -48.20 39.58
N LEU L 335 61.60 -48.38 40.60
CA LEU L 335 62.03 -48.86 41.88
C LEU L 335 61.63 -50.34 42.22
N GLY L 336 60.81 -50.99 41.44
CA GLY L 336 60.25 -52.29 41.93
C GLY L 336 59.12 -52.33 42.85
N ALA L 337 58.55 -51.12 43.26
CA ALA L 337 57.38 -51.15 44.10
C ALA L 337 56.13 -51.51 43.27
N ARG L 338 55.53 -52.66 43.47
CA ARG L 338 54.44 -53.13 42.70
C ARG L 338 53.15 -52.83 43.32
N ILE L 339 53.05 -52.08 44.35
CA ILE L 339 52.05 -51.12 44.60
C ILE L 339 50.94 -51.71 45.43
N ILE L 340 50.84 -51.44 46.76
CA ILE L 340 49.88 -51.99 47.69
C ILE L 340 48.49 -51.57 47.25
N SER L 341 47.65 -52.58 47.13
CA SER L 341 46.21 -52.48 46.89
C SER L 341 45.33 -52.34 48.11
N SER L 342 45.68 -53.03 49.26
CA SER L 342 44.90 -53.25 50.46
C SER L 342 45.85 -52.93 51.59
N ILE L 343 45.58 -51.89 52.33
CA ILE L 343 46.39 -51.52 53.46
C ILE L 343 46.41 -52.65 54.56
N LYS L 344 45.19 -53.15 54.77
CA LYS L 344 44.96 -54.25 55.68
C LYS L 344 45.78 -55.50 55.47
N ASP L 345 45.94 -55.97 54.22
CA ASP L 345 46.76 -57.06 53.86
C ASP L 345 48.22 -56.79 53.90
N ALA L 346 48.64 -55.48 54.15
CA ALA L 346 49.99 -54.99 54.30
C ALA L 346 51.07 -55.67 53.41
N THR L 347 50.92 -55.69 52.11
CA THR L 347 51.51 -56.72 51.31
C THR L 347 53.01 -56.56 51.13
N PRO L 348 53.86 -57.57 51.05
CA PRO L 348 55.09 -57.43 51.85
C PRO L 348 56.21 -57.32 50.91
N GLU L 349 55.96 -57.82 49.70
CA GLU L 349 56.98 -57.83 48.63
C GLU L 349 56.73 -56.80 47.59
N ASP L 350 55.83 -55.85 47.82
CA ASP L 350 55.44 -54.83 46.90
C ASP L 350 56.26 -53.55 47.11
N LEU L 351 57.41 -53.71 47.83
CA LEU L 351 58.21 -52.67 48.47
C LEU L 351 59.27 -52.45 47.41
N GLY L 352 59.58 -51.17 47.07
CA GLY L 352 60.69 -50.90 46.10
C GLY L 352 61.89 -50.40 46.77
N TYR L 353 63.00 -50.10 45.95
CA TYR L 353 64.30 -49.76 46.57
C TYR L 353 65.00 -48.59 45.90
N ALA L 354 65.47 -47.63 46.72
CA ALA L 354 66.18 -46.53 46.24
C ALA L 354 67.46 -46.31 47.07
N GLU L 355 68.62 -45.79 46.47
CA GLU L 355 69.77 -45.43 47.33
C GLU L 355 69.40 -44.36 48.32
N LEU L 356 68.63 -43.35 47.89
CA LEU L 356 68.31 -42.25 48.76
C LEU L 356 67.05 -41.61 48.36
N VAL L 357 66.37 -40.86 49.17
CA VAL L 357 65.12 -40.15 49.00
C VAL L 357 65.29 -38.85 49.84
N GLU L 358 65.20 -37.64 49.28
CA GLU L 358 65.04 -36.35 50.01
C GLU L 358 64.12 -35.43 49.37
N GLU L 359 63.65 -34.36 50.15
CA GLU L 359 63.06 -33.06 49.72
C GLU L 359 64.18 -32.03 49.63
N ARG L 360 64.21 -31.37 48.43
CA ARG L 360 65.27 -30.52 48.01
C ARG L 360 64.52 -29.26 47.56
N LYS L 361 65.01 -28.00 47.78
CA LYS L 361 64.35 -26.83 47.07
C LYS L 361 65.06 -26.65 45.77
N VAL L 362 64.33 -26.64 44.63
CA VAL L 362 64.96 -26.30 43.31
C VAL L 362 64.15 -25.09 42.75
N GLY L 363 64.77 -23.93 42.41
CA GLY L 363 63.98 -22.84 41.91
C GLY L 363 63.10 -22.31 43.00
N ASN L 364 63.41 -22.65 44.23
CA ASN L 364 62.69 -22.30 45.42
C ASN L 364 61.53 -23.24 45.75
N ASP L 365 61.03 -24.06 44.75
CA ASP L 365 59.94 -25.02 44.95
C ASP L 365 60.49 -26.23 45.63
N LYS L 366 59.71 -26.88 46.55
CA LYS L 366 60.13 -28.13 47.16
C LYS L 366 59.88 -29.25 46.14
N MET L 367 60.67 -30.30 46.24
CA MET L 367 60.66 -31.35 45.28
C MET L 367 61.23 -32.54 46.00
N VAL L 368 60.73 -33.75 45.84
CA VAL L 368 61.28 -34.92 46.55
C VAL L 368 61.96 -35.77 45.55
N PHE L 369 63.25 -36.07 45.67
CA PHE L 369 63.98 -36.77 44.58
C PHE L 369 64.39 -38.16 45.11
N ILE L 370 64.05 -39.21 44.32
CA ILE L 370 64.30 -40.63 44.67
C ILE L 370 65.31 -40.98 43.62
N GLU L 371 66.48 -41.45 44.00
CA GLU L 371 67.57 -41.72 43.05
C GLU L 371 68.52 -42.82 43.49
N GLY L 372 69.30 -43.39 42.57
CA GLY L 372 70.13 -44.62 42.79
C GLY L 372 69.48 -45.94 42.52
N ALA L 373 68.97 -46.19 41.27
CA ALA L 373 68.06 -47.34 40.94
C ALA L 373 68.59 -48.32 39.98
N LYS L 374 68.68 -49.60 40.40
CA LYS L 374 69.16 -50.69 39.62
C LYS L 374 68.27 -51.01 38.40
N ASN L 375 68.82 -50.63 37.16
CA ASN L 375 68.36 -50.99 35.85
C ASN L 375 66.94 -50.46 35.53
N PRO L 376 66.68 -49.17 35.79
CA PRO L 376 65.39 -48.60 35.53
C PRO L 376 65.20 -48.33 33.97
N LYS L 377 63.93 -48.52 33.43
CA LYS L 377 63.60 -48.12 32.05
C LYS L 377 62.96 -46.73 32.14
N ALA L 378 62.87 -46.11 33.30
CA ALA L 378 62.20 -44.93 33.73
C ALA L 378 63.15 -44.03 34.52
N VAL L 379 63.61 -42.92 33.95
CA VAL L 379 64.48 -41.91 34.54
C VAL L 379 63.84 -40.55 34.34
N ASN L 380 64.36 -39.57 35.11
CA ASN L 380 63.90 -38.20 35.22
C ASN L 380 65.07 -37.25 34.91
N ILE L 381 64.81 -36.20 34.07
CA ILE L 381 65.81 -35.24 33.64
C ILE L 381 65.33 -33.92 34.27
N LEU L 382 66.26 -33.24 34.89
CA LEU L 382 65.94 -31.94 35.52
C LEU L 382 66.47 -30.91 34.53
N LEU L 383 65.57 -30.02 34.06
CA LEU L 383 65.86 -29.08 33.02
C LEU L 383 65.81 -27.62 33.56
N ARG L 384 66.99 -27.01 33.81
CA ARG L 384 67.18 -25.75 34.44
C ARG L 384 67.38 -24.74 33.37
N GLY L 385 67.08 -23.50 33.66
CA GLY L 385 67.36 -22.39 32.76
C GLY L 385 67.05 -21.22 33.55
N SER L 386 66.99 -20.03 32.95
CA SER L 386 66.67 -18.73 33.52
C SER L 386 65.31 -18.40 34.12
N ASN L 387 64.30 -17.84 33.33
CA ASN L 387 62.91 -17.70 33.75
C ASN L 387 62.05 -18.78 33.12
N ASP L 388 61.34 -18.52 32.04
CA ASP L 388 60.41 -19.46 31.52
C ASP L 388 60.48 -19.69 30.03
N MET L 389 60.70 -18.70 29.19
CA MET L 389 60.57 -18.89 27.75
C MET L 389 61.77 -19.74 27.24
N ALA L 390 62.97 -19.70 27.88
CA ALA L 390 64.16 -20.37 27.40
C ALA L 390 64.12 -21.87 27.78
N LEU L 391 63.24 -22.21 28.77
CA LEU L 391 63.08 -23.46 29.51
C LEU L 391 62.01 -24.24 28.72
N ASP L 392 60.92 -23.56 28.38
CA ASP L 392 59.91 -24.12 27.55
C ASP L 392 60.44 -24.50 26.17
N GLU L 393 61.23 -23.62 25.62
CA GLU L 393 61.97 -23.81 24.41
C GLU L 393 62.97 -24.98 24.52
N ALA L 394 63.78 -25.14 25.64
CA ALA L 394 64.67 -26.23 25.95
C ALA L 394 63.90 -27.58 26.19
N GLU L 395 62.62 -27.61 26.70
CA GLU L 395 61.88 -28.82 26.86
C GLU L 395 61.54 -29.34 25.51
N ARG L 396 61.02 -28.44 24.62
CA ARG L 396 60.55 -28.65 23.23
C ARG L 396 61.62 -29.18 22.34
N SER L 397 62.83 -28.59 22.51
CA SER L 397 64.02 -29.06 21.90
C SER L 397 64.33 -30.48 22.32
N ILE L 398 64.18 -30.85 23.61
CA ILE L 398 64.53 -32.20 24.17
C ILE L 398 63.50 -33.19 23.61
N ASN L 399 62.18 -32.77 23.60
CA ASN L 399 61.11 -33.54 22.97
C ASN L 399 61.40 -33.89 21.48
N ASP L 400 61.52 -32.98 20.57
CA ASP L 400 61.79 -33.09 19.17
C ASP L 400 63.04 -33.96 18.93
N ALA L 401 64.10 -33.84 19.81
CA ALA L 401 65.31 -34.60 19.66
C ALA L 401 65.11 -36.02 20.00
N LEU L 402 64.24 -36.32 21.01
CA LEU L 402 63.91 -37.68 21.46
C LEU L 402 63.12 -38.40 20.40
N TYR L 403 62.24 -37.62 19.79
CA TYR L 403 61.35 -38.18 18.71
C TYR L 403 62.11 -38.51 17.48
N SER L 404 63.21 -37.69 17.23
CA SER L 404 64.13 -37.99 16.15
C SER L 404 64.95 -39.24 16.50
N LEU L 405 65.34 -39.37 17.82
CA LEU L 405 66.14 -40.47 18.35
C LEU L 405 65.39 -41.77 18.35
N ARG L 406 64.01 -41.72 18.60
CA ARG L 406 63.25 -42.91 18.52
C ARG L 406 63.19 -43.41 17.08
N ASN L 407 63.30 -42.53 16.04
CA ASN L 407 63.39 -43.03 14.63
C ASN L 407 64.71 -43.56 14.20
N ILE L 408 65.83 -42.95 14.68
CA ILE L 408 67.13 -43.60 14.34
C ILE L 408 67.39 -44.82 15.09
N LEU L 409 66.98 -44.94 16.36
CA LEU L 409 67.09 -46.12 17.14
C LEU L 409 66.27 -47.31 16.63
N MET L 410 65.03 -47.01 16.19
CA MET L 410 64.19 -48.12 15.78
C MET L 410 64.46 -48.54 14.32
N GLU L 411 65.36 -47.84 13.61
CA GLU L 411 65.97 -48.29 12.39
C GLU L 411 67.25 -47.48 12.07
N PRO L 412 68.43 -48.06 12.06
CA PRO L 412 69.77 -47.46 11.93
C PRO L 412 70.05 -47.02 10.48
N TYR L 413 69.08 -46.50 9.73
CA TYR L 413 69.14 -46.07 8.37
C TYR L 413 68.93 -44.64 8.45
N ILE L 414 69.71 -43.83 7.72
CA ILE L 414 69.45 -42.38 7.66
C ILE L 414 69.42 -42.02 6.25
N VAL L 415 68.83 -40.84 5.92
CA VAL L 415 68.62 -40.46 4.59
C VAL L 415 68.54 -38.93 4.65
N PRO L 416 68.92 -38.19 3.64
CA PRO L 416 68.76 -36.73 3.66
C PRO L 416 67.31 -36.47 3.21
N GLY L 417 66.78 -35.23 3.54
CA GLY L 417 65.39 -34.95 3.41
C GLY L 417 64.99 -33.75 2.51
N GLY L 418 64.24 -34.03 1.45
CA GLY L 418 63.95 -32.98 0.52
C GLY L 418 65.06 -32.48 -0.29
N GLY L 419 65.84 -33.30 -0.96
CA GLY L 419 66.89 -32.81 -1.89
C GLY L 419 67.40 -33.99 -2.66
N ALA L 420 67.91 -35.12 -2.17
CA ALA L 420 68.51 -36.10 -2.95
C ALA L 420 67.64 -37.23 -3.40
N ILE L 421 67.21 -38.00 -2.40
CA ILE L 421 66.28 -39.13 -2.49
C ILE L 421 65.09 -38.99 -3.40
N GLU L 422 64.40 -37.85 -3.30
CA GLU L 422 63.18 -37.39 -4.05
C GLU L 422 63.50 -37.18 -5.51
N LEU L 423 64.61 -36.43 -5.79
CA LEU L 423 65.03 -36.45 -7.17
C LEU L 423 65.49 -37.77 -7.77
N GLU L 424 66.17 -38.70 -6.98
CA GLU L 424 66.61 -39.99 -7.51
C GLU L 424 65.48 -40.99 -7.74
N LEU L 425 64.47 -40.80 -6.88
CA LEU L 425 63.24 -41.55 -7.04
C LEU L 425 62.51 -41.12 -8.32
N SER L 426 62.45 -39.78 -8.60
CA SER L 426 61.91 -39.37 -9.87
C SER L 426 62.59 -39.85 -11.20
N ALA L 427 63.91 -39.84 -11.15
CA ALA L 427 64.64 -40.34 -12.26
C ALA L 427 64.68 -41.88 -12.50
N ARG L 428 64.76 -42.67 -11.40
CA ARG L 428 64.55 -44.09 -11.50
C ARG L 428 63.14 -44.47 -11.90
N LEU L 429 62.17 -43.67 -11.52
CA LEU L 429 60.76 -43.93 -11.90
C LEU L 429 60.50 -43.55 -13.40
N ARG L 430 61.09 -42.50 -13.94
CA ARG L 430 61.05 -42.19 -15.39
C ARG L 430 62.21 -42.94 -16.01
N GLU L 431 62.11 -44.23 -15.90
CA GLU L 431 62.92 -45.30 -16.44
C GLU L 431 62.08 -46.56 -16.17
N TYR L 432 61.53 -46.70 -14.96
CA TYR L 432 60.60 -47.73 -14.55
C TYR L 432 59.32 -47.69 -15.47
N ALA L 433 58.58 -46.54 -15.41
CA ALA L 433 57.47 -46.28 -16.36
C ALA L 433 57.67 -46.52 -17.83
N ARG L 434 58.95 -46.51 -18.28
CA ARG L 434 59.29 -46.96 -19.64
C ARG L 434 59.20 -48.51 -19.76
N SER L 435 59.73 -49.36 -18.83
CA SER L 435 59.55 -50.86 -18.77
C SER L 435 58.11 -51.27 -18.39
N VAL L 436 57.34 -50.34 -17.76
CA VAL L 436 55.97 -50.49 -17.44
C VAL L 436 55.07 -50.10 -18.65
N GLY L 437 54.15 -51.00 -19.06
CA GLY L 437 53.24 -50.67 -20.16
C GLY L 437 51.83 -50.42 -19.64
N GLY L 438 50.92 -50.09 -20.51
CA GLY L 438 49.50 -49.83 -20.14
C GLY L 438 49.20 -48.46 -19.62
N LYS L 439 47.95 -48.06 -19.15
CA LYS L 439 47.59 -46.83 -18.47
C LYS L 439 48.02 -46.80 -17.03
N GLU L 440 48.79 -47.79 -16.61
CA GLU L 440 49.71 -47.80 -15.53
C GLU L 440 50.97 -47.02 -15.65
N GLN L 441 51.59 -46.71 -16.88
CA GLN L 441 52.81 -45.93 -17.07
C GLN L 441 52.54 -44.47 -16.81
N LEU L 442 51.34 -44.00 -17.10
CA LEU L 442 50.89 -42.64 -16.85
C LEU L 442 50.75 -42.33 -15.42
N ALA L 443 50.22 -43.30 -14.56
CA ALA L 443 50.27 -43.19 -13.15
C ALA L 443 51.66 -43.23 -12.52
N ILE L 444 52.58 -44.10 -12.96
CA ILE L 444 53.95 -44.06 -12.48
C ILE L 444 54.61 -42.70 -12.85
N GLU L 445 54.45 -42.23 -14.10
CA GLU L 445 55.13 -40.96 -14.42
C GLU L 445 54.49 -39.65 -13.70
N ALA L 446 53.31 -39.78 -13.25
CA ALA L 446 52.64 -38.73 -12.51
C ALA L 446 53.00 -38.77 -11.09
N TYR L 447 53.37 -39.98 -10.57
CA TYR L 447 53.86 -40.16 -9.23
C TYR L 447 55.24 -39.60 -9.07
N ALA L 448 56.05 -39.77 -10.12
CA ALA L 448 57.36 -39.13 -10.25
C ALA L 448 57.27 -37.59 -10.28
N ASP L 449 56.32 -37.03 -10.94
CA ASP L 449 56.11 -35.58 -11.05
C ASP L 449 55.75 -34.97 -9.69
N ALA L 450 54.99 -35.72 -8.90
CA ALA L 450 54.68 -35.31 -7.56
C ALA L 450 55.95 -35.21 -6.65
N LEU L 451 56.91 -36.12 -6.84
CA LEU L 451 58.20 -36.07 -6.18
C LEU L 451 59.07 -34.82 -6.49
N GLU L 452 59.00 -34.42 -7.71
CA GLU L 452 59.54 -33.14 -8.10
C GLU L 452 58.76 -31.93 -7.51
N GLU L 453 57.53 -32.06 -6.99
CA GLU L 453 56.78 -31.00 -6.28
C GLU L 453 57.22 -30.84 -4.81
N ILE L 454 58.04 -31.82 -4.34
CA ILE L 454 58.81 -31.71 -3.10
C ILE L 454 60.03 -30.82 -3.54
N PRO L 455 61.03 -30.31 -2.74
CA PRO L 455 62.25 -29.78 -3.31
C PRO L 455 62.26 -28.28 -3.71
N MET L 456 61.38 -27.92 -4.66
CA MET L 456 61.17 -26.60 -5.13
C MET L 456 60.21 -25.88 -4.27
N ILE L 457 59.35 -26.49 -3.41
CA ILE L 457 58.47 -25.83 -2.51
C ILE L 457 59.32 -25.44 -1.28
N LEU L 458 60.40 -26.20 -0.91
CA LEU L 458 61.35 -25.89 0.17
C LEU L 458 62.06 -24.62 -0.08
N ALA L 459 62.47 -24.47 -1.36
CA ALA L 459 63.15 -23.29 -1.77
C ALA L 459 62.14 -22.08 -1.78
N GLU L 460 60.84 -22.33 -2.02
CA GLU L 460 59.83 -21.29 -1.92
C GLU L 460 59.35 -20.85 -0.56
N THR L 461 59.24 -21.74 0.46
CA THR L 461 59.03 -21.35 1.88
C THR L 461 60.21 -20.47 2.40
N ALA L 462 61.39 -20.75 2.04
CA ALA L 462 62.58 -20.01 2.31
C ALA L 462 62.78 -18.78 1.42
N GLY L 463 61.91 -18.59 0.44
CA GLY L 463 61.91 -17.30 -0.35
C GLY L 463 62.80 -17.22 -1.51
N LEU L 464 63.13 -18.38 -2.09
CA LEU L 464 63.92 -18.56 -3.23
C LEU L 464 63.04 -18.77 -4.45
N GLU L 465 63.67 -18.55 -5.73
CA GLU L 465 62.89 -18.90 -6.92
C GLU L 465 62.72 -20.39 -7.05
N PRO L 466 61.56 -20.95 -7.15
CA PRO L 466 61.40 -22.38 -7.21
C PRO L 466 61.73 -23.04 -8.60
N ILE L 467 61.24 -22.51 -9.73
CA ILE L 467 61.45 -23.21 -11.01
C ILE L 467 62.92 -23.21 -11.39
N SER L 468 63.67 -22.15 -11.10
CA SER L 468 65.13 -22.16 -11.34
C SER L 468 65.84 -23.04 -10.31
N ALA L 469 65.33 -23.17 -9.02
CA ALA L 469 66.01 -24.07 -8.11
C ALA L 469 65.79 -25.51 -8.56
N LEU L 470 64.55 -25.85 -9.12
CA LEU L 470 64.24 -27.16 -9.55
C LEU L 470 65.04 -27.56 -10.71
N MET L 471 65.21 -26.70 -11.66
CA MET L 471 65.93 -27.00 -12.89
C MET L 471 67.37 -27.16 -12.65
N ASP L 472 67.84 -26.39 -11.68
CA ASP L 472 69.24 -26.42 -11.35
C ASP L 472 69.57 -27.69 -10.51
N LEU L 473 68.54 -28.24 -9.76
CA LEU L 473 68.75 -29.46 -8.93
C LEU L 473 68.76 -30.67 -9.86
N ARG L 474 67.82 -30.58 -10.85
CA ARG L 474 67.78 -31.63 -11.91
C ARG L 474 69.12 -31.63 -12.67
N ALA L 475 69.73 -30.52 -13.08
CA ALA L 475 70.80 -30.42 -14.03
C ALA L 475 72.17 -30.86 -13.35
N ARG L 476 72.39 -30.51 -12.03
CA ARG L 476 73.49 -30.90 -11.17
C ARG L 476 73.37 -32.27 -10.75
N HIS L 477 72.18 -32.89 -10.68
CA HIS L 477 71.94 -34.27 -10.30
C HIS L 477 72.19 -35.21 -11.40
N ALA L 478 72.40 -34.60 -12.60
CA ALA L 478 72.33 -35.40 -13.85
C ALA L 478 73.71 -35.41 -14.49
N LYS L 479 74.35 -34.26 -14.63
CA LYS L 479 75.72 -34.03 -15.10
C LYS L 479 76.73 -34.11 -13.97
N GLY L 480 76.39 -33.67 -12.72
CA GLY L 480 77.11 -34.04 -11.52
C GLY L 480 76.35 -35.25 -10.87
N LEU L 481 76.16 -35.19 -9.53
CA LEU L 481 75.79 -36.30 -8.70
C LEU L 481 74.52 -36.12 -7.89
N THR L 482 73.95 -37.22 -7.38
CA THR L 482 72.53 -37.22 -6.96
C THR L 482 72.25 -36.91 -5.54
N ASN L 483 73.35 -36.45 -4.92
CA ASN L 483 73.46 -36.16 -3.46
C ASN L 483 73.22 -34.73 -3.15
N CYS L 484 72.91 -33.94 -4.19
CA CYS L 484 72.74 -32.49 -4.00
C CYS L 484 71.43 -32.10 -3.32
N GLY L 485 71.41 -30.98 -2.58
CA GLY L 485 70.25 -30.47 -1.87
C GLY L 485 70.38 -28.97 -1.75
N VAL L 486 69.49 -28.34 -0.95
CA VAL L 486 69.65 -26.94 -0.61
C VAL L 486 69.92 -26.62 0.92
N ASP L 487 70.77 -25.59 1.23
CA ASP L 487 71.05 -25.17 2.64
C ASP L 487 70.07 -24.04 2.93
N VAL L 488 69.04 -24.29 3.74
CA VAL L 488 68.09 -23.29 4.20
C VAL L 488 68.72 -22.22 5.07
N ILE L 489 69.75 -22.55 5.97
CA ILE L 489 70.40 -21.51 6.81
C ILE L 489 71.25 -20.56 5.96
N ASN L 490 71.98 -21.02 4.96
CA ASN L 490 72.74 -20.10 4.07
C ASN L 490 71.94 -19.76 2.81
N GLY L 491 70.70 -20.40 2.74
CA GLY L 491 69.78 -20.11 1.65
C GLY L 491 70.35 -20.19 0.21
N LYS L 492 70.88 -21.33 -0.15
CA LYS L 492 71.36 -21.57 -1.47
C LYS L 492 71.53 -22.99 -1.73
N ILE L 493 71.30 -23.49 -3.02
CA ILE L 493 71.81 -24.79 -3.52
C ILE L 493 73.19 -25.24 -3.07
N ILE L 494 73.40 -26.49 -2.66
CA ILE L 494 74.63 -26.89 -1.97
C ILE L 494 74.93 -28.40 -2.29
N ASP L 495 76.17 -28.61 -2.85
CA ASP L 495 76.59 -30.01 -3.06
C ASP L 495 76.69 -30.98 -1.85
N ASP L 496 76.73 -32.25 -2.19
CA ASP L 496 76.51 -33.44 -1.35
C ASP L 496 75.98 -33.23 0.08
N ILE L 497 74.64 -33.24 0.23
CA ILE L 497 74.00 -32.75 1.40
C ILE L 497 74.21 -33.50 2.69
N TYR L 498 74.54 -34.77 2.73
CA TYR L 498 75.09 -35.54 3.88
C TYR L 498 76.50 -35.02 4.26
N SER L 499 77.27 -34.56 3.30
CA SER L 499 78.57 -33.88 3.62
C SER L 499 78.49 -32.43 4.25
N ILE L 500 77.23 -31.91 4.22
CA ILE L 500 76.81 -30.61 4.78
C ILE L 500 76.18 -30.85 6.18
N ASN L 501 76.04 -32.14 6.44
CA ASN L 501 75.65 -32.85 7.65
C ASN L 501 74.16 -32.87 7.84
N VAL L 502 73.28 -32.59 6.80
CA VAL L 502 71.84 -32.44 6.93
C VAL L 502 71.22 -33.79 6.64
N VAL L 503 70.86 -34.58 7.66
CA VAL L 503 70.13 -35.86 7.46
C VAL L 503 68.97 -36.12 8.42
N GLU L 504 68.08 -37.10 7.99
CA GLU L 504 66.85 -37.46 8.69
C GLU L 504 66.95 -38.92 9.03
N PRO L 505 66.41 -39.42 10.11
CA PRO L 505 66.01 -40.86 10.17
C PRO L 505 65.05 -41.35 9.00
N ILE L 506 65.33 -42.45 8.28
CA ILE L 506 64.47 -43.14 7.29
C ILE L 506 63.04 -43.36 7.65
N ARG L 507 62.68 -43.57 8.94
CA ARG L 507 61.34 -43.70 9.39
C ARG L 507 60.49 -42.49 9.29
N VAL L 508 61.07 -41.32 9.21
CA VAL L 508 60.25 -40.16 8.87
C VAL L 508 59.94 -40.08 7.40
N THR L 509 60.80 -40.66 6.51
CA THR L 509 60.52 -40.68 5.10
C THR L 509 59.43 -41.69 4.83
N ARG L 510 59.72 -42.99 5.22
CA ARG L 510 58.77 -44.04 5.06
C ARG L 510 57.30 -43.80 5.51
N GLN L 511 57.20 -43.28 6.71
CA GLN L 511 55.90 -43.02 7.32
C GLN L 511 55.16 -41.89 6.66
N VAL L 512 55.76 -40.83 6.12
CA VAL L 512 55.04 -39.72 5.52
C VAL L 512 54.70 -39.99 4.07
N LEU L 513 55.43 -40.87 3.41
CA LEU L 513 55.12 -41.36 2.01
C LEU L 513 53.99 -42.41 2.14
N LYS L 514 53.98 -43.21 3.23
CA LYS L 514 52.88 -44.14 3.48
C LYS L 514 51.56 -43.37 3.73
N SER L 515 51.57 -42.30 4.55
CA SER L 515 50.29 -41.72 5.07
C SER L 515 49.88 -40.73 3.99
N ALA L 516 50.77 -40.37 3.07
CA ALA L 516 50.33 -39.67 1.90
C ALA L 516 49.78 -40.65 0.88
N THR L 517 50.36 -41.79 0.59
CA THR L 517 49.71 -42.77 -0.35
C THR L 517 48.51 -43.47 0.16
N GLU L 518 48.28 -43.51 1.49
CA GLU L 518 47.07 -44.15 2.05
C GLU L 518 45.87 -43.17 1.99
N ALA L 519 46.11 -41.91 2.43
CA ALA L 519 45.03 -40.89 2.47
C ALA L 519 44.64 -40.57 1.07
N ALA L 520 45.55 -40.36 0.09
CA ALA L 520 45.10 -39.91 -1.29
C ALA L 520 44.38 -40.99 -1.95
N THR L 521 44.74 -42.32 -1.62
CA THR L 521 44.11 -43.51 -2.16
C THR L 521 42.72 -43.46 -1.60
N SER L 522 42.51 -43.08 -0.32
CA SER L 522 41.15 -43.02 0.21
C SER L 522 40.31 -41.96 -0.31
N ILE L 523 40.70 -40.73 -0.64
CA ILE L 523 39.75 -39.77 -1.27
C ILE L 523 39.36 -40.17 -2.67
N MET L 524 40.20 -40.97 -3.41
CA MET L 524 39.81 -41.51 -4.71
C MET L 524 38.75 -42.71 -4.50
N LYS L 525 38.78 -43.43 -3.37
CA LYS L 525 38.10 -44.67 -3.17
C LYS L 525 36.63 -44.49 -2.71
N ILE L 526 36.27 -43.14 -2.58
CA ILE L 526 35.10 -42.71 -1.78
C ILE L 526 34.20 -42.03 -2.81
N ASP L 527 32.87 -42.32 -2.85
CA ASP L 527 31.96 -41.66 -3.81
C ASP L 527 30.71 -41.17 -3.09
N ASP L 528 29.71 -42.00 -2.63
CA ASP L 528 28.39 -41.45 -2.24
C ASP L 528 28.36 -40.73 -0.99
N LEU L 529 27.21 -40.01 -0.72
CA LEU L 529 27.09 -39.26 0.53
C LEU L 529 25.62 -39.10 0.91
N ILE L 530 25.28 -39.79 2.05
CA ILE L 530 23.83 -39.73 2.53
C ILE L 530 23.90 -39.26 3.95
N ALA L 531 23.23 -38.10 4.29
CA ALA L 531 23.44 -37.38 5.51
C ALA L 531 22.17 -37.22 6.32
N ALA L 532 22.17 -37.44 7.61
CA ALA L 532 20.91 -37.46 8.37
C ALA L 532 20.47 -36.08 8.86
N THR M 14 32.30 -18.54 8.16
CA THR M 14 33.21 -17.72 8.89
C THR M 14 34.09 -16.91 7.91
N SER M 15 34.86 -15.94 8.44
CA SER M 15 35.60 -14.94 7.72
C SER M 15 36.93 -15.42 7.27
N ARG M 16 37.22 -15.41 5.94
CA ARG M 16 38.46 -15.91 5.36
C ARG M 16 39.37 -14.76 4.94
N ASN M 17 40.65 -15.05 4.64
CA ASN M 17 41.73 -14.15 4.28
C ASN M 17 42.60 -15.04 3.38
N SER M 18 43.11 -14.47 2.27
CA SER M 18 44.07 -14.93 1.32
C SER M 18 44.72 -13.77 0.69
N GLY M 19 46.00 -13.94 0.22
CA GLY M 19 46.63 -12.97 -0.63
C GLY M 19 47.40 -11.88 -0.02
N ARG M 20 47.96 -12.11 1.14
CA ARG M 20 48.55 -11.12 2.04
C ARG M 20 47.54 -10.13 2.60
N ASP M 21 46.28 -10.53 2.74
CA ASP M 21 45.18 -9.72 3.24
C ASP M 21 45.38 -9.34 4.75
N ALA M 22 45.58 -10.38 5.64
CA ALA M 22 46.07 -10.17 6.98
C ALA M 22 47.36 -9.36 7.19
N LEU M 23 48.42 -9.48 6.34
CA LEU M 23 49.71 -8.79 6.52
C LEU M 23 49.56 -7.26 6.30
N LYS M 24 48.75 -6.92 5.32
CA LYS M 24 48.43 -5.44 5.15
C LYS M 24 47.61 -4.85 6.28
N ASN M 25 46.79 -5.71 6.85
CA ASN M 25 45.77 -5.26 7.81
C ASN M 25 46.43 -5.27 9.20
N ASN M 26 47.44 -6.12 9.58
CA ASN M 26 47.99 -6.18 10.94
C ASN M 26 49.07 -5.14 11.01
N ILE M 27 49.63 -4.66 9.80
CA ILE M 27 50.51 -3.46 9.72
C ILE M 27 49.71 -2.22 9.95
N LEU M 28 48.48 -2.14 9.44
CA LEU M 28 47.55 -1.09 9.59
C LEU M 28 47.13 -0.86 11.02
N ALA M 29 46.90 -1.94 11.88
CA ALA M 29 46.56 -1.84 13.29
C ALA M 29 47.74 -1.13 14.07
N ALA M 30 48.93 -1.62 13.79
CA ALA M 30 50.18 -1.17 14.35
C ALA M 30 50.61 0.23 13.96
N ARG M 31 50.23 0.73 12.76
CA ARG M 31 50.47 2.08 12.23
C ARG M 31 49.50 3.08 12.80
N THR M 32 48.26 2.67 13.07
CA THR M 32 47.21 3.52 13.67
C THR M 32 47.42 3.69 15.16
N LEU M 33 47.81 2.57 15.80
CA LEU M 33 48.28 2.53 17.17
C LEU M 33 49.52 3.44 17.43
N ALA M 34 50.53 3.37 16.48
CA ALA M 34 51.76 4.11 16.52
C ALA M 34 51.61 5.67 16.30
N GLU M 35 50.80 6.00 15.23
CA GLU M 35 50.56 7.34 14.75
C GLU M 35 49.61 8.04 15.72
N MET M 36 48.94 7.24 16.66
CA MET M 36 48.20 7.66 17.79
C MET M 36 49.06 7.85 19.07
N LEU M 37 50.01 6.89 19.35
CA LEU M 37 50.99 7.09 20.37
C LEU M 37 52.10 7.97 20.20
N ARG M 38 52.59 8.38 19.02
CA ARG M 38 53.70 9.20 18.87
C ARG M 38 53.43 10.59 19.27
N SER M 39 52.20 11.09 19.30
CA SER M 39 51.96 12.50 19.83
C SER M 39 52.26 12.70 21.30
N SER M 40 52.29 11.60 22.07
CA SER M 40 52.69 11.52 23.53
C SER M 40 54.10 11.11 23.87
N LEU M 41 54.80 10.71 22.82
CA LEU M 41 56.19 10.20 22.92
C LEU M 41 57.25 11.11 23.43
N GLY M 42 57.21 12.34 23.05
CA GLY M 42 58.14 13.31 23.53
C GLY M 42 58.02 13.74 25.01
N PRO M 43 59.03 14.39 25.50
CA PRO M 43 59.09 14.63 26.93
C PRO M 43 58.45 15.88 27.28
N LYS M 44 58.11 16.70 26.30
CA LYS M 44 57.07 17.75 26.44
C LYS M 44 55.75 17.36 25.77
N GLY M 45 55.57 16.13 25.45
CA GLY M 45 54.52 15.75 24.53
C GLY M 45 53.10 15.79 25.08
N LEU M 46 52.13 15.38 24.29
CA LEU M 46 50.70 15.46 24.61
C LEU M 46 50.17 14.44 25.51
N ASP M 47 49.02 14.74 26.21
CA ASP M 47 48.36 13.88 27.12
C ASP M 47 47.13 13.33 26.41
N LYS M 48 46.75 12.04 26.73
CA LYS M 48 45.55 11.39 26.21
C LYS M 48 44.52 11.46 27.27
N MET M 49 43.24 11.30 26.94
CA MET M 49 42.16 11.28 27.93
C MET M 49 41.47 9.95 27.63
N LEU M 50 41.26 9.13 28.68
CA LEU M 50 40.74 7.82 28.51
C LEU M 50 39.76 7.71 29.63
N ILE M 51 38.53 7.60 29.26
CA ILE M 51 37.41 7.50 30.20
C ILE M 51 36.84 6.06 30.32
N ASP M 52 36.64 5.63 31.57
CA ASP M 52 36.15 4.29 31.80
C ASP M 52 34.65 4.11 31.58
N SER M 53 34.08 2.91 31.80
CA SER M 53 32.64 2.74 31.72
C SER M 53 31.93 3.20 32.96
N PHE M 54 32.68 3.09 34.10
CA PHE M 54 32.28 3.63 35.37
C PHE M 54 32.77 5.11 35.46
N GLY M 55 33.11 5.76 34.27
CA GLY M 55 33.22 7.12 34.19
C GLY M 55 34.59 7.75 34.67
N ASP M 56 35.51 6.94 35.13
CA ASP M 56 36.77 7.36 35.68
C ASP M 56 37.64 7.77 34.53
N VAL M 57 38.04 9.04 34.59
CA VAL M 57 38.93 9.66 33.55
C VAL M 57 40.32 9.52 33.99
N THR M 58 41.19 9.23 32.97
CA THR M 58 42.57 8.95 33.24
C THR M 58 43.31 9.69 32.20
N ILE M 59 44.15 10.59 32.53
CA ILE M 59 44.92 11.46 31.63
C ILE M 59 46.33 11.09 31.70
N THR M 60 47.03 10.54 30.76
CA THR M 60 48.45 10.30 30.95
C THR M 60 49.18 10.50 29.60
N ASN M 61 50.53 10.55 29.71
CA ASN M 61 51.61 10.63 28.70
C ASN M 61 52.22 9.25 28.62
N ASP M 62 52.15 8.51 29.79
CA ASP M 62 52.58 7.11 29.87
C ASP M 62 51.67 6.31 28.98
N GLY M 63 52.39 5.53 28.15
CA GLY M 63 51.86 4.74 27.04
C GLY M 63 51.46 3.36 27.38
N ALA M 64 52.01 2.77 28.45
CA ALA M 64 51.63 1.43 28.92
C ALA M 64 50.32 1.52 29.70
N THR M 65 50.06 2.73 30.23
CA THR M 65 48.71 3.17 30.73
C THR M 65 47.77 3.52 29.57
N ILE M 66 48.19 4.19 28.45
CA ILE M 66 47.22 4.55 27.40
C ILE M 66 46.66 3.31 26.76
N VAL M 67 47.50 2.26 26.53
CA VAL M 67 46.98 1.01 26.06
C VAL M 67 46.09 0.22 27.01
N LYS M 68 46.45 0.15 28.30
CA LYS M 68 45.73 -0.41 29.38
C LYS M 68 44.35 0.23 29.58
N GLU M 69 44.22 1.53 29.58
CA GLU M 69 42.89 2.15 29.74
C GLU M 69 41.88 2.11 28.58
N MET M 70 42.19 1.37 27.55
CA MET M 70 41.56 1.31 26.28
C MET M 70 41.19 -0.16 25.92
N GLU M 71 39.92 -0.45 25.39
CA GLU M 71 39.68 -1.78 24.87
C GLU M 71 40.28 -1.81 23.43
N ILE M 72 41.17 -2.79 23.16
CA ILE M 72 41.83 -2.96 21.84
C ILE M 72 41.04 -4.02 21.03
N GLN M 73 40.64 -3.62 19.85
CA GLN M 73 39.58 -4.25 19.06
C GLN M 73 40.03 -4.83 17.73
N HIS M 74 41.31 -4.58 17.38
CA HIS M 74 42.01 -5.28 16.29
C HIS M 74 43.04 -6.21 16.87
N PRO M 75 43.06 -7.54 16.65
CA PRO M 75 43.95 -8.43 17.36
C PRO M 75 45.46 -8.15 17.36
N ALA M 76 46.09 -7.56 16.33
CA ALA M 76 47.49 -7.45 16.35
C ALA M 76 47.97 -6.33 17.27
N ALA M 77 47.13 -5.35 17.63
CA ALA M 77 47.43 -4.31 18.54
C ALA M 77 47.33 -4.81 20.00
N LYS M 78 46.50 -5.84 20.24
CA LYS M 78 46.53 -6.59 21.55
C LYS M 78 47.84 -7.29 21.78
N LEU M 79 48.45 -7.85 20.71
CA LEU M 79 49.76 -8.37 20.82
C LEU M 79 50.85 -7.36 21.17
N LEU M 80 50.83 -6.18 20.55
CA LEU M 80 51.65 -4.97 20.80
C LEU M 80 51.40 -4.43 22.26
N VAL M 81 50.21 -4.63 22.90
CA VAL M 81 49.95 -4.35 24.32
C VAL M 81 50.76 -5.17 25.28
N GLU M 82 50.99 -6.46 24.98
CA GLU M 82 51.83 -7.25 25.77
C GLU M 82 53.27 -6.72 25.72
N ALA M 83 53.70 -6.05 24.63
CA ALA M 83 55.05 -5.63 24.52
C ALA M 83 55.22 -4.41 25.41
N ALA M 84 54.21 -3.54 25.52
CA ALA M 84 54.16 -2.35 26.42
C ALA M 84 54.19 -2.83 27.89
N LYS M 85 53.25 -3.69 28.33
CA LYS M 85 53.19 -4.38 29.59
C LYS M 85 54.49 -4.92 30.19
N ALA M 86 55.19 -5.79 29.46
CA ALA M 86 56.48 -6.27 29.79
C ALA M 86 57.53 -5.22 29.85
N GLN M 87 57.45 -4.16 28.96
CA GLN M 87 58.49 -3.19 28.91
C GLN M 87 58.38 -2.22 30.09
N ASP M 88 57.15 -2.00 30.59
CA ASP M 88 56.67 -1.12 31.65
C ASP M 88 57.14 -1.57 33.03
N SER M 89 57.48 -2.88 33.16
CA SER M 89 58.09 -3.36 34.33
C SER M 89 59.59 -2.94 34.39
N GLU M 90 60.32 -2.75 33.21
CA GLU M 90 61.71 -2.21 33.22
C GLU M 90 61.73 -0.68 33.35
N VAL M 91 61.03 0.10 32.48
CA VAL M 91 61.07 1.58 32.40
C VAL M 91 59.68 2.15 32.05
N GLY M 92 59.53 3.53 32.11
CA GLY M 92 58.24 4.14 31.74
C GLY M 92 58.41 5.24 30.81
N ASP M 93 59.62 5.63 30.31
CA ASP M 93 59.65 6.53 29.20
C ASP M 93 59.85 5.84 27.81
N GLY M 94 60.75 4.85 27.86
CA GLY M 94 61.16 3.97 26.88
C GLY M 94 60.05 3.09 26.51
N THR M 95 59.26 2.73 27.51
CA THR M 95 58.03 1.95 27.21
C THR M 95 56.99 2.73 26.34
N THR M 96 56.96 4.04 26.48
CA THR M 96 56.09 4.86 25.54
C THR M 96 56.73 4.75 24.13
N SER M 97 58.05 4.98 24.01
CA SER M 97 58.78 4.82 22.81
C SER M 97 58.76 3.38 22.18
N ALA M 98 58.85 2.28 23.01
CA ALA M 98 58.92 0.96 22.52
C ALA M 98 57.81 0.54 21.63
N VAL M 99 56.54 0.92 21.86
CA VAL M 99 55.44 0.60 20.94
C VAL M 99 55.62 1.21 19.56
N VAL M 100 55.98 2.52 19.56
CA VAL M 100 56.14 3.32 18.28
C VAL M 100 57.22 2.74 17.40
N LEU M 101 58.28 2.33 18.07
CA LEU M 101 59.48 1.79 17.48
C LEU M 101 59.24 0.51 16.62
N ALA M 102 58.26 -0.36 17.05
CA ALA M 102 57.68 -1.54 16.39
C ALA M 102 56.99 -1.11 15.13
N GLY M 103 56.22 0.02 15.21
CA GLY M 103 55.64 0.65 13.94
C GLY M 103 56.64 1.21 12.93
N LEU M 104 57.72 1.92 13.43
CA LEU M 104 58.69 2.59 12.63
C LEU M 104 59.64 1.59 12.00
N PHE M 105 59.83 0.35 12.51
CA PHE M 105 60.51 -0.70 11.83
C PHE M 105 59.62 -1.35 10.81
N LEU M 106 58.35 -1.59 11.28
CA LEU M 106 57.35 -2.28 10.43
C LEU M 106 57.03 -1.55 9.20
N GLU M 107 57.02 -0.24 9.29
CA GLU M 107 56.69 0.53 8.12
C GLU M 107 57.82 0.65 7.18
N LYS M 108 59.04 0.29 7.54
CA LYS M 108 60.12 0.10 6.59
C LYS M 108 60.00 -1.29 5.86
N ALA M 109 59.61 -2.32 6.64
CA ALA M 109 59.33 -3.67 6.17
C ALA M 109 58.19 -3.61 5.11
N GLU M 110 57.14 -2.86 5.30
CA GLU M 110 56.00 -2.76 4.47
C GLU M 110 56.33 -2.16 3.09
N SER M 111 57.32 -1.18 3.10
CA SER M 111 57.95 -0.67 1.90
C SER M 111 58.71 -1.72 1.09
N LEU M 112 59.51 -2.50 1.82
CA LEU M 112 60.28 -3.65 1.33
C LEU M 112 59.43 -4.75 0.76
N VAL M 113 58.28 -5.11 1.37
CA VAL M 113 57.29 -5.98 0.88
C VAL M 113 56.70 -5.50 -0.45
N ASP M 114 56.38 -4.20 -0.67
CA ASP M 114 55.86 -3.49 -1.83
C ASP M 114 56.85 -3.49 -3.06
N GLN M 115 58.13 -3.38 -2.69
CA GLN M 115 59.25 -3.55 -3.59
C GLN M 115 59.52 -5.06 -3.99
N ASN M 116 58.65 -6.00 -3.58
CA ASN M 116 58.71 -7.43 -3.75
C ASN M 116 59.91 -8.13 -3.22
N ILE M 117 60.44 -7.78 -2.07
CA ILE M 117 61.80 -8.24 -1.64
C ILE M 117 61.72 -9.59 -1.08
N HIS M 118 60.57 -9.91 -0.50
CA HIS M 118 60.16 -11.19 0.02
C HIS M 118 60.48 -11.26 1.54
N PRO M 119 59.56 -11.49 2.54
CA PRO M 119 59.90 -11.30 3.95
C PRO M 119 61.02 -12.15 4.55
N THR M 120 61.25 -13.44 4.06
CA THR M 120 62.34 -14.29 4.56
C THR M 120 63.70 -13.55 4.42
N ILE M 121 63.82 -12.89 3.25
CA ILE M 121 64.98 -12.06 2.83
C ILE M 121 65.12 -10.80 3.58
N ILE M 122 64.03 -10.04 3.87
CA ILE M 122 63.98 -8.93 4.79
C ILE M 122 64.40 -9.35 6.19
N ILE M 123 63.77 -10.44 6.67
CA ILE M 123 64.07 -10.95 8.00
C ILE M 123 65.57 -11.14 8.31
N GLU M 124 66.28 -11.85 7.43
CA GLU M 124 67.72 -12.15 7.52
C GLU M 124 68.55 -10.88 7.32
N GLY M 125 67.96 -9.89 6.58
CA GLY M 125 68.68 -8.61 6.43
C GLY M 125 68.47 -7.70 7.60
N PHE M 126 67.31 -7.75 8.34
CA PHE M 126 67.07 -7.05 9.58
C PHE M 126 67.86 -7.69 10.77
N LYS M 127 68.07 -9.06 10.70
CA LYS M 127 68.88 -9.73 11.66
C LYS M 127 70.42 -9.34 11.66
N LYS M 128 70.99 -9.18 10.48
CA LYS M 128 72.28 -8.71 10.23
C LYS M 128 72.50 -7.25 10.61
N ALA M 129 71.47 -6.36 10.37
CA ALA M 129 71.53 -5.04 10.80
C ALA M 129 71.55 -4.94 12.32
N PHE M 130 70.65 -5.69 13.03
CA PHE M 130 70.55 -5.69 14.44
C PHE M 130 71.82 -6.31 15.11
N ASN M 131 72.32 -7.38 14.56
CA ASN M 131 73.53 -7.98 15.09
C ASN M 131 74.81 -7.12 15.09
N LYS M 132 74.97 -6.32 13.99
CA LYS M 132 75.99 -5.33 13.73
C LYS M 132 75.87 -4.14 14.70
N SER M 133 74.63 -3.71 14.89
CA SER M 133 74.29 -2.63 15.76
C SER M 133 74.60 -2.96 17.16
N LEU M 134 74.34 -4.19 17.66
CA LEU M 134 74.68 -4.66 18.95
C LEU M 134 76.14 -4.92 19.31
N GLU M 135 77.00 -5.18 18.35
CA GLU M 135 78.46 -5.11 18.52
C GLU M 135 79.00 -3.73 18.29
N LEU M 136 78.20 -2.76 17.83
CA LEU M 136 78.56 -1.38 17.66
C LEU M 136 78.17 -0.51 18.89
N LEU M 137 77.10 -0.95 19.61
CA LEU M 137 76.67 -0.45 20.89
C LEU M 137 77.52 -0.72 22.15
N PRO M 138 78.64 -1.42 22.25
CA PRO M 138 79.48 -1.42 23.45
C PRO M 138 80.73 -0.52 23.07
N GLN M 139 81.05 -0.38 21.79
CA GLN M 139 82.20 0.53 21.47
C GLN M 139 81.69 1.93 21.45
N LEU M 140 80.53 2.30 20.81
CA LEU M 140 79.95 3.64 20.84
C LEU M 140 79.49 4.02 22.30
N ALA M 141 79.28 3.09 23.29
CA ALA M 141 78.81 3.35 24.64
C ALA M 141 79.91 3.77 25.61
N THR M 142 79.52 4.28 26.86
CA THR M 142 80.56 4.86 27.76
C THR M 142 80.53 4.07 29.03
N LYS M 143 81.63 3.66 29.63
CA LYS M 143 81.55 2.79 30.78
C LYS M 143 82.02 3.38 32.05
N VAL M 144 81.20 3.31 33.14
CA VAL M 144 81.49 3.98 34.34
C VAL M 144 81.88 2.98 35.52
N ASP M 145 81.79 1.67 35.25
CA ASP M 145 81.94 0.50 36.13
C ASP M 145 81.13 0.58 37.38
N VAL M 146 81.67 -0.10 38.46
CA VAL M 146 81.08 -0.01 39.79
C VAL M 146 80.80 1.37 40.32
N SER M 147 81.76 2.35 40.13
CA SER M 147 81.90 3.63 40.76
C SER M 147 83.23 4.28 40.42
N ASP M 148 83.21 5.54 40.55
CA ASP M 148 84.38 6.35 40.79
C ASP M 148 84.90 6.18 42.19
N LEU M 149 84.05 6.00 43.16
CA LEU M 149 84.56 5.87 44.49
C LEU M 149 83.56 5.12 45.39
N ASN M 150 83.98 4.30 46.39
CA ASN M 150 83.12 3.36 47.18
C ASN M 150 81.87 2.74 46.43
N SER M 151 80.62 2.89 46.94
CA SER M 151 79.46 2.55 46.16
C SER M 151 79.05 3.65 45.19
N ALA M 152 78.95 4.93 45.61
CA ALA M 152 78.23 5.94 44.97
C ALA M 152 78.78 7.29 45.30
N THR M 153 79.94 7.36 46.00
CA THR M 153 80.41 8.60 46.60
C THR M 153 80.58 9.73 45.72
N ALA M 154 81.00 9.48 44.50
CA ALA M 154 81.52 10.47 43.61
C ALA M 154 80.39 10.84 42.60
N ARG M 155 79.17 10.63 42.95
CA ARG M 155 78.05 10.18 42.07
C ARG M 155 78.06 10.22 40.56
N ASP M 156 78.32 11.42 39.94
CA ASP M 156 78.57 11.65 38.54
C ASP M 156 77.60 10.90 37.70
N ALA M 157 77.90 9.64 37.23
CA ALA M 157 77.05 8.85 36.36
C ALA M 157 75.64 8.65 36.94
N LEU M 158 75.55 8.21 38.22
CA LEU M 158 74.22 8.02 38.91
C LEU M 158 73.36 9.27 39.05
N LYS M 159 74.06 10.42 39.37
CA LYS M 159 73.43 11.74 39.49
C LYS M 159 72.82 12.07 38.16
N LYS M 160 73.57 11.83 37.08
CA LYS M 160 73.06 12.17 35.75
C LYS M 160 71.86 11.38 35.26
N ILE M 161 71.78 10.04 35.57
CA ILE M 161 70.61 9.25 35.00
C ILE M 161 69.40 9.54 35.85
N VAL M 162 69.60 9.71 37.20
CA VAL M 162 68.45 10.05 38.09
C VAL M 162 67.94 11.46 37.80
N TYR M 163 68.83 12.44 37.57
CA TYR M 163 68.37 13.78 37.19
C TYR M 163 67.68 13.76 35.78
N THR M 164 68.22 13.03 34.78
CA THR M 164 67.65 12.87 33.40
C THR M 164 66.25 12.25 33.39
N THR M 165 66.06 11.25 34.24
CA THR M 165 64.74 10.54 34.37
C THR M 165 63.72 11.51 34.92
N MET M 166 64.09 12.36 35.95
CA MET M 166 63.26 13.42 36.54
C MET M 166 62.93 14.53 35.49
N SER M 167 63.94 15.01 34.70
CA SER M 167 63.72 15.94 33.67
C SER M 167 62.73 15.45 32.55
N SER M 168 62.81 14.17 32.04
CA SER M 168 61.87 13.64 31.07
C SER M 168 60.43 13.52 31.64
N LYS M 169 60.27 13.06 32.92
CA LYS M 169 58.95 12.98 33.52
C LYS M 169 58.31 14.11 34.20
N PHE M 170 58.96 15.29 34.15
CA PHE M 170 58.35 16.37 34.93
C PHE M 170 58.37 17.73 34.23
N MET M 171 59.49 18.16 33.58
CA MET M 171 59.54 19.44 32.80
C MET M 171 59.07 20.60 33.64
N ALA M 172 59.66 20.68 34.88
CA ALA M 172 59.26 21.70 35.82
C ALA M 172 60.31 21.71 36.91
N GLU M 173 60.40 22.90 37.58
CA GLU M 173 61.28 23.17 38.68
C GLU M 173 61.05 22.18 39.87
N GLY M 174 62.15 21.57 40.27
CA GLY M 174 62.16 20.65 41.40
C GLY M 174 63.62 20.36 41.92
N GLU M 175 64.45 21.39 42.13
CA GLU M 175 65.89 21.19 42.50
C GLU M 175 66.09 20.43 43.84
N GLU M 176 65.34 20.73 44.90
CA GLU M 176 65.55 20.12 46.23
C GLU M 176 65.11 18.68 46.29
N LEU M 177 64.45 18.23 45.15
CA LEU M 177 64.07 16.88 45.05
C LEU M 177 65.18 16.09 44.25
N ASN M 178 65.75 16.74 43.22
CA ASN M 178 66.83 16.07 42.46
C ASN M 178 68.07 15.71 43.29
N LYS M 179 68.48 16.70 44.12
CA LYS M 179 69.60 16.44 45.02
C LYS M 179 69.43 15.47 46.12
N ILE M 180 68.26 15.46 46.84
CA ILE M 180 67.82 14.45 47.83
C ILE M 180 67.62 13.07 47.18
N MET M 181 67.08 13.01 45.96
CA MET M 181 66.81 11.82 45.18
C MET M 181 68.13 11.17 44.80
N ASP M 182 69.22 11.94 44.40
CA ASP M 182 70.61 11.44 44.25
C ASP M 182 71.12 10.93 45.55
N ILE M 183 70.85 11.54 46.68
CA ILE M 183 71.25 11.04 48.00
C ILE M 183 70.55 9.73 48.39
N VAL M 184 69.26 9.47 48.16
CA VAL M 184 68.54 8.22 48.36
C VAL M 184 69.06 7.13 47.45
N ILE M 185 69.35 7.44 46.17
CA ILE M 185 69.98 6.44 45.25
C ILE M 185 71.40 6.07 45.72
N ASP M 186 72.24 6.98 46.18
CA ASP M 186 73.63 6.74 46.64
C ASP M 186 73.53 5.76 47.83
N ALA M 187 72.57 5.96 48.73
CA ALA M 187 72.35 5.11 49.86
C ALA M 187 71.91 3.68 49.57
N VAL M 188 70.93 3.58 48.59
CA VAL M 188 70.48 2.27 48.13
C VAL M 188 71.59 1.41 47.46
N THR M 189 72.56 1.94 46.65
CA THR M 189 73.62 1.11 46.13
C THR M 189 74.54 0.37 47.12
N THR M 190 74.95 1.00 48.24
CA THR M 190 75.53 0.38 49.39
C THR M 190 74.80 -0.78 50.02
N VAL M 191 73.44 -0.70 50.06
CA VAL M 191 72.48 -1.73 50.41
C VAL M 191 72.58 -3.07 49.54
N ALA M 192 72.24 -3.06 48.23
CA ALA M 192 72.71 -3.84 47.11
C ALA M 192 74.02 -4.59 47.28
N GLU M 193 75.16 -3.87 47.19
CA GLU M 193 76.49 -4.43 47.27
C GLU M 193 77.12 -5.15 46.07
N PRO M 194 78.38 -5.16 45.73
CA PRO M 194 78.76 -5.14 44.29
C PRO M 194 79.20 -6.58 43.85
N LEU M 195 79.46 -6.76 42.56
CA LEU M 195 79.72 -8.08 41.93
C LEU M 195 80.90 -7.79 41.03
N PRO M 196 81.75 -8.77 40.74
CA PRO M 196 82.93 -8.56 39.91
C PRO M 196 82.64 -8.34 38.51
N ASP M 197 81.41 -8.65 38.11
CA ASP M 197 80.63 -8.02 37.07
C ASP M 197 80.68 -6.47 36.87
N GLY M 198 80.79 -5.77 37.97
CA GLY M 198 80.68 -4.35 38.03
C GLY M 198 79.26 -3.91 38.09
N GLY M 199 78.25 -4.80 38.05
CA GLY M 199 76.91 -4.59 38.54
C GLY M 199 76.90 -4.96 40.00
N TYR M 200 75.62 -4.98 40.48
CA TYR M 200 75.32 -5.08 41.92
C TYR M 200 74.17 -6.07 42.13
N ASN M 201 73.89 -6.61 43.42
CA ASN M 201 72.82 -7.50 43.77
C ASN M 201 71.69 -6.58 44.04
N VAL M 202 70.85 -6.40 42.99
CA VAL M 202 69.75 -5.46 43.05
C VAL M 202 68.38 -6.09 43.21
N SER M 203 67.61 -5.48 44.06
CA SER M 203 66.26 -5.78 44.43
C SER M 203 65.57 -4.47 44.53
N LEU M 204 64.45 -4.29 43.85
CA LEU M 204 63.55 -3.16 44.13
C LEU M 204 62.33 -3.59 44.88
N ASP M 205 62.18 -4.95 45.15
CA ASP M 205 61.02 -5.56 45.76
C ASP M 205 61.16 -5.64 47.26
N LEU M 206 62.39 -5.54 47.70
CA LEU M 206 62.66 -5.43 49.09
C LEU M 206 62.91 -3.98 49.59
N ILE M 207 62.68 -2.97 48.65
CA ILE M 207 62.58 -1.46 48.95
C ILE M 207 61.12 -1.18 49.34
N LYS M 208 60.94 -0.37 50.41
CA LYS M 208 59.64 0.06 50.95
C LYS M 208 59.77 1.54 51.36
N ILE M 209 58.90 2.42 50.89
CA ILE M 209 58.82 3.87 51.07
C ILE M 209 57.50 4.28 51.63
N ASP M 210 57.55 5.06 52.72
CA ASP M 210 56.38 5.55 53.45
C ASP M 210 56.44 7.07 53.32
N LYS M 211 55.35 7.77 52.86
CA LYS M 211 55.26 9.20 52.69
C LYS M 211 54.27 9.80 53.70
N LYS M 212 54.71 10.84 54.40
CA LYS M 212 53.99 11.59 55.40
C LYS M 212 54.01 13.08 55.12
N LYS M 213 52.89 13.80 55.16
CA LYS M 213 52.98 15.24 55.05
C LYS M 213 53.60 15.89 56.36
N GLY M 214 54.35 16.98 56.13
CA GLY M 214 54.82 18.08 56.95
C GLY M 214 56.29 18.17 56.90
N GLY M 215 56.82 19.39 57.08
CA GLY M 215 58.26 19.64 56.87
C GLY M 215 58.63 19.72 55.40
N THR M 216 59.81 19.20 55.09
CA THR M 216 60.39 19.32 53.73
C THR M 216 60.93 17.97 53.16
N ILE M 217 61.14 17.80 51.83
CA ILE M 217 61.65 16.65 51.13
C ILE M 217 63.07 16.41 51.59
N GLU M 218 63.83 17.53 51.80
CA GLU M 218 65.07 17.45 52.57
C GLU M 218 64.99 16.83 53.93
N ASP M 219 63.81 16.60 54.58
CA ASP M 219 63.71 16.02 55.92
C ASP M 219 63.41 14.53 55.70
N SER M 220 63.48 13.96 54.51
CA SER M 220 63.41 12.55 54.27
C SER M 220 64.67 11.69 54.55
N GLN M 221 64.51 10.48 55.03
CA GLN M 221 65.60 9.63 55.52
C GLN M 221 65.38 8.20 55.25
N LEU M 222 66.45 7.44 55.08
CA LEU M 222 66.48 6.05 55.18
C LEU M 222 66.46 5.63 56.70
N ILE M 223 65.83 4.43 56.93
CA ILE M 223 65.72 3.77 58.24
C ILE M 223 66.33 2.36 58.05
N ARG M 224 67.23 1.97 58.94
CA ARG M 224 67.93 0.73 58.94
C ARG M 224 67.08 -0.38 59.54
N GLY M 225 65.86 -0.61 59.06
CA GLY M 225 64.96 -1.54 59.56
C GLY M 225 63.61 -1.30 58.87
N ILE M 226 62.51 -1.89 59.34
CA ILE M 226 61.19 -1.76 58.68
C ILE M 226 60.18 -0.85 59.39
N VAL M 227 59.38 -0.07 58.71
CA VAL M 227 58.34 0.67 59.31
C VAL M 227 56.95 0.02 59.12
N LEU M 228 56.14 -0.22 60.15
CA LEU M 228 54.79 -0.71 60.02
C LEU M 228 53.74 0.45 60.20
N ASP M 229 52.80 0.68 59.24
CA ASP M 229 51.73 1.72 59.26
C ASP M 229 50.58 1.50 60.31
N LYS M 230 50.34 0.22 60.64
CA LYS M 230 49.41 -0.15 61.67
C LYS M 230 49.89 0.13 63.12
N GLU M 231 48.98 0.57 64.07
CA GLU M 231 49.37 0.97 65.38
C GLU M 231 49.44 -0.20 66.37
N VAL M 232 50.04 0.00 67.58
CA VAL M 232 49.80 -0.77 68.76
C VAL M 232 48.36 -0.76 69.20
N VAL M 233 47.50 -1.69 68.69
CA VAL M 233 46.24 -2.22 69.26
C VAL M 233 45.70 -1.95 70.71
N HIS M 234 46.01 -2.67 71.81
CA HIS M 234 45.62 -2.33 73.19
C HIS M 234 46.21 -1.03 73.81
N ALA M 235 45.35 -0.13 74.38
CA ALA M 235 45.67 1.08 75.05
C ALA M 235 46.73 0.88 76.17
N GLY M 236 46.61 -0.21 76.96
CA GLY M 236 47.60 -0.51 77.99
C GLY M 236 48.89 -1.14 77.55
N MET M 237 49.07 -1.39 76.20
CA MET M 237 50.36 -1.92 75.76
C MET M 237 51.55 -0.97 75.90
N PRO M 238 52.78 -1.52 75.99
CA PRO M 238 53.99 -0.72 75.81
C PRO M 238 54.15 0.04 74.49
N ARG M 239 55.08 0.93 74.53
CA ARG M 239 55.38 1.87 73.49
C ARG M 239 56.71 1.61 72.82
N ARG M 240 57.70 1.09 73.67
CA ARG M 240 59.10 0.87 73.20
C ARG M 240 59.73 -0.31 73.95
N VAL M 241 60.40 -1.14 73.17
CA VAL M 241 61.07 -2.31 73.62
C VAL M 241 62.50 -2.32 73.09
N GLU M 242 63.55 -2.57 73.93
CA GLU M 242 64.98 -2.47 73.62
C GLU M 242 65.65 -3.83 73.74
N LYS M 243 66.42 -4.30 72.75
CA LYS M 243 66.93 -5.68 72.56
C LYS M 243 65.75 -6.60 72.38
N ALA M 244 64.90 -6.24 71.36
CA ALA M 244 63.57 -6.71 71.05
C ALA M 244 63.61 -7.96 70.30
N LYS M 245 63.01 -9.02 70.83
CA LYS M 245 62.96 -10.31 70.16
C LYS M 245 61.56 -10.43 69.47
N ILE M 246 61.45 -10.40 68.11
CA ILE M 246 60.26 -10.02 67.35
C ILE M 246 59.65 -11.30 66.77
N ALA M 247 58.35 -11.54 67.17
CA ALA M 247 57.68 -12.69 66.54
C ALA M 247 56.81 -12.24 65.36
N VAL M 248 56.84 -13.02 64.29
CA VAL M 248 56.06 -12.76 63.08
C VAL M 248 55.11 -13.87 62.92
N LEU M 249 53.79 -13.65 62.85
CA LEU M 249 52.79 -14.70 62.91
C LEU M 249 51.84 -14.63 61.78
N ASP M 250 51.71 -15.75 61.08
CA ASP M 250 51.05 -15.91 59.78
C ASP M 250 49.55 -15.94 59.93
N ALA M 251 49.11 -16.56 61.01
CA ALA M 251 47.72 -16.81 61.42
C ALA M 251 47.27 -15.85 62.48
N SER M 252 45.98 -15.75 62.60
CA SER M 252 45.26 -14.92 63.54
C SER M 252 45.59 -15.27 65.01
N LEU M 253 45.55 -14.28 65.96
CA LEU M 253 45.42 -14.65 67.33
C LEU M 253 44.02 -14.60 67.77
N GLU M 254 43.27 -15.57 67.22
CA GLU M 254 41.84 -15.72 67.35
C GLU M 254 41.67 -17.23 67.30
N VAL M 255 40.68 -17.78 68.03
CA VAL M 255 40.34 -19.20 67.95
C VAL M 255 39.64 -19.43 66.63
N GLU M 256 39.95 -20.59 65.98
CA GLU M 256 39.44 -20.98 64.66
C GLU M 256 39.01 -22.42 64.69
N LYS M 257 38.41 -22.95 63.67
CA LYS M 257 37.75 -24.23 63.59
C LYS M 257 38.57 -25.48 64.00
N PRO M 258 38.10 -26.37 64.80
CA PRO M 258 38.91 -27.46 65.31
C PRO M 258 38.83 -28.62 64.29
N GLU M 259 39.26 -29.88 64.65
CA GLU M 259 39.23 -31.00 63.76
C GLU M 259 37.94 -31.69 63.65
N ILE M 260 37.21 -31.72 64.79
CA ILE M 260 35.87 -32.29 64.93
C ILE M 260 35.12 -31.41 65.85
N SER M 261 33.78 -31.37 65.68
CA SER M 261 33.07 -30.12 65.89
C SER M 261 31.68 -30.36 66.10
N ALA M 262 30.99 -29.42 66.80
CA ALA M 262 29.58 -29.47 67.12
C ALA M 262 28.96 -28.09 67.19
N LYS M 263 27.61 -28.03 67.15
CA LYS M 263 26.99 -26.77 67.11
C LYS M 263 25.94 -26.79 68.20
N ILE M 264 26.06 -25.81 69.10
CA ILE M 264 25.25 -25.59 70.26
C ILE M 264 24.68 -24.20 70.00
N SER M 265 23.38 -24.02 70.01
CA SER M 265 22.76 -22.69 69.83
C SER M 265 22.11 -22.24 71.07
N ILE M 266 22.47 -22.80 72.24
CA ILE M 266 21.74 -22.49 73.52
C ILE M 266 21.80 -21.06 73.97
N THR M 267 20.70 -20.62 74.58
CA THR M 267 20.54 -19.29 75.23
C THR M 267 19.97 -19.47 76.66
N SER M 268 20.25 -20.71 77.17
CA SER M 268 20.60 -20.88 78.57
C SER M 268 21.81 -20.04 79.06
N PRO M 269 21.65 -18.98 79.86
CA PRO M 269 22.58 -17.88 79.82
C PRO M 269 23.99 -18.26 80.34
N ASP M 270 24.11 -19.14 81.37
CA ASP M 270 25.36 -19.59 81.99
C ASP M 270 26.27 -20.43 81.10
N GLN M 271 25.66 -21.21 80.18
CA GLN M 271 26.43 -22.15 79.38
C GLN M 271 27.08 -21.40 78.23
N ILE M 272 26.62 -20.21 77.91
CA ILE M 272 27.12 -19.37 76.92
C ILE M 272 28.42 -18.66 77.41
N LYS M 273 28.39 -18.30 78.72
CA LYS M 273 29.50 -17.67 79.38
C LYS M 273 30.68 -18.61 79.58
N ALA M 274 30.38 -19.88 79.69
CA ALA M 274 31.32 -20.98 79.90
C ALA M 274 31.91 -21.40 78.57
N PHE M 275 31.24 -21.18 77.38
CA PHE M 275 31.83 -21.28 76.07
C PHE M 275 32.78 -20.12 75.83
N LEU M 276 32.53 -18.92 76.29
CA LEU M 276 33.36 -17.75 76.15
C LEU M 276 34.59 -17.96 76.99
N ASP M 277 34.43 -18.52 78.19
CA ASP M 277 35.64 -18.80 79.05
C ASP M 277 36.58 -19.93 78.51
N GLU M 278 35.93 -20.88 77.76
CA GLU M 278 36.59 -21.86 76.95
C GLU M 278 37.34 -21.23 75.77
N GLU M 279 36.79 -20.12 75.20
CA GLU M 279 37.47 -19.46 74.07
C GLU M 279 38.62 -18.53 74.64
N ALA M 280 38.49 -18.11 75.89
CA ALA M 280 39.52 -17.29 76.54
C ALA M 280 40.75 -18.09 77.07
N LYS M 281 40.65 -19.36 77.41
CA LYS M 281 41.81 -20.15 77.81
C LYS M 281 42.64 -20.54 76.56
N TYR M 282 42.03 -20.45 75.39
CA TYR M 282 42.74 -20.76 74.19
C TYR M 282 43.67 -19.64 73.72
N LEU M 283 43.17 -18.40 73.86
CA LEU M 283 43.90 -17.21 73.61
C LEU M 283 45.05 -17.01 74.62
N LYS M 284 44.70 -17.34 75.88
CA LYS M 284 45.66 -17.09 76.88
C LYS M 284 46.81 -18.13 76.79
N ASP M 285 46.48 -19.28 76.20
CA ASP M 285 47.51 -20.25 75.81
C ASP M 285 48.48 -19.78 74.73
N MET M 286 47.99 -19.39 73.53
CA MET M 286 48.76 -18.71 72.42
C MET M 286 49.69 -17.62 72.96
N VAL M 287 49.18 -16.79 73.86
CA VAL M 287 50.01 -15.78 74.49
C VAL M 287 51.18 -16.25 75.39
N ASP M 288 51.01 -17.15 76.34
CA ASP M 288 52.03 -17.82 77.22
C ASP M 288 53.02 -18.58 76.41
N LYS M 289 52.67 -19.16 75.31
CA LYS M 289 53.56 -19.87 74.46
C LYS M 289 54.54 -18.96 73.78
N LEU M 290 53.93 -17.88 73.25
CA LEU M 290 54.72 -16.77 72.70
C LEU M 290 55.66 -16.12 73.70
N ALA M 291 55.23 -15.79 74.96
CA ALA M 291 56.13 -15.23 75.91
C ALA M 291 57.24 -16.21 76.40
N SER M 292 56.99 -17.58 76.30
CA SER M 292 57.91 -18.62 76.66
C SER M 292 58.97 -18.66 75.54
N ILE M 293 58.62 -18.51 74.29
CA ILE M 293 59.48 -18.30 73.18
C ILE M 293 60.39 -17.09 73.31
N GLY M 294 59.96 -16.14 74.18
CA GLY M 294 60.75 -15.01 74.59
C GLY M 294 60.28 -13.82 73.72
N ALA M 295 59.20 -13.96 72.90
CA ALA M 295 58.83 -12.84 72.00
C ALA M 295 58.33 -11.59 72.74
N ASN M 296 58.99 -10.48 72.51
CA ASN M 296 58.85 -9.18 73.16
C ASN M 296 57.89 -8.27 72.30
N VAL M 297 58.07 -8.37 71.00
CA VAL M 297 57.13 -7.80 70.04
C VAL M 297 56.34 -8.89 69.42
N VAL M 298 55.15 -8.63 68.87
CA VAL M 298 54.51 -9.64 68.07
C VAL M 298 53.92 -8.94 66.91
N ILE M 299 53.93 -9.55 65.68
CA ILE M 299 53.36 -9.03 64.43
C ILE M 299 52.42 -10.08 64.01
N CYS M 300 51.14 -9.75 63.66
CA CYS M 300 50.19 -10.74 63.22
C CYS M 300 49.68 -10.36 61.92
N GLN M 301 49.84 -11.22 60.94
CA GLN M 301 49.35 -10.91 59.61
C GLN M 301 47.81 -10.69 59.44
N LYS M 302 47.05 -11.35 60.28
CA LYS M 302 45.62 -11.25 60.46
C LYS M 302 45.09 -10.45 61.67
N GLY M 303 43.82 -10.51 61.98
CA GLY M 303 43.17 -10.23 63.27
C GLY M 303 43.68 -10.81 64.55
N ILE M 304 43.55 -10.02 65.61
CA ILE M 304 43.82 -10.37 66.99
C ILE M 304 42.56 -10.15 67.89
N ASP M 305 42.02 -11.20 68.57
CA ASP M 305 40.96 -11.01 69.49
C ASP M 305 41.31 -10.15 70.76
N ASP M 306 40.28 -9.40 71.27
CA ASP M 306 40.34 -8.47 72.33
C ASP M 306 40.93 -9.13 73.53
N ILE M 307 40.49 -10.34 73.83
CA ILE M 307 41.01 -11.08 74.96
C ILE M 307 42.51 -11.28 74.82
N ALA M 308 43.01 -11.61 73.65
CA ALA M 308 44.46 -11.81 73.35
C ALA M 308 45.25 -10.50 73.36
N GLN M 309 44.53 -9.34 73.11
CA GLN M 309 45.25 -8.09 73.23
C GLN M 309 45.49 -7.67 74.62
N HIS M 310 44.57 -7.98 75.58
CA HIS M 310 44.70 -7.87 77.02
C HIS M 310 45.72 -8.87 77.53
N PHE M 311 45.74 -10.13 77.08
CA PHE M 311 46.74 -11.08 77.57
C PHE M 311 48.06 -10.72 77.05
N LEU M 312 48.22 -10.13 75.83
CA LEU M 312 49.53 -9.73 75.39
C LEU M 312 50.09 -8.51 76.07
N ALA M 313 49.17 -7.58 76.47
CA ALA M 313 49.54 -6.50 77.33
C ALA M 313 49.82 -6.85 78.71
N LYS M 314 49.11 -7.78 79.37
CA LYS M 314 49.39 -8.26 80.72
C LYS M 314 50.79 -8.80 80.77
N ARG M 315 51.16 -9.59 79.79
CA ARG M 315 52.49 -10.11 79.88
C ARG M 315 53.56 -9.15 79.46
N GLY M 316 53.15 -7.97 78.89
CA GLY M 316 54.15 -6.90 78.66
C GLY M 316 54.65 -6.88 77.24
N ILE M 317 53.95 -7.52 76.26
CA ILE M 317 54.40 -7.72 74.94
C ILE M 317 53.76 -6.68 73.97
N LEU M 318 54.54 -6.07 73.00
CA LEU M 318 54.01 -5.02 72.16
C LEU M 318 53.52 -5.61 70.87
N ALA M 319 52.21 -5.62 70.72
CA ALA M 319 51.66 -6.27 69.54
C ALA M 319 51.10 -5.34 68.46
N VAL M 320 51.27 -5.67 67.22
CA VAL M 320 50.69 -5.02 66.09
C VAL M 320 49.77 -6.02 65.38
N ARG M 321 48.64 -5.58 64.79
CA ARG M 321 47.83 -6.53 64.06
C ARG M 321 48.17 -6.53 62.59
N ARG M 322 47.17 -6.65 61.66
CA ARG M 322 47.07 -6.75 60.19
C ARG M 322 48.11 -6.13 59.25
N VAL M 323 49.36 -6.61 59.33
CA VAL M 323 50.47 -6.27 58.49
C VAL M 323 50.45 -7.22 57.21
N LYS M 324 50.51 -6.65 56.01
CA LYS M 324 50.44 -7.28 54.73
C LYS M 324 51.62 -8.21 54.36
N ARG M 325 51.39 -9.14 53.43
CA ARG M 325 52.32 -10.18 52.92
C ARG M 325 53.65 -9.58 52.52
N SER M 326 53.76 -8.37 51.85
CA SER M 326 55.03 -7.73 51.50
C SER M 326 55.82 -7.18 52.60
N ASP M 327 55.11 -6.51 53.50
CA ASP M 327 55.75 -5.99 54.70
C ASP M 327 56.32 -7.12 55.67
N ILE M 328 55.60 -8.34 55.64
CA ILE M 328 55.92 -9.63 56.33
C ILE M 328 57.14 -10.29 55.61
N GLU M 329 57.22 -10.19 54.27
CA GLU M 329 58.36 -10.73 53.57
C GLU M 329 59.71 -9.98 53.94
N LYS M 330 59.62 -8.64 54.10
CA LYS M 330 60.64 -7.71 54.44
C LYS M 330 61.03 -7.92 55.90
N LEU M 331 60.04 -8.20 56.85
CA LEU M 331 60.37 -8.46 58.24
C LEU M 331 61.10 -9.74 58.38
N GLU M 332 60.69 -10.74 57.49
CA GLU M 332 61.37 -12.08 57.43
C GLU M 332 62.89 -12.01 57.06
N LYS M 333 63.19 -11.50 55.82
CA LYS M 333 64.50 -11.09 55.31
C LYS M 333 65.40 -10.16 56.16
N ALA M 334 64.75 -9.25 56.86
CA ALA M 334 65.47 -8.22 57.63
C ALA M 334 65.79 -8.60 59.08
N LEU M 335 64.99 -9.48 59.77
CA LEU M 335 65.20 -9.65 61.18
C LEU M 335 65.83 -11.02 61.46
N GLY M 336 65.94 -11.94 60.46
CA GLY M 336 66.31 -13.31 60.89
C GLY M 336 65.13 -14.09 61.32
N ALA M 337 63.90 -13.58 61.30
CA ALA M 337 62.67 -14.32 61.58
C ALA M 337 62.38 -15.33 60.51
N ARG M 338 61.58 -16.39 60.90
CA ARG M 338 61.08 -17.36 59.95
C ARG M 338 59.65 -17.76 60.19
N ILE M 339 58.92 -17.22 61.14
CA ILE M 339 57.46 -17.00 60.99
C ILE M 339 56.73 -18.17 61.59
N ILE M 340 55.67 -17.89 62.47
CA ILE M 340 54.87 -18.93 63.08
C ILE M 340 53.54 -18.96 62.39
N SER M 341 53.17 -20.22 61.98
CA SER M 341 51.85 -20.47 61.38
C SER M 341 50.97 -21.16 62.37
N SER M 342 51.53 -21.87 63.37
CA SER M 342 50.72 -22.68 64.30
C SER M 342 51.17 -22.26 65.65
N ILE M 343 50.43 -21.31 66.28
CA ILE M 343 50.78 -20.78 67.66
C ILE M 343 50.64 -21.87 68.72
N LYS M 344 49.63 -22.74 68.48
CA LYS M 344 49.46 -23.97 69.26
C LYS M 344 50.65 -24.88 69.38
N ASP M 345 51.35 -25.20 68.24
CA ASP M 345 52.56 -26.05 68.29
C ASP M 345 53.81 -25.37 68.89
N ALA M 346 53.68 -24.07 69.14
CA ALA M 346 54.74 -23.20 69.76
C ALA M 346 56.21 -23.38 69.40
N THR M 347 56.49 -23.14 68.10
CA THR M 347 57.56 -23.62 67.37
C THR M 347 58.77 -22.77 67.42
N PRO M 348 60.02 -22.95 67.92
CA PRO M 348 60.30 -21.95 68.96
C PRO M 348 61.49 -21.17 68.51
N GLU M 349 62.10 -21.62 67.47
CA GLU M 349 63.34 -21.16 66.87
C GLU M 349 63.07 -20.29 65.60
N ASP M 350 61.88 -19.82 65.46
CA ASP M 350 61.60 -19.17 64.13
C ASP M 350 61.49 -17.64 64.33
N LEU M 351 62.21 -17.17 65.41
CA LEU M 351 62.12 -15.86 66.04
C LEU M 351 63.17 -14.91 65.53
N GLY M 352 62.87 -13.66 65.22
CA GLY M 352 63.93 -12.77 64.83
C GLY M 352 64.28 -11.73 65.87
N TYR M 353 65.30 -10.88 65.58
CA TYR M 353 65.96 -9.97 66.51
C TYR M 353 66.15 -8.63 65.92
N ALA M 354 65.81 -7.61 66.80
CA ALA M 354 65.91 -6.21 66.57
C ALA M 354 66.62 -5.55 67.71
N GLU M 355 67.46 -4.50 67.44
CA GLU M 355 68.11 -3.72 68.48
C GLU M 355 67.02 -3.01 69.32
N LEU M 356 65.94 -2.51 68.63
CA LEU M 356 64.83 -1.90 69.33
C LEU M 356 63.54 -1.90 68.49
N VAL M 357 62.44 -1.65 69.19
CA VAL M 357 61.12 -1.49 68.61
C VAL M 357 60.37 -0.45 69.38
N GLU M 358 59.89 0.63 68.68
CA GLU M 358 58.99 1.52 69.23
C GLU M 358 57.88 2.00 68.22
N GLU M 359 56.82 2.61 68.81
CA GLU M 359 55.86 3.34 68.15
C GLU M 359 56.31 4.86 68.16
N ARG M 360 56.31 5.49 67.00
CA ARG M 360 56.78 6.85 66.79
C ARG M 360 55.81 7.52 66.02
N LYS M 361 55.53 8.82 66.27
CA LYS M 361 54.64 9.52 65.36
C LYS M 361 55.33 10.15 64.21
N VAL M 362 54.81 9.86 63.01
CA VAL M 362 55.27 10.52 61.77
C VAL M 362 54.10 11.28 61.11
N GLY M 363 54.18 12.59 60.91
CA GLY M 363 53.07 13.35 60.28
C GLY M 363 51.85 13.41 61.13
N ASN M 364 52.06 13.29 62.46
CA ASN M 364 51.10 13.25 63.52
C ASN M 364 50.49 11.85 63.81
N ASP M 365 50.60 10.96 62.76
CA ASP M 365 50.08 9.59 62.70
C ASP M 365 50.99 8.69 63.47
N LYS M 366 50.39 7.82 64.21
CA LYS M 366 51.20 6.76 64.80
C LYS M 366 51.69 5.73 63.86
N MET M 367 52.91 5.19 64.13
CA MET M 367 53.60 4.34 63.16
C MET M 367 54.56 3.51 63.98
N VAL M 368 54.69 2.21 63.59
CA VAL M 368 55.53 1.28 64.37
C VAL M 368 56.84 0.96 63.64
N PHE M 369 57.94 1.22 64.33
CA PHE M 369 59.26 1.20 63.67
C PHE M 369 60.04 0.02 64.32
N ILE M 370 60.57 -0.87 63.42
CA ILE M 370 61.47 -1.99 63.83
C ILE M 370 62.76 -1.60 63.25
N GLU M 371 63.85 -1.48 64.04
CA GLU M 371 65.13 -0.96 63.58
C GLU M 371 66.24 -1.65 64.28
N GLY M 372 67.46 -1.51 63.67
CA GLY M 372 68.70 -2.13 64.21
C GLY M 372 69.07 -3.47 63.70
N ALA M 373 69.18 -3.57 62.36
CA ALA M 373 69.04 -4.79 61.65
C ALA M 373 70.37 -5.00 60.97
N LYS M 374 70.98 -6.17 61.19
CA LYS M 374 72.30 -6.58 60.68
C LYS M 374 72.33 -6.72 59.27
N ASN M 375 72.65 -5.61 58.54
CA ASN M 375 73.05 -5.74 57.14
C ASN M 375 71.90 -6.29 56.20
N PRO M 376 70.65 -5.99 56.24
CA PRO M 376 69.58 -6.40 55.36
C PRO M 376 69.59 -5.80 53.91
N LYS M 377 68.85 -6.47 53.04
CA LYS M 377 68.71 -6.04 51.64
C LYS M 377 67.32 -5.43 51.53
N ALA M 378 66.63 -5.45 52.72
CA ALA M 378 65.26 -4.93 53.00
C ALA M 378 65.44 -3.84 53.96
N VAL M 379 65.25 -2.60 53.49
CA VAL M 379 65.42 -1.32 54.20
C VAL M 379 64.18 -0.52 54.10
N ASN M 380 64.03 0.51 54.91
CA ASN M 380 62.80 1.39 54.82
C ASN M 380 63.12 2.84 54.70
N ILE M 381 62.50 3.59 53.78
CA ILE M 381 62.74 5.01 53.55
C ILE M 381 61.47 5.78 53.93
N LEU M 382 61.67 6.85 54.76
CA LEU M 382 60.69 7.70 55.34
C LEU M 382 60.68 8.99 54.53
N LEU M 383 59.54 9.40 53.95
CA LEU M 383 59.40 10.51 53.08
C LEU M 383 58.58 11.54 53.67
N ARG M 384 59.11 12.73 54.10
CA ARG M 384 58.39 13.88 54.60
C ARG M 384 58.42 14.85 53.45
N GLY M 385 57.43 15.75 53.40
CA GLY M 385 57.37 16.98 52.57
C GLY M 385 56.08 17.53 52.74
N SER M 386 55.81 18.74 52.17
CA SER M 386 54.49 19.36 52.20
C SER M 386 53.41 18.66 51.41
N ASN M 387 52.19 18.74 52.03
CA ASN M 387 50.91 18.47 51.42
C ASN M 387 50.56 17.08 50.89
N ASP M 388 49.94 16.99 49.65
CA ASP M 388 49.60 15.60 49.22
C ASP M 388 49.97 15.49 47.81
N MET M 389 49.75 16.50 46.93
CA MET M 389 50.04 16.22 45.56
C MET M 389 51.57 16.13 45.31
N ALA M 390 52.30 16.91 46.10
CA ALA M 390 53.82 17.06 46.13
C ALA M 390 54.51 15.93 46.88
N LEU M 391 53.72 15.15 47.62
CA LEU M 391 54.22 14.06 48.44
C LEU M 391 54.08 12.75 47.69
N ASP M 392 52.83 12.49 47.11
CA ASP M 392 52.56 11.47 46.19
C ASP M 392 53.53 11.52 44.94
N GLU M 393 53.71 12.80 44.45
CA GLU M 393 54.65 12.99 43.30
C GLU M 393 56.13 12.64 43.65
N ALA M 394 56.58 12.94 44.90
CA ALA M 394 57.95 12.62 45.28
C ALA M 394 58.16 11.11 45.45
N GLU M 395 57.10 10.26 45.85
CA GLU M 395 57.18 8.80 45.81
C GLU M 395 57.24 8.29 44.40
N ARG M 396 56.41 8.83 43.46
CA ARG M 396 56.45 8.43 42.05
C ARG M 396 57.78 8.63 41.34
N SER M 397 58.35 9.84 41.58
CA SER M 397 59.65 10.28 41.15
C SER M 397 60.75 9.38 41.67
N ILE M 398 60.69 8.96 42.94
CA ILE M 398 61.77 8.02 43.54
C ILE M 398 61.61 6.73 42.80
N ASN M 399 60.33 6.19 42.54
CA ASN M 399 60.16 4.93 41.78
C ASN M 399 60.91 5.01 40.51
N ASP M 400 60.61 5.95 39.57
CA ASP M 400 61.35 6.09 38.34
C ASP M 400 62.91 6.16 38.43
N ALA M 401 63.45 6.84 39.58
CA ALA M 401 64.85 6.98 39.83
C ALA M 401 65.48 5.69 40.22
N LEU M 402 64.76 4.83 41.00
CA LEU M 402 65.14 3.44 41.23
C LEU M 402 65.07 2.54 40.06
N TYR M 403 64.08 2.65 39.15
CA TYR M 403 63.94 1.80 38.00
C TYR M 403 65.07 2.16 36.99
N SER M 404 65.44 3.45 36.93
CA SER M 404 66.61 3.82 36.12
C SER M 404 68.00 3.41 36.73
N LEU M 405 68.08 3.37 38.07
CA LEU M 405 69.20 3.01 38.93
C LEU M 405 69.42 1.48 38.79
N ARG M 406 68.35 0.63 38.69
CA ARG M 406 68.49 -0.84 38.43
C ARG M 406 68.99 -1.22 37.00
N ASN M 407 68.76 -0.33 35.98
CA ASN M 407 69.40 -0.50 34.72
C ASN M 407 70.84 -0.11 34.71
N ILE M 408 71.34 1.03 35.34
CA ILE M 408 72.76 1.36 35.43
C ILE M 408 73.45 0.44 36.44
N LEU M 409 72.80 0.03 37.52
CA LEU M 409 73.37 -1.03 38.37
C LEU M 409 73.50 -2.35 37.73
N MET M 410 72.51 -2.88 36.94
CA MET M 410 72.66 -4.18 36.29
C MET M 410 73.41 -4.14 34.93
N GLU M 411 73.81 -2.95 34.41
CA GLU M 411 74.95 -2.89 33.48
C GLU M 411 75.65 -1.57 33.55
N PRO M 412 76.99 -1.47 33.86
CA PRO M 412 77.68 -0.22 34.16
C PRO M 412 78.06 0.55 32.86
N TYR M 413 77.22 0.54 31.82
CA TYR M 413 77.38 1.37 30.67
C TYR M 413 76.27 2.43 30.60
N ILE M 414 76.61 3.62 30.20
CA ILE M 414 75.68 4.71 29.89
C ILE M 414 75.92 5.34 28.50
N VAL M 415 74.91 5.97 27.97
CA VAL M 415 74.94 6.57 26.62
C VAL M 415 73.93 7.65 26.60
N PRO M 416 74.09 8.60 25.65
CA PRO M 416 73.06 9.60 25.44
C PRO M 416 71.97 8.91 24.64
N GLY M 417 70.68 9.36 24.65
CA GLY M 417 69.61 8.66 23.99
C GLY M 417 68.75 9.58 23.13
N GLY M 418 68.49 9.18 21.90
CA GLY M 418 67.82 10.04 20.94
C GLY M 418 68.52 11.22 20.39
N GLY M 419 69.82 11.12 20.14
CA GLY M 419 70.61 12.18 19.48
C GLY M 419 71.81 11.61 18.68
N ALA M 420 72.79 11.12 19.45
CA ALA M 420 74.08 10.91 18.83
C ALA M 420 74.28 9.52 18.41
N ILE M 421 74.19 8.57 19.36
CA ILE M 421 74.32 7.06 19.07
C ILE M 421 73.62 6.63 17.86
N GLU M 422 72.33 6.96 17.85
CA GLU M 422 71.39 6.50 16.85
C GLU M 422 71.78 7.05 15.44
N LEU M 423 72.03 8.38 15.26
CA LEU M 423 72.64 8.83 14.06
C LEU M 423 73.98 8.26 13.73
N GLU M 424 74.95 7.95 14.73
CA GLU M 424 76.25 7.27 14.40
C GLU M 424 76.06 5.91 13.90
N LEU M 425 75.07 5.16 14.40
CA LEU M 425 74.72 3.83 13.97
C LEU M 425 74.24 3.83 12.55
N SER M 426 73.44 4.80 12.19
CA SER M 426 72.92 4.94 10.78
C SER M 426 74.04 5.27 9.80
N ALA M 427 75.07 6.07 10.17
CA ALA M 427 76.14 6.39 9.29
C ALA M 427 77.07 5.19 9.18
N ARG M 428 77.37 4.44 10.25
CA ARG M 428 78.09 3.22 10.17
C ARG M 428 77.36 2.03 9.42
N LEU M 429 76.00 2.01 9.57
CA LEU M 429 75.20 1.08 8.83
C LEU M 429 75.19 1.35 7.31
N ARG M 430 75.21 2.60 6.86
CA ARG M 430 75.35 2.89 5.49
C ARG M 430 76.85 2.99 5.13
N GLU M 431 77.55 1.85 5.31
CA GLU M 431 78.91 1.62 5.10
C GLU M 431 79.05 0.18 5.26
N TYR M 432 78.43 -0.40 6.27
CA TYR M 432 78.17 -1.81 6.45
C TYR M 432 77.39 -2.43 5.30
N ALA M 433 76.21 -1.88 4.99
CA ALA M 433 75.45 -2.21 3.84
C ALA M 433 76.19 -2.18 2.43
N ARG M 434 77.30 -1.44 2.34
CA ARG M 434 78.11 -1.55 1.16
C ARG M 434 78.85 -2.78 0.96
N SER M 435 79.43 -3.29 2.09
CA SER M 435 80.07 -4.56 2.16
C SER M 435 79.18 -5.73 2.12
N VAL M 436 77.84 -5.59 2.43
CA VAL M 436 76.90 -6.66 2.26
C VAL M 436 76.25 -6.64 0.84
N GLY M 437 76.11 -7.81 0.25
CA GLY M 437 75.41 -8.09 -0.99
C GLY M 437 73.97 -8.37 -0.78
N GLY M 438 73.31 -8.55 -1.90
CA GLY M 438 71.93 -8.98 -1.86
C GLY M 438 70.86 -8.04 -1.43
N LYS M 439 69.56 -8.44 -1.55
CA LYS M 439 68.42 -7.68 -1.06
C LYS M 439 68.39 -7.35 0.39
N GLU M 440 69.26 -8.07 1.09
CA GLU M 440 69.59 -7.89 2.49
C GLU M 440 70.33 -6.67 2.71
N GLN M 441 70.95 -6.09 1.70
CA GLN M 441 71.72 -4.88 1.81
C GLN M 441 70.73 -3.70 1.97
N LEU M 442 69.54 -3.85 1.34
CA LEU M 442 68.40 -2.99 1.43
C LEU M 442 67.72 -3.05 2.82
N ALA M 443 67.60 -4.20 3.45
CA ALA M 443 67.04 -4.32 4.78
C ALA M 443 67.95 -3.65 5.82
N ILE M 444 69.29 -3.84 5.70
CA ILE M 444 70.21 -3.05 6.51
C ILE M 444 70.15 -1.50 6.29
N GLU M 445 70.08 -1.03 4.99
CA GLU M 445 69.90 0.36 4.71
C GLU M 445 68.54 0.97 4.99
N ALA M 446 67.54 0.10 5.18
CA ALA M 446 66.24 0.38 5.71
C ALA M 446 66.12 0.37 7.27
N TYR M 447 66.96 -0.38 7.97
CA TYR M 447 67.13 -0.44 9.35
C TYR M 447 67.85 0.84 9.76
N ALA M 448 68.80 1.32 8.92
CA ALA M 448 69.49 2.56 9.12
C ALA M 448 68.54 3.78 8.93
N ASP M 449 67.60 3.74 7.97
CA ASP M 449 66.53 4.70 7.79
C ASP M 449 65.56 4.73 8.99
N ALA M 450 65.23 3.61 9.63
CA ALA M 450 64.44 3.51 10.82
C ALA M 450 65.10 4.17 12.07
N LEU M 451 66.44 4.02 12.22
CA LEU M 451 67.16 4.88 13.20
C LEU M 451 67.08 6.42 12.99
N GLU M 452 67.06 6.87 11.75
CA GLU M 452 66.61 8.17 11.33
C GLU M 452 65.09 8.58 11.53
N GLU M 453 64.16 7.65 11.81
CA GLU M 453 62.77 7.90 12.12
C GLU M 453 62.67 8.15 13.61
N ILE M 454 63.75 7.86 14.37
CA ILE M 454 64.03 8.34 15.72
C ILE M 454 64.60 9.80 15.71
N PRO M 455 64.87 10.67 16.74
CA PRO M 455 65.70 11.76 16.39
C PRO M 455 65.07 13.03 15.93
N MET M 456 64.30 12.98 14.82
CA MET M 456 63.58 14.06 14.27
C MET M 456 62.24 14.22 15.02
N ILE M 457 61.70 13.21 15.76
CA ILE M 457 60.40 13.36 16.51
C ILE M 457 60.70 14.18 17.81
N LEU M 458 61.93 14.04 18.35
CA LEU M 458 62.35 14.81 19.53
C LEU M 458 62.32 16.29 19.17
N ALA M 459 62.84 16.63 17.97
CA ALA M 459 62.98 17.96 17.47
C ALA M 459 61.59 18.53 17.10
N GLU M 460 60.55 17.74 16.74
CA GLU M 460 59.19 18.20 16.51
C GLU M 460 58.45 18.39 17.81
N THR M 461 58.75 17.62 18.85
CA THR M 461 58.14 17.80 20.22
C THR M 461 58.45 19.19 20.80
N ALA M 462 59.72 19.63 20.57
CA ALA M 462 60.18 20.92 20.91
C ALA M 462 59.66 21.98 19.98
N GLY M 463 58.96 21.73 18.87
CA GLY M 463 58.40 22.86 18.10
C GLY M 463 59.36 23.37 17.00
N LEU M 464 60.48 22.66 16.74
CA LEU M 464 61.52 23.04 15.80
C LEU M 464 61.25 22.33 14.49
N GLU M 465 61.95 22.69 13.37
CA GLU M 465 61.74 22.05 12.10
C GLU M 465 62.48 20.72 11.97
N PRO M 466 61.78 19.57 11.82
CA PRO M 466 62.40 18.25 11.95
C PRO M 466 63.30 17.69 10.82
N ILE M 467 62.84 17.74 9.59
CA ILE M 467 63.64 17.17 8.52
C ILE M 467 64.94 18.01 8.36
N SER M 468 64.84 19.34 8.53
CA SER M 468 65.95 20.28 8.48
C SER M 468 66.85 20.18 9.69
N ALA M 469 66.39 19.86 10.88
CA ALA M 469 67.33 19.59 11.92
C ALA M 469 68.02 18.29 11.74
N LEU M 470 67.38 17.20 11.23
CA LEU M 470 68.01 15.88 11.07
C LEU M 470 69.12 15.96 10.04
N MET M 471 68.84 16.73 8.91
CA MET M 471 69.83 16.93 7.88
C MET M 471 71.01 17.80 8.27
N ASP M 472 70.77 18.76 9.21
CA ASP M 472 71.83 19.60 9.74
C ASP M 472 72.62 18.77 10.72
N LEU M 473 72.08 17.77 11.44
CA LEU M 473 72.78 16.93 12.44
C LEU M 473 73.62 16.00 11.60
N ARG M 474 73.19 15.53 10.45
CA ARG M 474 73.93 14.73 9.53
C ARG M 474 75.23 15.37 9.09
N ALA M 475 75.16 16.67 8.72
CA ALA M 475 76.31 17.39 8.26
C ALA M 475 77.24 17.72 9.35
N ARG M 476 76.59 18.01 10.49
CA ARG M 476 77.29 18.38 11.73
C ARG M 476 78.02 17.21 12.44
N HIS M 477 77.48 15.97 12.26
CA HIS M 477 78.18 14.91 12.85
C HIS M 477 79.37 14.39 12.08
N ALA M 478 79.61 14.95 10.90
CA ALA M 478 80.47 14.42 9.87
C ALA M 478 81.58 15.37 9.80
N LYS M 479 81.29 16.70 9.80
CA LYS M 479 82.35 17.69 9.70
C LYS M 479 82.77 18.06 11.16
N GLY M 480 81.82 18.14 12.15
CA GLY M 480 82.16 18.27 13.59
C GLY M 480 82.23 17.00 14.35
N LEU M 481 81.38 16.86 15.46
CA LEU M 481 81.45 15.94 16.61
C LEU M 481 80.19 15.06 16.87
N THR M 482 80.43 13.86 17.38
CA THR M 482 79.51 12.79 17.45
C THR M 482 78.45 12.91 18.43
N ASN M 483 78.73 13.32 19.70
CA ASN M 483 77.84 13.61 20.79
C ASN M 483 77.05 14.90 20.70
N CYS M 484 76.47 15.17 19.54
CA CYS M 484 75.57 16.31 19.33
C CYS M 484 74.12 15.93 19.48
N GLY M 485 73.38 16.44 20.46
CA GLY M 485 71.93 16.32 20.53
C GLY M 485 71.24 17.54 20.05
N VAL M 486 69.97 17.65 20.45
CA VAL M 486 69.17 18.85 20.25
C VAL M 486 68.51 19.26 21.58
N ASP M 487 68.66 20.52 21.99
CA ASP M 487 68.22 20.92 23.30
C ASP M 487 66.74 21.33 23.25
N VAL M 488 65.95 20.50 23.94
CA VAL M 488 64.51 20.69 24.24
C VAL M 488 64.19 21.72 25.33
N ILE M 489 65.12 22.13 26.18
CA ILE M 489 64.79 23.10 27.22
C ILE M 489 65.20 24.46 26.75
N ASN M 490 66.15 24.56 25.78
CA ASN M 490 66.56 25.84 25.20
C ASN M 490 66.27 26.11 23.74
N GLY M 491 65.78 25.17 22.90
CA GLY M 491 65.48 25.40 21.42
C GLY M 491 66.63 25.50 20.43
N LYS M 492 67.72 24.81 20.82
CA LYS M 492 68.93 24.85 20.01
C LYS M 492 69.64 23.54 19.72
N ILE M 493 70.29 23.27 18.57
CA ILE M 493 71.34 22.31 18.51
C ILE M 493 72.44 22.23 19.54
N ILE M 494 72.89 21.05 20.04
CA ILE M 494 73.83 21.01 21.21
C ILE M 494 74.86 19.96 21.19
N ASP M 495 76.14 20.37 21.04
CA ASP M 495 77.29 19.56 21.27
C ASP M 495 77.58 19.41 22.75
N ASP M 496 78.14 18.29 23.11
CA ASP M 496 78.10 17.52 24.31
C ASP M 496 76.87 17.41 25.06
N ILE M 497 75.77 16.86 24.52
CA ILE M 497 74.51 16.63 25.22
C ILE M 497 74.64 15.81 26.52
N TYR M 498 75.59 14.93 26.58
CA TYR M 498 75.91 14.25 27.85
C TYR M 498 76.39 15.13 28.97
N SER M 499 77.19 16.17 28.67
CA SER M 499 77.82 17.20 29.52
C SER M 499 76.84 18.24 29.99
N ILE M 500 75.60 18.11 29.57
CA ILE M 500 74.45 18.90 29.90
C ILE M 500 73.58 18.08 30.99
N ASN M 501 74.10 16.80 31.27
CA ASN M 501 73.60 15.82 32.18
C ASN M 501 72.40 15.02 31.75
N VAL M 502 72.49 14.47 30.47
CA VAL M 502 71.39 13.95 29.76
C VAL M 502 71.83 12.62 29.20
N VAL M 503 72.12 11.64 30.11
CA VAL M 503 72.47 10.31 29.67
C VAL M 503 71.51 9.25 30.27
N GLU M 504 71.53 8.14 29.52
CA GLU M 504 70.65 6.94 29.75
C GLU M 504 71.47 5.68 29.92
N PRO M 505 71.13 4.75 30.82
CA PRO M 505 71.53 3.38 30.74
C PRO M 505 71.44 2.84 29.33
N ILE M 506 72.47 2.15 28.84
CA ILE M 506 72.56 1.35 27.61
C ILE M 506 71.45 0.30 27.53
N ARG M 507 71.08 -0.30 28.66
CA ARG M 507 70.14 -1.40 28.74
C ARG M 507 68.73 -1.01 28.57
N VAL M 508 68.40 0.23 28.83
CA VAL M 508 67.09 0.77 28.52
C VAL M 508 66.87 1.07 27.02
N THR M 509 67.92 1.36 26.19
CA THR M 509 67.94 1.47 24.71
C THR M 509 67.82 0.08 24.12
N ARG M 510 68.77 -0.77 24.38
CA ARG M 510 68.94 -2.12 23.89
C ARG M 510 67.68 -2.97 23.95
N GLN M 511 67.00 -2.88 25.06
CA GLN M 511 65.73 -3.66 25.27
C GLN M 511 64.59 -3.20 24.42
N VAL M 512 64.47 -1.89 24.14
CA VAL M 512 63.34 -1.37 23.37
C VAL M 512 63.65 -1.53 21.91
N LEU M 513 64.97 -1.72 21.50
CA LEU M 513 65.27 -2.17 20.11
C LEU M 513 65.06 -3.62 20.01
N LYS M 514 65.31 -4.42 21.05
CA LYS M 514 65.00 -5.81 21.01
C LYS M 514 63.54 -6.08 20.90
N SER M 515 62.61 -5.33 21.65
CA SER M 515 61.20 -5.72 21.79
C SER M 515 60.33 -5.21 20.72
N ALA M 516 60.86 -4.20 20.01
CA ALA M 516 60.34 -3.86 18.76
C ALA M 516 60.84 -4.81 17.69
N THR M 517 62.10 -5.26 17.63
CA THR M 517 62.54 -6.17 16.51
C THR M 517 62.02 -7.63 16.70
N GLU M 518 61.56 -7.96 17.93
CA GLU M 518 60.90 -9.22 18.19
C GLU M 518 59.48 -9.04 17.62
N ALA M 519 58.87 -7.88 17.85
CA ALA M 519 57.49 -7.58 17.60
C ALA M 519 57.18 -7.52 16.10
N ALA M 520 58.10 -6.83 15.45
CA ALA M 520 57.99 -6.62 14.02
C ALA M 520 58.23 -7.87 13.22
N THR M 521 59.14 -8.68 13.75
CA THR M 521 59.45 -9.97 13.14
C THR M 521 58.24 -10.87 13.29
N SER M 522 57.52 -10.84 14.44
CA SER M 522 56.42 -11.72 14.64
C SER M 522 55.22 -11.33 13.76
N ILE M 523 54.97 -10.08 13.47
CA ILE M 523 53.87 -9.74 12.63
C ILE M 523 54.18 -10.08 11.18
N MET M 524 55.49 -10.18 10.84
CA MET M 524 55.95 -10.59 9.55
C MET M 524 55.73 -12.08 9.43
N LYS M 525 55.79 -12.80 10.59
CA LYS M 525 55.80 -14.24 10.62
C LYS M 525 54.32 -14.77 10.56
N ILE M 526 53.29 -13.93 10.49
CA ILE M 526 51.93 -14.34 10.88
C ILE M 526 51.13 -14.07 9.57
N ASP M 527 50.43 -15.10 9.16
CA ASP M 527 49.50 -15.13 8.08
C ASP M 527 48.33 -16.00 8.51
N ASP M 528 47.10 -15.63 8.18
CA ASP M 528 45.84 -16.09 8.72
C ASP M 528 45.53 -15.71 10.16
N LEU M 529 44.24 -15.73 10.43
CA LEU M 529 43.53 -15.30 11.58
C LEU M 529 42.28 -16.13 11.65
N ILE M 530 42.12 -17.06 12.62
CA ILE M 530 41.02 -17.97 12.65
C ILE M 530 40.22 -17.86 13.99
N ALA M 531 38.95 -17.42 13.93
CA ALA M 531 38.36 -17.12 15.24
C ALA M 531 37.02 -17.83 15.43
N ALA M 532 36.88 -18.44 16.59
CA ALA M 532 35.69 -19.11 16.86
C ALA M 532 34.55 -18.23 17.34
N THR N 14 32.84 3.63 16.79
CA THR N 14 33.07 4.46 17.99
C THR N 14 33.34 5.90 17.58
N SER N 15 33.56 6.77 18.63
CA SER N 15 33.74 8.15 18.36
C SER N 15 35.21 8.46 17.99
N ARG N 16 35.48 9.02 16.83
CA ARG N 16 36.85 9.35 16.30
C ARG N 16 37.26 10.84 16.43
N ASN N 17 38.57 11.05 16.17
CA ASN N 17 39.23 12.28 16.39
C ASN N 17 40.47 12.32 15.45
N SER N 18 40.89 13.44 14.80
CA SER N 18 42.09 13.55 13.97
C SER N 18 42.40 15.00 13.81
N GLY N 19 43.70 15.27 13.42
CA GLY N 19 43.85 16.57 12.73
C GLY N 19 43.76 17.89 13.61
N ARG N 20 43.78 17.76 14.96
CA ARG N 20 43.50 18.73 15.96
C ARG N 20 42.02 19.15 16.19
N ASP N 21 41.07 18.25 15.78
CA ASP N 21 39.62 18.51 15.98
C ASP N 21 39.30 18.51 17.49
N ALA N 22 39.68 17.41 18.25
CA ALA N 22 39.53 17.21 19.68
C ALA N 22 40.01 18.35 20.56
N LEU N 23 41.10 19.01 20.22
CA LEU N 23 41.49 20.23 20.89
C LEU N 23 40.55 21.42 20.65
N LYS N 24 40.01 21.61 19.44
CA LYS N 24 39.07 22.58 19.03
C LYS N 24 37.78 22.24 19.79
N ASN N 25 37.54 21.01 20.05
CA ASN N 25 36.29 20.65 20.78
C ASN N 25 36.40 20.83 22.30
N ASN N 26 37.61 20.74 22.87
CA ASN N 26 37.80 20.97 24.29
C ASN N 26 38.03 22.45 24.68
N ILE N 27 38.44 23.34 23.73
CA ILE N 27 38.39 24.78 23.86
C ILE N 27 37.01 25.17 23.81
N LEU N 28 36.26 24.57 22.88
CA LEU N 28 34.84 24.88 22.68
C LEU N 28 33.95 24.70 23.88
N ALA N 29 34.15 23.58 24.55
CA ALA N 29 33.43 23.20 25.79
C ALA N 29 33.78 24.12 26.95
N ALA N 30 35.12 24.41 27.12
CA ALA N 30 35.62 25.42 28.09
C ALA N 30 35.21 26.85 27.82
N ARG N 31 34.94 27.28 26.57
CA ARG N 31 34.43 28.55 26.13
C ARG N 31 32.96 28.56 26.41
N THR N 32 32.17 27.52 26.27
CA THR N 32 30.72 27.48 26.38
C THR N 32 30.43 27.55 27.90
N LEU N 33 31.21 26.89 28.75
CA LEU N 33 31.19 27.00 30.20
C LEU N 33 31.43 28.46 30.68
N ALA N 34 32.41 29.06 30.04
CA ALA N 34 32.90 30.35 30.34
C ALA N 34 31.89 31.35 29.95
N GLU N 35 31.21 31.32 28.78
CA GLU N 35 30.44 32.46 28.44
C GLU N 35 29.13 32.52 29.22
N MET N 36 28.76 31.43 29.95
CA MET N 36 27.69 31.34 30.87
C MET N 36 28.16 31.74 32.29
N LEU N 37 29.32 31.37 32.73
CA LEU N 37 29.76 32.01 33.94
C LEU N 37 30.23 33.49 33.84
N ARG N 38 30.61 34.00 32.66
CA ARG N 38 31.08 35.38 32.52
C ARG N 38 29.92 36.42 32.76
N SER N 39 28.71 35.93 32.48
CA SER N 39 27.45 36.60 32.84
C SER N 39 27.14 36.79 34.32
N SER N 40 27.87 36.02 35.16
CA SER N 40 27.66 36.19 36.62
C SER N 40 28.93 36.82 37.20
N LEU N 41 29.71 37.49 36.34
CA LEU N 41 30.96 38.09 36.81
C LEU N 41 30.78 39.25 37.72
N GLY N 42 31.37 39.23 38.91
CA GLY N 42 31.57 40.37 39.80
C GLY N 42 30.38 41.01 40.43
N PRO N 43 30.53 42.23 40.90
CA PRO N 43 29.46 42.85 41.76
C PRO N 43 28.29 43.35 41.02
N LYS N 44 28.29 43.44 39.71
CA LYS N 44 27.12 43.72 38.97
C LYS N 44 26.66 42.53 38.23
N GLY N 45 27.19 41.35 38.44
CA GLY N 45 26.87 40.16 37.65
C GLY N 45 25.44 39.66 37.64
N LEU N 46 25.00 38.65 36.82
CA LEU N 46 23.60 38.16 36.83
C LEU N 46 23.37 36.82 37.44
N ASP N 47 22.31 36.51 38.15
CA ASP N 47 22.13 35.24 38.82
C ASP N 47 21.38 34.28 37.94
N LYS N 48 21.83 33.03 37.98
CA LYS N 48 21.35 32.03 37.12
C LYS N 48 20.37 31.16 37.87
N MET N 49 19.52 30.34 37.17
CA MET N 49 18.59 29.45 37.77
C MET N 49 18.87 28.12 37.28
N LEU N 50 18.90 27.23 38.28
CA LEU N 50 19.35 25.92 38.03
C LEU N 50 18.52 24.94 38.78
N ILE N 51 17.76 24.12 38.09
CA ILE N 51 16.90 23.06 38.75
C ILE N 51 17.40 21.68 38.63
N ASP N 52 17.43 20.95 39.76
CA ASP N 52 17.85 19.56 39.97
C ASP N 52 16.68 18.60 39.53
N SER N 53 16.87 17.31 39.28
CA SER N 53 15.79 16.47 38.82
C SER N 53 14.93 15.86 39.97
N PHE N 54 15.28 16.23 41.24
CA PHE N 54 14.43 15.95 42.38
C PHE N 54 13.55 17.16 42.55
N GLY N 55 13.82 18.23 41.74
CA GLY N 55 12.84 19.34 41.40
C GLY N 55 13.21 20.56 42.15
N ASP N 56 14.41 20.52 42.84
CA ASP N 56 14.83 21.58 43.71
C ASP N 56 15.39 22.73 42.84
N VAL N 57 14.77 23.91 42.91
CA VAL N 57 15.27 25.05 42.18
C VAL N 57 16.31 25.87 42.91
N THR N 58 17.35 26.40 42.18
CA THR N 58 18.53 27.05 42.85
C THR N 58 18.96 28.23 42.09
N ILE N 59 18.94 29.46 42.72
CA ILE N 59 19.26 30.71 42.05
C ILE N 59 20.57 31.32 42.65
N THR N 60 21.71 31.39 41.89
CA THR N 60 22.94 32.01 42.44
C THR N 60 23.71 32.73 41.40
N ASN N 61 24.65 33.60 41.83
CA ASN N 61 25.67 34.19 41.03
C ASN N 61 27.04 33.73 41.32
N ASP N 62 27.20 32.97 42.42
CA ASP N 62 28.34 32.17 42.73
C ASP N 62 28.51 31.13 41.65
N GLY N 63 29.81 31.00 41.16
CA GLY N 63 30.21 30.15 39.96
C GLY N 63 30.59 28.71 40.33
N ALA N 64 30.99 28.51 41.62
CA ALA N 64 31.21 27.16 42.13
C ALA N 64 30.00 26.44 42.56
N THR N 65 28.96 27.26 42.85
CA THR N 65 27.60 26.74 43.06
C THR N 65 26.92 26.39 41.81
N ILE N 66 27.09 27.16 40.72
CA ILE N 66 26.51 26.87 39.43
C ILE N 66 27.01 25.64 38.78
N VAL N 67 28.34 25.39 38.91
CA VAL N 67 28.92 24.09 38.51
C VAL N 67 28.45 22.92 39.30
N LYS N 68 28.37 23.10 40.68
CA LYS N 68 27.73 22.02 41.44
C LYS N 68 26.28 21.70 41.03
N GLU N 69 25.50 22.69 40.85
CA GLU N 69 24.12 22.62 40.47
C GLU N 69 23.72 22.27 38.93
N MET N 70 24.70 22.02 37.97
CA MET N 70 24.58 21.94 36.56
C MET N 70 25.17 20.61 36.13
N GLU N 71 24.51 19.88 35.25
CA GLU N 71 25.08 18.74 34.52
C GLU N 71 26.08 19.13 33.47
N ILE N 72 27.33 18.66 33.60
CA ILE N 72 28.54 18.88 32.78
C ILE N 72 28.69 17.78 31.78
N GLN N 73 28.51 18.13 30.51
CA GLN N 73 28.24 17.16 29.50
C GLN N 73 29.32 17.05 28.47
N HIS N 74 30.42 17.69 28.76
CA HIS N 74 31.70 17.75 28.05
C HIS N 74 32.86 17.44 29.01
N PRO N 75 33.66 16.42 28.92
CA PRO N 75 34.70 16.09 29.92
C PRO N 75 35.70 17.20 30.33
N ALA N 76 36.10 18.13 29.46
CA ALA N 76 37.09 19.15 29.80
C ALA N 76 36.47 20.18 30.65
N ALA N 77 35.14 20.27 30.62
CA ALA N 77 34.40 21.12 31.50
C ALA N 77 34.31 20.50 32.91
N LYS N 78 34.40 19.18 33.03
CA LYS N 78 34.42 18.40 34.26
C LYS N 78 35.74 18.67 34.97
N LEU N 79 36.84 18.80 34.23
CA LEU N 79 38.12 19.24 34.76
C LEU N 79 38.07 20.58 35.39
N LEU N 80 37.41 21.49 34.68
CA LEU N 80 37.21 22.88 35.08
C LEU N 80 36.35 23.04 36.37
N VAL N 81 35.37 22.13 36.65
CA VAL N 81 34.60 22.13 37.91
C VAL N 81 35.43 21.94 39.11
N GLU N 82 36.40 21.03 39.00
CA GLU N 82 37.40 20.83 40.01
C GLU N 82 38.37 21.96 40.34
N ALA N 83 38.62 22.82 39.33
CA ALA N 83 39.56 23.90 39.41
C ALA N 83 38.91 25.05 40.20
N ALA N 84 37.65 25.22 39.93
CA ALA N 84 36.80 26.19 40.62
C ALA N 84 36.73 25.71 42.05
N LYS N 85 36.29 24.41 42.35
CA LYS N 85 36.26 23.88 43.69
C LYS N 85 37.43 24.26 44.60
N ALA N 86 38.69 23.96 44.20
CA ALA N 86 39.92 24.23 44.92
C ALA N 86 40.22 25.72 45.19
N GLN N 87 39.84 26.57 44.17
CA GLN N 87 39.82 28.04 44.24
C GLN N 87 38.68 28.70 45.09
N ASP N 88 37.55 27.99 45.20
CA ASP N 88 36.38 28.36 46.01
C ASP N 88 36.74 28.19 47.51
N SER N 89 37.69 27.28 47.96
CA SER N 89 38.00 27.09 49.39
C SER N 89 38.85 28.24 49.94
N GLU N 90 39.67 28.72 49.02
CA GLU N 90 40.40 29.98 49.34
C GLU N 90 39.55 31.24 49.28
N VAL N 91 38.70 31.48 48.23
CA VAL N 91 37.87 32.61 48.07
C VAL N 91 36.79 32.47 46.98
N GLY N 92 35.56 32.81 47.37
CA GLY N 92 34.41 32.80 46.46
C GLY N 92 34.07 33.93 45.51
N ASP N 93 34.92 34.95 45.35
CA ASP N 93 34.84 36.07 44.40
C ASP N 93 35.70 35.69 43.23
N GLY N 94 36.94 35.18 43.56
CA GLY N 94 38.01 34.79 42.67
C GLY N 94 37.57 33.63 41.84
N THR N 95 36.83 32.63 42.42
CA THR N 95 36.54 31.51 41.57
C THR N 95 35.73 31.76 40.25
N THR N 96 34.88 32.76 40.22
CA THR N 96 34.19 33.20 39.04
C THR N 96 35.19 33.79 38.03
N SER N 97 36.03 34.59 38.57
CA SER N 97 37.18 35.28 37.89
C SER N 97 38.15 34.29 37.39
N ALA N 98 38.49 33.22 38.12
CA ALA N 98 39.41 32.19 37.66
C ALA N 98 38.99 31.42 36.44
N VAL N 99 37.67 31.11 36.36
CA VAL N 99 37.12 30.43 35.17
C VAL N 99 37.21 31.33 33.92
N VAL N 100 36.89 32.58 34.13
CA VAL N 100 36.80 33.58 32.99
C VAL N 100 38.20 33.80 32.34
N LEU N 101 39.21 33.90 33.24
CA LEU N 101 40.60 33.98 32.83
C LEU N 101 41.06 32.76 32.09
N ALA N 102 40.63 31.59 32.48
CA ALA N 102 41.13 30.41 31.85
C ALA N 102 40.82 30.36 30.34
N GLY N 103 39.56 30.79 30.00
CA GLY N 103 38.97 30.93 28.72
C GLY N 103 39.59 31.95 27.89
N LEU N 104 40.02 33.10 28.46
CA LEU N 104 40.61 34.16 27.80
C LEU N 104 42.12 33.95 27.49
N PHE N 105 42.80 33.04 28.16
CA PHE N 105 44.10 32.56 27.80
C PHE N 105 43.88 31.51 26.68
N LEU N 106 42.82 30.69 26.80
CA LEU N 106 42.49 29.69 25.85
C LEU N 106 42.17 30.47 24.55
N GLU N 107 41.57 31.69 24.64
CA GLU N 107 41.13 32.38 23.40
C GLU N 107 42.28 33.09 22.61
N LYS N 108 43.33 33.34 23.37
CA LYS N 108 44.55 33.92 22.80
C LYS N 108 45.51 32.83 22.20
N ALA N 109 45.54 31.69 22.88
CA ALA N 109 46.31 30.46 22.56
C ALA N 109 45.89 29.96 21.18
N GLU N 110 44.57 30.01 20.95
CA GLU N 110 43.84 29.73 19.70
C GLU N 110 44.24 30.67 18.57
N SER N 111 44.54 31.94 18.85
CA SER N 111 45.08 32.91 17.81
C SER N 111 46.46 32.44 17.31
N LEU N 112 47.28 32.08 18.30
CA LEU N 112 48.61 31.54 18.10
C LEU N 112 48.60 30.22 17.37
N VAL N 113 47.65 29.27 17.68
CA VAL N 113 47.45 28.04 16.88
C VAL N 113 47.13 28.32 15.38
N ASP N 114 46.30 29.33 15.09
CA ASP N 114 45.95 29.73 13.69
C ASP N 114 47.16 30.18 12.94
N GLN N 115 48.11 30.91 13.62
CA GLN N 115 49.36 31.34 13.06
C GLN N 115 50.42 30.26 12.85
N ASN N 116 50.06 28.98 12.99
CA ASN N 116 50.81 27.75 12.93
C ASN N 116 51.95 27.60 13.94
N ILE N 117 51.68 28.13 15.13
CA ILE N 117 52.55 27.99 16.24
C ILE N 117 52.24 26.63 16.85
N HIS N 118 53.26 25.75 16.99
CA HIS N 118 53.09 24.53 17.83
C HIS N 118 52.71 24.73 19.32
N PRO N 119 51.80 24.05 19.96
CA PRO N 119 51.43 24.42 21.26
C PRO N 119 52.43 24.41 22.40
N THR N 120 53.46 23.54 22.32
CA THR N 120 54.58 23.62 23.23
C THR N 120 55.29 25.03 23.32
N ILE N 121 55.42 25.74 22.14
CA ILE N 121 56.04 27.04 22.04
C ILE N 121 55.13 28.12 22.73
N ILE N 122 53.84 28.04 22.52
CA ILE N 122 52.87 28.90 23.25
C ILE N 122 52.92 28.69 24.80
N ILE N 123 52.92 27.42 25.20
CA ILE N 123 53.03 26.95 26.56
C ILE N 123 54.24 27.58 27.29
N GLU N 124 55.41 27.51 26.68
CA GLU N 124 56.62 28.20 27.14
C GLU N 124 56.63 29.73 27.12
N GLY N 125 55.87 30.41 26.26
CA GLY N 125 55.83 31.92 26.39
C GLY N 125 54.80 32.32 27.46
N PHE N 126 53.80 31.48 27.68
CA PHE N 126 52.75 31.66 28.68
C PHE N 126 53.31 31.36 30.07
N LYS N 127 54.25 30.38 30.19
CA LYS N 127 55.02 30.21 31.43
C LYS N 127 55.89 31.37 31.75
N LYS N 128 56.59 31.90 30.81
CA LYS N 128 57.53 32.98 30.92
C LYS N 128 56.86 34.28 31.32
N ALA N 129 55.67 34.50 30.81
CA ALA N 129 54.74 35.52 31.23
C ALA N 129 54.35 35.36 32.73
N PHE N 130 54.04 34.18 33.14
CA PHE N 130 53.70 33.92 34.57
C PHE N 130 54.93 34.12 35.56
N ASN N 131 56.11 33.64 35.15
CA ASN N 131 57.45 33.82 35.79
C ASN N 131 57.88 35.27 35.83
N LYS N 132 57.59 36.08 34.81
CA LYS N 132 57.82 37.58 34.79
C LYS N 132 56.87 38.28 35.79
N SER N 133 55.54 37.88 35.89
CA SER N 133 54.62 38.38 36.87
C SER N 133 55.04 37.98 38.30
N LEU N 134 55.56 36.81 38.57
CA LEU N 134 55.92 36.53 39.95
C LEU N 134 57.13 37.33 40.43
N GLU N 135 58.04 37.79 39.53
CA GLU N 135 59.14 38.74 40.00
C GLU N 135 58.59 40.15 39.94
N LEU N 136 57.34 40.40 39.44
CA LEU N 136 56.66 41.71 39.45
C LEU N 136 55.65 41.94 40.64
N LEU N 137 55.02 40.87 41.20
CA LEU N 137 54.12 41.01 42.41
C LEU N 137 54.83 41.31 43.77
N PRO N 138 56.14 41.47 43.90
CA PRO N 138 56.69 42.06 45.08
C PRO N 138 57.15 43.47 44.75
N GLN N 139 57.42 43.82 43.48
CA GLN N 139 57.86 45.18 43.07
C GLN N 139 56.69 46.14 42.93
N LEU N 140 55.61 45.61 42.28
CA LEU N 140 54.47 46.42 41.93
C LEU N 140 53.52 46.62 43.11
N ALA N 141 53.66 45.69 44.09
CA ALA N 141 52.80 45.52 45.32
C ALA N 141 53.32 46.17 46.59
N THR N 142 52.30 46.30 47.60
CA THR N 142 52.39 47.05 48.83
C THR N 142 52.19 46.10 50.02
N LYS N 143 53.09 46.12 51.03
CA LYS N 143 52.98 45.28 52.16
C LYS N 143 52.78 46.10 53.36
N VAL N 144 51.77 45.63 54.07
CA VAL N 144 51.22 46.40 55.19
C VAL N 144 51.49 45.84 56.57
N ASP N 145 52.17 44.68 56.55
CA ASP N 145 52.72 43.88 57.66
C ASP N 145 51.71 43.31 58.73
N VAL N 146 51.93 42.05 59.21
CA VAL N 146 51.23 41.52 60.33
C VAL N 146 51.46 42.21 61.61
N SER N 147 50.41 42.38 62.38
CA SER N 147 50.36 43.24 63.70
C SER N 147 50.81 44.65 63.63
N ASP N 148 50.21 45.46 62.64
CA ASP N 148 50.16 46.94 62.87
C ASP N 148 49.48 47.37 64.20
N LEU N 149 50.34 47.89 65.10
CA LEU N 149 49.96 48.35 66.44
C LEU N 149 49.44 47.34 67.40
N ASN N 150 49.91 46.10 67.31
CA ASN N 150 49.42 45.03 68.09
C ASN N 150 48.14 44.45 67.59
N SER N 151 48.15 43.30 66.92
CA SER N 151 46.91 42.58 66.57
C SER N 151 45.92 43.29 65.55
N ALA N 152 46.39 43.76 64.33
CA ALA N 152 45.80 44.86 63.53
C ALA N 152 44.86 45.82 64.20
N THR N 153 45.39 47.07 64.53
CA THR N 153 44.75 48.07 65.24
C THR N 153 45.02 49.35 64.58
N ALA N 154 43.93 50.21 64.48
CA ALA N 154 43.83 51.38 63.63
C ALA N 154 43.29 51.17 62.19
N ARG N 155 42.34 50.25 62.16
CA ARG N 155 41.89 49.25 61.22
C ARG N 155 42.32 49.33 59.75
N ASP N 156 42.10 50.48 59.08
CA ASP N 156 42.64 50.89 57.74
C ASP N 156 42.54 49.70 56.72
N ALA N 157 43.62 48.94 56.61
CA ALA N 157 43.71 47.82 55.66
C ALA N 157 42.69 46.70 55.69
N LEU N 158 42.40 46.13 56.94
CA LEU N 158 41.28 45.18 57.13
C LEU N 158 39.93 45.86 56.78
N LYS N 159 39.76 47.14 57.19
CA LYS N 159 38.47 47.87 57.04
C LYS N 159 38.22 47.94 55.57
N LYS N 160 39.28 48.21 54.77
CA LYS N 160 39.04 48.40 53.35
C LYS N 160 38.63 47.24 52.59
N ILE N 161 39.22 46.10 52.88
CA ILE N 161 38.91 44.93 52.15
C ILE N 161 37.59 44.27 52.70
N VAL N 162 37.25 44.28 54.03
CA VAL N 162 36.09 43.68 54.52
C VAL N 162 34.86 44.51 54.20
N TYR N 163 34.91 45.85 54.20
CA TYR N 163 33.86 46.67 53.78
C TYR N 163 33.62 46.50 52.23
N THR N 164 34.72 46.45 51.48
CA THR N 164 34.60 46.17 50.00
C THR N 164 34.04 44.87 49.69
N THR N 165 34.39 43.77 50.29
CA THR N 165 33.84 42.44 50.04
C THR N 165 32.29 42.42 50.42
N MET N 166 31.92 43.09 51.50
CA MET N 166 30.57 43.28 51.97
C MET N 166 29.70 44.08 50.96
N SER N 167 30.26 45.20 50.40
CA SER N 167 29.72 46.02 49.36
C SER N 167 29.62 45.27 48.10
N SER N 168 30.65 44.49 47.80
CA SER N 168 30.71 43.71 46.56
C SER N 168 29.59 42.62 46.52
N LYS N 169 29.24 41.90 47.62
CA LYS N 169 28.18 40.88 47.47
C LYS N 169 26.71 41.31 47.54
N PHE N 170 26.40 42.65 47.60
CA PHE N 170 25.10 43.24 47.79
C PHE N 170 24.89 44.73 47.37
N MET N 171 26.02 45.46 47.14
CA MET N 171 26.05 46.90 46.74
C MET N 171 25.30 47.81 47.68
N ALA N 172 24.89 49.00 47.29
CA ALA N 172 24.09 49.99 48.05
C ALA N 172 24.52 50.28 49.48
N GLU N 173 23.71 50.10 50.53
CA GLU N 173 24.05 50.37 51.97
C GLU N 173 24.04 49.23 52.95
N GLY N 174 25.01 49.20 53.89
CA GLY N 174 25.22 48.19 54.83
C GLY N 174 26.07 48.65 56.05
N GLU N 175 25.99 49.91 56.38
CA GLU N 175 26.81 50.54 57.38
C GLU N 175 26.62 49.96 58.78
N GLU N 176 25.33 49.69 59.14
CA GLU N 176 25.01 49.05 60.37
C GLU N 176 25.33 47.47 60.55
N LEU N 177 25.83 46.83 59.46
CA LEU N 177 26.46 45.53 59.46
C LEU N 177 27.97 45.56 59.50
N ASN N 178 28.58 46.51 58.79
CA ASN N 178 30.05 46.76 58.81
C ASN N 178 30.60 47.15 60.25
N LYS N 179 29.93 48.02 61.05
CA LYS N 179 30.49 48.31 62.34
C LYS N 179 30.59 47.14 63.39
N ILE N 180 29.50 46.34 63.47
CA ILE N 180 29.46 45.10 64.20
C ILE N 180 30.34 43.99 63.59
N MET N 181 30.34 43.81 62.26
CA MET N 181 31.21 42.79 61.69
C MET N 181 32.72 43.04 61.84
N ASP N 182 33.17 44.33 61.70
CA ASP N 182 34.49 44.88 61.94
C ASP N 182 34.84 44.61 63.44
N ILE N 183 33.99 44.76 64.45
CA ILE N 183 34.34 44.32 65.85
C ILE N 183 34.60 42.84 65.92
N VAL N 184 33.84 41.95 65.23
CA VAL N 184 34.00 40.54 65.13
C VAL N 184 35.30 40.11 64.47
N ILE N 185 35.72 40.68 63.34
CA ILE N 185 36.93 40.40 62.60
C ILE N 185 38.16 40.80 63.47
N ASP N 186 38.07 41.91 64.15
CA ASP N 186 39.02 42.35 65.15
C ASP N 186 38.98 41.37 66.39
N ALA N 187 37.77 40.89 66.88
CA ALA N 187 37.88 39.94 67.97
C ALA N 187 38.58 38.60 67.61
N VAL N 188 38.28 37.94 66.38
CA VAL N 188 38.87 36.75 65.83
C VAL N 188 40.33 36.85 65.57
N THR N 189 40.82 38.06 65.10
CA THR N 189 42.24 38.20 64.83
C THR N 189 43.10 37.91 66.08
N THR N 190 42.60 38.42 67.23
CA THR N 190 43.14 38.23 68.52
C THR N 190 43.34 36.73 68.89
N VAL N 191 42.29 35.88 68.57
CA VAL N 191 42.23 34.50 68.88
C VAL N 191 43.28 33.61 68.30
N ALA N 192 43.24 33.50 66.92
CA ALA N 192 44.33 33.33 65.98
C ALA N 192 45.75 33.47 66.57
N GLU N 193 46.36 34.62 66.71
CA GLU N 193 47.74 34.86 67.12
C GLU N 193 48.84 34.53 66.13
N PRO N 194 50.05 35.09 66.18
CA PRO N 194 50.70 35.43 64.92
C PRO N 194 51.78 34.44 64.73
N LEU N 195 52.23 34.27 63.47
CA LEU N 195 53.18 33.22 63.07
C LEU N 195 54.53 33.83 62.59
N PRO N 196 55.80 33.42 62.88
CA PRO N 196 57.06 34.02 62.44
C PRO N 196 57.13 34.24 61.03
N ASP N 197 57.56 35.43 60.65
CA ASP N 197 58.19 35.74 59.41
C ASP N 197 57.12 36.34 58.42
N GLY N 198 55.93 36.74 59.00
CA GLY N 198 54.88 37.23 58.17
C GLY N 198 53.73 36.24 57.89
N GLY N 199 53.15 35.63 58.93
CA GLY N 199 51.91 34.92 58.77
C GLY N 199 51.06 35.00 60.08
N TYR N 200 50.10 34.09 60.21
CA TYR N 200 49.23 33.98 61.35
C TYR N 200 48.68 32.60 61.51
N ASN N 201 48.21 32.26 62.76
CA ASN N 201 47.55 30.99 63.10
C ASN N 201 46.06 31.14 62.72
N VAL N 202 45.72 31.34 61.46
CA VAL N 202 44.34 31.49 60.99
C VAL N 202 43.81 30.10 60.73
N SER N 203 42.56 29.89 61.17
CA SER N 203 41.80 28.71 61.07
C SER N 203 40.37 29.12 61.08
N LEU N 204 39.62 28.84 59.96
CA LEU N 204 38.19 28.96 60.00
C LEU N 204 37.58 27.69 60.50
N ASP N 205 38.45 26.67 60.61
CA ASP N 205 38.06 25.32 61.01
C ASP N 205 37.83 25.15 62.52
N LEU N 206 38.24 26.08 63.31
CA LEU N 206 38.01 26.27 64.74
C LEU N 206 37.07 27.42 65.14
N ILE N 207 36.64 28.29 64.20
CA ILE N 207 35.60 29.33 64.41
C ILE N 207 34.19 28.75 64.19
N LYS N 208 33.24 29.04 65.08
CA LYS N 208 31.92 28.54 65.06
C LYS N 208 30.93 29.75 65.35
N ILE N 209 29.87 29.98 64.58
CA ILE N 209 28.86 31.05 64.82
C ILE N 209 27.49 30.34 64.89
N ASP N 210 26.78 30.69 66.01
CA ASP N 210 25.42 30.18 66.34
C ASP N 210 24.51 31.37 66.27
N LYS N 211 23.43 31.20 65.48
CA LYS N 211 22.58 32.36 65.29
C LYS N 211 21.21 32.22 65.96
N LYS N 212 20.78 33.27 66.72
CA LYS N 212 19.56 33.20 67.47
C LYS N 212 18.60 34.43 67.20
N LYS N 213 17.28 34.14 67.00
CA LYS N 213 16.35 35.24 66.74
C LYS N 213 16.21 36.21 67.98
N GLY N 214 15.85 37.44 67.73
CA GLY N 214 14.99 38.17 68.57
C GLY N 214 15.68 39.05 69.60
N GLY N 215 16.68 39.79 69.10
CA GLY N 215 17.49 40.83 69.84
C GLY N 215 17.90 41.70 68.83
N THR N 216 19.19 42.14 68.80
CA THR N 216 19.72 42.99 67.78
C THR N 216 21.09 42.45 67.47
N ILE N 217 21.62 42.74 66.26
CA ILE N 217 22.91 42.31 65.80
C ILE N 217 24.04 42.91 66.71
N GLU N 218 24.02 44.25 67.19
CA GLU N 218 25.21 44.84 68.06
C GLU N 218 25.63 44.07 69.34
N ASP N 219 24.71 43.21 69.65
CA ASP N 219 24.65 42.35 70.85
C ASP N 219 25.14 40.92 70.62
N SER N 220 25.77 40.69 69.42
CA SER N 220 26.52 39.51 69.08
C SER N 220 27.82 39.65 69.80
N GLN N 221 28.27 38.43 70.25
CA GLN N 221 29.41 38.20 71.20
C GLN N 221 30.25 36.92 70.96
N LEU N 222 31.56 37.01 71.30
CA LEU N 222 32.39 35.88 71.43
C LEU N 222 32.09 35.11 72.77
N ILE N 223 32.26 33.80 72.90
CA ILE N 223 32.21 32.92 74.06
C ILE N 223 33.55 32.28 74.11
N ARG N 224 34.22 32.23 75.29
CA ARG N 224 35.54 31.74 75.66
C ARG N 224 35.36 30.25 76.04
N GLY N 225 34.54 29.47 75.34
CA GLY N 225 34.26 28.02 75.40
C GLY N 225 33.46 27.65 74.23
N ILE N 226 32.73 26.53 74.42
CA ILE N 226 31.74 26.02 73.44
C ILE N 226 30.25 26.22 73.88
N VAL N 227 29.28 26.58 72.92
CA VAL N 227 27.90 26.75 73.15
C VAL N 227 27.22 25.53 72.52
N LEU N 228 26.41 24.90 73.38
CA LEU N 228 25.55 23.81 72.93
C LEU N 228 24.02 24.07 72.83
N ASP N 229 23.54 23.96 71.57
CA ASP N 229 22.14 23.96 71.09
C ASP N 229 21.31 22.87 71.83
N LYS N 230 21.92 21.74 72.18
CA LYS N 230 21.22 20.60 72.80
C LYS N 230 20.80 20.77 74.28
N GLU N 231 19.71 20.05 74.69
CA GLU N 231 19.27 20.10 76.05
C GLU N 231 20.07 19.35 77.09
N VAL N 232 20.22 19.85 78.33
CA VAL N 232 20.27 19.04 79.56
C VAL N 232 18.96 18.29 79.76
N VAL N 233 18.72 17.25 78.99
CA VAL N 233 17.99 16.02 79.24
C VAL N 233 16.94 15.98 80.43
N HIS N 234 17.05 15.16 81.50
CA HIS N 234 16.38 15.10 82.83
C HIS N 234 16.31 16.34 83.57
N ALA N 235 15.14 16.58 84.23
CA ALA N 235 14.86 17.79 85.02
C ALA N 235 15.60 17.87 86.31
N GLY N 236 15.93 16.65 86.84
CA GLY N 236 16.54 16.53 88.10
C GLY N 236 18.01 16.85 88.19
N MET N 237 18.77 16.86 87.05
CA MET N 237 20.17 17.33 86.97
C MET N 237 20.29 18.86 87.25
N PRO N 238 21.33 19.34 87.96
CA PRO N 238 21.71 20.78 88.10
C PRO N 238 21.64 21.62 86.79
N ARG N 239 21.35 22.89 86.96
CA ARG N 239 21.11 23.82 85.81
C ARG N 239 22.26 24.74 85.67
N ARG N 240 23.17 24.71 86.66
CA ARG N 240 24.40 25.47 86.66
C ARG N 240 25.52 24.73 87.40
N VAL N 241 26.73 24.77 86.86
CA VAL N 241 27.96 24.09 87.34
C VAL N 241 29.06 25.14 87.46
N GLU N 242 29.70 25.17 88.61
CA GLU N 242 30.78 26.07 88.84
C GLU N 242 32.04 25.30 89.09
N LYS N 243 33.21 25.61 88.46
CA LYS N 243 34.38 24.74 88.50
C LYS N 243 34.11 23.37 88.00
N ALA N 244 33.64 23.32 86.72
CA ALA N 244 33.28 22.15 86.02
C ALA N 244 34.41 21.30 85.29
N LYS N 245 34.42 20.02 85.64
CA LYS N 245 35.32 19.06 85.08
C LYS N 245 34.47 18.30 84.00
N ILE N 246 34.91 18.42 82.75
CA ILE N 246 34.17 17.91 81.65
C ILE N 246 34.68 16.63 81.15
N ALA N 247 33.79 15.65 81.19
CA ALA N 247 33.97 14.48 80.43
C ALA N 247 33.22 14.39 79.09
N VAL N 248 33.91 13.90 78.06
CA VAL N 248 33.33 13.68 76.72
C VAL N 248 33.24 12.21 76.43
N LEU N 249 32.04 11.69 76.13
CA LEU N 249 31.99 10.26 75.88
C LEU N 249 31.35 9.94 74.53
N ASP N 250 32.10 9.12 73.78
CA ASP N 250 31.89 8.74 72.40
C ASP N 250 30.68 7.79 72.29
N ALA N 251 30.50 6.85 73.20
CA ALA N 251 29.47 5.80 73.19
C ALA N 251 28.24 6.21 73.85
N SER N 252 27.16 5.40 73.51
CA SER N 252 25.85 5.33 74.22
C SER N 252 25.93 5.19 75.72
N LEU N 253 25.14 5.95 76.41
CA LEU N 253 24.88 5.62 77.85
C LEU N 253 23.58 4.89 78.00
N GLU N 254 23.66 3.67 77.44
CA GLU N 254 22.72 2.56 77.33
C GLU N 254 23.54 1.39 77.35
N VAL N 255 23.03 0.31 78.02
CA VAL N 255 23.78 -0.93 77.91
C VAL N 255 23.87 -1.62 76.53
N GLU N 256 25.09 -1.88 76.03
CA GLU N 256 25.42 -2.47 74.78
C GLU N 256 25.54 -3.99 74.81
N LYS N 257 25.41 -4.55 76.06
CA LYS N 257 25.41 -5.91 76.48
C LYS N 257 26.71 -6.66 76.22
N PRO N 258 26.99 -7.72 77.04
CA PRO N 258 28.31 -8.39 76.94
C PRO N 258 28.50 -9.15 75.68
N GLU N 259 29.71 -9.64 75.36
CA GLU N 259 30.08 -10.25 74.08
C GLU N 259 29.46 -11.62 73.70
N ILE N 260 28.64 -12.22 74.67
CA ILE N 260 27.85 -13.43 74.56
C ILE N 260 26.46 -13.17 74.09
N SER N 261 25.94 -11.94 74.17
CA SER N 261 24.51 -11.66 74.47
C SER N 261 23.57 -11.89 73.28
N ALA N 262 22.39 -12.59 73.49
CA ALA N 262 21.35 -12.78 72.47
C ALA N 262 20.09 -12.66 73.30
N LYS N 263 18.93 -12.33 72.64
CA LYS N 263 17.68 -12.08 73.39
C LYS N 263 17.04 -13.42 73.83
N ILE N 264 16.80 -13.50 75.19
CA ILE N 264 16.16 -14.62 75.90
C ILE N 264 14.69 -14.08 75.97
N SER N 265 13.71 -14.79 75.31
CA SER N 265 12.36 -14.40 75.36
C SER N 265 11.70 -14.87 76.64
N ILE N 266 11.16 -13.98 77.55
CA ILE N 266 10.63 -14.34 78.84
C ILE N 266 9.43 -13.51 78.98
N THR N 267 8.36 -14.02 79.60
CA THR N 267 7.08 -13.45 80.05
C THR N 267 6.92 -13.55 81.58
N SER N 268 7.33 -14.71 82.11
CA SER N 268 8.10 -14.83 83.39
C SER N 268 8.11 -13.61 84.40
N PRO N 269 7.29 -13.36 85.42
CA PRO N 269 7.15 -11.97 85.99
C PRO N 269 8.42 -11.65 86.67
N ASP N 270 8.95 -12.51 87.62
CA ASP N 270 10.12 -12.29 88.43
C ASP N 270 11.43 -12.13 87.69
N GLN N 271 11.55 -12.81 86.55
CA GLN N 271 12.79 -12.74 85.73
C GLN N 271 12.86 -11.43 84.86
N ILE N 272 11.66 -10.69 84.70
CA ILE N 272 11.69 -9.42 83.95
C ILE N 272 12.32 -8.34 84.86
N LYS N 273 12.02 -8.43 86.16
CA LYS N 273 12.67 -7.55 87.10
C LYS N 273 14.17 -7.84 87.28
N ALA N 274 14.58 -9.13 87.04
CA ALA N 274 15.99 -9.52 87.17
C ALA N 274 16.79 -9.15 85.91
N PHE N 275 16.16 -9.01 84.74
CA PHE N 275 16.81 -8.46 83.58
C PHE N 275 17.07 -6.93 83.81
N LEU N 276 16.08 -6.26 84.39
CA LEU N 276 16.17 -4.81 84.57
C LEU N 276 17.21 -4.49 85.65
N ASP N 277 17.19 -5.33 86.71
CA ASP N 277 18.16 -5.10 87.71
C ASP N 277 19.65 -5.52 87.41
N GLU N 278 19.84 -6.55 86.51
CA GLU N 278 21.15 -6.79 85.97
C GLU N 278 21.60 -5.71 85.11
N GLU N 279 20.67 -5.07 84.43
CA GLU N 279 20.94 -3.93 83.48
C GLU N 279 21.23 -2.62 84.27
N ALA N 280 20.73 -2.64 85.51
CA ALA N 280 20.90 -1.51 86.43
C ALA N 280 22.31 -1.58 87.10
N LYS N 281 22.87 -2.82 87.32
CA LYS N 281 24.19 -2.92 87.95
C LYS N 281 25.27 -2.61 86.87
N TYR N 282 24.94 -2.68 85.55
CA TYR N 282 25.89 -2.16 84.53
C TYR N 282 25.83 -0.66 84.35
N LEU N 283 24.64 0.05 84.42
CA LEU N 283 24.48 1.47 84.41
C LEU N 283 24.97 2.18 85.66
N LYS N 284 24.79 1.54 86.82
CA LYS N 284 25.31 2.14 88.00
C LYS N 284 26.85 2.03 88.02
N ASP N 285 27.50 1.04 87.29
CA ASP N 285 28.94 0.98 87.13
C ASP N 285 29.33 2.22 86.27
N MET N 286 28.72 2.38 85.10
CA MET N 286 29.03 3.52 84.17
C MET N 286 29.02 4.93 84.78
N VAL N 287 27.96 5.25 85.58
CA VAL N 287 27.72 6.42 86.40
C VAL N 287 28.71 6.58 87.48
N ASP N 288 28.97 5.55 88.25
CA ASP N 288 29.92 5.51 89.32
C ASP N 288 31.32 5.80 88.84
N LYS N 289 31.62 5.31 87.59
CA LYS N 289 32.97 5.53 87.07
C LYS N 289 33.21 6.99 86.74
N LEU N 290 32.18 7.53 86.07
CA LEU N 290 32.18 8.96 85.70
C LEU N 290 32.27 9.81 87.02
N ALA N 291 31.50 9.44 88.04
CA ALA N 291 31.67 10.11 89.31
C ALA N 291 33.05 9.88 90.04
N SER N 292 33.79 8.77 89.79
CA SER N 292 35.12 8.45 90.36
C SER N 292 36.13 9.32 89.74
N ILE N 293 35.99 9.61 88.42
CA ILE N 293 36.84 10.54 87.70
C ILE N 293 36.75 11.91 88.42
N GLY N 294 35.62 12.15 89.06
CA GLY N 294 35.43 13.35 89.71
C GLY N 294 34.61 14.28 88.86
N ALA N 295 34.22 13.86 87.67
CA ALA N 295 33.63 14.65 86.61
C ALA N 295 32.28 15.21 87.07
N ASN N 296 32.13 16.45 86.63
CA ASN N 296 30.94 17.35 86.91
C ASN N 296 30.00 17.39 85.78
N VAL N 297 30.50 17.60 84.57
CA VAL N 297 29.63 17.51 83.40
C VAL N 297 30.02 16.22 82.57
N VAL N 298 29.11 15.68 81.74
CA VAL N 298 29.38 14.69 80.79
C VAL N 298 28.59 15.04 79.55
N ILE N 299 29.13 14.70 78.35
CA ILE N 299 28.61 14.88 77.04
C ILE N 299 28.44 13.45 76.54
N CYS N 300 27.25 13.06 75.98
CA CYS N 300 27.04 11.75 75.42
C CYS N 300 26.59 12.01 73.97
N GLN N 301 27.39 11.51 73.03
CA GLN N 301 27.09 11.71 71.61
C GLN N 301 25.89 10.98 70.96
N LYS N 302 25.47 9.81 71.55
CA LYS N 302 24.27 9.09 71.27
C LYS N 302 23.09 9.40 72.23
N GLY N 303 22.22 8.46 72.51
CA GLY N 303 21.35 8.30 73.65
C GLY N 303 21.89 7.92 75.07
N ILE N 304 21.20 8.46 76.08
CA ILE N 304 21.31 8.15 77.52
C ILE N 304 20.06 7.62 78.12
N ASP N 305 20.15 6.60 78.98
CA ASP N 305 19.02 5.92 79.68
C ASP N 305 18.47 6.73 80.92
N ASP N 306 17.17 6.74 81.17
CA ASP N 306 16.44 7.43 82.22
C ASP N 306 16.96 7.10 83.63
N ILE N 307 17.18 5.79 83.99
CA ILE N 307 17.82 5.47 85.21
C ILE N 307 19.20 6.09 85.35
N ALA N 308 20.04 6.05 84.27
CA ALA N 308 21.36 6.67 84.27
C ALA N 308 21.22 8.20 84.41
N GLN N 309 20.15 8.90 84.05
CA GLN N 309 19.93 10.30 84.35
C GLN N 309 19.49 10.57 85.80
N HIS N 310 18.74 9.59 86.40
CA HIS N 310 18.36 9.71 87.79
C HIS N 310 19.55 9.65 88.69
N PHE N 311 20.50 8.71 88.45
CA PHE N 311 21.77 8.53 89.13
C PHE N 311 22.84 9.53 88.86
N LEU N 312 22.89 10.17 87.69
CA LEU N 312 23.79 11.25 87.37
C LEU N 312 23.40 12.54 88.07
N ALA N 313 22.05 12.78 88.29
CA ALA N 313 21.51 13.93 89.05
C ALA N 313 21.75 13.86 90.52
N LYS N 314 21.65 12.60 91.00
CA LYS N 314 22.03 12.35 92.36
C LYS N 314 23.51 12.66 92.71
N ARG N 315 24.42 12.23 91.80
CA ARG N 315 25.87 12.39 91.83
C ARG N 315 26.23 13.80 91.45
N GLY N 316 25.26 14.72 91.00
CA GLY N 316 25.45 16.11 90.90
C GLY N 316 25.99 16.45 89.47
N ILE N 317 25.85 15.52 88.57
CA ILE N 317 26.52 15.52 87.27
C ILE N 317 25.55 15.93 86.17
N LEU N 318 25.99 16.86 85.28
CA LEU N 318 25.17 17.48 84.23
C LEU N 318 25.40 16.77 82.90
N ALA N 319 24.36 16.09 82.41
CA ALA N 319 24.58 15.39 81.19
C ALA N 319 23.88 16.09 80.05
N VAL N 320 24.43 16.01 78.87
CA VAL N 320 23.85 16.52 77.67
C VAL N 320 23.59 15.36 76.72
N ARG N 321 22.62 15.22 75.81
CA ARG N 321 22.66 14.10 74.86
C ARG N 321 23.30 14.40 73.56
N ARG N 322 22.77 13.99 72.41
CA ARG N 322 23.18 14.11 71.06
C ARG N 322 24.01 15.34 70.48
N VAL N 323 25.30 15.59 70.80
CA VAL N 323 26.20 16.61 70.29
C VAL N 323 27.06 16.13 69.10
N LYS N 324 26.92 16.84 67.97
CA LYS N 324 27.50 16.47 66.72
C LYS N 324 29.01 16.66 66.53
N ARG N 325 29.50 15.81 65.52
CA ARG N 325 30.98 15.58 65.28
C ARG N 325 31.90 16.77 65.22
N SER N 326 31.51 17.88 64.48
CA SER N 326 32.12 19.14 64.46
C SER N 326 31.99 19.90 65.85
N ASP N 327 30.83 19.92 66.59
CA ASP N 327 30.74 20.68 67.86
C ASP N 327 31.72 20.01 68.87
N ILE N 328 31.91 18.65 68.81
CA ILE N 328 32.69 17.75 69.69
C ILE N 328 34.12 18.00 69.42
N GLU N 329 34.55 18.22 68.15
CA GLU N 329 36.00 18.41 67.73
C GLU N 329 36.53 19.68 68.36
N LYS N 330 35.60 20.65 68.40
CA LYS N 330 35.74 22.02 68.95
C LYS N 330 35.70 22.02 70.43
N LEU N 331 34.86 21.20 71.10
CA LEU N 331 34.67 21.01 72.55
C LEU N 331 35.85 20.34 73.15
N GLU N 332 36.45 19.39 72.37
CA GLU N 332 37.71 18.78 72.71
C GLU N 332 38.86 19.78 72.71
N LYS N 333 39.19 20.37 71.54
CA LYS N 333 40.24 21.35 71.46
C LYS N 333 40.24 22.56 72.42
N ALA N 334 39.03 23.04 72.78
CA ALA N 334 38.93 24.15 73.71
C ALA N 334 38.88 23.77 75.26
N LEU N 335 38.55 22.59 75.71
CA LEU N 335 38.56 22.25 77.11
C LEU N 335 39.70 21.43 77.51
N GLY N 336 40.54 21.02 76.56
CA GLY N 336 41.63 20.10 76.87
C GLY N 336 41.34 18.68 77.13
N ALA N 337 40.08 18.25 76.77
CA ALA N 337 39.74 16.87 76.75
C ALA N 337 40.38 16.23 75.57
N ARG N 338 40.29 14.87 75.62
CA ARG N 338 40.70 14.07 74.41
C ARG N 338 39.79 12.86 74.32
N ILE N 339 38.62 12.83 74.97
CA ILE N 339 37.49 12.04 74.49
C ILE N 339 37.66 10.53 74.83
N ILE N 340 36.77 10.03 75.69
CA ILE N 340 36.75 8.73 76.28
C ILE N 340 36.06 7.79 75.36
N SER N 341 36.69 6.67 75.03
CA SER N 341 36.15 5.52 74.28
C SER N 341 35.54 4.56 75.36
N SER N 342 36.23 4.26 76.44
CA SER N 342 35.90 3.13 77.29
C SER N 342 35.49 3.68 78.64
N ILE N 343 34.09 3.75 78.92
CA ILE N 343 33.64 4.22 80.18
C ILE N 343 34.08 3.36 81.42
N LYS N 344 34.10 2.01 81.23
CA LYS N 344 34.57 1.03 82.17
C LYS N 344 35.99 1.27 82.73
N ASP N 345 36.91 1.59 81.84
CA ASP N 345 38.25 1.90 82.23
C ASP N 345 38.53 3.31 82.93
N ALA N 346 37.46 4.17 82.93
CA ALA N 346 37.45 5.47 83.52
C ALA N 346 38.67 6.35 83.18
N THR N 347 38.93 6.44 81.87
CA THR N 347 40.29 6.65 81.30
C THR N 347 40.92 7.96 81.57
N PRO N 348 42.16 8.10 81.96
CA PRO N 348 42.46 8.99 83.05
C PRO N 348 43.18 10.24 82.62
N GLU N 349 43.48 10.40 81.33
CA GLU N 349 44.16 11.52 80.68
C GLU N 349 43.30 12.06 79.51
N ASP N 350 41.93 11.97 79.64
CA ASP N 350 40.90 12.34 78.68
C ASP N 350 40.13 13.57 79.08
N LEU N 351 40.46 14.24 80.25
CA LEU N 351 39.58 15.14 80.94
C LEU N 351 39.78 16.61 80.56
N GLY N 352 38.68 17.36 80.36
CA GLY N 352 38.83 18.79 80.17
C GLY N 352 38.34 19.57 81.40
N TYR N 353 38.48 20.89 81.32
CA TYR N 353 38.12 21.81 82.31
C TYR N 353 37.39 23.15 81.90
N ALA N 354 36.26 23.51 82.53
CA ALA N 354 35.46 24.69 82.20
C ALA N 354 35.27 25.42 83.50
N GLU N 355 35.26 26.78 83.40
CA GLU N 355 35.08 27.60 84.62
C GLU N 355 33.66 27.44 85.15
N LEU N 356 32.71 27.38 84.26
CA LEU N 356 31.36 27.21 84.65
C LEU N 356 30.62 26.62 83.41
N VAL N 357 29.44 26.00 83.72
CA VAL N 357 28.59 25.42 82.69
C VAL N 357 27.26 25.71 83.16
N GLU N 358 26.42 26.40 82.34
CA GLU N 358 25.01 26.64 82.73
C GLU N 358 24.07 26.44 81.61
N GLU N 359 22.75 26.30 81.87
CA GLU N 359 21.64 26.43 80.93
C GLU N 359 21.06 27.85 80.87
N ARG N 360 20.88 28.45 79.67
CA ARG N 360 20.37 29.77 79.48
C ARG N 360 19.40 29.68 78.31
N LYS N 361 18.23 30.41 78.35
CA LYS N 361 17.33 30.58 77.13
C LYS N 361 17.92 31.74 76.28
N VAL N 362 18.13 31.50 75.02
CA VAL N 362 18.61 32.52 74.12
C VAL N 362 17.62 32.61 73.01
N GLY N 363 17.10 33.88 72.83
CA GLY N 363 16.08 34.14 71.81
C GLY N 363 14.83 33.34 71.84
N ASN N 364 14.47 32.90 73.04
CA ASN N 364 13.38 31.96 73.47
C ASN N 364 13.76 30.48 73.48
N ASP N 365 14.74 30.01 72.68
CA ASP N 365 15.17 28.61 72.60
C ASP N 365 16.14 28.19 73.72
N LYS N 366 16.00 26.98 74.23
CA LYS N 366 16.97 26.58 75.26
C LYS N 366 18.43 26.25 74.78
N MET N 367 19.41 26.51 75.70
CA MET N 367 20.80 26.42 75.21
C MET N 367 21.72 26.20 76.37
N VAL N 368 22.74 25.34 76.16
CA VAL N 368 23.73 24.92 77.17
C VAL N 368 25.09 25.54 76.87
N PHE N 369 25.66 26.25 77.77
CA PHE N 369 26.82 26.99 77.55
C PHE N 369 28.00 26.49 78.43
N ILE N 370 29.14 26.22 77.76
CA ILE N 370 30.38 25.87 78.41
C ILE N 370 31.35 27.07 78.16
N GLU N 371 31.89 27.71 79.24
CA GLU N 371 32.79 28.87 79.12
C GLU N 371 33.80 29.04 80.21
N GLY N 372 34.84 29.96 79.95
CA GLY N 372 35.94 30.25 80.87
C GLY N 372 37.06 29.32 80.59
N ALA N 373 37.61 29.32 79.38
CA ALA N 373 38.62 28.32 78.99
C ALA N 373 39.92 29.03 78.66
N LYS N 374 40.96 28.66 79.46
CA LYS N 374 42.31 29.19 79.35
C LYS N 374 42.81 29.05 77.92
N ASN N 375 42.92 30.10 77.09
CA ASN N 375 43.79 30.27 75.90
C ASN N 375 43.45 29.31 74.75
N PRO N 376 42.16 29.17 74.31
CA PRO N 376 41.70 28.24 73.26
C PRO N 376 41.98 28.81 71.83
N LYS N 377 42.21 27.95 70.83
CA LYS N 377 42.32 28.39 69.46
C LYS N 377 41.02 28.20 68.77
N ALA N 378 40.04 27.47 69.54
CA ALA N 378 38.66 27.32 69.19
C ALA N 378 37.74 28.15 70.07
N VAL N 379 36.99 29.07 69.47
CA VAL N 379 36.03 29.99 70.17
C VAL N 379 34.62 29.83 69.59
N ASN N 380 33.62 30.28 70.36
CA ASN N 380 32.20 30.21 69.76
C ASN N 380 31.56 31.58 69.75
N ILE N 381 30.89 31.94 68.60
CA ILE N 381 30.36 33.27 68.39
C ILE N 381 28.88 33.14 68.34
N LEU N 382 28.24 33.98 69.11
CA LEU N 382 26.83 34.07 69.18
C LEU N 382 26.38 35.19 68.40
N LEU N 383 25.49 35.00 67.48
CA LEU N 383 24.92 35.89 66.54
C LEU N 383 23.39 36.12 66.78
N ARG N 384 23.07 37.31 67.25
CA ARG N 384 21.68 37.75 67.47
C ARG N 384 21.25 38.57 66.27
N GLY N 385 19.96 38.63 66.03
CA GLY N 385 19.36 39.47 65.02
C GLY N 385 17.88 39.66 65.14
N SER N 386 17.15 39.95 64.08
CA SER N 386 15.66 40.01 64.01
C SER N 386 14.93 38.61 64.08
N ASN N 387 14.49 38.05 62.93
CA ASN N 387 14.02 36.67 62.80
C ASN N 387 15.00 35.72 62.20
N ASP N 388 15.04 35.40 60.83
CA ASP N 388 15.96 34.38 60.41
C ASP N 388 16.82 34.78 59.21
N MET N 389 16.24 35.46 58.22
CA MET N 389 16.96 35.76 56.85
C MET N 389 18.03 36.71 56.97
N ALA N 390 17.95 37.72 57.85
CA ALA N 390 18.81 38.86 58.07
C ALA N 390 20.04 38.37 58.93
N LEU N 391 19.92 37.17 59.53
CA LEU N 391 20.86 36.56 60.37
C LEU N 391 21.67 35.63 59.52
N ASP N 392 20.99 34.79 58.65
CA ASP N 392 21.68 33.91 57.72
C ASP N 392 22.64 34.65 56.83
N GLU N 393 22.17 35.80 56.32
CA GLU N 393 22.97 36.77 55.57
C GLU N 393 24.16 37.38 56.41
N ALA N 394 23.98 37.81 57.74
CA ALA N 394 25.02 38.33 58.55
C ALA N 394 26.01 37.27 58.90
N GLU N 395 25.58 36.03 58.93
CA GLU N 395 26.49 34.91 59.04
C GLU N 395 27.41 34.72 57.89
N ARG N 396 26.85 34.77 56.66
CA ARG N 396 27.44 34.72 55.36
C ARG N 396 28.46 35.86 55.16
N SER N 397 28.06 37.04 55.57
CA SER N 397 28.88 38.22 55.59
C SER N 397 30.09 38.17 56.49
N ILE N 398 29.96 37.57 57.63
CA ILE N 398 31.13 37.37 58.55
C ILE N 398 32.06 36.40 57.95
N ASN N 399 31.55 35.26 57.33
CA ASN N 399 32.37 34.31 56.57
C ASN N 399 33.21 34.98 55.56
N ASP N 400 32.55 35.65 54.52
CA ASP N 400 33.23 36.34 53.46
C ASP N 400 34.33 37.28 53.97
N ALA N 401 34.09 37.99 55.10
CA ALA N 401 35.05 38.90 55.68
C ALA N 401 36.23 38.21 56.29
N LEU N 402 35.98 36.98 56.89
CA LEU N 402 37.01 36.08 57.46
C LEU N 402 37.87 35.47 56.39
N TYR N 403 37.28 35.07 55.23
CA TYR N 403 38.14 34.47 54.14
C TYR N 403 39.05 35.52 53.53
N SER N 404 38.55 36.78 53.51
CA SER N 404 39.44 37.88 53.17
C SER N 404 40.42 38.24 54.21
N LEU N 405 40.13 38.06 55.51
CA LEU N 405 40.99 38.34 56.60
C LEU N 405 42.08 37.31 56.72
N ARG N 406 41.80 36.05 56.39
CA ARG N 406 42.80 34.94 56.32
C ARG N 406 43.73 35.05 55.15
N ASN N 407 43.33 35.66 54.00
CA ASN N 407 44.26 35.92 52.90
C ASN N 407 45.20 37.14 53.26
N ILE N 408 44.70 38.20 53.94
CA ILE N 408 45.63 39.20 54.39
C ILE N 408 46.51 38.79 55.59
N LEU N 409 46.00 38.04 56.55
CA LEU N 409 46.81 37.58 57.69
C LEU N 409 47.87 36.65 57.27
N MET N 410 47.59 35.63 56.35
CA MET N 410 48.65 34.73 56.08
C MET N 410 49.69 35.18 55.06
N GLU N 411 49.44 36.39 54.47
CA GLU N 411 50.52 37.05 53.73
C GLU N 411 50.10 38.58 53.54
N PRO N 412 50.67 39.46 54.41
CA PRO N 412 50.33 40.89 54.55
C PRO N 412 50.82 41.81 53.40
N TYR N 413 50.61 41.38 52.14
CA TYR N 413 50.76 42.16 50.92
C TYR N 413 49.38 42.37 50.33
N ILE N 414 49.09 43.56 49.86
CA ILE N 414 47.84 43.86 49.08
C ILE N 414 48.10 44.56 47.74
N VAL N 415 47.09 44.52 46.84
CA VAL N 415 47.16 45.13 45.51
C VAL N 415 45.77 45.67 45.13
N PRO N 416 45.65 46.66 44.29
CA PRO N 416 44.41 47.23 43.86
C PRO N 416 43.93 46.55 42.56
N GLY N 417 43.03 45.62 42.74
CA GLY N 417 42.58 44.66 41.73
C GLY N 417 41.20 44.92 41.29
N GLY N 418 40.97 44.60 39.99
CA GLY N 418 39.80 44.93 39.21
C GLY N 418 39.98 46.28 38.65
N GLY N 419 41.26 46.72 38.55
CA GLY N 419 41.55 47.83 37.59
C GLY N 419 43.04 47.99 37.51
N ALA N 420 43.81 48.07 38.61
CA ALA N 420 45.13 48.62 38.46
C ALA N 420 46.11 47.49 38.33
N ILE N 421 46.32 46.56 39.38
CA ILE N 421 47.27 45.52 39.42
C ILE N 421 47.36 44.76 38.06
N GLU N 422 46.23 44.27 37.49
CA GLU N 422 46.11 43.51 36.31
C GLU N 422 46.64 44.35 35.13
N LEU N 423 46.23 45.59 34.98
CA LEU N 423 46.71 46.44 33.92
C LEU N 423 48.23 46.74 34.04
N GLU N 424 48.84 46.92 35.27
CA GLU N 424 50.33 47.11 35.28
C GLU N 424 51.13 45.91 34.92
N LEU N 425 50.68 44.67 35.24
CA LEU N 425 51.39 43.47 34.77
C LEU N 425 51.36 43.36 33.29
N SER N 426 50.16 43.71 32.73
CA SER N 426 49.95 43.69 31.24
C SER N 426 50.80 44.70 30.44
N ALA N 427 51.03 45.90 30.96
CA ALA N 427 51.85 46.94 30.37
C ALA N 427 53.35 46.60 30.53
N ARG N 428 53.65 45.95 31.63
CA ARG N 428 54.99 45.43 31.85
C ARG N 428 55.28 44.23 30.88
N LEU N 429 54.27 43.38 30.54
CA LEU N 429 54.37 42.36 29.59
C LEU N 429 54.42 42.87 28.15
N ARG N 430 53.77 43.95 27.75
CA ARG N 430 54.07 44.54 26.51
C ARG N 430 55.17 45.64 26.53
N GLU N 431 56.38 45.21 26.93
CA GLU N 431 57.59 45.99 27.18
C GLU N 431 58.59 44.84 27.39
N TYR N 432 58.17 43.87 28.21
CA TYR N 432 58.86 42.60 28.36
C TYR N 432 58.93 41.90 27.00
N ALA N 433 57.77 41.52 26.38
CA ALA N 433 57.73 40.96 25.08
C ALA N 433 58.50 41.71 24.00
N ARG N 434 58.77 43.03 24.15
CA ARG N 434 59.70 43.73 23.22
C ARG N 434 61.12 43.28 23.42
N SER N 435 61.61 43.07 24.65
CA SER N 435 62.96 42.49 24.98
C SER N 435 63.00 40.99 24.68
N VAL N 436 61.89 40.28 24.58
CA VAL N 436 61.94 38.89 24.14
C VAL N 436 61.86 38.86 22.58
N GLY N 437 62.60 38.00 21.84
CA GLY N 437 62.48 37.88 20.35
C GLY N 437 61.76 36.52 20.00
N GLY N 438 61.74 36.09 18.74
CA GLY N 438 61.11 34.92 18.23
C GLY N 438 59.65 34.71 18.60
N LYS N 439 59.08 33.61 18.16
CA LYS N 439 57.68 33.18 18.40
C LYS N 439 57.20 33.04 19.88
N GLU N 440 58.22 33.00 20.84
CA GLU N 440 58.03 33.21 22.30
C GLU N 440 57.66 34.58 22.70
N GLN N 441 57.95 35.63 21.94
CA GLN N 441 57.50 36.95 22.30
C GLN N 441 56.04 37.08 22.01
N LEU N 442 55.46 36.41 20.97
CA LEU N 442 54.07 36.44 20.50
C LEU N 442 53.24 35.78 21.56
N ALA N 443 53.83 34.68 22.17
CA ALA N 443 53.15 34.01 23.30
C ALA N 443 53.06 34.91 24.53
N ILE N 444 54.19 35.58 24.89
CA ILE N 444 54.19 36.58 25.98
C ILE N 444 53.30 37.86 25.88
N GLU N 445 53.32 38.47 24.70
CA GLU N 445 52.39 39.59 24.41
C GLU N 445 50.93 39.27 24.21
N ALA N 446 50.63 37.98 23.99
CA ALA N 446 49.31 37.46 24.03
C ALA N 446 48.82 37.10 25.57
N TYR N 447 49.74 36.83 26.53
CA TYR N 447 49.35 36.76 27.89
C TYR N 447 48.97 38.22 28.45
N ALA N 448 49.74 39.21 27.88
CA ALA N 448 49.42 40.64 28.16
C ALA N 448 48.05 41.05 27.65
N ASP N 449 47.64 40.64 26.45
CA ASP N 449 46.34 40.88 25.85
C ASP N 449 45.15 40.31 26.62
N ALA N 450 45.35 39.06 27.18
CA ALA N 450 44.37 38.36 27.94
C ALA N 450 44.11 39.08 29.25
N LEU N 451 45.11 39.70 29.92
CA LEU N 451 44.87 40.58 31.07
C LEU N 451 43.98 41.82 30.83
N GLU N 452 44.17 42.42 29.58
CA GLU N 452 43.32 43.45 29.06
C GLU N 452 41.87 43.11 28.84
N GLU N 453 41.49 41.79 28.86
CA GLU N 453 40.14 41.36 28.69
C GLU N 453 39.37 41.32 30.00
N ILE N 454 40.10 41.44 31.18
CA ILE N 454 39.64 41.63 32.54
C ILE N 454 39.40 43.19 32.62
N PRO N 455 38.76 43.81 33.70
CA PRO N 455 38.75 45.32 33.78
C PRO N 455 37.67 46.08 33.02
N MET N 456 37.69 45.94 31.72
CA MET N 456 36.74 46.56 30.83
C MET N 456 35.47 45.68 30.64
N ILE N 457 35.63 44.37 31.03
CA ILE N 457 34.50 43.46 31.05
C ILE N 457 33.66 43.69 32.30
N LEU N 458 34.31 44.05 33.50
CA LEU N 458 33.65 44.57 34.67
C LEU N 458 32.91 45.92 34.42
N ALA N 459 33.47 46.86 33.69
CA ALA N 459 32.82 48.12 33.36
C ALA N 459 31.62 47.89 32.41
N GLU N 460 31.66 46.84 31.59
CA GLU N 460 30.58 46.48 30.68
C GLU N 460 29.41 45.87 31.41
N THR N 461 29.72 45.04 32.43
CA THR N 461 28.71 44.41 33.36
C THR N 461 27.95 45.53 34.09
N ALA N 462 28.72 46.55 34.44
CA ALA N 462 28.36 47.74 35.11
C ALA N 462 27.62 48.79 34.20
N GLY N 463 27.40 48.62 32.87
CA GLY N 463 26.50 49.47 32.03
C GLY N 463 27.26 50.48 31.28
N LEU N 464 28.58 50.42 31.36
CA LEU N 464 29.49 51.47 30.91
C LEU N 464 30.11 50.94 29.70
N GLU N 465 30.63 51.72 28.67
CA GLU N 465 31.09 51.21 27.40
C GLU N 465 32.46 50.50 27.62
N PRO N 466 32.75 49.22 27.23
CA PRO N 466 33.99 48.54 27.55
C PRO N 466 35.19 48.92 26.78
N ILE N 467 35.22 49.02 25.43
CA ILE N 467 36.37 49.45 24.65
C ILE N 467 36.71 50.87 24.90
N SER N 468 35.74 51.79 25.16
CA SER N 468 36.06 53.18 25.61
C SER N 468 36.54 53.21 27.05
N ALA N 469 36.05 52.33 27.91
CA ALA N 469 36.59 52.39 29.31
C ALA N 469 38.06 51.96 29.31
N LEU N 470 38.43 50.99 28.43
CA LEU N 470 39.75 50.47 28.30
C LEU N 470 40.73 51.52 27.75
N MET N 471 40.36 52.30 26.75
CA MET N 471 41.23 53.32 26.27
C MET N 471 41.43 54.47 27.24
N ASP N 472 40.37 54.79 28.03
CA ASP N 472 40.46 55.91 28.96
C ASP N 472 41.23 55.38 30.25
N LEU N 473 41.15 54.06 30.58
CA LEU N 473 41.84 53.49 31.78
C LEU N 473 43.36 53.31 31.45
N ARG N 474 43.71 52.91 30.17
CA ARG N 474 45.04 52.79 29.71
C ARG N 474 45.79 54.13 29.69
N ALA N 475 45.10 55.20 29.19
CA ALA N 475 45.69 56.55 29.14
C ALA N 475 45.82 57.18 30.45
N ARG N 476 44.86 56.91 31.38
CA ARG N 476 45.08 57.39 32.71
C ARG N 476 46.16 56.65 33.42
N HIS N 477 46.37 55.35 33.10
CA HIS N 477 47.45 54.59 33.74
C HIS N 477 48.86 54.93 33.13
N ALA N 478 48.83 55.81 32.08
CA ALA N 478 50.04 56.06 31.28
C ALA N 478 50.54 57.47 31.48
N LYS N 479 49.61 58.46 31.44
CA LYS N 479 49.82 59.87 31.61
C LYS N 479 49.68 60.21 33.02
N GLY N 480 48.76 59.61 33.67
CA GLY N 480 48.68 59.78 35.13
C GLY N 480 49.38 58.56 35.63
N LEU N 481 48.82 57.88 36.67
CA LEU N 481 49.57 57.01 37.51
C LEU N 481 48.92 55.60 37.56
N THR N 482 49.59 54.53 38.00
CA THR N 482 49.21 53.15 37.67
C THR N 482 48.10 52.63 38.58
N ASN N 483 47.91 53.23 39.76
CA ASN N 483 46.81 52.96 40.77
C ASN N 483 45.53 53.57 40.40
N CYS N 484 45.12 53.29 39.14
CA CYS N 484 43.87 53.83 38.65
C CYS N 484 42.96 52.64 38.53
N GLY N 485 41.69 52.74 38.97
CA GLY N 485 40.64 51.74 38.87
C GLY N 485 39.33 52.33 38.55
N VAL N 486 38.29 51.61 38.85
CA VAL N 486 36.95 52.15 38.67
C VAL N 486 36.05 51.86 39.85
N ASP N 487 34.84 52.61 39.94
CA ASP N 487 33.87 52.53 40.99
C ASP N 487 32.55 52.05 40.33
N VAL N 488 31.89 51.04 40.91
CA VAL N 488 30.54 50.54 40.58
C VAL N 488 29.41 51.34 41.30
N ILE N 489 29.68 51.95 42.51
CA ILE N 489 28.70 52.70 43.27
C ILE N 489 28.33 54.09 42.62
N ASN N 490 29.27 54.96 42.17
CA ASN N 490 28.94 56.10 41.44
C ASN N 490 29.09 55.96 39.95
N GLY N 491 29.82 54.88 39.51
CA GLY N 491 29.89 54.55 38.14
C GLY N 491 30.82 55.42 37.30
N LYS N 492 32.09 55.49 37.68
CA LYS N 492 33.09 56.30 37.07
C LYS N 492 34.44 55.75 37.41
N ILE N 493 35.34 55.82 36.45
CA ILE N 493 36.81 55.66 36.50
C ILE N 493 37.52 56.67 37.43
N ILE N 494 38.45 56.15 38.30
CA ILE N 494 39.00 56.95 39.35
C ILE N 494 40.46 56.60 39.58
N ASP N 495 41.24 57.64 39.62
CA ASP N 495 42.55 57.58 40.10
C ASP N 495 42.65 57.37 41.61
N ASP N 496 43.81 56.86 42.19
CA ASP N 496 43.98 56.41 43.56
C ASP N 496 42.83 55.63 44.25
N ILE N 497 42.46 54.49 43.55
CA ILE N 497 41.38 53.52 43.89
C ILE N 497 41.57 52.96 45.34
N TYR N 498 42.80 52.80 45.93
CA TYR N 498 42.96 52.58 47.36
C TYR N 498 42.21 53.62 48.31
N SER N 499 42.18 54.99 48.00
CA SER N 499 41.49 55.97 48.76
C SER N 499 39.94 55.88 48.66
N ILE N 500 39.50 54.99 47.71
CA ILE N 500 38.07 54.80 47.52
C ILE N 500 37.75 53.49 48.30
N ASN N 501 38.74 53.05 49.15
CA ASN N 501 38.75 51.88 49.96
C ASN N 501 38.63 50.54 49.24
N VAL N 502 38.98 50.55 47.97
CA VAL N 502 38.90 49.37 47.10
C VAL N 502 40.37 48.88 46.99
N VAL N 503 40.59 47.73 47.64
CA VAL N 503 41.88 47.13 47.48
C VAL N 503 41.67 45.70 47.82
N GLU N 504 42.58 44.79 47.49
CA GLU N 504 42.53 43.34 47.66
C GLU N 504 43.82 42.79 48.20
N PRO N 505 43.81 41.84 49.14
CA PRO N 505 44.98 40.98 49.32
C PRO N 505 45.57 40.43 48.05
N ILE N 506 46.96 40.48 47.79
CA ILE N 506 47.66 39.79 46.64
C ILE N 506 47.35 38.34 46.41
N ARG N 507 47.05 37.59 47.47
CA ARG N 507 46.81 36.16 47.34
C ARG N 507 45.53 35.81 46.51
N VAL N 508 44.58 36.76 46.37
CA VAL N 508 43.40 36.52 45.53
C VAL N 508 43.78 36.67 44.05
N THR N 509 44.79 37.51 43.70
CA THR N 509 45.23 37.75 42.34
C THR N 509 46.02 36.51 42.00
N ARG N 510 47.07 36.25 42.78
CA ARG N 510 47.92 35.13 42.57
C ARG N 510 47.31 33.76 42.44
N GLN N 511 46.31 33.40 43.24
CA GLN N 511 45.59 32.14 43.10
C GLN N 511 44.70 32.07 41.83
N VAL N 512 44.04 33.16 41.30
CA VAL N 512 43.25 33.06 40.08
C VAL N 512 44.15 33.07 38.84
N LEU N 513 45.39 33.56 38.95
CA LEU N 513 46.32 33.43 37.87
C LEU N 513 46.95 32.00 37.84
N LYS N 514 47.18 31.38 38.98
CA LYS N 514 47.65 29.95 39.05
C LYS N 514 46.54 28.96 38.60
N SER N 515 45.30 29.13 38.94
CA SER N 515 44.22 28.17 38.55
C SER N 515 43.59 28.41 37.24
N ALA N 516 43.73 29.61 36.64
CA ALA N 516 43.35 29.91 35.22
C ALA N 516 44.41 29.51 34.23
N THR N 517 45.72 29.68 34.65
CA THR N 517 46.84 29.11 33.84
C THR N 517 47.01 27.58 33.98
N GLU N 518 46.33 26.93 34.92
CA GLU N 518 46.40 25.45 35.04
C GLU N 518 45.49 24.78 33.96
N ALA N 519 44.22 25.35 33.93
CA ALA N 519 43.14 24.87 33.13
C ALA N 519 43.38 25.13 31.67
N ALA N 520 43.88 26.35 31.28
CA ALA N 520 44.06 26.73 29.94
C ALA N 520 45.19 25.91 29.32
N THR N 521 46.29 25.63 30.09
CA THR N 521 47.41 24.86 29.68
C THR N 521 47.12 23.39 29.52
N SER N 522 46.28 22.95 30.42
CA SER N 522 45.82 21.55 30.54
C SER N 522 44.95 21.23 29.40
N ILE N 523 44.13 22.20 28.98
CA ILE N 523 43.31 21.91 27.76
C ILE N 523 44.14 22.04 26.50
N MET N 524 45.31 22.81 26.57
CA MET N 524 46.24 22.87 25.51
C MET N 524 47.05 21.58 25.35
N LYS N 525 47.22 20.89 26.54
CA LYS N 525 48.12 19.77 26.70
C LYS N 525 47.58 18.39 26.35
N ILE N 526 46.30 18.41 25.89
CA ILE N 526 45.43 17.28 25.72
C ILE N 526 44.96 17.26 24.30
N ASP N 527 45.12 16.07 23.63
CA ASP N 527 44.70 15.72 22.31
C ASP N 527 44.25 14.29 22.41
N ASP N 528 43.22 13.97 21.60
CA ASP N 528 42.41 12.77 21.68
C ASP N 528 41.58 12.53 22.87
N LEU N 529 40.61 11.63 22.61
CA LEU N 529 39.57 11.30 23.57
C LEU N 529 39.06 9.89 23.33
N ILE N 530 39.26 9.00 24.30
CA ILE N 530 39.02 7.61 24.16
C ILE N 530 37.98 7.29 25.19
N ALA N 531 36.82 6.77 24.80
CA ALA N 531 35.70 6.68 25.72
C ALA N 531 35.22 5.25 25.76
N ALA N 532 35.08 4.64 27.00
CA ALA N 532 34.67 3.20 27.07
C ALA N 532 33.15 3.01 27.25
N THR O 14 15.88 20.28 25.07
CA THR O 14 16.19 21.34 26.05
C THR O 14 16.12 22.77 25.48
N SER O 15 15.37 23.65 26.18
CA SER O 15 15.08 25.03 25.66
C SER O 15 16.24 25.90 26.09
N ARG O 16 16.93 26.52 25.14
CA ARG O 16 18.04 27.39 25.39
C ARG O 16 17.73 28.87 25.30
N ASN O 17 18.68 29.68 25.74
CA ASN O 17 18.44 31.12 25.76
C ASN O 17 19.65 31.98 25.54
N SER O 18 19.48 33.07 24.80
CA SER O 18 20.41 34.13 24.50
C SER O 18 19.71 35.50 24.17
N GLY O 19 20.38 36.61 24.27
CA GLY O 19 19.78 37.79 23.73
C GLY O 19 18.71 38.38 24.59
N ARG O 20 18.73 38.11 25.94
CA ARG O 20 17.63 38.45 26.84
C ARG O 20 16.37 37.68 26.54
N ASP O 21 16.45 36.44 26.10
CA ASP O 21 15.23 35.61 25.81
C ASP O 21 14.51 35.37 27.09
N ALA O 22 15.29 34.83 28.07
CA ALA O 22 14.95 34.50 29.44
C ALA O 22 14.30 35.64 30.14
N LEU O 23 14.80 36.88 29.98
CA LEU O 23 14.19 38.01 30.57
C LEU O 23 12.81 38.32 29.91
N LYS O 24 12.75 38.17 28.61
CA LYS O 24 11.55 38.49 27.92
C LYS O 24 10.37 37.55 28.21
N ASN O 25 10.68 36.25 28.51
CA ASN O 25 9.62 35.32 28.82
C ASN O 25 9.21 35.40 30.27
N ASN O 26 10.12 35.84 31.12
CA ASN O 26 9.83 36.00 32.56
C ASN O 26 9.10 37.33 32.80
N ILE O 27 9.28 38.30 31.83
CA ILE O 27 8.48 39.53 31.92
C ILE O 27 7.03 39.32 31.49
N LEU O 28 6.85 38.57 30.34
CA LEU O 28 5.50 38.22 29.79
C LEU O 28 4.70 37.33 30.69
N ALA O 29 5.36 36.31 31.37
CA ALA O 29 4.65 35.48 32.40
C ALA O 29 4.12 36.29 33.59
N ALA O 30 4.98 37.20 34.20
CA ALA O 30 4.61 38.16 35.23
C ALA O 30 3.65 39.19 34.77
N ARG O 31 3.59 39.61 33.44
CA ARG O 31 2.51 40.51 32.93
C ARG O 31 1.26 39.79 32.72
N THR O 32 1.25 38.45 32.36
CA THR O 32 0.10 37.71 32.15
C THR O 32 -0.54 37.50 33.56
N LEU O 33 0.27 37.20 34.66
CA LEU O 33 -0.25 37.18 36.01
C LEU O 33 -0.83 38.46 36.55
N ALA O 34 -0.15 39.60 36.36
CA ALA O 34 -0.57 40.95 36.84
C ALA O 34 -1.94 41.28 36.11
N GLU O 35 -2.00 41.01 34.84
CA GLU O 35 -3.15 41.34 34.05
C GLU O 35 -4.30 40.39 34.25
N MET O 36 -4.04 39.29 34.92
CA MET O 36 -5.09 38.33 35.26
C MET O 36 -5.55 38.73 36.65
N LEU O 37 -4.68 39.17 37.57
CA LEU O 37 -5.21 39.66 38.88
C LEU O 37 -5.95 41.00 38.96
N ARG O 38 -5.71 41.85 37.96
CA ARG O 38 -6.21 43.14 37.82
C ARG O 38 -7.68 43.28 37.56
N SER O 39 -8.34 42.29 36.89
CA SER O 39 -9.80 42.25 36.89
C SER O 39 -10.47 42.02 38.26
N SER O 40 -9.77 41.49 39.26
CA SER O 40 -10.20 41.21 40.63
C SER O 40 -9.69 42.12 41.74
N LEU O 41 -8.65 42.96 41.47
CA LEU O 41 -7.99 43.87 42.29
C LEU O 41 -8.86 44.81 43.15
N GLY O 42 -9.78 45.68 42.62
CA GLY O 42 -10.52 46.60 43.45
C GLY O 42 -11.75 45.98 44.06
N PRO O 43 -12.52 46.74 44.81
CA PRO O 43 -13.63 46.27 45.64
C PRO O 43 -14.95 46.08 44.86
N LYS O 44 -15.12 46.64 43.66
CA LYS O 44 -16.15 46.26 42.67
C LYS O 44 -15.69 45.25 41.64
N GLY O 45 -14.62 44.48 41.98
CA GLY O 45 -13.87 43.66 41.07
C GLY O 45 -14.49 42.31 40.87
N LEU O 46 -13.98 41.57 39.82
CA LEU O 46 -14.61 40.35 39.30
C LEU O 46 -13.94 39.05 39.80
N ASP O 47 -14.78 38.12 40.37
CA ASP O 47 -14.35 36.86 40.92
C ASP O 47 -13.94 35.77 39.90
N LYS O 48 -12.94 34.97 40.23
CA LYS O 48 -12.54 33.85 39.43
C LYS O 48 -13.14 32.57 40.03
N MET O 49 -13.18 31.54 39.23
CA MET O 49 -13.64 30.25 39.64
C MET O 49 -12.47 29.25 39.37
N LEU O 50 -12.21 28.50 40.39
CA LEU O 50 -11.07 27.66 40.37
C LEU O 50 -11.46 26.40 40.91
N ILE O 51 -11.47 25.34 40.10
CA ILE O 51 -11.94 24.05 40.61
C ILE O 51 -10.86 23.10 40.96
N ASP O 52 -10.96 22.43 42.16
CA ASP O 52 -10.09 21.49 42.75
C ASP O 52 -10.33 20.07 42.17
N SER O 53 -9.33 19.17 42.38
CA SER O 53 -9.43 17.77 41.88
C SER O 53 -10.29 16.89 42.71
N PHE O 54 -10.54 17.19 43.98
CA PHE O 54 -11.55 16.50 44.89
C PHE O 54 -12.87 17.14 44.62
N GLY O 55 -13.04 17.94 43.58
CA GLY O 55 -14.25 18.37 42.95
C GLY O 55 -14.73 19.63 43.54
N ASP O 56 -14.05 20.15 44.56
CA ASP O 56 -14.40 21.40 45.20
C ASP O 56 -14.27 22.56 44.22
N VAL O 57 -15.33 23.35 44.05
CA VAL O 57 -15.34 24.62 43.29
C VAL O 57 -14.98 25.71 44.33
N THR O 58 -14.19 26.79 43.91
CA THR O 58 -13.70 27.82 44.72
C THR O 58 -13.85 29.13 43.96
N ILE O 59 -14.67 30.10 44.49
CA ILE O 59 -14.85 31.42 43.92
C ILE O 59 -14.21 32.44 44.76
N THR O 60 -13.20 33.19 44.28
CA THR O 60 -12.59 34.23 45.14
C THR O 60 -12.11 35.34 44.24
N ASN O 61 -11.83 36.49 44.88
CA ASN O 61 -11.14 37.60 44.21
C ASN O 61 -9.85 38.08 44.82
N ASP O 62 -9.45 37.63 45.97
CA ASP O 62 -8.15 37.89 46.50
C ASP O 62 -7.15 37.17 45.79
N GLY O 63 -5.96 37.74 45.63
CA GLY O 63 -4.98 37.19 44.73
C GLY O 63 -4.03 36.21 45.32
N ALA O 64 -3.82 36.19 46.67
CA ALA O 64 -3.03 35.15 47.26
C ALA O 64 -3.84 33.81 47.26
N THR O 65 -5.18 33.88 47.21
CA THR O 65 -6.04 32.72 47.09
C THR O 65 -6.06 32.26 45.71
N ILE O 66 -6.15 33.08 44.62
CA ILE O 66 -6.15 32.59 43.22
C ILE O 66 -4.78 31.98 42.95
N VAL O 67 -3.57 32.45 43.36
CA VAL O 67 -2.30 31.84 43.17
C VAL O 67 -2.09 30.47 43.88
N LYS O 68 -2.49 30.43 45.12
CA LYS O 68 -2.67 29.19 45.90
C LYS O 68 -3.64 28.15 45.36
N GLU O 69 -4.86 28.60 44.87
CA GLU O 69 -5.76 27.61 44.33
C GLU O 69 -5.42 27.07 42.92
N MET O 70 -4.29 27.47 42.25
CA MET O 70 -4.00 27.28 40.83
C MET O 70 -2.61 26.52 40.66
N GLU O 71 -2.30 25.98 39.47
CA GLU O 71 -1.09 25.45 39.15
C GLU O 71 -0.33 26.48 38.38
N ILE O 72 0.38 27.40 39.22
CA ILE O 72 1.14 28.54 38.73
C ILE O 72 2.33 27.97 38.06
N GLN O 73 2.42 28.05 36.73
CA GLN O 73 3.15 27.02 36.07
C GLN O 73 4.38 27.59 35.39
N HIS O 74 4.70 28.92 35.43
CA HIS O 74 5.87 29.41 34.79
C HIS O 74 6.88 29.84 35.89
N PRO O 75 8.21 29.47 36.00
CA PRO O 75 9.06 29.78 37.17
C PRO O 75 9.12 31.20 37.75
N ALA O 76 9.04 32.29 36.97
CA ALA O 76 9.04 33.61 37.55
C ALA O 76 7.75 34.00 38.18
N ALA O 77 6.63 33.33 37.72
CA ALA O 77 5.40 33.51 38.35
C ALA O 77 5.29 32.72 39.71
N LYS O 78 6.06 31.60 39.82
CA LYS O 78 6.19 30.80 41.09
C LYS O 78 7.01 31.68 42.09
N LEU O 79 7.96 32.44 41.57
CA LEU O 79 8.82 33.45 42.25
C LEU O 79 7.89 34.52 42.94
N LEU O 80 6.89 35.04 42.17
CA LEU O 80 5.86 35.98 42.53
C LEU O 80 4.85 35.42 43.57
N VAL O 81 4.60 34.09 43.66
CA VAL O 81 3.93 33.37 44.74
C VAL O 81 4.72 33.36 46.00
N GLU O 82 6.01 33.26 46.08
CA GLU O 82 6.79 33.46 47.28
C GLU O 82 6.76 34.92 47.87
N ALA O 83 6.56 35.91 47.03
CA ALA O 83 6.39 37.28 47.52
C ALA O 83 4.98 37.40 48.10
N ALA O 84 3.95 36.77 47.46
CA ALA O 84 2.59 36.73 47.93
C ALA O 84 2.46 36.05 49.25
N LYS O 85 2.89 34.74 49.36
CA LYS O 85 3.10 33.93 50.53
C LYS O 85 3.65 34.78 51.73
N ALA O 86 4.81 35.50 51.57
CA ALA O 86 5.32 36.39 52.68
C ALA O 86 4.38 37.55 53.06
N GLN O 87 3.69 38.15 52.09
CA GLN O 87 2.72 39.22 52.27
C GLN O 87 1.32 38.89 52.85
N ASP O 88 0.92 37.60 52.67
CA ASP O 88 -0.47 37.17 53.05
C ASP O 88 -0.63 37.13 54.59
N SER O 89 0.39 36.87 55.40
CA SER O 89 0.19 36.66 56.77
C SER O 89 0.01 38.01 57.50
N GLU O 90 0.58 39.13 57.03
CA GLU O 90 0.36 40.47 57.52
C GLU O 90 -1.00 41.09 57.02
N VAL O 91 -1.38 40.92 55.78
CA VAL O 91 -2.56 41.53 55.18
C VAL O 91 -3.36 40.65 54.29
N GLY O 92 -4.69 40.93 54.10
CA GLY O 92 -5.53 40.18 53.27
C GLY O 92 -5.87 40.80 51.90
N ASP O 93 -5.81 42.13 51.80
CA ASP O 93 -6.11 42.85 50.56
C ASP O 93 -4.87 43.24 49.74
N GLY O 94 -3.89 43.69 50.52
CA GLY O 94 -2.61 44.23 50.07
C GLY O 94 -1.77 43.22 49.25
N THR O 95 -1.85 41.87 49.55
CA THR O 95 -1.15 40.93 48.64
C THR O 95 -1.69 40.85 47.25
N THR O 96 -2.99 41.09 47.06
CA THR O 96 -3.64 41.23 45.73
C THR O 96 -3.03 42.51 45.12
N SER O 97 -2.99 43.68 45.85
CA SER O 97 -2.27 44.91 45.34
C SER O 97 -0.72 44.72 45.14
N ALA O 98 0.13 44.08 46.01
CA ALA O 98 1.52 43.89 45.64
C ALA O 98 1.87 43.15 44.38
N VAL O 99 1.12 42.09 43.99
CA VAL O 99 1.44 41.31 42.77
C VAL O 99 1.25 42.08 41.47
N VAL O 100 0.16 42.87 41.46
CA VAL O 100 -0.07 43.82 40.41
C VAL O 100 0.96 44.94 40.32
N LEU O 101 1.42 45.50 41.43
CA LEU O 101 2.43 46.57 41.52
C LEU O 101 3.79 46.13 40.99
N ALA O 102 4.15 44.82 41.29
CA ALA O 102 5.38 44.26 40.80
C ALA O 102 5.31 44.14 39.31
N GLY O 103 4.16 43.75 38.77
CA GLY O 103 3.86 43.86 37.32
C GLY O 103 3.92 45.27 36.76
N LEU O 104 3.49 46.28 37.46
CA LEU O 104 3.54 47.66 37.00
C LEU O 104 4.87 48.37 36.96
N PHE O 105 5.81 47.87 37.79
CA PHE O 105 7.23 48.35 37.79
C PHE O 105 7.93 47.65 36.71
N LEU O 106 7.62 46.34 36.53
CA LEU O 106 8.21 45.48 35.52
C LEU O 106 7.99 45.92 34.10
N GLU O 107 6.83 46.56 33.73
CA GLU O 107 6.66 47.01 32.36
C GLU O 107 7.28 48.36 32.05
N LYS O 108 7.70 49.14 33.12
CA LYS O 108 8.41 50.40 32.91
C LYS O 108 9.90 50.04 32.77
N ALA O 109 10.34 48.98 33.49
CA ALA O 109 11.61 48.34 33.21
C ALA O 109 11.71 47.82 31.80
N GLU O 110 10.65 47.17 31.22
CA GLU O 110 10.65 46.68 29.84
C GLU O 110 10.79 47.82 28.80
N SER O 111 10.21 49.05 29.04
CA SER O 111 10.43 50.25 28.24
C SER O 111 11.89 50.70 28.26
N LEU O 112 12.47 50.79 29.45
CA LEU O 112 13.95 51.06 29.62
C LEU O 112 14.87 50.07 28.94
N VAL O 113 14.47 48.79 29.00
CA VAL O 113 15.16 47.83 28.22
C VAL O 113 15.07 48.01 26.77
N ASP O 114 13.93 48.45 26.24
CA ASP O 114 13.75 48.82 24.82
C ASP O 114 14.62 49.98 24.37
N GLN O 115 14.80 50.99 25.29
CA GLN O 115 15.63 52.15 25.16
C GLN O 115 17.11 51.86 25.02
N ASN O 116 17.55 50.62 25.30
CA ASN O 116 18.94 50.14 25.44
C ASN O 116 19.53 50.51 26.82
N ILE O 117 18.72 50.66 27.96
CA ILE O 117 19.33 51.07 29.23
C ILE O 117 19.53 49.67 29.91
N HIS O 118 20.78 49.44 30.39
CA HIS O 118 21.16 48.24 31.06
C HIS O 118 20.41 47.94 32.29
N PRO O 119 20.08 46.72 32.63
CA PRO O 119 19.26 46.51 33.84
C PRO O 119 20.02 46.97 35.13
N THR O 120 21.32 47.00 35.17
CA THR O 120 22.05 47.61 36.38
C THR O 120 21.63 49.06 36.74
N ILE O 121 21.44 49.92 35.75
CA ILE O 121 21.11 51.29 35.95
C ILE O 121 19.61 51.36 36.45
N ILE O 122 18.65 50.54 35.88
CA ILE O 122 17.29 50.42 36.35
C ILE O 122 17.06 49.92 37.78
N ILE O 123 17.77 48.89 38.18
CA ILE O 123 17.87 48.50 39.56
C ILE O 123 18.22 49.62 40.54
N GLU O 124 19.30 50.34 40.20
CA GLU O 124 19.76 51.49 40.97
C GLU O 124 18.92 52.78 40.90
N GLY O 125 18.15 53.09 39.82
CA GLY O 125 17.30 54.17 39.86
C GLY O 125 15.93 54.01 40.51
N PHE O 126 15.33 52.80 40.53
CA PHE O 126 14.11 52.49 41.19
C PHE O 126 14.35 52.52 42.65
N LYS O 127 15.58 52.13 43.14
CA LYS O 127 16.07 52.26 44.49
C LYS O 127 16.15 53.70 44.96
N LYS O 128 16.70 54.62 44.12
CA LYS O 128 16.64 56.00 44.44
C LYS O 128 15.23 56.57 44.43
N ALA O 129 14.33 56.18 43.50
CA ALA O 129 12.99 56.65 43.60
C ALA O 129 12.19 56.25 44.88
N PHE O 130 12.27 54.96 45.31
CA PHE O 130 11.66 54.49 46.60
C PHE O 130 12.30 55.10 47.89
N ASN O 131 13.58 55.23 48.06
CA ASN O 131 14.16 55.88 49.21
C ASN O 131 13.81 57.36 49.45
N LYS O 132 13.68 58.16 48.32
CA LYS O 132 13.22 59.52 48.22
C LYS O 132 11.73 59.51 48.63
N SER O 133 10.96 58.52 48.18
CA SER O 133 9.51 58.41 48.51
C SER O 133 9.39 58.23 49.95
N LEU O 134 10.27 57.46 50.66
CA LEU O 134 10.15 57.13 52.09
C LEU O 134 10.42 58.34 52.99
N GLU O 135 11.21 59.34 52.57
CA GLU O 135 11.34 60.60 53.34
C GLU O 135 10.27 61.61 53.09
N LEU O 136 9.39 61.36 52.15
CA LEU O 136 8.16 62.12 51.72
C LEU O 136 6.94 61.42 52.39
N LEU O 137 7.02 60.09 52.57
CA LEU O 137 5.97 59.37 53.23
C LEU O 137 5.62 59.55 54.65
N PRO O 138 6.26 60.35 55.45
CA PRO O 138 5.71 60.63 56.79
C PRO O 138 5.21 62.02 56.82
N GLN O 139 5.70 62.91 55.92
CA GLN O 139 5.33 64.36 55.73
C GLN O 139 4.07 64.46 54.96
N LEU O 140 3.96 63.66 53.86
CA LEU O 140 2.79 63.62 53.01
C LEU O 140 1.63 62.88 53.67
N ALA O 141 2.00 62.00 54.68
CA ALA O 141 1.10 61.28 55.54
C ALA O 141 0.67 62.16 56.70
N THR O 142 -0.32 61.65 57.45
CA THR O 142 -1.05 62.30 58.55
C THR O 142 -0.82 61.39 59.80
N LYS O 143 -0.59 61.86 61.03
CA LYS O 143 -0.33 61.00 62.17
C LYS O 143 -1.49 61.23 63.12
N VAL O 144 -2.13 60.16 63.50
CA VAL O 144 -3.24 60.14 64.47
C VAL O 144 -2.76 59.75 65.85
N ASP O 145 -1.50 59.45 66.00
CA ASP O 145 -0.95 58.85 67.23
C ASP O 145 -1.59 57.60 67.77
N VAL O 146 -1.26 57.20 69.09
CA VAL O 146 -1.99 56.23 69.95
C VAL O 146 -3.28 56.73 70.59
N SER O 147 -4.36 56.91 69.72
CA SER O 147 -5.63 57.53 70.07
C SER O 147 -5.66 58.97 70.56
N ASP O 148 -6.89 59.47 70.52
CA ASP O 148 -7.24 60.70 71.24
C ASP O 148 -7.42 60.46 72.74
N LEU O 149 -8.20 59.42 73.13
CA LEU O 149 -8.31 59.18 74.55
C LEU O 149 -8.31 57.74 74.85
N ASN O 150 -7.96 57.29 76.07
CA ASN O 150 -7.79 55.85 76.43
C ASN O 150 -7.00 55.02 75.45
N SER O 151 -7.43 53.78 75.29
CA SER O 151 -6.88 52.94 74.27
C SER O 151 -7.42 53.13 72.87
N ALA O 152 -8.69 53.63 72.74
CA ALA O 152 -9.40 53.56 71.44
C ALA O 152 -10.61 54.42 71.49
N THR O 153 -10.73 55.21 72.57
CA THR O 153 -11.91 56.08 72.83
C THR O 153 -11.98 57.37 71.91
N ALA O 154 -13.22 57.59 71.36
CA ALA O 154 -13.60 58.64 70.50
C ALA O 154 -13.41 58.35 68.99
N ARG O 155 -13.47 57.03 68.76
CA ARG O 155 -12.69 56.18 67.91
C ARG O 155 -11.92 56.78 66.70
N ASP O 156 -12.59 57.61 65.84
CA ASP O 156 -12.20 58.40 64.66
C ASP O 156 -11.27 57.71 63.66
N ALA O 157 -9.93 57.85 63.84
CA ALA O 157 -8.96 57.06 62.94
C ALA O 157 -9.16 55.56 62.88
N LEU O 158 -9.35 55.00 64.10
CA LEU O 158 -9.68 53.59 64.12
C LEU O 158 -11.04 53.31 63.40
N LYS O 159 -12.08 54.16 63.57
CA LYS O 159 -13.36 54.01 62.91
C LYS O 159 -13.26 54.08 61.41
N LYS O 160 -12.42 55.07 60.80
CA LYS O 160 -12.28 55.35 59.43
C LYS O 160 -11.59 54.10 58.85
N ILE O 161 -10.69 53.43 59.64
CA ILE O 161 -10.00 52.28 59.07
C ILE O 161 -10.81 51.06 59.07
N VAL O 162 -11.61 50.86 60.12
CA VAL O 162 -12.44 49.74 60.22
C VAL O 162 -13.64 49.84 59.27
N TYR O 163 -14.26 51.03 59.08
CA TYR O 163 -15.32 51.24 58.10
C TYR O 163 -14.78 51.00 56.64
N THR O 164 -13.60 51.53 56.32
CA THR O 164 -13.05 51.40 54.94
C THR O 164 -12.76 49.93 54.64
N THR O 165 -12.24 49.19 55.60
CA THR O 165 -11.93 47.79 55.43
C THR O 165 -13.16 46.88 55.17
N MET O 166 -14.28 47.08 55.94
CA MET O 166 -15.50 46.26 55.76
C MET O 166 -16.06 46.57 54.43
N SER O 167 -16.04 47.90 54.09
CA SER O 167 -16.51 48.36 52.75
C SER O 167 -15.65 47.74 51.56
N SER O 168 -14.31 47.69 51.68
CA SER O 168 -13.46 47.00 50.68
C SER O 168 -13.81 45.50 50.56
N LYS O 169 -13.98 44.75 51.69
CA LYS O 169 -14.40 43.32 51.64
C LYS O 169 -15.83 42.98 51.41
N PHE O 170 -16.70 43.96 51.13
CA PHE O 170 -18.14 43.64 50.73
C PHE O 170 -19.01 44.84 50.32
N MET O 171 -18.46 46.05 50.23
CA MET O 171 -19.23 47.19 49.87
C MET O 171 -20.51 47.38 50.74
N ALA O 172 -21.71 47.49 50.09
CA ALA O 172 -22.93 47.74 50.76
C ALA O 172 -23.14 48.91 51.73
N GLU O 173 -23.81 48.64 52.82
CA GLU O 173 -24.02 49.57 53.88
C GLU O 173 -23.26 49.11 55.16
N GLY O 174 -23.93 48.27 55.98
CA GLY O 174 -23.38 47.60 57.15
C GLY O 174 -23.20 48.45 58.38
N GLU O 175 -23.97 49.52 58.55
CA GLU O 175 -23.70 50.45 59.72
C GLU O 175 -23.90 49.66 61.11
N GLU O 176 -24.90 48.80 61.18
CA GLU O 176 -25.12 48.00 62.35
C GLU O 176 -24.05 46.87 62.59
N LEU O 177 -23.09 46.69 61.64
CA LEU O 177 -22.01 45.79 61.61
C LEU O 177 -20.76 46.58 62.00
N ASN O 178 -20.64 47.78 61.52
CA ASN O 178 -19.67 48.64 61.86
C ASN O 178 -19.63 48.93 63.40
N LYS O 179 -20.73 49.16 64.18
CA LYS O 179 -20.69 49.48 65.64
C LYS O 179 -20.15 48.28 66.50
N ILE O 180 -20.61 47.04 66.22
CA ILE O 180 -20.12 45.77 66.83
C ILE O 180 -18.66 45.50 66.54
N MET O 181 -18.28 45.72 65.29
CA MET O 181 -16.89 45.51 64.86
C MET O 181 -16.03 46.57 65.58
N ASP O 182 -16.53 47.83 65.77
CA ASP O 182 -15.87 48.86 66.58
C ASP O 182 -15.69 48.54 68.11
N ILE O 183 -16.74 47.96 68.73
CA ILE O 183 -16.70 47.48 70.10
C ILE O 183 -15.61 46.37 70.21
N VAL O 184 -15.56 45.43 69.30
CA VAL O 184 -14.50 44.33 69.32
C VAL O 184 -13.12 44.80 69.04
N ILE O 185 -12.87 45.72 68.11
CA ILE O 185 -11.54 46.33 67.79
C ILE O 185 -10.97 47.22 68.91
N ASP O 186 -11.92 47.96 69.57
CA ASP O 186 -11.69 48.63 70.78
C ASP O 186 -11.30 47.74 71.99
N ALA O 187 -12.03 46.61 72.15
CA ALA O 187 -11.61 45.67 73.17
C ALA O 187 -10.25 45.04 72.91
N VAL O 188 -9.89 44.61 71.69
CA VAL O 188 -8.49 44.14 71.43
C VAL O 188 -7.43 45.22 71.59
N THR O 189 -7.68 46.46 71.24
CA THR O 189 -6.69 47.50 71.57
C THR O 189 -6.26 47.76 72.98
N THR O 190 -7.34 47.73 73.87
CA THR O 190 -7.10 47.66 75.35
C THR O 190 -6.18 46.53 75.82
N VAL O 191 -6.39 45.30 75.26
CA VAL O 191 -5.62 44.03 75.49
C VAL O 191 -4.16 44.24 75.17
N ALA O 192 -3.89 44.52 73.87
CA ALA O 192 -2.70 45.03 73.30
C ALA O 192 -1.74 45.76 74.23
N GLU O 193 -2.16 46.91 74.77
CA GLU O 193 -1.48 47.87 75.68
C GLU O 193 -0.21 48.59 75.05
N PRO O 194 0.05 49.95 75.30
CA PRO O 194 0.69 50.79 74.38
C PRO O 194 2.17 50.69 74.64
N LEU O 195 3.06 51.01 73.66
CA LEU O 195 4.56 50.76 73.77
C LEU O 195 5.21 52.11 73.42
N PRO O 196 6.48 52.45 73.75
CA PRO O 196 7.02 53.73 73.30
C PRO O 196 7.13 54.01 71.82
N ASP O 197 6.83 55.25 71.39
CA ASP O 197 7.29 55.79 70.14
C ASP O 197 6.52 55.12 68.98
N GLY O 198 5.16 55.04 69.11
CA GLY O 198 4.26 54.47 68.04
C GLY O 198 4.44 53.02 67.94
N GLY O 199 4.64 52.25 69.00
CA GLY O 199 4.45 50.86 69.04
C GLY O 199 3.36 50.40 69.87
N TYR O 200 3.25 49.07 70.03
CA TYR O 200 2.12 48.42 70.67
C TYR O 200 2.47 46.90 70.68
N ASN O 201 2.00 46.22 71.67
CA ASN O 201 2.36 44.77 71.90
C ASN O 201 1.23 43.94 71.27
N VAL O 202 1.21 43.83 69.96
CA VAL O 202 0.21 43.17 69.11
C VAL O 202 0.43 41.75 68.78
N SER O 203 -0.65 40.93 68.92
CA SER O 203 -0.70 39.46 68.75
C SER O 203 -2.16 39.06 68.42
N LEU O 204 -2.49 38.57 67.23
CA LEU O 204 -3.76 37.99 66.90
C LEU O 204 -3.74 36.49 67.21
N ASP O 205 -2.56 35.88 67.46
CA ASP O 205 -2.48 34.48 67.66
C ASP O 205 -2.82 34.14 69.12
N LEU O 206 -2.99 35.15 69.92
CA LEU O 206 -3.57 35.02 71.26
C LEU O 206 -5.03 35.60 71.23
N ILE O 207 -5.55 36.19 70.05
CA ILE O 207 -7.00 36.36 69.91
C ILE O 207 -7.69 35.11 69.31
N LYS O 208 -8.86 34.70 69.83
CA LYS O 208 -9.69 33.45 69.49
C LYS O 208 -11.11 33.92 69.45
N ILE O 209 -11.75 33.54 68.28
CA ILE O 209 -13.12 33.92 68.05
C ILE O 209 -13.84 32.64 67.80
N ASP O 210 -14.95 32.33 68.49
CA ASP O 210 -15.74 31.15 68.31
C ASP O 210 -17.04 31.62 67.80
N LYS O 211 -17.50 31.12 66.63
CA LYS O 211 -18.69 31.54 66.01
C LYS O 211 -19.75 30.45 66.17
N LYS O 212 -20.95 30.88 66.67
CA LYS O 212 -22.07 30.11 67.12
C LYS O 212 -23.43 30.49 66.46
N LYS O 213 -24.29 29.62 66.00
CA LYS O 213 -25.67 30.03 65.50
C LYS O 213 -26.57 30.61 66.52
N GLY O 214 -27.69 31.17 66.03
CA GLY O 214 -29.02 31.20 66.77
C GLY O 214 -29.58 32.49 67.28
N GLY O 215 -28.66 33.50 67.57
CA GLY O 215 -29.03 34.79 68.12
C GLY O 215 -28.87 35.93 67.15
N THR O 216 -28.00 36.97 67.46
CA THR O 216 -27.76 38.10 66.56
C THR O 216 -26.33 38.48 66.71
N ILE O 217 -25.76 39.33 65.83
CA ILE O 217 -24.41 39.76 65.94
C ILE O 217 -24.28 40.62 67.17
N GLU O 218 -25.29 41.46 67.59
CA GLU O 218 -25.44 42.13 68.82
C GLU O 218 -25.34 41.26 70.11
N ASP O 219 -25.47 39.92 69.93
CA ASP O 219 -25.43 39.01 71.06
C ASP O 219 -23.97 38.42 71.24
N SER O 220 -22.95 39.01 70.45
CA SER O 220 -21.58 38.57 70.63
C SER O 220 -20.97 39.24 71.84
N GLN O 221 -20.04 38.54 72.49
CA GLN O 221 -19.58 38.99 73.78
C GLN O 221 -18.08 38.71 74.05
N LEU O 222 -17.40 39.60 74.78
CA LEU O 222 -16.04 39.27 75.24
C LEU O 222 -16.03 38.28 76.37
N ILE O 223 -14.96 37.43 76.42
CA ILE O 223 -14.75 36.47 77.52
C ILE O 223 -13.33 36.81 78.01
N ARG O 224 -13.19 36.89 79.34
CA ARG O 224 -11.97 37.24 80.01
C ARG O 224 -11.30 35.94 80.45
N GLY O 225 -11.09 35.05 79.47
CA GLY O 225 -10.59 33.70 79.68
C GLY O 225 -10.75 32.89 78.45
N ILE O 226 -10.51 31.59 78.45
CA ILE O 226 -10.61 30.70 77.36
C ILE O 226 -11.83 29.77 77.36
N VAL O 227 -12.29 29.53 76.13
CA VAL O 227 -13.42 28.62 75.83
C VAL O 227 -13.01 27.29 75.17
N LEU O 228 -13.41 26.16 75.73
CA LEU O 228 -13.19 24.76 75.37
C LEU O 228 -14.44 24.12 74.71
N ASP O 229 -14.37 23.58 73.47
CA ASP O 229 -15.44 22.83 72.83
C ASP O 229 -15.51 21.37 73.38
N LYS O 230 -14.33 20.83 73.75
CA LYS O 230 -14.17 19.55 74.36
C LYS O 230 -14.86 19.22 75.70
N GLU O 231 -15.35 17.94 75.83
CA GLU O 231 -16.25 17.42 76.79
C GLU O 231 -15.59 16.93 78.03
N VAL O 232 -16.27 17.30 79.14
CA VAL O 232 -16.11 16.76 80.45
C VAL O 232 -16.47 15.29 80.66
N VAL O 233 -17.68 14.93 80.20
CA VAL O 233 -17.87 13.59 79.58
C VAL O 233 -17.95 12.45 80.67
N HIS O 234 -18.15 12.88 81.95
CA HIS O 234 -18.53 12.01 83.06
C HIS O 234 -19.54 12.76 83.89
N ALA O 235 -20.77 12.17 84.14
CA ALA O 235 -21.88 12.77 84.91
C ALA O 235 -21.64 12.90 86.36
N GLY O 236 -20.64 12.17 86.93
CA GLY O 236 -20.27 12.40 88.32
C GLY O 236 -19.43 13.61 88.56
N MET O 237 -18.90 14.26 87.55
CA MET O 237 -18.06 15.44 87.81
C MET O 237 -18.86 16.69 88.14
N PRO O 238 -18.36 17.69 88.88
CA PRO O 238 -18.92 19.06 89.01
C PRO O 238 -19.44 19.74 87.73
N ARG O 239 -20.51 20.47 87.88
CA ARG O 239 -21.24 21.29 86.91
C ARG O 239 -20.71 22.69 87.03
N ARG O 240 -20.11 23.10 88.14
CA ARG O 240 -19.47 24.43 88.23
C ARG O 240 -18.34 24.34 89.16
N VAL O 241 -17.18 24.94 88.94
CA VAL O 241 -16.06 24.97 89.85
C VAL O 241 -15.71 26.38 90.12
N GLU O 242 -15.56 26.75 91.41
CA GLU O 242 -15.41 28.11 91.83
C GLU O 242 -14.06 28.29 92.46
N LYS O 243 -13.35 29.32 92.02
CA LYS O 243 -12.02 29.56 92.49
C LYS O 243 -11.06 28.39 92.17
N ALA O 244 -11.01 28.07 90.89
CA ALA O 244 -10.38 26.87 90.32
C ALA O 244 -8.87 26.99 90.16
N LYS O 245 -8.18 25.89 90.63
CA LYS O 245 -6.72 25.68 90.38
C LYS O 245 -6.61 24.71 89.27
N ILE O 246 -6.08 25.10 88.03
CA ILE O 246 -6.18 24.37 86.83
C ILE O 246 -4.92 23.76 86.45
N ALA O 247 -4.91 22.45 86.31
CA ALA O 247 -3.78 21.72 85.79
C ALA O 247 -3.96 21.41 84.34
N VAL O 248 -2.81 21.60 83.59
CA VAL O 248 -2.73 21.30 82.17
C VAL O 248 -1.80 20.14 82.01
N LEU O 249 -2.22 19.05 81.37
CA LEU O 249 -1.44 17.88 81.24
C LEU O 249 -1.21 17.36 79.84
N ASP O 250 0.12 17.20 79.55
CA ASP O 250 0.64 16.99 78.22
C ASP O 250 0.85 15.45 78.05
N ALA O 251 0.49 14.71 79.12
CA ALA O 251 0.64 13.30 79.08
C ALA O 251 -0.74 12.67 78.85
N SER O 252 -0.80 11.30 79.08
CA SER O 252 -2.04 10.52 79.09
C SER O 252 -2.58 10.31 80.47
N LEU O 253 -3.87 10.08 80.61
CA LEU O 253 -4.52 9.35 81.73
C LEU O 253 -5.05 7.97 81.20
N GLU O 254 -4.44 7.34 80.16
CA GLU O 254 -4.80 6.04 79.76
C GLU O 254 -3.50 5.23 79.97
N VAL O 255 -3.52 4.01 80.57
CA VAL O 255 -2.42 3.20 80.81
C VAL O 255 -1.58 2.78 79.58
N GLU O 256 -0.27 2.86 79.73
CA GLU O 256 0.63 2.59 78.69
C GLU O 256 1.60 1.63 79.25
N LYS O 257 2.12 0.65 78.43
CA LYS O 257 2.99 -0.36 79.01
C LYS O 257 4.29 0.15 79.52
N PRO O 258 4.89 -0.46 80.59
CA PRO O 258 6.17 0.07 81.10
C PRO O 258 7.23 0.07 80.15
N GLU O 259 8.32 0.64 80.62
CA GLU O 259 9.62 0.68 79.90
C GLU O 259 10.01 -0.76 79.58
N ILE O 260 9.91 -1.64 80.52
CA ILE O 260 10.12 -3.07 80.43
C ILE O 260 8.97 -3.98 80.76
N SER O 261 8.51 -4.73 79.75
CA SER O 261 7.04 -4.95 79.44
C SER O 261 6.97 -6.31 78.73
N ALA O 262 5.81 -7.00 78.76
CA ALA O 262 5.61 -8.26 78.03
C ALA O 262 4.10 -8.52 77.83
N LYS O 263 3.69 -9.20 76.72
CA LYS O 263 2.30 -9.39 76.25
C LYS O 263 1.71 -10.58 77.01
N ILE O 264 0.41 -10.69 77.30
CA ILE O 264 -0.16 -11.82 78.06
C ILE O 264 -1.47 -12.25 77.63
N SER O 265 -1.89 -13.56 77.73
CA SER O 265 -3.27 -13.96 77.29
C SER O 265 -4.08 -14.62 78.36
N ILE O 266 -5.38 -14.33 78.43
CA ILE O 266 -6.20 -14.71 79.60
C ILE O 266 -7.59 -15.12 79.16
N THR O 267 -7.95 -16.42 79.39
CA THR O 267 -9.28 -17.00 79.12
C THR O 267 -9.80 -17.79 80.32
N SER O 268 -8.85 -18.06 81.29
CA SER O 268 -9.32 -18.15 82.63
C SER O 268 -9.85 -16.85 83.27
N PRO O 269 -10.91 -16.88 84.05
CA PRO O 269 -11.71 -15.65 84.14
C PRO O 269 -11.36 -14.67 85.25
N ASP O 270 -10.98 -15.13 86.46
CA ASP O 270 -10.61 -14.40 87.60
C ASP O 270 -9.34 -13.63 87.41
N GLN O 271 -8.54 -14.15 86.51
CA GLN O 271 -7.26 -13.56 86.16
C GLN O 271 -7.52 -12.44 85.12
N ILE O 272 -8.69 -12.28 84.46
CA ILE O 272 -9.08 -11.11 83.66
C ILE O 272 -9.51 -10.01 84.58
N LYS O 273 -10.27 -10.34 85.69
CA LYS O 273 -10.67 -9.27 86.63
C LYS O 273 -9.43 -8.70 87.40
N ALA O 274 -8.33 -9.50 87.51
CA ALA O 274 -7.15 -9.15 88.30
C ALA O 274 -6.23 -8.39 87.42
N PHE O 275 -6.31 -8.54 86.10
CA PHE O 275 -5.62 -7.72 85.09
C PHE O 275 -6.26 -6.35 85.02
N LEU O 276 -7.65 -6.20 85.17
CA LEU O 276 -8.39 -5.00 85.21
C LEU O 276 -8.05 -4.28 86.50
N ASP O 277 -7.91 -4.97 87.61
CA ASP O 277 -7.56 -4.39 88.87
C ASP O 277 -6.11 -3.88 88.98
N GLU O 278 -5.10 -4.45 88.25
CA GLU O 278 -3.85 -3.78 88.10
C GLU O 278 -3.90 -2.48 87.21
N GLU O 279 -4.77 -2.49 86.15
CA GLU O 279 -4.92 -1.28 85.37
C GLU O 279 -5.67 -0.20 86.11
N ALA O 280 -6.56 -0.48 87.07
CA ALA O 280 -7.30 0.54 87.83
C ALA O 280 -6.41 1.05 88.90
N LYS O 281 -5.47 0.25 89.42
CA LYS O 281 -4.66 0.88 90.52
C LYS O 281 -3.62 1.83 89.92
N TYR O 282 -3.36 1.76 88.57
CA TYR O 282 -2.51 2.74 87.90
C TYR O 282 -3.15 4.05 87.61
N LEU O 283 -4.46 4.01 87.21
CA LEU O 283 -5.31 5.11 86.96
C LEU O 283 -5.56 5.88 88.17
N LYS O 284 -5.77 5.15 89.31
CA LYS O 284 -5.95 5.61 90.67
C LYS O 284 -4.64 6.17 91.29
N ASP O 285 -3.44 5.73 90.91
CA ASP O 285 -2.12 6.42 91.22
C ASP O 285 -1.94 7.74 90.50
N MET O 286 -2.14 7.83 89.18
CA MET O 286 -2.25 9.10 88.48
C MET O 286 -3.18 10.17 89.12
N VAL O 287 -4.41 9.76 89.52
CA VAL O 287 -5.38 10.63 90.19
C VAL O 287 -4.87 11.10 91.59
N ASP O 288 -4.35 10.14 92.33
CA ASP O 288 -3.78 10.37 93.64
C ASP O 288 -2.62 11.41 93.56
N LYS O 289 -1.92 11.42 92.41
CA LYS O 289 -0.94 12.53 92.08
C LYS O 289 -1.57 13.89 91.82
N LEU O 290 -2.66 14.00 91.01
CA LEU O 290 -3.38 15.23 90.67
C LEU O 290 -3.88 15.92 91.92
N ALA O 291 -4.43 15.06 92.83
CA ALA O 291 -5.00 15.42 94.07
C ALA O 291 -3.97 15.92 95.05
N SER O 292 -2.66 15.51 94.83
CA SER O 292 -1.54 16.01 95.55
C SER O 292 -1.06 17.41 95.13
N ILE O 293 -1.08 17.64 93.76
CA ILE O 293 -0.91 19.00 93.18
C ILE O 293 -1.98 19.98 93.72
N GLY O 294 -3.17 19.51 94.15
CA GLY O 294 -4.22 20.23 94.77
C GLY O 294 -5.21 20.84 93.87
N ALA O 295 -5.03 20.56 92.57
CA ALA O 295 -5.84 21.03 91.43
C ALA O 295 -7.32 20.73 91.56
N ASN O 296 -8.24 21.57 90.91
CA ASN O 296 -9.72 21.53 90.95
C ASN O 296 -10.32 21.23 89.60
N VAL O 297 -9.72 21.85 88.55
CA VAL O 297 -9.93 21.37 87.24
C VAL O 297 -8.64 20.62 86.68
N VAL O 298 -8.87 19.72 85.70
CA VAL O 298 -7.77 19.15 85.07
C VAL O 298 -8.11 19.19 83.61
N ILE O 299 -7.06 19.44 82.83
CA ILE O 299 -7.17 19.33 81.37
C ILE O 299 -6.25 18.26 80.98
N CYS O 300 -6.67 17.21 80.27
CA CYS O 300 -5.70 16.23 79.80
C CYS O 300 -5.77 16.09 78.32
N GLN O 301 -4.60 16.32 77.67
CA GLN O 301 -4.43 16.35 76.19
C GLN O 301 -4.50 14.93 75.59
N LYS O 302 -3.79 13.92 76.17
CA LYS O 302 -3.79 12.50 75.60
C LYS O 302 -4.73 11.62 76.34
N GLY O 303 -5.88 12.14 76.70
CA GLY O 303 -7.16 11.47 76.80
C GLY O 303 -7.29 10.90 78.23
N ILE O 304 -8.54 10.38 78.54
CA ILE O 304 -8.88 9.83 79.83
C ILE O 304 -9.66 8.50 79.76
N ASP O 305 -9.20 7.50 80.55
CA ASP O 305 -10.03 6.30 80.76
C ASP O 305 -11.26 6.49 81.52
N ASP O 306 -12.37 5.81 81.35
CA ASP O 306 -13.61 5.88 82.16
C ASP O 306 -13.44 5.66 83.68
N ILE O 307 -12.63 4.65 84.02
CA ILE O 307 -12.19 4.50 85.43
C ILE O 307 -11.40 5.68 85.93
N ALA O 308 -10.50 6.25 85.17
CA ALA O 308 -9.75 7.46 85.56
C ALA O 308 -10.63 8.70 85.68
N GLN O 309 -11.80 8.63 84.92
CA GLN O 309 -12.82 9.65 85.04
C GLN O 309 -13.67 9.50 86.33
N HIS O 310 -13.91 8.28 86.82
CA HIS O 310 -14.55 7.95 88.12
C HIS O 310 -13.76 8.40 89.29
N PHE O 311 -12.47 8.14 89.32
CA PHE O 311 -11.59 8.50 90.41
C PHE O 311 -11.42 10.05 90.44
N LEU O 312 -11.45 10.71 89.29
CA LEU O 312 -11.33 12.18 89.23
C LEU O 312 -12.66 12.91 89.75
N ALA O 313 -13.83 12.26 89.56
CA ALA O 313 -15.07 12.60 90.16
C ALA O 313 -15.12 12.34 91.66
N LYS O 314 -14.47 11.21 92.24
CA LYS O 314 -14.29 11.00 93.66
C LYS O 314 -13.56 12.08 94.38
N ARG O 315 -12.46 12.55 93.78
CA ARG O 315 -11.56 13.59 94.24
C ARG O 315 -12.21 14.95 93.96
N GLY O 316 -13.39 14.97 93.31
CA GLY O 316 -14.17 16.26 93.16
C GLY O 316 -13.59 17.13 92.08
N ILE O 317 -12.96 16.58 91.07
CA ILE O 317 -12.17 17.29 90.06
C ILE O 317 -12.94 17.23 88.79
N LEU O 318 -12.99 18.35 88.04
CA LEU O 318 -13.70 18.49 86.82
C LEU O 318 -12.65 18.31 85.72
N ALA O 319 -12.80 17.20 84.95
CA ALA O 319 -11.81 16.99 83.95
C ALA O 319 -12.27 17.13 82.57
N VAL O 320 -11.39 17.60 81.62
CA VAL O 320 -11.74 17.76 80.24
C VAL O 320 -10.86 16.76 79.54
N ARG O 321 -11.25 16.17 78.35
CA ARG O 321 -10.26 15.40 77.64
C ARG O 321 -9.45 16.09 76.57
N ARG O 322 -9.12 15.42 75.43
CA ARG O 322 -8.40 15.80 74.26
C ARG O 322 -8.40 17.29 73.73
N VAL O 323 -7.78 18.30 74.51
CA VAL O 323 -7.68 19.70 74.15
C VAL O 323 -6.45 19.84 73.25
N LYS O 324 -6.57 20.64 72.17
CA LYS O 324 -5.52 20.75 71.20
C LYS O 324 -4.44 21.80 71.55
N ARG O 325 -3.24 21.63 70.85
CA ARG O 325 -2.00 22.41 70.98
C ARG O 325 -2.11 23.97 70.91
N SER O 326 -2.91 24.48 69.96
CA SER O 326 -3.10 25.92 69.90
C SER O 326 -3.85 26.47 71.11
N ASP O 327 -4.94 25.77 71.59
CA ASP O 327 -5.74 26.12 72.75
C ASP O 327 -4.93 26.07 74.00
N ILE O 328 -3.94 25.27 74.09
CA ILE O 328 -3.08 25.12 75.25
C ILE O 328 -2.20 26.33 75.41
N GLU O 329 -1.75 26.97 74.30
CA GLU O 329 -0.77 28.06 74.23
C GLU O 329 -1.38 29.31 74.86
N LYS O 330 -2.71 29.41 74.53
CA LYS O 330 -3.59 30.46 74.98
C LYS O 330 -3.99 30.27 76.49
N LEU O 331 -4.16 29.03 76.91
CA LEU O 331 -4.30 28.64 78.29
C LEU O 331 -3.11 28.81 79.18
N GLU O 332 -1.88 28.58 78.69
CA GLU O 332 -0.60 28.79 79.44
C GLU O 332 -0.57 30.36 79.77
N LYS O 333 -0.50 31.18 78.74
CA LYS O 333 -0.43 32.63 78.90
C LYS O 333 -1.46 33.32 79.71
N ALA O 334 -2.76 32.87 79.62
CA ALA O 334 -3.92 33.45 80.40
C ALA O 334 -4.13 32.87 81.79
N LEU O 335 -3.77 31.62 82.13
CA LEU O 335 -4.01 31.15 83.45
C LEU O 335 -2.81 30.98 84.35
N GLY O 336 -1.56 31.14 83.79
CA GLY O 336 -0.30 30.96 84.56
C GLY O 336 0.08 29.50 84.75
N ALA O 337 -0.61 28.59 84.08
CA ALA O 337 -0.27 27.13 83.88
C ALA O 337 1.10 26.90 83.17
N ARG O 338 1.85 25.88 83.54
CA ARG O 338 3.19 25.62 82.96
C ARG O 338 3.34 24.16 82.58
N ILE O 339 2.27 23.37 82.62
CA ILE O 339 1.92 22.32 81.67
C ILE O 339 2.76 21.04 81.91
N ILE O 340 2.14 20.18 82.73
CA ILE O 340 2.56 18.88 83.25
C ILE O 340 2.96 17.81 82.14
N SER O 341 4.24 17.52 81.98
CA SER O 341 4.68 16.44 81.08
C SER O 341 4.69 15.12 81.69
N SER O 342 4.76 15.13 83.06
CA SER O 342 4.87 13.94 83.89
C SER O 342 4.02 14.21 85.04
N ILE O 343 2.75 13.67 85.04
CA ILE O 343 1.81 13.61 86.11
C ILE O 343 2.43 12.77 87.26
N LYS O 344 3.19 11.67 86.87
CA LYS O 344 3.88 10.82 87.75
C LYS O 344 4.86 11.57 88.72
N ASP O 345 5.72 12.57 88.23
CA ASP O 345 6.57 13.39 89.07
C ASP O 345 5.87 14.53 89.92
N ALA O 346 4.56 14.77 89.69
CA ALA O 346 3.76 15.74 90.39
C ALA O 346 4.36 17.12 90.59
N THR O 347 4.74 17.86 89.52
CA THR O 347 5.74 18.88 89.71
C THR O 347 5.21 20.33 90.10
N PRO O 348 5.92 21.25 90.64
CA PRO O 348 5.48 21.83 91.89
C PRO O 348 4.76 23.13 91.77
N GLU O 349 5.06 23.83 90.72
CA GLU O 349 4.61 25.19 90.45
C GLU O 349 4.01 25.37 89.14
N ASP O 350 3.72 24.36 88.40
CA ASP O 350 3.17 24.33 87.06
C ASP O 350 1.63 24.53 86.89
N LEU O 351 1.04 25.07 87.91
CA LEU O 351 -0.42 25.13 88.15
C LEU O 351 -0.91 26.52 87.79
N GLY O 352 -2.04 26.57 87.13
CA GLY O 352 -2.68 27.87 86.92
C GLY O 352 -3.93 28.11 87.75
N TYR O 353 -4.51 29.31 87.58
CA TYR O 353 -5.57 29.80 88.38
C TYR O 353 -6.74 30.47 87.67
N ALA O 354 -7.98 30.09 87.96
CA ALA O 354 -9.13 30.71 87.37
C ALA O 354 -10.14 31.11 88.43
N GLU O 355 -10.90 32.21 88.21
CA GLU O 355 -12.04 32.57 89.05
C GLU O 355 -13.22 31.64 89.04
N LEU O 356 -13.50 31.15 87.86
CA LEU O 356 -14.54 30.16 87.74
C LEU O 356 -14.39 29.32 86.53
N VAL O 357 -15.05 28.13 86.50
CA VAL O 357 -15.24 27.23 85.37
C VAL O 357 -16.59 26.57 85.43
N GLU O 358 -17.37 26.68 84.28
CA GLU O 358 -18.72 26.13 84.09
C GLU O 358 -18.81 25.62 82.72
N GLU O 359 -19.83 24.75 82.47
CA GLU O 359 -20.34 24.39 81.21
C GLU O 359 -21.56 25.21 80.84
N ARG O 360 -21.66 25.84 79.67
CA ARG O 360 -22.73 26.66 79.32
C ARG O 360 -23.10 26.21 77.91
N LYS O 361 -24.46 26.11 77.63
CA LYS O 361 -24.88 25.85 76.29
C LYS O 361 -24.91 27.12 75.56
N VAL O 362 -24.27 27.16 74.38
CA VAL O 362 -24.29 28.33 73.52
C VAL O 362 -24.83 27.89 72.27
N GLY O 363 -25.97 28.38 71.77
CA GLY O 363 -26.60 27.96 70.52
C GLY O 363 -27.06 26.53 70.54
N ASN O 364 -27.50 25.98 71.75
CA ASN O 364 -27.87 24.63 71.98
C ASN O 364 -26.62 23.74 72.35
N ASP O 365 -25.48 23.91 71.68
CA ASP O 365 -24.31 23.02 71.80
C ASP O 365 -23.61 23.46 73.10
N LYS O 366 -23.09 22.53 73.92
CA LYS O 366 -22.40 22.66 75.12
C LYS O 366 -20.98 23.13 74.90
N MET O 367 -20.33 23.86 75.81
CA MET O 367 -19.10 24.48 75.62
C MET O 367 -18.69 24.76 77.09
N VAL O 368 -17.38 24.58 77.47
CA VAL O 368 -16.89 24.67 78.83
C VAL O 368 -16.11 25.97 78.85
N PHE O 369 -16.38 26.99 79.69
CA PHE O 369 -15.81 28.30 79.61
C PHE O 369 -14.99 28.48 80.90
N ILE O 370 -13.68 28.89 80.73
CA ILE O 370 -12.80 29.20 81.82
C ILE O 370 -12.67 30.66 81.71
N GLU O 371 -13.05 31.30 82.78
CA GLU O 371 -13.01 32.80 82.72
C GLU O 371 -12.72 33.33 84.10
N GLY O 372 -12.36 34.63 84.08
CA GLY O 372 -11.99 35.38 85.25
C GLY O 372 -10.51 35.22 85.49
N ALA O 373 -9.61 35.63 84.54
CA ALA O 373 -8.24 35.33 84.41
C ALA O 373 -7.52 36.68 84.53
N LYS O 374 -6.59 36.75 85.50
CA LYS O 374 -5.81 37.93 85.80
C LYS O 374 -4.96 38.36 84.61
N ASN O 375 -5.16 39.63 84.17
CA ASN O 375 -4.29 40.35 83.23
C ASN O 375 -3.96 39.56 81.93
N PRO O 376 -4.90 39.26 81.06
CA PRO O 376 -4.55 38.55 79.81
C PRO O 376 -4.27 39.35 78.57
N LYS O 377 -3.31 38.84 77.78
CA LYS O 377 -3.03 39.38 76.43
C LYS O 377 -3.80 38.49 75.48
N ALA O 378 -4.56 37.58 76.10
CA ALA O 378 -5.08 36.47 75.33
C ALA O 378 -6.53 36.36 75.70
N VAL O 379 -7.48 36.79 74.72
CA VAL O 379 -8.89 36.99 74.98
C VAL O 379 -9.72 36.13 74.02
N ASN O 380 -11.04 35.95 74.37
CA ASN O 380 -11.92 35.09 73.62
C ASN O 380 -13.11 35.93 73.19
N ILE O 381 -13.53 35.79 71.93
CA ILE O 381 -14.69 36.53 71.50
C ILE O 381 -15.68 35.42 71.26
N LEU O 382 -16.88 35.45 71.78
CA LEU O 382 -17.87 34.49 71.58
C LEU O 382 -18.73 35.17 70.57
N LEU O 383 -18.91 34.66 69.36
CA LEU O 383 -19.56 35.31 68.23
C LEU O 383 -20.81 34.71 67.81
N ARG O 384 -21.91 35.38 68.07
CA ARG O 384 -23.23 34.89 67.71
C ARG O 384 -23.77 35.46 66.41
N GLY O 385 -24.72 34.79 65.70
CA GLY O 385 -25.32 35.36 64.55
C GLY O 385 -26.62 34.61 64.26
N SER O 386 -27.46 35.17 63.35
CA SER O 386 -28.77 34.62 63.05
C SER O 386 -28.93 33.26 62.49
N ASN O 387 -27.99 32.81 61.62
CA ASN O 387 -27.66 31.39 61.25
C ASN O 387 -26.16 31.29 60.83
N ASP O 388 -25.92 31.34 59.48
CA ASP O 388 -24.55 31.09 59.04
C ASP O 388 -24.07 32.09 58.00
N MET O 389 -24.78 32.58 56.93
CA MET O 389 -24.12 33.36 55.84
C MET O 389 -23.73 34.73 56.44
N ALA O 390 -24.50 35.20 57.40
CA ALA O 390 -24.25 36.53 57.95
C ALA O 390 -23.21 36.49 59.01
N LEU O 391 -22.88 35.33 59.62
CA LEU O 391 -22.00 35.07 60.74
C LEU O 391 -20.66 34.68 60.24
N ASP O 392 -20.61 33.77 59.23
CA ASP O 392 -19.41 33.42 58.49
C ASP O 392 -18.78 34.67 57.83
N GLU O 393 -19.58 35.56 57.20
CA GLU O 393 -19.08 36.90 56.78
C GLU O 393 -18.67 37.83 57.89
N ALA O 394 -19.38 37.91 59.01
CA ALA O 394 -18.98 38.68 60.16
C ALA O 394 -17.73 38.22 60.86
N GLU O 395 -17.45 36.93 60.89
CA GLU O 395 -16.10 36.49 61.41
C GLU O 395 -14.93 36.87 60.51
N ARG O 396 -15.15 36.61 59.20
CA ARG O 396 -14.11 37.06 58.24
C ARG O 396 -13.77 38.49 58.26
N SER O 397 -14.85 39.28 58.31
CA SER O 397 -14.83 40.79 58.39
C SER O 397 -14.07 41.42 59.53
N ILE O 398 -14.27 40.77 60.76
CA ILE O 398 -13.61 41.05 61.96
C ILE O 398 -12.12 40.68 61.92
N ASN O 399 -11.85 39.48 61.32
CA ASN O 399 -10.42 39.02 61.06
C ASN O 399 -9.63 40.13 60.29
N ASP O 400 -10.08 40.48 59.03
CA ASP O 400 -9.52 41.61 58.32
C ASP O 400 -9.42 43.02 59.02
N ALA O 401 -10.42 43.37 59.79
CA ALA O 401 -10.39 44.57 60.58
C ALA O 401 -9.38 44.56 61.68
N LEU O 402 -9.24 43.39 62.30
CA LEU O 402 -8.29 43.16 63.35
C LEU O 402 -6.89 43.24 62.75
N TYR O 403 -6.61 42.78 61.50
CA TYR O 403 -5.26 42.80 60.83
C TYR O 403 -4.97 44.20 60.38
N SER O 404 -6.00 45.01 60.03
CA SER O 404 -5.93 46.45 59.72
C SER O 404 -5.57 47.22 60.99
N LEU O 405 -6.11 46.79 62.12
CA LEU O 405 -5.81 47.41 63.40
C LEU O 405 -4.36 47.13 63.84
N ARG O 406 -3.78 45.86 63.54
CA ARG O 406 -2.41 45.57 63.85
C ARG O 406 -1.42 46.35 63.02
N ASN O 407 -1.86 46.83 61.76
CA ASN O 407 -1.02 47.72 61.00
C ASN O 407 -0.96 49.09 61.54
N ILE O 408 -2.13 49.62 62.04
CA ILE O 408 -2.16 50.90 62.67
C ILE O 408 -1.51 50.92 64.06
N LEU O 409 -1.67 49.92 64.88
CA LEU O 409 -1.00 49.70 66.22
C LEU O 409 0.52 49.59 65.98
N MET O 410 0.97 48.93 64.97
CA MET O 410 2.30 48.80 64.68
C MET O 410 2.92 50.07 63.94
N GLU O 411 2.13 51.10 63.58
CA GLU O 411 2.55 52.49 63.25
C GLU O 411 1.41 53.53 63.11
N PRO O 412 1.23 54.60 63.92
CA PRO O 412 0.09 55.45 64.03
C PRO O 412 -0.07 56.42 62.90
N TYR O 413 0.22 56.10 61.67
CA TYR O 413 0.25 57.05 60.56
C TYR O 413 -0.87 56.58 59.69
N ILE O 414 -1.58 57.51 59.06
CA ILE O 414 -2.62 57.20 58.04
C ILE O 414 -2.35 57.92 56.73
N VAL O 415 -2.96 57.36 55.64
CA VAL O 415 -2.86 57.74 54.29
C VAL O 415 -4.11 57.30 53.50
N PRO O 416 -4.46 57.95 52.41
CA PRO O 416 -5.53 57.45 51.54
C PRO O 416 -5.04 56.25 50.73
N GLY O 417 -5.85 55.20 50.57
CA GLY O 417 -5.45 54.02 49.79
C GLY O 417 -5.78 54.13 48.32
N GLY O 418 -4.84 54.72 47.57
CA GLY O 418 -5.09 55.07 46.16
C GLY O 418 -5.62 56.41 45.82
N GLY O 419 -4.77 57.46 45.68
CA GLY O 419 -5.21 58.80 45.17
C GLY O 419 -4.37 60.01 45.37
N ALA O 420 -3.99 60.24 46.61
CA ALA O 420 -3.36 61.47 47.04
C ALA O 420 -1.83 61.24 47.02
N ILE O 421 -1.31 60.32 47.84
CA ILE O 421 0.11 59.89 47.93
C ILE O 421 0.79 59.64 46.63
N GLU O 422 0.19 58.82 45.75
CA GLU O 422 0.71 58.46 44.49
C GLU O 422 0.80 59.60 43.53
N LEU O 423 -0.27 60.41 43.30
CA LEU O 423 -0.15 61.55 42.42
C LEU O 423 0.87 62.61 42.93
N GLU O 424 0.98 62.85 44.24
CA GLU O 424 1.95 63.78 44.80
C GLU O 424 3.31 63.26 44.73
N LEU O 425 3.57 61.88 44.81
CA LEU O 425 4.87 61.27 44.58
C LEU O 425 5.25 61.44 43.13
N SER O 426 4.31 61.24 42.22
CA SER O 426 4.54 61.34 40.77
C SER O 426 4.97 62.76 40.40
N ALA O 427 4.43 63.81 41.07
CA ALA O 427 4.83 65.16 40.84
C ALA O 427 6.25 65.46 41.56
N ARG O 428 6.54 64.90 42.74
CA ARG O 428 7.87 65.14 43.35
C ARG O 428 8.93 64.44 42.57
N LEU O 429 8.65 63.21 41.94
CA LEU O 429 9.53 62.41 41.10
C LEU O 429 9.74 63.06 39.78
N ARG O 430 8.80 63.71 39.15
CA ARG O 430 9.03 64.50 37.94
C ARG O 430 9.41 65.92 38.47
N GLU O 431 10.49 66.01 39.22
CA GLU O 431 11.17 67.25 39.70
C GLU O 431 12.55 66.83 40.25
N TYR O 432 12.37 65.75 41.04
CA TYR O 432 13.57 64.98 41.51
C TYR O 432 14.37 64.54 40.29
N ALA O 433 13.79 63.69 39.33
CA ALA O 433 14.42 63.22 38.11
C ALA O 433 15.09 64.29 37.21
N ARG O 434 14.69 65.59 37.33
CA ARG O 434 15.36 66.65 36.65
C ARG O 434 16.76 66.95 37.36
N SER O 435 16.83 66.94 38.75
CA SER O 435 18.14 67.06 39.42
C SER O 435 19.00 65.90 39.30
N VAL O 436 18.37 64.78 38.95
CA VAL O 436 19.11 63.54 38.70
C VAL O 436 19.67 63.54 37.26
N GLY O 437 20.89 62.96 37.16
CA GLY O 437 21.54 62.89 35.92
C GLY O 437 21.42 61.51 35.26
N GLY O 438 22.48 61.02 34.57
CA GLY O 438 22.58 59.68 33.93
C GLY O 438 21.34 59.25 33.19
N LYS O 439 21.19 57.98 33.13
CA LYS O 439 20.05 57.29 32.58
C LYS O 439 19.22 56.82 33.73
N GLU O 440 19.64 57.17 34.98
CA GLU O 440 18.86 56.95 36.11
C GLU O 440 17.63 57.85 36.27
N GLN O 441 17.69 58.97 35.50
CA GLN O 441 16.62 59.93 35.55
C GLN O 441 15.45 59.52 34.82
N LEU O 442 15.68 58.76 33.70
CA LEU O 442 14.69 58.13 32.89
C LEU O 442 14.03 57.07 33.67
N ALA O 443 14.75 56.37 34.55
CA ALA O 443 14.25 55.31 35.45
C ALA O 443 13.32 55.84 36.60
N ILE O 444 13.63 56.96 37.23
CA ILE O 444 12.76 57.77 38.12
C ILE O 444 11.49 58.34 37.38
N GLU O 445 11.68 58.91 36.12
CA GLU O 445 10.56 59.38 35.33
C GLU O 445 9.63 58.26 34.74
N ALA O 446 10.15 56.99 34.69
CA ALA O 446 9.32 55.85 34.37
C ALA O 446 8.55 55.33 35.68
N TYR O 447 9.16 55.56 36.86
CA TYR O 447 8.55 55.22 38.09
C TYR O 447 7.36 56.13 38.36
N ALA O 448 7.43 57.37 37.88
CA ALA O 448 6.39 58.33 38.01
C ALA O 448 5.13 57.91 37.22
N ASP O 449 5.49 57.42 35.98
CA ASP O 449 4.53 56.84 35.11
C ASP O 449 3.81 55.62 35.68
N ALA O 450 4.44 54.69 36.41
CA ALA O 450 3.73 53.70 37.12
C ALA O 450 2.79 54.21 38.23
N LEU O 451 3.12 55.30 38.98
CA LEU O 451 2.14 55.84 40.00
C LEU O 451 0.79 56.28 39.37
N GLU O 452 0.81 56.87 38.18
CA GLU O 452 -0.31 57.27 37.34
C GLU O 452 -1.17 56.18 36.79
N GLU O 453 -0.66 54.93 36.81
CA GLU O 453 -1.40 53.74 36.45
C GLU O 453 -2.21 53.20 37.58
N ILE O 454 -1.96 53.65 38.85
CA ILE O 454 -2.83 53.38 40.01
C ILE O 454 -4.08 54.37 39.89
N PRO O 455 -5.27 54.50 40.62
CA PRO O 455 -5.99 55.73 40.39
C PRO O 455 -7.04 55.75 39.28
N MET O 456 -6.56 55.50 38.05
CA MET O 456 -7.41 55.29 36.93
C MET O 456 -7.87 53.87 36.90
N ILE O 457 -7.12 52.97 37.59
CA ILE O 457 -7.49 51.57 37.53
C ILE O 457 -8.64 51.35 38.44
N LEU O 458 -8.74 51.99 39.59
CA LEU O 458 -9.83 52.03 40.53
C LEU O 458 -11.11 52.62 39.86
N ALA O 459 -10.95 53.66 39.05
CA ALA O 459 -12.06 54.20 38.26
C ALA O 459 -12.57 53.31 37.14
N GLU O 460 -11.73 52.43 36.60
CA GLU O 460 -12.23 51.41 35.63
C GLU O 460 -12.98 50.25 36.29
N THR O 461 -12.50 49.81 37.49
CA THR O 461 -13.12 48.78 38.28
C THR O 461 -14.55 49.23 38.61
N ALA O 462 -14.76 50.59 38.90
CA ALA O 462 -16.07 51.17 39.07
C ALA O 462 -16.90 51.27 37.79
N GLY O 463 -16.40 50.92 36.63
CA GLY O 463 -17.09 51.06 35.37
C GLY O 463 -16.88 52.33 34.64
N LEU O 464 -16.01 53.22 35.19
CA LEU O 464 -15.76 54.52 34.54
C LEU O 464 -14.69 54.46 33.48
N GLU O 465 -14.69 55.51 32.59
CA GLU O 465 -13.68 55.70 31.47
C GLU O 465 -12.40 56.09 32.13
N PRO O 466 -11.35 55.28 32.16
CA PRO O 466 -10.11 55.55 32.98
C PRO O 466 -9.22 56.68 32.53
N ILE O 467 -8.94 56.73 31.25
CA ILE O 467 -7.88 57.67 30.81
C ILE O 467 -8.28 59.16 31.09
N SER O 468 -9.67 59.40 30.97
CA SER O 468 -10.39 60.65 31.28
C SER O 468 -10.56 61.01 32.70
N ALA O 469 -10.70 59.99 33.54
CA ALA O 469 -10.71 60.13 34.96
C ALA O 469 -9.31 60.49 35.46
N LEU O 470 -8.22 59.92 34.79
CA LEU O 470 -6.86 60.22 35.29
C LEU O 470 -6.44 61.59 35.02
N MET O 471 -6.69 62.19 33.79
CA MET O 471 -6.29 63.58 33.49
C MET O 471 -7.11 64.56 34.29
N ASP O 472 -8.38 64.23 34.60
CA ASP O 472 -9.15 65.20 35.36
C ASP O 472 -8.79 65.11 36.83
N LEU O 473 -8.38 63.95 37.32
CA LEU O 473 -7.96 63.77 38.71
C LEU O 473 -6.60 64.34 39.01
N ARG O 474 -5.65 64.21 38.06
CA ARG O 474 -4.39 64.86 38.16
C ARG O 474 -4.50 66.44 38.18
N ALA O 475 -5.31 67.03 37.31
CA ALA O 475 -5.39 68.44 37.20
C ALA O 475 -6.12 69.14 38.38
N ARG O 476 -7.12 68.50 38.95
CA ARG O 476 -7.86 68.94 40.08
C ARG O 476 -7.00 68.87 41.35
N HIS O 477 -6.04 67.98 41.40
CA HIS O 477 -5.09 67.79 42.51
C HIS O 477 -3.97 68.80 42.46
N ALA O 478 -3.96 69.62 41.41
CA ALA O 478 -2.81 70.43 40.97
C ALA O 478 -3.12 71.83 41.13
N LYS O 479 -4.30 72.16 40.74
CA LYS O 479 -4.82 73.47 40.83
C LYS O 479 -5.54 73.63 42.19
N GLY O 480 -6.18 72.51 42.58
CA GLY O 480 -6.82 72.40 43.91
C GLY O 480 -5.85 72.06 44.99
N LEU O 481 -6.31 71.05 45.73
CA LEU O 481 -5.61 70.55 46.85
C LEU O 481 -5.36 69.05 46.66
N THR O 482 -4.28 68.57 47.29
CA THR O 482 -3.61 67.27 47.04
C THR O 482 -4.34 66.05 47.77
N ASN O 483 -5.64 66.18 48.04
CA ASN O 483 -6.39 65.25 48.80
C ASN O 483 -7.45 64.51 47.89
N CYS O 484 -7.52 64.70 46.55
CA CYS O 484 -8.60 64.12 45.77
C CYS O 484 -8.64 62.56 45.85
N GLY O 485 -9.88 61.94 45.84
CA GLY O 485 -10.01 60.50 45.57
C GLY O 485 -11.13 60.12 44.46
N VAL O 486 -11.37 58.82 44.13
CA VAL O 486 -12.59 58.38 43.32
C VAL O 486 -13.34 57.48 44.25
N ASP O 487 -14.71 57.72 44.29
CA ASP O 487 -15.59 57.03 45.18
C ASP O 487 -16.27 56.04 44.29
N VAL O 488 -15.98 54.77 44.58
CA VAL O 488 -16.57 53.61 43.96
C VAL O 488 -18.07 53.40 44.26
N ILE O 489 -18.53 53.68 45.48
CA ILE O 489 -19.91 53.44 45.89
C ILE O 489 -20.83 54.36 45.16
N ASN O 490 -20.50 55.70 44.99
CA ASN O 490 -21.28 56.62 44.12
C ASN O 490 -20.81 56.79 42.70
N GLY O 491 -19.61 56.30 42.36
CA GLY O 491 -19.06 56.29 41.06
C GLY O 491 -18.63 57.64 40.55
N LYS O 492 -18.09 58.45 41.47
CA LYS O 492 -17.86 59.86 41.24
C LYS O 492 -16.46 60.26 41.67
N ILE O 493 -15.65 61.05 40.88
CA ILE O 493 -14.46 61.72 41.37
C ILE O 493 -14.66 62.72 42.49
N ILE O 494 -13.76 62.87 43.50
CA ILE O 494 -14.12 63.52 44.68
C ILE O 494 -12.98 64.30 45.33
N ASP O 495 -13.30 65.47 45.96
CA ASP O 495 -12.33 66.24 46.76
C ASP O 495 -12.36 65.66 48.19
N ASP O 496 -11.27 66.00 48.96
CA ASP O 496 -10.91 65.41 50.24
C ASP O 496 -11.51 64.03 50.55
N ILE O 497 -10.76 63.03 50.07
CA ILE O 497 -11.06 61.70 50.27
C ILE O 497 -10.98 61.39 51.79
N TYR O 498 -10.11 62.07 52.61
CA TYR O 498 -10.20 62.06 54.00
C TYR O 498 -11.52 62.43 54.66
N SER O 499 -12.21 63.44 54.10
CA SER O 499 -13.54 63.83 54.37
C SER O 499 -14.55 62.80 54.09
N ILE O 500 -14.29 61.95 53.11
CA ILE O 500 -15.22 60.97 52.75
C ILE O 500 -15.03 59.74 53.63
N ASN O 501 -14.03 59.87 54.58
CA ASN O 501 -13.65 59.01 55.67
C ASN O 501 -13.06 57.70 55.14
N VAL O 502 -12.28 57.76 54.03
CA VAL O 502 -11.73 56.59 53.30
C VAL O 502 -10.22 56.78 53.32
N VAL O 503 -9.56 56.11 54.29
CA VAL O 503 -8.16 56.09 54.46
C VAL O 503 -7.76 54.70 54.92
N GLU O 504 -6.42 54.54 55.06
CA GLU O 504 -5.75 53.25 55.31
C GLU O 504 -4.67 53.45 56.37
N PRO O 505 -4.13 52.46 57.11
CA PRO O 505 -2.79 52.50 57.68
C PRO O 505 -1.74 52.69 56.64
N ILE O 506 -0.71 53.53 56.86
CA ILE O 506 0.51 53.67 56.02
C ILE O 506 1.21 52.38 55.70
N ARG O 507 1.17 51.43 56.66
CA ARG O 507 2.01 50.21 56.61
C ARG O 507 1.51 49.18 55.53
N VAL O 508 0.21 49.21 55.11
CA VAL O 508 -0.28 48.53 53.99
C VAL O 508 0.15 49.16 52.68
N THR O 509 0.42 50.49 52.56
CA THR O 509 1.02 51.05 51.39
C THR O 509 2.51 50.75 51.37
N ARG O 510 3.32 51.21 52.34
CA ARG O 510 4.76 50.99 52.38
C ARG O 510 5.25 49.50 52.17
N GLN O 511 4.58 48.57 52.77
CA GLN O 511 5.00 47.20 52.64
C GLN O 511 4.67 46.56 51.27
N VAL O 512 3.60 46.91 50.55
CA VAL O 512 3.26 46.29 49.29
C VAL O 512 4.07 46.94 48.14
N LEU O 513 4.57 48.20 48.42
CA LEU O 513 5.53 48.87 47.53
C LEU O 513 6.90 48.33 47.82
N LYS O 514 7.19 47.95 49.10
CA LYS O 514 8.46 47.30 49.38
C LYS O 514 8.71 45.95 48.68
N SER O 515 7.66 45.09 48.67
CA SER O 515 7.90 43.74 48.10
C SER O 515 7.65 43.73 46.54
N ALA O 516 6.94 44.80 45.97
CA ALA O 516 6.74 44.91 44.57
C ALA O 516 7.96 45.40 43.85
N THR O 517 8.66 46.42 44.47
CA THR O 517 9.89 46.96 43.85
C THR O 517 11.01 45.94 44.00
N GLU O 518 10.87 44.87 44.83
CA GLU O 518 11.80 43.75 45.14
C GLU O 518 11.66 42.78 43.94
N ALA O 519 10.40 42.58 43.58
CA ALA O 519 9.89 41.55 42.74
C ALA O 519 10.33 41.80 41.28
N ALA O 520 10.18 43.11 40.94
CA ALA O 520 10.62 43.69 39.73
C ALA O 520 12.13 43.80 39.68
N THR O 521 12.79 44.09 40.78
CA THR O 521 14.26 44.15 40.90
C THR O 521 14.84 42.75 40.68
N SER O 522 14.17 41.68 41.22
CA SER O 522 14.61 40.31 41.14
C SER O 522 14.49 39.74 39.79
N ILE O 523 13.46 40.08 39.02
CA ILE O 523 13.28 39.53 37.67
C ILE O 523 14.27 40.14 36.77
N MET O 524 14.80 41.30 36.99
CA MET O 524 15.85 41.79 36.18
C MET O 524 17.14 41.06 36.55
N LYS O 525 17.36 40.69 37.83
CA LYS O 525 18.62 40.30 38.33
C LYS O 525 18.89 38.82 38.02
N ILE O 526 17.89 38.12 37.37
CA ILE O 526 17.85 36.67 37.35
C ILE O 526 17.82 36.45 35.93
N ASP O 527 18.60 35.47 35.38
CA ASP O 527 18.88 35.14 34.01
C ASP O 527 18.84 33.63 33.98
N ASP O 528 18.76 33.04 32.79
CA ASP O 528 18.91 31.65 32.51
C ASP O 528 18.05 30.60 33.27
N LEU O 529 17.98 29.38 32.74
CA LEU O 529 17.14 28.31 33.34
C LEU O 529 17.80 27.02 32.85
N ILE O 530 18.39 26.16 33.68
CA ILE O 530 18.90 24.82 33.28
C ILE O 530 18.23 23.77 34.16
N ALA O 531 17.47 22.89 33.57
CA ALA O 531 16.66 22.06 34.42
C ALA O 531 16.92 20.61 34.04
N ALA O 532 17.27 19.75 35.05
CA ALA O 532 17.63 18.41 34.86
C ALA O 532 16.39 17.54 34.65
N THR P 14 -5.10 24.10 26.48
CA THR P 14 -6.08 24.53 27.58
C THR P 14 -7.10 25.55 27.03
N SER P 15 -8.34 25.61 27.47
CA SER P 15 -9.35 26.47 26.90
C SER P 15 -9.19 27.91 27.52
N ARG P 16 -8.99 28.87 26.62
CA ARG P 16 -8.62 30.21 27.07
C ARG P 16 -9.87 31.14 26.98
N ASN P 17 -9.79 32.38 27.62
CA ASN P 17 -10.93 33.29 27.67
C ASN P 17 -10.32 34.73 27.82
N SER P 18 -10.96 35.61 27.10
CA SER P 18 -10.68 37.06 27.20
C SER P 18 -11.79 37.87 26.52
N GLY P 19 -11.86 39.18 26.79
CA GLY P 19 -12.65 40.16 26.06
C GLY P 19 -14.14 40.04 26.37
N ARG P 20 -14.59 39.48 27.47
CA ARG P 20 -15.92 39.17 27.91
C ARG P 20 -16.46 37.82 27.57
N ASP P 21 -15.58 36.81 27.14
CA ASP P 21 -15.94 35.48 26.61
C ASP P 21 -16.63 34.58 27.60
N ALA P 22 -15.98 34.32 28.76
CA ALA P 22 -16.43 33.52 29.87
C ALA P 22 -17.86 33.86 30.36
N LEU P 23 -18.20 35.15 30.39
CA LEU P 23 -19.45 35.61 30.87
C LEU P 23 -20.58 35.27 29.84
N LYS P 24 -20.27 35.37 28.55
CA LYS P 24 -21.23 35.00 27.53
C LYS P 24 -21.58 33.55 27.51
N ASN P 25 -20.54 32.77 27.94
CA ASN P 25 -20.61 31.27 27.89
C ASN P 25 -21.41 30.82 29.09
N ASN P 26 -21.32 31.60 30.20
CA ASN P 26 -22.03 31.26 31.39
C ASN P 26 -23.48 31.70 31.41
N ILE P 27 -23.82 32.71 30.54
CA ILE P 27 -25.17 33.17 30.36
C ILE P 27 -25.85 32.12 29.59
N LEU P 28 -25.13 31.54 28.57
CA LEU P 28 -25.69 30.58 27.67
C LEU P 28 -26.11 29.30 28.39
N ALA P 29 -25.23 28.82 29.31
CA ALA P 29 -25.47 27.67 30.11
C ALA P 29 -26.76 27.79 30.99
N ALA P 30 -26.89 28.92 31.64
CA ALA P 30 -28.03 29.42 32.38
C ALA P 30 -29.29 29.70 31.52
N ARG P 31 -29.19 30.07 30.25
CA ARG P 31 -30.28 30.32 29.31
C ARG P 31 -30.89 29.02 28.79
N THR P 32 -30.02 28.03 28.63
CA THR P 32 -30.38 26.67 28.19
C THR P 32 -31.18 26.03 29.31
N LEU P 33 -30.72 26.19 30.55
CA LEU P 33 -31.40 25.76 31.70
C LEU P 33 -32.78 26.28 31.98
N ALA P 34 -32.98 27.65 31.77
CA ALA P 34 -34.23 28.49 31.98
C ALA P 34 -35.20 27.99 30.89
N GLU P 35 -34.69 27.73 29.61
CA GLU P 35 -35.57 27.27 28.52
C GLU P 35 -35.91 25.73 28.64
N MET P 36 -35.20 24.99 29.63
CA MET P 36 -35.56 23.66 29.94
C MET P 36 -36.63 23.67 31.04
N LEU P 37 -36.49 24.47 32.05
CA LEU P 37 -37.50 24.52 33.15
C LEU P 37 -38.77 25.16 32.89
N ARG P 38 -38.73 26.06 31.81
CA ARG P 38 -39.86 26.93 31.66
C ARG P 38 -41.10 26.18 31.21
N SER P 39 -40.92 25.07 30.52
CA SER P 39 -42.08 24.19 30.12
C SER P 39 -42.88 23.58 31.25
N SER P 40 -42.33 23.53 32.43
CA SER P 40 -43.03 23.00 33.63
C SER P 40 -43.47 24.14 34.57
N LEU P 41 -43.17 25.34 34.32
CA LEU P 41 -43.47 26.39 35.30
C LEU P 41 -44.92 26.59 35.57
N GLY P 42 -45.71 26.68 34.54
CA GLY P 42 -47.15 26.90 34.66
C GLY P 42 -47.97 25.85 35.40
N PRO P 43 -49.30 26.15 35.44
CA PRO P 43 -50.12 25.33 36.26
C PRO P 43 -50.91 24.36 35.47
N LYS P 44 -50.70 24.26 34.15
CA LYS P 44 -50.98 23.02 33.44
C LYS P 44 -49.71 22.53 32.75
N GLY P 45 -48.48 22.71 33.37
CA GLY P 45 -47.12 22.58 32.73
C GLY P 45 -46.81 21.14 32.59
N LEU P 46 -45.76 20.78 31.83
CA LEU P 46 -45.43 19.40 31.45
C LEU P 46 -44.45 18.66 32.29
N ASP P 47 -44.71 17.34 32.62
CA ASP P 47 -43.76 16.62 33.43
C ASP P 47 -42.74 15.95 32.59
N LYS P 48 -41.42 15.97 32.98
CA LYS P 48 -40.30 15.46 32.21
C LYS P 48 -39.93 14.08 32.70
N MET P 49 -39.18 13.25 31.97
CA MET P 49 -38.87 11.93 32.45
C MET P 49 -37.37 11.71 32.46
N LEU P 50 -36.83 11.19 33.53
CA LEU P 50 -35.38 11.21 33.75
C LEU P 50 -35.03 9.83 34.31
N ILE P 51 -34.31 9.05 33.50
CA ILE P 51 -34.12 7.63 33.89
C ILE P 51 -32.71 7.44 34.38
N ASP P 52 -32.51 6.72 35.54
CA ASP P 52 -31.31 6.38 36.25
C ASP P 52 -30.47 5.32 35.57
N SER P 53 -29.26 5.19 36.05
CA SER P 53 -28.25 4.29 35.63
C SER P 53 -28.58 2.81 35.91
N PHE P 54 -29.47 2.51 36.88
CA PHE P 54 -29.93 1.20 37.25
C PHE P 54 -31.38 0.98 36.74
N GLY P 55 -31.84 1.73 35.75
CA GLY P 55 -33.08 1.67 35.02
C GLY P 55 -34.37 2.19 35.79
N ASP P 56 -34.08 2.97 36.83
CA ASP P 56 -35.03 3.60 37.68
C ASP P 56 -35.51 4.89 37.00
N VAL P 57 -36.76 4.92 36.61
CA VAL P 57 -37.33 6.07 35.94
C VAL P 57 -37.94 7.07 36.87
N THR P 58 -37.90 8.35 36.68
CA THR P 58 -38.43 9.36 37.59
C THR P 58 -39.03 10.34 36.67
N ILE P 59 -40.33 10.54 36.82
CA ILE P 59 -41.16 11.42 36.12
C ILE P 59 -41.53 12.48 37.15
N THR P 60 -41.15 13.78 36.91
CA THR P 60 -41.56 14.94 37.74
C THR P 60 -41.64 16.26 36.96
N ASN P 61 -42.36 17.28 37.57
CA ASN P 61 -42.31 18.58 37.02
C ASN P 61 -41.63 19.61 37.98
N ASP P 62 -41.30 19.13 39.24
CA ASP P 62 -40.38 19.80 40.22
C ASP P 62 -39.03 20.05 39.63
N GLY P 63 -38.45 21.24 39.94
CA GLY P 63 -37.18 21.67 39.24
C GLY P 63 -35.88 21.35 39.88
N ALA P 64 -35.87 21.21 41.24
CA ALA P 64 -34.74 20.82 42.03
C ALA P 64 -34.53 19.30 41.99
N THR P 65 -35.70 18.63 41.67
CA THR P 65 -35.69 17.23 41.36
C THR P 65 -35.22 16.90 39.96
N ILE P 66 -35.59 17.61 38.89
CA ILE P 66 -35.08 17.42 37.44
C ILE P 66 -33.64 17.75 37.32
N VAL P 67 -33.14 18.79 38.04
CA VAL P 67 -31.70 19.08 38.07
C VAL P 67 -30.93 18.02 38.76
N LYS P 68 -31.36 17.48 39.90
CA LYS P 68 -30.84 16.36 40.64
C LYS P 68 -30.82 15.10 39.75
N GLU P 69 -31.79 14.73 38.99
CA GLU P 69 -31.76 13.56 38.08
C GLU P 69 -30.92 13.70 36.79
N MET P 70 -30.27 14.85 36.63
CA MET P 70 -29.55 15.22 35.50
C MET P 70 -28.13 15.53 35.89
N GLU P 71 -27.20 15.20 35.02
CA GLU P 71 -25.81 15.50 35.17
C GLU P 71 -25.57 16.98 34.79
N ILE P 72 -25.10 17.86 35.71
CA ILE P 72 -24.91 19.24 35.43
C ILE P 72 -23.48 19.34 34.97
N GLN P 73 -23.34 19.64 33.65
CA GLN P 73 -22.05 19.58 32.93
C GLN P 73 -21.30 20.90 32.75
N HIS P 74 -21.96 22.07 32.89
CA HIS P 74 -21.28 23.36 32.81
C HIS P 74 -21.23 23.99 34.20
N PRO P 75 -20.06 24.38 34.76
CA PRO P 75 -20.06 24.93 36.18
C PRO P 75 -20.97 26.06 36.51
N ALA P 76 -21.35 26.95 35.59
CA ALA P 76 -22.25 28.10 35.89
C ALA P 76 -23.68 27.59 36.11
N ALA P 77 -24.08 26.43 35.53
CA ALA P 77 -25.33 25.85 35.93
C ALA P 77 -25.27 25.11 37.25
N LYS P 78 -24.00 24.67 37.68
CA LYS P 78 -23.98 24.10 39.05
C LYS P 78 -24.28 25.04 40.15
N LEU P 79 -23.81 26.28 40.00
CA LEU P 79 -24.08 27.40 40.93
C LEU P 79 -25.56 27.68 41.10
N LEU P 80 -26.29 27.76 39.95
CA LEU P 80 -27.73 27.89 39.90
C LEU P 80 -28.57 26.76 40.41
N VAL P 81 -28.06 25.50 40.29
CA VAL P 81 -28.55 24.42 41.12
C VAL P 81 -28.45 24.59 42.58
N GLU P 82 -27.39 25.19 43.18
CA GLU P 82 -27.34 25.42 44.63
C GLU P 82 -28.41 26.32 45.22
N ALA P 83 -28.86 27.24 44.38
CA ALA P 83 -29.93 28.23 44.60
C ALA P 83 -31.33 27.69 44.56
N ALA P 84 -31.51 26.68 43.67
CA ALA P 84 -32.73 25.91 43.63
C ALA P 84 -32.93 25.15 44.85
N LYS P 85 -31.97 24.30 45.21
CA LYS P 85 -31.86 23.65 46.47
C LYS P 85 -32.23 24.45 47.66
N ALA P 86 -31.61 25.58 47.83
CA ALA P 86 -31.87 26.49 48.96
C ALA P 86 -33.30 27.02 49.11
N GLN P 87 -34.07 27.24 47.99
CA GLN P 87 -35.41 27.62 47.92
C GLN P 87 -36.31 26.38 48.19
N ASP P 88 -35.79 25.13 47.85
CA ASP P 88 -36.62 23.95 47.74
C ASP P 88 -37.16 23.47 49.06
N SER P 89 -36.38 23.83 50.14
CA SER P 89 -36.70 23.44 51.47
C SER P 89 -37.93 24.33 51.91
N GLU P 90 -38.07 25.61 51.44
CA GLU P 90 -39.15 26.57 51.69
C GLU P 90 -40.45 26.32 50.86
N VAL P 91 -40.31 25.93 49.55
CA VAL P 91 -41.45 25.84 48.61
C VAL P 91 -41.04 25.10 47.34
N GLY P 92 -41.99 24.30 46.72
CA GLY P 92 -41.73 23.45 45.51
C GLY P 92 -42.19 24.08 44.28
N ASP P 93 -42.85 25.26 44.25
CA ASP P 93 -43.27 25.98 43.00
C ASP P 93 -42.27 27.09 42.71
N GLY P 94 -41.86 27.77 43.74
CA GLY P 94 -41.05 29.01 43.70
C GLY P 94 -39.69 28.63 43.14
N THR P 95 -39.23 27.42 43.50
CA THR P 95 -37.87 27.03 42.97
C THR P 95 -37.64 26.89 41.50
N THR P 96 -38.66 26.43 40.78
CA THR P 96 -38.78 26.61 39.31
C THR P 96 -38.98 28.10 38.89
N SER P 97 -39.89 28.79 39.56
CA SER P 97 -40.16 30.21 39.27
C SER P 97 -38.99 31.18 39.42
N ALA P 98 -38.22 31.03 40.55
CA ALA P 98 -36.99 31.86 40.67
C ALA P 98 -35.88 31.64 39.68
N VAL P 99 -35.54 30.41 39.25
CA VAL P 99 -34.45 30.11 38.34
C VAL P 99 -34.75 30.67 36.97
N VAL P 100 -36.00 30.53 36.46
CA VAL P 100 -36.38 31.11 35.15
C VAL P 100 -36.32 32.65 35.04
N LEU P 101 -36.81 33.23 36.20
CA LEU P 101 -36.69 34.64 36.40
C LEU P 101 -35.25 35.18 36.52
N ALA P 102 -34.31 34.40 37.07
CA ALA P 102 -32.89 34.79 37.11
C ALA P 102 -32.34 34.91 35.65
N GLY P 103 -32.75 33.98 34.80
CA GLY P 103 -32.47 33.95 33.38
C GLY P 103 -33.02 35.08 32.66
N LEU P 104 -34.23 35.57 33.09
CA LEU P 104 -35.00 36.61 32.36
C LEU P 104 -34.43 38.02 32.67
N PHE P 105 -33.70 38.20 33.84
CA PHE P 105 -32.87 39.38 34.17
C PHE P 105 -31.57 39.21 33.42
N LEU P 106 -31.05 37.98 33.26
CA LEU P 106 -29.82 37.73 32.62
C LEU P 106 -29.79 38.12 31.13
N GLU P 107 -30.89 37.93 30.41
CA GLU P 107 -31.02 38.40 29.05
C GLU P 107 -31.32 39.91 28.78
N LYS P 108 -31.70 40.63 29.82
CA LYS P 108 -31.68 42.06 29.70
C LYS P 108 -30.30 42.72 29.96
N ALA P 109 -29.57 42.19 30.91
CA ALA P 109 -28.17 42.42 31.19
C ALA P 109 -27.26 42.16 30.04
N GLU P 110 -27.45 41.10 29.29
CA GLU P 110 -26.64 40.69 28.13
C GLU P 110 -26.82 41.78 27.00
N SER P 111 -28.02 42.36 26.83
CA SER P 111 -28.25 43.51 25.93
C SER P 111 -27.49 44.79 26.39
N LEU P 112 -27.59 45.07 27.72
CA LEU P 112 -26.83 46.18 28.23
C LEU P 112 -25.28 45.95 28.01
N VAL P 113 -24.75 44.75 28.27
CA VAL P 113 -23.31 44.31 28.02
C VAL P 113 -22.94 44.43 26.57
N ASP P 114 -23.85 44.09 25.59
CA ASP P 114 -23.84 44.37 24.15
C ASP P 114 -23.88 45.91 23.89
N GLN P 115 -24.57 46.78 24.60
CA GLN P 115 -24.63 48.21 24.49
C GLN P 115 -23.41 48.90 25.22
N ASN P 116 -22.44 48.05 25.55
CA ASN P 116 -21.22 48.30 26.43
C ASN P 116 -21.40 48.92 27.81
N ILE P 117 -22.31 48.36 28.62
CA ILE P 117 -22.57 48.90 29.95
C ILE P 117 -22.03 47.95 30.99
N HIS P 118 -21.04 48.45 31.79
CA HIS P 118 -20.33 47.50 32.70
C HIS P 118 -21.18 46.60 33.67
N PRO P 119 -20.86 45.34 34.01
CA PRO P 119 -21.83 44.50 34.79
C PRO P 119 -22.18 45.09 36.13
N THR P 120 -21.20 45.81 36.72
CA THR P 120 -21.35 46.52 37.90
C THR P 120 -22.46 47.56 37.92
N ILE P 121 -22.53 48.29 36.80
CA ILE P 121 -23.53 49.31 36.56
C ILE P 121 -24.84 48.71 36.34
N ILE P 122 -24.95 47.54 35.60
CA ILE P 122 -26.22 46.84 35.44
C ILE P 122 -26.82 46.37 36.75
N ILE P 123 -26.03 45.64 37.60
CA ILE P 123 -26.27 45.27 39.04
C ILE P 123 -26.78 46.28 39.92
N GLU P 124 -26.11 47.49 39.95
CA GLU P 124 -26.50 48.66 40.78
C GLU P 124 -27.86 49.26 40.48
N GLY P 125 -28.37 49.20 39.22
CA GLY P 125 -29.64 49.56 38.67
C GLY P 125 -30.68 48.48 38.87
N PHE P 126 -30.37 47.20 38.90
CA PHE P 126 -31.23 46.11 39.27
C PHE P 126 -31.44 46.10 40.80
N LYS P 127 -30.44 46.45 41.59
CA LYS P 127 -30.63 46.51 43.02
C LYS P 127 -31.54 47.68 43.45
N LYS P 128 -31.35 48.82 42.78
CA LYS P 128 -32.12 50.00 42.90
C LYS P 128 -33.52 49.75 42.42
N ALA P 129 -33.77 48.97 41.40
CA ALA P 129 -35.10 48.51 41.04
C ALA P 129 -35.78 47.72 42.10
N PHE P 130 -34.99 46.73 42.60
CA PHE P 130 -35.46 45.86 43.59
C PHE P 130 -35.84 46.60 44.86
N ASN P 131 -35.01 47.65 45.22
CA ASN P 131 -35.31 48.54 46.27
C ASN P 131 -36.55 49.38 46.18
N LYS P 132 -36.93 49.87 44.96
CA LYS P 132 -38.17 50.58 44.69
C LYS P 132 -39.32 49.63 44.91
N SER P 133 -39.16 48.36 44.38
CA SER P 133 -40.20 47.31 44.42
C SER P 133 -40.42 46.93 45.88
N LEU P 134 -39.34 46.88 46.69
CA LEU P 134 -39.36 46.41 48.11
C LEU P 134 -40.04 47.54 49.05
N GLU P 135 -40.06 48.83 48.75
CA GLU P 135 -40.90 49.75 49.51
C GLU P 135 -42.29 49.85 49.02
N LEU P 136 -42.54 49.12 47.92
CA LEU P 136 -43.88 48.97 47.34
C LEU P 136 -44.62 47.65 47.81
N LEU P 137 -43.84 46.57 48.17
CA LEU P 137 -44.29 45.29 48.64
C LEU P 137 -44.82 45.31 50.01
N PRO P 138 -44.96 46.31 50.91
CA PRO P 138 -45.85 46.19 52.05
C PRO P 138 -47.10 47.07 51.74
N GLN P 139 -47.10 48.07 50.82
CA GLN P 139 -48.04 49.09 50.39
C GLN P 139 -49.06 48.51 49.30
N LEU P 140 -48.59 47.81 48.26
CA LEU P 140 -49.47 47.17 47.23
C LEU P 140 -49.67 45.71 47.64
N ALA P 141 -49.65 45.45 48.99
CA ALA P 141 -49.96 44.19 49.60
C ALA P 141 -51.00 44.51 50.68
N THR P 142 -51.55 43.34 51.09
CA THR P 142 -52.75 43.21 51.96
C THR P 142 -52.29 42.48 53.27
N LYS P 143 -52.58 42.98 54.49
CA LYS P 143 -52.17 42.48 55.81
C LYS P 143 -53.42 42.06 56.48
N VAL P 144 -53.37 40.79 56.95
CA VAL P 144 -54.46 40.16 57.57
C VAL P 144 -53.98 39.88 59.00
N ASP P 145 -54.93 39.88 59.98
CA ASP P 145 -54.65 39.74 61.40
C ASP P 145 -53.97 38.31 61.76
N VAL P 146 -53.07 38.26 62.75
CA VAL P 146 -52.48 37.09 63.26
C VAL P 146 -53.40 36.00 63.65
N SER P 147 -54.59 36.21 64.27
CA SER P 147 -55.48 35.10 64.70
C SER P 147 -56.86 35.62 65.11
N ASP P 148 -57.79 35.90 64.12
CA ASP P 148 -59.21 35.98 64.44
C ASP P 148 -59.92 34.82 65.25
N LEU P 149 -60.36 35.06 66.48
CA LEU P 149 -61.17 34.13 67.28
C LEU P 149 -60.55 32.82 67.70
N ASN P 150 -59.16 32.72 67.90
CA ASN P 150 -58.31 31.54 68.02
C ASN P 150 -58.02 30.88 66.65
N SER P 151 -56.73 30.53 66.45
CA SER P 151 -56.13 29.71 65.37
C SER P 151 -56.44 30.15 63.94
N ALA P 152 -56.78 31.52 63.77
CA ALA P 152 -57.37 32.11 62.59
C ALA P 152 -58.62 31.37 62.13
N THR P 153 -59.69 31.32 62.98
CA THR P 153 -60.82 30.46 62.81
C THR P 153 -61.71 31.03 61.73
N ALA P 154 -61.56 32.30 61.46
CA ALA P 154 -62.49 33.09 60.62
C ALA P 154 -61.97 32.98 59.21
N ARG P 155 -61.25 31.88 58.97
CA ARG P 155 -60.12 31.64 58.17
C ARG P 155 -59.73 32.60 57.02
N ASP P 156 -60.59 32.92 56.05
CA ASP P 156 -60.31 33.85 54.93
C ASP P 156 -58.97 33.68 54.13
N ALA P 157 -57.86 34.35 54.52
CA ALA P 157 -56.55 34.37 53.88
C ALA P 157 -56.05 32.98 53.78
N LEU P 158 -56.08 32.23 54.91
CA LEU P 158 -55.54 30.92 54.98
C LEU P 158 -56.15 29.95 53.96
N LYS P 159 -57.50 30.05 53.82
CA LYS P 159 -58.31 29.28 52.94
C LYS P 159 -57.87 29.56 51.56
N LYS P 160 -57.75 30.88 51.22
CA LYS P 160 -57.36 31.29 49.83
C LYS P 160 -55.97 30.82 49.41
N ILE P 161 -54.92 30.75 50.33
CA ILE P 161 -53.61 30.33 49.98
C ILE P 161 -53.55 28.79 49.90
N VAL P 162 -54.27 27.97 50.77
CA VAL P 162 -54.10 26.58 50.75
C VAL P 162 -54.86 26.04 49.58
N TYR P 163 -56.07 26.62 49.28
CA TYR P 163 -56.87 26.30 48.10
C TYR P 163 -56.16 26.73 46.88
N THR P 164 -55.50 27.90 46.75
CA THR P 164 -54.70 28.33 45.55
C THR P 164 -53.47 27.45 45.31
N THR P 165 -52.73 27.15 46.39
CA THR P 165 -51.48 26.33 46.22
C THR P 165 -51.80 24.95 45.71
N MET P 166 -52.81 24.30 46.27
CA MET P 166 -53.37 22.94 45.94
C MET P 166 -53.87 23.02 44.51
N SER P 167 -54.57 24.10 44.15
CA SER P 167 -55.10 24.25 42.82
C SER P 167 -54.07 24.37 41.75
N SER P 168 -52.96 25.11 41.96
CA SER P 168 -51.83 25.33 41.02
C SER P 168 -51.09 23.99 40.82
N LYS P 169 -50.74 23.19 41.95
CA LYS P 169 -50.03 21.97 41.85
C LYS P 169 -50.81 20.72 41.52
N PHE P 170 -52.16 20.77 41.18
CA PHE P 170 -52.88 19.55 40.87
C PHE P 170 -54.16 19.68 40.07
N MET P 171 -54.64 20.92 39.70
CA MET P 171 -55.77 21.18 38.86
C MET P 171 -57.12 20.58 39.28
N ALA P 172 -58.23 20.84 38.50
CA ALA P 172 -59.54 20.30 38.75
C ALA P 172 -60.12 20.20 40.17
N GLU P 173 -60.99 19.17 40.50
CA GLU P 173 -61.70 19.13 41.78
C GLU P 173 -61.07 18.68 43.07
N GLY P 174 -61.01 19.53 44.13
CA GLY P 174 -60.27 19.28 45.40
C GLY P 174 -60.86 19.87 46.61
N GLU P 175 -62.07 20.24 46.50
CA GLU P 175 -62.98 20.78 47.51
C GLU P 175 -63.32 19.85 48.63
N GLU P 176 -63.59 18.53 48.40
CA GLU P 176 -63.75 17.60 49.47
C GLU P 176 -62.43 17.24 50.14
N LEU P 177 -61.25 17.69 49.62
CA LEU P 177 -59.94 17.55 50.17
C LEU P 177 -59.48 18.79 50.89
N ASN P 178 -59.81 19.92 50.26
CA ASN P 178 -59.49 21.26 50.76
C ASN P 178 -60.17 21.55 52.12
N LYS P 179 -61.44 21.24 52.25
CA LYS P 179 -62.21 21.52 53.46
C LYS P 179 -61.65 20.74 54.67
N ILE P 180 -61.32 19.44 54.48
CA ILE P 180 -60.73 18.60 55.44
C ILE P 180 -59.35 19.16 55.80
N MET P 181 -58.59 19.66 54.82
CA MET P 181 -57.25 20.30 54.93
C MET P 181 -57.32 21.58 55.76
N ASP P 182 -58.45 22.41 55.64
CA ASP P 182 -58.74 23.62 56.39
C ASP P 182 -58.89 23.24 57.84
N ILE P 183 -59.56 22.10 58.06
CA ILE P 183 -59.62 21.52 59.40
C ILE P 183 -58.31 21.16 59.94
N VAL P 184 -57.47 20.55 59.14
CA VAL P 184 -56.14 20.25 59.61
C VAL P 184 -55.28 21.50 59.88
N ILE P 185 -55.32 22.54 59.03
CA ILE P 185 -54.53 23.77 59.00
C ILE P 185 -54.86 24.58 60.24
N ASP P 186 -56.22 24.61 60.64
CA ASP P 186 -56.75 25.19 61.85
C ASP P 186 -56.16 24.38 63.01
N ALA P 187 -56.05 23.07 62.89
CA ALA P 187 -55.43 22.27 63.93
C ALA P 187 -53.95 22.55 64.14
N VAL P 188 -53.20 22.71 63.01
CA VAL P 188 -51.79 23.08 62.98
C VAL P 188 -51.40 24.40 63.47
N THR P 189 -52.22 25.44 63.07
CA THR P 189 -52.07 26.78 63.76
C THR P 189 -52.38 26.75 65.26
N THR P 190 -53.42 26.00 65.76
CA THR P 190 -53.71 25.88 67.20
C THR P 190 -52.56 25.41 67.94
N VAL P 191 -51.83 24.39 67.45
CA VAL P 191 -50.58 23.84 67.96
C VAL P 191 -49.42 24.80 68.09
N ALA P 192 -48.90 25.33 67.01
CA ALA P 192 -48.00 26.54 66.92
C ALA P 192 -48.07 27.71 68.02
N GLU P 193 -49.26 28.28 68.17
CA GLU P 193 -49.63 29.39 69.10
C GLU P 193 -48.93 30.80 69.06
N PRO P 194 -49.62 31.97 69.20
CA PRO P 194 -49.12 33.20 68.65
C PRO P 194 -47.98 33.86 69.47
N LEU P 195 -47.26 34.78 68.80
CA LEU P 195 -46.07 35.45 69.39
C LEU P 195 -46.27 36.91 69.01
N PRO P 196 -45.48 37.84 69.62
CA PRO P 196 -45.56 39.29 69.38
C PRO P 196 -45.45 39.74 67.95
N ASP P 197 -46.38 40.57 67.51
CA ASP P 197 -46.29 41.46 66.29
C ASP P 197 -46.64 40.58 65.08
N GLY P 198 -47.56 39.68 65.17
CA GLY P 198 -47.89 38.72 64.05
C GLY P 198 -46.96 37.55 63.86
N GLY P 199 -46.03 37.34 64.80
CA GLY P 199 -45.30 36.05 64.81
C GLY P 199 -46.10 34.90 65.46
N TYR P 200 -45.50 33.69 65.50
CA TYR P 200 -46.06 32.41 65.82
C TYR P 200 -44.86 31.52 66.08
N ASN P 201 -44.91 30.48 66.93
CA ASN P 201 -43.77 29.62 67.17
C ASN P 201 -43.67 28.55 66.14
N VAL P 202 -43.25 29.00 64.89
CA VAL P 202 -43.19 28.12 63.74
C VAL P 202 -42.24 26.90 63.75
N SER P 203 -42.71 25.75 63.30
CA SER P 203 -41.98 24.54 63.37
C SER P 203 -42.77 23.50 62.77
N LEU P 204 -42.37 23.17 61.52
CA LEU P 204 -42.85 22.03 60.84
C LEU P 204 -42.02 20.78 61.21
N ASP P 205 -40.93 20.86 62.05
CA ASP P 205 -40.18 19.71 62.44
C ASP P 205 -40.87 18.91 63.59
N LEU P 206 -41.93 19.48 64.20
CA LEU P 206 -42.66 18.80 65.20
C LEU P 206 -43.96 18.12 64.61
N ILE P 207 -44.10 18.17 63.31
CA ILE P 207 -45.22 17.50 62.56
C ILE P 207 -44.89 16.02 62.22
N LYS P 208 -45.83 15.07 62.36
CA LYS P 208 -45.65 13.73 61.91
C LYS P 208 -46.92 13.24 61.24
N ILE P 209 -46.77 12.71 59.99
CA ILE P 209 -47.96 12.30 59.29
C ILE P 209 -47.85 10.87 58.92
N ASP P 210 -48.89 10.09 59.32
CA ASP P 210 -49.09 8.62 59.03
C ASP P 210 -50.19 8.49 58.07
N LYS P 211 -50.02 7.78 56.93
CA LYS P 211 -50.99 7.44 55.96
C LYS P 211 -51.44 6.00 55.93
N LYS P 212 -52.76 5.75 55.95
CA LYS P 212 -53.47 4.45 56.04
C LYS P 212 -54.57 4.21 54.95
N LYS P 213 -54.51 3.00 54.45
CA LYS P 213 -55.59 2.48 53.54
C LYS P 213 -57.00 2.21 54.13
N GLY P 214 -58.05 2.31 53.25
CA GLY P 214 -59.38 1.68 53.41
C GLY P 214 -60.38 2.66 53.91
N GLY P 215 -60.11 4.02 53.90
CA GLY P 215 -61.00 5.07 54.42
C GLY P 215 -61.13 6.12 53.40
N THR P 216 -61.54 7.33 53.88
CA THR P 216 -61.96 8.49 53.11
C THR P 216 -61.19 9.62 53.67
N ILE P 217 -61.11 10.73 52.95
CA ILE P 217 -60.33 11.83 53.51
C ILE P 217 -61.05 12.39 54.80
N GLU P 218 -62.38 12.42 54.72
CA GLU P 218 -63.18 12.69 55.94
C GLU P 218 -62.86 11.81 57.15
N ASP P 219 -62.12 10.68 57.01
CA ASP P 219 -61.67 9.85 58.10
C ASP P 219 -60.27 10.20 58.58
N SER P 220 -59.70 11.29 58.09
CA SER P 220 -58.56 11.83 58.78
C SER P 220 -58.68 12.64 60.00
N GLN P 221 -57.65 12.51 60.89
CA GLN P 221 -57.79 12.93 62.24
C GLN P 221 -56.44 13.52 62.81
N LEU P 222 -56.47 14.44 63.76
CA LEU P 222 -55.35 14.70 64.60
C LEU P 222 -55.20 13.68 65.72
N ILE P 223 -54.03 13.45 66.21
CA ILE P 223 -53.71 12.71 67.45
C ILE P 223 -52.82 13.73 68.21
N ARG P 224 -53.07 13.85 69.51
CA ARG P 224 -52.46 14.87 70.34
C ARG P 224 -51.35 14.29 71.12
N GLY P 225 -50.90 13.18 70.63
CA GLY P 225 -49.82 12.34 71.08
C GLY P 225 -49.37 11.66 69.83
N ILE P 226 -48.41 10.71 69.89
CA ILE P 226 -47.73 10.00 68.83
C ILE P 226 -48.19 8.53 68.65
N VAL P 227 -48.12 8.12 67.36
CA VAL P 227 -48.39 6.83 66.90
C VAL P 227 -47.10 6.16 66.56
N LEU P 228 -46.88 4.95 67.11
CA LEU P 228 -45.78 4.18 66.83
C LEU P 228 -46.20 3.05 65.91
N ASP P 229 -45.64 2.90 64.68
CA ASP P 229 -46.05 1.86 63.81
C ASP P 229 -45.16 0.62 63.98
N LYS P 230 -44.31 0.53 65.04
CA LYS P 230 -43.45 -0.59 65.25
C LYS P 230 -44.18 -1.51 66.22
N GLU P 231 -43.64 -2.72 66.27
CA GLU P 231 -44.23 -3.73 67.15
C GLU P 231 -43.92 -3.79 68.65
N VAL P 232 -44.83 -4.37 69.41
CA VAL P 232 -44.49 -5.03 70.68
C VAL P 232 -43.69 -6.31 70.48
N VAL P 233 -42.42 -6.18 70.88
CA VAL P 233 -41.46 -7.29 71.02
C VAL P 233 -41.76 -8.66 71.60
N HIS P 234 -42.48 -8.75 72.77
CA HIS P 234 -42.92 -10.03 73.23
C HIS P 234 -44.41 -10.22 73.38
N ALA P 235 -44.99 -11.36 72.96
CA ALA P 235 -46.43 -11.62 73.18
C ALA P 235 -46.85 -11.69 74.60
N GLY P 236 -45.93 -11.93 75.57
CA GLY P 236 -46.35 -12.05 76.96
C GLY P 236 -46.45 -10.74 77.65
N MET P 237 -46.21 -9.59 77.01
CA MET P 237 -46.34 -8.30 77.60
C MET P 237 -47.82 -7.98 77.85
N PRO P 238 -48.16 -7.01 78.76
CA PRO P 238 -49.45 -6.36 78.72
C PRO P 238 -49.65 -5.69 77.39
N ARG P 239 -50.90 -5.76 76.89
CA ARG P 239 -51.24 -5.16 75.57
C ARG P 239 -51.81 -3.72 75.68
N ARG P 240 -52.11 -3.23 76.91
CA ARG P 240 -52.46 -1.83 77.10
C ARG P 240 -52.03 -1.39 78.47
N VAL P 241 -51.53 -0.17 78.62
CA VAL P 241 -51.07 0.39 79.86
C VAL P 241 -51.74 1.67 80.13
N GLU P 242 -52.32 1.80 81.33
CA GLU P 242 -53.13 2.91 81.71
C GLU P 242 -52.43 3.64 82.77
N LYS P 243 -52.31 5.00 82.56
CA LYS P 243 -51.54 6.01 83.34
C LYS P 243 -50.02 5.66 83.33
N ALA P 244 -49.50 5.66 82.10
CA ALA P 244 -48.22 5.18 81.71
C ALA P 244 -47.05 6.13 82.02
N LYS P 245 -46.03 5.56 82.71
CA LYS P 245 -44.82 6.18 83.07
C LYS P 245 -43.84 5.56 82.10
N ILE P 246 -43.41 6.41 81.09
CA ILE P 246 -42.70 5.97 79.88
C ILE P 246 -41.17 6.30 79.95
N ALA P 247 -40.34 5.20 79.94
CA ALA P 247 -38.94 5.35 79.69
C ALA P 247 -38.57 5.03 78.20
N VAL P 248 -37.72 5.91 77.67
CA VAL P 248 -37.25 5.98 76.38
C VAL P 248 -35.76 5.76 76.40
N LEU P 249 -35.22 4.74 75.62
CA LEU P 249 -33.85 4.29 75.88
C LEU P 249 -32.92 4.21 74.69
N ASP P 250 -31.72 4.84 74.79
CA ASP P 250 -30.81 4.95 73.67
C ASP P 250 -29.98 3.71 73.44
N ALA P 251 -29.53 3.04 74.55
CA ALA P 251 -28.84 1.79 74.63
C ALA P 251 -29.78 0.60 74.53
N SER P 252 -29.20 -0.43 73.96
CA SER P 252 -29.69 -1.80 74.04
C SER P 252 -29.92 -2.43 75.43
N LEU P 253 -31.02 -3.18 75.58
CA LEU P 253 -31.17 -4.17 76.63
C LEU P 253 -30.45 -5.45 76.09
N GLU P 254 -29.09 -5.38 76.18
CA GLU P 254 -28.23 -6.40 75.64
C GLU P 254 -27.05 -6.33 76.49
N VAL P 255 -26.34 -7.43 76.74
CA VAL P 255 -25.10 -7.33 77.45
C VAL P 255 -24.03 -6.80 76.48
N GLU P 256 -23.17 -5.99 76.98
CA GLU P 256 -22.12 -5.30 76.19
C GLU P 256 -20.81 -5.66 76.79
N LYS P 257 -19.91 -6.12 75.96
CA LYS P 257 -18.64 -6.60 76.40
C LYS P 257 -17.77 -5.55 77.03
N PRO P 258 -16.95 -5.81 78.10
CA PRO P 258 -16.36 -4.78 78.76
C PRO P 258 -15.06 -4.31 78.18
N GLU P 259 -14.21 -3.44 78.88
CA GLU P 259 -12.95 -2.83 78.45
C GLU P 259 -11.97 -3.90 78.20
N ILE P 260 -11.74 -4.84 79.21
CA ILE P 260 -10.73 -5.87 79.21
C ILE P 260 -11.45 -7.25 79.22
N SER P 261 -11.10 -8.17 78.36
CA SER P 261 -12.13 -8.94 77.64
C SER P 261 -11.50 -10.14 77.05
N ALA P 262 -12.29 -11.21 76.81
CA ALA P 262 -11.74 -12.44 76.33
C ALA P 262 -12.77 -13.17 75.58
N LYS P 263 -12.37 -14.14 74.75
CA LYS P 263 -13.34 -14.82 73.85
C LYS P 263 -13.42 -16.15 74.43
N ILE P 264 -14.53 -16.47 75.13
CA ILE P 264 -14.71 -17.80 75.68
C ILE P 264 -15.45 -18.67 74.68
N SER P 265 -14.87 -19.79 74.28
CA SER P 265 -15.46 -20.74 73.31
C SER P 265 -15.59 -22.05 74.09
N ILE P 266 -16.89 -22.51 74.23
CA ILE P 266 -17.34 -23.47 75.28
C ILE P 266 -17.78 -24.70 74.56
N THR P 267 -17.22 -25.82 74.86
CA THR P 267 -17.63 -27.15 74.57
C THR P 267 -18.58 -27.63 75.63
N SER P 268 -18.01 -28.17 76.70
CA SER P 268 -18.52 -28.07 78.16
C SER P 268 -19.95 -27.79 78.54
N PRO P 269 -21.00 -28.59 78.29
CA PRO P 269 -22.36 -28.05 78.08
C PRO P 269 -22.98 -27.37 79.32
N ASP P 270 -22.65 -27.88 80.55
CA ASP P 270 -23.24 -27.31 81.80
C ASP P 270 -22.88 -25.91 82.08
N GLN P 271 -21.66 -25.54 81.63
CA GLN P 271 -21.14 -24.24 81.75
C GLN P 271 -21.75 -23.36 80.60
N ILE P 272 -22.41 -23.96 79.51
CA ILE P 272 -23.02 -23.17 78.50
C ILE P 272 -24.42 -22.72 79.13
N LYS P 273 -25.05 -23.54 79.95
CA LYS P 273 -26.20 -23.08 80.70
C LYS P 273 -25.90 -22.04 81.79
N ALA P 274 -24.62 -22.10 82.27
CA ALA P 274 -24.13 -21.25 83.29
C ALA P 274 -23.70 -19.85 82.75
N PHE P 275 -23.33 -19.86 81.46
CA PHE P 275 -23.00 -18.70 80.70
C PHE P 275 -24.31 -17.92 80.40
N LEU P 276 -25.39 -18.68 80.13
CA LEU P 276 -26.71 -18.28 79.80
C LEU P 276 -27.37 -17.68 81.00
N ASP P 277 -27.19 -18.26 82.18
CA ASP P 277 -27.64 -17.52 83.41
C ASP P 277 -26.72 -16.32 83.82
N GLU P 278 -25.38 -16.24 83.44
CA GLU P 278 -24.59 -14.98 83.63
C GLU P 278 -25.03 -13.84 82.73
N GLU P 279 -25.37 -14.06 81.45
CA GLU P 279 -25.80 -13.03 80.57
C GLU P 279 -27.18 -12.66 80.87
N ALA P 280 -27.95 -13.57 81.50
CA ALA P 280 -29.26 -13.29 82.06
C ALA P 280 -29.33 -12.52 83.42
N LYS P 281 -28.26 -12.63 84.25
CA LYS P 281 -28.38 -11.89 85.48
C LYS P 281 -28.01 -10.38 85.32
N TYR P 282 -27.29 -10.04 84.26
CA TYR P 282 -27.10 -8.63 83.94
C TYR P 282 -28.30 -8.02 83.26
N LEU P 283 -28.99 -8.73 82.34
CA LEU P 283 -30.29 -8.31 81.83
C LEU P 283 -31.41 -8.24 82.82
N LYS P 284 -31.46 -9.18 83.76
CA LYS P 284 -32.43 -9.05 84.87
C LYS P 284 -32.20 -7.89 85.82
N ASP P 285 -30.93 -7.45 85.93
CA ASP P 285 -30.63 -6.23 86.56
C ASP P 285 -31.12 -5.01 85.86
N MET P 286 -30.75 -4.77 84.54
CA MET P 286 -31.25 -3.67 83.76
C MET P 286 -32.70 -3.45 83.89
N VAL P 287 -33.54 -4.49 83.63
CA VAL P 287 -35.00 -4.51 83.68
C VAL P 287 -35.48 -4.17 85.05
N ASP P 288 -34.86 -4.74 86.13
CA ASP P 288 -35.30 -4.46 87.47
C ASP P 288 -35.18 -2.99 87.88
N LYS P 289 -34.11 -2.33 87.32
CA LYS P 289 -33.90 -0.88 87.47
C LYS P 289 -34.94 -0.13 86.80
N LEU P 290 -35.30 -0.44 85.59
CA LEU P 290 -36.38 0.26 84.89
C LEU P 290 -37.69 0.10 85.71
N ALA P 291 -37.94 -1.11 86.24
CA ALA P 291 -39.09 -1.36 87.06
C ALA P 291 -39.05 -0.64 88.41
N SER P 292 -37.89 -0.36 88.96
CA SER P 292 -37.78 0.35 90.21
C SER P 292 -38.08 1.84 90.06
N ILE P 293 -37.66 2.35 88.86
CA ILE P 293 -37.99 3.70 88.39
C ILE P 293 -39.48 3.85 88.28
N GLY P 294 -40.26 2.77 88.12
CA GLY P 294 -41.69 2.71 87.98
C GLY P 294 -41.97 2.77 86.48
N ALA P 295 -40.99 2.54 85.61
CA ALA P 295 -41.29 2.49 84.15
C ALA P 295 -42.32 1.35 83.85
N ASN P 296 -43.41 1.84 83.23
CA ASN P 296 -44.50 1.01 82.82
C ASN P 296 -44.51 0.54 81.30
N VAL P 297 -44.16 1.51 80.42
CA VAL P 297 -43.79 1.32 79.03
C VAL P 297 -42.25 1.52 78.95
N VAL P 298 -41.72 0.83 77.91
CA VAL P 298 -40.40 1.16 77.37
C VAL P 298 -40.29 1.11 75.88
N ILE P 299 -39.44 2.02 75.51
CA ILE P 299 -39.17 2.27 74.16
C ILE P 299 -37.71 2.03 74.01
N CYS P 300 -37.28 1.24 72.96
CA CYS P 300 -35.89 1.02 72.82
C CYS P 300 -35.37 1.42 71.46
N GLN P 301 -34.42 2.39 71.29
CA GLN P 301 -34.04 2.91 69.97
C GLN P 301 -32.95 2.00 69.42
N LYS P 302 -32.87 0.74 69.95
CA LYS P 302 -32.09 -0.35 69.48
C LYS P 302 -33.03 -1.60 69.59
N GLY P 303 -32.45 -2.78 69.31
CA GLY P 303 -32.83 -4.11 69.84
C GLY P 303 -32.94 -4.30 71.33
N ILE P 304 -33.84 -5.17 71.76
CA ILE P 304 -34.07 -5.66 73.09
C ILE P 304 -33.89 -7.10 73.05
N ASP P 305 -32.91 -7.74 73.79
CA ASP P 305 -32.68 -9.18 73.82
C ASP P 305 -33.90 -9.99 74.22
N ASP P 306 -34.03 -11.26 73.69
CA ASP P 306 -35.06 -12.18 74.06
C ASP P 306 -35.14 -12.46 75.57
N ILE P 307 -33.99 -12.66 76.31
CA ILE P 307 -33.87 -12.84 77.78
C ILE P 307 -34.44 -11.67 78.61
N ALA P 308 -34.09 -10.48 78.18
CA ALA P 308 -34.75 -9.22 78.56
C ALA P 308 -36.23 -9.02 78.17
N GLN P 309 -36.77 -9.68 77.09
CA GLN P 309 -38.19 -9.62 76.77
C GLN P 309 -39.07 -10.49 77.72
N HIS P 310 -38.43 -11.65 78.07
CA HIS P 310 -39.03 -12.57 79.02
C HIS P 310 -39.13 -12.03 80.44
N PHE P 311 -38.02 -11.48 80.98
CA PHE P 311 -37.93 -10.80 82.22
C PHE P 311 -38.67 -9.47 82.26
N LEU P 312 -38.78 -8.78 81.10
CA LEU P 312 -39.56 -7.55 81.04
C LEU P 312 -41.06 -7.90 81.13
N ALA P 313 -41.56 -9.07 80.54
CA ALA P 313 -42.95 -9.35 80.63
C ALA P 313 -43.28 -9.82 82.09
N LYS P 314 -42.37 -10.55 82.75
CA LYS P 314 -42.43 -10.91 84.16
C LYS P 314 -42.53 -9.68 85.07
N ARG P 315 -41.73 -8.58 84.87
CA ARG P 315 -41.79 -7.35 85.63
C ARG P 315 -42.98 -6.50 85.22
N GLY P 316 -43.75 -6.90 84.16
CA GLY P 316 -45.04 -6.26 83.86
C GLY P 316 -45.03 -5.04 82.93
N ILE P 317 -44.08 -5.03 82.06
CA ILE P 317 -43.66 -3.89 81.21
C ILE P 317 -43.83 -4.19 79.71
N LEU P 318 -44.43 -3.20 78.96
CA LEU P 318 -44.78 -3.20 77.55
C LEU P 318 -43.68 -2.54 76.81
N ALA P 319 -42.89 -3.25 76.00
CA ALA P 319 -41.72 -2.62 75.29
C ALA P 319 -42.04 -2.53 73.74
N VAL P 320 -41.54 -1.46 73.12
CA VAL P 320 -41.41 -1.27 71.69
C VAL P 320 -39.90 -1.22 71.44
N ARG P 321 -39.43 -1.75 70.27
CA ARG P 321 -38.09 -1.65 69.97
C ARG P 321 -37.75 -0.48 69.12
N ARG P 322 -36.78 -0.64 68.10
CA ARG P 322 -36.29 0.23 67.09
C ARG P 322 -37.12 1.42 66.52
N VAL P 323 -37.41 2.47 67.24
CA VAL P 323 -38.17 3.59 66.78
C VAL P 323 -37.13 4.64 66.28
N LYS P 324 -37.24 4.94 64.97
CA LYS P 324 -36.44 5.74 64.21
C LYS P 324 -36.30 7.20 64.68
N ARG P 325 -35.11 7.76 64.57
CA ARG P 325 -34.61 8.93 65.19
C ARG P 325 -35.50 10.20 65.16
N SER P 326 -36.20 10.49 64.04
CA SER P 326 -36.98 11.67 63.94
C SER P 326 -38.20 11.57 64.84
N ASP P 327 -38.90 10.39 64.81
CA ASP P 327 -40.12 10.03 65.51
C ASP P 327 -39.81 10.01 67.04
N ILE P 328 -38.53 9.66 67.33
CA ILE P 328 -38.02 9.66 68.73
C ILE P 328 -37.82 11.02 69.29
N GLU P 329 -37.36 11.92 68.44
CA GLU P 329 -37.21 13.31 68.82
C GLU P 329 -38.53 13.95 69.16
N LYS P 330 -39.58 13.53 68.41
CA LYS P 330 -40.94 14.05 68.55
C LYS P 330 -41.62 13.52 69.82
N LEU P 331 -41.34 12.25 70.19
CA LEU P 331 -41.77 11.57 71.30
C LEU P 331 -41.10 12.06 72.64
N GLU P 332 -39.86 12.46 72.56
CA GLU P 332 -39.09 13.18 73.66
C GLU P 332 -39.71 14.51 74.05
N LYS P 333 -39.77 15.41 73.04
CA LYS P 333 -40.46 16.67 73.09
C LYS P 333 -41.93 16.61 73.58
N ALA P 334 -42.66 15.53 73.24
CA ALA P 334 -44.04 15.55 73.57
C ALA P 334 -44.47 15.11 74.97
N LEU P 335 -43.63 14.25 75.50
CA LEU P 335 -43.99 13.68 76.84
C LEU P 335 -43.21 14.17 78.05
N GLY P 336 -42.17 15.02 77.76
CA GLY P 336 -41.09 15.20 78.75
C GLY P 336 -40.11 14.05 78.96
N ALA P 337 -40.27 12.92 78.10
CA ALA P 337 -39.39 11.80 78.19
C ALA P 337 -38.07 12.03 77.52
N ARG P 338 -37.14 12.86 78.13
CA ARG P 338 -35.77 13.20 77.73
C ARG P 338 -34.76 12.12 77.60
N ILE P 339 -35.14 10.76 77.55
CA ILE P 339 -34.34 9.74 76.87
C ILE P 339 -33.16 9.18 77.74
N ILE P 340 -33.21 7.89 78.14
CA ILE P 340 -32.20 7.23 78.93
C ILE P 340 -31.00 6.78 78.07
N SER P 341 -29.81 7.40 78.34
CA SER P 341 -28.62 6.93 77.55
C SER P 341 -28.17 5.51 77.86
N SER P 342 -28.21 5.18 79.13
CA SER P 342 -27.66 4.01 79.72
C SER P 342 -28.66 3.55 80.74
N ILE P 343 -29.32 2.32 80.58
CA ILE P 343 -30.12 1.72 81.65
C ILE P 343 -29.35 1.43 82.90
N LYS P 344 -28.10 0.96 82.82
CA LYS P 344 -27.32 0.70 83.97
C LYS P 344 -27.16 1.92 84.92
N ASP P 345 -27.01 3.18 84.36
CA ASP P 345 -26.88 4.42 85.10
C ASP P 345 -28.13 4.84 85.70
N ALA P 346 -29.33 4.16 85.44
CA ALA P 346 -30.61 4.34 86.10
C ALA P 346 -31.15 5.72 86.22
N THR P 347 -31.29 6.47 85.13
CA THR P 347 -31.36 7.95 85.32
C THR P 347 -32.77 8.59 85.41
N PRO P 348 -33.22 9.21 86.49
CA PRO P 348 -34.56 8.83 87.05
C PRO P 348 -35.53 10.02 86.82
N GLU P 349 -35.02 11.16 86.41
CA GLU P 349 -35.85 12.32 85.96
C GLU P 349 -35.87 12.45 84.40
N ASP P 350 -35.48 11.45 83.64
CA ASP P 350 -35.39 11.44 82.18
C ASP P 350 -36.78 11.05 81.62
N LEU P 351 -37.74 10.91 82.56
CA LEU P 351 -38.96 10.02 82.37
C LEU P 351 -40.22 10.86 82.00
N GLY P 352 -41.06 10.41 81.00
CA GLY P 352 -42.23 11.13 80.62
C GLY P 352 -43.47 10.47 81.01
N TYR P 353 -44.60 11.16 80.71
CA TYR P 353 -45.90 10.70 81.13
C TYR P 353 -47.01 10.75 80.09
N ALA P 354 -47.79 9.68 79.87
CA ALA P 354 -48.87 9.48 78.92
C ALA P 354 -50.12 9.01 79.75
N GLU P 355 -51.40 9.40 79.38
CA GLU P 355 -52.58 8.82 80.00
C GLU P 355 -52.80 7.37 79.74
N LEU P 356 -52.56 6.89 78.55
CA LEU P 356 -52.57 5.51 78.29
C LEU P 356 -51.76 5.22 77.11
N VAL P 357 -51.41 3.88 76.98
CA VAL P 357 -50.68 3.47 75.85
C VAL P 357 -51.36 2.18 75.61
N GLU P 358 -51.91 2.03 74.36
CA GLU P 358 -52.42 0.77 73.85
C GLU P 358 -52.13 0.56 72.45
N GLU P 359 -52.35 -0.72 72.00
CA GLU P 359 -52.32 -1.18 70.62
C GLU P 359 -53.63 -1.16 69.93
N ARG P 360 -53.71 -0.64 68.74
CA ARG P 360 -54.93 -0.54 67.98
C ARG P 360 -54.73 -1.07 66.56
N LYS P 361 -55.67 -1.74 65.94
CA LYS P 361 -55.48 -2.02 64.50
C LYS P 361 -56.01 -0.83 63.67
N VAL P 362 -55.30 -0.20 62.73
CA VAL P 362 -55.88 0.70 61.77
C VAL P 362 -55.68 0.20 60.38
N GLY P 363 -56.81 0.05 59.64
CA GLY P 363 -56.81 -0.33 58.20
C GLY P 363 -56.23 -1.69 57.91
N ASN P 364 -56.28 -2.65 58.89
CA ASN P 364 -55.81 -4.03 59.07
C ASN P 364 -54.59 -3.97 60.01
N ASP P 365 -53.64 -3.10 59.80
CA ASP P 365 -52.31 -3.04 60.40
C ASP P 365 -52.34 -2.54 61.83
N LYS P 366 -51.50 -3.22 62.55
CA LYS P 366 -51.29 -2.88 63.95
C LYS P 366 -50.45 -1.68 64.27
N MET P 367 -50.69 -1.02 65.40
CA MET P 367 -50.17 0.29 65.66
C MET P 367 -50.25 0.56 67.17
N VAL P 368 -49.22 1.23 67.81
CA VAL P 368 -49.14 1.47 69.22
C VAL P 368 -49.37 2.95 69.39
N PHE P 369 -50.36 3.42 70.17
CA PHE P 369 -50.63 4.82 70.16
C PHE P 369 -50.39 5.34 71.58
N ILE P 370 -49.64 6.44 71.68
CA ILE P 370 -49.44 7.09 72.90
C ILE P 370 -50.31 8.37 72.92
N GLU P 371 -51.22 8.54 73.89
CA GLU P 371 -51.98 9.72 73.95
C GLU P 371 -52.40 10.03 75.40
N GLY P 372 -52.83 11.27 75.57
CA GLY P 372 -53.23 11.90 76.84
C GLY P 372 -52.07 12.62 77.48
N ALA P 373 -51.50 13.59 76.69
CA ALA P 373 -50.24 14.24 76.96
C ALA P 373 -50.60 15.78 77.18
N LYS P 374 -50.18 16.31 78.31
CA LYS P 374 -50.33 17.70 78.67
C LYS P 374 -49.57 18.69 77.79
N ASN P 375 -50.25 19.50 76.90
CA ASN P 375 -49.78 20.71 76.30
C ASN P 375 -48.61 20.49 75.36
N PRO P 376 -48.61 19.60 74.35
CA PRO P 376 -47.46 19.38 73.47
C PRO P 376 -47.41 20.31 72.32
N LYS P 377 -46.26 20.71 71.78
CA LYS P 377 -46.09 21.53 70.60
C LYS P 377 -45.99 20.61 69.38
N ALA P 378 -46.26 19.25 69.57
CA ALA P 378 -46.03 18.20 68.57
C ALA P 378 -47.29 17.46 68.40
N VAL P 379 -47.77 17.32 67.17
CA VAL P 379 -48.96 16.54 66.93
C VAL P 379 -48.62 15.46 65.89
N ASN P 380 -49.47 14.43 65.85
CA ASN P 380 -49.23 13.35 64.86
C ASN P 380 -50.54 13.24 64.16
N ILE P 381 -50.57 13.19 62.85
CA ILE P 381 -51.78 13.31 62.07
C ILE P 381 -51.95 12.00 61.44
N LEU P 382 -53.20 11.43 61.60
CA LEU P 382 -53.49 10.11 61.03
C LEU P 382 -54.33 10.43 59.83
N LEU P 383 -53.85 9.91 58.75
CA LEU P 383 -54.31 10.19 57.45
C LEU P 383 -54.85 9.03 56.66
N ARG P 384 -56.20 8.93 56.51
CA ARG P 384 -56.75 7.73 55.86
C ARG P 384 -56.95 8.08 54.40
N GLY P 385 -56.91 7.09 53.53
CA GLY P 385 -57.30 7.23 52.16
C GLY P 385 -57.77 5.96 51.54
N SER P 386 -58.08 6.06 50.19
CA SER P 386 -58.82 5.01 49.46
C SER P 386 -58.03 3.62 49.30
N ASN P 387 -57.33 3.42 48.16
CA ASN P 387 -56.13 2.62 48.03
C ASN P 387 -54.79 3.22 48.25
N ASP P 388 -54.09 3.73 47.26
CA ASP P 388 -52.75 4.21 47.39
C ASP P 388 -52.39 5.54 46.73
N MET P 389 -52.95 5.73 45.48
CA MET P 389 -52.65 6.89 44.64
C MET P 389 -53.32 8.11 45.28
N ALA P 390 -54.47 7.95 45.91
CA ALA P 390 -55.17 9.04 46.50
C ALA P 390 -54.59 9.45 47.84
N LEU P 391 -53.80 8.62 48.45
CA LEU P 391 -53.18 8.77 49.78
C LEU P 391 -51.85 9.42 49.77
N ASP P 392 -50.98 8.95 48.87
CA ASP P 392 -49.76 9.61 48.60
C ASP P 392 -49.90 11.05 48.02
N GLU P 393 -50.96 11.23 47.09
CA GLU P 393 -51.26 12.62 46.58
C GLU P 393 -51.81 13.54 47.67
N ALA P 394 -52.69 12.99 48.54
CA ALA P 394 -53.17 13.73 49.68
C ALA P 394 -52.13 14.07 50.64
N GLU P 395 -51.09 13.25 50.86
CA GLU P 395 -49.92 13.64 51.62
C GLU P 395 -49.16 14.75 50.94
N ARG P 396 -48.95 14.71 49.57
CA ARG P 396 -48.30 15.78 48.85
C ARG P 396 -49.07 17.11 48.98
N SER P 397 -50.42 17.12 48.84
CA SER P 397 -51.18 18.28 49.11
C SER P 397 -51.07 18.82 50.53
N ILE P 398 -50.98 18.00 51.55
CA ILE P 398 -50.87 18.46 52.94
C ILE P 398 -49.52 19.15 53.14
N ASN P 399 -48.44 18.51 52.57
CA ASN P 399 -47.11 19.01 52.52
C ASN P 399 -47.20 20.46 51.95
N ASP P 400 -47.60 20.61 50.66
CA ASP P 400 -47.65 21.96 50.15
C ASP P 400 -48.38 23.06 50.94
N ALA P 401 -49.52 22.64 51.59
CA ALA P 401 -50.35 23.50 52.46
C ALA P 401 -49.67 23.90 53.68
N LEU P 402 -48.81 23.04 54.25
CA LEU P 402 -47.96 23.28 55.39
C LEU P 402 -46.82 24.31 55.13
N TYR P 403 -46.21 24.22 53.95
CA TYR P 403 -45.21 25.19 53.48
C TYR P 403 -45.84 26.51 53.16
N SER P 404 -47.17 26.47 52.71
CA SER P 404 -47.93 27.66 52.38
C SER P 404 -48.29 28.39 53.65
N LEU P 405 -48.59 27.61 54.69
CA LEU P 405 -48.95 28.04 55.99
C LEU P 405 -47.77 28.67 56.69
N ARG P 406 -46.58 28.10 56.52
CA ARG P 406 -45.39 28.53 57.08
C ARG P 406 -44.92 29.89 56.46
N ASN P 407 -45.29 30.14 55.16
CA ASN P 407 -45.00 31.45 54.48
C ASN P 407 -45.93 32.51 54.94
N ILE P 408 -47.23 32.22 55.25
CA ILE P 408 -48.07 33.17 55.91
C ILE P 408 -47.81 33.38 57.40
N LEU P 409 -47.45 32.27 58.19
CA LEU P 409 -47.14 32.46 59.58
C LEU P 409 -45.93 33.39 59.72
N MET P 410 -44.83 33.21 58.90
CA MET P 410 -43.56 33.87 59.03
C MET P 410 -43.56 35.22 58.33
N GLU P 411 -44.69 35.59 57.59
CA GLU P 411 -44.95 36.97 57.33
C GLU P 411 -46.39 37.24 57.13
N PRO P 412 -47.19 37.93 57.96
CA PRO P 412 -48.71 37.90 57.85
C PRO P 412 -49.18 38.89 56.73
N TYR P 413 -48.53 38.92 55.52
CA TYR P 413 -48.86 39.77 54.42
C TYR P 413 -49.15 38.89 53.23
N ILE P 414 -50.15 39.19 52.39
CA ILE P 414 -50.55 38.41 51.21
C ILE P 414 -50.65 39.31 49.92
N VAL P 415 -50.59 38.80 48.69
CA VAL P 415 -50.64 39.64 47.55
C VAL P 415 -51.42 38.85 46.46
N PRO P 416 -52.30 39.43 45.63
CA PRO P 416 -52.99 38.74 44.45
C PRO P 416 -51.99 38.67 43.30
N GLY P 417 -51.07 37.68 43.46
CA GLY P 417 -49.90 37.39 42.59
C GLY P 417 -50.22 36.54 41.40
N GLY P 418 -49.25 36.55 40.41
CA GLY P 418 -49.48 35.99 39.08
C GLY P 418 -50.30 36.93 38.28
N GLY P 419 -50.22 38.27 38.60
CA GLY P 419 -51.00 39.13 37.71
C GLY P 419 -51.12 40.51 38.07
N ALA P 420 -51.29 40.83 39.36
CA ALA P 420 -51.55 42.21 39.70
C ALA P 420 -50.27 42.92 40.11
N ILE P 421 -49.74 42.43 41.24
CA ILE P 421 -48.57 42.92 41.87
C ILE P 421 -47.36 43.23 41.03
N GLU P 422 -46.99 42.20 40.27
CA GLU P 422 -45.90 42.14 39.31
C GLU P 422 -46.05 43.12 38.14
N LEU P 423 -47.23 43.18 37.45
CA LEU P 423 -47.46 44.10 36.42
C LEU P 423 -47.46 45.56 36.98
N GLU P 424 -48.02 45.80 38.21
CA GLU P 424 -48.01 47.08 38.92
C GLU P 424 -46.61 47.48 39.31
N LEU P 425 -45.68 46.52 39.68
CA LEU P 425 -44.22 46.89 39.76
C LEU P 425 -43.63 47.28 38.38
N SER P 426 -43.94 46.58 37.25
CA SER P 426 -43.42 47.00 35.96
C SER P 426 -43.93 48.43 35.65
N ALA P 427 -45.18 48.77 36.03
CA ALA P 427 -45.68 50.16 35.83
C ALA P 427 -45.19 51.23 36.78
N ARG P 428 -45.02 50.93 38.09
CA ARG P 428 -44.33 51.82 39.01
C ARG P 428 -42.84 52.05 38.68
N LEU P 429 -42.12 51.01 38.13
CA LEU P 429 -40.74 51.04 37.71
C LEU P 429 -40.63 51.92 36.42
N ARG P 430 -41.63 51.81 35.53
CA ARG P 430 -41.76 52.73 34.40
C ARG P 430 -42.58 53.95 34.77
N GLU P 431 -41.94 54.70 35.76
CA GLU P 431 -42.40 55.95 36.30
C GLU P 431 -41.19 56.39 37.11
N TYR P 432 -40.60 55.44 37.85
CA TYR P 432 -39.28 55.52 38.51
C TYR P 432 -38.16 55.82 37.60
N ALA P 433 -37.87 54.91 36.58
CA ALA P 433 -36.89 55.25 35.55
C ALA P 433 -36.87 56.61 34.73
N ARG P 434 -38.06 57.32 34.62
CA ARG P 434 -37.98 58.70 34.19
C ARG P 434 -37.38 59.63 35.27
N SER P 435 -37.82 59.46 36.50
CA SER P 435 -37.24 60.33 37.52
C SER P 435 -35.73 59.97 37.86
N VAL P 436 -35.26 58.72 37.64
CA VAL P 436 -33.86 58.36 37.71
C VAL P 436 -33.11 58.74 36.47
N GLY P 437 -31.81 59.16 36.66
CA GLY P 437 -30.89 59.46 35.52
C GLY P 437 -29.95 58.39 35.26
N GLY P 438 -28.67 58.67 35.00
CA GLY P 438 -27.65 57.74 34.62
C GLY P 438 -27.88 56.69 33.63
N LYS P 439 -27.04 55.66 33.67
CA LYS P 439 -27.23 54.44 33.00
C LYS P 439 -27.86 53.38 33.84
N GLU P 440 -28.22 53.69 35.12
CA GLU P 440 -29.16 53.09 35.96
C GLU P 440 -30.63 53.32 35.61
N GLN P 441 -30.93 54.39 34.83
CA GLN P 441 -32.31 54.51 34.38
C GLN P 441 -32.66 53.46 33.37
N LEU P 442 -31.72 53.14 32.53
CA LEU P 442 -31.83 52.12 31.46
C LEU P 442 -31.90 50.74 32.09
N ALA P 443 -31.17 50.44 33.11
CA ALA P 443 -31.24 49.20 33.92
C ALA P 443 -32.57 48.99 34.70
N ILE P 444 -33.07 50.05 35.27
CA ILE P 444 -34.44 49.95 35.85
C ILE P 444 -35.55 49.63 34.86
N GLU P 445 -35.52 50.25 33.72
CA GLU P 445 -36.45 49.97 32.62
C GLU P 445 -36.27 48.69 31.95
N ALA P 446 -35.13 48.00 32.11
CA ALA P 446 -34.91 46.64 31.78
C ALA P 446 -35.36 45.60 32.92
N TYR P 447 -35.34 46.08 34.22
CA TYR P 447 -35.89 45.38 35.40
C TYR P 447 -37.42 45.37 35.34
N ALA P 448 -37.96 46.46 34.77
CA ALA P 448 -39.36 46.55 34.50
C ALA P 448 -39.88 45.58 33.50
N ASP P 449 -39.09 45.41 32.40
CA ASP P 449 -39.38 44.60 31.19
C ASP P 449 -39.35 43.10 31.55
N ALA P 450 -38.39 42.73 32.45
CA ALA P 450 -38.28 41.41 32.99
C ALA P 450 -39.42 40.95 33.78
N LEU P 451 -40.03 41.85 34.62
CA LEU P 451 -41.36 41.53 35.29
C LEU P 451 -42.46 41.20 34.43
N GLU P 452 -42.50 41.87 33.28
CA GLU P 452 -43.39 41.58 32.19
C GLU P 452 -43.10 40.13 31.54
N GLU P 453 -41.98 39.37 31.75
CA GLU P 453 -41.82 37.97 31.30
C GLU P 453 -42.41 36.88 32.22
N ILE P 454 -42.72 37.20 33.50
CA ILE P 454 -43.56 36.39 34.39
C ILE P 454 -45.03 36.64 34.03
N PRO P 455 -46.13 35.91 34.51
CA PRO P 455 -47.48 36.47 34.18
C PRO P 455 -48.08 35.94 32.82
N MET P 456 -47.41 36.23 31.68
CA MET P 456 -47.92 36.03 30.35
C MET P 456 -47.52 34.59 29.94
N ILE P 457 -46.55 33.96 30.61
CA ILE P 457 -46.26 32.58 30.37
C ILE P 457 -47.30 31.80 31.06
N LEU P 458 -47.89 32.27 32.22
CA LEU P 458 -48.99 31.67 33.03
C LEU P 458 -50.24 31.59 32.10
N ALA P 459 -50.47 32.70 31.32
CA ALA P 459 -51.33 32.71 30.21
C ALA P 459 -50.93 31.84 28.98
N GLU P 460 -49.66 31.51 28.66
CA GLU P 460 -49.28 30.73 27.48
C GLU P 460 -49.53 29.22 27.72
N THR P 461 -49.30 28.82 28.97
CA THR P 461 -49.62 27.53 29.54
C THR P 461 -51.13 27.18 29.44
N ALA P 462 -52.01 28.14 29.69
CA ALA P 462 -53.44 27.93 29.60
C ALA P 462 -54.05 27.83 28.28
N GLY P 463 -53.23 27.94 27.20
CA GLY P 463 -53.66 27.87 25.78
C GLY P 463 -53.96 29.11 25.01
N LEU P 464 -53.40 30.20 25.48
CA LEU P 464 -53.68 31.51 25.00
C LEU P 464 -52.33 32.05 24.55
N GLU P 465 -52.29 33.04 23.70
CA GLU P 465 -51.10 33.70 23.15
C GLU P 465 -50.45 34.66 24.18
N PRO P 466 -49.10 34.53 24.46
CA PRO P 466 -48.51 35.40 25.49
C PRO P 466 -48.41 36.87 25.12
N ILE P 467 -47.92 37.27 23.94
CA ILE P 467 -47.78 38.66 23.53
C ILE P 467 -49.10 39.39 23.49
N SER P 468 -50.11 38.63 23.02
CA SER P 468 -51.45 39.16 22.96
C SER P 468 -52.12 39.25 24.38
N ALA P 469 -51.81 38.29 25.33
CA ALA P 469 -52.29 38.36 26.68
C ALA P 469 -51.63 39.46 27.47
N LEU P 470 -50.37 39.64 27.22
CA LEU P 470 -49.64 40.70 27.83
C LEU P 470 -49.94 42.12 27.45
N MET P 471 -50.17 42.44 26.15
CA MET P 471 -50.65 43.69 25.75
C MET P 471 -52.09 43.80 26.12
N ASP P 472 -52.94 42.79 26.24
CA ASP P 472 -54.37 43.04 26.53
C ASP P 472 -54.62 43.27 28.06
N LEU P 473 -53.67 42.64 28.86
CA LEU P 473 -53.65 42.75 30.30
C LEU P 473 -53.12 44.11 30.75
N ARG P 474 -52.09 44.54 30.01
CA ARG P 474 -51.39 45.80 30.15
C ARG P 474 -52.32 46.99 29.87
N ALA P 475 -53.14 46.86 28.79
CA ALA P 475 -54.06 47.89 28.36
C ALA P 475 -55.22 47.95 29.36
N ARG P 476 -55.61 46.81 29.97
CA ARG P 476 -56.60 46.68 31.01
C ARG P 476 -55.93 47.21 32.32
N HIS P 477 -54.63 47.15 32.50
CA HIS P 477 -54.05 47.65 33.73
C HIS P 477 -53.89 49.18 33.68
N ALA P 478 -54.20 49.79 32.48
CA ALA P 478 -53.82 51.15 32.23
C ALA P 478 -55.16 51.93 32.28
N LYS P 479 -56.24 51.41 31.67
CA LYS P 479 -57.57 51.92 31.66
C LYS P 479 -58.40 51.49 32.90
N GLY P 480 -58.31 50.17 33.32
CA GLY P 480 -58.97 49.52 34.50
C GLY P 480 -58.18 49.84 35.83
N LEU P 481 -57.75 48.79 36.62
CA LEU P 481 -57.32 49.00 37.99
C LEU P 481 -56.42 47.90 38.29
N THR P 482 -55.68 48.00 39.46
CA THR P 482 -54.45 47.25 39.85
C THR P 482 -54.67 45.79 39.99
N ASN P 483 -55.81 45.42 40.59
CA ASN P 483 -56.14 44.04 40.86
C ASN P 483 -56.92 43.49 39.62
N CYS P 484 -56.02 43.05 38.66
CA CYS P 484 -56.44 42.28 37.48
C CYS P 484 -55.44 41.16 37.32
N GLY P 485 -55.89 40.09 36.70
CA GLY P 485 -54.90 39.09 36.21
C GLY P 485 -55.53 38.19 35.23
N VAL P 486 -55.20 36.90 35.34
CA VAL P 486 -55.82 35.80 34.59
C VAL P 486 -56.37 34.69 35.46
N ASP P 487 -57.25 33.82 34.84
CA ASP P 487 -58.00 32.67 35.35
C ASP P 487 -57.52 31.59 34.45
N VAL P 488 -56.82 30.59 35.00
CA VAL P 488 -56.22 29.44 34.30
C VAL P 488 -57.20 28.31 34.23
N ILE P 489 -58.31 28.32 35.06
CA ILE P 489 -59.27 27.26 35.19
C ILE P 489 -60.43 27.39 34.18
N ASN P 490 -60.90 28.58 33.78
CA ASN P 490 -61.82 28.81 32.68
C ASN P 490 -61.13 29.36 31.41
N GLY P 491 -59.76 29.44 31.43
CA GLY P 491 -58.78 29.96 30.55
C GLY P 491 -59.06 31.42 30.04
N LYS P 492 -59.09 32.43 30.96
CA LYS P 492 -59.36 33.82 30.69
C LYS P 492 -58.41 34.83 31.21
N ILE P 493 -58.35 36.03 30.62
CA ILE P 493 -57.83 37.18 31.23
C ILE P 493 -59.12 37.82 32.06
N ILE P 494 -58.90 38.37 33.28
CA ILE P 494 -59.92 38.44 34.30
C ILE P 494 -59.72 39.66 35.13
N ASP P 495 -60.82 40.35 35.41
CA ASP P 495 -60.88 41.42 36.44
C ASP P 495 -60.84 40.72 37.73
N ASP P 496 -60.54 41.47 38.80
CA ASP P 496 -60.34 40.98 40.11
C ASP P 496 -60.01 39.50 40.43
N ILE P 497 -58.68 39.21 40.52
CA ILE P 497 -58.28 37.84 40.73
C ILE P 497 -58.45 37.46 42.26
N TYR P 498 -58.23 38.36 43.24
CA TYR P 498 -58.40 38.11 44.67
C TYR P 498 -59.82 37.37 44.90
N SER P 499 -60.79 37.74 44.15
CA SER P 499 -62.13 37.27 44.10
C SER P 499 -62.24 35.77 43.69
N ILE P 500 -61.27 35.28 42.86
CA ILE P 500 -61.26 33.88 42.51
C ILE P 500 -60.38 33.10 43.49
N ASN P 501 -60.18 33.60 44.75
CA ASN P 501 -59.40 33.12 45.85
C ASN P 501 -57.92 33.13 45.66
N VAL P 502 -57.43 33.96 44.65
CA VAL P 502 -56.03 33.75 44.17
C VAL P 502 -55.19 34.82 44.75
N VAL P 503 -54.34 34.41 45.81
CA VAL P 503 -53.31 35.30 46.34
C VAL P 503 -52.13 34.39 46.67
N GLU P 504 -50.99 34.99 46.88
CA GLU P 504 -49.80 34.13 47.18
C GLU P 504 -49.32 34.77 48.50
N PRO P 505 -48.91 34.15 49.63
CA PRO P 505 -48.14 34.76 50.73
C PRO P 505 -46.94 35.58 50.23
N ILE P 506 -46.72 36.83 50.72
CA ILE P 506 -45.65 37.71 50.38
C ILE P 506 -44.23 37.09 50.45
N ARG P 507 -43.98 36.13 51.36
CA ARG P 507 -42.68 35.46 51.48
C ARG P 507 -42.27 34.46 50.34
N VAL P 508 -43.25 33.98 49.57
CA VAL P 508 -42.88 33.26 48.29
C VAL P 508 -42.52 34.27 47.15
N THR P 509 -43.04 35.49 47.12
CA THR P 509 -42.68 36.48 46.09
C THR P 509 -41.27 36.95 46.53
N ARG P 510 -41.15 37.48 47.75
CA ARG P 510 -39.90 38.06 48.28
C ARG P 510 -38.69 37.16 48.10
N GLN P 511 -38.81 35.85 48.39
CA GLN P 511 -37.74 34.91 48.19
C GLN P 511 -37.42 34.64 46.77
N VAL P 512 -38.40 34.63 45.79
CA VAL P 512 -37.98 34.38 44.45
C VAL P 512 -37.43 35.61 43.77
N LEU P 513 -37.75 36.81 44.26
CA LEU P 513 -37.02 37.91 43.76
C LEU P 513 -35.60 38.12 44.41
N LYS P 514 -35.49 37.73 45.69
CA LYS P 514 -34.20 37.64 46.39
C LYS P 514 -33.21 36.62 45.75
N SER P 515 -33.68 35.38 45.40
CA SER P 515 -32.78 34.34 44.86
C SER P 515 -32.50 34.43 43.37
N ALA P 516 -33.29 35.20 42.60
CA ALA P 516 -33.11 35.56 41.24
C ALA P 516 -32.14 36.75 41.13
N THR P 517 -32.20 37.70 42.07
CA THR P 517 -31.15 38.64 42.16
C THR P 517 -29.80 38.17 42.80
N GLU P 518 -29.81 37.04 43.53
CA GLU P 518 -28.59 36.55 44.13
C GLU P 518 -27.78 35.89 43.03
N ALA P 519 -28.52 35.11 42.22
CA ALA P 519 -28.00 34.23 41.16
C ALA P 519 -27.47 35.10 40.06
N ALA P 520 -28.24 36.10 39.66
CA ALA P 520 -27.91 36.85 38.48
C ALA P 520 -26.76 37.79 38.77
N THR P 521 -26.73 38.30 40.00
CA THR P 521 -25.60 39.14 40.40
C THR P 521 -24.31 38.30 40.48
N SER P 522 -24.40 37.03 40.91
CA SER P 522 -23.29 36.17 41.01
C SER P 522 -22.72 35.73 39.72
N ILE P 523 -23.52 35.47 38.67
CA ILE P 523 -23.01 35.01 37.33
C ILE P 523 -22.42 36.23 36.64
N MET P 524 -22.93 37.46 36.99
CA MET P 524 -22.38 38.69 36.42
C MET P 524 -21.02 39.11 36.93
N LYS P 525 -20.73 38.76 38.22
CA LYS P 525 -19.60 39.24 39.01
C LYS P 525 -18.43 38.37 38.81
N ILE P 526 -18.50 37.31 37.94
CA ILE P 526 -17.58 36.23 37.90
C ILE P 526 -17.10 36.20 36.52
N ASP P 527 -15.78 35.93 36.39
CA ASP P 527 -15.21 35.81 35.07
C ASP P 527 -14.46 34.45 34.90
N ASP P 528 -13.11 34.47 35.18
CA ASP P 528 -12.19 33.40 34.88
C ASP P 528 -12.40 31.94 35.43
N LEU P 529 -11.92 30.91 34.70
CA LEU P 529 -12.15 29.57 35.20
C LEU P 529 -11.07 28.68 34.75
N ILE P 530 -10.29 28.19 35.76
CA ILE P 530 -9.21 27.29 35.59
C ILE P 530 -9.46 26.08 36.46
N ALA P 531 -9.56 24.92 35.89
CA ALA P 531 -10.08 23.76 36.42
C ALA P 531 -9.13 22.49 36.36
N ALA P 532 -9.00 21.77 37.40
CA ALA P 532 -8.03 20.69 37.50
C ALA P 532 -8.74 19.46 36.79
N THR Q 14 -25.43 11.95 24.53
CA THR Q 14 -26.85 12.41 24.78
C THR Q 14 -27.59 12.83 23.55
N SER Q 15 -28.72 12.10 23.28
CA SER Q 15 -29.63 12.31 22.13
C SER Q 15 -30.66 13.33 22.51
N ARG Q 16 -30.82 14.37 21.73
CA ARG Q 16 -31.76 15.39 22.13
C ARG Q 16 -33.07 15.35 21.22
N ASN Q 17 -34.07 16.08 21.72
CA ASN Q 17 -35.43 16.16 21.20
C ASN Q 17 -36.00 17.54 21.62
N SER Q 18 -36.74 18.16 20.76
CA SER Q 18 -37.39 19.45 21.08
C SER Q 18 -38.48 19.68 20.21
N GLY Q 19 -39.51 20.45 20.58
CA GLY Q 19 -40.39 21.02 19.63
C GLY Q 19 -41.77 20.26 19.43
N ARG Q 20 -42.17 19.39 20.38
CA ARG Q 20 -43.22 18.32 20.25
C ARG Q 20 -42.63 16.99 19.54
N ASP Q 21 -41.30 16.84 19.41
CA ASP Q 21 -40.61 15.73 18.89
C ASP Q 21 -40.79 14.58 19.86
N ALA Q 22 -40.46 14.69 21.20
CA ALA Q 22 -40.65 13.60 22.14
C ALA Q 22 -42.07 12.96 22.21
N LEU Q 23 -43.20 13.71 22.18
CA LEU Q 23 -44.62 13.24 22.17
C LEU Q 23 -44.86 12.62 20.82
N LYS Q 24 -44.29 13.19 19.74
CA LYS Q 24 -44.43 12.54 18.41
C LYS Q 24 -43.71 11.23 18.32
N ASN Q 25 -42.65 11.02 19.12
CA ASN Q 25 -41.86 9.79 19.04
C ASN Q 25 -42.46 8.76 19.97
N ASN Q 26 -43.18 9.19 21.01
CA ASN Q 26 -43.92 8.29 21.93
C ASN Q 26 -45.32 7.93 21.36
N ILE Q 27 -45.86 8.72 20.47
CA ILE Q 27 -47.09 8.32 19.78
C ILE Q 27 -46.67 7.30 18.67
N LEU Q 28 -45.51 7.56 17.99
CA LEU Q 28 -45.10 6.63 16.97
C LEU Q 28 -44.85 5.19 17.42
N ALA Q 29 -44.23 5.18 18.53
CA ALA Q 29 -44.00 4.01 19.30
C ALA Q 29 -45.27 3.30 19.80
N ALA Q 30 -46.21 4.11 20.38
CA ALA Q 30 -47.54 3.76 20.83
C ALA Q 30 -48.47 3.23 19.79
N ARG Q 31 -48.27 3.65 18.56
CA ARG Q 31 -49.09 3.29 17.42
C ARG Q 31 -48.59 1.87 16.98
N THR Q 32 -47.25 1.53 17.12
CA THR Q 32 -46.70 0.28 16.70
C THR Q 32 -47.18 -0.77 17.73
N LEU Q 33 -47.18 -0.45 19.04
CA LEU Q 33 -47.84 -1.22 20.09
C LEU Q 33 -49.36 -1.41 19.88
N ALA Q 34 -50.20 -0.39 19.51
CA ALA Q 34 -51.62 -0.56 19.29
C ALA Q 34 -51.91 -1.42 18.11
N GLU Q 35 -51.22 -1.23 16.93
CA GLU Q 35 -51.53 -1.87 15.72
C GLU Q 35 -51.10 -3.33 15.79
N MET Q 36 -50.24 -3.73 16.77
CA MET Q 36 -49.82 -5.14 16.98
C MET Q 36 -50.76 -5.81 17.90
N LEU Q 37 -51.16 -5.08 18.91
CA LEU Q 37 -52.20 -5.63 19.82
C LEU Q 37 -53.61 -5.64 19.18
N ARG Q 38 -53.84 -4.80 18.08
CA ARG Q 38 -55.09 -4.72 17.39
C ARG Q 38 -55.27 -5.87 16.50
N SER Q 39 -54.16 -6.41 16.07
CA SER Q 39 -54.26 -7.74 15.40
C SER Q 39 -54.78 -8.91 16.19
N SER Q 40 -54.66 -8.71 17.54
CA SER Q 40 -55.16 -9.63 18.54
C SER Q 40 -56.44 -9.28 19.18
N LEU Q 41 -56.95 -8.03 18.87
CA LEU Q 41 -58.11 -7.39 19.59
C LEU Q 41 -59.51 -8.07 19.58
N GLY Q 42 -59.90 -8.60 18.34
CA GLY Q 42 -61.21 -9.23 18.19
C GLY Q 42 -61.24 -10.77 18.38
N PRO Q 43 -62.40 -11.43 18.68
CA PRO Q 43 -62.51 -12.82 19.06
C PRO Q 43 -62.46 -13.63 17.77
N LYS Q 44 -62.61 -13.07 16.53
CA LYS Q 44 -62.20 -13.82 15.41
C LYS Q 44 -60.78 -13.58 14.97
N GLY Q 45 -59.95 -12.96 15.84
CA GLY Q 45 -58.59 -12.60 15.47
C GLY Q 45 -57.58 -13.67 15.50
N LEU Q 46 -56.32 -13.16 15.34
CA LEU Q 46 -55.06 -13.87 15.18
C LEU Q 46 -54.29 -13.86 16.47
N ASP Q 47 -53.41 -14.91 16.54
CA ASP Q 47 -52.48 -15.17 17.65
C ASP Q 47 -51.11 -14.65 17.31
N LYS Q 48 -50.24 -14.34 18.30
CA LYS Q 48 -48.88 -13.89 18.03
C LYS Q 48 -47.98 -15.13 18.20
N MET Q 49 -46.72 -15.05 17.73
CA MET Q 49 -45.79 -16.11 18.13
C MET Q 49 -44.60 -15.38 18.74
N LEU Q 50 -44.08 -15.81 19.96
CA LEU Q 50 -43.14 -15.15 20.73
C LEU Q 50 -42.18 -16.24 21.25
N ILE Q 51 -40.88 -16.28 20.85
CA ILE Q 51 -40.12 -17.36 21.48
C ILE Q 51 -39.19 -16.81 22.54
N ASP Q 52 -39.21 -17.49 23.70
CA ASP Q 52 -38.45 -17.34 24.94
C ASP Q 52 -37.01 -17.50 24.77
N SER Q 53 -36.20 -16.79 25.61
CA SER Q 53 -34.77 -16.79 25.72
C SER Q 53 -34.07 -18.10 25.93
N PHE Q 54 -34.75 -19.02 26.65
CA PHE Q 54 -34.26 -20.35 26.88
C PHE Q 54 -34.61 -21.25 25.75
N GLY Q 55 -35.61 -20.93 24.99
CA GLY Q 55 -35.91 -21.53 23.70
C GLY Q 55 -37.26 -21.97 23.54
N ASP Q 56 -38.03 -21.96 24.63
CA ASP Q 56 -39.44 -22.32 24.57
C ASP Q 56 -40.35 -21.45 23.64
N VAL Q 57 -41.23 -22.06 22.88
CA VAL Q 57 -42.17 -21.32 22.02
C VAL Q 57 -43.39 -20.91 22.82
N THR Q 58 -43.90 -19.69 22.52
CA THR Q 58 -45.14 -19.17 23.18
C THR Q 58 -46.11 -18.51 22.26
N ILE Q 59 -47.27 -19.11 22.26
CA ILE Q 59 -48.36 -18.83 21.42
C ILE Q 59 -49.58 -18.29 22.25
N THR Q 60 -50.05 -17.00 22.02
CA THR Q 60 -51.33 -16.48 22.60
C THR Q 60 -51.92 -15.41 21.70
N ASN Q 61 -53.21 -15.07 21.96
CA ASN Q 61 -53.94 -13.94 21.34
C ASN Q 61 -54.38 -12.95 22.45
N ASP Q 62 -53.95 -13.20 23.71
CA ASP Q 62 -54.06 -12.26 24.79
C ASP Q 62 -52.87 -11.29 24.74
N GLY Q 63 -53.13 -9.95 25.03
CA GLY Q 63 -52.13 -8.96 24.86
C GLY Q 63 -51.42 -8.72 26.09
N ALA Q 64 -51.94 -8.95 27.30
CA ALA Q 64 -51.16 -8.46 28.46
C ALA Q 64 -49.94 -9.35 28.79
N THR Q 65 -50.04 -10.62 28.41
CA THR Q 65 -49.01 -11.54 28.66
C THR Q 65 -47.86 -11.27 27.67
N ILE Q 66 -48.12 -10.90 26.41
CA ILE Q 66 -47.07 -10.59 25.59
C ILE Q 66 -46.35 -9.36 25.87
N VAL Q 67 -47.05 -8.28 26.35
CA VAL Q 67 -46.36 -7.05 26.60
C VAL Q 67 -45.36 -7.20 27.75
N LYS Q 68 -45.86 -7.88 28.83
CA LYS Q 68 -45.02 -8.37 29.92
C LYS Q 68 -43.87 -9.36 29.49
N GLU Q 69 -44.07 -10.37 28.64
CA GLU Q 69 -43.07 -11.35 28.21
C GLU Q 69 -42.09 -10.72 27.19
N MET Q 70 -42.18 -9.49 26.90
CA MET Q 70 -41.43 -8.92 25.86
C MET Q 70 -40.74 -7.64 26.44
N GLU Q 71 -39.41 -7.63 26.26
CA GLU Q 71 -38.59 -6.44 26.58
C GLU Q 71 -38.75 -5.30 25.50
N ILE Q 72 -39.87 -4.53 25.50
CA ILE Q 72 -40.11 -3.40 24.59
C ILE Q 72 -39.16 -2.23 24.84
N GLN Q 73 -38.55 -1.63 23.80
CA GLN Q 73 -37.38 -0.83 24.02
C GLN Q 73 -37.66 0.59 24.41
N HIS Q 74 -38.82 1.11 24.02
CA HIS Q 74 -39.19 2.51 24.13
C HIS Q 74 -39.73 2.92 25.56
N PRO Q 75 -39.17 3.88 26.37
CA PRO Q 75 -39.66 4.13 27.73
C PRO Q 75 -41.12 4.41 27.91
N ALA Q 76 -41.74 5.03 26.88
CA ALA Q 76 -43.16 5.21 26.88
C ALA Q 76 -43.93 3.95 26.60
N ALA Q 77 -43.39 2.95 25.82
CA ALA Q 77 -44.05 1.66 25.59
C ALA Q 77 -43.86 0.66 26.76
N LYS Q 78 -42.75 0.80 27.48
CA LYS Q 78 -42.41 0.07 28.67
C LYS Q 78 -43.38 0.49 29.79
N LEU Q 79 -43.70 1.78 29.88
CA LEU Q 79 -44.77 2.37 30.72
C LEU Q 79 -46.18 1.82 30.41
N LEU Q 80 -46.53 1.65 29.16
CA LEU Q 80 -47.81 1.02 28.72
C LEU Q 80 -47.92 -0.50 29.15
N VAL Q 81 -46.76 -1.22 29.28
CA VAL Q 81 -46.74 -2.55 29.99
C VAL Q 81 -47.17 -2.45 31.41
N GLU Q 82 -46.82 -1.40 32.21
CA GLU Q 82 -47.32 -1.25 33.56
C GLU Q 82 -48.81 -1.03 33.80
N ALA Q 83 -49.42 -0.48 32.74
CA ALA Q 83 -50.88 -0.25 32.68
C ALA Q 83 -51.55 -1.56 32.40
N ALA Q 84 -50.86 -2.41 31.51
CA ALA Q 84 -51.36 -3.74 31.33
C ALA Q 84 -51.34 -4.60 32.59
N LYS Q 85 -50.18 -4.78 33.19
CA LYS Q 85 -50.00 -5.35 34.53
C LYS Q 85 -51.04 -5.07 35.55
N ALA Q 86 -51.28 -3.82 35.81
CA ALA Q 86 -52.28 -3.41 36.80
C ALA Q 86 -53.76 -3.71 36.37
N GLN Q 87 -54.05 -3.67 35.08
CA GLN Q 87 -55.35 -4.06 34.57
C GLN Q 87 -55.50 -5.57 34.54
N ASP Q 88 -54.39 -6.33 34.44
CA ASP Q 88 -54.24 -7.76 34.30
C ASP Q 88 -54.63 -8.51 35.60
N SER Q 89 -54.48 -7.82 36.70
CA SER Q 89 -54.95 -8.35 37.99
C SER Q 89 -56.47 -8.24 38.10
N GLU Q 90 -57.09 -7.27 37.41
CA GLU Q 90 -58.49 -7.08 37.39
C GLU Q 90 -59.21 -7.76 36.18
N VAL Q 91 -58.69 -7.65 34.90
CA VAL Q 91 -59.30 -8.22 33.72
C VAL Q 91 -58.32 -8.90 32.82
N GLY Q 92 -58.71 -9.97 32.14
CA GLY Q 92 -57.82 -10.69 31.27
C GLY Q 92 -58.20 -10.54 29.83
N ASP Q 93 -59.46 -10.21 29.49
CA ASP Q 93 -59.91 -9.94 28.19
C ASP Q 93 -59.91 -8.48 27.82
N GLY Q 94 -60.42 -7.69 28.78
CA GLY Q 94 -60.38 -6.27 28.66
C GLY Q 94 -59.01 -5.57 28.61
N THR Q 95 -58.02 -6.05 29.36
CA THR Q 95 -56.63 -5.55 29.40
C THR Q 95 -55.92 -5.66 27.99
N THR Q 96 -56.25 -6.63 27.17
CA THR Q 96 -55.83 -6.69 25.78
C THR Q 96 -56.46 -5.53 25.01
N SER Q 97 -57.81 -5.37 25.17
CA SER Q 97 -58.54 -4.21 24.61
C SER Q 97 -58.09 -2.86 25.17
N ALA Q 98 -57.84 -2.73 26.43
CA ALA Q 98 -57.41 -1.47 26.95
C ALA Q 98 -56.19 -0.81 26.41
N VAL Q 99 -55.15 -1.61 26.07
CA VAL Q 99 -53.93 -1.06 25.46
C VAL Q 99 -54.21 -0.48 24.05
N VAL Q 100 -55.01 -1.20 23.25
CA VAL Q 100 -55.44 -0.66 21.90
C VAL Q 100 -56.32 0.59 21.95
N LEU Q 101 -57.23 0.64 22.89
CA LEU Q 101 -58.07 1.80 23.10
C LEU Q 101 -57.33 3.10 23.46
N ALA Q 102 -56.32 2.98 24.30
CA ALA Q 102 -55.35 4.09 24.57
C ALA Q 102 -54.62 4.56 23.34
N GLY Q 103 -54.25 3.64 22.48
CA GLY Q 103 -53.68 4.01 21.17
C GLY Q 103 -54.60 4.69 20.24
N LEU Q 104 -55.94 4.27 20.20
CA LEU Q 104 -56.98 4.73 19.24
C LEU Q 104 -57.40 6.16 19.62
N PHE Q 105 -57.15 6.55 20.94
CA PHE Q 105 -57.53 7.87 21.52
C PHE Q 105 -56.40 8.79 21.13
N LEU Q 106 -55.18 8.26 21.18
CA LEU Q 106 -53.93 8.93 20.97
C LEU Q 106 -53.71 9.43 19.53
N GLU Q 107 -54.20 8.68 18.54
CA GLU Q 107 -54.05 9.09 17.14
C GLU Q 107 -55.03 10.17 16.71
N LYS Q 108 -56.13 10.42 17.46
CA LYS Q 108 -57.01 11.54 17.33
C LYS Q 108 -56.46 12.77 18.06
N ALA Q 109 -55.75 12.56 19.21
CA ALA Q 109 -55.04 13.62 19.96
C ALA Q 109 -53.97 14.29 19.03
N GLU Q 110 -53.25 13.43 18.25
CA GLU Q 110 -52.21 13.75 17.25
C GLU Q 110 -52.67 14.54 16.08
N SER Q 111 -53.94 14.28 15.57
CA SER Q 111 -54.57 15.11 14.56
C SER Q 111 -54.78 16.48 15.20
N LEU Q 112 -55.32 16.51 16.40
CA LEU Q 112 -55.39 17.80 17.05
C LEU Q 112 -54.07 18.60 17.24
N VAL Q 113 -52.96 17.90 17.55
CA VAL Q 113 -51.59 18.37 17.64
C VAL Q 113 -51.14 19.00 16.33
N ASP Q 114 -51.50 18.39 15.21
CA ASP Q 114 -51.32 18.76 13.80
C ASP Q 114 -52.03 20.12 13.49
N GLN Q 115 -53.18 20.35 14.22
CA GLN Q 115 -53.95 21.58 14.14
C GLN Q 115 -53.39 22.59 15.17
N ASN Q 116 -52.21 22.34 15.65
CA ASN Q 116 -51.52 23.04 16.69
C ASN Q 116 -52.35 23.36 17.97
N ILE Q 117 -53.19 22.40 18.41
CA ILE Q 117 -54.01 22.54 19.65
C ILE Q 117 -53.29 22.01 20.86
N HIS Q 118 -52.78 22.89 21.76
CA HIS Q 118 -52.08 22.58 23.04
C HIS Q 118 -52.54 21.33 23.77
N PRO Q 119 -51.86 20.40 24.24
CA PRO Q 119 -52.39 19.16 24.83
C PRO Q 119 -53.27 19.36 25.96
N THR Q 120 -53.07 20.43 26.70
CA THR Q 120 -53.89 20.95 27.79
C THR Q 120 -55.32 21.14 27.41
N ILE Q 121 -55.65 21.69 26.22
CA ILE Q 121 -56.99 21.79 25.61
C ILE Q 121 -57.57 20.47 25.16
N ILE Q 122 -56.71 19.60 24.58
CA ILE Q 122 -57.12 18.26 24.17
C ILE Q 122 -57.65 17.40 25.34
N ILE Q 123 -56.93 17.39 26.45
CA ILE Q 123 -57.25 16.88 27.77
C ILE Q 123 -58.57 17.35 28.28
N GLU Q 124 -58.87 18.66 28.40
CA GLU Q 124 -60.19 19.23 28.73
C GLU Q 124 -61.30 19.01 27.70
N GLY Q 125 -61.04 18.75 26.39
CA GLY Q 125 -62.18 18.39 25.53
C GLY Q 125 -62.49 16.93 25.54
N PHE Q 126 -61.48 16.13 25.79
CA PHE Q 126 -61.62 14.71 26.03
C PHE Q 126 -62.28 14.41 27.36
N LYS Q 127 -61.98 15.31 28.33
CA LYS Q 127 -62.47 15.29 29.68
C LYS Q 127 -63.94 15.55 29.60
N LYS Q 128 -64.38 16.58 28.80
CA LYS Q 128 -65.79 16.93 28.64
C LYS Q 128 -66.56 15.86 27.85
N ALA Q 129 -65.95 15.22 26.83
CA ALA Q 129 -66.49 14.04 26.17
C ALA Q 129 -66.69 12.83 27.11
N PHE Q 130 -65.65 12.57 27.91
CA PHE Q 130 -65.73 11.46 28.87
C PHE Q 130 -66.80 11.75 29.91
N ASN Q 131 -66.97 12.99 30.41
CA ASN Q 131 -68.00 13.34 31.43
C ASN Q 131 -69.46 13.14 30.93
N LYS Q 132 -69.69 13.46 29.67
CA LYS Q 132 -70.86 13.28 29.02
C LYS Q 132 -71.15 11.77 28.93
N SER Q 133 -70.11 10.96 28.65
CA SER Q 133 -70.22 9.52 28.69
C SER Q 133 -70.49 8.95 30.10
N LEU Q 134 -69.92 9.62 31.10
CA LEU Q 134 -70.11 9.23 32.46
C LEU Q 134 -71.44 9.52 33.00
N GLU Q 135 -72.24 10.56 32.51
CA GLU Q 135 -73.63 10.71 32.84
C GLU Q 135 -74.61 9.94 31.87
N LEU Q 136 -74.19 9.28 30.79
CA LEU Q 136 -74.93 8.44 29.89
C LEU Q 136 -74.86 6.93 30.22
N LEU Q 137 -73.73 6.50 30.83
CA LEU Q 137 -73.57 5.09 31.29
C LEU Q 137 -74.36 4.70 32.56
N PRO Q 138 -75.07 5.63 33.24
CA PRO Q 138 -76.01 5.07 34.27
C PRO Q 138 -77.45 5.43 33.72
N GLN Q 139 -77.67 6.41 32.83
CA GLN Q 139 -78.96 6.63 32.26
C GLN Q 139 -79.34 5.73 31.15
N LEU Q 140 -78.40 5.53 30.19
CA LEU Q 140 -78.72 4.61 29.08
C LEU Q 140 -78.51 3.05 29.47
N ALA Q 141 -77.83 2.76 30.53
CA ALA Q 141 -77.53 1.44 30.96
C ALA Q 141 -78.69 0.68 31.48
N THR Q 142 -78.46 -0.62 31.63
CA THR Q 142 -79.51 -1.59 32.07
C THR Q 142 -79.09 -2.28 33.29
N LYS Q 143 -80.04 -2.31 34.27
CA LYS Q 143 -79.77 -2.73 35.63
C LYS Q 143 -80.40 -3.99 35.99
N VAL Q 144 -79.57 -4.97 36.51
CA VAL Q 144 -80.19 -6.22 36.90
C VAL Q 144 -80.24 -6.48 38.43
N ASP Q 145 -79.61 -5.53 39.24
CA ASP Q 145 -79.50 -5.68 40.75
C ASP Q 145 -78.73 -6.96 41.25
N VAL Q 146 -79.01 -7.31 42.50
CA VAL Q 146 -78.58 -8.52 43.13
C VAL Q 146 -79.11 -9.71 42.42
N SER Q 147 -80.48 -9.72 42.22
CA SER Q 147 -81.08 -10.97 41.67
C SER Q 147 -82.57 -10.60 41.43
N ASP Q 148 -83.31 -11.31 40.50
CA ASP Q 148 -84.78 -11.34 40.53
C ASP Q 148 -85.31 -12.24 41.71
N LEU Q 149 -84.64 -13.38 41.97
CA LEU Q 149 -84.99 -14.29 43.11
C LEU Q 149 -83.76 -15.06 43.64
N ASN Q 150 -83.64 -15.41 44.94
CA ASN Q 150 -82.45 -15.89 45.58
C ASN Q 150 -81.08 -15.06 45.32
N SER Q 151 -79.90 -15.82 45.30
CA SER Q 151 -78.62 -15.27 44.94
C SER Q 151 -78.59 -14.92 43.51
N ALA Q 152 -79.10 -15.77 42.56
CA ALA Q 152 -78.68 -15.74 41.19
C ALA Q 152 -79.71 -16.35 40.34
N THR Q 153 -80.93 -16.55 40.91
CA THR Q 153 -81.92 -17.43 40.42
C THR Q 153 -82.84 -16.64 39.44
N ALA Q 154 -83.15 -17.26 38.23
CA ALA Q 154 -83.70 -16.66 37.11
C ALA Q 154 -82.62 -16.47 36.05
N ARG Q 155 -81.51 -17.25 36.00
CA ARG Q 155 -80.15 -16.77 35.72
C ARG Q 155 -79.86 -15.46 34.97
N ASP Q 156 -80.48 -15.34 33.74
CA ASP Q 156 -80.42 -14.18 32.91
C ASP Q 156 -79.13 -13.44 32.65
N ALA Q 157 -78.86 -12.39 33.41
CA ALA Q 157 -77.66 -11.61 33.20
C ALA Q 157 -76.31 -12.41 33.25
N LEU Q 158 -76.18 -13.21 34.30
CA LEU Q 158 -75.11 -14.13 34.43
C LEU Q 158 -75.09 -15.10 33.29
N LYS Q 159 -76.28 -15.58 32.82
CA LYS Q 159 -76.29 -16.49 31.68
C LYS Q 159 -75.60 -15.92 30.52
N LYS Q 160 -75.96 -14.60 30.24
CA LYS Q 160 -75.39 -13.95 29.10
C LYS Q 160 -73.90 -13.72 29.10
N ILE Q 161 -73.36 -13.44 30.31
CA ILE Q 161 -71.93 -13.12 30.35
C ILE Q 161 -71.03 -14.33 30.32
N VAL Q 162 -71.47 -15.44 30.88
CA VAL Q 162 -70.80 -16.74 30.97
C VAL Q 162 -70.88 -17.38 29.62
N TYR Q 163 -72.03 -17.25 28.90
CA TYR Q 163 -71.99 -17.59 27.48
C TYR Q 163 -71.04 -16.61 26.68
N THR Q 164 -71.10 -15.29 26.94
CA THR Q 164 -70.31 -14.37 26.22
C THR Q 164 -68.82 -14.54 26.36
N THR Q 165 -68.29 -14.72 27.61
CA THR Q 165 -66.91 -14.88 27.87
C THR Q 165 -66.36 -16.13 27.25
N MET Q 166 -67.18 -17.26 27.30
CA MET Q 166 -66.88 -18.48 26.54
C MET Q 166 -66.83 -18.37 25.02
N SER Q 167 -67.78 -17.62 24.43
CA SER Q 167 -67.84 -17.33 22.97
C SER Q 167 -66.67 -16.53 22.45
N SER Q 168 -66.35 -15.50 23.22
CA SER Q 168 -65.14 -14.66 22.91
C SER Q 168 -63.81 -15.33 23.04
N LYS Q 169 -63.57 -16.13 24.10
CA LYS Q 169 -62.24 -16.70 24.22
C LYS Q 169 -61.95 -17.90 23.35
N PHE Q 170 -62.84 -18.31 22.47
CA PHE Q 170 -62.67 -19.48 21.59
C PHE Q 170 -63.67 -19.83 20.54
N MET Q 171 -64.87 -19.12 20.45
CA MET Q 171 -65.97 -19.44 19.54
C MET Q 171 -66.31 -20.99 19.61
N ALA Q 172 -66.56 -21.62 18.47
CA ALA Q 172 -67.06 -22.98 18.27
C ALA Q 172 -68.33 -23.30 19.09
N GLU Q 173 -68.49 -24.54 19.58
CA GLU Q 173 -69.68 -24.99 20.41
C GLU Q 173 -69.20 -25.50 21.73
N GLY Q 174 -69.92 -25.21 22.86
CA GLY Q 174 -69.57 -25.59 24.18
C GLY Q 174 -70.77 -25.43 25.07
N GLU Q 175 -71.95 -25.85 24.54
CA GLU Q 175 -73.22 -25.79 25.31
C GLU Q 175 -73.27 -26.73 26.52
N GLU Q 176 -72.76 -27.96 26.34
CA GLU Q 176 -72.78 -28.95 27.42
C GLU Q 176 -71.72 -28.64 28.56
N LEU Q 177 -70.84 -27.64 28.31
CA LEU Q 177 -69.79 -27.16 29.20
C LEU Q 177 -70.36 -25.95 29.91
N ASN Q 178 -71.03 -25.08 29.07
CA ASN Q 178 -71.68 -23.86 29.57
C ASN Q 178 -72.78 -24.09 30.58
N LYS Q 179 -73.72 -25.06 30.42
CA LYS Q 179 -74.79 -25.32 31.43
C LYS Q 179 -74.29 -25.78 32.84
N ILE Q 180 -73.33 -26.72 32.88
CA ILE Q 180 -72.58 -27.16 34.09
C ILE Q 180 -71.76 -26.01 34.70
N MET Q 181 -71.06 -25.16 33.89
CA MET Q 181 -70.34 -24.01 34.38
C MET Q 181 -71.31 -22.95 35.02
N ASP Q 182 -72.51 -22.81 34.43
CA ASP Q 182 -73.60 -21.95 35.00
C ASP Q 182 -74.09 -22.38 36.35
N ILE Q 183 -74.26 -23.69 36.62
CA ILE Q 183 -74.52 -24.14 37.98
C ILE Q 183 -73.30 -23.82 38.89
N VAL Q 184 -71.99 -24.04 38.47
CA VAL Q 184 -70.77 -23.71 39.31
C VAL Q 184 -70.70 -22.24 39.61
N ILE Q 185 -71.05 -21.38 38.61
CA ILE Q 185 -71.22 -19.98 38.72
C ILE Q 185 -72.35 -19.58 39.66
N ASP Q 186 -73.49 -20.27 39.61
CA ASP Q 186 -74.53 -20.07 40.60
C ASP Q 186 -74.23 -20.40 42.05
N ALA Q 187 -73.52 -21.50 42.32
CA ALA Q 187 -73.05 -21.90 43.62
C ALA Q 187 -72.04 -20.93 44.24
N VAL Q 188 -71.07 -20.46 43.41
CA VAL Q 188 -70.06 -19.49 43.83
C VAL Q 188 -70.58 -18.08 44.16
N THR Q 189 -71.59 -17.65 43.36
CA THR Q 189 -72.21 -16.32 43.57
C THR Q 189 -72.84 -16.16 44.95
N THR Q 190 -73.53 -17.21 45.48
CA THR Q 190 -74.02 -17.30 46.87
C THR Q 190 -72.93 -16.99 47.94
N VAL Q 191 -71.74 -17.47 47.77
CA VAL Q 191 -70.75 -17.34 48.75
C VAL Q 191 -70.38 -15.98 49.23
N ALA Q 192 -69.80 -15.19 48.35
CA ALA Q 192 -69.86 -13.70 48.30
C ALA Q 192 -70.93 -13.02 49.09
N GLU Q 193 -72.27 -13.28 48.87
CA GLU Q 193 -73.37 -12.68 49.66
C GLU Q 193 -73.62 -11.18 49.58
N PRO Q 194 -74.79 -10.57 49.63
CA PRO Q 194 -74.99 -9.41 48.69
C PRO Q 194 -74.82 -8.20 49.60
N LEU Q 195 -75.12 -7.08 49.00
CA LEU Q 195 -75.14 -5.76 49.70
C LEU Q 195 -76.51 -5.13 49.31
N PRO Q 196 -77.01 -4.17 50.11
CA PRO Q 196 -78.29 -3.47 49.84
C PRO Q 196 -78.15 -2.36 48.83
N ASP Q 197 -76.87 -1.90 48.58
CA ASP Q 197 -76.32 -1.40 47.35
C ASP Q 197 -76.65 -2.16 46.14
N GLY Q 198 -76.53 -3.43 46.19
CA GLY Q 198 -76.62 -4.46 45.14
C GLY Q 198 -75.27 -5.11 44.74
N GLY Q 199 -74.10 -4.50 45.17
CA GLY Q 199 -72.82 -5.09 45.37
C GLY Q 199 -72.76 -6.45 45.93
N TYR Q 200 -71.56 -7.09 45.82
CA TYR Q 200 -71.25 -8.47 46.35
C TYR Q 200 -69.86 -8.40 46.86
N ASN Q 201 -69.65 -9.04 47.98
CA ASN Q 201 -68.26 -9.09 48.53
C ASN Q 201 -67.53 -10.26 47.96
N VAL Q 202 -67.24 -10.23 46.61
CA VAL Q 202 -66.50 -11.14 45.87
C VAL Q 202 -65.04 -11.11 46.24
N SER Q 203 -64.59 -12.35 46.64
CA SER Q 203 -63.19 -12.62 47.07
C SER Q 203 -62.71 -13.81 46.27
N LEU Q 204 -61.85 -13.54 45.21
CA LEU Q 204 -61.24 -14.75 44.59
C LEU Q 204 -60.16 -15.34 45.40
N ASP Q 205 -59.78 -14.63 46.51
CA ASP Q 205 -58.69 -15.02 47.31
C ASP Q 205 -59.16 -16.13 48.32
N LEU Q 206 -60.45 -16.33 48.58
CA LEU Q 206 -61.04 -17.46 49.18
C LEU Q 206 -61.63 -18.56 48.23
N ILE Q 207 -61.62 -18.35 46.90
CA ILE Q 207 -62.00 -19.39 45.95
C ILE Q 207 -60.83 -20.28 45.53
N LYS Q 208 -61.05 -21.62 45.46
CA LYS Q 208 -59.99 -22.57 45.17
C LYS Q 208 -60.56 -23.60 44.17
N ILE Q 209 -59.81 -23.83 43.13
CA ILE Q 209 -60.37 -24.82 42.20
C ILE Q 209 -59.23 -25.90 42.13
N ASP Q 210 -59.57 -27.09 42.41
CA ASP Q 210 -58.72 -28.24 42.33
C ASP Q 210 -59.31 -29.10 41.15
N LYS Q 211 -58.42 -29.42 40.12
CA LYS Q 211 -58.89 -30.15 38.99
C LYS Q 211 -58.21 -31.53 39.00
N LYS Q 212 -59.04 -32.58 38.96
CA LYS Q 212 -58.73 -33.96 39.06
C LYS Q 212 -59.20 -34.76 37.85
N LYS Q 213 -58.46 -35.64 37.25
CA LYS Q 213 -58.82 -36.56 36.16
C LYS Q 213 -59.88 -37.63 36.62
N GLY Q 214 -60.70 -38.02 35.67
CA GLY Q 214 -61.47 -39.22 35.56
C GLY Q 214 -62.92 -38.99 35.60
N GLY Q 215 -63.67 -38.99 34.52
CA GLY Q 215 -65.16 -38.81 34.32
C GLY Q 215 -65.44 -37.57 33.47
N THR Q 216 -66.34 -36.64 33.95
CA THR Q 216 -66.93 -35.68 33.07
C THR Q 216 -66.93 -34.30 33.71
N ILE Q 217 -67.15 -33.25 32.94
CA ILE Q 217 -67.29 -31.88 33.51
C ILE Q 217 -68.53 -31.75 34.32
N GLU Q 218 -69.63 -32.52 33.96
CA GLU Q 218 -70.81 -32.68 34.73
C GLU Q 218 -70.74 -33.09 36.18
N ASP Q 219 -69.60 -33.67 36.54
CA ASP Q 219 -69.24 -34.19 37.91
C ASP Q 219 -68.36 -33.14 38.67
N SER Q 220 -68.22 -31.89 38.12
CA SER Q 220 -67.64 -30.85 38.93
C SER Q 220 -68.68 -30.37 39.84
N GLN Q 221 -68.18 -30.03 41.05
CA GLN Q 221 -68.98 -29.75 42.21
C GLN Q 221 -68.37 -28.73 43.06
N LEU Q 222 -69.21 -27.99 43.75
CA LEU Q 222 -68.78 -27.38 44.94
C LEU Q 222 -68.70 -28.39 46.09
N ILE Q 223 -67.74 -28.02 46.97
CA ILE Q 223 -67.61 -28.65 48.25
C ILE Q 223 -67.63 -27.39 49.20
N ARG Q 224 -68.44 -27.49 50.27
CA ARG Q 224 -68.52 -26.35 51.16
C ARG Q 224 -67.26 -26.26 51.96
N GLY Q 225 -66.76 -27.44 52.37
CA GLY Q 225 -65.50 -27.71 53.01
C GLY Q 225 -64.29 -27.44 52.09
N ILE Q 226 -63.14 -27.40 52.72
CA ILE Q 226 -61.88 -27.23 51.93
C ILE Q 226 -61.17 -28.58 51.82
N VAL Q 227 -60.50 -28.97 50.69
CA VAL Q 227 -59.72 -30.16 50.42
C VAL Q 227 -58.12 -29.87 50.43
N LEU Q 228 -57.28 -30.63 51.20
CA LEU Q 228 -55.82 -30.54 51.23
C LEU Q 228 -55.11 -31.62 50.44
N ASP Q 229 -54.25 -31.29 49.47
CA ASP Q 229 -53.58 -32.27 48.61
C ASP Q 229 -52.50 -33.09 49.35
N LYS Q 230 -51.88 -32.65 50.52
CA LYS Q 230 -50.83 -33.38 51.19
C LYS Q 230 -51.22 -34.62 51.93
N GLU Q 231 -50.29 -35.50 52.24
CA GLU Q 231 -50.56 -36.69 53.00
C GLU Q 231 -50.31 -36.61 54.55
N VAL Q 232 -50.99 -37.51 55.26
CA VAL Q 232 -50.64 -37.82 56.65
C VAL Q 232 -49.29 -38.56 56.83
N VAL Q 233 -48.93 -39.48 55.93
CA VAL Q 233 -47.61 -39.93 55.55
C VAL Q 233 -46.91 -40.61 56.73
N HIS Q 234 -47.69 -41.43 57.45
CA HIS Q 234 -47.12 -42.34 58.45
C HIS Q 234 -48.11 -43.47 58.75
N ALA Q 235 -47.62 -44.70 58.90
CA ALA Q 235 -48.50 -45.93 59.09
C ALA Q 235 -49.49 -45.90 60.27
N GLY Q 236 -49.14 -45.38 61.47
CA GLY Q 236 -49.96 -45.31 62.72
C GLY Q 236 -50.98 -44.25 62.64
N MET Q 237 -51.05 -43.36 61.71
CA MET Q 237 -51.96 -42.23 61.71
C MET Q 237 -53.41 -42.62 61.77
N PRO Q 238 -54.36 -41.82 62.43
CA PRO Q 238 -55.77 -41.93 62.15
C PRO Q 238 -56.04 -41.43 60.75
N ARG Q 239 -57.15 -41.83 60.16
CA ARG Q 239 -57.43 -41.53 58.77
C ARG Q 239 -58.69 -40.70 58.69
N ARG Q 240 -59.42 -40.57 59.88
CA ARG Q 240 -60.61 -39.74 59.94
C ARG Q 240 -60.75 -39.24 61.37
N VAL Q 241 -61.17 -37.98 61.53
CA VAL Q 241 -61.37 -37.34 62.82
C VAL Q 241 -62.77 -36.83 62.87
N GLU Q 242 -63.55 -37.17 63.98
CA GLU Q 242 -64.93 -36.72 64.08
C GLU Q 242 -65.06 -35.75 65.24
N LYS Q 243 -65.68 -34.59 64.98
CA LYS Q 243 -65.71 -33.44 65.84
C LYS Q 243 -64.34 -32.85 66.16
N ALA Q 244 -63.70 -32.48 65.05
CA ALA Q 244 -62.37 -32.12 64.88
C ALA Q 244 -61.95 -30.70 65.27
N LYS Q 245 -60.88 -30.69 66.13
CA LYS Q 245 -60.24 -29.43 66.54
C LYS Q 245 -59.00 -29.25 65.84
N ILE Q 246 -58.92 -28.26 64.95
CA ILE Q 246 -57.84 -28.09 64.09
C ILE Q 246 -56.88 -26.98 64.49
N ALA Q 247 -55.63 -27.26 64.76
CA ALA Q 247 -54.61 -26.21 64.82
C ALA Q 247 -53.77 -26.01 63.57
N VAL Q 248 -53.50 -24.70 63.19
CA VAL Q 248 -52.73 -24.31 61.99
C VAL Q 248 -51.44 -23.74 62.62
N LEU Q 249 -50.32 -24.35 62.24
CA LEU Q 249 -49.07 -24.10 62.86
C LEU Q 249 -48.04 -23.75 61.82
N ASP Q 250 -47.34 -22.65 61.93
CA ASP Q 250 -46.37 -21.86 61.10
C ASP Q 250 -45.06 -22.62 60.90
N ALA Q 251 -44.35 -23.07 62.02
CA ALA Q 251 -42.95 -23.57 61.94
C ALA Q 251 -42.90 -25.08 61.87
N SER Q 252 -41.71 -25.68 61.77
CA SER Q 252 -41.54 -27.09 61.81
C SER Q 252 -41.74 -27.65 63.27
N LEU Q 253 -42.08 -28.95 63.27
CA LEU Q 253 -42.05 -29.79 64.50
C LEU Q 253 -40.72 -30.47 64.45
N GLU Q 254 -39.77 -29.69 64.91
CA GLU Q 254 -38.37 -30.01 64.94
C GLU Q 254 -37.80 -29.23 65.99
N VAL Q 255 -36.74 -29.79 66.58
CA VAL Q 255 -35.99 -29.10 67.62
C VAL Q 255 -35.29 -27.94 67.05
N GLU Q 256 -35.28 -26.82 67.79
CA GLU Q 256 -34.86 -25.46 67.29
C GLU Q 256 -33.54 -25.01 67.92
N LYS Q 257 -32.74 -24.15 67.21
CA LYS Q 257 -31.47 -23.77 67.78
C LYS Q 257 -31.32 -23.09 69.14
N PRO Q 258 -30.30 -23.26 70.02
CA PRO Q 258 -30.34 -22.62 71.36
C PRO Q 258 -29.65 -21.28 71.23
N GLU Q 259 -29.86 -20.44 72.23
CA GLU Q 259 -29.36 -19.10 72.34
C GLU Q 259 -27.80 -18.94 72.09
N ILE Q 260 -26.94 -19.83 72.58
CA ILE Q 260 -25.49 -19.86 72.47
C ILE Q 260 -25.18 -21.34 72.50
N SER Q 261 -24.08 -21.75 71.93
CA SER Q 261 -24.16 -22.98 71.06
C SER Q 261 -22.80 -23.43 70.71
N ALA Q 262 -22.65 -24.71 70.53
CA ALA Q 262 -21.30 -25.26 70.19
C ALA Q 262 -21.57 -26.53 69.49
N LYS Q 263 -20.55 -27.08 68.81
CA LYS Q 263 -20.74 -28.25 68.00
C LYS Q 263 -19.54 -29.20 68.48
N ILE Q 264 -19.79 -30.49 68.56
CA ILE Q 264 -18.84 -31.52 69.02
C ILE Q 264 -18.68 -32.58 67.89
N SER Q 265 -17.45 -32.93 67.59
CA SER Q 265 -17.12 -33.83 66.50
C SER Q 265 -17.16 -35.19 66.98
N ILE Q 266 -18.08 -36.01 66.53
CA ILE Q 266 -18.40 -37.35 67.11
C ILE Q 266 -18.44 -38.38 66.06
N THR Q 267 -17.80 -39.59 66.13
CA THR Q 267 -17.93 -40.70 65.26
C THR Q 267 -18.62 -41.86 65.87
N SER Q 268 -17.90 -42.67 66.75
CA SER Q 268 -18.26 -43.29 68.02
C SER Q 268 -19.70 -43.50 68.44
N PRO Q 269 -20.21 -44.74 68.43
CA PRO Q 269 -21.69 -44.97 68.17
C PRO Q 269 -22.54 -44.69 69.37
N ASP Q 270 -21.99 -44.95 70.52
CA ASP Q 270 -22.73 -44.86 71.74
C ASP Q 270 -23.24 -43.40 72.06
N GLN Q 271 -22.50 -42.35 71.66
CA GLN Q 271 -22.82 -40.99 71.94
C GLN Q 271 -23.78 -40.35 70.95
N ILE Q 272 -23.92 -41.04 69.77
CA ILE Q 272 -24.81 -40.70 68.68
C ILE Q 272 -26.23 -41.07 69.01
N LYS Q 273 -26.44 -42.27 69.70
CA LYS Q 273 -27.75 -42.70 70.16
C LYS Q 273 -28.28 -41.87 71.31
N ALA Q 274 -27.24 -41.25 72.04
CA ALA Q 274 -27.59 -40.43 73.20
C ALA Q 274 -27.99 -39.05 72.78
N PHE Q 275 -27.48 -38.53 71.70
CA PHE Q 275 -27.93 -37.25 71.11
C PHE Q 275 -29.30 -37.34 70.49
N LEU Q 276 -29.63 -38.44 69.86
CA LEU Q 276 -30.93 -38.80 69.24
C LEU Q 276 -32.07 -39.09 70.22
N ASP Q 277 -31.79 -39.84 71.31
CA ASP Q 277 -32.74 -39.86 72.40
C ASP Q 277 -32.88 -38.55 73.14
N GLU Q 278 -31.89 -37.66 73.30
CA GLU Q 278 -32.15 -36.35 73.78
C GLU Q 278 -32.97 -35.48 72.83
N GLU Q 279 -32.83 -35.65 71.50
CA GLU Q 279 -33.63 -34.89 70.49
C GLU Q 279 -35.09 -35.37 70.39
N ALA Q 280 -35.36 -36.60 70.72
CA ALA Q 280 -36.69 -37.21 70.71
C ALA Q 280 -37.56 -36.84 71.90
N LYS Q 281 -36.90 -36.53 73.04
CA LYS Q 281 -37.70 -36.05 74.17
C LYS Q 281 -38.07 -34.60 74.04
N TYR Q 282 -37.45 -33.78 73.16
CA TYR Q 282 -37.84 -32.46 72.79
C TYR Q 282 -38.99 -32.49 71.80
N LEU Q 283 -39.02 -33.39 70.84
CA LEU Q 283 -40.12 -33.64 69.95
C LEU Q 283 -41.41 -34.17 70.59
N LYS Q 284 -41.31 -35.07 71.59
CA LYS Q 284 -42.37 -35.66 72.35
C LYS Q 284 -42.99 -34.60 73.33
N ASP Q 285 -42.20 -33.55 73.73
CA ASP Q 285 -42.62 -32.37 74.40
C ASP Q 285 -43.49 -31.47 73.55
N MET Q 286 -43.00 -31.06 72.36
CA MET Q 286 -43.72 -30.41 71.26
C MET Q 286 -45.12 -31.02 70.91
N VAL Q 287 -45.10 -32.37 70.77
CA VAL Q 287 -46.36 -33.17 70.55
C VAL Q 287 -47.28 -33.02 71.71
N ASP Q 288 -46.81 -33.12 72.96
CA ASP Q 288 -47.60 -32.87 74.17
C ASP Q 288 -48.15 -31.37 74.22
N LYS Q 289 -47.42 -30.39 73.57
CA LYS Q 289 -47.91 -29.00 73.62
C LYS Q 289 -49.12 -28.93 72.83
N LEU Q 290 -49.15 -29.51 71.62
CA LEU Q 290 -50.34 -29.60 70.79
C LEU Q 290 -51.48 -30.45 71.51
N ALA Q 291 -51.16 -31.63 72.14
CA ALA Q 291 -52.25 -32.35 72.80
C ALA Q 291 -52.80 -31.62 74.03
N SER Q 292 -52.03 -30.69 74.68
CA SER Q 292 -52.59 -29.79 75.76
C SER Q 292 -53.48 -28.74 75.12
N ILE Q 293 -53.11 -28.12 73.92
CA ILE Q 293 -54.06 -27.24 73.26
C ILE Q 293 -55.36 -27.96 73.04
N GLY Q 294 -55.27 -29.34 72.90
CA GLY Q 294 -56.41 -30.25 72.76
C GLY Q 294 -56.77 -30.68 71.34
N ALA Q 295 -55.89 -30.18 70.41
CA ALA Q 295 -56.06 -30.39 68.92
C ALA Q 295 -56.08 -31.83 68.52
N ASN Q 296 -56.94 -32.18 67.55
CA ASN Q 296 -57.12 -33.54 67.08
C ASN Q 296 -56.51 -33.57 65.73
N VAL Q 297 -56.67 -32.50 64.94
CA VAL Q 297 -55.95 -32.37 63.72
C VAL Q 297 -54.87 -31.32 64.01
N VAL Q 298 -53.76 -31.37 63.23
CA VAL Q 298 -52.77 -30.24 63.25
C VAL Q 298 -52.31 -30.12 61.79
N ILE Q 299 -52.06 -28.91 61.28
CA ILE Q 299 -51.45 -28.66 60.05
C ILE Q 299 -50.13 -27.95 60.32
N CYS Q 300 -49.03 -28.39 59.67
CA CYS Q 300 -47.74 -27.68 59.75
C CYS Q 300 -47.13 -27.35 58.38
N GLN Q 301 -46.94 -26.03 58.23
CA GLN Q 301 -46.47 -25.38 57.02
C GLN Q 301 -45.04 -25.72 56.67
N LYS Q 302 -44.28 -26.20 57.59
CA LYS Q 302 -42.91 -26.72 57.26
C LYS Q 302 -42.84 -28.30 57.36
N GLY Q 303 -41.67 -28.96 57.29
CA GLY Q 303 -41.40 -30.33 57.76
C GLY Q 303 -41.93 -30.69 59.09
N ILE Q 304 -42.28 -32.00 59.18
CA ILE Q 304 -42.49 -32.60 60.56
C ILE Q 304 -41.53 -33.75 60.60
N ASP Q 305 -40.68 -33.83 61.67
CA ASP Q 305 -39.82 -35.04 61.78
C ASP Q 305 -40.61 -36.37 61.86
N ASP Q 306 -40.09 -37.48 61.31
CA ASP Q 306 -40.71 -38.80 61.26
C ASP Q 306 -40.97 -39.33 62.73
N ILE Q 307 -40.08 -39.15 63.70
CA ILE Q 307 -40.24 -39.56 65.08
C ILE Q 307 -41.43 -38.85 65.66
N ALA Q 308 -41.54 -37.59 65.35
CA ALA Q 308 -42.73 -36.76 65.67
C ALA Q 308 -44.07 -37.14 65.05
N GLN Q 309 -44.03 -37.82 63.83
CA GLN Q 309 -45.23 -38.47 63.30
C GLN Q 309 -45.66 -39.74 64.02
N HIS Q 310 -44.65 -40.45 64.50
CA HIS Q 310 -44.84 -41.60 65.42
C HIS Q 310 -45.44 -41.07 66.76
N PHE Q 311 -44.94 -39.94 67.34
CA PHE Q 311 -45.47 -39.48 68.65
C PHE Q 311 -46.95 -38.95 68.54
N LEU Q 312 -47.30 -38.35 67.39
CA LEU Q 312 -48.64 -37.81 67.07
C LEU Q 312 -49.59 -39.00 66.84
N ALA Q 313 -49.13 -40.11 66.23
CA ALA Q 313 -50.01 -41.27 66.00
C ALA Q 313 -50.29 -41.90 67.40
N LYS Q 314 -49.32 -41.97 68.34
CA LYS Q 314 -49.61 -42.42 69.71
C LYS Q 314 -50.74 -41.63 70.42
N ARG Q 315 -50.64 -40.23 70.32
CA ARG Q 315 -51.60 -39.35 70.97
C ARG Q 315 -52.98 -39.22 70.23
N GLY Q 316 -53.10 -39.80 69.06
CA GLY Q 316 -54.30 -39.93 68.36
C GLY Q 316 -54.59 -38.84 67.36
N ILE Q 317 -53.55 -38.25 66.79
CA ILE Q 317 -53.63 -36.93 66.13
C ILE Q 317 -53.32 -37.03 64.70
N LEU Q 318 -54.13 -36.35 63.83
CA LEU Q 318 -53.94 -36.50 62.41
C LEU Q 318 -53.13 -35.29 61.98
N ALA Q 319 -51.84 -35.47 61.52
CA ALA Q 319 -51.10 -34.31 61.13
C ALA Q 319 -50.89 -34.19 59.60
N VAL Q 320 -50.87 -32.98 59.09
CA VAL Q 320 -50.46 -32.77 57.75
C VAL Q 320 -49.24 -31.93 57.78
N ARG Q 321 -48.28 -32.12 56.82
CA ARG Q 321 -47.20 -31.11 56.69
C ARG Q 321 -47.56 -30.00 55.67
N ARG Q 322 -46.55 -29.64 54.84
CA ARG Q 322 -46.44 -28.66 53.76
C ARG Q 322 -47.78 -28.32 53.02
N VAL Q 323 -48.73 -27.67 53.73
CA VAL Q 323 -49.86 -27.14 53.01
C VAL Q 323 -49.51 -25.71 52.61
N LYS Q 324 -49.75 -25.46 51.30
CA LYS Q 324 -49.29 -24.22 50.65
C LYS Q 324 -49.91 -22.94 51.14
N ARG Q 325 -49.16 -21.83 51.20
CA ARG Q 325 -49.58 -20.63 51.93
C ARG Q 325 -50.97 -20.15 51.69
N SER Q 326 -51.39 -20.19 50.37
CA SER Q 326 -52.68 -19.61 49.99
C SER Q 326 -53.80 -20.43 50.58
N ASP Q 327 -53.63 -21.74 50.52
CA ASP Q 327 -54.62 -22.81 50.96
C ASP Q 327 -54.79 -22.66 52.48
N ILE Q 328 -53.69 -22.17 53.17
CA ILE Q 328 -53.62 -21.96 54.61
C ILE Q 328 -54.39 -20.70 55.01
N GLU Q 329 -54.39 -19.65 54.16
CA GLU Q 329 -55.17 -18.52 54.42
C GLU Q 329 -56.75 -18.83 54.36
N LYS Q 330 -57.12 -19.72 53.44
CA LYS Q 330 -58.50 -20.14 53.35
C LYS Q 330 -58.91 -21.05 54.52
N LEU Q 331 -57.97 -21.90 55.01
CA LEU Q 331 -58.08 -22.95 56.09
C LEU Q 331 -58.23 -22.25 57.41
N GLU Q 332 -57.53 -21.10 57.57
CA GLU Q 332 -57.62 -20.14 58.65
C GLU Q 332 -59.05 -19.54 58.61
N LYS Q 333 -59.50 -18.88 57.56
CA LYS Q 333 -60.79 -18.28 57.47
C LYS Q 333 -62.08 -19.11 57.72
N ALA Q 334 -62.05 -20.42 57.28
CA ALA Q 334 -63.22 -21.28 57.43
C ALA Q 334 -63.30 -22.03 58.73
N LEU Q 335 -62.22 -22.17 59.49
CA LEU Q 335 -62.36 -22.85 60.80
C LEU Q 335 -62.35 -21.97 61.96
N GLY Q 336 -62.13 -20.69 61.81
CA GLY Q 336 -61.89 -19.77 62.93
C GLY Q 336 -60.50 -19.83 63.43
N ALA Q 337 -59.62 -20.77 63.00
CA ALA Q 337 -58.23 -20.82 63.43
C ALA Q 337 -57.30 -19.70 63.01
N ARG Q 338 -56.17 -19.56 63.71
CA ARG Q 338 -55.12 -18.65 63.36
C ARG Q 338 -53.89 -19.47 63.30
N ILE Q 339 -53.15 -19.46 62.22
CA ILE Q 339 -51.68 -19.66 62.23
C ILE Q 339 -50.86 -19.30 63.44
N ILE Q 340 -50.32 -20.31 64.19
CA ILE Q 340 -49.66 -20.13 65.48
C ILE Q 340 -48.22 -20.15 65.17
N SER Q 341 -47.36 -19.19 65.59
CA SER Q 341 -45.91 -19.19 65.51
C SER Q 341 -45.21 -20.32 66.33
N SER Q 342 -45.69 -20.53 67.56
CA SER Q 342 -45.03 -21.22 68.63
C SER Q 342 -45.82 -22.42 68.98
N ILE Q 343 -45.40 -23.61 68.57
CA ILE Q 343 -45.93 -24.85 69.13
C ILE Q 343 -45.62 -25.03 70.65
N LYS Q 344 -44.37 -24.62 71.10
CA LYS Q 344 -43.79 -24.69 72.47
C LYS Q 344 -44.65 -24.07 73.53
N ASP Q 345 -45.26 -22.96 73.24
CA ASP Q 345 -46.07 -22.23 74.27
C ASP Q 345 -47.45 -22.90 74.61
N ALA Q 346 -47.99 -24.01 73.98
CA ALA Q 346 -49.24 -24.67 74.35
C ALA Q 346 -50.48 -23.79 74.44
N THR Q 347 -50.61 -22.88 73.42
CA THR Q 347 -51.28 -21.57 73.59
C THR Q 347 -52.77 -21.67 73.04
N PRO Q 348 -53.82 -21.28 73.73
CA PRO Q 348 -54.92 -22.21 73.87
C PRO Q 348 -56.15 -21.59 73.25
N GLU Q 349 -56.02 -20.35 72.71
CA GLU Q 349 -56.98 -19.55 72.08
C GLU Q 349 -56.89 -19.35 70.59
N ASP Q 350 -56.21 -20.26 69.81
CA ASP Q 350 -55.96 -20.03 68.37
C ASP Q 350 -56.46 -21.17 67.49
N LEU Q 351 -57.35 -22.05 68.09
CA LEU Q 351 -57.72 -23.36 67.59
C LEU Q 351 -59.04 -23.30 66.77
N GLY Q 352 -59.13 -24.02 65.58
CA GLY Q 352 -60.43 -23.94 64.92
C GLY Q 352 -61.22 -25.20 65.04
N TYR Q 353 -62.42 -25.22 64.46
CA TYR Q 353 -63.42 -26.28 64.59
C TYR Q 353 -63.99 -26.68 63.19
N ALA Q 354 -63.99 -28.01 62.95
CA ALA Q 354 -64.45 -28.73 61.83
C ALA Q 354 -65.37 -29.80 62.46
N GLU Q 355 -66.48 -30.16 61.77
CA GLU Q 355 -67.37 -31.23 62.15
C GLU Q 355 -66.75 -32.60 62.04
N LEU Q 356 -66.00 -32.80 60.93
CA LEU Q 356 -65.32 -33.98 60.59
C LEU Q 356 -64.14 -33.65 59.69
N VAL Q 357 -63.13 -34.54 59.55
CA VAL Q 357 -61.97 -34.53 58.79
C VAL Q 357 -61.82 -35.98 58.33
N GLU Q 358 -61.78 -36.37 57.06
CA GLU Q 358 -61.35 -37.71 56.71
C GLU Q 358 -60.40 -37.64 55.42
N GLU Q 359 -59.64 -38.75 55.10
CA GLU Q 359 -58.87 -38.91 53.92
C GLU Q 359 -59.68 -39.63 52.86
N ARG Q 360 -59.70 -39.08 51.67
CA ARG Q 360 -60.59 -39.62 50.64
C ARG Q 360 -59.68 -39.62 49.43
N LYS Q 361 -59.70 -40.65 48.57
CA LYS Q 361 -58.96 -40.66 47.33
C LYS Q 361 -59.74 -40.00 46.24
N VAL Q 362 -59.20 -39.01 45.47
CA VAL Q 362 -59.78 -38.50 44.25
C VAL Q 362 -58.91 -38.74 43.03
N GLY Q 363 -59.40 -39.39 41.94
CA GLY Q 363 -58.60 -39.65 40.76
C GLY Q 363 -57.43 -40.60 41.02
N ASN Q 364 -57.53 -41.42 42.06
CA ASN Q 364 -56.61 -42.49 42.55
C ASN Q 364 -55.63 -41.91 43.68
N ASP Q 365 -55.46 -40.60 43.61
CA ASP Q 365 -54.61 -39.81 44.45
C ASP Q 365 -55.20 -39.51 45.83
N LYS Q 366 -54.37 -39.56 46.92
CA LYS Q 366 -54.88 -39.26 48.28
C LYS Q 366 -55.11 -37.78 48.48
N MET Q 367 -56.09 -37.40 49.31
CA MET Q 367 -56.44 -35.98 49.55
C MET Q 367 -57.25 -35.83 50.84
N VAL Q 368 -57.10 -34.77 51.62
CA VAL Q 368 -57.62 -34.67 52.98
C VAL Q 368 -58.77 -33.72 52.96
N PHE Q 369 -59.94 -34.06 53.39
CA PHE Q 369 -61.10 -33.21 53.12
C PHE Q 369 -61.56 -32.71 54.47
N ILE Q 370 -61.69 -31.34 54.65
CA ILE Q 370 -62.03 -30.67 55.89
C ILE Q 370 -63.42 -30.13 55.69
N GLU Q 371 -64.34 -30.54 56.55
CA GLU Q 371 -65.77 -30.21 56.25
C GLU Q 371 -66.58 -29.98 57.59
N GLY Q 372 -67.72 -29.28 57.43
CA GLY Q 372 -68.57 -28.89 58.56
C GLY Q 372 -68.27 -27.57 59.08
N ALA Q 373 -68.30 -26.51 58.30
CA ALA Q 373 -67.74 -25.23 58.69
C ALA Q 373 -68.91 -24.30 58.69
N LYS Q 374 -69.14 -23.65 59.82
CA LYS Q 374 -70.20 -22.72 60.06
C LYS Q 374 -70.04 -21.46 59.24
N ASN Q 375 -70.71 -21.40 58.06
CA ASN Q 375 -71.05 -20.26 57.22
C ASN Q 375 -69.73 -19.70 56.55
N PRO Q 376 -68.88 -20.49 55.93
CA PRO Q 376 -67.55 -20.11 55.37
C PRO Q 376 -67.73 -19.13 54.20
N LYS Q 377 -66.62 -18.41 53.97
CA LYS Q 377 -66.54 -17.58 52.74
C LYS Q 377 -65.61 -18.19 51.72
N ALA Q 378 -64.92 -19.27 52.14
CA ALA Q 378 -63.90 -19.97 51.30
C ALA Q 378 -64.39 -21.39 50.97
N VAL Q 379 -64.60 -21.69 49.74
CA VAL Q 379 -65.22 -22.89 49.20
C VAL Q 379 -64.24 -23.51 48.23
N ASN Q 380 -64.47 -24.79 47.88
CA ASN Q 380 -63.54 -25.55 47.09
C ASN Q 380 -64.44 -26.07 45.98
N ILE Q 381 -63.88 -25.96 44.76
CA ILE Q 381 -64.56 -26.48 43.62
C ILE Q 381 -63.73 -27.67 43.18
N LEU Q 382 -64.32 -28.81 43.06
CA LEU Q 382 -63.64 -30.02 42.55
C LEU Q 382 -64.03 -30.20 41.10
N LEU Q 383 -63.06 -30.27 40.26
CA LEU Q 383 -63.21 -30.19 38.84
C LEU Q 383 -62.84 -31.51 38.14
N ARG Q 384 -63.84 -32.32 37.74
CA ARG Q 384 -63.54 -33.58 37.08
C ARG Q 384 -63.58 -33.39 35.54
N GLY Q 385 -62.80 -34.25 34.83
CA GLY Q 385 -62.77 -34.31 33.40
C GLY Q 385 -62.30 -35.59 32.86
N SER Q 386 -62.44 -35.78 31.47
CA SER Q 386 -62.12 -37.03 30.72
C SER Q 386 -60.64 -37.54 30.92
N ASN Q 387 -59.64 -36.81 30.48
CA ASN Q 387 -58.23 -37.01 30.88
C ASN Q 387 -57.66 -35.66 31.30
N ASP Q 388 -57.06 -34.89 30.38
CA ASP Q 388 -56.31 -33.74 30.78
C ASP Q 388 -56.60 -32.52 29.90
N MET Q 389 -56.81 -32.55 28.62
CA MET Q 389 -57.03 -31.41 27.75
C MET Q 389 -58.40 -30.75 27.93
N ALA Q 390 -59.39 -31.55 28.26
CA ALA Q 390 -60.81 -31.09 28.35
C ALA Q 390 -60.99 -30.46 29.76
N LEU Q 391 -60.00 -30.82 30.65
CA LEU Q 391 -59.94 -30.40 32.01
C LEU Q 391 -59.12 -29.07 32.18
N ASP Q 392 -57.91 -28.90 31.57
CA ASP Q 392 -57.11 -27.57 31.59
C ASP Q 392 -57.99 -26.50 30.96
N GLU Q 393 -58.67 -26.85 29.89
CA GLU Q 393 -59.70 -25.98 29.31
C GLU Q 393 -60.96 -25.68 30.15
N ALA Q 394 -61.48 -26.68 30.93
CA ALA Q 394 -62.55 -26.31 31.83
C ALA Q 394 -62.19 -25.44 33.02
N GLU Q 395 -60.91 -25.59 33.46
CA GLU Q 395 -60.49 -24.70 34.53
C GLU Q 395 -60.36 -23.27 34.04
N ARG Q 396 -59.72 -23.13 32.88
CA ARG Q 396 -59.47 -21.87 32.21
C ARG Q 396 -60.83 -21.09 31.92
N SER Q 397 -61.80 -21.84 31.39
CA SER Q 397 -63.24 -21.32 31.15
C SER Q 397 -63.90 -20.90 32.43
N ILE Q 398 -63.78 -21.57 33.60
CA ILE Q 398 -64.28 -21.19 34.92
C ILE Q 398 -63.54 -20.01 35.42
N ASN Q 399 -62.16 -19.90 35.30
CA ASN Q 399 -61.43 -18.74 35.76
C ASN Q 399 -61.98 -17.48 35.12
N ASP Q 400 -61.87 -17.32 33.73
CA ASP Q 400 -62.47 -16.25 32.97
C ASP Q 400 -63.95 -15.92 33.16
N ALA Q 401 -64.83 -16.94 33.46
CA ALA Q 401 -66.15 -16.71 33.72
C ALA Q 401 -66.30 -16.12 35.06
N LEU Q 402 -65.47 -16.42 36.06
CA LEU Q 402 -65.35 -15.88 37.43
C LEU Q 402 -64.91 -14.51 37.37
N TYR Q 403 -63.94 -14.19 36.53
CA TYR Q 403 -63.35 -12.84 36.43
C TYR Q 403 -64.27 -11.85 35.85
N SER Q 404 -65.12 -12.39 34.95
CA SER Q 404 -66.28 -11.64 34.33
C SER Q 404 -67.34 -11.46 35.34
N LEU Q 405 -67.57 -12.49 36.19
CA LEU Q 405 -68.66 -12.65 37.19
C LEU Q 405 -68.48 -11.59 38.26
N ARG Q 406 -67.18 -11.38 38.64
CA ARG Q 406 -66.85 -10.35 39.56
C ARG Q 406 -67.02 -8.85 39.09
N ASN Q 407 -66.96 -8.71 37.81
CA ASN Q 407 -67.36 -7.48 37.18
C ASN Q 407 -68.88 -7.30 37.05
N ILE Q 408 -69.77 -8.25 36.75
CA ILE Q 408 -71.24 -8.01 36.89
C ILE Q 408 -71.69 -7.93 38.35
N LEU Q 409 -71.14 -8.78 39.26
CA LEU Q 409 -71.52 -8.76 40.66
C LEU Q 409 -71.16 -7.39 41.38
N MET Q 410 -69.96 -6.78 41.17
CA MET Q 410 -69.65 -5.52 41.89
C MET Q 410 -70.22 -4.29 41.11
N GLU Q 411 -70.85 -4.43 39.91
CA GLU Q 411 -71.53 -3.30 39.25
C GLU Q 411 -72.77 -3.83 38.74
N PRO Q 412 -73.88 -3.69 39.35
CA PRO Q 412 -75.13 -4.39 38.92
C PRO Q 412 -75.83 -3.92 37.65
N TYR Q 413 -75.00 -3.34 36.71
CA TYR Q 413 -75.38 -2.78 35.42
C TYR Q 413 -74.69 -3.65 34.32
N ILE Q 414 -75.43 -3.97 33.19
CA ILE Q 414 -74.95 -4.67 32.06
C ILE Q 414 -75.29 -3.75 30.85
N VAL Q 415 -74.53 -3.91 29.72
CA VAL Q 415 -74.69 -3.06 28.52
C VAL Q 415 -74.51 -3.80 27.25
N PRO Q 416 -75.20 -3.41 26.22
CA PRO Q 416 -74.98 -3.95 24.89
C PRO Q 416 -73.79 -3.23 24.26
N GLY Q 417 -72.59 -3.49 24.81
CA GLY Q 417 -71.19 -2.98 24.42
C GLY Q 417 -70.64 -3.84 23.37
N GLY Q 418 -69.65 -3.28 22.73
CA GLY Q 418 -69.15 -3.84 21.48
C GLY Q 418 -70.16 -3.69 20.31
N GLY Q 419 -71.21 -2.77 20.38
CA GLY Q 419 -72.15 -2.47 19.32
C GLY Q 419 -73.00 -1.20 19.46
N ALA Q 420 -73.69 -1.10 20.62
CA ALA Q 420 -74.78 -0.21 20.79
C ALA Q 420 -74.13 1.05 21.43
N ILE Q 421 -73.61 0.84 22.62
CA ILE Q 421 -72.93 1.83 23.46
C ILE Q 421 -72.01 2.76 22.68
N GLU Q 422 -71.12 2.20 21.90
CA GLU Q 422 -70.18 2.94 21.18
C GLU Q 422 -70.74 3.92 20.16
N LEU Q 423 -71.63 3.43 19.29
CA LEU Q 423 -72.39 4.06 18.27
C LEU Q 423 -73.34 5.15 18.87
N GLU Q 424 -73.96 4.83 20.03
CA GLU Q 424 -74.88 5.73 20.70
C GLU Q 424 -74.19 6.90 21.35
N LEU Q 425 -72.98 6.65 21.93
CA LEU Q 425 -72.18 7.78 22.40
C LEU Q 425 -71.65 8.67 21.24
N SER Q 426 -71.14 8.10 20.15
CA SER Q 426 -70.54 8.89 19.10
C SER Q 426 -71.56 9.81 18.43
N ALA Q 427 -72.83 9.36 18.25
CA ALA Q 427 -73.88 10.27 17.80
C ALA Q 427 -74.40 11.24 18.81
N ARG Q 428 -74.55 10.94 20.13
CA ARG Q 428 -74.89 11.93 21.06
C ARG Q 428 -73.73 12.96 21.19
N LEU Q 429 -72.44 12.56 21.05
CA LEU Q 429 -71.34 13.52 21.10
C LEU Q 429 -71.36 14.39 19.85
N ARG Q 430 -71.68 13.89 18.66
CA ARG Q 430 -71.74 14.80 17.49
C ARG Q 430 -73.06 15.44 17.37
N GLU Q 431 -73.43 16.27 18.37
CA GLU Q 431 -74.67 17.08 18.51
C GLU Q 431 -74.33 17.91 19.74
N TYR Q 432 -73.76 17.23 20.71
CA TYR Q 432 -73.12 17.88 21.84
C TYR Q 432 -72.01 18.81 21.35
N ALA Q 433 -71.02 18.35 20.59
CA ALA Q 433 -70.02 19.17 20.02
C ALA Q 433 -70.46 20.40 19.25
N ARG Q 434 -71.72 20.44 18.71
CA ARG Q 434 -72.31 21.57 18.07
C ARG Q 434 -72.67 22.66 19.07
N SER Q 435 -73.29 22.24 20.19
CA SER Q 435 -73.59 23.10 21.36
C SER Q 435 -72.43 23.60 22.19
N VAL Q 436 -71.26 22.90 22.07
CA VAL Q 436 -69.96 23.31 22.63
C VAL Q 436 -69.14 24.14 21.67
N GLY Q 437 -68.31 25.02 22.28
CA GLY Q 437 -67.35 25.96 21.68
C GLY Q 437 -65.97 25.55 21.81
N GLY Q 438 -65.13 26.47 21.37
CA GLY Q 438 -63.69 26.31 21.28
C GLY Q 438 -63.04 25.06 20.68
N LYS Q 439 -61.72 24.80 20.91
CA LYS Q 439 -61.03 23.63 20.37
C LYS Q 439 -61.25 22.44 21.29
N GLU Q 440 -62.12 22.65 22.34
CA GLU Q 440 -62.66 21.56 23.11
C GLU Q 440 -63.74 20.86 22.26
N GLN Q 441 -64.33 21.55 21.23
CA GLN Q 441 -65.38 20.98 20.40
C GLN Q 441 -64.72 20.03 19.39
N LEU Q 442 -63.51 20.39 18.92
CA LEU Q 442 -62.75 19.58 17.93
C LEU Q 442 -62.30 18.31 18.69
N ALA Q 443 -61.97 18.47 19.99
CA ALA Q 443 -61.60 17.40 20.80
C ALA Q 443 -62.71 16.38 21.15
N ILE Q 444 -63.98 16.76 21.45
CA ILE Q 444 -65.15 15.94 21.64
C ILE Q 444 -65.40 15.27 20.35
N GLU Q 445 -65.34 15.95 19.19
CA GLU Q 445 -65.65 15.22 17.88
C GLU Q 445 -64.54 14.32 17.52
N ALA Q 446 -63.33 14.47 18.14
CA ALA Q 446 -62.23 13.50 17.89
C ALA Q 446 -62.37 12.31 18.81
N TYR Q 447 -63.00 12.48 20.04
CA TYR Q 447 -63.34 11.33 20.92
C TYR Q 447 -64.49 10.53 20.31
N ALA Q 448 -65.40 11.21 19.61
CA ALA Q 448 -66.52 10.57 18.87
C ALA Q 448 -65.95 9.76 17.75
N ASP Q 449 -64.86 10.32 17.03
CA ASP Q 449 -64.10 9.66 15.99
C ASP Q 449 -63.38 8.39 16.47
N ALA Q 450 -62.80 8.40 17.75
CA ALA Q 450 -62.22 7.19 18.31
C ALA Q 450 -63.17 6.00 18.64
N LEU Q 451 -64.43 6.27 19.08
CA LEU Q 451 -65.46 5.20 19.25
C LEU Q 451 -65.74 4.44 17.99
N GLU Q 452 -65.77 5.21 16.86
CA GLU Q 452 -65.98 4.64 15.56
C GLU Q 452 -64.88 3.74 15.12
N GLU Q 453 -63.68 3.74 15.80
CA GLU Q 453 -62.62 2.80 15.49
C GLU Q 453 -62.81 1.43 16.22
N ILE Q 454 -63.73 1.31 17.16
CA ILE Q 454 -64.16 0.07 17.85
C ILE Q 454 -65.11 -0.65 16.87
N PRO Q 455 -65.69 -1.96 16.96
CA PRO Q 455 -66.93 -2.07 16.12
C PRO Q 455 -66.83 -2.50 14.65
N MET Q 456 -66.11 -1.73 13.82
CA MET Q 456 -65.84 -2.08 12.47
C MET Q 456 -64.69 -2.92 12.27
N ILE Q 457 -63.81 -2.87 13.28
CA ILE Q 457 -62.63 -3.71 13.27
C ILE Q 457 -63.12 -5.08 13.65
N LEU Q 458 -64.13 -5.16 14.54
CA LEU Q 458 -64.71 -6.44 15.01
C LEU Q 458 -65.24 -7.21 13.77
N ALA Q 459 -65.92 -6.45 12.82
CA ALA Q 459 -66.40 -7.03 11.55
C ALA Q 459 -65.25 -7.45 10.64
N GLU Q 460 -64.10 -6.78 10.73
CA GLU Q 460 -63.00 -7.09 9.89
C GLU Q 460 -62.27 -8.37 10.31
N THR Q 461 -62.27 -8.64 11.62
CA THR Q 461 -61.79 -9.90 12.22
C THR Q 461 -62.57 -11.04 11.65
N ALA Q 462 -63.92 -10.89 11.49
CA ALA Q 462 -64.76 -11.85 10.82
C ALA Q 462 -64.72 -11.86 9.30
N GLY Q 463 -63.96 -10.95 8.67
CA GLY Q 463 -63.64 -10.93 7.26
C GLY Q 463 -64.52 -10.12 6.38
N LEU Q 464 -65.22 -9.17 6.97
CA LEU Q 464 -66.11 -8.21 6.33
C LEU Q 464 -65.35 -6.89 6.07
N GLU Q 465 -65.91 -5.91 5.36
CA GLU Q 465 -65.32 -4.61 5.06
C GLU Q 465 -65.46 -3.65 6.27
N PRO Q 466 -64.51 -3.05 6.88
CA PRO Q 466 -64.73 -2.24 8.06
C PRO Q 466 -65.49 -1.01 7.64
N ILE Q 467 -65.02 -0.34 6.55
CA ILE Q 467 -65.59 0.99 6.28
C ILE Q 467 -67.06 0.87 5.83
N SER Q 468 -67.38 -0.20 5.13
CA SER Q 468 -68.78 -0.52 4.91
C SER Q 468 -69.65 -1.01 6.04
N ALA Q 469 -69.05 -1.75 7.06
CA ALA Q 469 -69.76 -2.19 8.21
C ALA Q 469 -70.06 -1.07 9.10
N LEU Q 470 -69.14 -0.11 9.16
CA LEU Q 470 -69.42 1.09 9.92
C LEU Q 470 -70.51 1.93 9.34
N MET Q 471 -70.57 2.19 8.02
CA MET Q 471 -71.69 2.91 7.45
C MET Q 471 -73.05 2.24 7.40
N ASP Q 472 -73.10 0.89 7.29
CA ASP Q 472 -74.37 0.19 7.30
C ASP Q 472 -74.84 0.07 8.74
N LEU Q 473 -73.86 0.00 9.69
CA LEU Q 473 -74.25 -0.15 11.11
C LEU Q 473 -74.68 1.16 11.73
N ARG Q 474 -73.93 2.19 11.38
CA ARG Q 474 -74.25 3.64 11.78
C ARG Q 474 -75.57 4.08 11.27
N ALA Q 475 -75.85 3.78 9.99
CA ALA Q 475 -77.11 4.08 9.31
C ALA Q 475 -78.28 3.16 9.83
N ARG Q 476 -77.97 1.97 10.17
CA ARG Q 476 -79.04 1.17 10.84
C ARG Q 476 -79.32 1.66 12.31
N HIS Q 477 -78.33 2.25 12.96
CA HIS Q 477 -78.53 2.68 14.36
C HIS Q 477 -79.23 4.02 14.41
N ALA Q 478 -79.44 4.62 13.14
CA ALA Q 478 -79.74 6.04 13.07
C ALA Q 478 -81.18 6.18 12.57
N LYS Q 479 -81.56 5.36 11.54
CA LYS Q 479 -82.91 5.23 10.91
C LYS Q 479 -83.67 4.19 11.64
N GLY Q 480 -83.04 3.03 12.11
CA GLY Q 480 -83.73 2.20 13.15
C GLY Q 480 -83.35 2.70 14.57
N LEU Q 481 -83.01 1.79 15.53
CA LEU Q 481 -82.93 2.00 16.92
C LEU Q 481 -81.61 1.46 17.50
N THR Q 482 -81.24 1.82 18.81
CA THR Q 482 -79.89 1.85 19.28
C THR Q 482 -79.22 0.51 19.37
N ASN Q 483 -80.00 -0.58 19.72
CA ASN Q 483 -79.39 -1.82 19.80
C ASN Q 483 -79.16 -2.49 18.46
N CYS Q 484 -77.91 -2.41 17.94
CA CYS Q 484 -77.48 -3.13 16.75
C CYS Q 484 -76.04 -3.40 16.98
N GLY Q 485 -75.54 -4.44 16.35
CA GLY Q 485 -74.15 -4.75 16.47
C GLY Q 485 -73.84 -5.26 15.12
N VAL Q 486 -72.64 -5.69 14.87
CA VAL Q 486 -72.35 -6.51 13.61
C VAL Q 486 -71.94 -7.92 14.10
N ASP Q 487 -72.47 -8.94 13.42
CA ASP Q 487 -72.38 -10.28 13.94
C ASP Q 487 -71.03 -11.03 13.54
N VAL Q 488 -70.21 -11.43 14.49
CA VAL Q 488 -69.04 -12.35 14.17
C VAL Q 488 -69.30 -13.76 13.87
N ILE Q 489 -70.51 -14.31 14.14
CA ILE Q 489 -70.88 -15.72 13.73
C ILE Q 489 -71.64 -15.70 12.37
N ASN Q 490 -72.58 -14.79 12.32
CA ASN Q 490 -73.38 -14.73 11.08
C ASN Q 490 -72.77 -13.73 10.05
N GLY Q 491 -71.75 -12.98 10.39
CA GLY Q 491 -71.02 -12.23 9.41
C GLY Q 491 -71.80 -11.11 8.76
N LYS Q 492 -72.77 -10.46 9.49
CA LYS Q 492 -73.60 -9.45 8.84
C LYS Q 492 -74.14 -8.65 10.05
N ILE Q 493 -74.41 -7.38 9.92
CA ILE Q 493 -75.20 -6.67 10.81
C ILE Q 493 -76.51 -7.35 11.39
N ILE Q 494 -76.85 -6.98 12.62
CA ILE Q 494 -77.80 -7.63 13.50
C ILE Q 494 -78.47 -6.50 14.33
N ASP Q 495 -79.81 -6.57 14.61
CA ASP Q 495 -80.38 -5.83 15.66
C ASP Q 495 -80.08 -6.46 17.07
N ASP Q 496 -81.03 -6.44 18.05
CA ASP Q 496 -80.79 -6.55 19.46
C ASP Q 496 -79.79 -7.57 20.05
N ILE Q 497 -78.50 -7.14 20.33
CA ILE Q 497 -77.47 -8.05 20.68
C ILE Q 497 -77.73 -8.77 22.00
N TYR Q 498 -78.49 -8.10 22.91
CA TYR Q 498 -79.09 -8.68 24.09
C TYR Q 498 -79.98 -9.94 23.79
N SER Q 499 -80.91 -9.91 22.78
CA SER Q 499 -81.76 -11.08 22.39
C SER Q 499 -80.96 -12.25 21.92
N ILE Q 500 -79.75 -12.04 21.27
CA ILE Q 500 -78.80 -13.06 20.85
C ILE Q 500 -77.97 -13.61 22.08
N ASN Q 501 -77.95 -12.82 23.21
CA ASN Q 501 -77.25 -13.05 24.45
C ASN Q 501 -75.80 -12.57 24.45
N VAL Q 502 -75.42 -11.54 23.63
CA VAL Q 502 -74.06 -11.09 23.49
C VAL Q 502 -74.02 -9.68 24.08
N VAL Q 503 -73.85 -9.67 25.46
CA VAL Q 503 -73.57 -8.46 26.19
C VAL Q 503 -72.52 -8.70 27.24
N GLU Q 504 -71.89 -7.59 27.69
CA GLU Q 504 -70.74 -7.66 28.58
C GLU Q 504 -71.11 -6.89 29.91
N PRO Q 505 -70.65 -7.18 31.12
CA PRO Q 505 -70.69 -6.27 32.31
C PRO Q 505 -70.26 -4.89 32.07
N ILE Q 506 -71.10 -3.92 32.34
CA ILE Q 506 -70.68 -2.50 32.21
C ILE Q 506 -69.29 -2.16 32.85
N ARG Q 507 -68.95 -2.84 33.98
CA ARG Q 507 -67.72 -2.54 34.65
C ARG Q 507 -66.49 -2.97 33.84
N VAL Q 508 -66.62 -3.95 32.86
CA VAL Q 508 -65.44 -4.23 32.05
C VAL Q 508 -65.25 -3.17 31.09
N THR Q 509 -66.34 -2.46 30.61
CA THR Q 509 -66.34 -1.39 29.61
C THR Q 509 -65.80 -0.11 30.37
N ARG Q 510 -66.38 0.37 31.48
CA ARG Q 510 -66.01 1.51 32.32
C ARG Q 510 -64.55 1.51 32.67
N GLN Q 511 -63.94 0.37 33.07
CA GLN Q 511 -62.51 0.31 33.36
C GLN Q 511 -61.56 0.38 32.17
N VAL Q 512 -61.94 -0.12 31.00
CA VAL Q 512 -61.09 -0.01 29.79
C VAL Q 512 -61.27 1.34 29.11
N LEU Q 513 -62.38 2.02 29.37
CA LEU Q 513 -62.48 3.43 29.03
C LEU Q 513 -61.77 4.29 30.06
N LYS Q 514 -61.78 3.89 31.35
CA LYS Q 514 -61.03 4.69 32.44
C LYS Q 514 -59.52 4.70 32.30
N SER Q 515 -58.95 3.50 32.04
CA SER Q 515 -57.47 3.36 32.02
C SER Q 515 -56.96 3.76 30.65
N ALA Q 516 -57.83 3.83 29.61
CA ALA Q 516 -57.47 4.29 28.29
C ALA Q 516 -57.42 5.81 28.25
N THR Q 517 -58.33 6.54 28.89
CA THR Q 517 -58.18 8.00 29.06
C THR Q 517 -57.14 8.38 30.04
N GLU Q 518 -56.74 7.40 30.88
CA GLU Q 518 -55.69 7.78 31.85
C GLU Q 518 -54.33 7.84 31.29
N ALA Q 519 -54.08 6.79 30.50
CA ALA Q 519 -52.81 6.47 29.90
C ALA Q 519 -52.54 7.54 28.80
N ALA Q 520 -53.55 7.84 27.98
CA ALA Q 520 -53.40 8.78 26.85
C ALA Q 520 -53.16 10.22 27.34
N THR Q 521 -53.82 10.49 28.48
CA THR Q 521 -53.71 11.80 29.24
C THR Q 521 -52.43 12.02 29.87
N SER Q 522 -51.87 10.94 30.45
CA SER Q 522 -50.51 10.90 30.96
C SER Q 522 -49.45 10.97 29.94
N ILE Q 523 -49.66 10.31 28.75
CA ILE Q 523 -48.72 10.38 27.67
C ILE Q 523 -48.76 11.76 27.01
N MET Q 524 -49.85 12.51 27.06
CA MET Q 524 -49.87 13.94 26.75
C MET Q 524 -49.25 14.79 27.84
N LYS Q 525 -49.20 14.40 29.14
CA LYS Q 525 -48.75 15.32 30.21
C LYS Q 525 -47.23 15.39 30.36
N ILE Q 526 -46.50 14.59 29.51
CA ILE Q 526 -45.11 14.16 29.63
C ILE Q 526 -44.35 14.57 28.44
N ASP Q 527 -43.24 15.36 28.73
CA ASP Q 527 -42.43 15.86 27.64
C ASP Q 527 -41.08 15.12 27.50
N ASP Q 528 -39.98 15.66 28.11
CA ASP Q 528 -38.66 15.20 27.84
C ASP Q 528 -38.29 13.83 28.46
N LEU Q 529 -37.05 13.40 28.04
CA LEU Q 529 -36.55 12.10 28.33
C LEU Q 529 -35.02 12.35 28.30
N ILE Q 530 -34.45 12.24 29.48
CA ILE Q 530 -33.03 12.30 29.78
C ILE Q 530 -32.42 11.03 30.58
N ALA Q 531 -31.51 10.26 30.02
CA ALA Q 531 -31.28 8.85 30.38
C ALA Q 531 -29.79 8.70 30.75
N ALA Q 532 -29.51 8.09 31.97
CA ALA Q 532 -28.13 8.00 32.45
C ALA Q 532 -27.47 6.69 31.93
N THR R 14 -31.95 -8.16 14.52
CA THR R 14 -33.38 -8.59 14.76
C THR R 14 -34.09 -8.77 13.47
N SER R 15 -34.61 -9.94 13.17
CA SER R 15 -35.31 -10.19 11.93
C SER R 15 -36.72 -9.79 12.00
N ARG R 16 -37.15 -8.89 11.14
CA ARG R 16 -38.48 -8.43 11.03
C ARG R 16 -39.12 -9.04 9.87
N ASN R 17 -40.40 -8.79 9.81
CA ASN R 17 -41.41 -9.38 8.95
C ASN R 17 -42.58 -8.39 8.59
N SER R 18 -43.15 -8.43 7.36
CA SER R 18 -44.42 -7.73 7.15
C SER R 18 -45.30 -8.26 6.05
N GLY R 19 -46.64 -8.35 6.31
CA GLY R 19 -47.54 -8.41 5.24
C GLY R 19 -47.97 -9.82 4.79
N ARG R 20 -48.23 -10.71 5.78
CA ARG R 20 -48.47 -12.19 5.79
C ARG R 20 -47.13 -12.79 5.53
N ASP R 21 -46.05 -12.09 5.84
CA ASP R 21 -44.71 -12.61 5.62
C ASP R 21 -44.40 -13.79 6.47
N ALA R 22 -44.53 -13.67 7.80
CA ALA R 22 -44.39 -14.68 8.86
C ALA R 22 -45.20 -16.00 8.63
N LEU R 23 -46.41 -15.83 8.06
CA LEU R 23 -47.33 -16.89 7.66
C LEU R 23 -46.81 -17.59 6.45
N LYS R 24 -46.22 -16.75 5.50
CA LYS R 24 -45.64 -17.37 4.32
C LYS R 24 -44.47 -18.15 4.70
N ASN R 25 -43.74 -17.76 5.83
CA ASN R 25 -42.51 -18.46 6.16
C ASN R 25 -42.78 -19.73 6.99
N ASN R 26 -43.90 -19.71 7.72
CA ASN R 26 -44.29 -20.90 8.52
C ASN R 26 -45.04 -21.87 7.62
N ILE R 27 -45.58 -21.35 6.44
CA ILE R 27 -46.16 -22.25 5.47
C ILE R 27 -44.98 -22.98 4.80
N LEU R 28 -43.92 -22.24 4.45
CA LEU R 28 -42.69 -22.74 3.75
C LEU R 28 -42.00 -23.78 4.57
N ALA R 29 -41.80 -23.61 5.93
CA ALA R 29 -41.17 -24.62 6.73
C ALA R 29 -41.93 -25.94 6.78
N ALA R 30 -43.24 -25.83 7.01
CA ALA R 30 -44.17 -26.89 6.96
C ALA R 30 -44.33 -27.58 5.63
N ARG R 31 -44.10 -26.80 4.53
CA ARG R 31 -44.21 -27.30 3.19
C ARG R 31 -42.94 -28.14 2.81
N THR R 32 -41.74 -27.73 3.34
CA THR R 32 -40.49 -28.38 3.08
C THR R 32 -40.38 -29.65 3.85
N LEU R 33 -40.84 -29.61 5.18
CA LEU R 33 -41.02 -30.81 5.95
C LEU R 33 -41.96 -31.88 5.40
N ALA R 34 -43.10 -31.45 4.81
CA ALA R 34 -43.94 -32.37 4.05
C ALA R 34 -43.29 -32.91 2.70
N GLU R 35 -42.66 -32.03 1.89
CA GLU R 35 -42.15 -32.41 0.65
C GLU R 35 -40.85 -33.27 0.79
N MET R 36 -40.31 -33.29 1.97
CA MET R 36 -39.14 -34.13 2.36
C MET R 36 -39.54 -35.54 2.88
N LEU R 37 -40.63 -35.68 3.70
CA LEU R 37 -41.23 -36.93 4.15
C LEU R 37 -42.10 -37.61 3.10
N ARG R 38 -42.51 -36.88 2.09
CA ARG R 38 -43.45 -37.48 1.10
C ARG R 38 -42.81 -38.64 0.17
N SER R 39 -41.49 -38.66 -0.17
CA SER R 39 -40.82 -39.80 -0.75
C SER R 39 -40.79 -41.06 0.09
N SER R 40 -40.89 -40.79 1.40
CA SER R 40 -40.87 -41.89 2.35
C SER R 40 -42.32 -42.26 2.85
N LEU R 41 -43.40 -41.74 2.28
CA LEU R 41 -44.82 -41.91 2.63
C LEU R 41 -45.46 -43.32 2.43
N GLY R 42 -45.52 -43.86 1.20
CA GLY R 42 -46.17 -45.11 1.01
C GLY R 42 -45.24 -46.30 1.43
N PRO R 43 -45.70 -47.52 1.44
CA PRO R 43 -44.98 -48.56 2.10
C PRO R 43 -43.90 -49.15 1.21
N LYS R 44 -43.98 -48.89 -0.11
CA LYS R 44 -42.84 -49.03 -0.99
C LYS R 44 -41.88 -47.87 -1.08
N GLY R 45 -42.07 -46.74 -0.31
CA GLY R 45 -41.36 -45.52 -0.52
C GLY R 45 -39.81 -45.57 -0.25
N LEU R 46 -39.07 -44.48 -0.29
CA LEU R 46 -37.68 -44.40 -0.05
C LEU R 46 -37.23 -44.31 1.39
N ASP R 47 -35.96 -44.73 1.73
CA ASP R 47 -35.44 -44.80 3.09
C ASP R 47 -34.37 -43.65 3.13
N LYS R 48 -34.21 -42.91 4.26
CA LYS R 48 -33.31 -41.82 4.48
C LYS R 48 -32.14 -42.22 5.26
N MET R 49 -31.09 -41.39 5.26
CA MET R 49 -29.92 -41.71 6.03
C MET R 49 -29.62 -40.56 7.00
N LEU R 50 -29.46 -40.89 8.33
CA LEU R 50 -29.41 -39.87 9.37
C LEU R 50 -28.32 -40.27 10.35
N ILE R 51 -27.26 -39.38 10.31
CA ILE R 51 -25.98 -39.60 11.02
C ILE R 51 -25.80 -38.75 12.23
N ASP R 52 -25.43 -39.38 13.36
CA ASP R 52 -25.30 -38.74 14.66
C ASP R 52 -23.93 -38.22 14.99
N SER R 53 -23.86 -37.33 16.07
CA SER R 53 -22.67 -36.69 16.64
C SER R 53 -21.68 -37.63 17.36
N PHE R 54 -22.16 -38.77 17.82
CA PHE R 54 -21.35 -39.85 18.30
C PHE R 54 -21.10 -40.82 17.18
N GLY R 55 -21.56 -40.54 15.98
CA GLY R 55 -21.17 -41.09 14.74
C GLY R 55 -22.14 -42.14 14.20
N ASP R 56 -23.04 -42.58 15.03
CA ASP R 56 -24.08 -43.55 14.69
C ASP R 56 -25.13 -43.24 13.56
N VAL R 57 -25.18 -44.14 12.50
CA VAL R 57 -26.05 -44.09 11.43
C VAL R 57 -27.34 -44.88 11.67
N THR R 58 -28.46 -44.30 11.18
CA THR R 58 -29.78 -44.81 11.35
C THR R 58 -30.42 -44.65 10.03
N ILE R 59 -30.96 -45.72 9.40
CA ILE R 59 -31.65 -45.66 8.06
C ILE R 59 -33.19 -45.96 8.35
N THR R 60 -34.07 -45.04 8.07
CA THR R 60 -35.52 -45.21 8.26
C THR R 60 -36.41 -44.47 7.16
N ASN R 61 -37.67 -44.91 7.05
CA ASN R 61 -38.68 -44.28 6.20
C ASN R 61 -39.90 -43.82 7.03
N ASP R 62 -39.98 -44.35 8.26
CA ASP R 62 -40.86 -43.84 9.34
C ASP R 62 -40.67 -42.32 9.63
N GLY R 63 -41.75 -41.53 9.63
CA GLY R 63 -41.50 -40.12 9.59
C GLY R 63 -41.37 -39.44 10.98
N ALA R 64 -41.89 -40.13 12.00
CA ALA R 64 -41.72 -39.74 13.37
C ALA R 64 -40.31 -40.17 13.83
N THR R 65 -39.75 -41.16 13.20
CA THR R 65 -38.40 -41.58 13.37
C THR R 65 -37.41 -40.71 12.65
N ILE R 66 -37.75 -40.27 11.35
CA ILE R 66 -36.88 -39.44 10.57
C ILE R 66 -36.70 -38.07 11.19
N VAL R 67 -37.80 -37.43 11.77
CA VAL R 67 -37.79 -36.24 12.61
C VAL R 67 -37.12 -36.35 13.93
N LYS R 68 -37.36 -37.43 14.64
CA LYS R 68 -36.70 -37.65 15.97
C LYS R 68 -35.13 -37.70 15.85
N GLU R 69 -34.57 -38.44 14.82
CA GLU R 69 -33.12 -38.52 14.50
C GLU R 69 -32.66 -37.26 13.87
N MET R 70 -33.42 -36.22 13.63
CA MET R 70 -32.99 -35.07 12.78
C MET R 70 -33.02 -33.75 13.53
N GLU R 71 -32.22 -32.75 13.30
CA GLU R 71 -32.29 -31.38 13.98
C GLU R 71 -33.24 -30.46 13.31
N ILE R 72 -34.27 -29.98 14.03
CA ILE R 72 -35.33 -29.14 13.52
C ILE R 72 -34.94 -27.68 13.80
N GLN R 73 -35.09 -26.80 12.76
CA GLN R 73 -34.55 -25.46 12.85
C GLN R 73 -35.48 -24.54 12.15
N HIS R 74 -36.74 -24.85 12.22
CA HIS R 74 -37.72 -23.94 11.77
C HIS R 74 -38.78 -24.04 12.78
N PRO R 75 -39.13 -23.00 13.59
CA PRO R 75 -40.09 -23.10 14.73
C PRO R 75 -41.44 -23.70 14.35
N ALA R 76 -41.93 -23.57 13.11
CA ALA R 76 -43.22 -24.23 12.85
C ALA R 76 -43.16 -25.75 12.68
N ALA R 77 -41.99 -26.30 12.31
CA ALA R 77 -41.80 -27.74 12.22
C ALA R 77 -41.61 -28.35 13.60
N LYS R 78 -41.14 -27.54 14.59
CA LYS R 78 -40.96 -27.98 15.99
C LYS R 78 -42.25 -28.24 16.67
N LEU R 79 -43.23 -27.43 16.34
CA LEU R 79 -44.62 -27.63 16.80
C LEU R 79 -45.18 -28.95 16.22
N LEU R 80 -44.99 -29.19 14.91
CA LEU R 80 -45.31 -30.37 14.16
C LEU R 80 -44.62 -31.62 14.62
N VAL R 81 -43.44 -31.67 15.21
CA VAL R 81 -42.80 -32.78 15.83
C VAL R 81 -43.49 -33.34 17.03
N GLU R 82 -44.12 -32.48 17.92
CA GLU R 82 -44.98 -32.92 19.02
C GLU R 82 -46.19 -33.70 18.61
N ALA R 83 -46.66 -33.41 17.33
CA ALA R 83 -47.88 -33.98 16.74
C ALA R 83 -47.53 -35.41 16.27
N ALA R 84 -46.25 -35.56 15.73
CA ALA R 84 -45.75 -36.81 15.30
C ALA R 84 -45.71 -37.71 16.51
N LYS R 85 -44.98 -37.30 17.59
CA LYS R 85 -45.01 -37.99 18.85
C LYS R 85 -46.27 -38.54 19.35
N ALA R 86 -47.27 -37.71 19.54
CA ALA R 86 -48.56 -38.11 20.01
C ALA R 86 -49.35 -39.09 19.13
N GLN R 87 -49.18 -38.92 17.80
CA GLN R 87 -49.73 -39.86 16.78
C GLN R 87 -48.96 -41.13 16.66
N ASP R 88 -47.66 -41.11 16.94
CA ASP R 88 -46.80 -42.25 16.73
C ASP R 88 -47.12 -43.38 17.79
N SER R 89 -47.68 -42.94 18.97
CA SER R 89 -48.02 -43.87 19.98
C SER R 89 -49.29 -44.67 19.58
N GLU R 90 -50.23 -44.16 18.84
CA GLU R 90 -51.55 -44.85 18.50
C GLU R 90 -51.68 -45.38 17.08
N VAL R 91 -50.91 -44.83 16.08
CA VAL R 91 -50.84 -45.25 14.70
C VAL R 91 -49.36 -45.31 14.23
N GLY R 92 -49.12 -46.25 13.38
CA GLY R 92 -47.76 -46.51 12.86
C GLY R 92 -47.54 -46.18 11.45
N ASP R 93 -48.55 -46.18 10.69
CA ASP R 93 -48.61 -45.79 9.24
C ASP R 93 -49.08 -44.38 8.87
N GLY R 94 -50.15 -43.93 9.52
CA GLY R 94 -50.80 -42.66 9.49
C GLY R 94 -49.85 -41.48 10.01
N THR R 95 -49.04 -41.66 11.02
CA THR R 95 -48.21 -40.52 11.44
C THR R 95 -47.23 -40.01 10.32
N THR R 96 -46.72 -40.92 9.51
CA THR R 96 -45.86 -40.50 8.34
C THR R 96 -46.71 -39.74 7.33
N SER R 97 -47.86 -40.30 7.02
CA SER R 97 -48.80 -39.72 6.10
C SER R 97 -49.43 -38.38 6.51
N ALA R 98 -49.78 -38.30 7.83
CA ALA R 98 -50.44 -37.16 8.51
C ALA R 98 -49.64 -35.82 8.45
N VAL R 99 -48.31 -35.92 8.57
CA VAL R 99 -47.39 -34.78 8.53
C VAL R 99 -47.47 -34.06 7.23
N VAL R 100 -47.55 -34.91 6.15
CA VAL R 100 -47.77 -34.48 4.78
C VAL R 100 -49.11 -33.83 4.53
N LEU R 101 -50.13 -34.40 5.16
CA LEU R 101 -51.46 -33.91 5.04
C LEU R 101 -51.79 -32.61 5.61
N ALA R 102 -51.16 -32.24 6.77
CA ALA R 102 -51.26 -30.94 7.31
C ALA R 102 -50.73 -29.95 6.32
N GLY R 103 -49.63 -30.24 5.58
CA GLY R 103 -49.07 -29.46 4.52
C GLY R 103 -49.96 -29.25 3.26
N LEU R 104 -50.72 -30.29 2.87
CA LEU R 104 -51.62 -30.24 1.71
C LEU R 104 -52.87 -29.42 1.94
N PHE R 105 -53.24 -29.22 3.24
CA PHE R 105 -54.38 -28.31 3.64
C PHE R 105 -53.87 -26.86 3.65
N LEU R 106 -52.58 -26.72 4.15
CA LEU R 106 -51.88 -25.41 4.20
C LEU R 106 -51.64 -24.81 2.82
N GLU R 107 -51.33 -25.60 1.81
CA GLU R 107 -51.15 -25.02 0.46
C GLU R 107 -52.47 -24.78 -0.44
N LYS R 108 -53.67 -25.25 -0.01
CA LYS R 108 -54.97 -24.79 -0.50
C LYS R 108 -55.27 -23.57 0.26
N ALA R 109 -54.97 -23.44 1.57
CA ALA R 109 -55.23 -22.23 2.32
C ALA R 109 -54.58 -21.00 1.78
N GLU R 110 -53.32 -21.14 1.35
CA GLU R 110 -52.57 -20.05 0.75
C GLU R 110 -53.08 -19.57 -0.57
N SER R 111 -53.60 -20.53 -1.40
CA SER R 111 -54.29 -20.22 -2.62
C SER R 111 -55.57 -19.41 -2.39
N LEU R 112 -56.41 -19.85 -1.40
CA LEU R 112 -57.49 -19.06 -0.99
C LEU R 112 -57.05 -17.64 -0.46
N VAL R 113 -55.94 -17.50 0.28
CA VAL R 113 -55.30 -16.19 0.71
C VAL R 113 -54.93 -15.39 -0.54
N ASP R 114 -54.38 -15.94 -1.66
CA ASP R 114 -54.09 -15.34 -2.96
C ASP R 114 -55.40 -14.94 -3.61
N GLN R 115 -56.47 -15.74 -3.48
CA GLN R 115 -57.78 -15.31 -3.90
C GLN R 115 -58.49 -14.36 -2.94
N ASN R 116 -57.72 -13.58 -2.13
CA ASN R 116 -58.12 -12.64 -1.16
C ASN R 116 -59.06 -13.15 -0.03
N ILE R 117 -59.06 -14.47 0.32
CA ILE R 117 -60.02 -14.95 1.24
C ILE R 117 -59.39 -14.89 2.66
N HIS R 118 -60.04 -14.23 3.62
CA HIS R 118 -59.62 -14.05 5.02
C HIS R 118 -59.48 -15.38 5.82
N PRO R 119 -58.40 -15.52 6.67
CA PRO R 119 -58.18 -16.89 7.28
C PRO R 119 -59.27 -17.46 8.16
N THR R 120 -60.07 -16.53 8.78
CA THR R 120 -61.24 -16.88 9.56
C THR R 120 -62.34 -17.65 8.82
N ILE R 121 -62.55 -17.22 7.57
CA ILE R 121 -63.44 -17.81 6.53
C ILE R 121 -62.89 -19.09 5.97
N ILE R 122 -61.53 -19.12 5.72
CA ILE R 122 -60.93 -20.37 5.26
C ILE R 122 -61.02 -21.50 6.24
N ILE R 123 -60.67 -21.23 7.55
CA ILE R 123 -61.00 -22.01 8.73
C ILE R 123 -62.42 -22.42 8.88
N GLU R 124 -63.42 -21.48 8.76
CA GLU R 124 -64.75 -21.86 8.83
C GLU R 124 -65.19 -22.85 7.69
N GLY R 125 -64.55 -22.87 6.54
CA GLY R 125 -64.89 -23.93 5.52
C GLY R 125 -64.22 -25.26 5.66
N PHE R 126 -63.00 -25.32 6.16
CA PHE R 126 -62.31 -26.54 6.49
C PHE R 126 -62.94 -27.26 7.74
N LYS R 127 -63.44 -26.49 8.76
CA LYS R 127 -64.17 -27.01 9.88
C LYS R 127 -65.50 -27.61 9.50
N LYS R 128 -66.18 -26.87 8.59
CA LYS R 128 -67.47 -27.26 8.06
C LYS R 128 -67.43 -28.50 7.25
N ALA R 129 -66.36 -28.67 6.39
CA ALA R 129 -66.07 -29.87 5.62
C ALA R 129 -65.79 -31.12 6.42
N PHE R 130 -64.97 -30.99 7.52
CA PHE R 130 -64.52 -31.99 8.51
C PHE R 130 -65.75 -32.52 9.25
N ASN R 131 -66.72 -31.64 9.66
CA ASN R 131 -68.01 -32.00 10.28
C ASN R 131 -68.91 -32.80 9.34
N LYS R 132 -68.98 -32.49 8.00
CA LYS R 132 -69.73 -33.28 6.96
C LYS R 132 -69.00 -34.62 6.89
N SER R 133 -67.64 -34.67 6.93
CA SER R 133 -66.86 -35.95 6.82
C SER R 133 -67.04 -36.91 7.91
N LEU R 134 -67.16 -36.36 9.09
CA LEU R 134 -67.44 -37.14 10.27
C LEU R 134 -68.88 -37.61 10.35
N GLU R 135 -69.92 -36.97 9.71
CA GLU R 135 -71.25 -37.52 9.67
C GLU R 135 -71.40 -38.47 8.50
N LEU R 136 -70.39 -38.53 7.67
CA LEU R 136 -70.25 -39.47 6.62
C LEU R 136 -69.48 -40.77 7.07
N LEU R 137 -68.48 -40.72 8.04
CA LEU R 137 -67.76 -41.89 8.45
C LEU R 137 -68.50 -42.91 9.29
N PRO R 138 -69.74 -42.88 9.68
CA PRO R 138 -70.37 -44.11 10.23
C PRO R 138 -71.33 -44.55 9.14
N GLN R 139 -71.79 -43.67 8.27
CA GLN R 139 -72.76 -43.90 7.24
C GLN R 139 -72.21 -44.57 5.97
N LEU R 140 -71.12 -44.07 5.44
CA LEU R 140 -70.53 -44.69 4.26
C LEU R 140 -69.44 -45.80 4.52
N ALA R 141 -69.10 -46.07 5.80
CA ALA R 141 -68.11 -46.96 6.33
C ALA R 141 -68.72 -48.31 6.70
N THR R 142 -67.92 -49.19 7.28
CA THR R 142 -68.27 -50.54 7.74
C THR R 142 -68.15 -50.82 9.24
N LYS R 143 -69.14 -51.43 9.85
CA LYS R 143 -69.06 -51.74 11.23
C LYS R 143 -69.06 -53.24 11.31
N VAL R 144 -68.00 -53.83 12.05
CA VAL R 144 -67.75 -55.22 12.15
C VAL R 144 -68.19 -55.74 13.45
N ASP R 145 -68.75 -54.95 14.37
CA ASP R 145 -69.17 -55.42 15.72
C ASP R 145 -68.10 -55.98 16.67
N VAL R 146 -68.47 -56.01 17.97
CA VAL R 146 -67.54 -56.35 19.05
C VAL R 146 -66.89 -57.64 18.96
N SER R 147 -67.56 -58.77 18.70
CA SER R 147 -66.93 -60.10 18.78
C SER R 147 -67.72 -60.95 17.93
N ASP R 148 -67.09 -62.03 17.50
CA ASP R 148 -67.76 -63.19 16.94
C ASP R 148 -67.25 -64.47 17.56
N LEU R 149 -68.10 -65.53 17.82
CA LEU R 149 -67.74 -66.93 18.24
C LEU R 149 -66.98 -66.94 19.54
N ASN R 150 -67.09 -65.89 20.45
CA ASN R 150 -66.32 -65.77 21.71
C ASN R 150 -64.86 -65.43 21.33
N SER R 151 -64.33 -64.35 21.93
CA SER R 151 -62.94 -63.86 21.74
C SER R 151 -62.51 -63.53 20.36
N ALA R 152 -63.52 -62.96 19.66
CA ALA R 152 -63.45 -62.79 18.22
C ALA R 152 -62.57 -63.75 17.36
N THR R 153 -63.04 -65.03 17.34
CA THR R 153 -62.26 -66.07 16.78
C THR R 153 -62.72 -66.43 15.38
N ALA R 154 -63.53 -65.66 14.67
CA ALA R 154 -64.06 -66.03 13.37
C ALA R 154 -63.11 -65.36 12.32
N ARG R 155 -61.89 -64.98 12.76
CA ARG R 155 -61.30 -63.64 12.63
C ARG R 155 -61.74 -62.55 11.64
N ASP R 156 -61.92 -62.84 10.34
CA ASP R 156 -62.31 -61.94 9.25
C ASP R 156 -61.66 -60.62 9.16
N ALA R 157 -62.35 -59.64 9.78
CA ALA R 157 -61.81 -58.31 9.92
C ALA R 157 -60.37 -58.12 10.55
N LEU R 158 -60.18 -58.83 11.70
CA LEU R 158 -58.97 -58.82 12.55
C LEU R 158 -57.78 -59.31 11.73
N LYS R 159 -57.95 -60.37 10.92
CA LYS R 159 -56.91 -60.92 9.97
C LYS R 159 -56.54 -59.83 8.88
N LYS R 160 -57.54 -59.12 8.30
CA LYS R 160 -57.33 -58.18 7.25
C LYS R 160 -56.55 -56.89 7.61
N ILE R 161 -56.70 -56.43 8.83
CA ILE R 161 -55.95 -55.31 9.36
C ILE R 161 -54.53 -55.62 9.88
N VAL R 162 -54.40 -56.85 10.42
CA VAL R 162 -53.15 -57.48 10.93
C VAL R 162 -52.29 -57.92 9.73
N TYR R 163 -52.90 -58.45 8.64
CA TYR R 163 -52.27 -58.70 7.40
C TYR R 163 -51.86 -57.46 6.63
N THR R 164 -52.73 -56.43 6.62
CA THR R 164 -52.50 -55.09 6.02
C THR R 164 -51.50 -54.30 6.61
N THR R 165 -51.39 -54.25 8.00
CA THR R 165 -50.31 -53.55 8.66
C THR R 165 -48.98 -54.15 8.34
N MET R 166 -48.86 -55.54 8.38
CA MET R 166 -47.66 -56.30 8.03
C MET R 166 -47.26 -56.12 6.63
N SER R 167 -48.18 -56.17 5.70
CA SER R 167 -47.80 -55.94 4.29
C SER R 167 -47.29 -54.58 4.04
N SER R 168 -47.86 -53.52 4.71
CA SER R 168 -47.36 -52.18 4.67
C SER R 168 -46.00 -52.03 5.24
N LYS R 169 -45.67 -52.64 6.34
CA LYS R 169 -44.26 -52.60 6.86
C LYS R 169 -43.12 -53.51 6.28
N PHE R 170 -43.34 -54.32 5.28
CA PHE R 170 -42.25 -55.11 4.71
C PHE R 170 -42.43 -55.48 3.31
N MET R 171 -43.71 -55.48 2.73
CA MET R 171 -44.06 -55.71 1.30
C MET R 171 -43.43 -56.95 0.69
N ALA R 172 -43.27 -57.98 1.46
CA ALA R 172 -42.63 -59.19 1.07
C ALA R 172 -43.70 -60.42 1.20
N GLU R 173 -43.16 -61.67 1.47
CA GLU R 173 -43.96 -62.88 1.74
C GLU R 173 -44.45 -62.87 3.19
N GLY R 174 -43.82 -63.63 4.09
CA GLY R 174 -44.14 -63.71 5.52
C GLY R 174 -45.54 -64.28 5.88
N GLU R 175 -46.19 -65.07 4.99
CA GLU R 175 -47.49 -65.65 5.24
C GLU R 175 -47.48 -66.58 6.43
N GLU R 176 -46.44 -67.46 6.65
CA GLU R 176 -46.28 -68.34 7.69
C GLU R 176 -45.89 -67.71 9.06
N LEU R 177 -45.63 -66.40 9.07
CA LEU R 177 -45.20 -65.52 10.17
C LEU R 177 -46.54 -64.87 10.62
N ASN R 178 -47.35 -64.49 9.64
CA ASN R 178 -48.57 -63.82 9.79
C ASN R 178 -49.45 -64.75 10.58
N LYS R 179 -49.48 -66.05 10.29
CA LYS R 179 -50.31 -66.99 11.00
C LYS R 179 -49.95 -67.10 12.51
N ILE R 180 -48.62 -67.10 12.82
CA ILE R 180 -48.09 -67.05 14.14
C ILE R 180 -48.35 -65.74 14.86
N MET R 181 -48.21 -64.55 14.13
CA MET R 181 -48.48 -63.25 14.65
C MET R 181 -49.91 -62.99 15.08
N ASP R 182 -50.85 -63.49 14.20
CA ASP R 182 -52.27 -63.59 14.40
C ASP R 182 -52.58 -64.55 15.59
N ILE R 183 -51.98 -65.72 15.79
CA ILE R 183 -52.27 -66.58 16.96
C ILE R 183 -51.85 -65.85 18.22
N VAL R 184 -50.70 -65.16 18.31
CA VAL R 184 -50.33 -64.43 19.53
C VAL R 184 -51.37 -63.31 19.71
N ILE R 185 -51.81 -62.62 18.63
CA ILE R 185 -52.75 -61.52 18.67
C ILE R 185 -54.10 -61.97 19.21
N ASP R 186 -54.55 -63.19 18.81
CA ASP R 186 -55.81 -63.82 19.21
C ASP R 186 -55.74 -64.12 20.71
N ALA R 187 -54.55 -64.60 21.12
CA ALA R 187 -54.33 -64.68 22.58
C ALA R 187 -54.39 -63.38 23.41
N VAL R 188 -53.77 -62.34 22.80
CA VAL R 188 -53.90 -60.99 23.37
C VAL R 188 -55.36 -60.47 23.39
N THR R 189 -56.24 -60.64 22.34
CA THR R 189 -57.67 -60.18 22.44
C THR R 189 -58.47 -60.79 23.55
N THR R 190 -58.28 -62.10 23.88
CA THR R 190 -58.87 -62.79 25.03
C THR R 190 -58.60 -62.01 26.32
N VAL R 191 -57.39 -61.44 26.58
CA VAL R 191 -57.05 -60.62 27.76
C VAL R 191 -57.87 -59.34 27.89
N ALA R 192 -57.74 -58.34 26.99
CA ALA R 192 -58.82 -57.44 26.69
C ALA R 192 -60.21 -57.55 27.29
N GLU R 193 -61.13 -58.26 26.62
CA GLU R 193 -62.58 -58.57 26.89
C GLU R 193 -63.48 -57.38 26.86
N PRO R 194 -64.76 -57.46 26.54
CA PRO R 194 -65.39 -56.28 25.96
C PRO R 194 -66.14 -55.45 26.97
N LEU R 195 -66.62 -54.25 26.60
CA LEU R 195 -67.26 -53.34 27.48
C LEU R 195 -68.62 -53.15 26.82
N PRO R 196 -69.72 -53.07 27.50
CA PRO R 196 -71.03 -52.79 26.92
C PRO R 196 -71.17 -51.54 26.12
N ASP R 197 -70.37 -50.47 26.31
CA ASP R 197 -69.93 -49.48 25.33
C ASP R 197 -69.58 -49.96 23.92
N GLY R 198 -68.68 -50.99 23.76
CA GLY R 198 -68.16 -51.51 22.58
C GLY R 198 -66.69 -51.18 22.38
N GLY R 199 -66.03 -50.61 23.40
CA GLY R 199 -64.58 -50.78 23.49
C GLY R 199 -64.15 -52.05 24.19
N TYR R 200 -62.91 -52.13 24.60
CA TYR R 200 -62.32 -53.33 25.18
C TYR R 200 -61.45 -52.92 26.37
N ASN R 201 -61.15 -53.77 27.40
CA ASN R 201 -60.33 -53.38 28.61
C ASN R 201 -58.84 -53.63 28.32
N VAL R 202 -58.36 -53.26 27.07
CA VAL R 202 -57.01 -53.45 26.60
C VAL R 202 -55.97 -52.71 27.43
N SER R 203 -54.92 -53.37 27.80
CA SER R 203 -53.90 -52.70 28.51
C SER R 203 -52.69 -52.87 27.53
N LEU R 204 -52.21 -51.81 26.83
CA LEU R 204 -50.93 -51.85 26.12
C LEU R 204 -49.87 -51.26 27.06
N ASP R 205 -50.29 -50.83 28.23
CA ASP R 205 -49.48 -50.38 29.39
C ASP R 205 -48.83 -51.51 30.11
N LEU R 206 -49.58 -52.53 30.33
CA LEU R 206 -49.12 -53.70 31.09
C LEU R 206 -48.64 -54.91 30.32
N ILE R 207 -48.51 -54.72 29.03
CA ILE R 207 -48.04 -55.71 28.12
C ILE R 207 -46.54 -55.79 28.03
N LYS R 208 -45.99 -57.01 28.02
CA LYS R 208 -44.59 -57.25 28.16
C LYS R 208 -44.22 -58.35 27.24
N ILE R 209 -43.18 -58.13 26.39
CA ILE R 209 -42.67 -59.14 25.50
C ILE R 209 -41.21 -59.42 25.75
N ASP R 210 -40.80 -60.62 25.93
CA ASP R 210 -39.42 -60.95 26.12
C ASP R 210 -39.00 -61.67 24.85
N LYS R 211 -37.95 -61.24 24.07
CA LYS R 211 -37.56 -62.01 22.89
C LYS R 211 -36.19 -62.68 23.29
N LYS R 212 -36.08 -64.00 23.06
CA LYS R 212 -34.96 -64.85 23.41
C LYS R 212 -34.34 -65.73 22.33
N LYS R 213 -33.06 -65.87 22.22
CA LYS R 213 -32.33 -66.61 21.20
C LYS R 213 -32.53 -68.07 21.30
N GLY R 214 -32.46 -68.85 20.20
CA GLY R 214 -32.09 -70.29 20.15
C GLY R 214 -33.13 -71.23 19.52
N GLY R 215 -34.23 -70.72 19.01
CA GLY R 215 -35.34 -71.53 18.46
C GLY R 215 -36.06 -70.91 17.27
N THR R 216 -37.37 -70.81 17.31
CA THR R 216 -38.26 -70.54 16.14
C THR R 216 -39.25 -69.54 16.45
N ILE R 217 -39.82 -68.74 15.54
CA ILE R 217 -40.89 -67.79 15.87
C ILE R 217 -42.15 -68.52 16.23
N GLU R 218 -42.52 -69.67 15.61
CA GLU R 218 -43.48 -70.62 16.06
C GLU R 218 -43.40 -71.19 17.47
N ASP R 219 -42.23 -70.99 18.15
CA ASP R 219 -41.95 -71.38 19.53
C ASP R 219 -42.23 -70.21 20.52
N SER R 220 -42.84 -69.12 20.04
CA SER R 220 -43.46 -68.09 20.85
C SER R 220 -44.81 -68.51 21.38
N GLN R 221 -44.98 -68.02 22.63
CA GLN R 221 -46.09 -68.47 23.50
C GLN R 221 -46.42 -67.28 24.33
N LEU R 222 -47.70 -67.28 24.72
CA LEU R 222 -48.26 -66.42 25.77
C LEU R 222 -47.86 -67.02 27.15
N ILE R 223 -47.71 -66.13 28.19
CA ILE R 223 -47.55 -66.50 29.58
C ILE R 223 -48.60 -65.89 30.45
N ARG R 224 -49.25 -66.65 31.34
CA ARG R 224 -50.24 -66.17 32.32
C ARG R 224 -49.63 -65.55 33.59
N GLY R 225 -48.80 -64.51 33.44
CA GLY R 225 -48.19 -63.89 34.61
C GLY R 225 -46.99 -63.06 34.06
N ILE R 226 -45.99 -62.73 34.89
CA ILE R 226 -44.73 -62.02 34.44
C ILE R 226 -43.48 -62.95 34.44
N VAL R 227 -42.61 -62.76 33.40
CA VAL R 227 -41.29 -63.39 33.34
C VAL R 227 -40.15 -62.37 33.59
N LEU R 228 -39.26 -62.79 34.50
CA LEU R 228 -38.13 -62.11 34.90
C LEU R 228 -36.95 -62.64 34.24
N ASP R 229 -36.20 -61.75 33.47
CA ASP R 229 -34.98 -62.04 32.86
C ASP R 229 -33.73 -62.32 33.73
N LYS R 230 -33.74 -61.76 34.94
CA LYS R 230 -32.72 -61.83 35.96
C LYS R 230 -32.51 -63.27 36.52
N GLU R 231 -31.42 -63.44 37.35
CA GLU R 231 -31.00 -64.67 37.93
C GLU R 231 -31.80 -65.01 39.18
N VAL R 232 -31.85 -66.27 39.71
CA VAL R 232 -32.04 -66.66 41.11
C VAL R 232 -30.68 -66.99 41.75
N VAL R 233 -29.77 -66.04 41.78
CA VAL R 233 -28.70 -65.72 42.71
C VAL R 233 -27.80 -66.82 43.30
N HIS R 234 -27.48 -66.76 44.62
CA HIS R 234 -27.04 -67.96 45.39
C HIS R 234 -27.55 -69.37 44.93
N ALA R 235 -26.65 -70.37 44.71
CA ALA R 235 -27.07 -71.78 44.44
C ALA R 235 -28.00 -72.33 45.49
N GLY R 236 -27.89 -71.99 46.79
CA GLY R 236 -28.66 -72.77 47.79
C GLY R 236 -30.20 -72.49 47.78
N MET R 237 -30.71 -71.49 47.01
CA MET R 237 -32.06 -71.04 46.67
C MET R 237 -32.79 -72.11 45.91
N PRO R 238 -34.13 -72.48 46.10
CA PRO R 238 -34.94 -73.38 45.25
C PRO R 238 -34.94 -72.99 43.79
N ARG R 239 -35.16 -73.93 42.88
CA ARG R 239 -35.34 -73.70 41.46
C ARG R 239 -36.82 -73.70 41.06
N ARG R 240 -37.76 -74.06 41.93
CA ARG R 240 -39.20 -74.13 41.81
C ARG R 240 -39.92 -73.87 43.14
N VAL R 241 -40.97 -73.06 43.14
CA VAL R 241 -41.85 -72.76 44.30
C VAL R 241 -43.26 -73.02 43.76
N GLU R 242 -44.04 -73.81 44.50
CA GLU R 242 -45.41 -74.12 44.20
C GLU R 242 -46.28 -73.47 45.20
N LYS R 243 -47.31 -72.76 44.71
CA LYS R 243 -48.28 -71.98 45.54
C LYS R 243 -47.70 -70.87 46.37
N ALA R 244 -47.09 -69.91 45.60
CA ALA R 244 -46.27 -68.81 46.00
C ALA R 244 -46.96 -67.54 46.63
N LYS R 245 -46.46 -67.20 47.83
CA LYS R 245 -46.84 -65.96 48.46
C LYS R 245 -45.65 -64.98 48.16
N ILE R 246 -45.79 -63.94 47.37
CA ILE R 246 -44.77 -63.10 46.84
C ILE R 246 -44.75 -61.78 47.62
N ALA R 247 -43.57 -61.44 48.26
CA ALA R 247 -43.30 -60.15 48.82
C ALA R 247 -42.48 -59.38 47.74
N VAL R 248 -42.75 -58.09 47.60
CA VAL R 248 -42.07 -57.10 46.81
C VAL R 248 -41.46 -56.06 47.82
N LEU R 249 -40.13 -55.76 47.70
CA LEU R 249 -39.44 -54.85 48.52
C LEU R 249 -38.70 -53.77 47.90
N ASP R 250 -38.96 -52.52 48.34
CA ASP R 250 -38.39 -51.25 47.79
C ASP R 250 -36.95 -51.12 48.24
N ALA R 251 -36.73 -51.34 49.54
CA ALA R 251 -35.39 -51.19 50.14
C ALA R 251 -34.56 -52.40 49.84
N SER R 252 -33.25 -52.25 49.91
CA SER R 252 -32.25 -53.27 49.88
C SER R 252 -32.45 -54.37 50.89
N LEU R 253 -32.00 -55.57 50.65
CA LEU R 253 -31.70 -56.45 51.74
C LEU R 253 -30.22 -56.52 52.03
N GLU R 254 -29.68 -55.22 52.20
CA GLU R 254 -28.39 -54.78 52.56
C GLU R 254 -28.75 -53.90 53.71
N VAL R 255 -27.97 -54.06 54.84
CA VAL R 255 -28.03 -53.27 56.01
C VAL R 255 -27.93 -51.78 55.73
N GLU R 256 -28.94 -51.15 56.31
CA GLU R 256 -29.23 -49.74 56.02
C GLU R 256 -28.44 -48.81 56.93
N LYS R 257 -27.89 -47.60 56.45
CA LYS R 257 -27.09 -46.74 57.25
C LYS R 257 -27.91 -46.20 58.47
N PRO R 258 -27.22 -46.05 59.61
CA PRO R 258 -27.94 -45.57 60.73
C PRO R 258 -28.58 -44.17 60.65
N GLU R 259 -29.39 -43.74 61.65
CA GLU R 259 -30.08 -42.43 61.57
C GLU R 259 -29.16 -41.23 61.54
N ILE R 260 -28.08 -41.21 62.28
CA ILE R 260 -27.11 -40.19 62.41
C ILE R 260 -25.93 -40.99 62.16
N SER R 261 -25.01 -40.53 61.36
CA SER R 261 -24.32 -41.47 60.49
C SER R 261 -22.89 -40.89 60.29
N ALA R 262 -21.88 -41.78 60.37
CA ALA R 262 -20.53 -41.24 60.19
C ALA R 262 -19.68 -42.45 59.81
N LYS R 263 -18.52 -42.29 59.21
CA LYS R 263 -17.67 -43.40 58.90
C LYS R 263 -16.65 -43.57 60.00
N ILE R 264 -16.58 -44.76 60.55
CA ILE R 264 -15.65 -45.05 61.60
C ILE R 264 -14.47 -45.71 60.92
N SER R 265 -13.28 -45.04 60.85
CA SER R 265 -12.09 -45.66 60.21
C SER R 265 -11.40 -46.71 61.08
N ILE R 266 -11.34 -47.98 60.68
CA ILE R 266 -10.88 -49.08 61.53
C ILE R 266 -9.67 -49.81 61.07
N THR R 267 -8.57 -49.89 61.91
CA THR R 267 -7.40 -50.82 61.64
C THR R 267 -7.09 -51.84 62.72
N SER R 268 -7.45 -51.65 64.00
CA SER R 268 -7.94 -52.66 64.89
C SER R 268 -8.93 -53.69 64.33
N PRO R 269 -8.30 -54.84 64.01
CA PRO R 269 -8.84 -55.75 63.03
C PRO R 269 -10.02 -56.49 63.54
N ASP R 270 -10.02 -56.82 64.83
CA ASP R 270 -11.09 -57.48 65.50
C ASP R 270 -12.32 -56.58 65.53
N GLN R 271 -12.24 -55.21 65.52
CA GLN R 271 -13.35 -54.28 65.48
C GLN R 271 -13.95 -54.01 64.10
N ILE R 272 -13.21 -54.39 63.06
CA ILE R 272 -13.81 -54.50 61.78
C ILE R 272 -14.67 -55.75 61.72
N LYS R 273 -14.33 -56.82 62.36
CA LYS R 273 -15.09 -58.05 62.47
C LYS R 273 -16.34 -57.97 63.27
N ALA R 274 -16.30 -57.01 64.28
CA ALA R 274 -17.45 -56.81 65.25
C ALA R 274 -18.52 -55.98 64.68
N PHE R 275 -18.08 -55.17 63.68
CA PHE R 275 -19.00 -54.55 62.71
C PHE R 275 -19.67 -55.44 61.68
N LEU R 276 -18.85 -56.48 61.15
CA LEU R 276 -19.30 -57.42 60.17
C LEU R 276 -20.26 -58.40 60.77
N ASP R 277 -19.95 -58.89 62.02
CA ASP R 277 -20.83 -59.78 62.76
C ASP R 277 -22.09 -59.03 63.25
N GLU R 278 -22.08 -57.65 63.48
CA GLU R 278 -23.33 -56.93 63.69
C GLU R 278 -24.12 -56.97 62.41
N GLU R 279 -23.50 -56.86 61.21
CA GLU R 279 -24.19 -56.61 59.93
C GLU R 279 -24.81 -57.92 59.45
N ALA R 280 -24.28 -59.10 59.89
CA ALA R 280 -24.89 -60.35 59.57
C ALA R 280 -26.05 -60.66 60.50
N LYS R 281 -26.00 -60.11 61.75
CA LYS R 281 -27.17 -60.20 62.61
C LYS R 281 -28.33 -59.20 62.45
N TYR R 282 -28.03 -58.06 61.69
CA TYR R 282 -29.18 -57.25 61.21
C TYR R 282 -29.77 -57.98 60.05
N LEU R 283 -28.95 -58.58 59.20
CA LEU R 283 -29.41 -59.18 58.03
C LEU R 283 -30.33 -60.43 58.31
N LYS R 284 -29.97 -61.22 59.37
CA LYS R 284 -30.76 -62.38 59.79
C LYS R 284 -31.99 -61.88 60.47
N ASP R 285 -32.01 -60.63 61.06
CA ASP R 285 -33.21 -60.04 61.56
C ASP R 285 -34.23 -59.66 60.36
N MET R 286 -33.74 -58.87 59.37
CA MET R 286 -34.37 -58.53 58.14
C MET R 286 -34.99 -59.84 57.45
N VAL R 287 -34.29 -60.93 57.37
CA VAL R 287 -34.67 -62.24 56.78
C VAL R 287 -35.78 -62.96 57.59
N ASP R 288 -35.59 -62.96 58.94
CA ASP R 288 -36.58 -63.52 59.85
C ASP R 288 -37.90 -62.82 59.82
N LYS R 289 -37.95 -61.47 59.53
CA LYS R 289 -39.18 -60.74 59.40
C LYS R 289 -39.88 -61.18 58.12
N LEU R 290 -39.20 -61.28 56.93
CA LEU R 290 -39.85 -61.74 55.62
C LEU R 290 -40.38 -63.21 55.81
N ALA R 291 -39.57 -64.02 56.44
CA ALA R 291 -39.89 -65.43 56.78
C ALA R 291 -41.06 -65.70 57.82
N SER R 292 -41.22 -64.63 58.71
CA SER R 292 -42.32 -64.57 59.70
C SER R 292 -43.59 -64.29 59.09
N ILE R 293 -43.59 -63.41 58.05
CA ILE R 293 -44.86 -63.18 57.21
C ILE R 293 -45.36 -64.49 56.51
N GLY R 294 -44.37 -65.38 56.25
CA GLY R 294 -44.61 -66.62 55.58
C GLY R 294 -44.33 -66.55 54.16
N ALA R 295 -43.40 -65.59 53.74
CA ALA R 295 -42.93 -65.37 52.41
C ALA R 295 -42.37 -66.64 51.74
N ASN R 296 -42.60 -66.71 50.47
CA ASN R 296 -42.16 -67.96 49.74
C ASN R 296 -41.23 -67.60 48.60
N VAL R 297 -41.68 -66.59 47.84
CA VAL R 297 -40.84 -65.89 46.95
C VAL R 297 -40.66 -64.47 47.47
N VAL R 298 -39.56 -63.73 47.10
CA VAL R 298 -39.29 -62.34 47.39
C VAL R 298 -38.70 -61.70 46.19
N ILE R 299 -39.08 -60.41 45.97
CA ILE R 299 -38.47 -59.56 44.99
C ILE R 299 -37.88 -58.42 45.84
N CYS R 300 -36.61 -58.09 45.64
CA CYS R 300 -35.96 -57.03 46.30
C CYS R 300 -35.33 -56.11 45.27
N GLN R 301 -35.76 -54.86 45.24
CA GLN R 301 -35.53 -54.04 44.03
C GLN R 301 -34.10 -53.47 43.94
N LYS R 302 -33.25 -53.69 44.93
CA LYS R 302 -31.83 -53.34 44.89
C LYS R 302 -31.14 -54.61 45.11
N GLY R 303 -29.81 -54.53 45.43
CA GLY R 303 -29.07 -55.62 46.10
C GLY R 303 -29.75 -56.40 47.15
N ILE R 304 -29.28 -57.65 47.27
CA ILE R 304 -29.40 -58.52 48.41
C ILE R 304 -28.01 -59.03 48.62
N ASP R 305 -27.39 -58.84 49.77
CA ASP R 305 -26.01 -59.19 50.16
C ASP R 305 -25.90 -60.75 50.16
N ASP R 306 -24.75 -61.34 49.91
CA ASP R 306 -24.47 -62.74 49.88
C ASP R 306 -24.79 -63.52 51.13
N ILE R 307 -24.41 -63.01 52.32
CA ILE R 307 -24.80 -63.55 53.61
C ILE R 307 -26.36 -63.61 53.78
N ALA R 308 -27.03 -62.52 53.42
CA ALA R 308 -28.41 -62.41 53.50
C ALA R 308 -29.24 -63.35 52.49
N GLN R 309 -28.63 -63.69 51.30
CA GLN R 309 -29.15 -64.65 50.35
C GLN R 309 -28.94 -66.03 50.86
N HIS R 310 -27.81 -66.22 51.60
CA HIS R 310 -27.56 -67.50 52.35
C HIS R 310 -28.61 -67.68 53.42
N PHE R 311 -28.95 -66.60 54.18
CA PHE R 311 -29.93 -66.62 55.22
C PHE R 311 -31.38 -66.79 54.69
N LEU R 312 -31.70 -66.28 53.40
CA LEU R 312 -33.03 -66.38 52.72
C LEU R 312 -33.20 -67.87 52.32
N ALA R 313 -32.11 -68.55 51.90
CA ALA R 313 -32.09 -69.93 51.43
C ALA R 313 -32.32 -70.91 52.62
N LYS R 314 -31.67 -70.51 53.79
CA LYS R 314 -31.94 -71.22 55.08
C LYS R 314 -33.47 -71.11 55.52
N ARG R 315 -34.09 -69.97 55.42
CA ARG R 315 -35.50 -69.76 55.71
C ARG R 315 -36.42 -70.32 54.59
N GLY R 316 -35.86 -70.82 53.43
CA GLY R 316 -36.67 -71.58 52.49
C GLY R 316 -37.41 -70.75 51.51
N ILE R 317 -36.88 -69.55 51.13
CA ILE R 317 -37.44 -68.54 50.24
C ILE R 317 -36.53 -68.43 48.95
N LEU R 318 -37.21 -68.30 47.79
CA LEU R 318 -36.60 -68.11 46.51
C LEU R 318 -36.67 -66.58 46.22
N ALA R 319 -35.45 -65.93 46.24
CA ALA R 319 -35.42 -64.54 46.01
C ALA R 319 -34.80 -64.08 44.63
N VAL R 320 -35.35 -62.98 43.99
CA VAL R 320 -34.81 -62.38 42.86
C VAL R 320 -34.50 -60.96 43.32
N ARG R 321 -33.36 -60.37 42.82
CA ARG R 321 -32.99 -59.03 43.15
C ARG R 321 -33.45 -57.98 42.12
N ARG R 322 -32.56 -57.06 41.82
CA ARG R 322 -32.66 -55.91 40.89
C ARG R 322 -33.52 -55.92 39.63
N VAL R 323 -34.87 -56.04 39.89
CA VAL R 323 -35.91 -56.09 38.85
C VAL R 323 -36.30 -54.67 38.59
N LYS R 324 -36.40 -54.37 37.31
CA LYS R 324 -36.73 -52.97 36.93
C LYS R 324 -38.13 -52.39 37.15
N ARG R 325 -38.41 -51.05 37.35
CA ARG R 325 -39.67 -50.39 37.74
C ARG R 325 -40.84 -50.82 36.92
N SER R 326 -40.70 -51.03 35.60
CA SER R 326 -41.75 -51.49 34.72
C SER R 326 -42.22 -52.86 34.93
N ASP R 327 -41.24 -53.82 35.17
CA ASP R 327 -41.53 -55.20 35.54
C ASP R 327 -42.10 -55.27 37.01
N ILE R 328 -41.68 -54.35 37.83
CA ILE R 328 -42.22 -54.25 39.23
C ILE R 328 -43.67 -53.79 39.32
N GLU R 329 -44.09 -52.80 38.42
CA GLU R 329 -45.52 -52.37 38.26
C GLU R 329 -46.40 -53.48 37.70
N LYS R 330 -45.91 -54.30 36.74
CA LYS R 330 -46.68 -55.37 36.09
C LYS R 330 -46.83 -56.54 37.04
N LEU R 331 -45.75 -56.75 37.84
CA LEU R 331 -45.69 -57.82 38.83
C LEU R 331 -46.69 -57.39 40.01
N GLU R 332 -46.78 -56.06 40.31
CA GLU R 332 -47.78 -55.53 41.27
C GLU R 332 -49.16 -55.77 40.87
N LYS R 333 -49.57 -55.22 39.74
CA LYS R 333 -50.94 -55.36 39.09
C LYS R 333 -51.47 -56.72 38.83
N ALA R 334 -50.60 -57.69 38.43
CA ALA R 334 -51.05 -58.99 38.09
C ALA R 334 -51.15 -59.95 39.31
N LEU R 335 -50.41 -59.75 40.38
CA LEU R 335 -50.52 -60.77 41.43
C LEU R 335 -51.36 -60.39 42.61
N GLY R 336 -51.93 -59.18 42.66
CA GLY R 336 -52.53 -58.61 43.89
C GLY R 336 -51.49 -58.36 44.98
N ALA R 337 -50.28 -57.94 44.44
CA ALA R 337 -49.19 -57.51 45.25
C ALA R 337 -48.90 -56.09 45.40
N ARG R 338 -48.11 -55.74 46.39
CA ARG R 338 -47.89 -54.35 46.72
C ARG R 338 -46.44 -54.24 47.10
N ILE R 339 -45.67 -53.22 46.65
CA ILE R 339 -44.39 -52.75 47.21
C ILE R 339 -44.45 -52.37 48.64
N ILE R 340 -43.61 -52.88 49.50
CA ILE R 340 -43.53 -52.61 50.92
C ILE R 340 -42.50 -51.52 51.20
N SER R 341 -42.90 -50.48 51.95
CA SER R 341 -41.94 -49.49 52.36
C SER R 341 -41.00 -49.98 53.46
N SER R 342 -41.50 -50.63 54.50
CA SER R 342 -40.74 -50.99 55.67
C SER R 342 -40.78 -52.48 55.83
N ILE R 343 -39.68 -53.14 55.52
CA ILE R 343 -39.43 -54.53 55.74
C ILE R 343 -39.51 -55.04 57.23
N LYS R 344 -39.05 -54.17 58.02
CA LYS R 344 -38.98 -54.35 59.46
C LYS R 344 -40.19 -54.62 60.27
N ASP R 345 -41.34 -53.93 59.97
CA ASP R 345 -42.60 -54.11 60.58
C ASP R 345 -43.37 -55.42 60.10
N ALA R 346 -42.79 -56.20 59.17
CA ALA R 346 -43.24 -57.48 58.69
C ALA R 346 -44.75 -57.55 58.33
N THR R 347 -45.16 -56.80 57.36
CA THR R 347 -46.53 -56.28 57.18
C THR R 347 -47.43 -57.06 56.30
N PRO R 348 -48.68 -57.38 56.56
CA PRO R 348 -48.94 -58.84 56.56
C PRO R 348 -49.97 -58.98 55.44
N GLU R 349 -50.48 -57.94 54.74
CA GLU R 349 -51.31 -58.13 53.57
C GLU R 349 -50.84 -57.49 52.24
N ASP R 350 -49.61 -56.95 52.22
CA ASP R 350 -48.97 -56.30 51.04
C ASP R 350 -48.61 -57.38 50.01
N LEU R 351 -48.73 -58.64 50.37
CA LEU R 351 -48.02 -59.78 49.71
C LEU R 351 -49.06 -60.37 48.71
N GLY R 352 -48.66 -60.79 47.47
CA GLY R 352 -49.52 -61.34 46.43
C GLY R 352 -49.39 -62.82 46.21
N TYR R 353 -50.15 -63.37 45.27
CA TYR R 353 -50.23 -64.89 45.08
C TYR R 353 -50.14 -65.35 43.59
N ALA R 354 -49.28 -66.34 43.38
CA ALA R 354 -48.98 -67.00 42.13
C ALA R 354 -49.14 -68.56 42.31
N GLU R 355 -49.65 -69.37 41.32
CA GLU R 355 -49.67 -70.84 41.33
C GLU R 355 -48.31 -71.49 41.36
N LEU R 356 -47.32 -70.88 40.64
CA LEU R 356 -45.95 -71.35 40.69
C LEU R 356 -45.00 -70.24 40.33
N VAL R 357 -43.71 -70.41 40.62
CA VAL R 357 -42.59 -69.58 40.22
C VAL R 357 -41.51 -70.63 39.97
N GLU R 358 -40.89 -70.67 38.73
CA GLU R 358 -39.67 -71.55 38.51
C GLU R 358 -38.57 -70.83 37.68
N GLU R 359 -37.31 -71.44 37.80
CA GLU R 359 -36.16 -71.20 36.88
C GLU R 359 -36.14 -72.16 35.73
N ARG R 360 -36.02 -71.68 34.51
CA ARG R 360 -36.08 -72.31 33.20
C ARG R 360 -34.87 -71.79 32.37
N LYS R 361 -34.21 -72.65 31.59
CA LYS R 361 -33.18 -72.21 30.62
C LYS R 361 -33.90 -71.84 29.35
N VAL R 362 -33.65 -70.71 28.77
CA VAL R 362 -34.10 -70.37 27.43
C VAL R 362 -32.92 -70.03 26.54
N GLY R 363 -32.65 -70.75 25.35
CA GLY R 363 -31.43 -70.56 24.64
C GLY R 363 -30.30 -71.05 25.54
N ASN R 364 -29.38 -70.22 25.94
CA ASN R 364 -28.34 -70.54 26.88
C ASN R 364 -28.55 -69.68 28.13
N ASP R 365 -29.55 -68.74 28.17
CA ASP R 365 -29.86 -67.82 29.27
C ASP R 365 -30.63 -68.61 30.25
N LYS R 366 -30.37 -68.39 31.54
CA LYS R 366 -31.34 -68.67 32.60
C LYS R 366 -32.45 -67.66 32.73
N MET R 367 -33.69 -68.09 33.20
CA MET R 367 -34.85 -67.16 33.22
C MET R 367 -35.94 -67.57 34.25
N VAL R 368 -36.53 -66.60 34.97
CA VAL R 368 -37.34 -66.91 36.12
C VAL R 368 -38.77 -66.58 35.78
N PHE R 369 -39.80 -67.48 35.86
CA PHE R 369 -41.12 -67.15 35.30
C PHE R 369 -42.12 -67.17 36.48
N ILE R 370 -42.95 -66.12 36.56
CA ILE R 370 -43.96 -66.05 37.57
C ILE R 370 -45.28 -66.30 36.81
N GLU R 371 -46.04 -67.34 37.22
CA GLU R 371 -47.19 -67.59 36.45
C GLU R 371 -48.26 -68.21 37.33
N GLY R 372 -49.54 -68.10 36.76
CA GLY R 372 -50.74 -68.59 37.42
C GLY R 372 -51.43 -67.57 38.17
N ALA R 373 -51.85 -66.48 37.59
CA ALA R 373 -52.20 -65.25 38.25
C ALA R 373 -53.73 -65.09 37.98
N LYS R 374 -54.69 -65.01 38.94
CA LYS R 374 -56.12 -64.94 38.81
C LYS R 374 -56.56 -63.76 37.96
N ASN R 375 -56.80 -63.91 36.62
CA ASN R 375 -57.45 -62.88 35.73
C ASN R 375 -56.67 -61.57 35.58
N PRO R 376 -55.42 -61.45 35.22
CA PRO R 376 -54.80 -60.16 35.00
C PRO R 376 -55.09 -59.60 33.58
N LYS R 377 -54.96 -58.27 33.47
CA LYS R 377 -54.76 -57.56 32.20
C LYS R 377 -53.30 -57.48 31.80
N ALA R 378 -52.48 -57.89 32.77
CA ALA R 378 -51.08 -57.91 32.56
C ALA R 378 -50.56 -59.27 32.19
N VAL R 379 -50.11 -59.32 30.97
CA VAL R 379 -49.66 -60.58 30.37
C VAL R 379 -48.33 -60.37 29.86
N ASN R 380 -47.61 -61.49 29.66
CA ASN R 380 -46.25 -61.55 29.21
C ASN R 380 -46.15 -62.43 28.00
N ILE R 381 -45.47 -62.08 26.94
CA ILE R 381 -45.35 -62.92 25.68
C ILE R 381 -43.88 -63.34 25.57
N LEU R 382 -43.61 -64.60 25.41
CA LEU R 382 -42.27 -65.08 25.25
C LEU R 382 -42.04 -65.38 23.74
N LEU R 383 -41.03 -64.67 23.13
CA LEU R 383 -40.79 -64.74 21.69
C LEU R 383 -39.47 -65.33 21.32
N ARG R 384 -39.45 -66.56 20.82
CA ARG R 384 -38.18 -67.30 20.49
C ARG R 384 -38.01 -67.14 18.99
N GLY R 385 -36.73 -67.31 18.57
CA GLY R 385 -36.35 -67.38 17.17
C GLY R 385 -34.85 -67.53 17.07
N SER R 386 -34.26 -67.11 15.94
CA SER R 386 -32.86 -67.18 15.70
C SER R 386 -32.26 -65.80 15.88
N ASN R 387 -31.21 -65.76 16.75
CA ASN R 387 -30.22 -64.80 16.85
C ASN R 387 -30.66 -63.38 17.18
N ASP R 388 -30.66 -62.43 16.26
CA ASP R 388 -31.07 -61.04 16.60
C ASP R 388 -32.01 -60.41 15.59
N MET R 389 -31.75 -60.63 14.30
CA MET R 389 -32.50 -59.96 13.28
C MET R 389 -33.91 -60.48 13.07
N ALA R 390 -34.12 -61.84 13.34
CA ALA R 390 -35.39 -62.47 13.24
C ALA R 390 -36.27 -62.21 14.49
N LEU R 391 -35.64 -61.74 15.58
CA LEU R 391 -36.21 -61.44 16.82
C LEU R 391 -36.59 -60.04 16.84
N ASP R 392 -35.71 -59.08 16.41
CA ASP R 392 -36.07 -57.72 16.22
C ASP R 392 -37.18 -57.52 15.26
N GLU R 393 -37.12 -58.21 14.13
CA GLU R 393 -38.17 -58.12 13.17
C GLU R 393 -39.54 -58.68 13.73
N ALA R 394 -39.53 -59.82 14.46
CA ALA R 394 -40.68 -60.40 14.99
C ALA R 394 -41.33 -59.56 16.13
N GLU R 395 -40.44 -58.88 16.89
CA GLU R 395 -40.96 -57.87 17.82
C GLU R 395 -41.52 -56.68 17.15
N ARG R 396 -40.83 -56.07 16.14
CA ARG R 396 -41.45 -54.92 15.50
C ARG R 396 -42.79 -55.27 14.87
N SER R 397 -42.87 -56.42 14.21
CA SER R 397 -44.16 -56.83 13.60
C SER R 397 -45.32 -56.99 14.65
N ILE R 398 -45.00 -57.58 15.82
CA ILE R 398 -45.94 -57.77 16.89
C ILE R 398 -46.35 -56.41 17.38
N ASN R 399 -45.46 -55.43 17.55
CA ASN R 399 -45.81 -54.05 17.92
C ASN R 399 -46.86 -53.46 16.99
N ASP R 400 -46.57 -53.33 15.72
CA ASP R 400 -47.44 -52.85 14.65
C ASP R 400 -48.82 -53.45 14.55
N ALA R 401 -48.93 -54.78 14.75
CA ALA R 401 -50.20 -55.48 14.77
C ALA R 401 -50.98 -55.31 16.03
N LEU R 402 -50.32 -55.12 17.18
CA LEU R 402 -50.96 -54.75 18.35
C LEU R 402 -51.50 -53.33 18.34
N TYR R 403 -50.76 -52.34 17.78
CA TYR R 403 -51.24 -50.95 17.78
C TYR R 403 -52.42 -50.75 16.89
N SER R 404 -52.49 -51.57 15.78
CA SER R 404 -53.64 -51.59 14.88
C SER R 404 -54.89 -52.21 15.48
N LEU R 405 -54.63 -53.22 16.37
CA LEU R 405 -55.58 -54.05 17.12
C LEU R 405 -56.27 -53.12 18.17
N ARG R 406 -55.54 -52.19 18.77
CA ARG R 406 -56.08 -51.17 19.60
C ARG R 406 -56.92 -50.17 18.79
N ASN R 407 -56.66 -49.94 17.46
CA ASN R 407 -57.59 -49.16 16.72
C ASN R 407 -58.92 -49.96 16.42
N ILE R 408 -58.94 -51.27 16.08
CA ILE R 408 -60.22 -52.02 15.93
C ILE R 408 -60.88 -52.27 17.25
N LEU R 409 -60.10 -52.63 18.32
CA LEU R 409 -60.72 -52.83 19.65
C LEU R 409 -61.40 -51.60 20.20
N MET R 410 -60.83 -50.40 20.12
CA MET R 410 -61.54 -49.25 20.71
C MET R 410 -62.62 -48.54 19.77
N GLU R 411 -62.81 -48.96 18.49
CA GLU R 411 -63.97 -48.51 17.75
C GLU R 411 -64.10 -49.57 16.68
N PRO R 412 -65.09 -50.52 16.68
CA PRO R 412 -65.23 -51.63 15.80
C PRO R 412 -65.69 -51.27 14.40
N TYR R 413 -65.08 -50.18 13.88
CA TYR R 413 -65.38 -49.74 12.53
C TYR R 413 -64.17 -49.91 11.72
N ILE R 414 -64.31 -50.35 10.45
CA ILE R 414 -63.16 -50.43 9.56
C ILE R 414 -63.56 -49.78 8.27
N VAL R 415 -62.59 -49.43 7.40
CA VAL R 415 -62.84 -48.65 6.26
C VAL R 415 -61.84 -49.08 5.19
N PRO R 416 -62.07 -48.79 3.97
CA PRO R 416 -61.12 -48.98 2.81
C PRO R 416 -60.47 -47.64 2.48
N GLY R 417 -59.66 -47.15 3.49
CA GLY R 417 -58.93 -45.86 3.44
C GLY R 417 -57.69 -45.96 2.56
N GLY R 418 -57.20 -44.83 2.08
CA GLY R 418 -56.11 -44.69 1.14
C GLY R 418 -56.59 -45.01 -0.29
N GLY R 419 -57.82 -44.80 -0.66
CA GLY R 419 -58.28 -45.06 -2.06
C GLY R 419 -59.72 -44.74 -2.21
N ALA R 420 -60.56 -45.38 -1.42
CA ALA R 420 -62.00 -45.33 -1.69
C ALA R 420 -62.71 -44.28 -0.91
N ILE R 421 -62.68 -44.37 0.38
CA ILE R 421 -63.14 -43.37 1.36
C ILE R 421 -62.78 -41.88 0.98
N GLU R 422 -61.51 -41.60 0.73
CA GLU R 422 -60.98 -40.26 0.43
C GLU R 422 -61.58 -39.73 -0.88
N LEU R 423 -61.51 -40.55 -1.95
CA LEU R 423 -61.99 -40.22 -3.24
C LEU R 423 -63.57 -39.98 -3.18
N GLU R 424 -64.27 -40.81 -2.36
CA GLU R 424 -65.69 -40.71 -2.14
C GLU R 424 -66.02 -39.44 -1.38
N LEU R 425 -65.20 -38.99 -0.41
CA LEU R 425 -65.26 -37.79 0.39
C LEU R 425 -65.07 -36.58 -0.49
N SER R 426 -64.16 -36.62 -1.51
CA SER R 426 -63.97 -35.55 -2.48
C SER R 426 -65.23 -35.33 -3.37
N ALA R 427 -65.86 -36.42 -3.77
CA ALA R 427 -67.04 -36.33 -4.56
C ALA R 427 -68.32 -35.93 -3.80
N ARG R 428 -68.43 -36.42 -2.49
CA ARG R 428 -69.43 -36.04 -1.58
C ARG R 428 -69.40 -34.63 -1.12
N LEU R 429 -68.15 -34.07 -0.98
CA LEU R 429 -67.92 -32.62 -0.76
C LEU R 429 -68.24 -31.80 -2.03
N ARG R 430 -67.96 -32.24 -3.26
CA ARG R 430 -68.42 -31.50 -4.43
C ARG R 430 -69.87 -31.87 -4.97
N GLU R 431 -70.83 -31.62 -4.09
CA GLU R 431 -72.26 -31.86 -4.21
C GLU R 431 -72.80 -31.07 -2.95
N TYR R 432 -72.20 -31.28 -1.79
CA TYR R 432 -72.30 -30.44 -0.65
C TYR R 432 -71.90 -29.00 -0.89
N ALA R 433 -70.65 -28.67 -1.27
CA ALA R 433 -70.12 -27.34 -1.64
C ALA R 433 -70.96 -26.62 -2.66
N ARG R 434 -71.82 -27.40 -3.50
CA ARG R 434 -72.84 -26.68 -4.23
C ARG R 434 -74.06 -26.11 -3.36
N SER R 435 -74.64 -26.89 -2.39
CA SER R 435 -75.66 -26.51 -1.43
C SER R 435 -75.11 -25.47 -0.34
N VAL R 436 -73.82 -25.44 -0.08
CA VAL R 436 -73.12 -24.50 0.77
C VAL R 436 -72.99 -23.16 -0.07
N GLY R 437 -72.88 -21.97 0.61
CA GLY R 437 -72.74 -20.66 0.05
C GLY R 437 -71.52 -19.92 0.51
N GLY R 438 -71.56 -18.64 0.28
CA GLY R 438 -70.37 -17.75 0.48
C GLY R 438 -69.06 -18.14 -0.06
N LYS R 439 -68.03 -17.47 0.47
CA LYS R 439 -66.68 -17.82 0.25
C LYS R 439 -66.16 -18.87 1.15
N GLU R 440 -66.95 -19.42 2.07
CA GLU R 440 -66.75 -20.71 2.76
C GLU R 440 -66.95 -21.93 1.93
N GLN R 441 -67.69 -21.82 0.80
CA GLN R 441 -67.91 -22.98 -0.03
C GLN R 441 -66.69 -23.34 -0.85
N LEU R 442 -65.90 -22.38 -1.25
CA LEU R 442 -64.67 -22.40 -2.00
C LEU R 442 -63.65 -23.03 -1.12
N ALA R 443 -63.63 -22.86 0.22
CA ALA R 443 -62.73 -23.50 1.06
C ALA R 443 -63.01 -25.07 1.11
N ILE R 444 -64.31 -25.50 1.15
CA ILE R 444 -64.73 -26.93 1.07
C ILE R 444 -64.33 -27.61 -0.28
N GLU R 445 -64.45 -26.93 -1.45
CA GLU R 445 -64.04 -27.48 -2.68
C GLU R 445 -62.51 -27.46 -2.73
N ALA R 446 -61.82 -26.67 -1.91
CA ALA R 446 -60.34 -26.69 -1.86
C ALA R 446 -59.87 -27.89 -1.03
N TYR R 447 -60.69 -28.29 0.01
CA TYR R 447 -60.47 -29.47 0.85
C TYR R 447 -60.71 -30.72 0.01
N ALA R 448 -61.67 -30.72 -0.94
CA ALA R 448 -61.96 -31.75 -1.94
C ALA R 448 -60.77 -31.88 -2.91
N ASP R 449 -60.15 -30.78 -3.30
CA ASP R 449 -58.87 -30.82 -4.10
C ASP R 449 -57.69 -31.49 -3.39
N ALA R 450 -57.56 -31.30 -2.10
CA ALA R 450 -56.61 -31.87 -1.30
C ALA R 450 -56.69 -33.36 -1.12
N LEU R 451 -57.85 -33.88 -1.04
CA LEU R 451 -58.13 -35.33 -1.07
C LEU R 451 -57.71 -36.13 -2.35
N GLU R 452 -57.86 -35.42 -3.49
CA GLU R 452 -57.29 -35.84 -4.75
C GLU R 452 -55.77 -35.88 -4.87
N GLU R 453 -55.03 -35.23 -3.96
CA GLU R 453 -53.57 -35.27 -3.86
C GLU R 453 -53.08 -36.38 -3.06
N ILE R 454 -53.92 -37.12 -2.31
CA ILE R 454 -53.67 -38.38 -1.76
C ILE R 454 -53.86 -39.60 -2.85
N PRO R 455 -53.54 -40.99 -2.73
CA PRO R 455 -54.14 -41.87 -3.69
C PRO R 455 -53.39 -42.16 -4.94
N MET R 456 -53.11 -41.10 -5.78
CA MET R 456 -52.37 -41.26 -7.02
C MET R 456 -50.88 -41.16 -6.82
N ILE R 457 -50.46 -40.61 -5.67
CA ILE R 457 -49.06 -40.39 -5.23
C ILE R 457 -48.50 -41.69 -4.67
N LEU R 458 -49.48 -42.52 -4.00
CA LEU R 458 -49.24 -43.93 -3.66
C LEU R 458 -49.08 -44.81 -4.91
N ALA R 459 -49.95 -44.60 -6.01
CA ALA R 459 -49.82 -45.32 -7.24
C ALA R 459 -48.58 -44.96 -7.97
N GLU R 460 -48.07 -43.70 -7.75
CA GLU R 460 -46.89 -43.31 -8.44
C GLU R 460 -45.59 -43.85 -7.83
N THR R 461 -45.55 -43.95 -6.49
CA THR R 461 -44.45 -44.56 -5.72
C THR R 461 -44.24 -45.99 -6.05
N ALA R 462 -45.41 -46.64 -6.20
CA ALA R 462 -45.51 -47.97 -6.63
C ALA R 462 -45.24 -48.20 -8.06
N GLY R 463 -44.96 -47.17 -8.85
CA GLY R 463 -44.55 -47.29 -10.25
C GLY R 463 -45.62 -47.28 -11.33
N LEU R 464 -46.67 -46.48 -11.14
CA LEU R 464 -47.74 -46.36 -12.14
C LEU R 464 -47.97 -44.87 -12.41
N GLU R 465 -48.68 -44.45 -13.43
CA GLU R 465 -48.87 -43.06 -13.78
C GLU R 465 -49.86 -42.34 -12.87
N PRO R 466 -49.64 -41.33 -12.15
CA PRO R 466 -50.64 -40.88 -11.22
C PRO R 466 -51.84 -40.16 -11.87
N ILE R 467 -51.73 -39.17 -12.77
CA ILE R 467 -52.89 -38.42 -13.25
C ILE R 467 -53.85 -39.29 -14.04
N SER R 468 -53.32 -40.24 -14.84
CA SER R 468 -54.13 -41.26 -15.46
C SER R 468 -54.70 -42.30 -14.50
N ALA R 469 -54.06 -42.67 -13.35
CA ALA R 469 -54.67 -43.57 -12.43
C ALA R 469 -55.85 -42.91 -11.68
N LEU R 470 -55.69 -41.60 -11.37
CA LEU R 470 -56.82 -40.90 -10.76
C LEU R 470 -58.03 -40.67 -11.58
N MET R 471 -57.88 -40.28 -12.89
CA MET R 471 -59.07 -40.11 -13.69
C MET R 471 -59.79 -41.37 -14.04
N ASP R 472 -58.92 -42.44 -14.15
CA ASP R 472 -59.55 -43.75 -14.44
C ASP R 472 -60.19 -44.34 -13.06
N LEU R 473 -59.65 -43.92 -11.92
CA LEU R 473 -60.18 -44.36 -10.63
C LEU R 473 -61.51 -43.59 -10.36
N ARG R 474 -61.63 -42.34 -10.77
CA ARG R 474 -62.88 -41.62 -10.69
C ARG R 474 -64.01 -42.22 -11.54
N ALA R 475 -63.82 -42.60 -12.79
CA ALA R 475 -64.79 -43.10 -13.71
C ALA R 475 -65.19 -44.47 -13.38
N ARG R 476 -64.22 -45.28 -12.82
CA ARG R 476 -64.65 -46.60 -12.38
C ARG R 476 -65.47 -46.54 -11.10
N HIS R 477 -65.18 -45.47 -10.25
CA HIS R 477 -65.86 -45.28 -8.98
C HIS R 477 -67.18 -44.70 -9.17
N ALA R 478 -67.56 -44.32 -10.44
CA ALA R 478 -68.72 -43.39 -10.72
C ALA R 478 -69.80 -44.21 -11.42
N LYS R 479 -69.35 -45.02 -12.38
CA LYS R 479 -70.17 -45.95 -13.10
C LYS R 479 -70.21 -47.33 -12.38
N GLY R 480 -69.08 -47.80 -11.81
CA GLY R 480 -69.15 -48.92 -10.95
C GLY R 480 -69.50 -48.53 -9.50
N LEU R 481 -68.66 -48.85 -8.53
CA LEU R 481 -69.00 -48.70 -7.09
C LEU R 481 -67.82 -48.12 -6.44
N THR R 482 -68.01 -47.62 -5.23
CA THR R 482 -67.08 -46.67 -4.67
C THR R 482 -66.11 -47.29 -3.76
N ASN R 483 -65.95 -48.62 -3.87
CA ASN R 483 -64.97 -49.45 -3.13
C ASN R 483 -63.74 -49.59 -3.96
N CYS R 484 -63.65 -48.76 -5.04
CA CYS R 484 -62.46 -48.85 -5.98
C CYS R 484 -61.20 -48.30 -5.31
N GLY R 485 -60.01 -49.00 -5.61
CA GLY R 485 -58.74 -48.45 -5.24
C GLY R 485 -57.61 -48.92 -6.20
N VAL R 486 -56.35 -48.95 -5.76
CA VAL R 486 -55.13 -49.47 -6.51
C VAL R 486 -54.47 -50.60 -5.73
N ASP R 487 -53.95 -51.58 -6.49
CA ASP R 487 -53.38 -52.78 -5.91
C ASP R 487 -51.95 -52.51 -6.21
N VAL R 488 -51.14 -52.16 -5.26
CA VAL R 488 -49.71 -52.02 -5.37
C VAL R 488 -48.89 -53.23 -5.68
N ILE R 489 -49.40 -54.45 -5.58
CA ILE R 489 -48.55 -55.60 -5.81
C ILE R 489 -48.96 -56.13 -7.19
N ASN R 490 -50.25 -55.94 -7.72
CA ASN R 490 -50.65 -56.35 -9.06
C ASN R 490 -50.50 -55.22 -10.10
N GLY R 491 -50.31 -53.95 -9.60
CA GLY R 491 -50.27 -52.72 -10.42
C GLY R 491 -51.57 -52.38 -11.16
N LYS R 492 -52.78 -52.67 -10.63
CA LYS R 492 -53.96 -52.38 -11.37
C LYS R 492 -54.92 -51.57 -10.47
N ILE R 493 -55.82 -50.75 -11.01
CA ILE R 493 -57.05 -50.31 -10.38
C ILE R 493 -58.07 -51.40 -10.12
N ILE R 494 -58.36 -51.69 -8.86
CA ILE R 494 -59.15 -52.84 -8.39
C ILE R 494 -60.58 -52.32 -8.16
N ASP R 495 -61.66 -53.10 -8.49
CA ASP R 495 -63.02 -52.88 -8.02
C ASP R 495 -63.26 -52.78 -6.56
N ASP R 496 -62.74 -53.77 -5.73
CA ASP R 496 -63.25 -54.00 -4.44
C ASP R 496 -62.04 -54.22 -3.65
N ILE R 497 -61.45 -53.16 -3.08
CA ILE R 497 -60.09 -53.25 -2.45
C ILE R 497 -60.23 -53.80 -1.03
N TYR R 498 -61.44 -53.80 -0.49
CA TYR R 498 -61.93 -54.71 0.54
C TYR R 498 -61.77 -56.25 0.35
N SER R 499 -62.12 -56.72 -0.86
CA SER R 499 -62.04 -58.05 -1.20
C SER R 499 -60.62 -58.58 -1.28
N ILE R 500 -59.58 -57.82 -1.71
CA ILE R 500 -58.25 -58.36 -1.75
C ILE R 500 -57.60 -58.43 -0.40
N ASN R 501 -58.40 -58.16 0.65
CA ASN R 501 -58.16 -58.11 2.11
C ASN R 501 -57.49 -56.74 2.64
N VAL R 502 -57.57 -55.61 1.99
CA VAL R 502 -56.84 -54.34 2.33
C VAL R 502 -57.95 -53.46 2.96
N VAL R 503 -57.91 -53.25 4.29
CA VAL R 503 -58.70 -52.25 5.01
C VAL R 503 -58.00 -51.82 6.21
N GLU R 504 -58.49 -50.69 6.75
CA GLU R 504 -57.87 -50.11 7.93
C GLU R 504 -58.97 -49.96 9.00
N PRO R 505 -58.69 -50.03 10.28
CA PRO R 505 -59.56 -49.43 11.24
C PRO R 505 -59.67 -47.94 11.16
N ILE R 506 -60.90 -47.48 11.32
CA ILE R 506 -61.42 -46.16 11.36
C ILE R 506 -60.74 -45.21 12.37
N ARG R 507 -60.23 -45.67 13.50
CA ARG R 507 -59.57 -44.74 14.36
C ARG R 507 -58.22 -44.27 13.84
N VAL R 508 -57.65 -44.98 12.86
CA VAL R 508 -56.42 -44.44 12.25
C VAL R 508 -56.72 -43.25 11.32
N THR R 509 -58.02 -43.21 10.79
CA THR R 509 -58.58 -42.22 9.97
C THR R 509 -58.97 -41.08 10.89
N ARG R 510 -59.90 -41.22 11.84
CA ARG R 510 -60.32 -40.16 12.73
C ARG R 510 -59.18 -39.42 13.41
N GLN R 511 -58.13 -40.18 13.86
CA GLN R 511 -56.99 -39.50 14.49
C GLN R 511 -56.10 -38.63 13.63
N VAL R 512 -55.85 -39.02 12.39
CA VAL R 512 -55.00 -38.26 11.52
C VAL R 512 -55.68 -37.12 10.81
N LEU R 513 -57.06 -37.21 10.70
CA LEU R 513 -57.83 -36.07 10.23
C LEU R 513 -57.97 -35.05 11.41
N LYS R 514 -58.02 -35.48 12.66
CA LYS R 514 -58.11 -34.61 13.82
C LYS R 514 -56.84 -33.77 13.99
N SER R 515 -55.59 -34.38 13.86
CA SER R 515 -54.33 -33.70 14.03
C SER R 515 -53.87 -32.98 12.78
N ALA R 516 -54.43 -33.19 11.59
CA ALA R 516 -54.17 -32.43 10.42
C ALA R 516 -55.01 -31.22 10.33
N THR R 517 -56.33 -31.30 10.71
CA THR R 517 -57.16 -30.14 10.80
C THR R 517 -56.80 -29.25 11.98
N GLU R 518 -56.08 -29.71 12.98
CA GLU R 518 -55.62 -28.94 14.10
C GLU R 518 -54.36 -28.16 13.74
N ALA R 519 -53.52 -28.91 12.98
CA ALA R 519 -52.24 -28.37 12.62
C ALA R 519 -52.38 -27.28 11.64
N ALA R 520 -53.23 -27.41 10.57
CA ALA R 520 -53.25 -26.40 9.48
C ALA R 520 -53.97 -25.17 9.96
N THR R 521 -54.99 -25.41 10.79
CA THR R 521 -55.70 -24.33 11.42
C THR R 521 -54.87 -23.52 12.41
N SER R 522 -53.95 -24.11 13.13
CA SER R 522 -53.08 -23.40 14.06
C SER R 522 -52.17 -22.54 13.25
N ILE R 523 -51.59 -23.03 12.14
CA ILE R 523 -50.64 -22.39 11.39
C ILE R 523 -51.24 -21.18 10.52
N MET R 524 -52.60 -21.32 10.28
CA MET R 524 -53.42 -20.28 9.82
C MET R 524 -53.77 -19.21 10.78
N LYS R 525 -53.80 -19.62 12.08
CA LYS R 525 -54.22 -18.75 13.18
C LYS R 525 -53.04 -17.89 13.76
N ILE R 526 -51.83 -18.05 13.17
CA ILE R 526 -50.61 -17.45 13.82
C ILE R 526 -49.98 -16.40 12.99
N ASP R 527 -49.65 -15.23 13.60
CA ASP R 527 -49.20 -14.07 12.75
C ASP R 527 -48.00 -13.42 13.53
N ASP R 528 -46.90 -13.30 12.71
CA ASP R 528 -45.70 -12.76 13.19
C ASP R 528 -44.96 -13.59 14.28
N LEU R 529 -43.74 -13.19 14.53
CA LEU R 529 -42.71 -13.98 15.39
C LEU R 529 -41.69 -13.03 15.94
N ILE R 530 -41.67 -12.85 17.28
CA ILE R 530 -40.72 -11.96 17.95
C ILE R 530 -39.95 -12.81 18.96
N ALA R 531 -38.63 -13.00 18.84
CA ALA R 531 -37.82 -14.09 19.47
C ALA R 531 -36.63 -13.63 20.17
N ALA R 532 -36.42 -14.10 21.38
CA ALA R 532 -35.45 -13.61 22.31
C ALA R 532 -34.13 -14.47 22.24
#